data_6YFA
#
_entry.id   6YFA
#
_cell.length_a   559.310
_cell.length_b   559.310
_cell.length_c   559.310
_cell.angle_alpha   90.000
_cell.angle_beta   90.000
_cell.angle_gamma   90.000
#
_symmetry.space_group_name_H-M   'I 2 3'
#
loop_
_entity.id
_entity.type
_entity.pdbx_description
1 polymer 'coat protein'
2 non-polymer 'CALCIUM ION'
#
_entity_poly.entity_id   1
_entity_poly.type   'polypeptide(L)'
_entity_poly.pdbx_seq_one_letter_code
;SKILSTNNSNSNFVDTSFTLKVPVYSKDYRVTQDEPDEVVVANRQQPFGVKNTARYGIRQIADVYRNTTIDRAYQSPSKK
GTSLVVQVTETWTVASTDDETYGYSLPFSAHVIVNVPQDALITEEILYDALKRLMGHFYEGNDTTSPTTTSVRLKDMLQG
ALVPQSL
;
_entity_poly.pdbx_strand_id   AA,AB,AC,AD,AE,AF,AG,AH,AI,AJ,AK,AL,AM,AN,AO,AP,AQ,AR,AS,AT,AU,AV,AW,AX,AY,AZ,BA,BB,BC,BD,BE,BF,BG,BH,BI,BJ,BK,BL,BM,BN,BO,BP,BQ,BR,BS,BT,BU,BV,BW,BX,BY,BZ,CA,CB,CC,CD,CE,CF,CG,CH
#
loop_
_chem_comp.id
_chem_comp.type
_chem_comp.name
_chem_comp.formula
CA non-polymer 'CALCIUM ION' 'Ca 2'
#
# COMPACT_ATOMS: atom_id res chain seq x y z
N SER A 1 13.88 -86.12 -73.21
CA SER A 1 14.63 -86.72 -72.11
C SER A 1 16.05 -86.20 -72.12
N LYS A 2 16.51 -85.78 -70.94
CA LYS A 2 17.85 -85.23 -70.77
C LYS A 2 18.80 -86.32 -70.28
N ILE A 3 20.02 -86.33 -70.81
CA ILE A 3 21.01 -87.34 -70.46
C ILE A 3 22.32 -86.66 -70.10
N LEU A 4 22.91 -87.09 -68.98
CA LEU A 4 24.22 -86.63 -68.55
C LEU A 4 25.26 -87.69 -68.84
N SER A 5 26.42 -87.25 -69.35
CA SER A 5 27.58 -88.11 -69.56
C SER A 5 28.77 -87.54 -68.82
N THR A 6 29.57 -88.42 -68.23
CA THR A 6 30.81 -88.04 -67.60
C THR A 6 31.98 -88.01 -68.57
N ASN A 7 31.79 -88.52 -69.79
CA ASN A 7 32.80 -88.48 -70.84
C ASN A 7 34.07 -89.23 -70.45
N ASN A 8 33.96 -90.20 -69.55
CA ASN A 8 35.10 -91.03 -69.19
C ASN A 8 35.13 -92.34 -69.98
N SER A 9 34.18 -92.55 -70.88
CA SER A 9 34.11 -93.79 -71.64
C SER A 9 35.35 -94.02 -72.50
N ASN A 10 36.02 -92.95 -72.91
CA ASN A 10 37.19 -93.07 -73.78
C ASN A 10 38.49 -93.09 -73.01
N SER A 11 38.43 -92.99 -71.68
CA SER A 11 39.64 -93.09 -70.87
C SER A 11 40.01 -94.54 -70.61
N ASN A 12 41.30 -94.74 -70.30
CA ASN A 12 41.91 -96.04 -70.10
C ASN A 12 42.31 -96.18 -68.63
N PHE A 13 41.64 -97.07 -67.90
CA PHE A 13 41.91 -97.28 -66.48
C PHE A 13 42.19 -98.76 -66.18
N VAL A 14 42.79 -99.02 -65.03
CA VAL A 14 43.01 -100.35 -64.52
C VAL A 14 42.30 -100.44 -63.20
N ASP A 15 41.44 -101.44 -63.04
CA ASP A 15 40.83 -101.64 -61.75
C ASP A 15 41.90 -102.13 -60.78
N THR A 16 41.79 -101.68 -59.52
CA THR A 16 42.65 -102.21 -58.48
C THR A 16 41.90 -102.14 -57.16
N SER A 17 42.24 -103.05 -56.24
CA SER A 17 41.49 -103.21 -55.02
C SER A 17 41.93 -102.19 -53.99
N PHE A 18 40.95 -101.60 -53.30
CA PHE A 18 41.22 -100.57 -52.32
C PHE A 18 40.15 -100.75 -51.24
N THR A 19 40.46 -101.58 -50.26
CA THR A 19 39.45 -102.05 -49.31
C THR A 19 39.36 -101.08 -48.15
N LEU A 20 38.19 -100.46 -48.00
CA LEU A 20 37.99 -99.41 -47.02
C LEU A 20 37.66 -100.00 -45.66
N LYS A 21 38.27 -99.43 -44.61
CA LYS A 21 37.88 -99.72 -43.23
C LYS A 21 36.91 -98.61 -42.82
N VAL A 22 35.62 -98.95 -42.84
CA VAL A 22 34.49 -98.07 -42.53
C VAL A 22 34.22 -98.04 -41.03
N PRO A 23 34.02 -96.87 -40.44
CA PRO A 23 33.79 -96.81 -38.99
C PRO A 23 32.45 -97.38 -38.55
N VAL A 24 32.39 -97.73 -37.27
CA VAL A 24 31.13 -98.05 -36.62
C VAL A 24 30.86 -96.93 -35.63
N TYR A 25 30.14 -95.93 -36.10
CA TYR A 25 30.07 -94.67 -35.38
C TYR A 25 29.42 -94.87 -34.02
N SER A 26 28.38 -95.69 -33.97
CA SER A 26 27.69 -95.96 -32.71
C SER A 26 28.65 -96.49 -31.65
N LYS A 27 29.54 -97.42 -32.02
CA LYS A 27 30.46 -97.97 -31.04
C LYS A 27 31.55 -96.97 -30.65
N ASP A 28 32.13 -96.29 -31.64
CA ASP A 28 33.40 -95.59 -31.40
C ASP A 28 33.31 -94.08 -31.22
N TYR A 29 32.41 -93.42 -31.91
CA TYR A 29 32.46 -91.98 -32.09
C TYR A 29 31.32 -91.30 -31.34
N ARG A 30 31.61 -90.12 -30.80
CA ARG A 30 30.64 -89.21 -30.19
C ARG A 30 30.74 -87.89 -30.95
N VAL A 31 29.79 -86.99 -30.71
CA VAL A 31 29.74 -85.75 -31.49
C VAL A 31 30.33 -84.61 -30.67
N THR A 32 31.38 -83.97 -31.19
CA THR A 32 32.01 -82.80 -30.59
C THR A 32 31.36 -81.49 -31.01
N GLN A 33 30.93 -81.40 -32.28
CA GLN A 33 30.40 -80.15 -32.84
C GLN A 33 29.24 -80.46 -33.76
N ASP A 34 28.09 -79.80 -33.56
CA ASP A 34 26.93 -79.97 -34.45
C ASP A 34 26.50 -78.65 -35.06
N GLU A 35 27.43 -77.90 -35.64
CA GLU A 35 26.96 -76.69 -36.28
C GLU A 35 26.27 -76.99 -37.62
N PRO A 36 25.38 -76.11 -38.07
CA PRO A 36 24.54 -76.45 -39.22
C PRO A 36 25.30 -76.83 -40.48
N ASP A 37 26.47 -76.24 -40.69
CA ASP A 37 27.28 -76.57 -41.86
C ASP A 37 28.53 -77.38 -41.52
N GLU A 38 28.79 -77.69 -40.25
CA GLU A 38 30.07 -78.31 -39.90
C GLU A 38 29.86 -79.20 -38.68
N VAL A 39 30.12 -80.48 -38.83
CA VAL A 39 30.01 -81.44 -37.74
C VAL A 39 31.39 -82.01 -37.45
N VAL A 40 31.67 -82.20 -36.16
CA VAL A 40 32.91 -82.80 -35.71
C VAL A 40 32.58 -83.94 -34.77
N VAL A 41 33.33 -85.02 -34.94
CA VAL A 41 33.07 -86.33 -34.35
C VAL A 41 34.37 -86.84 -33.76
N ALA A 42 34.34 -87.24 -32.50
CA ALA A 42 35.54 -87.67 -31.79
C ALA A 42 35.50 -89.16 -31.48
N ASN A 43 36.68 -89.75 -31.45
CA ASN A 43 36.83 -91.18 -31.20
C ASN A 43 36.96 -91.39 -29.70
N ARG A 44 35.90 -91.92 -29.09
CA ARG A 44 35.86 -92.13 -27.65
C ARG A 44 36.84 -93.22 -27.20
N GLN A 45 37.29 -94.08 -28.12
CA GLN A 45 38.16 -95.20 -27.78
C GLN A 45 39.59 -94.79 -27.45
N GLN A 46 39.95 -93.52 -27.65
CA GLN A 46 41.36 -93.21 -27.51
C GLN A 46 41.68 -92.74 -26.10
N PRO A 47 42.93 -92.94 -25.65
CA PRO A 47 43.38 -92.31 -24.40
C PRO A 47 43.51 -90.81 -24.56
N PHE A 48 43.83 -90.08 -23.48
CA PHE A 48 43.76 -88.63 -23.55
C PHE A 48 44.82 -88.05 -24.49
N GLY A 49 46.03 -88.61 -24.48
CA GLY A 49 47.05 -88.10 -25.38
C GLY A 49 46.61 -88.17 -26.83
N VAL A 50 46.04 -89.30 -27.22
CA VAL A 50 45.77 -89.59 -28.62
C VAL A 50 44.46 -88.92 -29.04
N LYS A 51 44.52 -88.04 -30.02
CA LYS A 51 43.33 -87.40 -30.57
C LYS A 51 43.00 -88.02 -31.91
N ASN A 52 41.76 -88.50 -32.05
CA ASN A 52 41.25 -89.14 -33.26
C ASN A 52 39.90 -88.52 -33.56
N THR A 53 39.83 -87.67 -34.59
CA THR A 53 38.60 -86.95 -34.90
C THR A 53 38.32 -86.95 -36.39
N ALA A 54 37.07 -86.66 -36.74
CA ALA A 54 36.62 -86.51 -38.10
C ALA A 54 35.74 -85.28 -38.20
N ARG A 55 35.79 -84.63 -39.36
CA ARG A 55 35.10 -83.37 -39.58
C ARG A 55 34.40 -83.44 -40.92
N TYR A 56 33.12 -83.10 -40.92
CA TYR A 56 32.27 -83.24 -42.09
C TYR A 56 31.61 -81.89 -42.30
N GLY A 57 31.88 -81.24 -43.43
CA GLY A 57 31.40 -79.89 -43.65
C GLY A 57 30.95 -79.67 -45.07
N ILE A 58 30.00 -78.74 -45.23
CA ILE A 58 29.56 -78.30 -46.55
C ILE A 58 29.59 -76.78 -46.62
N ARG A 59 30.00 -76.27 -47.78
CA ARG A 59 29.98 -74.86 -48.13
C ARG A 59 29.21 -74.73 -49.43
N GLN A 60 28.53 -73.60 -49.61
CA GLN A 60 27.82 -73.36 -50.86
C GLN A 60 28.71 -72.60 -51.83
N ILE A 61 28.72 -73.04 -53.09
CA ILE A 61 29.54 -72.45 -54.14
C ILE A 61 28.67 -71.48 -54.91
N ALA A 62 29.06 -70.19 -54.87
CA ALA A 62 28.26 -69.16 -55.52
C ALA A 62 28.16 -69.41 -57.02
N ASP A 63 29.30 -69.41 -57.70
CA ASP A 63 29.36 -69.62 -59.15
C ASP A 63 30.25 -70.85 -59.37
N VAL A 64 29.65 -71.95 -59.82
CA VAL A 64 30.40 -73.17 -60.04
C VAL A 64 31.33 -73.04 -61.24
N TYR A 65 31.07 -72.06 -62.11
CA TYR A 65 31.92 -71.80 -63.27
C TYR A 65 32.98 -70.74 -63.00
N ARG A 66 33.10 -70.27 -61.76
CA ARG A 66 33.86 -69.05 -61.47
C ARG A 66 35.31 -69.18 -61.92
N ASN A 67 35.93 -70.33 -61.70
CA ASN A 67 37.33 -70.54 -62.05
C ASN A 67 37.51 -71.46 -63.25
N THR A 68 36.43 -71.93 -63.86
CA THR A 68 36.53 -72.75 -65.05
C THR A 68 36.45 -71.89 -66.31
N THR A 69 36.76 -72.51 -67.44
CA THR A 69 36.82 -71.81 -68.72
C THR A 69 35.72 -72.28 -69.68
N ILE A 70 34.64 -72.83 -69.14
CA ILE A 70 33.50 -73.24 -69.95
C ILE A 70 32.83 -72.01 -70.53
N ASP A 71 32.58 -72.01 -71.84
CA ASP A 71 31.99 -70.83 -72.45
C ASP A 71 30.62 -70.56 -71.87
N ARG A 72 30.29 -69.26 -71.79
CA ARG A 72 29.01 -68.84 -71.24
C ARG A 72 27.85 -69.56 -71.94
N ALA A 73 27.97 -69.72 -73.26
CA ALA A 73 26.91 -70.33 -74.05
C ALA A 73 26.63 -71.76 -73.64
N TYR A 74 27.53 -72.40 -72.90
CA TYR A 74 27.35 -73.78 -72.48
C TYR A 74 27.25 -73.91 -70.96
N GLN A 75 26.98 -72.82 -70.25
CA GLN A 75 26.81 -72.91 -68.81
C GLN A 75 25.36 -73.21 -68.47
N SER A 76 25.17 -74.01 -67.41
CA SER A 76 23.84 -74.28 -66.91
C SER A 76 23.18 -72.98 -66.45
N PRO A 77 21.85 -72.91 -66.48
CA PRO A 77 21.18 -71.77 -65.84
C PRO A 77 21.47 -71.71 -64.35
N SER A 78 21.42 -72.86 -63.67
CA SER A 78 21.70 -72.96 -62.24
C SER A 78 23.21 -73.08 -62.05
N LYS A 79 23.81 -72.02 -61.49
CA LYS A 79 25.26 -71.96 -61.34
C LYS A 79 25.71 -72.24 -59.92
N LYS A 80 24.81 -72.69 -59.06
CA LYS A 80 25.15 -72.95 -57.67
C LYS A 80 25.77 -74.33 -57.56
N GLY A 81 26.67 -74.49 -56.58
CA GLY A 81 27.27 -75.78 -56.30
C GLY A 81 27.31 -76.04 -54.80
N THR A 82 27.70 -77.26 -54.47
CA THR A 82 27.98 -77.66 -53.09
C THR A 82 29.41 -78.17 -52.99
N SER A 83 30.11 -77.76 -51.95
CA SER A 83 31.46 -78.19 -51.66
C SER A 83 31.44 -78.98 -50.36
N LEU A 84 31.80 -80.26 -50.43
CA LEU A 84 31.86 -81.14 -49.29
C LEU A 84 33.30 -81.36 -48.86
N VAL A 85 33.50 -81.45 -47.56
CA VAL A 85 34.81 -81.76 -47.00
C VAL A 85 34.66 -82.86 -45.97
N VAL A 86 35.58 -83.81 -46.02
CA VAL A 86 35.68 -84.92 -45.08
C VAL A 86 37.13 -84.96 -44.63
N GLN A 87 37.37 -84.59 -43.37
CA GLN A 87 38.70 -84.61 -42.79
C GLN A 87 38.81 -85.66 -41.69
N VAL A 88 39.91 -86.39 -41.68
CA VAL A 88 40.23 -87.29 -40.58
C VAL A 88 41.55 -86.85 -39.97
N THR A 89 41.60 -86.86 -38.65
CA THR A 89 42.75 -86.45 -37.86
C THR A 89 43.10 -87.59 -36.91
N GLU A 90 44.34 -88.07 -36.98
CA GLU A 90 44.79 -89.18 -36.16
C GLU A 90 46.06 -88.76 -35.42
N THR A 91 46.30 -89.45 -34.31
CA THR A 91 47.51 -89.25 -33.53
C THR A 91 48.23 -90.59 -33.43
N TRP A 92 49.41 -90.67 -34.02
CA TRP A 92 50.21 -91.87 -34.01
C TRP A 92 51.26 -91.75 -32.91
N THR A 93 51.73 -92.89 -32.41
CA THR A 93 52.74 -92.89 -31.36
C THR A 93 53.91 -93.78 -31.74
N VAL A 94 55.09 -93.35 -31.34
CA VAL A 94 56.32 -94.09 -31.56
C VAL A 94 56.89 -94.45 -30.20
N ALA A 95 57.21 -95.74 -30.02
CA ALA A 95 57.78 -96.22 -28.76
C ALA A 95 58.84 -97.25 -29.09
N SER A 96 59.43 -97.82 -28.03
CA SER A 96 60.46 -98.84 -28.15
C SER A 96 60.08 -100.08 -27.36
N THR A 97 60.31 -101.24 -27.99
CA THR A 97 60.19 -102.51 -27.29
C THR A 97 61.12 -102.57 -26.09
N ASP A 98 62.35 -102.12 -26.28
CA ASP A 98 63.40 -102.28 -25.29
C ASP A 98 63.25 -101.25 -24.16
N ASP A 99 62.86 -100.02 -24.50
CA ASP A 99 62.84 -98.89 -23.56
C ASP A 99 61.40 -98.41 -23.43
N GLU A 100 60.82 -98.63 -22.26
CA GLU A 100 59.44 -98.25 -22.03
C GLU A 100 59.27 -96.75 -21.82
N THR A 101 60.36 -96.00 -21.79
CA THR A 101 60.32 -94.56 -21.59
C THR A 101 60.44 -93.78 -22.89
N TYR A 102 60.87 -94.44 -23.96
CA TYR A 102 61.04 -93.79 -25.24
C TYR A 102 59.69 -93.71 -25.94
N GLY A 103 59.30 -92.51 -26.31
CA GLY A 103 58.05 -92.31 -27.03
C GLY A 103 57.86 -90.87 -27.45
N TYR A 104 57.10 -90.71 -28.53
CA TYR A 104 56.59 -89.40 -28.93
C TYR A 104 55.34 -89.57 -29.77
N SER A 105 54.63 -88.47 -29.98
CA SER A 105 53.38 -88.47 -30.74
C SER A 105 53.55 -87.69 -32.04
N LEU A 106 53.03 -88.25 -33.13
CA LEU A 106 53.03 -87.65 -34.45
C LEU A 106 51.61 -87.34 -34.87
N PRO A 107 51.35 -86.15 -35.40
CA PRO A 107 50.00 -85.83 -35.88
C PRO A 107 49.84 -86.11 -37.36
N PHE A 108 48.78 -86.84 -37.72
CA PHE A 108 48.44 -87.09 -39.11
C PHE A 108 47.07 -86.48 -39.39
N SER A 109 46.93 -85.89 -40.57
CA SER A 109 45.63 -85.44 -41.00
C SER A 109 45.54 -85.58 -42.50
N ALA A 110 44.31 -85.75 -42.98
CA ALA A 110 44.11 -85.79 -44.41
C ALA A 110 42.63 -85.53 -44.64
N HIS A 111 42.33 -84.88 -45.76
CA HIS A 111 40.94 -84.61 -46.08
C HIS A 111 40.68 -84.77 -47.56
N VAL A 112 39.40 -84.85 -47.86
CA VAL A 112 38.88 -84.94 -49.21
C VAL A 112 37.87 -83.82 -49.39
N ILE A 113 37.93 -83.18 -50.55
CA ILE A 113 36.99 -82.12 -50.90
C ILE A 113 36.36 -82.50 -52.23
N VAL A 114 35.04 -82.32 -52.32
CA VAL A 114 34.27 -82.70 -53.50
C VAL A 114 33.38 -81.52 -53.86
N ASN A 115 33.50 -81.04 -55.09
CA ASN A 115 32.81 -79.84 -55.56
C ASN A 115 31.82 -80.27 -56.64
N VAL A 116 30.55 -80.36 -56.28
CA VAL A 116 29.48 -80.96 -57.08
C VAL A 116 28.52 -79.85 -57.49
N PRO A 117 28.31 -79.63 -58.79
CA PRO A 117 27.24 -78.70 -59.21
C PRO A 117 25.87 -79.20 -58.79
N GLN A 118 24.97 -78.26 -58.51
CA GLN A 118 23.59 -78.59 -58.13
C GLN A 118 22.80 -78.83 -59.40
N ASP A 119 22.75 -80.10 -59.84
CA ASP A 119 22.02 -80.49 -61.03
C ASP A 119 21.32 -81.81 -60.77
N ALA A 120 20.07 -81.90 -61.20
CA ALA A 120 19.26 -83.08 -60.90
C ALA A 120 19.88 -84.36 -61.45
N LEU A 121 20.61 -84.27 -62.55
CA LEU A 121 21.10 -85.47 -63.22
C LEU A 121 22.31 -86.10 -62.53
N ILE A 122 23.03 -85.36 -61.69
CA ILE A 122 24.14 -85.94 -60.95
C ILE A 122 23.59 -86.81 -59.84
N THR A 123 24.04 -88.08 -59.79
CA THR A 123 23.52 -89.04 -58.84
C THR A 123 24.61 -89.51 -57.89
N GLU A 124 24.16 -90.14 -56.80
CA GLU A 124 25.09 -90.55 -55.76
C GLU A 124 26.09 -91.55 -56.30
N GLU A 125 25.63 -92.46 -57.18
CA GLU A 125 26.55 -93.41 -57.78
C GLU A 125 27.57 -92.70 -58.67
N ILE A 126 27.12 -91.72 -59.46
CA ILE A 126 28.04 -90.96 -60.29
C ILE A 126 29.15 -90.37 -59.44
N LEU A 127 28.77 -89.83 -58.27
CA LEU A 127 29.76 -89.18 -57.42
C LEU A 127 30.70 -90.20 -56.77
N TYR A 128 30.19 -91.34 -56.32
CA TYR A 128 31.10 -92.34 -55.78
C TYR A 128 32.09 -92.82 -56.84
N ASP A 129 31.62 -93.04 -58.07
CA ASP A 129 32.54 -93.45 -59.13
C ASP A 129 33.54 -92.35 -59.45
N ALA A 130 33.12 -91.09 -59.32
CA ALA A 130 34.09 -90.00 -59.41
C ALA A 130 35.15 -90.12 -58.32
N LEU A 131 34.74 -90.39 -57.09
CA LEU A 131 35.71 -90.56 -56.00
C LEU A 131 36.66 -91.71 -56.30
N LYS A 132 36.15 -92.76 -56.93
CA LYS A 132 37.00 -93.90 -57.26
C LYS A 132 38.03 -93.53 -58.32
N ARG A 133 37.61 -92.77 -59.33
CA ARG A 133 38.56 -92.25 -60.32
C ARG A 133 39.61 -91.36 -59.65
N LEU A 134 39.16 -90.50 -58.73
CA LEU A 134 40.05 -89.59 -58.00
C LEU A 134 41.12 -90.36 -57.24
N MET A 135 40.70 -91.22 -56.32
CA MET A 135 41.66 -92.01 -55.56
C MET A 135 42.52 -92.89 -56.44
N GLY A 136 42.04 -93.23 -57.65
CA GLY A 136 42.89 -94.02 -58.52
C GLY A 136 44.15 -93.32 -58.98
N HIS A 137 44.21 -92.00 -58.87
CA HIS A 137 45.40 -91.25 -59.25
C HIS A 137 46.54 -91.40 -58.27
N PHE A 138 46.32 -92.11 -57.15
CA PHE A 138 47.43 -92.48 -56.28
C PHE A 138 48.19 -93.69 -56.78
N TYR A 139 47.82 -94.21 -57.95
CA TYR A 139 48.46 -95.37 -58.53
C TYR A 139 48.77 -95.07 -60.00
N GLU A 140 49.56 -95.94 -60.62
CA GLU A 140 49.81 -95.89 -62.06
C GLU A 140 49.39 -97.21 -62.68
N GLY A 141 48.65 -97.11 -63.80
CA GLY A 141 48.14 -98.28 -64.47
C GLY A 141 49.04 -98.72 -65.62
N ASN A 142 49.08 -100.04 -65.81
CA ASN A 142 49.94 -100.70 -66.79
C ASN A 142 49.10 -101.72 -67.56
N ASP A 143 48.68 -101.33 -68.77
CA ASP A 143 48.02 -102.19 -69.74
C ASP A 143 49.00 -102.95 -70.62
N THR A 144 50.30 -102.59 -70.59
CA THR A 144 51.30 -103.32 -71.36
C THR A 144 51.36 -104.78 -70.94
N THR A 145 51.32 -105.04 -69.63
CA THR A 145 51.33 -106.41 -69.15
C THR A 145 50.14 -107.18 -69.68
N SER A 146 50.33 -108.48 -69.81
CA SER A 146 49.22 -109.34 -70.22
C SER A 146 48.09 -109.34 -69.18
N PRO A 147 48.32 -109.61 -67.85
CA PRO A 147 47.27 -109.24 -66.87
C PRO A 147 47.51 -107.79 -66.43
N THR A 148 46.51 -106.91 -66.48
CA THR A 148 46.79 -105.48 -66.29
C THR A 148 47.15 -105.24 -64.84
N THR A 149 48.20 -104.44 -64.60
CA THR A 149 48.74 -104.27 -63.24
C THR A 149 48.90 -102.80 -62.88
N THR A 150 49.07 -102.55 -61.59
CA THR A 150 49.17 -101.19 -61.06
C THR A 150 50.31 -101.11 -60.07
N SER A 151 50.89 -99.91 -59.97
CA SER A 151 51.98 -99.65 -59.05
C SER A 151 51.71 -98.38 -58.26
N VAL A 152 52.34 -98.27 -57.09
CA VAL A 152 52.00 -97.24 -56.13
C VAL A 152 52.89 -96.02 -56.37
N ARG A 153 52.33 -94.82 -56.19
CA ARG A 153 53.09 -93.59 -56.40
C ARG A 153 52.93 -92.57 -55.28
N LEU A 154 52.38 -92.97 -54.13
CA LEU A 154 52.20 -92.01 -53.04
C LEU A 154 53.54 -91.53 -52.49
N LYS A 155 54.46 -92.47 -52.25
CA LYS A 155 55.77 -92.07 -51.76
C LYS A 155 56.50 -91.22 -52.79
N ASP A 156 56.50 -91.66 -54.05
CA ASP A 156 57.15 -90.90 -55.10
C ASP A 156 56.65 -89.45 -55.12
N MET A 157 55.32 -89.27 -55.06
CA MET A 157 54.78 -87.91 -55.07
C MET A 157 55.23 -87.14 -53.84
N LEU A 158 55.10 -87.73 -52.66
CA LEU A 158 55.56 -87.06 -51.44
C LEU A 158 57.01 -86.63 -51.54
N GLN A 159 57.84 -87.37 -52.25
CA GLN A 159 59.26 -87.05 -52.36
C GLN A 159 59.56 -86.01 -53.44
N GLY A 160 58.56 -85.53 -54.17
CA GLY A 160 58.73 -84.45 -55.13
C GLY A 160 58.62 -84.87 -56.57
N ALA A 161 58.46 -86.16 -56.83
CA ALA A 161 58.32 -86.72 -58.17
C ALA A 161 56.83 -86.76 -58.52
N LEU A 162 56.34 -85.63 -59.01
CA LEU A 162 54.91 -85.49 -59.19
C LEU A 162 54.43 -85.94 -60.56
N VAL A 163 55.34 -86.03 -61.54
CA VAL A 163 54.97 -86.56 -62.84
C VAL A 163 54.93 -88.07 -62.72
N PRO A 164 53.92 -88.73 -63.30
CA PRO A 164 53.88 -90.18 -63.28
C PRO A 164 55.08 -90.79 -63.99
N GLN A 165 55.40 -92.03 -63.64
CA GLN A 165 56.50 -92.73 -64.28
C GLN A 165 56.16 -93.11 -65.72
N SER A 166 54.87 -93.23 -66.03
CA SER A 166 54.41 -93.58 -67.37
C SER A 166 54.67 -92.46 -68.38
N LEU A 167 55.01 -91.25 -67.93
CA LEU A 167 55.28 -90.14 -68.85
C LEU A 167 56.75 -89.71 -68.77
N SER B 1 54.81 -100.92 -16.65
CA SER B 1 56.05 -100.15 -16.66
C SER B 1 55.74 -98.71 -16.30
N LYS B 2 55.10 -97.95 -17.20
CA LYS B 2 54.72 -96.58 -16.85
C LYS B 2 53.54 -96.58 -15.90
N ILE B 3 53.69 -95.87 -14.78
CA ILE B 3 52.68 -95.82 -13.74
C ILE B 3 52.49 -94.37 -13.33
N LEU B 4 51.23 -93.95 -13.26
CA LEU B 4 50.84 -92.68 -12.66
C LEU B 4 50.34 -92.96 -11.25
N SER B 5 50.88 -92.23 -10.28
CA SER B 5 50.37 -92.25 -8.92
C SER B 5 49.78 -90.89 -8.58
N THR B 6 48.65 -90.92 -7.90
CA THR B 6 48.05 -89.70 -7.36
C THR B 6 48.67 -89.30 -6.03
N ASN B 7 49.64 -90.06 -5.53
CA ASN B 7 50.34 -89.74 -4.28
C ASN B 7 49.39 -89.55 -3.11
N ASN B 8 48.23 -90.21 -3.14
CA ASN B 8 47.33 -90.21 -2.00
C ASN B 8 47.51 -91.43 -1.13
N SER B 9 48.51 -92.26 -1.45
CA SER B 9 48.70 -93.52 -0.72
C SER B 9 49.03 -93.30 0.76
N ASN B 10 49.58 -92.15 1.11
CA ASN B 10 49.91 -91.86 2.50
C ASN B 10 48.95 -90.88 3.15
N SER B 11 47.89 -90.47 2.46
CA SER B 11 46.83 -89.68 3.09
C SER B 11 45.89 -90.62 3.85
N ASN B 12 45.28 -90.09 4.92
CA ASN B 12 44.36 -90.87 5.74
C ASN B 12 42.93 -90.41 5.47
N PHE B 13 42.10 -91.33 5.00
CA PHE B 13 40.72 -91.01 4.68
C PHE B 13 39.75 -91.91 5.43
N VAL B 14 38.49 -91.53 5.32
CA VAL B 14 37.35 -92.25 5.87
C VAL B 14 36.25 -92.24 4.82
N ASP B 15 35.65 -93.39 4.56
CA ASP B 15 34.62 -93.44 3.54
C ASP B 15 33.29 -92.96 4.10
N THR B 16 32.49 -92.34 3.22
CA THR B 16 31.11 -92.03 3.57
C THR B 16 30.27 -92.08 2.30
N SER B 17 28.98 -92.37 2.49
CA SER B 17 28.06 -92.57 1.37
C SER B 17 27.52 -91.24 0.89
N PHE B 18 27.44 -91.09 -0.43
CA PHE B 18 27.00 -89.84 -1.05
C PHE B 18 26.25 -90.26 -2.32
N THR B 19 24.96 -90.51 -2.17
CA THR B 19 24.19 -91.15 -3.22
C THR B 19 23.70 -90.10 -4.21
N LEU B 20 24.16 -90.21 -5.46
CA LEU B 20 23.89 -89.20 -6.46
C LEU B 20 22.55 -89.46 -7.12
N LYS B 21 21.83 -88.38 -7.42
CA LYS B 21 20.61 -88.42 -8.23
C LYS B 21 20.99 -87.99 -9.65
N VAL B 22 21.24 -89.00 -10.49
CA VAL B 22 21.63 -88.87 -11.90
C VAL B 22 20.41 -88.60 -12.76
N PRO B 23 20.45 -87.65 -13.69
CA PRO B 23 19.25 -87.35 -14.46
C PRO B 23 18.95 -88.35 -15.57
N VAL B 24 17.65 -88.54 -15.81
CA VAL B 24 17.17 -89.27 -16.99
C VAL B 24 16.96 -88.21 -18.06
N TYR B 25 18.03 -87.92 -18.79
CA TYR B 25 18.01 -86.77 -19.68
C TYR B 25 16.94 -86.93 -20.75
N SER B 26 16.76 -88.16 -21.24
CA SER B 26 15.72 -88.42 -22.23
C SER B 26 14.34 -87.96 -21.76
N LYS B 27 13.96 -88.20 -20.49
CA LYS B 27 12.65 -87.69 -20.06
C LYS B 27 12.66 -86.19 -19.80
N ASP B 28 13.67 -85.71 -19.07
CA ASP B 28 13.50 -84.40 -18.44
C ASP B 28 14.11 -83.23 -19.22
N TYR B 29 15.17 -83.45 -19.97
CA TYR B 29 15.99 -82.33 -20.42
C TYR B 29 15.98 -82.19 -21.94
N ARG B 30 16.04 -80.94 -22.38
CA ARG B 30 16.08 -80.59 -23.81
C ARG B 30 17.17 -79.55 -24.02
N VAL B 31 17.64 -79.39 -25.25
CA VAL B 31 18.81 -78.55 -25.50
C VAL B 31 18.39 -77.13 -25.85
N THR B 32 18.83 -76.18 -25.01
CA THR B 32 18.72 -74.74 -25.25
C THR B 32 19.89 -74.18 -26.05
N GLN B 33 21.10 -74.66 -25.80
CA GLN B 33 22.29 -74.16 -26.49
C GLN B 33 23.18 -75.33 -26.85
N ASP B 34 23.55 -75.42 -28.13
CA ASP B 34 24.45 -76.46 -28.64
C ASP B 34 25.65 -75.84 -29.33
N GLU B 35 26.35 -74.92 -28.66
CA GLU B 35 27.53 -74.44 -29.34
C GLU B 35 28.73 -75.31 -28.95
N PRO B 36 29.78 -75.33 -29.78
CA PRO B 36 30.76 -76.43 -29.72
C PRO B 36 31.38 -76.70 -28.37
N ASP B 37 31.65 -75.62 -27.61
CA ASP B 37 32.30 -75.70 -26.32
C ASP B 37 31.37 -75.37 -25.15
N GLU B 38 30.09 -75.11 -25.42
CA GLU B 38 29.17 -74.77 -24.33
C GLU B 38 27.79 -75.29 -24.71
N VAL B 39 27.24 -76.15 -23.86
CA VAL B 39 25.92 -76.71 -24.04
C VAL B 39 25.08 -76.34 -22.85
N VAL B 40 23.90 -75.80 -23.12
CA VAL B 40 22.91 -75.49 -22.10
C VAL B 40 21.69 -76.36 -22.34
N VAL B 41 21.14 -76.86 -21.24
CA VAL B 41 20.10 -77.86 -21.24
C VAL B 41 19.06 -77.45 -20.21
N ALA B 42 17.80 -77.49 -20.60
CA ALA B 42 16.70 -77.04 -19.75
C ALA B 42 15.83 -78.21 -19.33
N ASN B 43 15.22 -78.07 -18.16
CA ASN B 43 14.39 -79.10 -17.56
C ASN B 43 12.95 -78.90 -18.04
N ARG B 44 12.48 -79.84 -18.85
CA ARG B 44 11.14 -79.79 -19.40
C ARG B 44 10.06 -79.84 -18.32
N GLN B 45 10.35 -80.48 -17.18
CA GLN B 45 9.32 -80.82 -16.21
C GLN B 45 8.86 -79.64 -15.35
N GLN B 46 9.62 -78.56 -15.31
CA GLN B 46 9.24 -77.45 -14.44
C GLN B 46 8.09 -76.65 -15.07
N PRO B 47 7.26 -76.02 -14.24
CA PRO B 47 6.26 -75.07 -14.76
C PRO B 47 6.92 -73.79 -15.25
N PHE B 48 6.14 -72.86 -15.82
CA PHE B 48 6.78 -71.75 -16.52
C PHE B 48 7.52 -70.82 -15.57
N GLY B 49 7.06 -70.70 -14.33
CA GLY B 49 7.78 -69.86 -13.38
C GLY B 49 9.15 -70.41 -13.05
N VAL B 50 9.24 -71.71 -12.80
CA VAL B 50 10.46 -72.31 -12.30
C VAL B 50 11.42 -72.56 -13.45
N LYS B 51 12.66 -72.13 -13.28
CA LYS B 51 13.71 -72.32 -14.27
C LYS B 51 14.75 -73.29 -13.70
N ASN B 52 15.01 -74.36 -14.45
CA ASN B 52 15.92 -75.44 -14.04
C ASN B 52 16.80 -75.76 -15.24
N THR B 53 18.09 -75.43 -15.15
CA THR B 53 19.01 -75.62 -16.26
C THR B 53 20.31 -76.25 -15.80
N ALA B 54 21.05 -76.78 -16.77
CA ALA B 54 22.37 -77.34 -16.56
C ALA B 54 23.24 -76.89 -17.73
N ARG B 55 24.51 -76.61 -17.43
CA ARG B 55 25.43 -76.06 -18.41
C ARG B 55 26.71 -76.87 -18.36
N TYR B 56 27.19 -77.25 -19.55
CA TYR B 56 28.36 -78.13 -19.67
C TYR B 56 29.31 -77.44 -20.63
N GLY B 57 30.51 -77.15 -20.17
CA GLY B 57 31.44 -76.39 -20.99
C GLY B 57 32.87 -76.82 -20.80
N ILE B 58 33.66 -76.72 -21.88
CA ILE B 58 35.09 -76.94 -21.77
C ILE B 58 35.84 -75.75 -22.34
N ARG B 59 37.02 -75.53 -21.79
CA ARG B 59 37.97 -74.51 -22.21
C ARG B 59 39.33 -75.18 -22.35
N GLN B 60 40.10 -74.78 -23.35
CA GLN B 60 41.43 -75.34 -23.52
C GLN B 60 42.42 -74.56 -22.65
N ILE B 61 43.27 -75.30 -21.93
CA ILE B 61 44.23 -74.73 -21.02
C ILE B 61 45.57 -74.67 -21.72
N ALA B 62 46.14 -73.46 -21.78
CA ALA B 62 47.35 -73.23 -22.57
C ALA B 62 48.55 -73.90 -21.92
N ASP B 63 48.80 -73.58 -20.65
CA ASP B 63 49.91 -74.14 -19.88
C ASP B 63 49.34 -74.55 -18.53
N VAL B 64 49.22 -75.86 -18.30
CA VAL B 64 48.65 -76.32 -17.04
C VAL B 64 49.62 -76.08 -15.88
N TYR B 65 50.89 -75.77 -16.19
CA TYR B 65 51.92 -75.53 -15.18
C TYR B 65 52.05 -74.06 -14.80
N ARG B 66 51.22 -73.18 -15.35
CA ARG B 66 51.53 -71.75 -15.32
C ARG B 66 51.19 -71.12 -13.97
N ASN B 67 49.99 -71.33 -13.45
CA ASN B 67 49.71 -70.73 -12.16
C ASN B 67 50.27 -71.52 -10.99
N THR B 68 50.76 -72.74 -11.23
CA THR B 68 51.08 -73.68 -10.18
C THR B 68 52.48 -73.43 -9.61
N THR B 69 52.73 -74.04 -8.44
CA THR B 69 54.09 -74.12 -7.91
C THR B 69 54.86 -75.28 -8.54
N ILE B 70 54.15 -76.23 -9.14
CA ILE B 70 54.78 -77.24 -9.97
C ILE B 70 55.27 -76.58 -11.26
N ASP B 71 56.37 -77.09 -11.79
CA ASP B 71 56.78 -76.75 -13.14
C ASP B 71 57.25 -78.00 -13.86
N ARG B 72 57.37 -77.88 -15.17
CA ARG B 72 57.39 -79.03 -16.06
C ARG B 72 58.79 -79.65 -16.10
N ALA B 73 58.88 -80.94 -15.78
CA ALA B 73 60.13 -81.67 -15.93
C ALA B 73 60.38 -81.96 -17.41
N TYR B 74 61.62 -82.33 -17.73
CA TYR B 74 62.05 -82.25 -19.13
C TYR B 74 61.36 -83.29 -20.01
N GLN B 75 60.86 -84.35 -19.42
CA GLN B 75 60.27 -85.45 -20.14
C GLN B 75 58.76 -85.50 -19.99
N SER B 76 58.15 -84.33 -19.88
CA SER B 76 56.69 -84.29 -19.85
C SER B 76 56.14 -84.30 -21.27
N PRO B 77 55.03 -85.00 -21.50
CA PRO B 77 54.48 -85.06 -22.87
C PRO B 77 53.98 -83.72 -23.39
N SER B 78 53.23 -82.98 -22.57
CA SER B 78 52.66 -81.71 -23.00
C SER B 78 52.44 -80.82 -21.80
N LYS B 79 52.31 -79.53 -22.09
CA LYS B 79 51.81 -78.55 -21.14
C LYS B 79 50.32 -78.36 -21.26
N LYS B 80 49.69 -78.94 -22.28
CA LYS B 80 48.31 -78.63 -22.60
C LYS B 80 47.37 -79.16 -21.51
N GLY B 81 46.17 -78.60 -21.46
CA GLY B 81 45.18 -79.11 -20.55
C GLY B 81 43.77 -78.84 -21.05
N THR B 82 42.80 -79.38 -20.31
CA THR B 82 41.40 -79.09 -20.58
C THR B 82 40.69 -78.78 -19.27
N SER B 83 39.82 -77.78 -19.29
CA SER B 83 39.08 -77.35 -18.12
C SER B 83 37.60 -77.59 -18.38
N LEU B 84 36.97 -78.37 -17.52
CA LEU B 84 35.57 -78.74 -17.63
C LEU B 84 34.76 -78.03 -16.56
N VAL B 85 33.57 -77.59 -16.93
CA VAL B 85 32.64 -77.00 -15.99
C VAL B 85 31.27 -77.67 -16.16
N VAL B 86 30.66 -77.97 -15.02
CA VAL B 86 29.32 -78.52 -14.95
C VAL B 86 28.56 -77.65 -13.96
N GLN B 87 27.53 -76.96 -14.45
CA GLN B 87 26.73 -76.06 -13.62
C GLN B 87 25.28 -76.51 -13.60
N VAL B 88 24.66 -76.41 -12.43
CA VAL B 88 23.23 -76.62 -12.29
C VAL B 88 22.63 -75.34 -11.71
N THR B 89 21.46 -74.98 -12.23
CA THR B 89 20.70 -73.80 -11.84
C THR B 89 19.29 -74.23 -11.53
N GLU B 90 18.82 -73.91 -10.32
CA GLU B 90 17.49 -74.29 -9.90
C GLU B 90 16.75 -73.07 -9.39
N THR B 91 15.42 -73.16 -9.40
CA THR B 91 14.55 -72.10 -8.91
C THR B 91 13.66 -72.69 -7.83
N TRP B 92 13.94 -72.35 -6.57
CA TRP B 92 13.17 -72.82 -5.44
C TRP B 92 12.07 -71.81 -5.15
N THR B 93 10.97 -72.27 -4.58
CA THR B 93 9.82 -71.39 -4.36
C THR B 93 9.34 -71.47 -2.91
N VAL B 94 9.14 -70.30 -2.31
CA VAL B 94 8.59 -70.17 -0.97
C VAL B 94 7.17 -69.69 -1.09
N ALA B 95 6.24 -70.39 -0.42
CA ALA B 95 4.83 -70.02 -0.38
C ALA B 95 4.34 -70.10 1.06
N SER B 96 3.09 -69.69 1.28
CA SER B 96 2.49 -69.72 2.60
C SER B 96 1.15 -70.42 2.56
N THR B 97 0.90 -71.28 3.54
CA THR B 97 -0.40 -71.93 3.70
C THR B 97 -1.47 -71.03 4.28
N ASP B 98 -1.07 -69.88 4.82
CA ASP B 98 -2.01 -68.88 5.34
C ASP B 98 -2.48 -67.93 4.24
N ASP B 99 -1.52 -67.33 3.54
CA ASP B 99 -1.77 -66.27 2.56
C ASP B 99 -1.49 -66.80 1.17
N GLU B 100 -2.49 -66.72 0.29
CA GLU B 100 -2.25 -67.03 -1.11
C GLU B 100 -1.42 -65.95 -1.81
N THR B 101 -1.39 -64.74 -1.24
CA THR B 101 -0.62 -63.64 -1.85
C THR B 101 0.88 -63.80 -1.63
N TYR B 102 1.27 -64.42 -0.53
CA TYR B 102 2.66 -64.42 -0.13
C TYR B 102 3.43 -65.52 -0.85
N GLY B 103 4.49 -65.11 -1.55
CA GLY B 103 5.39 -66.06 -2.18
C GLY B 103 6.55 -65.33 -2.81
N TYR B 104 7.63 -66.08 -3.01
CA TYR B 104 8.77 -65.58 -3.77
C TYR B 104 9.60 -66.76 -4.29
N SER B 105 10.56 -66.44 -5.16
CA SER B 105 11.43 -67.43 -5.77
C SER B 105 12.88 -67.16 -5.36
N LEU B 106 13.58 -68.21 -4.99
CA LEU B 106 14.98 -68.17 -4.63
C LEU B 106 15.79 -68.81 -5.73
N PRO B 107 16.84 -68.15 -6.21
CA PRO B 107 17.69 -68.78 -7.23
C PRO B 107 18.85 -69.54 -6.59
N PHE B 108 19.00 -70.80 -6.93
CA PHE B 108 20.14 -71.60 -6.49
C PHE B 108 21.04 -71.90 -7.67
N SER B 109 22.36 -71.84 -7.46
CA SER B 109 23.23 -72.32 -8.51
C SER B 109 24.47 -72.93 -7.89
N ALA B 110 25.09 -73.83 -8.65
CA ALA B 110 26.34 -74.41 -8.18
C ALA B 110 27.04 -75.03 -9.39
N HIS B 111 28.36 -75.09 -9.31
CA HIS B 111 29.08 -75.71 -10.41
C HIS B 111 30.37 -76.36 -9.91
N VAL B 112 30.89 -77.22 -10.76
CA VAL B 112 32.14 -77.93 -10.54
C VAL B 112 33.04 -77.62 -11.71
N ILE B 113 34.32 -77.43 -11.42
CA ILE B 113 35.33 -77.19 -12.45
C ILE B 113 36.47 -78.16 -12.21
N VAL B 114 36.96 -78.76 -13.29
CA VAL B 114 37.97 -79.79 -13.25
C VAL B 114 39.05 -79.44 -14.26
N ASN B 115 40.31 -79.48 -13.85
CA ASN B 115 41.42 -79.02 -14.69
C ASN B 115 42.39 -80.18 -14.96
N VAL B 116 42.16 -80.88 -16.05
CA VAL B 116 42.83 -82.15 -16.33
C VAL B 116 43.99 -81.91 -17.28
N PRO B 117 45.22 -82.29 -16.91
CA PRO B 117 46.33 -82.24 -17.87
C PRO B 117 46.16 -83.25 -18.99
N GLN B 118 46.86 -82.98 -20.10
CA GLN B 118 46.84 -83.86 -21.27
C GLN B 118 47.97 -84.90 -21.12
N ASP B 119 47.66 -85.96 -20.39
CA ASP B 119 48.55 -87.12 -20.32
C ASP B 119 47.69 -88.36 -20.41
N ALA B 120 48.08 -89.28 -21.30
CA ALA B 120 47.23 -90.43 -21.58
C ALA B 120 47.06 -91.35 -20.37
N LEU B 121 48.00 -91.32 -19.41
CA LEU B 121 47.90 -92.16 -18.22
C LEU B 121 46.83 -91.71 -17.25
N ILE B 122 46.35 -90.47 -17.36
CA ILE B 122 45.17 -90.07 -16.60
C ILE B 122 43.96 -90.78 -17.20
N THR B 123 43.26 -91.55 -16.38
CA THR B 123 42.13 -92.34 -16.84
C THR B 123 40.83 -91.78 -16.30
N GLU B 124 39.73 -92.22 -16.92
CA GLU B 124 38.42 -91.72 -16.51
C GLU B 124 38.16 -92.07 -15.07
N GLU B 125 38.61 -93.26 -14.64
CA GLU B 125 38.42 -93.65 -13.25
C GLU B 125 39.29 -92.80 -12.32
N ILE B 126 40.53 -92.51 -12.71
CA ILE B 126 41.38 -91.64 -11.88
C ILE B 126 40.66 -90.33 -11.64
N LEU B 127 40.04 -89.79 -12.69
CA LEU B 127 39.36 -88.50 -12.56
C LEU B 127 38.12 -88.60 -11.65
N TYR B 128 37.31 -89.65 -11.82
CA TYR B 128 36.17 -89.78 -10.92
C TYR B 128 36.60 -89.93 -9.46
N ASP B 129 37.66 -90.70 -9.20
CA ASP B 129 38.10 -90.84 -7.82
C ASP B 129 38.66 -89.53 -7.29
N ALA B 130 39.26 -88.73 -8.17
CA ALA B 130 39.65 -87.38 -7.77
C ALA B 130 38.42 -86.56 -7.36
N LEU B 131 37.34 -86.65 -8.15
CA LEU B 131 36.12 -85.93 -7.79
C LEU B 131 35.58 -86.41 -6.44
N LYS B 132 35.73 -87.70 -6.15
CA LYS B 132 35.26 -88.23 -4.86
C LYS B 132 36.09 -87.67 -3.71
N ARG B 133 37.42 -87.60 -3.89
CA ARG B 133 38.27 -86.95 -2.90
C ARG B 133 37.87 -85.49 -2.71
N LEU B 134 37.58 -84.80 -3.82
CA LEU B 134 37.16 -83.40 -3.79
C LEU B 134 35.93 -83.21 -2.91
N MET B 135 34.83 -83.87 -3.29
CA MET B 135 33.60 -83.76 -2.51
C MET B 135 33.78 -84.21 -1.07
N GLY B 136 34.76 -85.08 -0.79
CA GLY B 136 35.00 -85.45 0.59
C GLY B 136 35.31 -84.27 1.51
N HIS B 137 35.83 -83.17 0.96
CA HIS B 137 36.18 -82.01 1.77
C HIS B 137 34.97 -81.27 2.29
N PHE B 138 33.75 -81.67 1.91
CA PHE B 138 32.55 -81.16 2.55
C PHE B 138 32.23 -81.89 3.84
N TYR B 139 33.18 -82.70 4.33
CA TYR B 139 32.99 -83.50 5.52
C TYR B 139 34.30 -83.53 6.31
N GLU B 140 34.21 -84.04 7.54
CA GLU B 140 35.38 -84.33 8.36
C GLU B 140 35.29 -85.78 8.83
N GLY B 141 36.43 -86.46 8.86
CA GLY B 141 36.44 -87.86 9.22
C GLY B 141 37.15 -88.16 10.52
N ASN B 142 36.88 -89.33 11.12
CA ASN B 142 37.52 -89.76 12.36
C ASN B 142 38.06 -91.16 12.18
N ASP B 143 39.39 -91.33 12.29
CA ASP B 143 39.92 -92.69 12.31
C ASP B 143 39.61 -93.39 13.62
N THR B 144 39.32 -92.61 14.66
CA THR B 144 39.33 -93.16 16.01
C THR B 144 38.26 -94.21 16.23
N THR B 145 37.01 -93.89 15.91
CA THR B 145 35.90 -94.79 16.18
C THR B 145 36.06 -96.10 15.41
N SER B 146 35.50 -97.14 15.98
CA SER B 146 35.60 -98.44 15.33
C SER B 146 34.79 -98.50 14.03
N PRO B 147 33.54 -98.07 13.99
CA PRO B 147 33.04 -97.68 12.67
C PRO B 147 33.42 -96.23 12.46
N THR B 148 34.12 -95.94 11.36
CA THR B 148 34.60 -94.60 11.13
C THR B 148 33.40 -93.66 11.02
N THR B 149 33.52 -92.48 11.61
CA THR B 149 32.43 -91.52 11.64
C THR B 149 32.84 -90.27 10.87
N THR B 150 31.86 -89.67 10.20
CA THR B 150 32.04 -88.45 9.44
C THR B 150 30.98 -87.43 9.87
N SER B 151 31.43 -86.21 10.11
CA SER B 151 30.55 -85.07 10.37
C SER B 151 30.58 -84.11 9.19
N VAL B 152 29.64 -83.18 9.17
CA VAL B 152 29.42 -82.33 8.01
C VAL B 152 30.04 -80.96 8.21
N ARG B 153 30.39 -80.33 7.09
CA ARG B 153 31.03 -79.04 7.09
C ARG B 153 30.24 -77.94 6.41
N LEU B 154 29.35 -78.27 5.47
CA LEU B 154 28.80 -77.26 4.57
C LEU B 154 28.21 -76.08 5.33
N LYS B 155 27.45 -76.34 6.39
CA LYS B 155 26.90 -75.26 7.19
C LYS B 155 28.01 -74.41 7.79
N ASP B 156 28.92 -75.05 8.54
CA ASP B 156 29.96 -74.30 9.23
C ASP B 156 30.78 -73.47 8.25
N MET B 157 31.03 -73.99 7.04
CA MET B 157 31.78 -73.24 6.04
C MET B 157 30.99 -72.04 5.55
N LEU B 158 29.75 -72.28 5.10
CA LEU B 158 28.92 -71.16 4.65
C LEU B 158 28.74 -70.10 5.73
N GLN B 159 28.84 -70.50 7.01
CA GLN B 159 28.74 -69.57 8.12
C GLN B 159 30.04 -68.84 8.42
N GLY B 160 31.15 -69.22 7.77
CA GLY B 160 32.42 -68.55 7.94
C GLY B 160 33.47 -69.31 8.73
N ALA B 161 33.13 -70.50 9.23
CA ALA B 161 34.09 -71.36 9.93
C ALA B 161 34.81 -72.20 8.88
N LEU B 162 35.79 -71.58 8.23
CA LEU B 162 36.38 -72.23 7.07
C LEU B 162 37.47 -73.22 7.44
N VAL B 163 37.99 -73.15 8.67
CA VAL B 163 38.98 -74.14 9.08
C VAL B 163 38.22 -75.37 9.56
N PRO B 164 38.67 -76.58 9.20
CA PRO B 164 38.06 -77.77 9.77
C PRO B 164 38.13 -77.76 11.29
N GLN B 165 37.04 -78.21 11.91
CA GLN B 165 36.96 -78.24 13.37
C GLN B 165 37.91 -79.26 13.96
N SER B 166 38.38 -80.22 13.15
CA SER B 166 39.39 -81.18 13.59
C SER B 166 40.75 -80.51 13.82
N LEU B 167 41.04 -79.43 13.11
CA LEU B 167 42.32 -78.74 13.24
C LEU B 167 42.31 -77.75 14.40
N SER C 1 -5.52 -73.59 -2.29
CA SER C 1 -4.69 -73.80 -3.47
C SER C 1 -5.21 -72.95 -4.62
N LYS C 2 -4.34 -72.73 -5.61
CA LYS C 2 -4.64 -71.85 -6.73
C LYS C 2 -5.12 -72.65 -7.93
N ILE C 3 -6.12 -72.13 -8.63
CA ILE C 3 -6.71 -72.80 -9.78
C ILE C 3 -6.85 -71.81 -10.92
N LEU C 4 -6.56 -72.27 -12.13
CA LEU C 4 -6.79 -71.53 -13.36
C LEU C 4 -7.99 -72.11 -14.08
N SER C 5 -8.85 -71.24 -14.59
CA SER C 5 -9.95 -71.64 -15.47
C SER C 5 -9.84 -70.89 -16.77
N THR C 6 -10.07 -71.60 -17.87
CA THR C 6 -10.14 -70.97 -19.18
C THR C 6 -11.51 -70.41 -19.48
N ASN C 7 -12.48 -70.61 -18.59
CA ASN C 7 -13.84 -70.07 -18.75
C ASN C 7 -14.53 -70.58 -20.00
N ASN C 8 -14.03 -71.66 -20.59
CA ASN C 8 -14.70 -72.29 -21.73
C ASN C 8 -15.68 -73.37 -21.28
N SER C 9 -15.96 -73.45 -19.98
CA SER C 9 -16.81 -74.52 -19.47
C SER C 9 -18.20 -74.47 -20.07
N ASN C 10 -18.77 -73.27 -20.22
CA ASN C 10 -20.15 -73.11 -20.66
C ASN C 10 -20.29 -72.82 -22.14
N SER C 11 -19.19 -72.67 -22.86
CA SER C 11 -19.26 -72.41 -24.29
C SER C 11 -19.54 -73.71 -25.05
N ASN C 12 -20.20 -73.59 -26.20
CA ASN C 12 -20.74 -74.74 -26.93
C ASN C 12 -19.86 -75.05 -28.14
N PHE C 13 -19.36 -76.28 -28.20
CA PHE C 13 -18.53 -76.71 -29.32
C PHE C 13 -19.06 -78.01 -29.89
N VAL C 14 -18.54 -78.32 -31.08
CA VAL C 14 -18.72 -79.59 -31.77
C VAL C 14 -17.33 -80.10 -32.12
N ASP C 15 -17.05 -81.34 -31.73
CA ASP C 15 -15.74 -81.90 -32.05
C ASP C 15 -15.68 -82.25 -33.53
N THR C 16 -14.48 -82.15 -34.11
CA THR C 16 -14.25 -82.67 -35.46
C THR C 16 -12.80 -83.13 -35.59
N SER C 17 -12.57 -84.08 -36.48
CA SER C 17 -11.27 -84.72 -36.59
C SER C 17 -10.34 -83.91 -37.48
N PHE C 18 -9.09 -83.81 -37.06
CA PHE C 18 -8.09 -82.99 -37.75
C PHE C 18 -6.76 -83.70 -37.53
N THR C 19 -6.43 -84.63 -38.42
CA THR C 19 -5.31 -85.54 -38.21
C THR C 19 -4.03 -84.90 -38.72
N LEU C 20 -3.09 -84.66 -37.81
CA LEU C 20 -1.87 -83.96 -38.15
C LEU C 20 -0.84 -84.91 -38.74
N LYS C 21 -0.18 -84.44 -39.81
CA LYS C 21 0.98 -85.12 -40.38
C LYS C 21 2.22 -84.51 -39.73
N VAL C 22 2.79 -85.21 -38.75
CA VAL C 22 3.94 -84.79 -37.97
C VAL C 22 5.23 -85.18 -38.65
N PRO C 23 6.21 -84.27 -38.76
CA PRO C 23 7.45 -84.60 -39.45
C PRO C 23 8.33 -85.58 -38.70
N VAL C 24 9.07 -86.38 -39.45
CA VAL C 24 10.17 -87.19 -38.92
C VAL C 24 11.43 -86.42 -39.25
N TYR C 25 11.85 -85.56 -38.32
CA TYR C 25 12.91 -84.62 -38.63
C TYR C 25 14.20 -85.34 -38.97
N SER C 26 14.50 -86.39 -38.22
CA SER C 26 15.70 -87.19 -38.48
C SER C 26 15.80 -87.63 -39.94
N LYS C 27 14.69 -88.05 -40.57
CA LYS C 27 14.83 -88.47 -41.97
C LYS C 27 14.76 -87.28 -42.93
N ASP C 28 13.88 -86.31 -42.70
CA ASP C 28 13.60 -85.36 -43.78
C ASP C 28 14.31 -84.02 -43.66
N TYR C 29 14.69 -83.58 -42.47
CA TYR C 29 15.09 -82.19 -42.31
C TYR C 29 16.54 -82.07 -41.88
N ARG C 30 17.09 -80.87 -42.13
CA ARG C 30 18.37 -80.42 -41.61
C ARG C 30 18.20 -79.01 -41.07
N VAL C 31 19.18 -78.55 -40.31
CA VAL C 31 19.10 -77.23 -39.70
C VAL C 31 19.82 -76.23 -40.59
N THR C 32 19.08 -75.20 -41.01
CA THR C 32 19.60 -74.07 -41.79
C THR C 32 20.16 -72.97 -40.90
N GLN C 33 19.47 -72.63 -39.83
CA GLN C 33 19.92 -71.54 -38.95
C GLN C 33 19.73 -71.99 -37.51
N ASP C 34 20.78 -71.87 -36.70
CA ASP C 34 20.74 -72.21 -35.28
C ASP C 34 21.06 -70.95 -34.50
N GLU C 35 20.04 -70.13 -34.25
CA GLU C 35 20.14 -68.95 -33.43
C GLU C 35 19.44 -69.19 -32.10
N PRO C 36 19.74 -68.41 -31.07
CA PRO C 36 19.09 -68.64 -29.78
C PRO C 36 17.60 -68.35 -29.80
N ASP C 37 17.15 -67.46 -30.67
CA ASP C 37 15.76 -67.06 -30.71
C ASP C 37 15.02 -67.57 -31.94
N GLU C 38 15.74 -68.05 -32.94
CA GLU C 38 15.14 -68.33 -34.25
C GLU C 38 15.90 -69.49 -34.86
N VAL C 39 15.21 -70.61 -35.07
CA VAL C 39 15.79 -71.77 -35.74
C VAL C 39 15.09 -71.95 -37.08
N VAL C 40 15.88 -72.25 -38.10
CA VAL C 40 15.35 -72.52 -39.43
C VAL C 40 15.80 -73.89 -39.85
N VAL C 41 14.85 -74.62 -40.44
CA VAL C 41 14.97 -76.02 -40.78
C VAL C 41 14.53 -76.16 -42.23
N ALA C 42 15.15 -77.10 -42.94
CA ALA C 42 14.90 -77.27 -44.37
C ALA C 42 14.80 -78.75 -44.72
N ASN C 43 14.02 -79.04 -45.76
CA ASN C 43 13.81 -80.41 -46.21
C ASN C 43 14.90 -80.73 -47.23
N ARG C 44 15.84 -81.58 -46.83
CA ARG C 44 16.94 -81.99 -47.71
C ARG C 44 16.52 -83.05 -48.71
N GLN C 45 15.34 -83.67 -48.56
CA GLN C 45 14.88 -84.69 -49.50
C GLN C 45 14.21 -84.10 -50.74
N GLN C 46 13.70 -82.87 -50.65
CA GLN C 46 13.08 -82.25 -51.80
C GLN C 46 14.10 -82.11 -52.94
N PRO C 47 13.66 -82.19 -54.20
CA PRO C 47 14.53 -81.81 -55.31
C PRO C 47 14.93 -80.34 -55.21
N PHE C 48 15.89 -79.94 -56.04
CA PHE C 48 16.52 -78.64 -55.87
C PHE C 48 15.54 -77.50 -56.08
N GLY C 49 14.65 -77.62 -57.07
CA GLY C 49 13.68 -76.56 -57.32
C GLY C 49 12.76 -76.30 -56.15
N VAL C 50 12.34 -77.36 -55.45
CA VAL C 50 11.32 -77.26 -54.42
C VAL C 50 11.98 -77.04 -53.07
N LYS C 51 11.79 -75.85 -52.52
CA LYS C 51 12.32 -75.53 -51.20
C LYS C 51 11.19 -75.69 -50.19
N ASN C 52 11.34 -76.66 -49.29
CA ASN C 52 10.41 -76.90 -48.19
C ASN C 52 11.10 -76.56 -46.87
N THR C 53 10.66 -75.49 -46.19
CA THR C 53 11.33 -74.99 -44.99
C THR C 53 10.34 -74.74 -43.86
N ALA C 54 10.90 -74.56 -42.66
CA ALA C 54 10.13 -74.29 -41.46
C ALA C 54 10.97 -73.43 -40.52
N ARG C 55 10.30 -72.62 -39.72
CA ARG C 55 10.96 -71.62 -38.90
C ARG C 55 10.30 -71.61 -37.53
N TYR C 56 11.11 -71.64 -36.48
CA TYR C 56 10.60 -71.75 -35.11
C TYR C 56 11.26 -70.63 -34.31
N GLY C 57 10.47 -69.70 -33.81
CA GLY C 57 11.02 -68.51 -33.19
C GLY C 57 10.29 -68.13 -31.93
N ILE C 58 11.02 -67.46 -31.03
CA ILE C 58 10.46 -66.94 -29.79
C ILE C 58 10.94 -65.51 -29.58
N ARG C 59 10.00 -64.61 -29.40
CA ARG C 59 10.23 -63.25 -28.91
C ARG C 59 9.72 -63.20 -27.48
N GLN C 60 10.28 -62.32 -26.66
CA GLN C 60 9.80 -62.22 -25.29
C GLN C 60 8.93 -60.97 -25.13
N ILE C 61 7.75 -61.16 -24.54
CA ILE C 61 6.72 -60.14 -24.45
C ILE C 61 6.92 -59.36 -23.16
N ALA C 62 7.04 -58.04 -23.28
CA ALA C 62 7.35 -57.19 -22.13
C ALA C 62 6.14 -57.03 -21.23
N ASP C 63 5.00 -56.61 -21.80
CA ASP C 63 3.75 -56.48 -21.07
C ASP C 63 2.70 -57.27 -21.83
N VAL C 64 2.29 -58.41 -21.28
CA VAL C 64 1.31 -59.23 -21.96
C VAL C 64 -0.06 -58.57 -21.96
N TYR C 65 -0.24 -57.54 -21.12
CA TYR C 65 -1.49 -56.80 -21.01
C TYR C 65 -1.54 -55.55 -21.89
N ARG C 66 -0.55 -55.36 -22.77
CA ARG C 66 -0.39 -54.07 -23.42
C ARG C 66 -1.59 -53.72 -24.28
N ASN C 67 -2.04 -54.66 -25.10
CA ASN C 67 -3.13 -54.40 -26.02
C ASN C 67 -4.42 -55.10 -25.59
N THR C 68 -4.62 -55.22 -24.29
CA THR C 68 -5.80 -55.87 -23.72
C THR C 68 -6.63 -54.87 -22.94
N THR C 69 -7.87 -55.27 -22.64
CA THR C 69 -8.83 -54.45 -21.94
C THR C 69 -8.87 -54.73 -20.44
N ILE C 70 -7.84 -55.41 -19.92
CA ILE C 70 -7.83 -55.84 -18.53
C ILE C 70 -7.27 -54.71 -17.68
N ASP C 71 -8.07 -54.18 -16.77
CA ASP C 71 -7.60 -53.11 -15.91
C ASP C 71 -6.52 -53.62 -14.97
N ARG C 72 -5.64 -52.70 -14.55
CA ARG C 72 -4.47 -53.09 -13.76
C ARG C 72 -4.87 -53.81 -12.48
N ALA C 73 -5.96 -53.39 -11.84
CA ALA C 73 -6.41 -54.03 -10.61
C ALA C 73 -6.71 -55.51 -10.78
N TYR C 74 -6.79 -55.99 -12.02
CA TYR C 74 -7.13 -57.38 -12.30
C TYR C 74 -5.98 -58.12 -12.98
N GLN C 75 -4.80 -57.51 -13.09
CA GLN C 75 -3.65 -58.12 -13.74
C GLN C 75 -2.84 -58.93 -12.73
N SER C 76 -2.04 -59.88 -13.24
CA SER C 76 -1.16 -60.63 -12.37
C SER C 76 -0.05 -59.70 -11.91
N PRO C 77 0.75 -60.12 -10.92
CA PRO C 77 1.91 -59.31 -10.57
C PRO C 77 2.96 -59.30 -11.67
N SER C 78 3.04 -60.37 -12.48
CA SER C 78 4.07 -60.52 -13.49
C SER C 78 3.47 -60.27 -14.87
N LYS C 79 4.06 -59.33 -15.59
CA LYS C 79 3.60 -59.00 -16.93
C LYS C 79 4.38 -59.72 -18.01
N LYS C 80 5.36 -60.54 -17.62
CA LYS C 80 6.21 -61.23 -18.58
C LYS C 80 5.38 -62.19 -19.44
N GLY C 81 5.83 -62.36 -20.69
CA GLY C 81 5.28 -63.40 -21.54
C GLY C 81 6.30 -63.85 -22.56
N THR C 82 5.94 -64.89 -23.31
CA THR C 82 6.71 -65.29 -24.48
C THR C 82 5.78 -65.43 -25.67
N SER C 83 6.35 -65.28 -26.86
CA SER C 83 5.60 -65.27 -28.11
C SER C 83 6.29 -66.24 -29.05
N LEU C 84 5.57 -67.28 -29.43
CA LEU C 84 6.09 -68.34 -30.27
C LEU C 84 5.57 -68.18 -31.69
N VAL C 85 6.42 -68.45 -32.66
CA VAL C 85 6.02 -68.50 -34.06
C VAL C 85 6.50 -69.80 -34.67
N VAL C 86 5.61 -70.42 -35.44
CA VAL C 86 5.88 -71.63 -36.18
C VAL C 86 5.46 -71.35 -37.61
N GLN C 87 6.42 -71.24 -38.51
CA GLN C 87 6.15 -70.96 -39.91
C GLN C 87 6.55 -72.13 -40.78
N VAL C 88 5.73 -72.43 -41.79
CA VAL C 88 6.06 -73.43 -42.78
C VAL C 88 5.99 -72.76 -44.15
N THR C 89 6.93 -73.14 -45.01
CA THR C 89 7.05 -72.64 -46.38
C THR C 89 7.17 -73.83 -47.31
N GLU C 90 6.25 -73.95 -48.25
CA GLU C 90 6.28 -75.03 -49.22
C GLU C 90 6.30 -74.44 -50.63
N THR C 91 6.70 -75.28 -51.58
CA THR C 91 6.71 -74.91 -52.98
C THR C 91 6.03 -76.01 -53.78
N TRP C 92 4.89 -75.70 -54.37
CA TRP C 92 4.10 -76.65 -55.14
C TRP C 92 4.43 -76.44 -56.60
N THR C 93 4.34 -77.50 -57.40
CA THR C 93 4.61 -77.38 -58.82
C THR C 93 3.39 -77.78 -59.64
N VAL C 94 3.13 -77.00 -60.68
CA VAL C 94 2.07 -77.26 -61.64
C VAL C 94 2.73 -77.67 -62.94
N ALA C 95 2.29 -78.79 -63.51
CA ALA C 95 2.81 -79.27 -64.79
C ALA C 95 1.65 -79.88 -65.57
N SER C 96 1.98 -80.44 -66.74
CA SER C 96 0.97 -80.96 -67.64
C SER C 96 1.29 -82.40 -68.04
N THR C 97 0.22 -83.17 -68.27
CA THR C 97 0.37 -84.51 -68.80
C THR C 97 0.79 -84.49 -70.26
N ASP C 98 0.16 -83.63 -71.04
CA ASP C 98 0.37 -83.62 -72.48
C ASP C 98 1.65 -82.90 -72.86
N ASP C 99 2.12 -81.97 -72.02
CA ASP C 99 3.19 -81.05 -72.35
C ASP C 99 4.25 -81.10 -71.27
N GLU C 100 5.45 -81.59 -71.63
CA GLU C 100 6.56 -81.61 -70.69
C GLU C 100 7.14 -80.23 -70.43
N THR C 101 6.93 -79.27 -71.34
CA THR C 101 7.51 -77.95 -71.19
C THR C 101 6.63 -76.99 -70.41
N TYR C 102 5.42 -77.38 -70.04
CA TYR C 102 4.49 -76.49 -69.36
C TYR C 102 4.55 -76.73 -67.86
N GLY C 103 4.87 -75.67 -67.12
CA GLY C 103 4.80 -75.73 -65.68
C GLY C 103 5.20 -74.42 -65.04
N TYR C 104 4.94 -74.35 -63.73
CA TYR C 104 5.41 -73.26 -62.88
C TYR C 104 5.41 -73.73 -61.42
N SER C 105 5.91 -72.86 -60.54
CA SER C 105 6.00 -73.14 -59.12
C SER C 105 5.21 -72.11 -58.33
N LEU C 106 4.35 -72.59 -57.43
CA LEU C 106 3.52 -71.76 -56.57
C LEU C 106 4.09 -71.76 -55.17
N PRO C 107 4.25 -70.61 -54.55
CA PRO C 107 4.74 -70.56 -53.17
C PRO C 107 3.60 -70.57 -52.16
N PHE C 108 3.64 -71.51 -51.21
CA PHE C 108 2.73 -71.52 -50.09
C PHE C 108 3.50 -71.17 -48.82
N SER C 109 2.89 -70.35 -47.98
CA SER C 109 3.45 -70.08 -46.67
C SER C 109 2.32 -69.93 -45.67
N ALA C 110 2.60 -70.30 -44.43
CA ALA C 110 1.63 -70.10 -43.38
C ALA C 110 2.36 -70.13 -42.06
N HIS C 111 1.79 -69.46 -41.06
CA HIS C 111 2.41 -69.51 -39.75
C HIS C 111 1.38 -69.37 -38.65
N VAL C 112 1.81 -69.78 -37.46
CA VAL C 112 1.04 -69.67 -36.23
C VAL C 112 1.86 -68.85 -35.26
N ILE C 113 1.19 -67.99 -34.52
CA ILE C 113 1.81 -67.22 -33.44
C ILE C 113 0.98 -67.45 -32.19
N VAL C 114 1.66 -67.68 -31.08
CA VAL C 114 1.02 -67.98 -29.80
C VAL C 114 1.64 -67.08 -28.74
N ASN C 115 0.81 -66.40 -27.95
CA ASN C 115 1.28 -65.40 -27.01
C ASN C 115 0.92 -65.84 -25.60
N VAL C 116 1.85 -66.54 -24.94
CA VAL C 116 1.57 -67.21 -23.67
C VAL C 116 2.14 -66.37 -22.54
N PRO C 117 1.32 -65.97 -21.55
CA PRO C 117 1.88 -65.37 -20.34
C PRO C 117 2.65 -66.40 -19.55
N GLN C 118 3.72 -65.94 -18.88
CA GLN C 118 4.50 -66.84 -18.02
C GLN C 118 3.84 -66.94 -16.66
N ASP C 119 2.90 -67.88 -16.56
CA ASP C 119 2.26 -68.20 -15.29
C ASP C 119 2.41 -69.69 -15.10
N ALA C 120 2.87 -70.10 -13.91
CA ALA C 120 3.16 -71.51 -13.69
C ALA C 120 1.91 -72.37 -13.92
N LEU C 121 0.72 -71.79 -13.74
CA LEU C 121 -0.54 -72.53 -13.86
C LEU C 121 -0.94 -72.81 -15.30
N ILE C 122 -0.41 -72.09 -16.27
CA ILE C 122 -0.62 -72.44 -17.67
C ILE C 122 0.20 -73.68 -17.98
N THR C 123 -0.48 -74.76 -18.39
CA THR C 123 0.16 -76.04 -18.65
C THR C 123 0.26 -76.28 -20.16
N GLU C 124 1.12 -77.24 -20.51
CA GLU C 124 1.28 -77.55 -21.92
C GLU C 124 -0.02 -78.08 -22.50
N GLU C 125 -0.78 -78.83 -21.70
CA GLU C 125 -2.06 -79.32 -22.18
C GLU C 125 -3.06 -78.18 -22.38
N ILE C 126 -3.09 -77.22 -21.44
CA ILE C 126 -3.95 -76.05 -21.62
C ILE C 126 -3.64 -75.36 -22.94
N LEU C 127 -2.34 -75.21 -23.24
CA LEU C 127 -1.95 -74.51 -24.46
C LEU C 127 -2.34 -75.30 -25.71
N TYR C 128 -2.12 -76.61 -25.71
CA TYR C 128 -2.55 -77.40 -26.87
C TYR C 128 -4.07 -77.34 -27.06
N ASP C 129 -4.84 -77.38 -25.97
CA ASP C 129 -6.28 -77.27 -26.11
C ASP C 129 -6.68 -75.91 -26.67
N ALA C 130 -5.95 -74.86 -26.27
CA ALA C 130 -6.18 -73.55 -26.87
C ALA C 130 -5.92 -73.58 -28.36
N LEU C 131 -4.83 -74.24 -28.79
CA LEU C 131 -4.54 -74.34 -30.21
C LEU C 131 -5.65 -75.09 -30.93
N LYS C 132 -6.21 -76.13 -30.29
CA LYS C 132 -7.29 -76.89 -30.92
C LYS C 132 -8.52 -76.02 -31.10
N ARG C 133 -8.81 -75.16 -30.12
CA ARG C 133 -9.93 -74.23 -30.24
C ARG C 133 -9.68 -73.21 -31.35
N LEU C 134 -8.45 -72.70 -31.42
CA LEU C 134 -8.05 -71.80 -32.49
C LEU C 134 -8.32 -72.40 -33.86
N MET C 135 -7.77 -73.57 -34.12
CA MET C 135 -7.99 -74.21 -35.42
C MET C 135 -9.44 -74.57 -35.65
N GLY C 136 -10.23 -74.73 -34.59
CA GLY C 136 -11.64 -74.97 -34.79
C GLY C 136 -12.37 -73.83 -35.48
N HIS C 137 -11.81 -72.62 -35.46
CA HIS C 137 -12.45 -71.48 -36.11
C HIS C 137 -12.35 -71.54 -37.63
N PHE C 138 -11.57 -72.46 -38.18
CA PHE C 138 -11.59 -72.74 -39.61
C PHE C 138 -12.79 -73.58 -40.01
N TYR C 139 -13.69 -73.86 -39.07
CA TYR C 139 -14.87 -74.65 -39.32
C TYR C 139 -16.07 -73.91 -38.74
N GLU C 140 -17.26 -74.43 -39.05
CA GLU C 140 -18.49 -73.95 -38.44
C GLU C 140 -19.23 -75.16 -37.89
N GLY C 141 -19.79 -75.01 -36.70
CA GLY C 141 -20.40 -76.11 -35.97
C GLY C 141 -21.91 -76.04 -35.95
N ASN C 142 -22.53 -77.22 -36.04
CA ASN C 142 -23.98 -77.43 -35.99
C ASN C 142 -24.25 -78.56 -35.01
N ASP C 143 -24.83 -78.24 -33.85
CA ASP C 143 -25.20 -79.26 -32.87
C ASP C 143 -26.70 -79.53 -32.85
N THR C 144 -27.48 -78.83 -33.69
CA THR C 144 -28.90 -79.08 -33.72
C THR C 144 -29.22 -80.44 -34.34
N THR C 145 -28.49 -80.83 -35.38
CA THR C 145 -28.73 -82.11 -36.04
C THR C 145 -28.41 -83.29 -35.14
N SER C 146 -29.02 -84.43 -35.47
CA SER C 146 -28.86 -85.62 -34.65
C SER C 146 -27.41 -86.02 -34.49
N PRO C 147 -26.60 -86.22 -35.56
CA PRO C 147 -25.16 -86.22 -35.33
C PRO C 147 -24.61 -84.80 -35.43
N THR C 148 -23.81 -84.37 -34.45
CA THR C 148 -23.18 -83.06 -34.56
C THR C 148 -22.32 -83.03 -35.81
N THR C 149 -22.48 -82.00 -36.62
CA THR C 149 -21.78 -81.88 -37.90
C THR C 149 -21.06 -80.54 -37.99
N THR C 150 -20.04 -80.51 -38.84
CA THR C 150 -19.23 -79.33 -39.08
C THR C 150 -19.01 -79.15 -40.58
N SER C 151 -19.04 -77.90 -41.02
CA SER C 151 -18.71 -77.58 -42.41
C SER C 151 -17.46 -76.71 -42.45
N VAL C 152 -16.68 -76.86 -43.52
CA VAL C 152 -15.41 -76.17 -43.63
C VAL C 152 -15.64 -74.71 -44.03
N ARG C 153 -14.73 -73.83 -43.62
CA ARG C 153 -14.92 -72.41 -43.82
C ARG C 153 -13.71 -71.71 -44.46
N LEU C 154 -12.61 -72.43 -44.72
CA LEU C 154 -11.38 -71.78 -45.15
C LEU C 154 -11.55 -71.07 -46.49
N LYS C 155 -12.12 -71.78 -47.47
CA LYS C 155 -12.29 -71.18 -48.79
C LYS C 155 -13.29 -70.03 -48.74
N ASP C 156 -14.36 -70.20 -47.96
CA ASP C 156 -15.34 -69.14 -47.83
C ASP C 156 -14.69 -67.86 -47.30
N MET C 157 -13.85 -67.99 -46.28
CA MET C 157 -13.18 -66.80 -45.75
C MET C 157 -12.22 -66.21 -46.77
N LEU C 158 -11.43 -67.06 -47.42
CA LEU C 158 -10.53 -66.56 -48.47
C LEU C 158 -11.29 -65.76 -49.52
N GLN C 159 -12.51 -66.19 -49.83
CA GLN C 159 -13.32 -65.54 -50.86
C GLN C 159 -14.20 -64.41 -50.33
N GLY C 160 -13.94 -63.93 -49.12
CA GLY C 160 -14.61 -62.74 -48.63
C GLY C 160 -15.85 -62.98 -47.80
N ALA C 161 -16.22 -64.24 -47.56
CA ALA C 161 -17.35 -64.55 -46.68
C ALA C 161 -16.80 -64.80 -45.29
N LEU C 162 -16.56 -63.71 -44.58
CA LEU C 162 -15.86 -63.80 -43.30
C LEU C 162 -16.79 -64.04 -42.13
N VAL C 163 -18.05 -63.63 -42.23
CA VAL C 163 -19.01 -63.85 -41.16
C VAL C 163 -19.54 -65.28 -41.28
N PRO C 164 -19.61 -66.03 -40.18
CA PRO C 164 -20.15 -67.39 -40.24
C PRO C 164 -21.58 -67.44 -40.75
N GLN C 165 -21.96 -68.58 -41.34
CA GLN C 165 -23.34 -68.80 -41.74
C GLN C 165 -24.30 -68.64 -40.56
N SER C 166 -23.92 -69.14 -39.38
CA SER C 166 -24.80 -69.12 -38.23
C SER C 166 -25.17 -67.71 -37.82
N LEU C 167 -24.31 -66.73 -38.12
CA LEU C 167 -24.49 -65.34 -37.68
C LEU C 167 -25.02 -64.43 -38.79
N SER D 1 -87.61 31.85 -70.16
CA SER D 1 -87.75 30.48 -69.66
C SER D 1 -86.73 29.57 -70.32
N LYS D 2 -86.05 28.78 -69.51
CA LYS D 2 -85.03 27.86 -69.98
C LYS D 2 -85.63 26.47 -70.17
N ILE D 3 -85.22 25.79 -71.24
CA ILE D 3 -85.74 24.46 -71.56
C ILE D 3 -84.57 23.52 -71.83
N LEU D 4 -84.64 22.34 -71.22
CA LEU D 4 -83.67 21.27 -71.45
C LEU D 4 -84.28 20.21 -72.37
N SER D 5 -83.50 19.74 -73.33
CA SER D 5 -83.87 18.63 -74.20
C SER D 5 -82.80 17.55 -74.11
N THR D 6 -83.26 16.30 -74.11
CA THR D 6 -82.37 15.16 -74.16
C THR D 6 -82.00 14.76 -75.57
N ASN D 7 -82.67 15.33 -76.57
CA ASN D 7 -82.36 15.10 -77.99
C ASN D 7 -82.53 13.63 -78.38
N ASN D 8 -83.37 12.90 -77.66
CA ASN D 8 -83.66 11.52 -78.02
C ASN D 8 -84.93 11.41 -78.87
N SER D 9 -85.58 12.52 -79.17
CA SER D 9 -86.82 12.49 -79.93
C SER D 9 -86.66 11.89 -81.31
N ASN D 10 -85.46 11.99 -81.89
CA ASN D 10 -85.22 11.48 -83.23
C ASN D 10 -84.67 10.06 -83.24
N SER D 11 -84.46 9.47 -82.08
CA SER D 11 -84.00 8.09 -82.00
C SER D 11 -85.17 7.12 -82.12
N ASN D 12 -84.84 5.90 -82.54
CA ASN D 12 -85.78 4.83 -82.83
C ASN D 12 -85.61 3.72 -81.78
N PHE D 13 -86.61 3.53 -80.92
CA PHE D 13 -86.55 2.51 -79.87
C PHE D 13 -87.77 1.59 -79.93
N VAL D 14 -87.66 0.45 -79.28
CA VAL D 14 -88.76 -0.48 -79.11
C VAL D 14 -88.97 -0.65 -77.62
N ASP D 15 -90.20 -0.43 -77.17
CA ASP D 15 -90.49 -0.69 -75.78
C ASP D 15 -90.43 -2.20 -75.55
N THR D 16 -89.93 -2.59 -74.37
CA THR D 16 -89.98 -3.98 -73.96
C THR D 16 -90.08 -4.04 -72.44
N SER D 17 -90.69 -5.12 -71.95
CA SER D 17 -91.00 -5.22 -70.53
C SER D 17 -89.78 -5.70 -69.76
N PHE D 18 -89.54 -5.08 -68.62
CA PHE D 18 -88.38 -5.40 -67.80
C PHE D 18 -88.85 -5.17 -66.36
N THR D 19 -89.40 -6.23 -65.76
CA THR D 19 -90.11 -6.11 -64.51
C THR D 19 -89.13 -6.26 -63.35
N LEU D 20 -88.99 -5.21 -62.56
CA LEU D 20 -88.00 -5.15 -61.49
C LEU D 20 -88.54 -5.81 -60.23
N LYS D 21 -87.67 -6.60 -59.58
CA LYS D 21 -87.94 -7.11 -58.24
C LYS D 21 -87.25 -6.16 -57.26
N VAL D 22 -88.04 -5.26 -56.67
CA VAL D 22 -87.63 -4.23 -55.74
C VAL D 22 -87.56 -4.76 -54.31
N PRO D 23 -86.50 -4.47 -53.57
CA PRO D 23 -86.37 -5.01 -52.21
C PRO D 23 -87.36 -4.41 -51.22
N VAL D 24 -87.57 -5.15 -50.14
CA VAL D 24 -88.28 -4.64 -48.97
C VAL D 24 -87.26 -4.50 -47.87
N TYR D 25 -86.66 -3.32 -47.80
CA TYR D 25 -85.45 -3.16 -47.00
C TYR D 25 -85.74 -3.43 -45.53
N SER D 26 -86.89 -2.96 -45.05
CA SER D 26 -87.26 -3.17 -43.66
C SER D 26 -87.28 -4.64 -43.30
N LYS D 27 -87.84 -5.50 -44.17
CA LYS D 27 -87.90 -6.92 -43.86
C LYS D 27 -86.53 -7.58 -43.97
N ASP D 28 -85.77 -7.28 -45.03
CA ASP D 28 -84.63 -8.12 -45.39
C ASP D 28 -83.25 -7.57 -45.03
N TYR D 29 -83.06 -6.27 -45.08
CA TYR D 29 -81.73 -5.68 -45.09
C TYR D 29 -81.46 -4.92 -43.79
N ARG D 30 -80.21 -4.98 -43.34
CA ARG D 30 -79.68 -4.20 -42.24
C ARG D 30 -78.51 -3.38 -42.78
N VAL D 31 -78.01 -2.44 -42.00
CA VAL D 31 -76.97 -1.54 -42.50
C VAL D 31 -75.61 -1.97 -41.96
N THR D 32 -74.69 -2.28 -42.87
CA THR D 32 -73.31 -2.64 -42.54
C THR D 32 -72.39 -1.44 -42.43
N GLN D 33 -72.60 -0.42 -43.28
CA GLN D 33 -71.70 0.74 -43.35
C GLN D 33 -72.54 1.99 -43.57
N ASP D 34 -72.34 3.03 -42.75
CA ASP D 34 -73.03 4.31 -42.94
C ASP D 34 -72.04 5.46 -43.10
N GLU D 35 -71.05 5.31 -43.98
CA GLU D 35 -70.18 6.46 -44.14
C GLU D 35 -70.86 7.55 -44.98
N PRO D 36 -70.44 8.81 -44.82
CA PRO D 36 -71.19 9.93 -45.41
C PRO D 36 -71.38 9.83 -46.91
N ASP D 37 -70.41 9.25 -47.63
CA ASP D 37 -70.53 9.09 -49.06
C ASP D 37 -70.76 7.65 -49.51
N GLU D 38 -70.82 6.69 -48.58
CA GLU D 38 -70.88 5.29 -49.00
C GLU D 38 -71.64 4.50 -47.96
N VAL D 39 -72.74 3.88 -48.37
CA VAL D 39 -73.55 3.05 -47.48
C VAL D 39 -73.52 1.62 -48.00
N VAL D 40 -73.46 0.68 -47.07
CA VAL D 40 -73.49 -0.74 -47.37
C VAL D 40 -74.57 -1.39 -46.54
N VAL D 41 -75.31 -2.29 -47.18
CA VAL D 41 -76.53 -2.87 -46.69
C VAL D 41 -76.45 -4.37 -46.91
N ALA D 42 -76.70 -5.15 -45.85
CA ALA D 42 -76.57 -6.59 -45.90
C ALA D 42 -77.92 -7.28 -45.79
N ASN D 43 -78.02 -8.43 -46.43
CA ASN D 43 -79.25 -9.22 -46.46
C ASN D 43 -79.25 -10.16 -45.26
N ARG D 44 -80.06 -9.84 -44.27
CA ARG D 44 -80.13 -10.63 -43.04
C ARG D 44 -80.72 -12.02 -43.28
N GLN D 45 -81.42 -12.23 -44.39
CA GLN D 45 -82.10 -13.49 -44.66
C GLN D 45 -81.14 -14.62 -45.06
N GLN D 46 -79.87 -14.32 -45.28
CA GLN D 46 -79.02 -15.36 -45.83
C GLN D 46 -78.32 -16.15 -44.73
N PRO D 47 -77.99 -17.42 -45.00
CA PRO D 47 -77.11 -18.17 -44.09
C PRO D 47 -75.69 -17.63 -44.12
N PHE D 48 -74.80 -18.16 -43.28
CA PHE D 48 -73.50 -17.52 -43.14
C PHE D 48 -72.66 -17.64 -44.42
N GLY D 49 -72.70 -18.80 -45.08
CA GLY D 49 -71.94 -18.94 -46.31
C GLY D 49 -72.32 -17.89 -47.34
N VAL D 50 -73.63 -17.67 -47.52
CA VAL D 50 -74.13 -16.85 -48.61
C VAL D 50 -74.06 -15.38 -48.21
N LYS D 51 -73.33 -14.58 -48.99
CA LYS D 51 -73.24 -13.15 -48.78
C LYS D 51 -74.08 -12.43 -49.84
N ASN D 52 -75.00 -11.59 -49.37
CA ASN D 52 -75.91 -10.83 -50.22
C ASN D 52 -75.89 -9.38 -49.72
N THR D 53 -75.23 -8.49 -50.47
CA THR D 53 -75.07 -7.11 -50.03
C THR D 53 -75.32 -6.13 -51.18
N ALA D 54 -75.56 -4.89 -50.80
CA ALA D 54 -75.74 -3.78 -51.73
C ALA D 54 -74.95 -2.59 -51.22
N ARG D 55 -74.46 -1.80 -52.15
CA ARG D 55 -73.57 -0.68 -51.85
C ARG D 55 -74.06 0.52 -52.65
N TYR D 56 -74.23 1.65 -51.96
CA TYR D 56 -74.78 2.85 -52.55
C TYR D 56 -73.82 3.97 -52.24
N GLY D 57 -73.24 4.57 -53.28
CA GLY D 57 -72.20 5.57 -53.06
C GLY D 57 -72.31 6.73 -54.02
N ILE D 58 -71.83 7.89 -53.57
CA ILE D 58 -71.73 9.06 -54.43
C ILE D 58 -70.33 9.64 -54.32
N ARG D 59 -69.83 10.11 -55.47
CA ARG D 59 -68.58 10.85 -55.60
C ARG D 59 -68.88 12.16 -56.31
N GLN D 60 -68.11 13.20 -55.99
CA GLN D 60 -68.29 14.47 -56.67
C GLN D 60 -67.35 14.55 -57.86
N ILE D 61 -67.88 15.03 -58.99
CA ILE D 61 -67.14 15.15 -60.24
C ILE D 61 -66.65 16.58 -60.35
N ALA D 62 -65.32 16.74 -60.37
CA ALA D 62 -64.74 18.08 -60.40
C ALA D 62 -65.17 18.82 -61.65
N ASP D 63 -64.79 18.29 -62.82
CA ASP D 63 -65.12 18.89 -64.11
C ASP D 63 -65.93 17.87 -64.89
N VAL D 64 -67.22 18.15 -65.08
CA VAL D 64 -68.09 17.21 -65.80
C VAL D 64 -67.72 17.16 -67.27
N TYR D 65 -67.02 18.16 -67.78
CA TYR D 65 -66.58 18.20 -69.17
C TYR D 65 -65.17 17.64 -69.36
N ARG D 66 -64.56 17.09 -68.30
CA ARG D 66 -63.13 16.82 -68.30
C ARG D 66 -62.73 15.87 -69.44
N ASN D 67 -63.54 14.85 -69.69
CA ASN D 67 -63.23 13.87 -70.73
C ASN D 67 -64.13 13.99 -71.95
N THR D 68 -65.04 14.95 -71.98
CA THR D 68 -65.89 15.18 -73.15
C THR D 68 -65.26 16.20 -74.07
N THR D 69 -65.82 16.31 -75.27
CA THR D 69 -65.30 17.18 -76.31
C THR D 69 -66.23 18.34 -76.63
N ILE D 70 -67.10 18.69 -75.68
CA ILE D 70 -67.99 19.83 -75.85
C ILE D 70 -67.16 21.11 -75.86
N ASP D 71 -67.40 21.97 -76.85
CA ASP D 71 -66.60 23.18 -76.95
C ASP D 71 -66.81 24.05 -75.73
N ARG D 72 -65.73 24.74 -75.34
CA ARG D 72 -65.77 25.62 -74.17
C ARG D 72 -66.94 26.60 -74.27
N ALA D 73 -67.18 27.13 -75.47
CA ALA D 73 -68.23 28.13 -75.68
C ALA D 73 -69.61 27.59 -75.34
N TYR D 74 -69.77 26.27 -75.25
CA TYR D 74 -71.07 25.68 -74.96
C TYR D 74 -71.07 24.93 -73.63
N GLN D 75 -70.10 25.20 -72.76
CA GLN D 75 -70.10 24.57 -71.44
C GLN D 75 -70.90 25.39 -70.45
N SER D 76 -71.58 24.70 -69.55
CA SER D 76 -72.29 25.38 -68.47
C SER D 76 -71.29 26.14 -67.60
N PRO D 77 -71.73 27.21 -66.94
CA PRO D 77 -70.88 27.83 -65.92
C PRO D 77 -70.56 26.87 -64.79
N SER D 78 -71.57 26.13 -64.32
CA SER D 78 -71.40 25.15 -63.25
C SER D 78 -70.91 23.84 -63.86
N LYS D 79 -69.67 23.48 -63.58
CA LYS D 79 -69.04 22.32 -64.17
C LYS D 79 -68.98 21.13 -63.21
N LYS D 80 -69.66 21.23 -62.07
CA LYS D 80 -69.63 20.16 -61.09
C LYS D 80 -70.65 19.09 -61.46
N GLY D 81 -70.35 17.84 -61.11
CA GLY D 81 -71.28 16.75 -61.31
C GLY D 81 -71.35 15.86 -60.09
N THR D 82 -72.30 14.93 -60.14
CA THR D 82 -72.40 13.87 -59.14
C THR D 82 -72.33 12.51 -59.85
N SER D 83 -71.58 11.60 -59.25
CA SER D 83 -71.44 10.24 -59.75
C SER D 83 -72.03 9.30 -58.71
N LEU D 84 -73.08 8.58 -59.10
CA LEU D 84 -73.76 7.62 -58.25
C LEU D 84 -73.36 6.20 -58.64
N VAL D 85 -73.24 5.35 -57.65
CA VAL D 85 -72.97 3.93 -57.86
C VAL D 85 -73.93 3.11 -57.03
N VAL D 86 -74.47 2.06 -57.65
CA VAL D 86 -75.35 1.10 -57.03
C VAL D 86 -74.80 -0.27 -57.37
N GLN D 87 -74.23 -0.97 -56.38
CA GLN D 87 -73.68 -2.30 -56.56
C GLN D 87 -74.50 -3.32 -55.80
N VAL D 88 -74.75 -4.47 -56.42
CA VAL D 88 -75.35 -5.61 -55.75
C VAL D 88 -74.37 -6.78 -55.86
N THR D 89 -74.23 -7.50 -54.75
CA THR D 89 -73.34 -8.64 -54.61
C THR D 89 -74.16 -9.81 -54.10
N GLU D 90 -74.14 -10.91 -54.85
CA GLU D 90 -74.89 -12.11 -54.51
C GLU D 90 -73.96 -13.30 -54.46
N THR D 91 -74.39 -14.32 -53.72
CA THR D 91 -73.67 -15.58 -53.64
C THR D 91 -74.62 -16.69 -54.07
N TRP D 92 -74.30 -17.32 -55.19
CA TRP D 92 -75.11 -18.41 -55.73
C TRP D 92 -74.48 -19.74 -55.30
N THR D 93 -75.31 -20.78 -55.23
CA THR D 93 -74.82 -22.09 -54.84
C THR D 93 -75.23 -23.14 -55.86
N VAL D 94 -74.34 -24.11 -56.07
CA VAL D 94 -74.58 -25.22 -56.97
C VAL D 94 -74.56 -26.49 -56.14
N ALA D 95 -75.60 -27.31 -56.29
CA ALA D 95 -75.70 -28.58 -55.57
C ALA D 95 -76.28 -29.62 -56.50
N SER D 96 -76.47 -30.82 -55.95
CA SER D 96 -77.03 -31.94 -56.70
C SER D 96 -78.24 -32.52 -55.97
N THR D 97 -79.28 -32.81 -56.75
CA THR D 97 -80.43 -33.56 -56.23
C THR D 97 -80.00 -34.90 -55.69
N ASP D 98 -79.14 -35.59 -56.43
CA ASP D 98 -78.78 -36.97 -56.12
C ASP D 98 -77.77 -37.04 -54.98
N ASP D 99 -76.82 -36.10 -54.92
CA ASP D 99 -75.71 -36.14 -53.99
C ASP D 99 -75.78 -34.92 -53.09
N GLU D 100 -76.09 -35.14 -51.82
CA GLU D 100 -76.24 -34.04 -50.87
C GLU D 100 -74.91 -33.46 -50.45
N THR D 101 -73.80 -34.04 -50.88
CA THR D 101 -72.47 -33.56 -50.53
C THR D 101 -71.84 -32.71 -51.62
N TYR D 102 -72.39 -32.74 -52.82
CA TYR D 102 -71.86 -31.97 -53.93
C TYR D 102 -72.38 -30.55 -53.83
N GLY D 103 -71.45 -29.60 -53.81
CA GLY D 103 -71.82 -28.20 -53.77
C GLY D 103 -70.61 -27.29 -53.88
N TYR D 104 -70.87 -26.09 -54.39
CA TYR D 104 -69.90 -25.01 -54.33
C TYR D 104 -70.62 -23.67 -54.43
N SER D 105 -69.89 -22.60 -54.12
CA SER D 105 -70.44 -21.25 -54.15
C SER D 105 -69.79 -20.42 -55.25
N LEU D 106 -70.62 -19.68 -55.98
CA LEU D 106 -70.21 -18.78 -57.04
C LEU D 106 -70.50 -17.35 -56.64
N PRO D 107 -69.55 -16.43 -56.83
CA PRO D 107 -69.82 -15.02 -56.53
C PRO D 107 -70.30 -14.24 -57.73
N PHE D 108 -71.41 -13.53 -57.59
CA PHE D 108 -71.90 -12.64 -58.62
C PHE D 108 -71.88 -11.21 -58.11
N SER D 109 -71.52 -10.28 -58.98
CA SER D 109 -71.64 -8.88 -58.63
C SER D 109 -71.96 -8.11 -59.89
N ALA D 110 -72.62 -6.97 -59.70
CA ALA D 110 -72.89 -6.10 -60.82
C ALA D 110 -73.23 -4.74 -60.24
N HIS D 111 -72.87 -3.69 -60.98
CA HIS D 111 -73.18 -2.36 -60.51
C HIS D 111 -73.56 -1.46 -61.66
N VAL D 112 -74.17 -0.34 -61.27
CA VAL D 112 -74.59 0.71 -62.17
C VAL D 112 -73.95 2.00 -61.69
N ILE D 113 -73.46 2.79 -62.63
CA ILE D 113 -72.88 4.09 -62.34
C ILE D 113 -73.60 5.11 -63.20
N VAL D 114 -73.94 6.24 -62.60
CA VAL D 114 -74.71 7.30 -63.24
C VAL D 114 -74.00 8.62 -62.98
N ASN D 115 -73.64 9.33 -64.03
CA ASN D 115 -72.85 10.56 -63.94
C ASN D 115 -73.72 11.72 -64.43
N VAL D 116 -74.25 12.48 -63.48
CA VAL D 116 -75.28 13.48 -63.69
C VAL D 116 -74.67 14.87 -63.43
N PRO D 117 -74.69 15.77 -64.40
CA PRO D 117 -74.27 17.16 -64.12
C PRO D 117 -75.22 17.81 -63.12
N GLN D 118 -74.66 18.73 -62.31
CA GLN D 118 -75.45 19.47 -61.33
C GLN D 118 -76.10 20.65 -62.04
N ASP D 119 -77.32 20.43 -62.53
CA ASP D 119 -78.09 21.45 -63.23
C ASP D 119 -79.54 21.37 -62.80
N ALA D 120 -80.15 22.53 -62.54
CA ALA D 120 -81.50 22.56 -62.02
C ALA D 120 -82.51 21.88 -62.94
N LEU D 121 -82.25 21.89 -64.25
CA LEU D 121 -83.25 21.41 -65.20
C LEU D 121 -83.30 19.89 -65.30
N ILE D 122 -82.25 19.19 -64.85
CA ILE D 122 -82.29 17.73 -64.86
C ILE D 122 -83.20 17.26 -63.73
N THR D 123 -84.17 16.41 -64.06
CA THR D 123 -85.15 15.97 -63.09
C THR D 123 -85.08 14.46 -62.88
N GLU D 124 -85.73 14.01 -61.79
CA GLU D 124 -85.64 12.61 -61.42
C GLU D 124 -86.24 11.74 -62.51
N GLU D 125 -87.33 12.20 -63.13
CA GLU D 125 -87.93 11.43 -64.21
C GLU D 125 -86.98 11.37 -65.41
N ILE D 126 -86.32 12.49 -65.75
CA ILE D 126 -85.36 12.48 -66.85
C ILE D 126 -84.32 11.41 -66.60
N LEU D 127 -83.83 11.31 -65.36
CA LEU D 127 -82.78 10.36 -65.06
C LEU D 127 -83.28 8.92 -65.09
N TYR D 128 -84.49 8.66 -64.57
CA TYR D 128 -85.01 7.29 -64.70
C TYR D 128 -85.18 6.88 -66.16
N ASP D 129 -85.69 7.80 -66.99
CA ASP D 129 -85.83 7.46 -68.41
C ASP D 129 -84.47 7.28 -69.07
N ALA D 130 -83.46 8.00 -68.60
CA ALA D 130 -82.09 7.72 -69.04
C ALA D 130 -81.69 6.30 -68.67
N LEU D 131 -81.97 5.88 -67.43
CA LEU D 131 -81.64 4.53 -67.02
C LEU D 131 -82.37 3.50 -67.87
N LYS D 132 -83.60 3.81 -68.28
CA LYS D 132 -84.36 2.89 -69.12
C LYS D 132 -83.73 2.78 -70.50
N ARG D 133 -83.29 3.90 -71.07
CA ARG D 133 -82.56 3.86 -72.33
C ARG D 133 -81.28 3.05 -72.19
N LEU D 134 -80.56 3.25 -71.08
CA LEU D 134 -79.32 2.52 -70.81
C LEU D 134 -79.54 1.03 -70.79
N MET D 135 -80.40 0.56 -69.89
CA MET D 135 -80.68 -0.87 -69.82
C MET D 135 -81.26 -1.41 -71.11
N GLY D 136 -81.87 -0.56 -71.93
CA GLY D 136 -82.37 -1.07 -73.20
C GLY D 136 -81.30 -1.55 -74.15
N HIS D 137 -80.05 -1.15 -73.93
CA HIS D 137 -78.94 -1.60 -74.78
C HIS D 137 -78.55 -3.04 -74.53
N PHE D 138 -79.16 -3.71 -73.55
CA PHE D 138 -79.00 -5.14 -73.41
C PHE D 138 -79.88 -5.93 -74.36
N TYR D 139 -80.60 -5.25 -75.23
CA TYR D 139 -81.50 -5.88 -76.19
C TYR D 139 -81.26 -5.26 -77.55
N GLU D 140 -81.82 -5.88 -78.59
CA GLU D 140 -81.83 -5.33 -79.94
C GLU D 140 -83.27 -5.18 -80.41
N GLY D 141 -83.56 -4.01 -80.98
CA GLY D 141 -84.91 -3.70 -81.43
C GLY D 141 -85.09 -3.98 -82.90
N ASN D 142 -86.30 -4.40 -83.25
CA ASN D 142 -86.68 -4.82 -84.59
C ASN D 142 -88.02 -4.17 -84.95
N ASP D 143 -87.94 -3.08 -85.72
CA ASP D 143 -89.09 -2.39 -86.32
C ASP D 143 -89.50 -3.00 -87.65
N THR D 144 -88.68 -3.88 -88.24
CA THR D 144 -89.05 -4.54 -89.49
C THR D 144 -90.32 -5.35 -89.33
N THR D 145 -90.45 -6.08 -88.21
CA THR D 145 -91.65 -6.86 -87.96
C THR D 145 -92.86 -5.94 -87.90
N SER D 146 -94.00 -6.51 -88.25
CA SER D 146 -95.26 -5.78 -88.14
C SER D 146 -95.58 -5.42 -86.68
N PRO D 147 -95.60 -6.38 -85.69
CA PRO D 147 -95.55 -5.93 -84.28
C PRO D 147 -94.09 -5.79 -83.86
N THR D 148 -93.66 -4.66 -83.30
CA THR D 148 -92.23 -4.44 -83.12
C THR D 148 -91.71 -5.36 -82.03
N THR D 149 -90.56 -6.00 -82.25
CA THR D 149 -90.07 -7.06 -81.36
C THR D 149 -88.61 -6.80 -80.96
N THR D 150 -88.18 -7.51 -79.92
CA THR D 150 -86.85 -7.34 -79.37
C THR D 150 -86.23 -8.70 -79.08
N SER D 151 -84.90 -8.73 -79.16
CA SER D 151 -84.15 -9.96 -78.89
C SER D 151 -83.00 -9.67 -77.94
N VAL D 152 -82.55 -10.70 -77.24
CA VAL D 152 -81.62 -10.55 -76.13
C VAL D 152 -80.20 -10.66 -76.66
N ARG D 153 -79.28 -9.86 -76.08
CA ARG D 153 -77.88 -9.88 -76.50
C ARG D 153 -76.89 -9.95 -75.34
N LEU D 154 -77.36 -10.25 -74.14
CA LEU D 154 -76.43 -10.31 -73.00
C LEU D 154 -75.44 -11.44 -73.15
N LYS D 155 -75.91 -12.63 -73.53
CA LYS D 155 -74.99 -13.74 -73.72
C LYS D 155 -74.05 -13.47 -74.87
N ASP D 156 -74.58 -13.00 -76.00
CA ASP D 156 -73.73 -12.67 -77.15
C ASP D 156 -72.60 -11.73 -76.74
N MET D 157 -72.93 -10.67 -76.00
CA MET D 157 -71.88 -9.73 -75.58
C MET D 157 -70.87 -10.42 -74.68
N LEU D 158 -71.35 -11.15 -73.66
CA LEU D 158 -70.44 -11.87 -72.77
C LEU D 158 -69.50 -12.78 -73.54
N GLN D 159 -69.96 -13.34 -74.66
CA GLN D 159 -69.11 -14.25 -75.43
C GLN D 159 -68.16 -13.55 -76.39
N GLY D 160 -68.17 -12.22 -76.46
CA GLY D 160 -67.21 -11.46 -77.24
C GLY D 160 -67.78 -10.80 -78.47
N ALA D 161 -69.07 -11.03 -78.75
CA ALA D 161 -69.77 -10.45 -79.89
C ALA D 161 -70.40 -9.14 -79.44
N LEU D 162 -69.61 -8.08 -79.48
CA LEU D 162 -70.04 -6.82 -78.88
C LEU D 162 -70.77 -5.94 -79.87
N VAL D 163 -70.61 -6.17 -81.17
CA VAL D 163 -71.37 -5.41 -82.17
C VAL D 163 -72.77 -6.01 -82.22
N PRO D 164 -73.80 -5.19 -82.26
CA PRO D 164 -75.16 -5.71 -82.40
C PRO D 164 -75.33 -6.51 -83.68
N GLN D 165 -76.33 -7.40 -83.69
CA GLN D 165 -76.61 -8.19 -84.87
C GLN D 165 -77.23 -7.34 -85.97
N SER D 166 -77.87 -6.22 -85.60
CA SER D 166 -78.50 -5.32 -86.54
C SER D 166 -77.48 -4.58 -87.42
N LEU D 167 -76.20 -4.61 -87.07
CA LEU D 167 -75.16 -3.95 -87.87
C LEU D 167 -74.20 -4.96 -88.49
N SER E 1 -79.90 -34.20 -44.24
CA SER E 1 -78.72 -34.87 -44.78
C SER E 1 -77.48 -34.28 -44.15
N LYS E 2 -77.11 -33.04 -44.51
CA LYS E 2 -75.97 -32.41 -43.88
C LYS E 2 -76.31 -31.98 -42.46
N ILE E 3 -75.49 -32.39 -41.51
CA ILE E 3 -75.72 -32.13 -40.10
C ILE E 3 -74.42 -31.63 -39.48
N LEU E 4 -74.50 -30.54 -38.74
CA LEU E 4 -73.44 -30.07 -37.88
C LEU E 4 -73.72 -30.50 -36.45
N SER E 5 -72.75 -31.14 -35.81
CA SER E 5 -72.82 -31.46 -34.39
C SER E 5 -71.77 -30.65 -33.66
N THR E 6 -72.15 -30.13 -32.50
CA THR E 6 -71.19 -29.49 -31.61
C THR E 6 -70.46 -30.49 -30.74
N ASN E 7 -70.74 -31.79 -30.88
CA ASN E 7 -70.05 -32.84 -30.14
C ASN E 7 -70.12 -32.63 -28.63
N ASN E 8 -71.16 -31.96 -28.15
CA ASN E 8 -71.38 -31.84 -26.72
C ASN E 8 -72.36 -32.90 -26.20
N SER E 9 -72.78 -33.81 -27.06
CA SER E 9 -73.78 -34.81 -26.69
C SER E 9 -73.30 -35.72 -25.57
N ASN E 10 -71.99 -35.90 -25.41
CA ASN E 10 -71.47 -36.75 -24.36
C ASN E 10 -70.85 -35.97 -23.20
N SER E 11 -70.96 -34.64 -23.21
CA SER E 11 -70.57 -33.86 -22.05
C SER E 11 -71.70 -33.85 -21.03
N ASN E 12 -71.35 -33.73 -19.75
CA ASN E 12 -72.33 -33.73 -18.66
C ASN E 12 -72.48 -32.32 -18.12
N PHE E 13 -73.68 -31.78 -18.21
CA PHE E 13 -73.94 -30.43 -17.75
C PHE E 13 -75.06 -30.40 -16.71
N VAL E 14 -75.20 -29.22 -16.12
CA VAL E 14 -76.25 -28.90 -15.16
C VAL E 14 -76.75 -27.51 -15.49
N ASP E 15 -78.06 -27.34 -15.55
CA ASP E 15 -78.61 -26.04 -15.91
C ASP E 15 -78.61 -25.11 -14.70
N THR E 16 -78.44 -23.82 -14.98
CA THR E 16 -78.64 -22.81 -13.94
C THR E 16 -79.14 -21.52 -14.60
N SER E 17 -79.87 -20.73 -13.82
CA SER E 17 -80.52 -19.53 -14.34
C SER E 17 -79.55 -18.37 -14.33
N PHE E 18 -79.57 -17.58 -15.39
CA PHE E 18 -78.67 -16.45 -15.55
C PHE E 18 -79.45 -15.38 -16.31
N THR E 19 -80.16 -14.55 -15.56
CA THR E 19 -81.14 -13.65 -16.14
C THR E 19 -80.47 -12.38 -16.62
N LEU E 20 -80.51 -12.15 -17.93
CA LEU E 20 -79.80 -11.04 -18.53
C LEU E 20 -80.61 -9.77 -18.45
N LYS E 21 -79.92 -8.66 -18.22
CA LYS E 21 -80.50 -7.31 -18.29
C LYS E 21 -80.12 -6.72 -19.65
N VAL E 22 -81.03 -6.86 -20.61
CA VAL E 22 -80.90 -6.41 -21.99
C VAL E 22 -81.21 -4.91 -22.09
N PRO E 23 -80.42 -4.12 -22.78
CA PRO E 23 -80.67 -2.67 -22.81
C PRO E 23 -81.82 -2.26 -23.71
N VAL E 24 -82.52 -1.21 -23.28
CA VAL E 24 -83.49 -0.50 -24.13
C VAL E 24 -82.70 0.60 -24.81
N TYR E 25 -82.10 0.25 -25.95
CA TYR E 25 -81.15 1.15 -26.57
C TYR E 25 -81.81 2.46 -26.96
N SER E 26 -83.05 2.39 -27.43
CA SER E 26 -83.79 3.59 -27.78
C SER E 26 -83.85 4.61 -26.62
N LYS E 27 -84.07 4.16 -25.37
CA LYS E 27 -84.06 5.14 -24.28
C LYS E 27 -82.65 5.57 -23.90
N ASP E 28 -81.75 4.59 -23.72
CA ASP E 28 -80.54 4.91 -22.96
C ASP E 28 -79.33 5.27 -23.80
N TYR E 29 -79.19 4.75 -25.01
CA TYR E 29 -77.91 4.76 -25.67
C TYR E 29 -77.94 5.59 -26.95
N ARG E 30 -76.81 6.25 -27.22
CA ARG E 30 -76.62 7.07 -28.42
C ARG E 30 -75.27 6.73 -29.03
N VAL E 31 -75.08 7.04 -30.31
CA VAL E 31 -73.88 6.58 -31.01
C VAL E 31 -72.77 7.62 -30.93
N THR E 32 -71.64 7.21 -30.34
CA THR E 32 -70.39 7.96 -30.33
C THR E 32 -69.51 7.68 -31.54
N GLN E 33 -69.46 6.42 -31.99
CA GLN E 33 -68.62 6.05 -33.12
C GLN E 33 -69.39 5.09 -34.03
N ASP E 34 -69.48 5.43 -35.32
CA ASP E 34 -70.14 4.60 -36.32
C ASP E 34 -69.18 4.24 -37.46
N GLU E 35 -68.00 3.71 -37.13
CA GLU E 35 -67.19 3.33 -38.26
C GLU E 35 -67.49 1.88 -38.63
N PRO E 36 -67.20 1.47 -39.87
CA PRO E 36 -67.84 0.27 -40.44
C PRO E 36 -67.70 -0.99 -39.63
N ASP E 37 -66.54 -1.19 -39.00
CA ASP E 37 -66.23 -2.38 -38.23
C ASP E 37 -66.17 -2.13 -36.73
N GLU E 38 -66.43 -0.91 -36.27
CA GLU E 38 -66.36 -0.61 -34.84
C GLU E 38 -67.40 0.45 -34.52
N VAL E 39 -68.30 0.12 -33.61
CA VAL E 39 -69.35 1.03 -33.17
C VAL E 39 -69.19 1.21 -31.67
N VAL E 40 -69.18 2.47 -31.24
CA VAL E 40 -69.16 2.83 -29.84
C VAL E 40 -70.45 3.56 -29.53
N VAL E 41 -71.00 3.24 -28.37
CA VAL E 41 -72.33 3.68 -27.95
C VAL E 41 -72.23 4.10 -26.50
N ALA E 42 -72.78 5.27 -26.20
CA ALA E 42 -72.70 5.85 -24.86
C ALA E 42 -74.06 5.88 -24.20
N ASN E 43 -74.04 5.80 -22.87
CA ASN E 43 -75.25 5.76 -22.05
C ASN E 43 -75.66 7.18 -21.71
N ARG E 44 -76.79 7.61 -22.28
CA ARG E 44 -77.31 8.95 -22.06
C ARG E 44 -77.64 9.22 -20.59
N GLN E 45 -78.00 8.16 -19.84
CA GLN E 45 -78.62 8.35 -18.53
C GLN E 45 -77.61 8.71 -17.43
N GLN E 46 -76.32 8.50 -17.66
CA GLN E 46 -75.36 8.77 -16.59
C GLN E 46 -75.13 10.28 -16.46
N PRO E 47 -74.77 10.74 -15.26
CA PRO E 47 -74.33 12.14 -15.08
C PRO E 47 -72.96 12.37 -15.69
N PHE E 48 -72.46 13.60 -15.68
CA PHE E 48 -71.26 13.89 -16.46
C PHE E 48 -70.02 13.18 -15.93
N GLY E 49 -69.96 12.95 -14.63
CA GLY E 49 -68.83 12.23 -14.09
C GLY E 49 -68.78 10.78 -14.56
N VAL E 50 -69.92 10.10 -14.53
CA VAL E 50 -69.96 8.67 -14.79
C VAL E 50 -69.94 8.43 -16.30
N LYS E 51 -69.06 7.53 -16.73
CA LYS E 51 -68.93 7.15 -18.13
C LYS E 51 -69.37 5.70 -18.28
N ASN E 52 -70.34 5.48 -19.18
CA ASN E 52 -70.94 4.16 -19.41
C ASN E 52 -71.02 3.96 -20.92
N THR E 53 -70.22 3.04 -21.46
CA THR E 53 -70.17 2.82 -22.90
C THR E 53 -70.20 1.34 -23.23
N ALA E 54 -70.51 1.07 -24.49
CA ALA E 54 -70.51 -0.27 -25.06
C ALA E 54 -69.88 -0.18 -26.43
N ARG E 55 -69.11 -1.20 -26.79
CA ARG E 55 -68.34 -1.22 -28.03
C ARG E 55 -68.62 -2.53 -28.73
N TYR E 56 -68.91 -2.46 -30.03
CA TYR E 56 -69.28 -3.61 -30.82
C TYR E 56 -68.39 -3.61 -32.05
N GLY E 57 -67.61 -4.67 -32.24
CA GLY E 57 -66.64 -4.68 -33.32
C GLY E 57 -66.48 -6.06 -33.93
N ILE E 58 -66.20 -6.07 -35.23
CA ILE E 58 -65.86 -7.32 -35.90
C ILE E 58 -64.53 -7.16 -36.63
N ARG E 59 -63.81 -8.28 -36.73
CA ARG E 59 -62.56 -8.41 -37.47
C ARG E 59 -62.68 -9.64 -38.34
N GLN E 60 -62.12 -9.58 -39.54
CA GLN E 60 -62.15 -10.74 -40.42
C GLN E 60 -60.98 -11.66 -40.09
N ILE E 61 -61.26 -12.95 -39.99
CA ILE E 61 -60.27 -13.96 -39.63
C ILE E 61 -59.78 -14.60 -40.91
N ALA E 62 -58.46 -14.57 -41.11
CA ALA E 62 -57.88 -15.01 -42.36
C ALA E 62 -57.96 -16.52 -42.50
N ASP E 63 -57.45 -17.25 -41.50
CA ASP E 63 -57.46 -18.71 -41.48
C ASP E 63 -57.92 -19.11 -40.08
N VAL E 64 -59.14 -19.62 -39.97
CA VAL E 64 -59.66 -20.01 -38.66
C VAL E 64 -58.95 -21.24 -38.14
N TYR E 65 -58.22 -21.96 -38.99
CA TYR E 65 -57.49 -23.17 -38.63
C TYR E 65 -56.05 -22.92 -38.20
N ARG E 66 -55.61 -21.65 -38.16
CA ARG E 66 -54.18 -21.38 -38.12
C ARG E 66 -53.59 -21.57 -36.73
N ASN E 67 -54.19 -20.98 -35.70
CA ASN E 67 -53.61 -21.19 -34.38
C ASN E 67 -54.01 -22.52 -33.76
N THR E 68 -54.96 -23.23 -34.36
CA THR E 68 -55.60 -24.39 -33.72
C THR E 68 -54.79 -25.65 -33.92
N THR E 69 -55.13 -26.67 -33.12
CA THR E 69 -54.64 -28.03 -33.37
C THR E 69 -55.48 -28.74 -34.42
N ILE E 70 -56.67 -28.23 -34.68
CA ILE E 70 -57.45 -28.68 -35.83
C ILE E 70 -56.79 -28.16 -37.10
N ASP E 71 -56.90 -28.92 -38.17
CA ASP E 71 -56.57 -28.43 -39.49
C ASP E 71 -57.62 -28.91 -40.48
N ARG E 72 -57.60 -28.29 -41.65
CA ARG E 72 -58.74 -28.28 -42.56
C ARG E 72 -58.77 -29.57 -43.36
N ALA E 73 -59.90 -30.29 -43.29
CA ALA E 73 -60.11 -31.46 -44.13
C ALA E 73 -60.43 -31.01 -45.56
N TYR E 74 -60.33 -31.95 -46.50
CA TYR E 74 -60.25 -31.53 -47.90
C TYR E 74 -61.54 -30.94 -48.43
N GLN E 75 -62.65 -31.24 -47.78
CA GLN E 75 -63.97 -30.85 -48.24
C GLN E 75 -64.57 -29.76 -47.35
N SER E 76 -63.71 -28.91 -46.80
CA SER E 76 -64.22 -27.79 -46.04
C SER E 76 -64.58 -26.64 -46.98
N PRO E 77 -65.67 -25.92 -46.70
CA PRO E 77 -66.08 -24.82 -47.59
C PRO E 77 -65.09 -23.67 -47.62
N SER E 78 -64.60 -23.23 -46.45
CA SER E 78 -63.70 -22.09 -46.40
C SER E 78 -62.85 -22.19 -45.16
N LYS E 79 -61.73 -21.47 -45.19
CA LYS E 79 -60.92 -21.19 -44.02
C LYS E 79 -61.33 -19.90 -43.34
N LYS E 80 -62.21 -19.12 -43.95
CA LYS E 80 -62.48 -17.78 -43.49
C LYS E 80 -63.21 -17.80 -42.15
N GLY E 81 -63.14 -16.68 -41.44
CA GLY E 81 -63.89 -16.57 -40.21
C GLY E 81 -64.23 -15.13 -39.90
N THR E 82 -65.01 -14.95 -38.84
CA THR E 82 -65.31 -13.62 -38.32
C THR E 82 -65.15 -13.62 -36.81
N SER E 83 -64.58 -12.55 -36.27
CA SER E 83 -64.34 -12.42 -34.85
C SER E 83 -65.15 -11.23 -34.35
N LEU E 84 -66.02 -11.48 -33.37
CA LEU E 84 -66.90 -10.47 -32.81
C LEU E 84 -66.44 -10.13 -31.40
N VAL E 85 -66.52 -8.85 -31.06
CA VAL E 85 -66.24 -8.38 -29.72
C VAL E 85 -67.38 -7.50 -29.25
N VAL E 86 -67.78 -7.72 -28.01
CA VAL E 86 -68.78 -6.92 -27.33
C VAL E 86 -68.17 -6.50 -26.00
N GLN E 87 -67.99 -5.20 -25.81
CA GLN E 87 -67.38 -4.67 -24.61
C GLN E 87 -68.33 -3.72 -23.89
N VAL E 88 -68.35 -3.80 -22.57
CA VAL E 88 -69.07 -2.84 -21.75
C VAL E 88 -68.06 -2.19 -20.81
N THR E 89 -68.24 -0.89 -20.61
CA THR E 89 -67.39 -0.06 -19.76
C THR E 89 -68.29 0.72 -18.83
N GLU E 90 -68.05 0.59 -17.53
CA GLU E 90 -68.87 1.27 -16.53
C GLU E 90 -67.97 2.04 -15.58
N THR E 91 -68.56 3.03 -14.93
CA THR E 91 -67.87 3.86 -13.95
C THR E 91 -68.63 3.78 -12.64
N TRP E 92 -68.08 3.05 -11.67
CA TRP E 92 -68.69 2.90 -10.37
C TRP E 92 -68.14 3.98 -9.45
N THR E 93 -68.93 4.37 -8.44
CA THR E 93 -68.54 5.47 -7.58
C THR E 93 -68.64 5.08 -6.11
N VAL E 94 -67.59 5.37 -5.37
CA VAL E 94 -67.54 5.15 -3.93
C VAL E 94 -67.65 6.50 -3.25
N ALA E 95 -68.57 6.62 -2.30
CA ALA E 95 -68.75 7.83 -1.50
C ALA E 95 -68.87 7.44 -0.03
N SER E 96 -68.94 8.44 0.83
CA SER E 96 -69.07 8.23 2.27
C SER E 96 -70.22 9.04 2.83
N THR E 97 -71.00 8.40 3.71
CA THR E 97 -72.08 9.08 4.42
C THR E 97 -71.59 9.94 5.56
N ASP E 98 -70.33 9.80 5.96
CA ASP E 98 -69.72 10.64 6.98
C ASP E 98 -69.13 11.91 6.39
N ASP E 99 -68.28 11.76 5.37
CA ASP E 99 -67.51 12.85 4.78
C ASP E 99 -68.03 13.14 3.39
N GLU E 100 -68.42 14.39 3.16
CA GLU E 100 -68.76 14.81 1.80
C GLU E 100 -67.53 14.93 0.92
N THR E 101 -66.34 15.06 1.51
CA THR E 101 -65.11 15.19 0.74
C THR E 101 -64.66 13.86 0.15
N TYR E 102 -64.98 12.77 0.81
CA TYR E 102 -64.41 11.48 0.45
C TYR E 102 -65.20 10.84 -0.67
N GLY E 103 -64.50 10.53 -1.75
CA GLY E 103 -65.09 9.80 -2.86
C GLY E 103 -64.05 9.50 -3.92
N TYR E 104 -64.34 8.48 -4.71
CA TYR E 104 -63.53 8.15 -5.89
C TYR E 104 -64.36 7.36 -6.88
N SER E 105 -63.78 7.17 -8.08
CA SER E 105 -64.42 6.44 -9.16
C SER E 105 -63.59 5.21 -9.50
N LEU E 106 -64.25 4.07 -9.65
CA LEU E 106 -63.64 2.83 -10.06
C LEU E 106 -64.04 2.51 -11.49
N PRO E 107 -63.09 2.20 -12.35
CA PRO E 107 -63.44 1.82 -13.72
C PRO E 107 -63.63 0.31 -13.85
N PHE E 108 -64.79 -0.11 -14.37
CA PHE E 108 -65.03 -1.52 -14.66
C PHE E 108 -65.09 -1.73 -16.16
N SER E 109 -64.51 -2.83 -16.64
CA SER E 109 -64.74 -3.15 -18.03
C SER E 109 -64.76 -4.65 -18.21
N ALA E 110 -65.44 -5.09 -19.26
CA ALA E 110 -65.44 -6.50 -19.58
C ALA E 110 -65.87 -6.68 -21.01
N HIS E 111 -65.42 -7.76 -21.62
CA HIS E 111 -65.82 -7.98 -23.00
C HIS E 111 -65.88 -9.47 -23.30
N VAL E 112 -66.57 -9.77 -24.39
CA VAL E 112 -66.73 -11.12 -24.91
C VAL E 112 -66.22 -11.10 -26.34
N ILE E 113 -65.53 -12.17 -26.72
CA ILE E 113 -65.03 -12.33 -28.08
C ILE E 113 -65.46 -13.71 -28.57
N VAL E 114 -65.94 -13.76 -29.80
CA VAL E 114 -66.51 -14.97 -30.41
C VAL E 114 -65.88 -15.14 -31.77
N ASN E 115 -65.39 -16.34 -32.07
CA ASN E 115 -64.64 -16.60 -33.29
C ASN E 115 -65.36 -17.65 -34.13
N VAL E 116 -66.21 -17.19 -35.05
CA VAL E 116 -67.15 -18.04 -35.76
C VAL E 116 -66.58 -18.37 -37.13
N PRO E 117 -66.43 -19.65 -37.48
CA PRO E 117 -66.06 -20.00 -38.86
C PRO E 117 -67.17 -19.67 -39.85
N GLN E 118 -66.77 -19.55 -41.12
CA GLN E 118 -67.71 -19.28 -42.21
C GLN E 118 -68.22 -20.61 -42.77
N ASP E 119 -69.24 -21.15 -42.10
CA ASP E 119 -69.96 -22.31 -42.63
C ASP E 119 -71.44 -22.06 -42.42
N ALA E 120 -72.23 -22.25 -43.48
CA ALA E 120 -73.63 -21.88 -43.42
C ALA E 120 -74.41 -22.71 -42.41
N LEU E 121 -73.93 -23.92 -42.06
CA LEU E 121 -74.62 -24.77 -41.09
C LEU E 121 -74.51 -24.26 -39.65
N ILE E 122 -73.57 -23.36 -39.37
CA ILE E 122 -73.57 -22.68 -38.07
C ILE E 122 -74.75 -21.72 -38.06
N THR E 123 -75.64 -21.88 -37.08
CA THR E 123 -76.84 -21.07 -37.01
C THR E 123 -76.76 -20.12 -35.81
N GLU E 124 -77.64 -19.12 -35.84
CA GLU E 124 -77.64 -18.13 -34.77
C GLU E 124 -77.92 -18.80 -33.44
N GLU E 125 -78.80 -19.80 -33.44
CA GLU E 125 -79.08 -20.51 -32.20
C GLU E 125 -77.88 -21.34 -31.75
N ILE E 126 -77.17 -22.00 -32.69
CA ILE E 126 -75.97 -22.74 -32.31
C ILE E 126 -75.01 -21.82 -31.58
N LEU E 127 -74.86 -20.60 -32.10
CA LEU E 127 -73.92 -19.66 -31.49
C LEU E 127 -74.39 -19.20 -30.12
N TYR E 128 -75.68 -18.88 -29.96
CA TYR E 128 -76.14 -18.50 -28.63
C TYR E 128 -75.95 -19.63 -27.62
N ASP E 129 -76.24 -20.87 -28.02
CA ASP E 129 -76.06 -21.98 -27.08
C ASP E 129 -74.59 -22.19 -26.77
N ALA E 130 -73.71 -21.91 -27.73
CA ALA E 130 -72.29 -21.90 -27.43
C ALA E 130 -71.96 -20.85 -26.37
N LEU E 131 -72.52 -19.65 -26.50
CA LEU E 131 -72.30 -18.61 -25.49
C LEU E 131 -72.79 -19.07 -24.12
N LYS E 132 -73.91 -19.81 -24.09
CA LYS E 132 -74.44 -20.30 -22.83
C LYS E 132 -73.48 -21.32 -22.20
N ARG E 133 -72.94 -22.23 -23.01
CA ARG E 133 -71.91 -23.15 -22.52
C ARG E 133 -70.71 -22.39 -21.99
N LEU E 134 -70.29 -21.33 -22.71
CA LEU E 134 -69.16 -20.50 -22.30
C LEU E 134 -69.37 -19.93 -20.91
N MET E 135 -70.43 -19.13 -20.76
CA MET E 135 -70.71 -18.53 -19.46
C MET E 135 -70.91 -19.57 -18.37
N GLY E 136 -71.30 -20.80 -18.73
CA GLY E 136 -71.41 -21.83 -17.71
C GLY E 136 -70.12 -22.09 -16.95
N HIS E 137 -68.97 -21.81 -17.56
CA HIS E 137 -67.69 -22.05 -16.91
C HIS E 137 -67.41 -21.10 -15.76
N PHE E 138 -68.27 -20.11 -15.52
CA PHE E 138 -68.20 -19.31 -14.31
C PHE E 138 -68.86 -20.00 -13.13
N TYR E 139 -69.18 -21.29 -13.27
CA TYR E 139 -69.88 -22.05 -12.25
C TYR E 139 -69.33 -23.47 -12.25
N GLU E 140 -69.70 -24.23 -11.21
CA GLU E 140 -69.44 -25.66 -11.13
C GLU E 140 -70.76 -26.37 -10.85
N GLY E 141 -70.95 -27.53 -11.48
CA GLY E 141 -72.21 -28.24 -11.34
C GLY E 141 -72.08 -29.58 -10.62
N ASN E 142 -73.19 -30.10 -10.11
CA ASN E 142 -73.23 -31.38 -9.42
C ASN E 142 -74.33 -32.25 -10.00
N ASP E 143 -73.96 -33.39 -10.61
CA ASP E 143 -75.01 -34.33 -11.01
C ASP E 143 -75.63 -35.02 -9.81
N THR E 144 -74.92 -35.03 -8.69
CA THR E 144 -75.28 -35.93 -7.61
C THR E 144 -76.64 -35.61 -7.00
N THR E 145 -76.85 -34.36 -6.59
CA THR E 145 -78.07 -33.97 -5.91
C THR E 145 -79.29 -34.20 -6.79
N SER E 146 -80.41 -34.44 -6.14
CA SER E 146 -81.62 -34.68 -6.90
C SER E 146 -82.12 -33.42 -7.60
N PRO E 147 -82.20 -32.25 -6.96
CA PRO E 147 -82.17 -31.05 -7.78
C PRO E 147 -80.71 -30.70 -8.00
N THR E 148 -80.30 -30.57 -9.25
CA THR E 148 -78.90 -30.31 -9.54
C THR E 148 -78.51 -28.99 -8.92
N THR E 149 -77.32 -28.94 -8.34
CA THR E 149 -76.84 -27.74 -7.66
C THR E 149 -75.61 -27.20 -8.38
N THR E 150 -75.51 -25.88 -8.38
CA THR E 150 -74.38 -25.17 -8.98
C THR E 150 -73.80 -24.20 -7.97
N SER E 151 -72.48 -24.19 -7.84
CA SER E 151 -71.76 -23.22 -7.05
C SER E 151 -70.98 -22.28 -7.97
N VAL E 152 -70.48 -21.19 -7.40
CA VAL E 152 -69.90 -20.11 -8.19
C VAL E 152 -68.39 -20.17 -8.18
N ARG E 153 -67.79 -19.65 -9.24
CA ARG E 153 -66.35 -19.66 -9.42
C ARG E 153 -65.72 -18.28 -9.47
N LEU E 154 -66.46 -17.24 -9.86
CA LEU E 154 -65.82 -15.97 -10.23
C LEU E 154 -64.88 -15.47 -9.15
N LYS E 155 -65.32 -15.51 -7.89
CA LYS E 155 -64.43 -15.08 -6.80
C LYS E 155 -63.18 -15.94 -6.77
N ASP E 156 -63.34 -17.26 -6.66
CA ASP E 156 -62.19 -18.14 -6.51
C ASP E 156 -61.21 -17.96 -7.67
N MET E 157 -61.72 -17.73 -8.88
CA MET E 157 -60.84 -17.53 -10.03
C MET E 157 -60.10 -16.21 -9.91
N LEU E 158 -60.82 -15.11 -9.69
CA LEU E 158 -60.17 -13.82 -9.54
C LEU E 158 -59.15 -13.83 -8.41
N GLN E 159 -59.34 -14.70 -7.42
CA GLN E 159 -58.40 -14.85 -6.31
C GLN E 159 -57.22 -15.74 -6.63
N GLY E 160 -57.22 -16.41 -7.79
CA GLY E 160 -56.10 -17.23 -8.20
C GLY E 160 -56.32 -18.72 -8.14
N ALA E 161 -57.49 -19.16 -7.68
CA ALA E 161 -57.83 -20.58 -7.67
C ALA E 161 -58.46 -20.92 -9.03
N LEU E 162 -57.58 -21.11 -10.00
CA LEU E 162 -58.07 -21.22 -11.36
C LEU E 162 -58.52 -22.64 -11.72
N VAL E 163 -58.14 -23.64 -10.93
CA VAL E 163 -58.64 -24.98 -11.19
C VAL E 163 -60.01 -25.10 -10.53
N PRO E 164 -60.97 -25.71 -11.20
CA PRO E 164 -62.26 -25.99 -10.54
C PRO E 164 -62.06 -26.81 -9.27
N GLN E 165 -62.83 -26.45 -8.25
CA GLN E 165 -62.73 -27.13 -6.96
C GLN E 165 -63.25 -28.57 -7.05
N SER E 166 -64.04 -28.88 -8.09
CA SER E 166 -64.49 -30.24 -8.34
C SER E 166 -63.35 -31.17 -8.76
N LEU E 167 -62.31 -30.62 -9.39
CA LEU E 167 -61.18 -31.42 -9.84
C LEU E 167 -60.15 -31.63 -8.74
N SER F 1 -76.15 15.47 1.71
CA SER F 1 -76.16 15.35 0.26
C SER F 1 -75.68 16.66 -0.37
N LYS F 2 -75.25 16.58 -1.63
CA LYS F 2 -74.67 17.70 -2.34
C LYS F 2 -75.72 18.39 -3.22
N ILE F 3 -75.69 19.72 -3.24
CA ILE F 3 -76.66 20.50 -4.00
C ILE F 3 -75.92 21.56 -4.79
N LEU F 4 -76.35 21.77 -6.03
CA LEU F 4 -75.88 22.87 -6.87
C LEU F 4 -76.95 23.94 -6.95
N SER F 5 -76.52 25.20 -6.85
CA SER F 5 -77.40 26.35 -7.08
C SER F 5 -76.79 27.21 -8.17
N THR F 6 -77.65 27.68 -9.08
CA THR F 6 -77.23 28.63 -10.10
C THR F 6 -77.26 30.06 -9.59
N ASN F 7 -77.73 30.29 -8.36
CA ASN F 7 -77.76 31.60 -7.75
C ASN F 7 -78.63 32.60 -8.51
N ASN F 8 -79.48 32.11 -9.41
CA ASN F 8 -80.44 32.96 -10.10
C ASN F 8 -81.76 33.09 -9.35
N SER F 9 -81.80 32.62 -8.10
CA SER F 9 -83.06 32.60 -7.36
C SER F 9 -83.60 34.02 -7.16
N ASN F 10 -82.73 34.98 -6.86
CA ASN F 10 -83.16 36.33 -6.52
C ASN F 10 -83.09 37.30 -7.69
N SER F 11 -82.60 36.87 -8.84
CA SER F 11 -82.53 37.75 -10.00
C SER F 11 -83.91 37.87 -10.65
N ASN F 12 -84.17 39.01 -11.28
CA ASN F 12 -85.50 39.36 -11.77
C ASN F 12 -85.58 39.18 -13.28
N PHE F 13 -86.53 38.36 -13.73
CA PHE F 13 -86.73 38.13 -15.15
C PHE F 13 -88.19 38.33 -15.53
N VAL F 14 -88.39 38.43 -16.84
CA VAL F 14 -89.69 38.44 -17.48
C VAL F 14 -89.68 37.36 -18.53
N ASP F 15 -90.67 36.48 -18.50
CA ASP F 15 -90.72 35.42 -19.49
C ASP F 15 -91.18 35.99 -20.83
N THR F 16 -90.69 35.39 -21.92
CA THR F 16 -91.22 35.70 -23.24
C THR F 16 -91.10 34.48 -24.14
N SER F 17 -91.99 34.40 -25.14
CA SER F 17 -92.10 33.20 -25.96
C SER F 17 -91.08 33.24 -27.09
N PHE F 18 -90.47 32.10 -27.35
CA PHE F 18 -89.41 31.99 -28.36
C PHE F 18 -89.54 30.56 -28.93
N THR F 19 -90.36 30.42 -29.96
CA THR F 19 -90.74 29.10 -30.44
C THR F 19 -89.73 28.61 -31.46
N LEU F 20 -89.06 27.51 -31.14
CA LEU F 20 -87.98 27.00 -31.97
C LEU F 20 -88.53 26.16 -33.11
N LYS F 21 -87.95 26.36 -34.30
CA LYS F 21 -88.21 25.49 -35.45
C LYS F 21 -87.10 24.44 -35.46
N VAL F 22 -87.44 23.23 -34.99
CA VAL F 22 -86.52 22.10 -34.84
C VAL F 22 -86.46 21.30 -36.14
N PRO F 23 -85.27 20.95 -36.62
CA PRO F 23 -85.18 20.21 -37.88
C PRO F 23 -85.67 18.77 -37.78
N VAL F 24 -86.21 18.28 -38.90
CA VAL F 24 -86.48 16.85 -39.09
C VAL F 24 -85.32 16.34 -39.93
N TYR F 25 -84.28 15.87 -39.24
CA TYR F 25 -83.05 15.56 -39.94
C TYR F 25 -83.25 14.46 -40.97
N SER F 26 -84.03 13.45 -40.60
CA SER F 26 -84.33 12.36 -41.52
C SER F 26 -84.86 12.84 -42.86
N LYS F 27 -85.72 13.88 -42.89
CA LYS F 27 -86.20 14.32 -44.20
C LYS F 27 -85.23 15.31 -44.85
N ASP F 28 -84.65 16.24 -44.10
CA ASP F 28 -83.99 17.36 -44.77
C ASP F 28 -82.47 17.26 -44.87
N TYR F 29 -81.80 16.53 -44.00
CA TYR F 29 -80.36 16.65 -43.92
C TYR F 29 -79.65 15.35 -44.28
N ARG F 30 -78.37 15.51 -44.62
CA ARG F 30 -77.42 14.42 -44.77
C ARG F 30 -76.13 14.81 -44.06
N VAL F 31 -75.26 13.83 -43.85
CA VAL F 31 -74.01 14.08 -43.15
C VAL F 31 -72.91 14.35 -44.16
N THR F 32 -72.29 15.52 -44.04
CA THR F 32 -71.14 15.94 -44.83
C THR F 32 -69.82 15.47 -44.23
N GLN F 33 -69.65 15.60 -42.92
CA GLN F 33 -68.40 15.21 -42.28
C GLN F 33 -68.72 14.46 -41.00
N ASP F 34 -68.13 13.28 -40.83
CA ASP F 34 -68.32 12.45 -39.63
C ASP F 34 -66.95 12.28 -38.98
N GLU F 35 -66.57 13.24 -38.17
CA GLU F 35 -65.36 13.19 -37.38
C GLU F 35 -65.71 12.98 -35.91
N PRO F 36 -64.77 12.51 -35.10
CA PRO F 36 -65.09 12.26 -33.69
C PRO F 36 -65.40 13.53 -32.92
N ASP F 37 -64.84 14.67 -33.34
CA ASP F 37 -65.00 15.91 -32.62
C ASP F 37 -65.87 16.92 -33.35
N GLU F 38 -66.15 16.71 -34.64
CA GLU F 38 -66.76 17.72 -35.47
C GLU F 38 -67.61 17.01 -36.52
N VAL F 39 -68.92 17.22 -36.47
CA VAL F 39 -69.84 16.68 -37.46
C VAL F 39 -70.40 17.83 -38.27
N VAL F 40 -70.48 17.63 -39.57
CA VAL F 40 -71.06 18.61 -40.48
C VAL F 40 -72.21 17.97 -41.23
N VAL F 41 -73.30 18.73 -41.34
CA VAL F 41 -74.58 18.29 -41.85
C VAL F 41 -75.02 19.32 -42.87
N ALA F 42 -75.73 18.84 -43.91
CA ALA F 42 -76.11 19.69 -45.02
C ALA F 42 -77.54 19.39 -45.44
N ASN F 43 -78.22 20.42 -45.95
CA ASN F 43 -79.61 20.29 -46.40
C ASN F 43 -79.59 19.85 -47.86
N ARG F 44 -79.98 18.60 -48.09
CA ARG F 44 -80.03 18.04 -49.43
C ARG F 44 -81.27 18.48 -50.22
N GLN F 45 -82.26 19.08 -49.55
CA GLN F 45 -83.47 19.53 -50.23
C GLN F 45 -83.31 20.90 -50.89
N GLN F 46 -82.37 21.72 -50.42
CA GLN F 46 -82.15 23.03 -51.02
C GLN F 46 -81.75 22.86 -52.49
N PRO F 47 -82.13 23.81 -53.34
CA PRO F 47 -81.55 23.85 -54.70
C PRO F 47 -80.04 24.05 -54.65
N PHE F 48 -79.40 23.88 -55.81
CA PHE F 48 -77.94 23.78 -55.83
C PHE F 48 -77.29 25.08 -55.37
N GLY F 49 -77.84 26.22 -55.78
CA GLY F 49 -77.25 27.50 -55.39
C GLY F 49 -77.25 27.72 -53.88
N VAL F 50 -78.30 27.28 -53.20
CA VAL F 50 -78.50 27.60 -51.79
C VAL F 50 -77.91 26.48 -50.94
N LYS F 51 -76.83 26.78 -50.24
CA LYS F 51 -76.20 25.83 -49.36
C LYS F 51 -76.67 26.12 -47.93
N ASN F 52 -77.40 25.19 -47.35
CA ASN F 52 -77.88 25.26 -45.96
C ASN F 52 -77.16 24.18 -45.15
N THR F 53 -76.28 24.58 -44.23
CA THR F 53 -75.44 23.63 -43.49
C THR F 53 -75.46 23.92 -41.99
N ALA F 54 -74.96 22.95 -41.23
CA ALA F 54 -74.88 23.03 -39.78
C ALA F 54 -73.69 22.22 -39.31
N ARG F 55 -73.11 22.64 -38.18
CA ARG F 55 -71.85 22.08 -37.69
C ARG F 55 -71.95 21.91 -36.19
N TYR F 56 -71.57 20.73 -35.71
CA TYR F 56 -71.72 20.38 -34.31
C TYR F 56 -70.37 19.89 -33.83
N GLY F 57 -69.76 20.60 -32.89
CA GLY F 57 -68.39 20.30 -32.50
C GLY F 57 -68.18 20.36 -31.00
N ILE F 58 -67.20 19.60 -30.54
CA ILE F 58 -66.80 19.60 -29.14
C ILE F 58 -65.29 19.66 -29.04
N ARG F 59 -64.80 20.63 -28.29
CA ARG F 59 -63.42 20.71 -27.85
C ARG F 59 -63.41 20.40 -26.35
N GLN F 60 -62.31 19.88 -25.84
CA GLN F 60 -62.25 19.59 -24.42
C GLN F 60 -61.43 20.66 -23.70
N ILE F 61 -61.99 21.19 -22.62
CA ILE F 61 -61.41 22.33 -21.90
C ILE F 61 -60.50 21.80 -20.81
N ALA F 62 -59.24 22.27 -20.83
CA ALA F 62 -58.23 21.76 -19.91
C ALA F 62 -58.46 22.31 -18.50
N ASP F 63 -58.56 23.63 -18.37
CA ASP F 63 -58.83 24.28 -17.10
C ASP F 63 -60.03 25.19 -17.30
N VAL F 64 -61.18 24.79 -16.76
CA VAL F 64 -62.39 25.59 -16.93
C VAL F 64 -62.29 26.90 -16.15
N TYR F 65 -61.32 27.01 -15.24
CA TYR F 65 -61.11 28.19 -14.42
C TYR F 65 -60.07 29.14 -15.01
N ARG F 66 -59.61 28.90 -16.24
CA ARG F 66 -58.42 29.58 -16.73
C ARG F 66 -58.65 31.08 -16.82
N ASN F 67 -59.77 31.51 -17.40
CA ASN F 67 -60.04 32.91 -17.61
C ASN F 67 -61.12 33.43 -16.66
N THR F 68 -61.19 32.88 -15.45
CA THR F 68 -62.17 33.25 -14.45
C THR F 68 -61.48 33.87 -13.25
N THR F 69 -62.29 34.53 -12.42
CA THR F 69 -61.82 35.23 -11.22
C THR F 69 -61.94 34.38 -9.97
N ILE F 70 -62.12 33.08 -10.12
CA ILE F 70 -62.37 32.21 -8.98
C ILE F 70 -61.03 31.75 -8.42
N ASP F 71 -60.76 32.11 -7.17
CA ASP F 71 -59.51 31.71 -6.55
C ASP F 71 -59.47 30.20 -6.36
N ARG F 72 -58.25 29.65 -6.33
CA ARG F 72 -58.08 28.21 -6.30
C ARG F 72 -58.77 27.58 -5.08
N ALA F 73 -58.73 28.26 -3.94
CA ALA F 73 -59.36 27.74 -2.73
C ALA F 73 -60.85 27.51 -2.90
N TYR F 74 -61.45 28.03 -3.97
CA TYR F 74 -62.89 27.90 -4.19
C TYR F 74 -63.21 27.09 -5.44
N GLN F 75 -62.20 26.47 -6.06
CA GLN F 75 -62.40 25.67 -7.28
C GLN F 75 -62.73 24.22 -6.91
N SER F 76 -63.35 23.51 -7.86
CA SER F 76 -63.62 22.09 -7.64
C SER F 76 -62.29 21.35 -7.71
N PRO F 77 -62.28 20.08 -7.31
CA PRO F 77 -61.06 19.29 -7.51
C PRO F 77 -60.77 19.05 -8.98
N SER F 78 -61.79 19.00 -9.84
CA SER F 78 -61.66 18.66 -11.25
C SER F 78 -61.79 19.92 -12.08
N LYS F 79 -60.77 20.19 -12.90
CA LYS F 79 -60.78 21.35 -13.76
C LYS F 79 -61.27 21.02 -15.16
N LYS F 80 -61.61 19.76 -15.43
CA LYS F 80 -62.03 19.33 -16.75
C LYS F 80 -63.30 20.05 -17.18
N GLY F 81 -63.42 20.28 -18.50
CA GLY F 81 -64.67 20.74 -19.06
C GLY F 81 -64.81 20.30 -20.49
N THR F 82 -65.97 20.57 -21.07
CA THR F 82 -66.17 20.42 -22.51
C THR F 82 -66.77 21.69 -23.06
N SER F 83 -66.53 21.91 -24.35
CA SER F 83 -66.94 23.12 -25.04
C SER F 83 -67.66 22.70 -26.31
N LEU F 84 -68.93 23.07 -26.40
CA LEU F 84 -69.80 22.70 -27.49
C LEU F 84 -70.00 23.88 -28.42
N VAL F 85 -70.02 23.62 -29.72
CA VAL F 85 -70.35 24.62 -30.71
C VAL F 85 -71.44 24.08 -31.62
N VAL F 86 -72.42 24.93 -31.91
CA VAL F 86 -73.51 24.63 -32.81
C VAL F 86 -73.56 25.79 -33.78
N GLN F 87 -73.18 25.55 -35.03
CA GLN F 87 -73.17 26.58 -36.06
C GLN F 87 -74.18 26.27 -37.14
N VAL F 88 -74.88 27.30 -37.61
CA VAL F 88 -75.77 27.18 -38.74
C VAL F 88 -75.32 28.18 -39.80
N THR F 89 -75.40 27.75 -41.06
CA THR F 89 -75.04 28.55 -42.23
C THR F 89 -76.19 28.47 -43.23
N GLU F 90 -76.75 29.61 -43.58
CA GLU F 90 -77.83 29.70 -44.54
C GLU F 90 -77.43 30.61 -45.69
N THR F 91 -78.13 30.46 -46.80
CA THR F 91 -77.93 31.32 -47.96
C THR F 91 -79.29 31.83 -48.42
N TRP F 92 -79.49 33.14 -48.31
CA TRP F 92 -80.74 33.77 -48.67
C TRP F 92 -80.58 34.34 -50.07
N THR F 93 -81.67 34.43 -50.82
CA THR F 93 -81.60 34.98 -52.17
C THR F 93 -82.51 36.19 -52.29
N VAL F 94 -82.01 37.22 -52.97
CA VAL F 94 -82.74 38.43 -53.28
C VAL F 94 -82.99 38.43 -54.77
N ALA F 95 -84.25 38.63 -55.16
CA ALA F 95 -84.62 38.71 -56.56
C ALA F 95 -85.70 39.77 -56.72
N SER F 96 -86.22 39.90 -57.94
CA SER F 96 -87.17 40.94 -58.26
C SER F 96 -88.41 40.36 -58.93
N THR F 97 -89.55 41.01 -58.68
CA THR F 97 -90.79 40.66 -59.36
C THR F 97 -90.77 41.10 -60.81
N ASP F 98 -90.28 42.31 -61.06
CA ASP F 98 -90.35 42.88 -62.40
C ASP F 98 -89.23 42.34 -63.30
N ASP F 99 -88.12 41.90 -62.70
CA ASP F 99 -86.90 41.60 -63.43
C ASP F 99 -86.43 40.19 -63.05
N GLU F 100 -86.46 39.28 -64.01
CA GLU F 100 -85.97 37.92 -63.78
C GLU F 100 -84.46 37.86 -63.70
N THR F 101 -83.75 38.85 -64.26
CA THR F 101 -82.30 38.83 -64.28
C THR F 101 -81.66 39.47 -63.06
N TYR F 102 -82.45 40.06 -62.17
CA TYR F 102 -81.91 40.77 -61.02
C TYR F 102 -81.95 39.88 -59.79
N GLY F 103 -80.78 39.65 -59.20
CA GLY F 103 -80.71 38.94 -57.93
C GLY F 103 -79.28 38.80 -57.44
N TYR F 104 -79.19 38.36 -56.19
CA TYR F 104 -77.92 37.97 -55.57
C TYR F 104 -78.20 37.06 -54.38
N SER F 105 -77.13 36.55 -53.78
CA SER F 105 -77.20 35.65 -52.64
C SER F 105 -76.48 36.25 -51.44
N LEU F 106 -77.15 36.27 -50.30
CA LEU F 106 -76.61 36.79 -49.06
C LEU F 106 -76.25 35.63 -48.14
N PRO F 107 -75.06 35.63 -47.57
CA PRO F 107 -74.71 34.56 -46.63
C PRO F 107 -75.04 34.93 -45.19
N PHE F 108 -75.79 34.07 -44.51
CA PHE F 108 -76.02 34.20 -43.08
C PHE F 108 -75.28 33.09 -42.35
N SER F 109 -74.66 33.44 -41.23
CA SER F 109 -74.08 32.44 -40.37
C SER F 109 -74.27 32.86 -38.93
N ALA F 110 -74.37 31.88 -38.05
CA ALA F 110 -74.46 32.17 -36.63
C ALA F 110 -74.07 30.91 -35.88
N HIS F 111 -73.57 31.10 -34.66
CA HIS F 111 -73.24 29.93 -33.86
C HIS F 111 -73.40 30.22 -32.38
N VAL F 112 -73.48 29.13 -31.64
CA VAL F 112 -73.55 29.15 -30.18
C VAL F 112 -72.38 28.31 -29.66
N ILE F 113 -71.76 28.78 -28.59
CA ILE F 113 -70.72 28.05 -27.90
C ILE F 113 -71.12 27.97 -26.44
N VAL F 114 -70.95 26.79 -25.86
CA VAL F 114 -71.34 26.51 -24.48
C VAL F 114 -70.17 25.84 -23.79
N ASN F 115 -69.79 26.34 -22.62
CA ASN F 115 -68.58 25.88 -21.94
C ASN F 115 -68.98 25.26 -20.60
N VAL F 116 -69.21 23.95 -20.58
CA VAL F 116 -69.80 23.26 -19.44
C VAL F 116 -68.69 22.56 -18.65
N PRO F 117 -68.53 22.85 -17.36
CA PRO F 117 -67.64 22.02 -16.53
C PRO F 117 -68.21 20.62 -16.36
N GLN F 118 -67.32 19.63 -16.28
CA GLN F 118 -67.76 18.26 -16.05
C GLN F 118 -67.96 18.05 -14.56
N ASP F 119 -69.18 18.36 -14.10
CA ASP F 119 -69.59 18.09 -12.73
C ASP F 119 -70.88 17.30 -12.81
N ALA F 120 -70.96 16.21 -12.08
CA ALA F 120 -72.13 15.34 -12.20
C ALA F 120 -73.42 16.08 -11.85
N LEU F 121 -73.31 17.14 -11.03
CA LEU F 121 -74.48 17.91 -10.59
C LEU F 121 -75.05 18.84 -11.64
N ILE F 122 -74.27 19.20 -12.67
CA ILE F 122 -74.82 19.94 -13.80
C ILE F 122 -75.69 19.00 -14.61
N THR F 123 -76.97 19.33 -14.73
CA THR F 123 -77.93 18.48 -15.43
C THR F 123 -78.28 19.08 -16.79
N GLU F 124 -78.86 18.24 -17.65
CA GLU F 124 -79.23 18.71 -18.97
C GLU F 124 -80.27 19.81 -18.87
N GLU F 125 -81.17 19.72 -17.88
CA GLU F 125 -82.16 20.76 -17.69
C GLU F 125 -81.50 22.06 -17.22
N ILE F 126 -80.53 21.98 -16.30
CA ILE F 126 -79.80 23.17 -15.89
C ILE F 126 -79.20 23.86 -17.10
N LEU F 127 -78.58 23.06 -17.98
CA LEU F 127 -77.93 23.64 -19.15
C LEU F 127 -78.93 24.29 -20.11
N TYR F 128 -80.06 23.62 -20.37
CA TYR F 128 -81.05 24.26 -21.22
C TYR F 128 -81.60 25.55 -20.62
N ASP F 129 -81.81 25.57 -19.31
CA ASP F 129 -82.27 26.81 -18.67
C ASP F 129 -81.23 27.91 -18.80
N ALA F 130 -79.96 27.53 -18.71
CA ALA F 130 -78.89 28.51 -18.96
C ALA F 130 -78.97 29.05 -20.38
N LEU F 131 -79.20 28.18 -21.36
CA LEU F 131 -79.34 28.65 -22.74
C LEU F 131 -80.53 29.59 -22.88
N LYS F 132 -81.62 29.30 -22.17
CA LYS F 132 -82.79 30.17 -22.24
C LYS F 132 -82.48 31.55 -21.68
N ARG F 133 -81.70 31.60 -20.58
CA ARG F 133 -81.28 32.88 -20.02
C ARG F 133 -80.37 33.62 -20.97
N LEU F 134 -79.44 32.90 -21.60
CA LEU F 134 -78.56 33.47 -22.62
C LEU F 134 -79.36 34.16 -23.71
N MET F 135 -80.27 33.43 -24.35
CA MET F 135 -81.05 34.02 -25.42
C MET F 135 -81.96 35.12 -24.92
N GLY F 136 -82.30 35.13 -23.63
CA GLY F 136 -83.08 36.24 -23.12
C GLY F 136 -82.38 37.59 -23.21
N HIS F 137 -81.05 37.59 -23.34
CA HIS F 137 -80.32 38.84 -23.45
C HIS F 137 -80.48 39.52 -24.79
N PHE F 138 -81.09 38.85 -25.77
CA PHE F 138 -81.51 39.49 -27.01
C PHE F 138 -82.77 40.30 -26.85
N TYR F 139 -83.27 40.42 -25.62
CA TYR F 139 -84.47 41.16 -25.32
C TYR F 139 -84.19 42.09 -24.14
N GLU F 140 -85.14 42.97 -23.86
CA GLU F 140 -85.11 43.78 -22.65
C GLU F 140 -86.45 43.62 -21.95
N GLY F 141 -86.40 43.51 -20.63
CA GLY F 141 -87.57 43.19 -19.82
C GLY F 141 -88.08 44.38 -19.03
N ASN F 142 -89.41 44.46 -18.93
CA ASN F 142 -90.14 45.47 -18.17
C ASN F 142 -91.19 44.77 -17.33
N ASP F 143 -90.98 44.74 -16.01
CA ASP F 143 -91.96 44.15 -15.10
C ASP F 143 -92.77 45.20 -14.35
N THR F 144 -92.52 46.48 -14.60
CA THR F 144 -93.29 47.51 -13.92
C THR F 144 -94.73 47.56 -14.45
N THR F 145 -94.91 47.38 -15.75
CA THR F 145 -96.25 47.42 -16.34
C THR F 145 -97.12 46.28 -15.86
N SER F 146 -98.43 46.49 -15.98
CA SER F 146 -99.38 45.50 -15.48
C SER F 146 -99.18 44.14 -16.13
N PRO F 147 -99.17 43.99 -17.47
CA PRO F 147 -98.61 42.75 -18.01
C PRO F 147 -97.09 42.92 -18.21
N THR F 148 -96.30 41.96 -17.73
CA THR F 148 -94.87 42.02 -17.99
C THR F 148 -94.64 41.99 -19.50
N THR F 149 -93.84 42.92 -19.99
CA THR F 149 -93.60 43.07 -21.43
C THR F 149 -92.10 43.07 -21.72
N THR F 150 -91.77 42.72 -22.96
CA THR F 150 -90.41 42.66 -23.44
C THR F 150 -90.31 43.31 -24.81
N SER F 151 -89.22 44.03 -25.03
CA SER F 151 -88.94 44.61 -26.35
C SER F 151 -87.67 43.99 -26.91
N VAL F 152 -87.63 43.87 -28.24
CA VAL F 152 -86.51 43.20 -28.90
C VAL F 152 -85.30 44.13 -28.96
N ARG F 153 -84.11 43.55 -28.98
CA ARG F 153 -82.89 44.33 -28.90
C ARG F 153 -81.85 43.98 -29.97
N LEU F 154 -82.13 43.00 -30.82
CA LEU F 154 -81.11 42.50 -31.75
C LEU F 154 -80.67 43.59 -32.72
N LYS F 155 -81.62 44.26 -33.35
CA LYS F 155 -81.26 45.29 -34.33
C LYS F 155 -80.59 46.47 -33.65
N ASP F 156 -81.08 46.84 -32.47
CA ASP F 156 -80.45 47.93 -31.72
C ASP F 156 -78.98 47.64 -31.47
N MET F 157 -78.67 46.42 -31.02
CA MET F 157 -77.27 46.07 -30.78
C MET F 157 -76.47 46.07 -32.07
N LEU F 158 -77.01 45.47 -33.13
CA LEU F 158 -76.33 45.50 -34.42
C LEU F 158 -75.99 46.92 -34.83
N GLN F 159 -76.87 47.87 -34.54
CA GLN F 159 -76.69 49.26 -34.94
C GLN F 159 -75.94 50.09 -33.91
N GLY F 160 -75.26 49.47 -32.95
CA GLY F 160 -74.38 50.17 -32.05
C GLY F 160 -74.99 50.62 -30.74
N ALA F 161 -76.25 50.31 -30.49
CA ALA F 161 -76.88 50.63 -29.21
C ALA F 161 -76.76 49.39 -28.32
N LEU F 162 -75.59 49.26 -27.71
CA LEU F 162 -75.27 48.04 -26.99
C LEU F 162 -75.73 48.07 -25.54
N VAL F 163 -75.84 49.26 -24.95
CA VAL F 163 -76.30 49.36 -23.57
C VAL F 163 -77.83 49.30 -23.56
N PRO F 164 -78.43 48.52 -22.68
CA PRO F 164 -79.89 48.45 -22.61
C PRO F 164 -80.53 49.80 -22.32
N GLN F 165 -81.79 49.96 -22.76
CA GLN F 165 -82.55 51.15 -22.42
C GLN F 165 -82.65 51.36 -20.92
N SER F 166 -82.85 50.27 -20.17
CA SER F 166 -83.05 50.38 -18.72
C SER F 166 -81.83 50.99 -18.02
N LEU F 167 -80.65 50.84 -18.61
CA LEU F 167 -79.40 51.27 -17.98
C LEU F 167 -78.86 52.60 -18.57
N SER G 1 -13.00 74.06 64.92
CA SER G 1 -12.75 72.80 65.62
C SER G 1 -13.15 71.63 64.74
N LYS G 2 -12.26 70.66 64.66
CA LYS G 2 -12.46 69.47 63.84
C LYS G 2 -13.01 68.33 64.71
N ILE G 3 -13.95 67.57 64.17
CA ILE G 3 -14.57 66.48 64.92
C ILE G 3 -14.56 65.23 64.05
N LEU G 4 -14.15 64.11 64.65
CA LEU G 4 -14.18 62.80 64.03
C LEU G 4 -15.36 62.00 64.56
N SER G 5 -16.05 61.31 63.66
CA SER G 5 -17.12 60.38 64.01
C SER G 5 -16.81 59.02 63.41
N THR G 6 -17.11 57.98 64.17
CA THR G 6 -17.00 56.61 63.69
C THR G 6 -18.26 56.12 63.00
N ASN G 7 -19.35 56.89 63.07
CA ASN G 7 -20.59 56.59 62.37
C ASN G 7 -21.19 55.25 62.80
N ASN G 8 -20.88 54.81 64.02
CA ASN G 8 -21.48 53.60 64.56
C ASN G 8 -22.68 53.88 65.43
N SER G 9 -23.06 55.16 65.58
CA SER G 9 -24.18 55.53 66.43
C SER G 9 -25.50 54.92 65.97
N ASN G 10 -25.63 54.64 64.68
CA ASN G 10 -26.88 54.09 64.15
C ASN G 10 -26.87 52.57 64.07
N SER G 11 -25.77 51.93 64.45
CA SER G 11 -25.71 50.48 64.48
C SER G 11 -26.32 49.92 65.76
N ASN G 12 -26.75 48.67 65.66
CA ASN G 12 -27.45 47.94 66.72
C ASN G 12 -26.55 46.83 67.24
N PHE G 13 -26.09 46.95 68.48
CA PHE G 13 -25.21 45.96 69.10
C PHE G 13 -25.76 45.47 70.44
N VAL G 14 -25.25 44.34 70.90
CA VAL G 14 -25.56 43.80 72.20
C VAL G 14 -24.25 43.69 72.96
N ASP G 15 -24.21 44.27 74.14
CA ASP G 15 -23.03 44.10 74.96
C ASP G 15 -22.97 42.65 75.43
N THR G 16 -21.74 42.12 75.50
CA THR G 16 -21.55 40.80 76.09
C THR G 16 -20.16 40.76 76.72
N SER G 17 -20.02 39.92 77.74
CA SER G 17 -18.81 39.91 78.54
C SER G 17 -17.74 39.07 77.87
N PHE G 18 -16.52 39.58 77.87
CA PHE G 18 -15.40 38.90 77.22
C PHE G 18 -14.18 39.24 78.07
N THR G 19 -13.93 38.40 79.07
CA THR G 19 -12.96 38.73 80.11
C THR G 19 -11.57 38.26 79.68
N LEU G 20 -10.66 39.22 79.53
CA LEU G 20 -9.34 38.95 78.99
C LEU G 20 -8.41 38.48 80.09
N LYS G 21 -7.62 37.46 79.79
CA LYS G 21 -6.50 37.04 80.63
C LYS G 21 -5.24 37.73 80.08
N VAL G 22 -4.84 38.81 80.74
CA VAL G 22 -3.71 39.66 80.39
C VAL G 22 -2.42 39.11 80.98
N PRO G 23 -1.34 39.06 80.21
CA PRO G 23 -0.08 38.49 80.72
C PRO G 23 0.59 39.36 81.78
N VAL G 24 1.44 38.71 82.56
CA VAL G 24 2.37 39.42 83.44
C VAL G 24 3.76 39.21 82.88
N TYR G 25 4.16 40.13 82.02
CA TYR G 25 5.32 39.90 81.18
C TYR G 25 6.57 39.74 82.02
N SER G 26 6.69 40.53 83.08
CA SER G 26 7.85 40.44 83.95
C SER G 26 8.02 39.03 84.52
N LYS G 27 6.91 38.41 84.97
CA LYS G 27 7.02 37.07 85.54
C LYS G 27 7.30 36.02 84.47
N ASP G 28 6.58 36.09 83.33
CA ASP G 28 6.52 34.93 82.44
C ASP G 28 7.37 35.02 81.18
N TYR G 29 7.54 36.19 80.61
CA TYR G 29 8.03 36.34 79.25
C TYR G 29 9.43 36.96 79.25
N ARG G 30 10.25 36.51 78.30
CA ARG G 30 11.55 37.08 77.98
C ARG G 30 11.52 37.49 76.52
N VAL G 31 12.53 38.23 76.06
CA VAL G 31 12.51 38.76 74.71
C VAL G 31 13.40 37.92 73.81
N THR G 32 12.82 37.35 72.76
CA THR G 32 13.53 36.57 71.75
C THR G 32 14.08 37.43 70.62
N GLN G 33 13.34 38.47 70.21
CA GLN G 33 13.69 39.29 69.06
C GLN G 33 13.35 40.74 69.36
N ASP G 34 14.31 41.66 69.16
CA ASP G 34 14.06 43.10 69.35
C ASP G 34 14.38 43.88 68.07
N GLU G 35 13.85 43.44 66.93
CA GLU G 35 14.12 44.27 65.76
C GLU G 35 13.24 45.52 65.76
N PRO G 36 13.68 46.58 65.08
CA PRO G 36 13.00 47.89 65.21
C PRO G 36 11.52 47.85 64.89
N ASP G 37 11.10 47.02 63.95
CA ASP G 37 9.70 46.91 63.59
C ASP G 37 9.04 45.63 64.07
N GLU G 38 9.77 44.72 64.72
CA GLU G 38 9.20 43.40 65.03
C GLU G 38 9.84 42.88 66.31
N VAL G 39 9.02 42.64 67.33
CA VAL G 39 9.49 42.10 68.59
C VAL G 39 8.85 40.74 68.80
N VAL G 40 9.64 39.82 69.34
CA VAL G 40 9.17 38.48 69.68
C VAL G 40 9.52 38.19 71.12
N VAL G 41 8.57 37.57 71.81
CA VAL G 41 8.56 37.40 73.26
C VAL G 41 8.21 35.94 73.53
N ALA G 42 9.02 35.28 74.35
CA ALA G 42 8.85 33.87 74.63
C ALA G 42 8.44 33.64 76.07
N ASN G 43 7.67 32.58 76.27
CA ASN G 43 7.15 32.21 77.58
C ASN G 43 8.17 31.31 78.27
N ARG G 44 8.86 31.86 79.26
CA ARG G 44 9.90 31.12 79.96
C ARG G 44 9.32 29.98 80.81
N GLN G 45 8.02 30.02 81.12
CA GLN G 45 7.40 29.02 81.99
C GLN G 45 7.22 27.66 81.32
N GLN G 46 7.46 27.55 80.02
CA GLN G 46 7.09 26.30 79.39
C GLN G 46 8.26 25.32 79.37
N PRO G 47 7.97 24.02 79.35
CA PRO G 47 9.02 23.02 79.09
C PRO G 47 9.52 23.09 77.67
N PHE G 48 10.54 22.31 77.31
CA PHE G 48 11.16 22.50 76.01
C PHE G 48 10.23 22.14 74.86
N GLY G 49 9.47 21.06 75.00
CA GLY G 49 8.54 20.71 73.94
C GLY G 49 7.58 21.83 73.61
N VAL G 50 7.01 22.45 74.64
CA VAL G 50 5.91 23.40 74.49
C VAL G 50 6.48 24.76 74.13
N LYS G 51 6.07 25.29 72.98
CA LYS G 51 6.47 26.62 72.56
C LYS G 51 5.31 27.58 72.74
N ASN G 52 5.53 28.67 73.48
CA ASN G 52 4.52 29.68 73.76
C ASN G 52 5.16 31.03 73.50
N THR G 53 4.79 31.69 72.40
CA THR G 53 5.41 32.95 72.01
C THR G 53 4.37 33.97 71.56
N ALA G 54 4.80 35.23 71.54
CA ALA G 54 4.00 36.33 71.06
C ALA G 54 4.87 37.21 70.19
N ARG G 55 4.25 37.83 69.18
CA ARG G 55 4.94 38.61 68.19
C ARG G 55 4.18 39.91 67.98
N TYR G 56 4.91 41.02 68.05
CA TYR G 56 4.30 42.35 68.00
C TYR G 56 5.05 43.12 66.91
N GLY G 57 4.34 43.50 65.87
CA GLY G 57 4.99 44.13 64.73
C GLY G 57 4.19 45.27 64.15
N ILE G 58 4.90 46.22 63.55
CA ILE G 58 4.27 47.32 62.82
C ILE G 58 4.89 47.43 61.44
N ARG G 59 4.05 47.73 60.46
CA ARG G 59 4.41 48.04 59.09
C ARG G 59 3.81 49.38 58.73
N GLN G 60 4.47 50.13 57.86
CA GLN G 60 3.92 51.40 57.41
C GLN G 60 3.13 51.20 56.13
N ILE G 61 1.95 51.82 56.08
CA ILE G 61 1.04 51.72 54.94
C ILE G 61 1.27 52.93 54.06
N ALA G 62 1.70 52.67 52.82
CA ALA G 62 2.01 53.76 51.90
C ALA G 62 0.79 54.60 51.64
N ASP G 63 -0.25 54.00 51.05
CA ASP G 63 -1.50 54.68 50.72
C ASP G 63 -2.61 53.97 51.46
N VAL G 64 -3.18 54.63 52.47
CA VAL G 64 -4.24 54.02 53.26
C VAL G 64 -5.53 53.87 52.45
N TYR G 65 -5.65 54.61 51.34
CA TYR G 65 -6.79 54.53 50.45
C TYR G 65 -6.58 53.56 49.30
N ARG G 66 -5.46 52.83 49.28
CA ARG G 66 -5.02 52.12 48.09
C ARG G 66 -6.07 51.12 47.62
N ASN G 67 -6.69 50.39 48.54
CA ASN G 67 -7.67 49.39 48.19
C ASN G 67 -9.10 49.79 48.53
N THR G 68 -9.31 51.00 49.04
CA THR G 68 -10.65 51.47 49.34
C THR G 68 -11.20 52.27 48.16
N THR G 69 -12.50 52.55 48.22
CA THR G 69 -13.20 53.22 47.13
C THR G 69 -13.66 54.62 47.52
N ILE G 70 -13.02 55.22 48.52
CA ILE G 70 -13.33 56.58 48.92
C ILE G 70 -12.93 57.54 47.82
N ASP G 71 -13.84 58.44 47.43
CA ASP G 71 -13.52 59.33 46.33
C ASP G 71 -12.33 60.22 46.70
N ARG G 72 -11.54 60.54 45.67
CA ARG G 72 -10.36 61.38 45.85
C ARG G 72 -10.72 62.66 46.58
N ALA G 73 -11.86 63.26 46.22
CA ALA G 73 -12.28 64.53 46.80
C ALA G 73 -12.48 64.45 48.31
N TYR G 74 -12.60 63.24 48.86
CA TYR G 74 -12.82 63.09 50.29
C TYR G 74 -11.66 62.37 50.97
N GLN G 75 -10.49 62.31 50.33
CA GLN G 75 -9.34 61.68 50.97
C GLN G 75 -8.56 62.71 51.78
N SER G 76 -8.02 62.27 52.91
CA SER G 76 -7.17 63.11 53.72
C SER G 76 -5.94 63.52 52.92
N PRO G 77 -5.34 64.67 53.23
CA PRO G 77 -4.04 64.98 52.63
C PRO G 77 -2.98 63.96 53.02
N SER G 78 -2.96 63.57 54.30
CA SER G 78 -2.01 62.57 54.81
C SER G 78 -2.58 61.19 54.54
N LYS G 79 -1.95 60.46 53.63
CA LYS G 79 -2.44 59.16 53.21
C LYS G 79 -1.66 58.01 53.83
N LYS G 80 -0.79 58.30 54.79
CA LYS G 80 0.01 57.26 55.42
C LYS G 80 -0.80 56.57 56.51
N GLY G 81 -0.51 55.28 56.73
CA GLY G 81 -1.14 54.54 57.80
C GLY G 81 -0.11 53.70 58.55
N THR G 82 -0.59 53.11 59.65
CA THR G 82 0.19 52.13 60.39
C THR G 82 -0.61 50.83 60.47
N SER G 83 0.10 49.71 60.27
CA SER G 83 -0.49 48.39 60.37
C SER G 83 0.18 47.67 61.53
N LEU G 84 -0.62 47.32 62.54
CA LEU G 84 -0.14 46.61 63.72
C LEU G 84 -0.55 45.15 63.64
N VAL G 85 0.33 44.27 64.12
CA VAL G 85 0.05 42.86 64.22
C VAL G 85 0.41 42.36 65.61
N VAL G 86 -0.46 41.55 66.16
CA VAL G 86 -0.27 40.90 67.46
C VAL G 86 -0.58 39.43 67.24
N GLN G 87 0.45 38.59 67.28
CA GLN G 87 0.30 37.14 67.12
C GLN G 87 0.63 36.41 68.40
N VAL G 88 -0.17 35.41 68.73
CA VAL G 88 0.14 34.52 69.84
C VAL G 88 0.22 33.10 69.28
N THR G 89 1.22 32.36 69.73
CA THR G 89 1.51 31.00 69.31
C THR G 89 1.57 30.14 70.56
N GLU G 90 0.75 29.09 70.61
CA GLU G 90 0.69 28.20 71.74
C GLU G 90 0.90 26.76 71.28
N THR G 91 1.34 25.93 72.20
CA THR G 91 1.50 24.50 71.95
C THR G 91 0.66 23.75 72.97
N TRP G 92 -0.36 23.05 72.49
CA TRP G 92 -1.26 22.28 73.33
C TRP G 92 -0.81 20.82 73.31
N THR G 93 -1.14 20.08 74.37
CA THR G 93 -0.77 18.69 74.45
C THR G 93 -1.98 17.82 74.77
N VAL G 94 -2.00 16.63 74.18
CA VAL G 94 -3.05 15.65 74.40
C VAL G 94 -2.41 14.44 75.04
N ALA G 95 -2.99 13.99 76.16
CA ALA G 95 -2.49 12.80 76.85
C ALA G 95 -3.68 12.00 77.35
N SER G 96 -3.37 10.91 78.06
CA SER G 96 -4.38 10.04 78.62
C SER G 96 -4.16 9.86 80.12
N THR G 97 -5.27 9.90 80.86
CA THR G 97 -5.25 9.55 82.28
C THR G 97 -4.75 8.14 82.48
N ASP G 98 -5.25 7.22 81.65
CA ASP G 98 -5.00 5.79 81.84
C ASP G 98 -3.62 5.40 81.37
N ASP G 99 -3.14 6.00 80.27
CA ASP G 99 -1.90 5.60 79.61
C ASP G 99 -0.93 6.78 79.64
N GLU G 100 0.12 6.65 80.42
CA GLU G 100 1.09 7.73 80.55
C GLU G 100 1.99 7.87 79.35
N THR G 101 1.88 6.97 78.37
CA THR G 101 2.71 7.02 77.18
C THR G 101 1.99 7.64 76.00
N TYR G 102 0.67 7.80 76.08
CA TYR G 102 -0.10 8.36 74.99
C TYR G 102 -0.01 9.88 75.08
N GLY G 103 0.42 10.50 73.98
CA GLY G 103 0.50 11.93 73.91
C GLY G 103 0.91 12.42 72.54
N TYR G 104 0.48 13.64 72.24
CA TYR G 104 0.99 14.37 71.08
C TYR G 104 0.80 15.87 71.30
N SER G 105 1.46 16.65 70.45
CA SER G 105 1.42 18.11 70.55
C SER G 105 0.69 18.71 69.34
N LEU G 106 -0.18 19.68 69.60
CA LEU G 106 -0.94 20.41 68.61
C LEU G 106 -0.49 21.86 68.58
N PRO G 107 -0.25 22.44 67.42
CA PRO G 107 0.12 23.85 67.36
C PRO G 107 -1.08 24.76 67.14
N PHE G 108 -1.22 25.78 67.97
CA PHE G 108 -2.26 26.79 67.80
C PHE G 108 -1.61 28.13 67.54
N SER G 109 -2.19 28.92 66.65
CA SER G 109 -1.74 30.28 66.47
C SER G 109 -2.93 31.13 66.09
N ALA G 110 -2.84 32.40 66.43
CA ALA G 110 -3.87 33.33 66.02
C ALA G 110 -3.28 34.73 66.14
N HIS G 111 -3.73 35.61 65.26
CA HIS G 111 -3.24 36.97 65.31
C HIS G 111 -4.34 37.96 64.99
N VAL G 112 -4.05 39.20 65.33
CA VAL G 112 -4.90 40.34 65.10
C VAL G 112 -4.09 41.37 64.32
N ILE G 113 -4.72 41.97 63.33
CA ILE G 113 -4.10 43.02 62.54
C ILE G 113 -5.03 44.23 62.58
N VAL G 114 -4.44 45.41 62.77
CA VAL G 114 -5.17 46.65 62.92
C VAL G 114 -4.54 47.68 62.00
N ASN G 115 -5.33 48.26 61.10
CA ASN G 115 -4.83 49.18 60.08
C ASN G 115 -5.45 50.55 60.35
N VAL G 116 -4.63 51.42 60.94
CA VAL G 116 -5.05 52.71 61.49
C VAL G 116 -4.46 53.83 60.64
N PRO G 117 -5.26 54.71 60.05
CA PRO G 117 -4.70 55.89 59.38
C PRO G 117 -4.00 56.80 60.37
N GLN G 118 -2.95 57.48 59.90
CA GLN G 118 -2.20 58.43 60.73
C GLN G 118 -2.94 59.76 60.73
N ASP G 119 -3.83 59.93 61.71
CA ASP G 119 -4.62 61.16 61.85
C ASP G 119 -4.69 61.52 63.31
N ALA G 120 -4.52 62.81 63.61
CA ALA G 120 -4.46 63.25 64.99
C ALA G 120 -5.74 62.93 65.76
N LEU G 121 -6.89 62.88 65.07
CA LEU G 121 -8.16 62.73 65.78
C LEU G 121 -8.44 61.31 66.23
N ILE G 122 -7.76 60.31 65.66
CA ILE G 122 -7.95 58.94 66.10
C ILE G 122 -7.24 58.75 67.44
N THR G 123 -7.97 58.27 68.44
CA THR G 123 -7.43 58.15 69.79
C THR G 123 -7.39 56.69 70.23
N GLU G 124 -6.64 56.46 71.31
CA GLU G 124 -6.42 55.10 71.77
C GLU G 124 -7.74 54.45 72.19
N GLU G 125 -8.62 55.24 72.81
CA GLU G 125 -9.93 54.71 73.18
C GLU G 125 -10.75 54.36 71.94
N ILE G 126 -10.72 55.23 70.92
CA ILE G 126 -11.44 54.93 69.68
C ILE G 126 -10.99 53.58 69.13
N LEU G 127 -9.67 53.33 69.17
CA LEU G 127 -9.15 52.09 68.61
C LEU G 127 -9.53 50.88 69.46
N TYR G 128 -9.46 51.00 70.79
CA TYR G 128 -9.90 49.87 71.61
C TYR G 128 -11.38 49.56 71.37
N ASP G 129 -12.23 50.58 71.26
CA ASP G 129 -13.64 50.33 71.00
C ASP G 129 -13.84 49.73 69.62
N ALA G 130 -12.98 50.10 68.66
CA ALA G 130 -12.98 49.41 67.38
C ALA G 130 -12.67 47.93 67.56
N LEU G 131 -11.64 47.60 68.36
CA LEU G 131 -11.30 46.21 68.60
C LEU G 131 -12.47 45.48 69.25
N LYS G 132 -13.21 46.16 70.12
CA LYS G 132 -14.37 45.53 70.77
C LYS G 132 -15.47 45.24 69.76
N ARG G 133 -15.72 46.18 68.85
CA ARG G 133 -16.67 45.92 67.76
C ARG G 133 -16.21 44.75 66.91
N LEU G 134 -14.91 44.71 66.60
CA LEU G 134 -14.33 43.63 65.80
C LEU G 134 -14.57 42.27 66.43
N MET G 135 -14.06 42.08 67.64
CA MET G 135 -14.24 40.82 68.33
C MET G 135 -15.71 40.49 68.56
N GLY G 136 -16.59 41.51 68.57
CA GLY G 136 -17.99 41.19 68.72
C GLY G 136 -18.59 40.40 67.57
N HIS G 137 -17.93 40.39 66.41
CA HIS G 137 -18.42 39.63 65.27
C HIS G 137 -18.22 38.14 65.43
N PHE G 138 -17.59 37.68 66.51
CA PHE G 138 -17.56 36.27 66.82
C PHE G 138 -18.84 35.80 67.51
N TYR G 139 -19.81 36.68 67.66
CA TYR G 139 -21.07 36.36 68.30
C TYR G 139 -22.21 36.90 67.43
N GLU G 140 -23.44 36.49 67.75
CA GLU G 140 -24.63 37.04 67.13
C GLU G 140 -25.53 37.63 68.21
N GLY G 141 -26.02 38.84 67.94
CA GLY G 141 -26.84 39.56 68.88
C GLY G 141 -28.33 39.36 68.62
N ASN G 142 -29.10 39.34 69.70
CA ASN G 142 -30.53 39.08 69.70
C ASN G 142 -31.23 40.11 70.58
N ASP G 143 -31.79 41.14 69.93
CA ASP G 143 -32.64 42.15 70.54
C ASP G 143 -34.10 41.72 70.62
N THR G 144 -34.50 40.63 69.94
CA THR G 144 -35.86 40.13 70.02
C THR G 144 -36.21 39.76 71.45
N THR G 145 -35.30 39.09 72.16
CA THR G 145 -35.55 38.72 73.54
C THR G 145 -35.77 39.97 74.38
N SER G 146 -36.56 39.79 75.45
CA SER G 146 -36.78 40.88 76.39
C SER G 146 -35.47 41.30 77.08
N PRO G 147 -34.66 40.39 77.72
CA PRO G 147 -33.27 40.79 78.03
C PRO G 147 -32.38 40.45 76.84
N THR G 148 -31.57 41.39 76.32
CA THR G 148 -30.92 41.16 75.04
C THR G 148 -29.84 40.10 75.24
N THR G 149 -29.75 39.14 74.31
CA THR G 149 -28.86 37.98 74.49
C THR G 149 -27.99 37.76 73.25
N THR G 150 -26.96 36.95 73.44
CA THR G 150 -25.99 36.69 72.39
C THR G 150 -25.67 35.20 72.33
N SER G 151 -25.30 34.75 71.13
CA SER G 151 -24.96 33.35 70.90
C SER G 151 -23.65 33.27 70.13
N VAL G 152 -22.98 32.13 70.26
CA VAL G 152 -21.60 31.98 69.78
C VAL G 152 -21.65 31.42 68.36
N ARG G 153 -20.72 31.90 67.51
CA ARG G 153 -20.66 31.45 66.13
C ARG G 153 -19.25 31.06 65.66
N LEU G 154 -18.30 30.90 66.58
CA LEU G 154 -16.95 30.55 66.17
C LEU G 154 -16.90 29.16 65.54
N LYS G 155 -17.54 28.19 66.19
CA LYS G 155 -17.55 26.84 65.63
C LYS G 155 -18.30 26.82 64.30
N ASP G 156 -19.47 27.45 64.25
CA ASP G 156 -20.23 27.50 63.01
C ASP G 156 -19.37 28.05 61.86
N MET G 157 -18.65 29.15 62.11
CA MET G 157 -17.81 29.70 61.05
C MET G 157 -16.71 28.73 60.66
N LEU G 158 -16.00 28.18 61.65
CA LEU G 158 -14.95 27.20 61.35
C LEU G 158 -15.47 26.05 60.52
N GLN G 159 -16.74 25.67 60.69
CA GLN G 159 -17.29 24.54 59.94
C GLN G 159 -17.80 24.92 58.55
N GLY G 160 -17.70 26.20 58.16
CA GLY G 160 -18.04 26.62 56.81
C GLY G 160 -19.31 27.44 56.70
N ALA G 161 -20.01 27.62 57.81
CA ALA G 161 -21.24 28.41 57.87
C ALA G 161 -20.87 29.85 58.21
N LEU G 162 -20.52 30.61 57.19
CA LEU G 162 -19.97 31.92 57.42
C LEU G 162 -21.03 33.01 57.46
N VAL G 163 -22.21 32.76 56.93
CA VAL G 163 -23.30 33.70 57.05
C VAL G 163 -23.88 33.58 58.45
N PRO G 164 -24.17 34.69 59.13
CA PRO G 164 -24.81 34.62 60.45
C PRO G 164 -26.17 33.92 60.37
N GLN G 165 -26.59 33.39 61.53
CA GLN G 165 -27.89 32.74 61.59
C GLN G 165 -29.02 33.75 61.52
N SER G 166 -28.74 35.00 61.90
CA SER G 166 -29.74 36.07 61.86
C SER G 166 -30.15 36.45 60.44
N LEU G 167 -29.40 36.02 59.43
CA LEU G 167 -29.72 36.34 58.03
C LEU G 167 -30.12 35.08 57.25
N SER H 1 6.10 8.66 86.17
CA SER H 1 5.89 7.66 85.12
C SER H 1 6.96 7.84 84.06
N LYS H 2 6.89 8.90 83.25
CA LYS H 2 7.93 9.13 82.27
C LYS H 2 9.20 9.64 82.94
N ILE H 3 10.31 8.98 82.66
CA ILE H 3 11.59 9.30 83.27
C ILE H 3 12.65 9.35 82.19
N LEU H 4 13.45 10.41 82.21
CA LEU H 4 14.66 10.51 81.41
C LEU H 4 15.85 10.18 82.29
N SER H 5 16.70 9.25 81.84
CA SER H 5 17.96 8.97 82.48
C SER H 5 19.09 9.40 81.56
N THR H 6 20.12 9.99 82.15
CA THR H 6 21.33 10.31 81.43
C THR H 6 22.29 9.12 81.36
N ASN H 7 21.91 7.97 81.94
CA ASN H 7 22.70 6.74 81.89
C ASN H 7 24.12 6.96 82.41
N ASN H 8 24.30 7.91 83.32
CA ASN H 8 25.59 8.08 83.98
C ASN H 8 25.63 7.38 85.33
N SER H 9 24.57 6.64 85.67
CA SER H 9 24.48 6.02 86.98
C SER H 9 25.58 4.98 87.21
N ASN H 10 26.13 4.40 86.15
CA ASN H 10 27.20 3.41 86.29
C ASN H 10 28.57 3.96 85.92
N SER H 11 28.69 5.25 85.64
CA SER H 11 29.99 5.87 85.45
C SER H 11 30.58 6.21 86.82
N ASN H 12 31.91 6.20 86.90
CA ASN H 12 32.61 6.50 88.15
C ASN H 12 33.24 7.89 88.07
N PHE H 13 32.83 8.77 88.96
CA PHE H 13 33.33 10.13 88.96
C PHE H 13 33.93 10.50 90.32
N VAL H 14 34.58 11.65 90.30
CA VAL H 14 35.18 12.29 91.48
C VAL H 14 34.87 13.77 91.41
N ASP H 15 34.39 14.33 92.51
CA ASP H 15 34.04 15.75 92.50
C ASP H 15 35.28 16.62 92.65
N THR H 16 35.24 17.79 92.02
CA THR H 16 36.25 18.80 92.26
C THR H 16 35.62 20.19 92.12
N SER H 17 36.20 21.16 92.81
CA SER H 17 35.65 22.51 92.87
C SER H 17 36.11 23.31 91.65
N PHE H 18 35.19 24.08 91.08
CA PHE H 18 35.48 24.86 89.89
C PHE H 18 34.64 26.13 90.02
N THR H 19 35.21 27.14 90.67
CA THR H 19 34.44 28.31 91.09
C THR H 19 34.36 29.31 89.96
N LEU H 20 33.15 29.56 89.48
CA LEU H 20 32.94 30.39 88.30
C LEU H 20 32.90 31.85 88.69
N LYS H 21 33.47 32.69 87.82
CA LYS H 21 33.37 34.15 87.93
C LYS H 21 32.29 34.60 86.95
N VAL H 22 31.08 34.76 87.48
CA VAL H 22 29.88 35.18 86.75
C VAL H 22 29.86 36.68 86.56
N PRO H 23 29.56 37.20 85.38
CA PRO H 23 29.63 38.64 85.18
C PRO H 23 28.45 39.41 85.77
N VAL H 24 28.75 40.63 86.23
CA VAL H 24 27.72 41.60 86.61
C VAL H 24 27.46 42.41 85.34
N TYR H 25 26.55 41.91 84.51
CA TYR H 25 26.38 42.47 83.19
C TYR H 25 25.97 43.92 83.26
N SER H 26 25.10 44.25 84.23
CA SER H 26 24.68 45.63 84.41
C SER H 26 25.86 46.59 84.57
N LYS H 27 26.91 46.23 85.34
CA LYS H 27 28.05 47.15 85.42
C LYS H 27 28.92 47.11 84.18
N ASP H 28 29.27 45.91 83.72
CA ASP H 28 30.41 45.82 82.81
C ASP H 28 30.07 45.78 81.33
N TYR H 29 28.91 45.26 80.94
CA TYR H 29 28.72 44.87 79.56
C TYR H 29 27.61 45.69 78.91
N ARG H 30 27.79 45.96 77.61
CA ARG H 30 26.83 46.69 76.79
C ARG H 30 26.66 45.95 75.48
N VAL H 31 25.56 46.21 74.77
CA VAL H 31 25.23 45.40 73.59
C VAL H 31 25.80 46.04 72.32
N THR H 32 26.67 45.30 71.64
CA THR H 32 27.18 45.61 70.32
C THR H 32 26.30 45.07 69.19
N GLN H 33 25.75 43.88 69.36
CA GLN H 33 24.91 43.28 68.32
C GLN H 33 23.70 42.62 68.97
N ASP H 34 22.50 42.98 68.50
CA ASP H 34 21.24 42.40 68.99
C ASP H 34 20.46 41.78 67.84
N GLU H 35 21.09 40.90 67.06
CA GLU H 35 20.25 40.30 66.05
C GLU H 35 19.63 39.02 66.61
N PRO H 36 18.52 38.55 66.02
CA PRO H 36 17.63 37.61 66.75
C PRO H 36 18.29 36.37 67.29
N ASP H 37 19.23 35.81 66.51
CA ASP H 37 19.93 34.57 66.85
C ASP H 37 21.39 34.78 67.25
N GLU H 38 21.87 36.02 67.28
CA GLU H 38 23.26 36.26 67.64
C GLU H 38 23.35 37.59 68.37
N VAL H 39 23.86 37.55 69.58
CA VAL H 39 24.05 38.73 70.41
C VAL H 39 25.52 38.85 70.74
N VAL H 40 26.07 40.03 70.50
CA VAL H 40 27.44 40.36 70.87
C VAL H 40 27.40 41.45 71.92
N VAL H 41 28.27 41.31 72.90
CA VAL H 41 28.27 42.12 74.11
C VAL H 41 29.71 42.49 74.40
N ALA H 42 29.96 43.77 74.67
CA ALA H 42 31.30 44.28 74.88
C ALA H 42 31.48 44.73 76.33
N ASN H 43 32.72 44.64 76.79
CA ASN H 43 33.09 44.96 78.16
C ASN H 43 33.45 46.45 78.23
N ARG H 44 32.60 47.20 78.92
CA ARG H 44 32.79 48.64 79.07
C ARG H 44 34.08 48.98 79.81
N GLN H 45 34.55 48.09 80.69
CA GLN H 45 35.60 48.44 81.64
C GLN H 45 37.00 48.45 81.02
N GLN H 46 37.19 47.86 79.85
CA GLN H 46 38.53 47.81 79.28
C GLN H 46 38.90 49.16 78.69
N PRO H 47 40.21 49.49 78.65
CA PRO H 47 40.67 50.68 77.92
C PRO H 47 40.58 50.46 76.42
N PHE H 48 40.90 51.48 75.61
CA PHE H 48 40.58 51.39 74.19
C PHE H 48 41.41 50.33 73.48
N GLY H 49 42.63 50.07 73.95
CA GLY H 49 43.42 49.03 73.33
C GLY H 49 42.81 47.65 73.54
N VAL H 50 42.39 47.36 74.76
CA VAL H 50 41.96 46.01 75.12
C VAL H 50 40.54 45.78 74.65
N LYS H 51 40.32 44.66 73.97
CA LYS H 51 39.00 44.28 73.49
C LYS H 51 38.54 43.04 74.23
N ASN H 52 37.36 43.13 74.86
CA ASN H 52 36.79 42.08 75.69
C ASN H 52 35.33 41.93 75.30
N THR H 53 34.98 40.81 74.67
CA THR H 53 33.62 40.60 74.18
C THR H 53 33.12 39.20 74.52
N ALA H 54 31.80 39.05 74.45
CA ALA H 54 31.13 37.79 74.63
C ALA H 54 30.05 37.68 73.57
N ARG H 55 29.85 36.48 73.05
CA ARG H 55 28.93 36.25 71.95
C ARG H 55 28.02 35.08 72.32
N TYR H 56 26.73 35.26 72.11
CA TYR H 56 25.73 34.28 72.50
C TYR H 56 24.87 34.01 71.28
N GLY H 57 24.82 32.76 70.82
CA GLY H 57 24.12 32.46 69.59
C GLY H 57 23.44 31.12 69.63
N ILE H 58 22.31 31.02 68.93
CA ILE H 58 21.66 29.73 68.75
C ILE H 58 21.43 29.48 67.27
N ARG H 59 21.42 28.20 66.92
CA ARG H 59 21.13 27.69 65.60
C ARG H 59 20.13 26.57 65.74
N GLN H 60 19.20 26.46 64.81
CA GLN H 60 18.22 25.37 64.88
C GLN H 60 18.81 24.14 64.21
N ILE H 61 18.66 22.99 64.87
CA ILE H 61 19.21 21.73 64.40
C ILE H 61 18.09 20.97 63.71
N ALA H 62 18.34 20.60 62.44
CA ALA H 62 17.31 20.00 61.62
C ALA H 62 16.97 18.60 62.09
N ASP H 63 17.99 17.74 62.19
CA ASP H 63 17.84 16.36 62.64
C ASP H 63 18.95 16.10 63.64
N VAL H 64 18.59 16.00 64.92
CA VAL H 64 19.61 15.79 65.94
C VAL H 64 20.19 14.37 65.85
N TYR H 65 19.54 13.48 65.10
CA TYR H 65 19.97 12.10 64.94
C TYR H 65 20.87 11.89 63.73
N ARG H 66 21.21 12.95 62.99
CA ARG H 66 21.75 12.76 61.64
C ARG H 66 23.23 12.38 61.65
N ASN H 67 24.06 13.11 62.38
CA ASN H 67 25.46 12.72 62.37
C ASN H 67 25.76 11.58 63.33
N THR H 68 24.80 11.20 64.19
CA THR H 68 25.05 10.31 65.31
C THR H 68 24.99 8.84 64.88
N THR H 69 25.51 7.98 65.76
CA THR H 69 25.28 6.54 65.63
C THR H 69 23.93 6.14 66.22
N ILE H 70 23.35 7.00 67.04
CA ILE H 70 21.98 6.82 67.46
C ILE H 70 21.06 7.13 66.29
N ASP H 71 19.93 6.43 66.24
CA ASP H 71 18.86 6.81 65.34
C ASP H 71 17.53 6.71 66.06
N ARG H 72 16.51 7.30 65.46
CA ARG H 72 15.29 7.67 66.16
C ARG H 72 14.37 6.46 66.29
N ALA H 73 13.98 6.13 67.53
CA ALA H 73 13.00 5.10 67.76
C ALA H 73 11.60 5.63 67.42
N TYR H 74 10.64 4.72 67.29
CA TYR H 74 9.41 5.10 66.60
C TYR H 74 8.56 6.08 67.40
N GLN H 75 8.76 6.13 68.70
CA GLN H 75 7.94 6.92 69.60
C GLN H 75 8.71 8.12 70.13
N SER H 76 9.61 8.66 69.31
CA SER H 76 10.28 9.88 69.71
C SER H 76 9.43 11.09 69.37
N PRO H 77 9.41 12.11 70.23
CA PRO H 77 8.58 13.30 69.97
C PRO H 77 9.00 14.08 68.74
N SER H 78 10.31 14.34 68.58
CA SER H 78 10.79 15.14 67.47
C SER H 78 12.22 14.76 67.16
N LYS H 79 12.63 15.10 65.95
CA LYS H 79 14.03 15.09 65.56
C LYS H 79 14.70 16.45 65.77
N LYS H 80 13.91 17.47 66.12
CA LYS H 80 14.42 18.83 66.13
C LYS H 80 15.43 19.02 67.26
N GLY H 81 16.26 20.06 67.12
CA GLY H 81 17.18 20.38 68.19
C GLY H 81 17.53 21.85 68.18
N THR H 82 18.28 22.27 69.20
CA THR H 82 18.83 23.61 69.26
C THR H 82 20.29 23.55 69.65
N SER H 83 21.11 24.37 69.00
CA SER H 83 22.55 24.41 69.24
C SER H 83 22.89 25.79 69.79
N LEU H 84 23.48 25.82 70.98
CA LEU H 84 23.84 27.04 71.67
C LEU H 84 25.35 27.21 71.65
N VAL H 85 25.79 28.45 71.47
CA VAL H 85 27.19 28.79 71.55
C VAL H 85 27.36 29.99 72.48
N VAL H 86 28.38 29.89 73.33
CA VAL H 86 28.78 30.95 74.23
C VAL H 86 30.27 31.14 74.03
N GLN H 87 30.66 32.32 73.56
CA GLN H 87 32.06 32.63 73.28
C GLN H 87 32.52 33.82 74.10
N VAL H 88 33.74 33.73 74.59
CA VAL H 88 34.39 34.86 75.25
C VAL H 88 35.68 35.16 74.49
N THR H 89 35.96 36.44 74.32
CA THR H 89 37.13 36.96 73.63
C THR H 89 37.81 37.97 74.53
N GLU H 90 39.09 37.76 74.81
CA GLU H 90 39.83 38.65 75.69
C GLU H 90 41.11 39.09 74.99
N THR H 91 41.64 40.22 75.45
CA THR H 91 42.88 40.77 74.94
C THR H 91 43.86 40.92 76.11
N TRP H 92 44.85 40.05 76.15
CA TRP H 92 45.86 40.08 77.20
C TRP H 92 47.03 40.94 76.72
N THR H 93 47.76 41.53 77.65
CA THR H 93 48.82 42.46 77.28
C THR H 93 50.13 42.10 78.00
N VAL H 94 51.20 42.05 77.23
CA VAL H 94 52.55 41.80 77.76
C VAL H 94 53.30 43.12 77.69
N ALA H 95 53.91 43.50 78.82
CA ALA H 95 54.73 44.70 78.91
C ALA H 95 56.02 44.36 79.64
N SER H 96 56.93 45.33 79.71
CA SER H 96 58.21 45.15 80.37
C SER H 96 58.45 46.27 81.37
N THR H 97 58.95 45.90 82.55
CA THR H 97 59.33 46.88 83.57
C THR H 97 60.67 47.53 83.27
N ASP H 98 61.44 47.00 82.33
CA ASP H 98 62.70 47.60 81.91
C ASP H 98 62.48 48.62 80.80
N ASP H 99 61.79 48.23 79.73
CA ASP H 99 61.62 49.02 78.53
C ASP H 99 60.18 49.48 78.42
N GLU H 100 59.98 50.80 78.32
CA GLU H 100 58.65 51.32 78.04
C GLU H 100 58.23 51.04 76.60
N THR H 101 59.18 50.80 75.70
CA THR H 101 58.88 50.54 74.30
C THR H 101 58.32 49.14 74.08
N TYR H 102 58.72 48.19 74.92
CA TYR H 102 58.41 46.79 74.65
C TYR H 102 57.02 46.45 75.15
N GLY H 103 56.20 45.95 74.24
CA GLY H 103 54.88 45.44 74.59
C GLY H 103 54.20 44.85 73.39
N TYR H 104 53.23 43.97 73.68
CA TYR H 104 52.37 43.43 72.63
C TYR H 104 51.07 42.93 73.25
N SER H 105 50.12 42.59 72.38
CA SER H 105 48.81 42.10 72.79
C SER H 105 48.61 40.68 72.27
N LEU H 106 48.12 39.82 73.14
CA LEU H 106 47.79 38.44 72.82
C LEU H 106 46.29 38.28 72.77
N PRO H 107 45.75 37.70 71.71
CA PRO H 107 44.31 37.46 71.67
C PRO H 107 43.94 36.09 72.23
N PHE H 108 43.04 36.05 73.20
CA PHE H 108 42.53 34.79 73.72
C PHE H 108 41.07 34.63 73.31
N SER H 109 40.68 33.40 72.94
CA SER H 109 39.26 33.18 72.75
C SER H 109 38.92 31.77 73.16
N ALA H 110 37.66 31.57 73.51
CA ALA H 110 37.20 30.23 73.82
C ALA H 110 35.69 30.21 73.75
N HIS H 111 35.13 29.05 73.45
CA HIS H 111 33.68 28.98 73.40
C HIS H 111 33.21 27.58 73.78
N VAL H 112 31.93 27.52 74.10
CA VAL H 112 31.23 26.29 74.45
C VAL H 112 30.06 26.17 73.50
N ILE H 113 29.79 24.94 73.06
CA ILE H 113 28.67 24.64 72.19
C ILE H 113 27.91 23.47 72.80
N VAL H 114 26.58 23.58 72.82
CA VAL H 114 25.69 22.64 73.46
C VAL H 114 24.60 22.27 72.48
N ASN H 115 24.34 20.98 72.29
CA ASN H 115 23.41 20.52 71.26
C ASN H 115 22.26 19.75 71.92
N VAL H 116 21.18 20.47 72.23
CA VAL H 116 20.10 19.96 73.07
C VAL H 116 18.96 19.48 72.18
N PRO H 117 18.53 18.22 72.28
CA PRO H 117 17.33 17.79 71.58
C PRO H 117 16.08 18.45 72.13
N GLN H 118 15.03 18.46 71.29
CA GLN H 118 13.73 19.02 71.68
C GLN H 118 12.88 17.92 72.32
N ASP H 119 13.11 17.72 73.62
CA ASP H 119 12.25 16.85 74.42
C ASP H 119 11.99 17.54 75.74
N ALA H 120 10.71 17.61 76.13
CA ALA H 120 10.36 18.40 77.30
C ALA H 120 10.95 17.85 78.59
N LEU H 121 11.30 16.55 78.63
CA LEU H 121 11.88 15.95 79.83
C LEU H 121 13.32 16.38 80.07
N ILE H 122 14.01 16.94 79.08
CA ILE H 122 15.29 17.57 79.33
C ILE H 122 15.04 18.86 80.11
N THR H 123 15.63 18.96 81.29
CA THR H 123 15.41 20.11 82.15
C THR H 123 16.67 20.98 82.22
N GLU H 124 16.47 22.21 82.70
CA GLU H 124 17.59 23.14 82.78
C GLU H 124 18.67 22.57 83.70
N GLU H 125 18.26 21.89 84.76
CA GLU H 125 19.26 21.30 85.66
C GLU H 125 19.97 20.13 84.98
N ILE H 126 19.25 19.30 84.22
CA ILE H 126 19.91 18.21 83.49
C ILE H 126 21.01 18.78 82.62
N LEU H 127 20.72 19.89 81.95
CA LEU H 127 21.70 20.49 81.05
C LEU H 127 22.90 21.06 81.81
N TYR H 128 22.66 21.76 82.91
CA TYR H 128 23.80 22.25 83.69
C TYR H 128 24.68 21.11 84.20
N ASP H 129 24.06 20.03 84.68
CA ASP H 129 24.87 18.91 85.17
C ASP H 129 25.62 18.25 84.02
N ALA H 130 25.04 18.26 82.82
CA ALA H 130 25.78 17.82 81.65
C ALA H 130 27.01 18.69 81.43
N LEU H 131 26.84 20.01 81.53
CA LEU H 131 27.98 20.92 81.38
C LEU H 131 29.05 20.63 82.44
N LYS H 132 28.63 20.27 83.65
CA LYS H 132 29.58 19.96 84.71
C LYS H 132 30.38 18.69 84.37
N ARG H 133 29.68 17.67 83.86
CA ARG H 133 30.37 16.47 83.39
C ARG H 133 31.35 16.81 82.28
N LEU H 134 30.93 17.68 81.36
CA LEU H 134 31.78 18.11 80.24
C LEU H 134 33.08 18.71 80.74
N MET H 135 32.97 19.81 81.51
CA MET H 135 34.16 20.45 82.05
C MET H 135 35.00 19.51 82.90
N GLY H 136 34.39 18.46 83.48
CA GLY H 136 35.19 17.51 84.23
C GLY H 136 36.30 16.86 83.42
N HIS H 137 36.13 16.77 82.10
CA HIS H 137 37.14 16.14 81.25
C HIS H 137 38.42 16.94 81.12
N PHE H 138 38.48 18.14 81.69
CA PHE H 138 39.73 18.87 81.83
C PHE H 138 40.55 18.41 83.02
N TYR H 139 40.15 17.29 83.63
CA TYR H 139 40.79 16.77 84.83
C TYR H 139 40.81 15.25 84.74
N GLU H 140 41.57 14.64 85.66
CA GLU H 140 41.57 13.20 85.86
C GLU H 140 41.30 12.93 87.34
N GLY H 141 40.52 11.90 87.63
CA GLY H 141 40.16 11.61 89.01
C GLY H 141 40.72 10.30 89.53
N ASN H 142 40.78 10.14 90.85
CA ASN H 142 41.26 8.93 91.49
C ASN H 142 40.25 8.45 92.53
N ASP H 143 39.67 7.27 92.32
CA ASP H 143 38.84 6.70 93.39
C ASP H 143 39.67 6.22 94.56
N THR H 144 40.97 5.99 94.32
CA THR H 144 41.76 5.24 95.27
C THR H 144 41.93 5.95 96.60
N THR H 145 42.38 7.20 96.56
CA THR H 145 42.67 7.94 97.79
C THR H 145 41.41 8.12 98.63
N SER H 146 41.62 8.23 99.91
CA SER H 146 40.49 8.39 100.82
C SER H 146 39.82 9.75 100.65
N PRO H 147 40.53 10.87 100.60
CA PRO H 147 39.91 12.02 99.94
C PRO H 147 40.23 11.89 98.47
N THR H 148 39.19 11.89 97.63
CA THR H 148 39.42 11.71 96.21
C THR H 148 40.28 12.85 95.68
N THR H 149 41.21 12.51 94.81
CA THR H 149 42.15 13.49 94.27
C THR H 149 41.94 13.63 92.77
N THR H 150 42.13 14.86 92.29
CA THR H 150 42.02 15.18 90.88
C THR H 150 43.26 15.93 90.43
N SER H 151 43.81 15.51 89.30
CA SER H 151 44.92 16.20 88.64
C SER H 151 44.42 16.86 87.36
N VAL H 152 45.24 17.73 86.79
CA VAL H 152 44.82 18.59 85.69
C VAL H 152 45.33 18.05 84.36
N ARG H 153 44.58 18.38 83.32
CA ARG H 153 44.88 17.92 81.97
C ARG H 153 45.21 19.03 80.98
N LEU H 154 44.72 20.25 81.21
CA LEU H 154 44.73 21.26 80.15
C LEU H 154 46.10 21.44 79.54
N LYS H 155 47.14 21.52 80.37
CA LYS H 155 48.49 21.64 79.85
C LYS H 155 48.84 20.44 78.98
N ASP H 156 48.74 19.24 79.55
CA ASP H 156 49.15 18.04 78.83
C ASP H 156 48.40 17.92 77.50
N MET H 157 47.12 18.30 77.47
CA MET H 157 46.36 18.23 76.22
C MET H 157 46.86 19.25 75.21
N LEU H 158 46.96 20.52 75.62
CA LEU H 158 47.47 21.54 74.72
C LEU H 158 48.87 21.20 74.21
N GLN H 159 49.63 20.42 74.98
CA GLN H 159 50.96 19.98 74.57
C GLN H 159 50.94 18.76 73.66
N GLY H 160 49.78 18.15 73.45
CA GLY H 160 49.66 17.02 72.54
C GLY H 160 49.47 15.67 73.19
N ALA H 161 49.46 15.61 74.53
CA ALA H 161 49.20 14.37 75.25
C ALA H 161 47.69 14.25 75.43
N LEU H 162 47.03 13.81 74.37
CA LEU H 162 45.58 13.87 74.36
C LEU H 162 44.94 12.67 75.05
N VAL H 163 45.69 11.59 75.28
CA VAL H 163 45.13 10.47 76.02
C VAL H 163 45.27 10.78 77.50
N PRO H 164 44.26 10.50 78.31
CA PRO H 164 44.42 10.64 79.76
C PRO H 164 45.58 9.79 80.26
N GLN H 165 46.34 10.35 81.19
CA GLN H 165 47.50 9.66 81.75
C GLN H 165 47.08 8.47 82.61
N SER H 166 45.80 8.42 83.03
CA SER H 166 45.26 7.27 83.74
C SER H 166 45.14 6.04 82.84
N LEU H 167 44.95 6.25 81.55
CA LEU H 167 44.79 5.14 80.61
C LEU H 167 46.15 4.61 80.14
N SER I 1 56.22 54.25 84.41
CA SER I 1 54.83 54.14 83.94
C SER I 1 54.56 55.25 82.93
N LYS I 2 53.51 55.05 82.14
CA LYS I 2 53.16 55.94 81.03
C LYS I 2 52.08 56.92 81.47
N ILE I 3 52.22 58.17 81.05
CA ILE I 3 51.28 59.23 81.41
C ILE I 3 50.90 60.02 80.17
N LEU I 4 49.63 60.37 80.07
CA LEU I 4 49.12 61.26 79.04
C LEU I 4 48.82 62.62 79.66
N SER I 5 49.21 63.69 78.95
CA SER I 5 48.84 65.04 79.31
C SER I 5 48.10 65.69 78.14
N THR I 6 47.03 66.41 78.46
CA THR I 6 46.33 67.20 77.46
C THR I 6 46.96 68.56 77.25
N ASN I 7 47.99 68.90 78.02
CA ASN I 7 48.71 70.17 77.89
C ASN I 7 47.82 71.39 78.11
N ASN I 8 46.64 71.19 78.70
CA ASN I 8 45.78 72.31 79.07
C ASN I 8 46.07 72.83 80.46
N SER I 9 47.17 72.38 81.07
CA SER I 9 47.46 72.76 82.46
C SER I 9 47.63 74.27 82.61
N ASN I 10 48.31 74.91 81.66
CA ASN I 10 48.64 76.32 81.76
C ASN I 10 47.69 77.24 81.01
N SER I 11 46.71 76.70 80.30
CA SER I 11 45.75 77.53 79.58
C SER I 11 44.69 78.07 80.55
N ASN I 12 44.16 79.24 80.23
CA ASN I 12 43.30 79.99 81.15
C ASN I 12 41.84 79.85 80.74
N PHE I 13 41.02 79.37 81.68
CA PHE I 13 39.59 79.23 81.43
C PHE I 13 38.79 79.90 82.53
N VAL I 14 37.50 80.05 82.23
CA VAL I 14 36.48 80.48 83.18
C VAL I 14 35.36 79.45 83.11
N ASP I 15 34.97 78.92 84.26
CA ASP I 15 33.90 77.94 84.27
C ASP I 15 32.56 78.65 84.04
N THR I 16 31.62 77.93 83.40
CA THR I 16 30.24 78.40 83.33
C THR I 16 29.31 77.21 83.26
N SER I 17 28.07 77.42 83.73
CA SER I 17 27.12 76.33 83.89
C SER I 17 26.39 76.06 82.58
N PHE I 18 26.22 74.78 82.27
CA PHE I 18 25.60 74.36 81.01
C PHE I 18 24.86 73.06 81.34
N THR I 19 23.61 73.19 81.76
CA THR I 19 22.88 72.06 82.32
C THR I 19 22.20 71.28 81.19
N LEU I 20 22.60 70.03 81.03
CA LEU I 20 22.11 69.21 79.93
C LEU I 20 20.77 68.60 80.27
N LYS I 21 19.86 68.61 79.28
CA LYS I 21 18.60 67.88 79.36
C LYS I 21 18.83 66.54 78.67
N VAL I 22 19.02 65.49 79.49
CA VAL I 22 19.32 64.13 79.04
C VAL I 22 18.03 63.36 78.78
N PRO I 23 17.93 62.66 77.66
CA PRO I 23 16.69 61.94 77.33
C PRO I 23 16.46 60.73 78.22
N VAL I 24 15.17 60.44 78.46
CA VAL I 24 14.74 59.18 79.05
C VAL I 24 14.27 58.33 77.87
N TYR I 25 15.20 57.55 77.32
CA TYR I 25 14.91 56.87 76.06
C TYR I 25 13.75 55.91 76.21
N SER I 26 13.72 55.18 77.33
CA SER I 26 12.64 54.25 77.59
C SER I 26 11.26 54.89 77.45
N LYS I 27 11.07 56.14 77.91
CA LYS I 27 9.74 56.73 77.75
C LYS I 27 9.56 57.38 76.38
N ASP I 28 10.57 58.07 75.85
CA ASP I 28 10.28 58.93 74.70
C ASP I 28 10.67 58.36 73.35
N TYR I 29 11.62 57.45 73.27
CA TYR I 29 12.19 57.11 71.97
C TYR I 29 11.93 55.67 71.59
N ARG I 30 12.05 55.42 70.29
CA ARG I 30 12.09 54.09 69.69
C ARG I 30 13.22 54.05 68.68
N VAL I 31 13.59 52.84 68.25
CA VAL I 31 14.68 52.68 67.32
C VAL I 31 14.14 52.61 65.90
N THR I 32 14.59 53.53 65.05
CA THR I 32 14.27 53.57 63.63
C THR I 32 15.20 52.71 62.80
N GLN I 33 16.51 52.76 63.07
CA GLN I 33 17.46 51.99 62.29
C GLN I 33 18.48 51.38 63.24
N ASP I 34 18.70 50.06 63.12
CA ASP I 34 19.65 49.33 63.94
C ASP I 34 20.68 48.73 63.00
N GLU I 35 21.69 49.52 62.65
CA GLU I 35 22.83 49.09 61.87
C GLU I 35 24.06 48.98 62.75
N PRO I 36 25.07 48.22 62.33
CA PRO I 36 26.26 48.08 63.18
C PRO I 36 27.03 49.38 63.34
N ASP I 37 26.95 50.29 62.37
CA ASP I 37 27.72 51.52 62.41
C ASP I 37 26.87 52.75 62.64
N GLU I 38 25.56 52.64 62.51
CA GLU I 38 24.68 53.81 62.47
C GLU I 38 23.35 53.40 63.08
N VAL I 39 22.99 54.02 64.20
CA VAL I 39 21.69 53.80 64.82
C VAL I 39 20.88 55.08 64.71
N VAL I 40 19.61 54.92 64.39
CA VAL I 40 18.68 56.05 64.30
C VAL I 40 17.53 55.81 65.26
N VAL I 41 17.17 56.86 65.97
CA VAL I 41 16.22 56.84 67.06
C VAL I 41 15.22 57.97 66.80
N ALA I 42 13.97 57.75 67.21
CA ALA I 42 12.91 58.69 66.92
C ALA I 42 12.00 58.86 68.14
N ASN I 43 11.43 60.04 68.27
CA ASN I 43 10.53 60.36 69.38
C ASN I 43 9.12 59.95 68.98
N ARG I 44 8.63 58.88 69.61
CA ARG I 44 7.29 58.39 69.36
C ARG I 44 6.20 59.20 70.07
N GLN I 45 6.57 60.07 71.01
CA GLN I 45 5.59 60.88 71.72
C GLN I 45 5.19 62.14 70.96
N GLN I 46 6.03 62.62 70.04
CA GLN I 46 5.70 63.80 69.25
C GLN I 46 4.43 63.54 68.44
N PRO I 47 3.61 64.57 68.20
CA PRO I 47 2.54 64.43 67.21
C PRO I 47 3.10 64.14 65.82
N PHE I 48 2.20 63.79 64.89
CA PHE I 48 2.65 63.25 63.62
C PHE I 48 3.44 64.28 62.81
N GLY I 49 3.01 65.54 62.83
CA GLY I 49 3.72 66.56 62.07
C GLY I 49 5.15 66.75 62.53
N VAL I 50 5.40 66.66 63.83
CA VAL I 50 6.69 67.01 64.40
C VAL I 50 7.55 65.75 64.50
N LYS I 51 8.60 65.70 63.70
CA LYS I 51 9.53 64.59 63.71
C LYS I 51 10.74 65.01 64.55
N ASN I 52 10.94 64.33 65.68
CA ASN I 52 12.09 64.55 66.55
C ASN I 52 12.96 63.27 66.51
N THR I 53 14.16 63.37 65.93
CA THR I 53 15.02 62.21 65.72
C THR I 53 16.46 62.47 66.16
N ALA I 54 17.21 61.38 66.27
CA ALA I 54 18.61 61.43 66.67
C ALA I 54 19.34 60.28 66.01
N ARG I 55 20.64 60.49 65.76
CA ARG I 55 21.44 59.56 64.97
C ARG I 55 22.80 59.41 65.63
N TYR I 56 23.24 58.17 65.80
CA TYR I 56 24.47 57.87 66.52
C TYR I 56 25.30 56.98 65.62
N GLY I 57 26.47 57.45 65.21
CA GLY I 57 27.24 56.73 64.20
C GLY I 57 28.71 56.72 64.51
N ILE I 58 29.39 55.68 64.03
CA ILE I 58 30.84 55.55 64.17
C ILE I 58 31.42 55.13 62.83
N ARG I 59 32.40 55.89 62.37
CA ARG I 59 33.28 55.53 61.26
C ARG I 59 34.64 55.22 61.87
N GLN I 60 35.43 54.37 61.21
CA GLN I 60 36.75 54.07 61.74
C GLN I 60 37.80 54.82 60.94
N ILE I 61 38.71 55.49 61.66
CA ILE I 61 39.70 56.38 61.08
C ILE I 61 40.96 55.60 60.79
N ALA I 62 41.40 55.64 59.53
CA ALA I 62 42.54 54.84 59.10
C ALA I 62 43.85 55.42 59.63
N ASP I 63 44.10 56.70 59.38
CA ASP I 63 45.28 57.39 59.88
C ASP I 63 44.79 58.63 60.61
N VAL I 64 44.88 58.61 61.95
CA VAL I 64 44.42 59.75 62.73
C VAL I 64 45.33 60.94 62.53
N TYR I 65 46.52 60.74 61.96
CA TYR I 65 47.50 61.79 61.71
C TYR I 65 47.40 62.38 60.30
N ARG I 66 46.37 62.01 59.54
CA ARG I 66 46.38 62.29 58.11
C ARG I 66 46.38 63.80 57.83
N ASN I 67 45.53 64.54 58.52
CA ASN I 67 45.41 65.98 58.28
C ASN I 67 46.00 66.79 59.42
N THR I 68 47.05 66.27 60.06
CA THR I 68 47.71 66.93 61.17
C THR I 68 49.14 67.30 60.80
N THR I 69 49.74 68.16 61.62
CA THR I 69 51.08 68.67 61.41
C THR I 69 52.13 67.89 62.20
N ILE I 70 51.77 66.71 62.68
CA ILE I 70 52.65 65.94 63.56
C ILE I 70 53.56 65.10 62.69
N ASP I 71 54.87 65.34 62.77
CA ASP I 71 55.82 64.57 61.99
C ASP I 71 55.82 63.11 62.46
N ARG I 72 56.19 62.21 61.54
CA ARG I 72 56.11 60.77 61.82
C ARG I 72 56.94 60.39 63.04
N ALA I 73 58.12 61.01 63.20
CA ALA I 73 58.98 60.70 64.33
C ALA I 73 58.31 60.96 65.68
N TYR I 74 57.17 61.64 65.69
CA TYR I 74 56.47 61.97 66.92
C TYR I 74 55.10 61.30 67.02
N GLN I 75 54.78 60.41 66.09
CA GLN I 75 53.49 59.73 66.06
C GLN I 75 53.55 58.45 66.91
N SER I 76 52.37 57.97 67.34
CA SER I 76 52.33 56.72 68.06
C SER I 76 52.61 55.59 67.08
N PRO I 77 52.83 54.38 67.57
CA PRO I 77 52.95 53.25 66.64
C PRO I 77 51.65 52.95 65.93
N SER I 78 50.50 53.23 66.58
CA SER I 78 49.17 52.87 66.06
C SER I 78 48.50 54.12 65.52
N LYS I 79 48.10 54.06 64.25
CA LYS I 79 47.43 55.18 63.62
C LYS I 79 45.91 55.03 63.67
N LYS I 80 45.41 53.94 64.25
CA LYS I 80 43.98 53.68 64.27
C LYS I 80 43.23 54.76 65.06
N GLY I 81 42.00 55.03 64.65
CA GLY I 81 41.12 55.87 65.43
C GLY I 81 39.67 55.50 65.17
N THR I 82 38.78 56.13 65.93
CA THR I 82 37.36 56.05 65.66
C THR I 82 36.79 57.47 65.63
N SER I 83 35.68 57.61 64.91
CA SER I 83 35.03 58.90 64.69
C SER I 83 33.56 58.74 65.02
N LEU I 84 33.11 59.48 66.00
CA LEU I 84 31.75 59.41 66.50
C LEU I 84 30.96 60.61 66.01
N VAL I 85 29.71 60.37 65.67
CA VAL I 85 28.78 61.43 65.33
C VAL I 85 27.51 61.26 66.14
N VAL I 86 27.02 62.38 66.67
CA VAL I 86 25.78 62.44 67.41
C VAL I 86 24.99 63.58 66.78
N GLN I 87 23.91 63.25 66.08
CA GLN I 87 23.08 64.23 65.42
C GLN I 87 21.69 64.26 66.04
N VAL I 88 21.14 65.46 66.19
CA VAL I 88 19.77 65.64 66.63
C VAL I 88 19.05 66.46 65.58
N THR I 89 17.78 66.09 65.33
CA THR I 89 16.90 66.74 64.37
C THR I 89 15.59 67.03 65.07
N GLU I 90 15.21 68.30 65.11
CA GLU I 90 13.96 68.72 65.72
C GLU I 90 13.12 69.47 64.70
N THR I 91 11.82 69.56 64.99
CA THR I 91 10.91 70.33 64.15
C THR I 91 10.09 71.24 65.06
N TRP I 92 10.29 72.54 64.90
CA TRP I 92 9.61 73.54 65.71
C TRP I 92 8.41 74.05 64.91
N THR I 93 7.36 74.47 65.60
CA THR I 93 6.19 74.99 64.91
C THR I 93 5.91 76.43 65.33
N VAL I 94 5.57 77.25 64.34
CA VAL I 94 5.18 78.63 64.55
C VAL I 94 3.69 78.73 64.25
N ALA I 95 2.95 79.32 65.18
CA ALA I 95 1.51 79.52 65.00
C ALA I 95 1.14 80.86 65.60
N SER I 96 -0.16 81.16 65.60
CA SER I 96 -0.65 82.46 66.04
C SER I 96 -1.75 82.29 67.08
N THR I 97 -1.81 83.27 67.99
CA THR I 97 -2.89 83.33 68.97
C THR I 97 -4.20 83.74 68.32
N ASP I 98 -4.14 84.74 67.44
CA ASP I 98 -5.35 85.31 66.87
C ASP I 98 -5.88 84.47 65.72
N ASP I 99 -5.01 83.70 65.07
CA ASP I 99 -5.34 83.04 63.81
C ASP I 99 -4.98 81.56 63.93
N GLU I 100 -6.00 80.71 63.89
CA GLU I 100 -5.78 79.26 63.92
C GLU I 100 -5.22 78.74 62.62
N THR I 101 -5.40 79.45 61.50
CA THR I 101 -4.94 78.97 60.21
C THR I 101 -3.51 79.38 59.88
N TYR I 102 -2.87 80.18 60.72
CA TYR I 102 -1.53 80.68 60.43
C TYR I 102 -0.50 79.83 61.16
N GLY I 103 0.42 79.24 60.38
CA GLY I 103 1.54 78.53 60.96
C GLY I 103 2.45 77.95 59.91
N TYR I 104 3.61 77.49 60.38
CA TYR I 104 4.55 76.73 59.58
C TYR I 104 5.47 75.92 60.50
N SER I 105 6.32 75.10 59.90
CA SER I 105 7.26 74.25 60.63
C SER I 105 8.69 74.60 60.21
N LEU I 106 9.55 74.82 61.20
CA LEU I 106 10.95 75.13 61.01
C LEU I 106 11.79 73.91 61.35
N PRO I 107 12.72 73.53 60.49
CA PRO I 107 13.60 72.39 60.80
C PRO I 107 14.88 72.83 61.50
N PHE I 108 15.17 72.23 62.65
CA PHE I 108 16.44 72.42 63.32
C PHE I 108 17.24 71.13 63.23
N SER I 109 18.53 71.25 62.97
CA SER I 109 19.43 70.12 63.03
C SER I 109 20.76 70.57 63.59
N ALA I 110 21.43 69.65 64.27
CA ALA I 110 22.77 69.95 64.74
C ALA I 110 23.46 68.63 65.03
N HIS I 111 24.79 68.64 64.95
CA HIS I 111 25.50 67.41 65.27
C HIS I 111 26.87 67.72 65.83
N VAL I 112 27.42 66.70 66.49
CA VAL I 112 28.76 66.73 67.04
C VAL I 112 29.53 65.57 66.42
N ILE I 113 30.79 65.81 66.12
CA ILE I 113 31.69 64.79 65.64
C ILE I 113 32.92 64.82 66.52
N VAL I 114 33.38 63.64 66.92
CA VAL I 114 34.53 63.49 67.82
C VAL I 114 35.48 62.47 67.21
N ASN I 115 36.76 62.82 67.13
CA ASN I 115 37.74 61.99 66.43
C ASN I 115 38.79 61.52 67.44
N VAL I 116 38.57 60.34 68.01
CA VAL I 116 39.37 59.86 69.15
C VAL I 116 40.39 58.85 68.62
N PRO I 117 41.68 59.05 68.86
CA PRO I 117 42.66 57.99 68.59
C PRO I 117 42.47 56.84 69.56
N GLN I 118 42.73 55.61 69.08
CA GLN I 118 42.63 54.45 69.95
C GLN I 118 43.93 54.29 70.71
N ASP I 119 44.01 54.96 71.86
CA ASP I 119 45.12 54.83 72.78
C ASP I 119 44.54 54.49 74.13
N ALA I 120 45.07 53.45 74.78
CA ALA I 120 44.48 53.00 76.03
C ALA I 120 44.47 54.10 77.07
N LEU I 121 45.39 55.08 76.97
CA LEU I 121 45.52 56.15 77.95
C LEU I 121 44.44 57.23 77.81
N ILE I 122 43.79 57.33 76.65
CA ILE I 122 42.64 58.22 76.55
C ILE I 122 41.48 57.60 77.30
N THR I 123 40.97 58.33 78.31
CA THR I 123 39.91 57.82 79.17
C THR I 123 38.59 58.51 78.83
N GLU I 124 37.50 57.90 79.31
CA GLU I 124 36.19 58.48 79.04
C GLU I 124 36.08 59.85 79.68
N GLU I 125 36.69 60.03 80.85
CA GLU I 125 36.68 61.33 81.49
C GLU I 125 37.48 62.36 80.69
N ILE I 126 38.66 61.97 80.17
CA ILE I 126 39.42 62.87 79.32
C ILE I 126 38.56 63.34 78.17
N LEU I 127 37.83 62.41 77.53
CA LEU I 127 37.03 62.76 76.38
C LEU I 127 35.88 63.70 76.75
N TYR I 128 35.19 63.42 77.86
CA TYR I 128 34.13 64.35 78.27
C TYR I 128 34.67 65.72 78.59
N ASP I 129 35.84 65.81 79.24
CA ASP I 129 36.42 67.11 79.51
C ASP I 129 36.77 67.84 78.21
N ALA I 130 37.23 67.08 77.21
CA ALA I 130 37.47 67.69 75.90
C ALA I 130 36.17 68.24 75.32
N LEU I 131 35.07 67.49 75.44
CA LEU I 131 33.79 67.99 74.95
C LEU I 131 33.37 69.26 75.69
N LYS I 132 33.65 69.32 77.00
CA LYS I 132 33.30 70.51 77.76
C LYS I 132 34.10 71.71 77.28
N ARG I 133 35.38 71.51 76.95
CA ARG I 133 36.20 72.59 76.40
C ARG I 133 35.69 73.03 75.03
N LEU I 134 35.33 72.05 74.19
CA LEU I 134 34.72 72.33 72.89
C LEU I 134 33.52 73.25 73.03
N MET I 135 32.53 72.83 73.82
CA MET I 135 31.33 73.64 73.98
C MET I 135 31.64 74.98 74.65
N GLY I 136 32.74 75.08 75.40
CA GLY I 136 33.08 76.38 75.95
C GLY I 136 33.39 77.43 74.90
N HIS I 137 33.71 77.02 73.67
CA HIS I 137 34.00 77.99 72.61
C HIS I 137 32.76 78.69 72.10
N PHE I 138 31.56 78.25 72.50
CA PHE I 138 30.34 79.00 72.26
C PHE I 138 30.17 80.17 73.21
N TYR I 139 31.18 80.42 74.04
CA TYR I 139 31.15 81.50 75.00
C TYR I 139 32.45 82.28 74.90
N GLU I 140 32.51 83.41 75.58
CA GLU I 140 33.75 84.17 75.75
C GLU I 140 33.95 84.43 77.23
N GLY I 141 35.19 84.29 77.68
CA GLY I 141 35.53 84.34 79.09
C GLY I 141 36.24 85.62 79.47
N ASN I 142 35.90 86.11 80.67
CA ASN I 142 36.50 87.30 81.29
C ASN I 142 36.87 86.95 82.72
N ASP I 143 38.17 86.85 83.01
CA ASP I 143 38.64 86.59 84.37
C ASP I 143 39.18 87.83 85.05
N THR I 144 39.19 88.98 84.36
CA THR I 144 39.69 90.18 84.99
C THR I 144 38.73 90.69 86.08
N THR I 145 37.42 90.58 85.84
CA THR I 145 36.45 91.05 86.82
C THR I 145 36.48 90.22 88.10
N SER I 146 35.97 90.84 89.16
CA SER I 146 36.00 90.20 90.47
C SER I 146 35.29 88.84 90.46
N PRO I 147 34.03 88.70 90.02
CA PRO I 147 33.56 87.36 89.69
C PRO I 147 33.89 87.04 88.24
N THR I 148 34.49 85.88 87.96
CA THR I 148 34.71 85.49 86.58
C THR I 148 33.38 85.41 85.85
N THR I 149 33.28 86.05 84.70
CA THR I 149 32.04 86.13 83.94
C THR I 149 32.25 85.67 82.50
N THR I 150 31.16 85.24 81.89
CA THR I 150 31.14 84.76 80.52
C THR I 150 29.97 85.37 79.77
N SER I 151 30.20 85.72 78.51
CA SER I 151 29.13 86.19 77.63
C SER I 151 28.94 85.20 76.48
N VAL I 152 27.70 85.09 76.02
CA VAL I 152 27.35 84.12 74.99
C VAL I 152 27.81 84.63 73.62
N ARG I 153 28.11 83.69 72.72
CA ARG I 153 28.69 84.06 71.43
C ARG I 153 27.98 83.42 70.23
N LEU I 154 26.97 82.57 70.47
CA LEU I 154 26.38 81.80 69.38
C LEU I 154 25.74 82.70 68.33
N LYS I 155 24.91 83.64 68.77
CA LYS I 155 24.23 84.51 67.82
C LYS I 155 25.22 85.42 67.11
N ASP I 156 26.23 85.91 67.84
CA ASP I 156 27.25 86.75 67.23
C ASP I 156 27.94 86.00 66.10
N MET I 157 28.31 84.74 66.33
CA MET I 157 28.95 83.97 65.27
C MET I 157 28.01 83.75 64.10
N LEU I 158 26.76 83.35 64.39
CA LEU I 158 25.79 83.18 63.32
C LEU I 158 25.68 84.42 62.46
N GLN I 159 25.78 85.60 63.08
CA GLN I 159 25.62 86.86 62.38
C GLN I 159 26.93 87.41 61.82
N GLY I 160 27.98 86.59 61.74
CA GLY I 160 29.19 86.98 61.05
C GLY I 160 30.28 87.59 61.92
N ALA I 161 30.05 87.68 63.23
CA ALA I 161 31.09 88.17 64.14
C ALA I 161 31.82 86.95 64.69
N LEU I 162 32.76 86.45 63.91
CA LEU I 162 33.39 85.19 64.23
C LEU I 162 34.60 85.35 65.14
N VAL I 163 35.27 86.50 65.10
CA VAL I 163 36.42 86.73 65.95
C VAL I 163 35.92 87.16 67.33
N PRO I 164 36.47 86.58 68.41
CA PRO I 164 36.04 86.98 69.75
C PRO I 164 36.26 88.45 70.03
N GLN I 165 35.45 89.00 70.94
CA GLN I 165 35.66 90.37 71.41
C GLN I 165 37.07 90.58 71.95
N SER I 166 37.58 89.60 72.71
CA SER I 166 38.87 89.75 73.35
C SER I 166 40.01 89.94 72.35
N LEU I 167 39.82 89.44 71.12
CA LEU I 167 40.87 89.46 70.10
C LEU I 167 40.65 90.55 69.04
N SER J 1 -17.41 153.60 -1.07
CA SER J 1 -18.68 152.95 -0.76
C SER J 1 -19.17 152.16 -1.96
N LYS J 2 -19.57 150.92 -1.72
CA LYS J 2 -20.05 150.02 -2.76
C LYS J 2 -21.57 150.06 -2.80
N ILE J 3 -22.13 150.03 -4.01
CA ILE J 3 -23.58 150.10 -4.19
C ILE J 3 -24.01 148.98 -5.13
N LEU J 4 -25.06 148.27 -4.75
CA LEU J 4 -25.69 147.25 -5.57
C LEU J 4 -26.97 147.78 -6.17
N SER J 5 -27.18 147.49 -7.46
CA SER J 5 -28.42 147.81 -8.15
C SER J 5 -28.99 146.53 -8.75
N THR J 6 -30.31 146.41 -8.69
CA THR J 6 -31.01 145.31 -9.34
C THR J 6 -31.38 145.60 -10.78
N ASN J 7 -31.19 146.85 -11.22
CA ASN J 7 -31.41 147.25 -12.62
C ASN J 7 -32.86 147.03 -13.05
N ASN J 8 -33.79 147.02 -12.12
CA ASN J 8 -35.20 146.92 -12.46
C ASN J 8 -35.89 148.28 -12.55
N SER J 9 -35.14 149.36 -12.34
CA SER J 9 -35.72 150.70 -12.36
C SER J 9 -36.33 151.05 -13.71
N ASN J 10 -35.83 150.46 -14.79
CA ASN J 10 -36.32 150.77 -16.12
C ASN J 10 -37.40 149.82 -16.59
N SER J 11 -37.76 148.84 -15.77
CA SER J 11 -38.83 147.93 -16.12
C SER J 11 -40.20 148.52 -15.77
N ASN J 12 -41.22 148.02 -16.46
CA ASN J 12 -42.60 148.49 -16.36
C ASN J 12 -43.44 147.39 -15.72
N PHE J 13 -43.94 147.65 -14.50
CA PHE J 13 -44.75 146.68 -13.76
C PHE J 13 -46.07 147.30 -13.31
N VAL J 14 -47.02 146.45 -12.96
CA VAL J 14 -48.29 146.85 -12.39
C VAL J 14 -48.38 146.19 -11.03
N ASP J 15 -48.63 146.98 -10.00
CA ASP J 15 -48.86 146.39 -8.70
C ASP J 15 -50.19 145.65 -8.73
N THR J 16 -50.25 144.52 -8.04
CA THR J 16 -51.51 143.82 -7.85
C THR J 16 -51.46 143.10 -6.51
N SER J 17 -52.64 142.90 -5.92
CA SER J 17 -52.73 142.38 -4.57
C SER J 17 -52.63 140.86 -4.58
N PHE J 18 -51.85 140.32 -3.65
CA PHE J 18 -51.63 138.88 -3.57
C PHE J 18 -51.48 138.58 -2.08
N THR J 19 -52.60 138.31 -1.44
CA THR J 19 -52.66 138.25 0.01
C THR J 19 -52.31 136.84 0.49
N LEU J 20 -51.22 136.73 1.23
CA LEU J 20 -50.69 135.44 1.64
C LEU J 20 -51.39 134.96 2.90
N LYS J 21 -51.71 133.66 2.91
CA LYS J 21 -52.16 132.98 4.12
C LYS J 21 -50.93 132.31 4.74
N VAL J 22 -50.37 132.95 5.76
CA VAL J 22 -49.16 132.55 6.48
C VAL J 22 -49.52 131.56 7.59
N PRO J 23 -48.76 130.47 7.73
CA PRO J 23 -49.08 129.46 8.76
C PRO J 23 -48.83 129.95 10.18
N VAL J 24 -49.49 129.28 11.11
CA VAL J 24 -49.19 129.42 12.53
C VAL J 24 -48.57 128.12 12.98
N TYR J 25 -47.25 128.06 12.88
CA TYR J 25 -46.56 126.79 12.98
C TYR J 25 -46.78 126.15 14.34
N SER J 26 -46.77 126.97 15.39
CA SER J 26 -46.97 126.46 16.73
C SER J 26 -48.31 125.73 16.86
N LYS J 27 -49.38 126.28 16.29
CA LYS J 27 -50.68 125.63 16.39
C LYS J 27 -50.76 124.38 15.52
N ASP J 28 -50.28 124.46 14.27
CA ASP J 28 -50.63 123.44 13.29
C ASP J 28 -49.57 122.40 12.98
N TYR J 29 -48.29 122.78 13.00
CA TYR J 29 -47.24 121.99 12.40
C TYR J 29 -46.32 121.40 13.46
N ARG J 30 -45.85 120.19 13.21
CA ARG J 30 -44.83 119.50 13.99
C ARG J 30 -43.66 119.19 13.04
N VAL J 31 -42.54 118.76 13.57
CA VAL J 31 -41.36 118.56 12.75
C VAL J 31 -41.17 117.07 12.46
N THR J 32 -41.18 116.71 11.18
CA THR J 32 -40.94 115.34 10.71
C THR J 32 -39.47 115.03 10.51
N GLN J 33 -38.69 116.01 10.02
CA GLN J 33 -37.29 115.80 9.66
C GLN J 33 -36.48 117.04 10.05
N ASP J 34 -35.38 116.86 10.79
CA ASP J 34 -34.49 117.97 11.15
C ASP J 34 -33.07 117.73 10.67
N GLU J 35 -32.89 117.36 9.40
CA GLU J 35 -31.52 117.21 8.97
C GLU J 35 -30.86 118.58 8.74
N PRO J 36 -29.53 118.65 8.84
CA PRO J 36 -28.85 119.95 8.85
C PRO J 36 -29.15 120.82 7.65
N ASP J 37 -29.37 120.23 6.48
CA ASP J 37 -29.69 121.00 5.29
C ASP J 37 -31.14 120.86 4.85
N GLU J 38 -31.96 120.07 5.53
CA GLU J 38 -33.30 119.79 5.02
C GLU J 38 -34.24 119.54 6.19
N VAL J 39 -35.26 120.37 6.33
CA VAL J 39 -36.26 120.22 7.38
C VAL J 39 -37.61 119.93 6.73
N VAL J 40 -38.36 119.05 7.37
CA VAL J 40 -39.70 118.68 6.94
C VAL J 40 -40.64 118.85 8.12
N VAL J 41 -41.81 119.40 7.81
CA VAL J 41 -42.79 119.88 8.77
C VAL J 41 -44.14 119.35 8.35
N ALA J 42 -44.86 118.71 9.27
CA ALA J 42 -46.13 118.08 8.98
C ALA J 42 -47.28 118.81 9.66
N ASN J 43 -48.44 118.77 9.02
CA ASN J 43 -49.63 119.43 9.51
C ASN J 43 -50.38 118.46 10.41
N ARG J 44 -50.32 118.71 11.72
CA ARG J 44 -50.96 117.82 12.68
C ARG J 44 -52.49 117.87 12.60
N GLN J 45 -53.06 118.91 11.97
CA GLN J 45 -54.51 119.09 11.92
C GLN J 45 -55.19 118.12 10.94
N GLN J 46 -54.44 117.37 10.16
CA GLN J 46 -55.13 116.61 9.13
C GLN J 46 -55.47 115.21 9.60
N PRO J 47 -56.53 114.61 9.03
CA PRO J 47 -56.79 113.19 9.27
C PRO J 47 -55.74 112.31 8.60
N PHE J 48 -55.80 110.99 8.80
CA PHE J 48 -54.69 110.16 8.34
C PHE J 48 -54.60 110.13 6.82
N GLY J 49 -55.72 110.07 6.12
CA GLY J 49 -55.67 110.06 4.66
C GLY J 49 -54.95 111.28 4.13
N VAL J 50 -55.27 112.45 4.66
CA VAL J 50 -54.81 113.71 4.09
C VAL J 50 -53.41 114.01 4.59
N LYS J 51 -52.47 114.15 3.66
CA LYS J 51 -51.10 114.52 3.98
C LYS J 51 -50.87 115.98 3.61
N ASN J 52 -50.41 116.77 4.57
CA ASN J 52 -50.15 118.19 4.40
C ASN J 52 -48.77 118.46 5.00
N THR J 53 -47.77 118.68 4.15
CA THR J 53 -46.39 118.86 4.63
C THR J 53 -45.70 120.01 3.91
N ALA J 54 -44.61 120.47 4.53
CA ALA J 54 -43.76 121.51 3.97
C ALA J 54 -42.31 121.08 4.15
N ARG J 55 -41.48 121.48 3.21
CA ARG J 55 -40.08 121.08 3.17
C ARG J 55 -39.24 122.32 2.89
N TYR J 56 -38.22 122.51 3.71
CA TYR J 56 -37.38 123.70 3.65
C TYR J 56 -35.95 123.23 3.58
N GLY J 57 -35.27 123.54 2.48
CA GLY J 57 -33.93 123.01 2.26
C GLY J 57 -33.00 124.03 1.65
N ILE J 58 -31.71 123.86 1.94
CA ILE J 58 -30.67 124.67 1.32
C ILE J 58 -29.58 123.76 0.77
N ARG J 59 -29.05 124.15 -0.38
CA ARG J 59 -27.91 123.52 -1.03
C ARG J 59 -26.89 124.62 -1.31
N GLN J 60 -25.61 124.26 -1.30
CA GLN J 60 -24.57 125.23 -1.61
C GLN J 60 -24.24 125.15 -3.09
N ILE J 61 -24.11 126.32 -3.73
CA ILE J 61 -23.82 126.43 -5.16
C ILE J 61 -22.34 126.65 -5.30
N ALA J 62 -21.66 125.70 -5.96
CA ALA J 62 -20.21 125.77 -6.11
C ALA J 62 -19.81 127.03 -6.87
N ASP J 63 -20.26 127.15 -8.12
CA ASP J 63 -19.95 128.28 -8.98
C ASP J 63 -21.27 128.93 -9.37
N VAL J 64 -21.54 130.12 -8.85
CA VAL J 64 -22.80 130.80 -9.14
C VAL J 64 -22.85 131.26 -10.60
N TYR J 65 -21.70 131.36 -11.25
CA TYR J 65 -21.61 131.74 -12.66
C TYR J 65 -21.59 130.56 -13.60
N ARG J 66 -21.76 129.33 -13.07
CA ARG J 66 -21.46 128.12 -13.84
C ARG J 66 -22.27 128.04 -15.13
N ASN J 67 -23.55 128.41 -15.08
CA ASN J 67 -24.41 128.34 -16.24
C ASN J 67 -24.77 129.70 -16.81
N THR J 68 -24.23 130.78 -16.26
CA THR J 68 -24.48 132.11 -16.79
C THR J 68 -23.37 132.50 -17.76
N THR J 69 -23.61 133.58 -18.50
CA THR J 69 -22.69 134.05 -19.53
C THR J 69 -22.02 135.37 -19.17
N ILE J 70 -21.96 135.68 -17.88
CA ILE J 70 -21.27 136.88 -17.43
C ILE J 70 -19.78 136.74 -17.69
N ASP J 71 -19.18 137.76 -18.30
CA ASP J 71 -17.76 137.65 -18.63
C ASP J 71 -16.93 137.51 -17.35
N ARG J 72 -15.84 136.75 -17.47
CA ARG J 72 -14.95 136.52 -16.35
C ARG J 72 -14.52 137.83 -15.71
N ALA J 73 -14.23 138.83 -16.55
CA ALA J 73 -13.75 140.12 -16.06
C ALA J 73 -14.76 140.81 -15.15
N TYR J 74 -16.02 140.38 -15.16
CA TYR J 74 -17.04 141.01 -14.34
C TYR J 74 -17.60 140.05 -13.29
N GLN J 75 -16.90 138.96 -13.01
CA GLN J 75 -17.37 138.04 -11.98
C GLN J 75 -16.83 138.45 -10.61
N SER J 76 -17.65 138.26 -9.59
CA SER J 76 -17.21 138.51 -8.22
C SER J 76 -16.04 137.58 -7.88
N PRO J 77 -15.18 137.98 -6.96
CA PRO J 77 -14.18 137.03 -6.44
C PRO J 77 -14.83 135.85 -5.76
N SER J 78 -15.86 136.10 -4.95
CA SER J 78 -16.60 135.04 -4.25
C SER J 78 -17.66 134.49 -5.18
N LYS J 79 -17.48 133.25 -5.62
CA LYS J 79 -18.35 132.64 -6.60
C LYS J 79 -19.32 131.65 -5.97
N LYS J 80 -19.41 131.62 -4.65
CA LYS J 80 -20.29 130.68 -3.96
C LYS J 80 -21.69 131.26 -3.90
N GLY J 81 -22.69 130.37 -3.91
CA GLY J 81 -24.06 130.78 -3.76
C GLY J 81 -24.81 129.87 -2.80
N THR J 82 -26.03 130.27 -2.49
CA THR J 82 -26.96 129.44 -1.73
C THR J 82 -28.23 129.23 -2.55
N SER J 83 -28.72 128.00 -2.53
CA SER J 83 -29.95 127.63 -3.22
C SER J 83 -30.96 127.20 -2.15
N LEU J 84 -32.06 127.93 -2.06
CA LEU J 84 -33.12 127.64 -1.10
C LEU J 84 -34.30 127.01 -1.82
N VAL J 85 -34.96 126.07 -1.15
CA VAL J 85 -36.16 125.45 -1.66
C VAL J 85 -37.22 125.45 -0.57
N VAL J 86 -38.44 125.78 -0.97
CA VAL J 86 -39.61 125.78 -0.11
C VAL J 86 -40.68 125.01 -0.87
N GLN J 87 -41.01 123.80 -0.40
CA GLN J 87 -42.03 122.97 -1.01
C GLN J 87 -43.22 122.81 -0.07
N VAL J 88 -44.42 122.89 -0.64
CA VAL J 88 -45.64 122.58 0.09
C VAL J 88 -46.34 121.44 -0.65
N THR J 89 -46.84 120.49 0.13
CA THR J 89 -47.53 119.30 -0.35
C THR J 89 -48.88 119.23 0.33
N GLU J 90 -49.94 119.18 -0.45
CA GLU J 90 -51.30 119.13 0.07
C GLU J 90 -52.04 117.94 -0.52
N THR J 91 -53.06 117.50 0.20
CA THR J 91 -53.93 116.43 -0.27
C THR J 91 -55.35 116.96 -0.30
N TRP J 92 -55.92 117.04 -1.50
CA TRP J 92 -57.27 117.53 -1.70
C TRP J 92 -58.20 116.33 -1.82
N THR J 93 -59.47 116.54 -1.48
CA THR J 93 -60.45 115.46 -1.58
C THR J 93 -61.66 115.90 -2.37
N VAL J 94 -62.23 114.96 -3.13
CA VAL J 94 -63.41 115.19 -3.92
C VAL J 94 -64.49 114.26 -3.39
N ALA J 95 -65.67 114.83 -3.10
CA ALA J 95 -66.80 114.05 -2.61
C ALA J 95 -68.07 114.58 -3.24
N SER J 96 -69.20 114.00 -2.84
CA SER J 96 -70.50 114.38 -3.34
C SER J 96 -71.44 114.72 -2.18
N THR J 97 -72.19 115.81 -2.36
CA THR J 97 -73.27 116.15 -1.44
C THR J 97 -74.28 115.03 -1.37
N ASP J 98 -74.65 114.49 -2.52
CA ASP J 98 -75.74 113.53 -2.61
C ASP J 98 -75.32 112.14 -2.17
N ASP J 99 -74.07 111.75 -2.48
CA ASP J 99 -73.59 110.38 -2.25
C ASP J 99 -72.42 110.44 -1.27
N GLU J 100 -72.64 109.94 -0.07
CA GLU J 100 -71.60 109.99 0.96
C GLU J 100 -70.51 108.97 0.73
N THR J 101 -70.64 108.11 -0.28
CA THR J 101 -69.65 107.09 -0.59
C THR J 101 -68.73 107.50 -1.72
N TYR J 102 -69.08 108.52 -2.48
CA TYR J 102 -68.27 108.98 -3.59
C TYR J 102 -67.15 109.86 -3.05
N GLY J 103 -65.92 109.50 -3.38
CA GLY J 103 -64.78 110.29 -2.99
C GLY J 103 -63.48 109.75 -3.56
N TYR J 104 -62.53 110.68 -3.71
CA TYR J 104 -61.15 110.30 -4.00
C TYR J 104 -60.22 111.42 -3.55
N SER J 105 -58.93 111.11 -3.51
CA SER J 105 -57.90 112.05 -3.07
C SER J 105 -56.99 112.43 -4.24
N LEU J 106 -56.71 113.73 -4.35
CA LEU J 106 -55.81 114.30 -5.35
C LEU J 106 -54.57 114.86 -4.66
N PRO J 107 -53.38 114.57 -5.19
CA PRO J 107 -52.18 115.15 -4.61
C PRO J 107 -51.75 116.45 -5.29
N PHE J 108 -51.52 117.50 -4.51
CA PHE J 108 -50.99 118.74 -5.03
C PHE J 108 -49.64 119.01 -4.41
N SER J 109 -48.72 119.53 -5.22
CA SER J 109 -47.45 119.97 -4.67
C SER J 109 -46.98 121.15 -5.49
N ALA J 110 -46.19 122.00 -4.84
CA ALA J 110 -45.58 123.11 -5.54
C ALA J 110 -44.42 123.59 -4.70
N HIS J 111 -43.38 124.08 -5.37
CA HIS J 111 -42.25 124.58 -4.63
C HIS J 111 -41.67 125.82 -5.31
N VAL J 112 -40.84 126.50 -4.53
CA VAL J 112 -40.13 127.69 -4.94
C VAL J 112 -38.66 127.44 -4.69
N ILE J 113 -37.83 127.85 -5.63
CA ILE J 113 -36.39 127.74 -5.50
C ILE J 113 -35.80 129.13 -5.74
N VAL J 114 -34.84 129.51 -4.90
CA VAL J 114 -34.23 130.82 -4.93
C VAL J 114 -32.73 130.65 -4.89
N ASN J 115 -32.02 131.18 -5.88
CA ASN J 115 -30.59 130.99 -6.04
C ASN J 115 -29.91 132.35 -5.85
N VAL J 116 -29.34 132.56 -4.67
CA VAL J 116 -28.84 133.84 -4.21
C VAL J 116 -27.32 133.76 -4.11
N PRO J 117 -26.57 134.62 -4.81
CA PRO J 117 -25.12 134.68 -4.59
C PRO J 117 -24.79 135.14 -3.18
N GLN J 118 -23.67 134.64 -2.65
CA GLN J 118 -23.21 135.03 -1.32
C GLN J 118 -22.45 136.34 -1.44
N ASP J 119 -23.18 137.45 -1.28
CA ASP J 119 -22.60 138.79 -1.35
C ASP J 119 -23.20 139.65 -0.26
N ALA J 120 -22.35 140.43 0.42
CA ALA J 120 -22.81 141.21 1.56
C ALA J 120 -23.90 142.20 1.18
N LEU J 121 -23.91 142.68 -0.06
CA LEU J 121 -24.83 143.74 -0.43
C LEU J 121 -26.25 143.26 -0.68
N ILE J 122 -26.45 141.96 -0.92
CA ILE J 122 -27.80 141.44 -1.10
C ILE J 122 -28.48 141.38 0.25
N THR J 123 -29.67 141.98 0.35
CA THR J 123 -30.37 142.07 1.62
C THR J 123 -31.71 141.33 1.56
N GLU J 124 -32.26 141.11 2.75
CA GLU J 124 -33.48 140.31 2.84
C GLU J 124 -34.61 141.00 2.11
N GLU J 125 -34.67 142.34 2.19
CA GLU J 125 -35.70 143.06 1.47
C GLU J 125 -35.50 142.93 -0.05
N ILE J 126 -34.26 143.02 -0.51
CA ILE J 126 -33.99 142.85 -1.94
C ILE J 126 -34.53 141.50 -2.40
N LEU J 127 -34.32 140.46 -1.59
CA LEU J 127 -34.76 139.13 -1.99
C LEU J 127 -36.28 139.00 -1.96
N TYR J 128 -36.93 139.55 -0.94
CA TYR J 128 -38.40 139.50 -0.97
C TYR J 128 -38.97 140.23 -2.17
N ASP J 129 -38.41 141.39 -2.52
CA ASP J 129 -38.90 142.10 -3.69
C ASP J 129 -38.59 141.33 -4.97
N ALA J 130 -37.49 140.58 -4.98
CA ALA J 130 -37.27 139.65 -6.08
C ALA J 130 -38.37 138.62 -6.16
N LEU J 131 -38.75 138.03 -5.02
CA LEU J 131 -39.84 137.05 -5.00
C LEU J 131 -41.13 137.66 -5.51
N LYS J 132 -41.37 138.94 -5.19
CA LYS J 132 -42.58 139.61 -5.65
C LYS J 132 -42.57 139.80 -7.16
N ARG J 133 -41.41 140.17 -7.72
CA ARG J 133 -41.27 140.25 -9.17
C ARG J 133 -41.51 138.88 -9.80
N LEU J 134 -40.95 137.83 -9.19
CA LEU J 134 -41.09 136.46 -9.68
C LEU J 134 -42.55 136.05 -9.75
N MET J 135 -43.24 136.08 -8.61
CA MET J 135 -44.65 135.71 -8.59
C MET J 135 -45.49 136.62 -9.48
N GLY J 136 -45.02 137.83 -9.76
CA GLY J 136 -45.79 138.67 -10.64
C GLY J 136 -45.90 138.15 -12.06
N HIS J 137 -45.03 137.23 -12.46
CA HIS J 137 -45.08 136.65 -13.80
C HIS J 137 -46.23 135.67 -13.97
N PHE J 138 -47.00 135.39 -12.92
CA PHE J 138 -48.23 134.64 -13.07
C PHE J 138 -49.38 135.51 -13.54
N TYR J 139 -49.12 136.78 -13.83
CA TYR J 139 -50.13 137.71 -14.28
C TYR J 139 -49.59 138.47 -15.48
N GLU J 140 -50.48 139.20 -16.16
CA GLU J 140 -50.09 140.11 -17.23
C GLU J 140 -50.56 141.51 -16.89
N GLY J 141 -49.65 142.47 -17.07
CA GLY J 141 -49.93 143.86 -16.74
C GLY J 141 -50.39 144.65 -17.95
N ASN J 142 -51.30 145.60 -17.68
CA ASN J 142 -51.95 146.43 -18.68
C ASN J 142 -51.91 147.88 -18.23
N ASP J 143 -50.94 148.65 -18.77
CA ASP J 143 -50.81 150.08 -18.61
C ASP J 143 -51.64 150.86 -19.63
N THR J 144 -52.18 150.19 -20.67
CA THR J 144 -53.05 150.88 -21.64
C THR J 144 -54.27 151.46 -20.95
N THR J 145 -54.89 150.71 -20.04
CA THR J 145 -56.05 151.22 -19.32
C THR J 145 -55.68 152.46 -18.53
N SER J 146 -56.68 153.30 -18.33
CA SER J 146 -56.49 154.49 -17.51
C SER J 146 -56.15 154.12 -16.05
N PRO J 147 -56.95 153.27 -15.33
CA PRO J 147 -56.40 152.67 -14.09
C PRO J 147 -55.66 151.39 -14.45
N THR J 148 -54.40 151.19 -14.04
CA THR J 148 -53.62 150.09 -14.58
C THR J 148 -54.18 148.78 -14.03
N THR J 149 -54.33 147.77 -14.90
CA THR J 149 -55.02 146.53 -14.52
C THR J 149 -54.19 145.30 -14.88
N THR J 150 -54.57 144.16 -14.29
CA THR J 150 -53.84 142.91 -14.48
C THR J 150 -54.82 141.78 -14.72
N SER J 151 -54.35 140.78 -15.46
CA SER J 151 -55.14 139.60 -15.78
C SER J 151 -54.35 138.34 -15.51
N VAL J 152 -55.05 137.24 -15.28
CA VAL J 152 -54.45 136.01 -14.78
C VAL J 152 -54.05 135.14 -15.96
N ARG J 153 -52.91 134.45 -15.83
CA ARG J 153 -52.41 133.58 -16.90
C ARG J 153 -51.98 132.20 -16.42
N LEU J 154 -52.33 131.81 -15.19
CA LEU J 154 -51.92 130.50 -14.69
C LEU J 154 -52.58 129.38 -15.48
N LYS J 155 -53.89 129.50 -15.72
CA LYS J 155 -54.57 128.46 -16.49
C LYS J 155 -54.05 128.43 -17.92
N ASP J 156 -53.94 129.60 -18.55
CA ASP J 156 -53.41 129.66 -19.91
C ASP J 156 -52.06 128.94 -20.01
N MET J 157 -51.15 129.21 -19.07
CA MET J 157 -49.85 128.55 -19.12
C MET J 157 -50.01 127.05 -18.94
N LEU J 158 -50.76 126.61 -17.93
CA LEU J 158 -50.99 125.18 -17.73
C LEU J 158 -51.53 124.51 -18.99
N GLN J 159 -52.31 125.22 -19.79
CA GLN J 159 -52.90 124.62 -20.99
C GLN J 159 -51.97 124.65 -22.19
N GLY J 160 -50.75 125.20 -22.07
CA GLY J 160 -49.76 125.15 -23.12
C GLY J 160 -49.48 126.47 -23.79
N ALA J 161 -50.22 127.52 -23.42
CA ALA J 161 -50.07 128.86 -23.95
C ALA J 161 -49.08 129.61 -23.08
N LEU J 162 -47.80 129.42 -23.38
CA LEU J 162 -46.77 129.93 -22.49
C LEU J 162 -46.32 131.34 -22.84
N VAL J 163 -46.58 131.78 -24.06
CA VAL J 163 -46.28 133.17 -24.43
C VAL J 163 -47.38 134.04 -23.84
N PRO J 164 -47.03 135.18 -23.24
CA PRO J 164 -48.06 136.10 -22.75
C PRO J 164 -48.97 136.58 -23.88
N GLN J 165 -50.17 137.02 -23.48
CA GLN J 165 -51.12 137.54 -24.45
C GLN J 165 -50.68 138.91 -24.97
N SER J 166 -49.87 139.63 -24.18
CA SER J 166 -49.38 140.95 -24.55
C SER J 166 -48.39 140.90 -25.71
N LEU J 167 -47.89 139.71 -26.07
CA LEU J 167 -46.94 139.58 -27.18
C LEU J 167 -47.55 138.78 -28.33
N SER K 1 -72.58 109.34 8.45
CA SER K 1 -72.78 108.46 7.29
C SER K 1 -71.69 107.40 7.29
N LYS K 2 -70.45 107.77 6.96
CA LYS K 2 -69.36 106.80 7.00
C LYS K 2 -68.98 106.50 8.45
N ILE K 3 -68.94 105.22 8.78
CA ILE K 3 -68.67 104.78 10.14
C ILE K 3 -67.66 103.65 10.07
N LEU K 4 -66.62 103.75 10.90
CA LEU K 4 -65.69 102.65 11.14
C LEU K 4 -66.07 101.98 12.45
N SER K 5 -66.22 100.66 12.42
CA SER K 5 -66.41 99.87 13.63
C SER K 5 -65.19 98.98 13.83
N THR K 6 -64.76 98.87 15.08
CA THR K 6 -63.72 97.93 15.44
C THR K 6 -64.27 96.53 15.68
N ASN K 7 -65.58 96.33 15.54
CA ASN K 7 -66.21 95.02 15.68
C ASN K 7 -65.91 94.38 17.03
N ASN K 8 -65.66 95.19 18.05
CA ASN K 8 -65.52 94.67 19.40
C ASN K 8 -66.81 94.75 20.19
N SER K 9 -67.89 95.18 19.55
CA SER K 9 -69.16 95.38 20.24
C SER K 9 -69.71 94.08 20.85
N ASN K 10 -69.36 92.93 20.29
CA ASN K 10 -69.83 91.66 20.81
C ASN K 10 -68.77 90.89 21.59
N SER K 11 -67.60 91.48 21.81
CA SER K 11 -66.62 90.88 22.70
C SER K 11 -66.97 91.22 24.14
N ASN K 12 -66.60 90.34 25.07
CA ASN K 12 -66.89 90.53 26.49
C ASN K 12 -65.60 90.90 27.22
N PHE K 13 -65.58 92.09 27.83
CA PHE K 13 -64.41 92.56 28.53
C PHE K 13 -64.72 92.90 29.98
N VAL K 14 -63.65 93.15 30.71
CA VAL K 14 -63.67 93.58 32.10
C VAL K 14 -62.63 94.68 32.25
N ASP K 15 -62.99 95.78 32.89
CA ASP K 15 -62.04 96.87 33.03
C ASP K 15 -61.09 96.60 34.19
N THR K 16 -59.86 97.09 34.03
CA THR K 16 -58.92 97.11 35.15
C THR K 16 -58.00 98.32 35.02
N SER K 17 -57.49 98.78 36.15
CA SER K 17 -56.69 100.00 36.20
C SER K 17 -55.23 99.68 35.86
N PHE K 18 -54.63 100.56 35.07
CA PHE K 18 -53.25 100.36 34.62
C PHE K 18 -52.65 101.76 34.52
N THR K 19 -52.09 102.23 35.62
CA THR K 19 -51.71 103.64 35.75
C THR K 19 -50.32 103.84 35.16
N LEU K 20 -50.25 104.64 34.11
CA LEU K 20 -49.01 104.82 33.36
C LEU K 20 -48.15 105.88 34.02
N LYS K 21 -46.84 105.65 34.01
CA LYS K 21 -45.85 106.64 34.42
C LYS K 21 -45.28 107.28 33.15
N VAL K 22 -45.85 108.41 32.77
CA VAL K 22 -45.50 109.19 31.59
C VAL K 22 -44.26 110.05 31.85
N PRO K 23 -43.29 110.10 30.96
CA PRO K 23 -42.07 110.85 31.27
C PRO K 23 -42.21 112.37 31.13
N VAL K 24 -41.49 113.08 31.99
CA VAL K 24 -41.31 114.52 31.85
C VAL K 24 -40.05 114.69 31.01
N TYR K 25 -40.24 114.68 29.70
CA TYR K 25 -39.09 114.60 28.80
C TYR K 25 -38.18 115.81 28.97
N SER K 26 -38.77 116.98 29.19
CA SER K 26 -37.99 118.18 29.42
C SER K 26 -36.98 118.01 30.57
N LYS K 27 -37.37 117.38 31.69
CA LYS K 27 -36.36 117.18 32.74
C LYS K 27 -35.39 116.06 32.42
N ASP K 28 -35.91 114.91 31.99
CA ASP K 28 -35.09 113.70 32.07
C ASP K 28 -34.36 113.34 30.79
N TYR K 29 -34.89 113.66 29.62
CA TYR K 29 -34.43 113.01 28.40
C TYR K 29 -33.80 114.01 27.44
N ARG K 30 -32.79 113.53 26.72
CA ARG K 30 -32.07 114.31 25.71
C ARG K 30 -31.91 113.45 24.47
N VAL K 31 -31.66 114.09 23.32
CA VAL K 31 -31.68 113.36 22.05
C VAL K 31 -30.28 112.85 21.70
N THR K 32 -30.16 111.53 21.58
CA THR K 32 -28.98 110.83 21.06
C THR K 32 -29.01 110.67 19.54
N GLN K 33 -30.19 110.39 18.97
CA GLN K 33 -30.30 110.19 17.52
C GLN K 33 -31.56 110.89 17.03
N ASP K 34 -31.39 111.74 16.00
CA ASP K 34 -32.51 112.45 15.38
C ASP K 34 -32.55 112.17 13.87
N GLU K 35 -32.56 110.89 13.50
CA GLU K 35 -32.69 110.69 12.06
C GLU K 35 -34.17 110.57 11.71
N PRO K 36 -34.53 110.83 10.44
CA PRO K 36 -35.94 111.16 10.12
C PRO K 36 -36.97 110.16 10.60
N ASP K 37 -36.64 108.87 10.51
CA ASP K 37 -37.54 107.78 10.85
C ASP K 37 -37.16 107.05 12.14
N GLU K 38 -36.09 107.49 12.82
CA GLU K 38 -35.67 106.81 14.04
C GLU K 38 -35.07 107.84 14.99
N VAL K 39 -35.65 107.96 16.17
CA VAL K 39 -35.19 108.87 17.19
C VAL K 39 -34.82 108.06 18.42
N VAL K 40 -33.63 108.30 18.93
CA VAL K 40 -33.16 107.70 20.17
C VAL K 40 -32.96 108.80 21.19
N VAL K 41 -33.36 108.51 22.42
CA VAL K 41 -33.46 109.48 23.49
C VAL K 41 -32.89 108.83 24.75
N ALA K 42 -32.01 109.53 25.43
CA ALA K 42 -31.33 109.00 26.60
C ALA K 42 -31.77 109.72 27.87
N ASN K 43 -31.72 108.99 28.98
CA ASN K 43 -32.15 109.48 30.28
C ASN K 43 -30.98 110.17 30.96
N ARG K 44 -31.08 111.48 31.11
CA ARG K 44 -30.03 112.28 31.74
C ARG K 44 -29.80 111.89 33.19
N GLN K 45 -30.83 111.38 33.87
CA GLN K 45 -30.79 111.24 35.33
C GLN K 45 -29.96 110.05 35.80
N GLN K 46 -29.67 109.09 34.93
CA GLN K 46 -28.95 107.91 35.39
C GLN K 46 -27.46 108.23 35.59
N PRO K 47 -26.79 107.52 36.49
CA PRO K 47 -25.32 107.62 36.60
C PRO K 47 -24.64 106.96 35.42
N PHE K 48 -23.30 107.03 35.34
CA PHE K 48 -22.65 106.63 34.10
C PHE K 48 -22.76 105.14 33.84
N GLY K 49 -22.84 104.33 34.90
CA GLY K 49 -23.01 102.91 34.68
C GLY K 49 -24.35 102.57 34.06
N VAL K 50 -25.42 103.16 34.57
CA VAL K 50 -26.77 102.79 34.18
C VAL K 50 -27.12 103.45 32.86
N LYS K 51 -27.63 102.66 31.93
CA LYS K 51 -28.06 103.14 30.62
C LYS K 51 -29.57 103.01 30.52
N ASN K 52 -30.24 104.12 30.22
CA ASN K 52 -31.70 104.21 30.14
C ASN K 52 -32.04 104.97 28.87
N THR K 53 -32.62 104.28 27.89
CA THR K 53 -32.93 104.90 26.61
C THR K 53 -34.34 104.53 26.14
N ALA K 54 -34.82 105.32 25.19
CA ALA K 54 -36.09 105.09 24.53
C ALA K 54 -35.89 105.35 23.05
N ARG K 55 -36.56 104.56 22.23
CA ARG K 55 -36.38 104.60 20.78
C ARG K 55 -37.76 104.68 20.14
N TYR K 56 -37.92 105.60 19.19
CA TYR K 56 -39.20 105.85 18.56
C TYR K 56 -38.95 105.80 17.05
N GLY K 57 -39.64 104.90 16.36
CA GLY K 57 -39.37 104.71 14.94
C GLY K 57 -40.62 104.37 14.16
N ILE K 58 -40.65 104.81 12.90
CA ILE K 58 -41.71 104.42 12.00
C ILE K 58 -41.12 103.83 10.73
N ARG K 59 -41.86 102.92 10.13
CA ARG K 59 -41.56 102.28 8.87
C ARG K 59 -42.82 102.36 8.01
N GLN K 60 -42.65 102.56 6.71
CA GLN K 60 -43.80 102.60 5.83
C GLN K 60 -44.16 101.18 5.40
N ILE K 61 -45.44 100.86 5.45
CA ILE K 61 -45.94 99.53 5.13
C ILE K 61 -46.46 99.56 3.70
N ALA K 62 -45.92 98.66 2.87
CA ALA K 62 -46.21 98.69 1.44
C ALA K 62 -47.65 98.26 1.17
N ASP K 63 -48.03 97.08 1.67
CA ASP K 63 -49.37 96.52 1.51
C ASP K 63 -49.79 96.00 2.88
N VAL K 64 -50.72 96.70 3.52
CA VAL K 64 -51.15 96.27 4.85
C VAL K 64 -51.97 94.98 4.77
N TYR K 65 -52.42 94.59 3.57
CA TYR K 65 -53.22 93.39 3.36
C TYR K 65 -52.38 92.16 3.04
N ARG K 66 -51.05 92.27 3.01
CA ARG K 66 -50.23 91.26 2.37
C ARG K 66 -50.05 90.01 3.23
N ASN K 67 -49.65 90.16 4.48
CA ASN K 67 -49.50 88.96 5.28
C ASN K 67 -50.82 88.45 5.84
N THR K 68 -51.90 89.21 5.73
CA THR K 68 -53.14 88.95 6.43
C THR K 68 -54.00 87.94 5.68
N THR K 69 -55.00 87.41 6.40
CA THR K 69 -56.07 86.65 5.77
C THR K 69 -57.14 87.56 5.20
N ILE K 70 -57.17 88.81 5.65
CA ILE K 70 -57.98 89.83 5.01
C ILE K 70 -57.37 90.17 3.66
N ASP K 71 -58.21 90.51 2.70
CA ASP K 71 -57.75 91.12 1.47
C ASP K 71 -58.68 92.25 1.10
N ARG K 72 -58.21 93.08 0.16
CA ARG K 72 -58.73 94.42 -0.04
C ARG K 72 -60.01 94.38 -0.87
N ALA K 73 -61.09 94.94 -0.33
CA ALA K 73 -62.32 95.09 -1.10
C ALA K 73 -62.16 96.24 -2.08
N TYR K 74 -63.07 96.30 -3.07
CA TYR K 74 -62.77 97.10 -4.25
C TYR K 74 -62.79 98.59 -3.97
N GLN K 75 -63.45 99.01 -2.90
CA GLN K 75 -63.64 100.41 -2.57
C GLN K 75 -62.80 100.82 -1.37
N SER K 76 -61.63 100.19 -1.22
CA SER K 76 -60.74 100.63 -0.17
C SER K 76 -59.90 101.82 -0.63
N PRO K 77 -59.65 102.78 0.25
CA PRO K 77 -58.89 103.97 -0.16
C PRO K 77 -57.45 103.67 -0.53
N SER K 78 -56.74 102.86 0.27
CA SER K 78 -55.34 102.58 0.03
C SER K 78 -54.99 101.23 0.63
N LYS K 79 -53.90 100.67 0.13
CA LYS K 79 -53.23 99.55 0.76
C LYS K 79 -52.14 100.00 1.71
N LYS K 80 -51.82 101.29 1.73
CA LYS K 80 -50.65 101.77 2.44
C LYS K 80 -50.84 101.64 3.96
N GLY K 81 -49.72 101.64 4.67
CA GLY K 81 -49.80 101.63 6.11
C GLY K 81 -48.59 102.27 6.75
N THR K 82 -48.63 102.39 8.07
CA THR K 82 -47.48 102.86 8.83
C THR K 82 -47.30 101.96 10.05
N SER K 83 -46.05 101.65 10.35
CA SER K 83 -45.69 100.78 11.46
C SER K 83 -44.88 101.60 12.46
N LEU K 84 -45.36 101.68 13.69
CA LEU K 84 -44.72 102.44 14.74
C LEU K 84 -44.10 101.50 15.76
N VAL K 85 -42.94 101.87 16.27
CA VAL K 85 -42.27 101.14 17.32
C VAL K 85 -41.88 102.12 18.42
N VAL K 86 -42.12 101.70 19.65
CA VAL K 86 -41.72 102.42 20.85
C VAL K 86 -40.97 101.43 21.72
N GLN K 87 -39.69 101.68 21.97
CA GLN K 87 -38.87 100.79 22.76
C GLN K 87 -38.31 101.52 23.97
N VAL K 88 -38.27 100.83 25.10
CA VAL K 88 -37.59 101.32 26.29
C VAL K 88 -36.52 100.31 26.66
N THR K 89 -35.37 100.84 27.09
CA THR K 89 -34.21 100.06 27.50
C THR K 89 -33.76 100.57 28.85
N GLU K 90 -33.67 99.67 29.83
CA GLU K 90 -33.28 100.04 31.17
C GLU K 90 -32.13 99.15 31.63
N THR K 91 -31.39 99.65 32.62
CA THR K 91 -30.29 98.93 33.22
C THR K 91 -30.55 98.81 34.71
N TRP K 92 -30.90 97.61 35.15
CA TRP K 92 -31.16 97.34 36.55
C TRP K 92 -29.87 96.86 37.21
N THR K 93 -29.74 97.10 38.51
CA THR K 93 -28.49 96.77 39.20
C THR K 93 -28.77 95.95 40.45
N VAL K 94 -28.02 94.86 40.59
CA VAL K 94 -28.07 94.01 41.77
C VAL K 94 -26.81 94.25 42.58
N ALA K 95 -26.99 94.51 43.87
CA ALA K 95 -25.88 94.71 44.81
C ALA K 95 -26.15 93.89 46.06
N SER K 96 -25.17 93.89 46.97
CA SER K 96 -25.28 93.16 48.23
C SER K 96 -24.95 94.07 49.39
N THR K 97 -25.76 93.98 50.45
CA THR K 97 -25.50 94.71 51.69
C THR K 97 -24.41 94.06 52.54
N ASP K 98 -24.01 92.83 52.22
CA ASP K 98 -22.91 92.16 52.90
C ASP K 98 -21.57 92.48 52.26
N ASP K 99 -21.47 92.30 50.95
CA ASP K 99 -20.23 92.42 50.20
C ASP K 99 -20.28 93.65 49.30
N GLU K 100 -19.31 94.54 49.47
CA GLU K 100 -19.18 95.66 48.55
C GLU K 100 -18.67 95.21 47.18
N THR K 101 -18.03 94.05 47.10
CA THR K 101 -17.50 93.54 45.84
C THR K 101 -18.60 93.00 44.94
N TYR K 102 -19.67 92.48 45.52
CA TYR K 102 -20.65 91.74 44.76
C TYR K 102 -21.65 92.69 44.11
N GLY K 103 -21.76 92.59 42.79
CA GLY K 103 -22.76 93.33 42.05
C GLY K 103 -22.72 92.96 40.59
N TYR K 104 -23.85 93.21 39.92
CA TYR K 104 -23.93 93.07 38.47
C TYR K 104 -25.08 93.91 37.93
N SER K 105 -25.13 94.02 36.60
CA SER K 105 -26.15 94.78 35.90
C SER K 105 -26.97 93.85 35.02
N LEU K 106 -28.28 94.02 35.08
CA LEU K 106 -29.23 93.28 34.26
C LEU K 106 -29.79 94.20 33.20
N PRO K 107 -29.79 93.79 31.94
CA PRO K 107 -30.40 94.63 30.91
C PRO K 107 -31.87 94.28 30.69
N PHE K 108 -32.76 95.26 30.77
CA PHE K 108 -34.16 95.06 30.47
C PHE K 108 -34.51 95.80 29.19
N SER K 109 -35.34 95.18 28.35
CA SER K 109 -35.85 95.95 27.23
C SER K 109 -37.25 95.49 26.90
N ALA K 110 -38.00 96.39 26.27
CA ALA K 110 -39.33 96.01 25.83
C ALA K 110 -39.78 97.02 24.80
N HIS K 111 -40.65 96.59 23.90
CA HIS K 111 -41.15 97.51 22.90
C HIS K 111 -42.56 97.15 22.49
N VAL K 112 -43.21 98.13 21.86
CA VAL K 112 -44.54 98.01 21.31
C VAL K 112 -44.46 98.36 19.85
N ILE K 113 -45.21 97.62 19.02
CA ILE K 113 -45.28 97.87 17.60
C ILE K 113 -46.76 97.93 17.22
N VAL K 114 -47.10 98.92 16.40
CA VAL K 114 -48.48 99.20 16.02
C VAL K 114 -48.51 99.36 14.50
N ASN K 115 -49.46 98.68 13.85
CA ASN K 115 -49.50 98.63 12.38
C ASN K 115 -50.83 99.22 11.89
N VAL K 116 -50.82 100.52 11.61
CA VAL K 116 -52.03 101.29 11.37
C VAL K 116 -52.22 101.43 9.86
N PRO K 117 -53.37 101.01 9.32
CA PRO K 117 -53.68 101.30 7.91
C PRO K 117 -53.90 102.79 7.66
N GLN K 118 -53.74 103.18 6.40
CA GLN K 118 -53.96 104.57 5.99
C GLN K 118 -55.43 104.74 5.59
N ASP K 119 -56.26 104.98 6.59
CA ASP K 119 -57.65 105.37 6.36
C ASP K 119 -57.98 106.49 7.32
N ALA K 120 -58.57 107.57 6.79
CA ALA K 120 -58.78 108.75 7.60
C ALA K 120 -59.75 108.53 8.75
N LEU K 121 -60.62 107.51 8.65
CA LEU K 121 -61.59 107.23 9.71
C LEU K 121 -60.95 106.60 10.94
N ILE K 122 -59.74 106.06 10.83
CA ILE K 122 -58.99 105.67 12.02
C ILE K 122 -58.56 106.92 12.76
N THR K 123 -58.98 107.04 14.01
CA THR K 123 -58.70 108.24 14.80
C THR K 123 -57.69 107.92 15.90
N GLU K 124 -57.12 108.99 16.45
CA GLU K 124 -56.12 108.82 17.49
C GLU K 124 -56.72 108.09 18.68
N GLU K 125 -57.98 108.39 18.99
CA GLU K 125 -58.63 107.70 20.10
C GLU K 125 -58.88 106.23 19.77
N ILE K 126 -59.29 105.93 18.53
CA ILE K 126 -59.47 104.52 18.14
C ILE K 126 -58.19 103.75 18.41
N LEU K 127 -57.05 104.37 18.04
CA LEU K 127 -55.77 103.68 18.21
C LEU K 127 -55.41 103.51 19.68
N TYR K 128 -55.60 104.54 20.51
CA TYR K 128 -55.32 104.36 21.92
C TYR K 128 -56.19 103.27 22.55
N ASP K 129 -57.48 103.23 22.19
CA ASP K 129 -58.33 102.19 22.75
C ASP K 129 -57.93 100.82 22.25
N ALA K 130 -57.41 100.74 21.02
CA ALA K 130 -56.81 99.50 20.56
C ALA K 130 -55.64 99.09 21.44
N LEU K 131 -54.76 100.05 21.77
CA LEU K 131 -53.64 99.76 22.65
C LEU K 131 -54.13 99.25 24.00
N LYS K 132 -55.23 99.82 24.50
CA LYS K 132 -55.78 99.39 25.78
C LYS K 132 -56.28 97.95 25.71
N ARG K 133 -56.97 97.60 24.61
CA ARG K 133 -57.37 96.21 24.39
C ARG K 133 -56.16 95.30 24.33
N LEU K 134 -55.11 95.74 23.65
CA LEU K 134 -53.85 94.99 23.53
C LEU K 134 -53.28 94.65 24.90
N MET K 135 -52.95 95.69 25.67
CA MET K 135 -52.40 95.47 27.00
C MET K 135 -53.34 94.66 27.89
N GLY K 136 -54.65 94.67 27.62
CA GLY K 136 -55.54 93.84 28.42
C GLY K 136 -55.21 92.37 28.38
N HIS K 137 -54.55 91.90 27.31
CA HIS K 137 -54.20 90.49 27.18
C HIS K 137 -53.12 90.05 28.15
N PHE K 138 -52.55 90.96 28.93
CA PHE K 138 -51.67 90.59 30.03
C PHE K 138 -52.46 90.23 31.27
N TYR K 139 -53.77 90.06 31.14
CA TYR K 139 -54.65 89.78 32.27
C TYR K 139 -55.74 88.81 31.81
N GLU K 140 -56.48 88.28 32.78
CA GLU K 140 -57.68 87.49 32.53
C GLU K 140 -58.82 88.11 33.33
N GLY K 141 -60.02 88.14 32.75
CA GLY K 141 -61.15 88.76 33.41
C GLY K 141 -62.26 87.79 33.78
N ASN K 142 -63.13 88.18 34.71
CA ASN K 142 -64.26 87.37 35.15
C ASN K 142 -65.53 88.19 35.09
N ASP K 143 -66.49 87.79 34.24
CA ASP K 143 -67.79 88.44 34.30
C ASP K 143 -68.56 88.04 35.55
N THR K 144 -68.19 86.92 36.15
CA THR K 144 -69.05 86.29 37.14
C THR K 144 -69.24 87.14 38.38
N THR K 145 -68.14 87.57 39.00
CA THR K 145 -68.21 88.30 40.24
C THR K 145 -68.96 89.61 40.08
N SER K 146 -69.57 90.05 41.16
CA SER K 146 -70.33 91.28 41.10
C SER K 146 -69.44 92.50 40.93
N PRO K 147 -68.34 92.67 41.67
CA PRO K 147 -67.30 93.53 41.10
C PRO K 147 -66.43 92.65 40.23
N THR K 148 -66.26 93.03 38.97
CA THR K 148 -65.50 92.20 38.05
C THR K 148 -64.07 92.08 38.55
N THR K 149 -63.52 90.89 38.45
CA THR K 149 -62.17 90.62 38.95
C THR K 149 -61.26 90.26 37.79
N THR K 150 -60.01 90.67 37.91
CA THR K 150 -58.98 90.38 36.93
C THR K 150 -57.75 89.80 37.62
N SER K 151 -57.23 88.71 37.06
CA SER K 151 -55.99 88.11 37.50
C SER K 151 -54.91 88.34 36.44
N VAL K 152 -53.66 88.07 36.83
CA VAL K 152 -52.52 88.44 36.00
C VAL K 152 -51.98 87.24 35.24
N ARG K 153 -51.35 87.54 34.10
CA ARG K 153 -50.83 86.52 33.22
C ARG K 153 -49.32 86.57 33.04
N LEU K 154 -48.69 87.74 33.21
CA LEU K 154 -47.32 87.93 32.74
C LEU K 154 -46.39 86.84 33.25
N LYS K 155 -46.48 86.50 34.54
CA LYS K 155 -45.66 85.42 35.09
C LYS K 155 -45.94 84.11 34.37
N ASP K 156 -47.20 83.69 34.37
CA ASP K 156 -47.55 82.39 33.80
C ASP K 156 -47.10 82.30 32.33
N MET K 157 -47.20 83.41 31.59
CA MET K 157 -46.78 83.40 30.19
C MET K 157 -45.27 83.27 30.09
N LEU K 158 -44.53 84.13 30.79
CA LEU K 158 -43.07 84.03 30.76
C LEU K 158 -42.58 82.66 31.21
N GLN K 159 -43.37 81.97 32.04
CA GLN K 159 -43.04 80.62 32.50
C GLN K 159 -43.41 79.54 31.50
N GLY K 160 -44.12 79.88 30.42
CA GLY K 160 -44.48 78.92 29.40
C GLY K 160 -45.93 78.49 29.36
N ALA K 161 -46.75 78.99 30.29
CA ALA K 161 -48.19 78.72 30.29
C ALA K 161 -48.86 79.75 29.40
N LEU K 162 -48.78 79.52 28.10
CA LEU K 162 -49.20 80.55 27.17
C LEU K 162 -50.70 80.54 26.91
N VAL K 163 -51.40 79.47 27.26
CA VAL K 163 -52.84 79.47 27.12
C VAL K 163 -53.43 80.14 28.35
N PRO K 164 -54.44 81.00 28.19
CA PRO K 164 -55.12 81.55 29.36
C PRO K 164 -55.69 80.44 30.23
N GLN K 165 -55.56 80.63 31.55
CA GLN K 165 -56.04 79.63 32.50
C GLN K 165 -57.56 79.54 32.50
N SER K 166 -58.25 80.56 31.97
CA SER K 166 -59.70 80.52 31.80
C SER K 166 -60.13 79.50 30.75
N LEU K 167 -59.29 79.24 29.76
CA LEU K 167 -59.62 78.30 28.69
C LEU K 167 -59.31 76.86 29.09
N SER L 1 -21.47 101.65 52.29
CA SER L 1 -21.72 102.35 51.03
C SER L 1 -20.39 102.80 50.43
N LYS L 2 -20.41 103.09 49.13
CA LYS L 2 -19.22 103.43 48.38
C LYS L 2 -19.08 104.94 48.26
N ILE L 3 -17.85 105.44 48.39
CA ILE L 3 -17.57 106.88 48.33
C ILE L 3 -16.38 107.12 47.42
N LEU L 4 -16.47 108.17 46.61
CA LEU L 4 -15.37 108.64 45.80
C LEU L 4 -14.81 109.92 46.41
N SER L 5 -13.47 110.02 46.45
CA SER L 5 -12.78 111.24 46.84
C SER L 5 -11.86 111.66 45.72
N THR L 6 -11.85 112.96 45.44
CA THR L 6 -10.90 113.53 44.50
C THR L 6 -9.56 113.83 45.13
N ASN L 7 -9.42 113.65 46.44
CA ASN L 7 -8.17 113.85 47.16
C ASN L 7 -7.68 115.29 47.07
N ASN L 8 -8.54 116.23 46.67
CA ASN L 8 -8.18 117.64 46.68
C ASN L 8 -8.52 118.32 48.00
N SER L 9 -8.87 117.53 49.02
CA SER L 9 -9.29 118.10 50.29
C SER L 9 -8.19 118.96 50.93
N ASN L 10 -6.95 118.50 50.87
CA ASN L 10 -5.85 119.16 51.55
C ASN L 10 -5.02 120.08 50.65
N SER L 11 -5.34 120.15 49.36
CA SER L 11 -4.61 121.02 48.46
C SER L 11 -5.10 122.46 48.61
N ASN L 12 -4.21 123.41 48.35
CA ASN L 12 -4.45 124.82 48.65
C ASN L 12 -4.79 125.59 47.38
N PHE L 13 -5.94 126.24 47.36
CA PHE L 13 -6.38 127.03 46.22
C PHE L 13 -6.77 128.43 46.67
N VAL L 14 -6.89 129.29 45.66
CA VAL L 14 -7.44 130.63 45.78
C VAL L 14 -8.53 130.76 44.73
N ASP L 15 -9.73 131.16 45.14
CA ASP L 15 -10.80 131.31 44.18
C ASP L 15 -10.57 132.57 43.35
N THR L 16 -11.03 132.53 42.09
CA THR L 16 -11.08 133.73 41.27
C THR L 16 -12.23 133.64 40.29
N SER L 17 -12.74 134.80 39.88
CA SER L 17 -13.95 134.86 39.06
C SER L 17 -13.62 134.68 37.59
N PHE L 18 -14.45 133.90 36.91
CA PHE L 18 -14.24 133.57 35.50
C PHE L 18 -15.64 133.42 34.89
N THR L 19 -16.18 134.53 34.41
CA THR L 19 -17.59 134.57 34.02
C THR L 19 -17.73 134.13 32.57
N LEU L 20 -18.45 133.02 32.36
CA LEU L 20 -18.56 132.43 31.05
C LEU L 20 -19.65 133.12 30.25
N LYS L 21 -19.36 133.37 28.97
CA LYS L 21 -20.35 133.83 27.99
C LYS L 21 -20.89 132.57 27.30
N VAL L 22 -22.08 132.14 27.70
CA VAL L 22 -22.74 130.93 27.21
C VAL L 22 -23.58 131.24 25.98
N PRO L 23 -23.48 130.45 24.92
CA PRO L 23 -24.22 130.73 23.69
C PRO L 23 -25.72 130.52 23.84
N VAL L 24 -26.48 131.32 23.09
CA VAL L 24 -27.90 131.09 22.88
C VAL L 24 -28.01 130.44 21.51
N TYR L 25 -27.97 129.11 21.51
CA TYR L 25 -27.83 128.39 20.25
C TYR L 25 -29.01 128.67 19.33
N SER L 26 -30.22 128.69 19.91
CA SER L 26 -31.41 128.98 19.13
C SER L 26 -31.29 130.27 18.31
N LYS L 27 -30.69 131.33 18.86
CA LYS L 27 -30.58 132.54 18.05
C LYS L 27 -29.36 132.51 17.13
N ASP L 28 -28.20 132.02 17.60
CA ASP L 28 -26.99 132.28 16.84
C ASP L 28 -26.50 131.14 15.97
N TYR L 29 -26.83 129.90 16.29
CA TYR L 29 -26.14 128.79 15.64
C TYR L 29 -27.09 127.94 14.81
N ARG L 30 -26.48 127.19 13.89
CA ARG L 30 -27.12 126.11 13.13
C ARG L 30 -26.19 124.91 13.14
N VAL L 31 -26.73 123.76 12.75
CA VAL L 31 -25.95 122.53 12.76
C VAL L 31 -25.35 122.31 11.37
N THR L 32 -24.03 122.20 11.32
CA THR L 32 -23.27 121.88 10.11
C THR L 32 -23.13 120.38 9.90
N GLN L 33 -22.84 119.63 10.95
CA GLN L 33 -22.65 118.20 10.81
C GLN L 33 -23.34 117.50 11.97
N ASP L 34 -24.18 116.52 11.67
CA ASP L 34 -24.90 115.72 12.66
C ASP L 34 -24.46 114.27 12.50
N GLU L 35 -23.35 113.93 13.13
CA GLU L 35 -22.86 112.57 13.20
C GLU L 35 -23.06 112.01 14.60
N PRO L 36 -23.05 110.68 14.75
CA PRO L 36 -23.28 110.12 16.08
C PRO L 36 -22.16 110.44 17.05
N ASP L 37 -20.94 110.66 16.57
CA ASP L 37 -19.80 110.88 17.43
C ASP L 37 -19.28 112.31 17.37
N GLU L 38 -19.70 113.10 16.40
CA GLU L 38 -19.09 114.39 16.12
C GLU L 38 -20.17 115.31 15.56
N VAL L 39 -20.48 116.37 16.30
CA VAL L 39 -21.42 117.39 15.84
C VAL L 39 -20.65 118.67 15.58
N VAL L 40 -21.00 119.33 14.48
CA VAL L 40 -20.40 120.61 14.14
C VAL L 40 -21.50 121.64 13.99
N VAL L 41 -21.25 122.81 14.55
CA VAL L 41 -22.20 123.89 14.71
C VAL L 41 -21.52 125.15 14.19
N ALA L 42 -22.33 126.04 13.60
CA ALA L 42 -21.80 127.24 12.96
C ALA L 42 -22.67 128.45 13.29
N ASN L 43 -22.04 129.62 13.32
CA ASN L 43 -22.73 130.87 13.62
C ASN L 43 -23.26 131.44 12.31
N ARG L 44 -24.58 131.38 12.15
CA ARG L 44 -25.23 131.90 10.95
C ARG L 44 -25.39 133.41 10.98
N GLN L 45 -25.17 134.07 12.12
CA GLN L 45 -25.29 135.52 12.21
C GLN L 45 -24.03 136.25 11.75
N GLN L 46 -22.88 135.60 11.79
CA GLN L 46 -21.65 136.22 11.34
C GLN L 46 -21.77 136.62 9.86
N PRO L 47 -21.12 137.70 9.44
CA PRO L 47 -20.99 137.97 8.00
C PRO L 47 -20.21 136.85 7.31
N PHE L 48 -20.23 136.89 5.97
CA PHE L 48 -19.74 135.75 5.20
C PHE L 48 -18.25 135.50 5.43
N GLY L 49 -17.46 136.57 5.51
CA GLY L 49 -16.02 136.40 5.71
C GLY L 49 -15.68 135.71 7.03
N VAL L 50 -16.44 136.00 8.08
CA VAL L 50 -16.10 135.55 9.42
C VAL L 50 -16.82 134.24 9.71
N LYS L 51 -16.05 133.16 9.80
CA LYS L 51 -16.59 131.85 10.12
C LYS L 51 -16.38 131.60 11.60
N ASN L 52 -17.48 131.51 12.35
CA ASN L 52 -17.47 131.19 13.78
C ASN L 52 -18.11 129.81 13.97
N THR L 53 -17.31 128.81 14.36
CA THR L 53 -17.78 127.42 14.45
C THR L 53 -17.40 126.77 15.78
N ALA L 54 -18.03 125.63 16.04
CA ALA L 54 -17.79 124.85 17.26
C ALA L 54 -18.01 123.38 16.94
N ARG L 55 -17.30 122.52 17.66
CA ARG L 55 -17.29 121.10 17.36
C ARG L 55 -17.35 120.34 18.67
N TYR L 56 -18.23 119.34 18.74
CA TYR L 56 -18.49 118.60 19.97
C TYR L 56 -18.36 117.13 19.63
N GLY L 57 -17.39 116.45 20.22
CA GLY L 57 -17.10 115.09 19.82
C GLY L 57 -16.82 114.18 20.99
N ILE L 58 -17.09 112.90 20.80
CA ILE L 58 -16.81 111.88 21.80
C ILE L 58 -16.17 110.67 21.12
N ARG L 59 -15.01 110.28 21.64
CA ARG L 59 -14.36 109.02 21.33
C ARG L 59 -14.50 108.14 22.55
N GLN L 60 -14.50 106.82 22.37
CA GLN L 60 -14.62 105.93 23.52
C GLN L 60 -13.25 105.34 23.85
N ILE L 61 -12.88 105.42 25.13
CA ILE L 61 -11.56 105.04 25.61
C ILE L 61 -11.59 103.58 26.00
N ALA L 62 -10.67 102.79 25.42
CA ALA L 62 -10.66 101.35 25.63
C ALA L 62 -10.11 101.00 27.01
N ASP L 63 -8.93 101.52 27.35
CA ASP L 63 -8.32 101.32 28.66
C ASP L 63 -7.99 102.70 29.20
N VAL L 64 -8.75 103.16 30.20
CA VAL L 64 -8.50 104.47 30.76
C VAL L 64 -7.19 104.49 31.55
N TYR L 65 -6.64 103.32 31.86
CA TYR L 65 -5.39 103.18 32.61
C TYR L 65 -4.18 103.04 31.70
N ARG L 66 -4.33 103.23 30.39
CA ARG L 66 -3.28 102.83 29.46
C ARG L 66 -1.99 103.62 29.69
N ASN L 67 -2.10 104.93 29.82
CA ASN L 67 -0.94 105.78 29.97
C ASN L 67 -0.80 106.33 31.39
N THR L 68 -1.22 105.55 32.37
CA THR L 68 -1.18 105.93 33.78
C THR L 68 -0.23 105.02 34.54
N THR L 69 0.13 105.46 35.74
CA THR L 69 1.07 104.75 36.61
C THR L 69 0.36 103.88 37.63
N ILE L 70 -0.93 103.60 37.42
CA ILE L 70 -1.73 102.88 38.40
C ILE L 70 -1.56 101.39 38.15
N ASP L 71 -1.01 100.67 39.12
CA ASP L 71 -0.83 99.23 38.97
C ASP L 71 -2.19 98.53 38.91
N ARG L 72 -2.21 97.38 38.25
CA ARG L 72 -3.47 96.68 38.01
C ARG L 72 -4.20 96.35 39.31
N ALA L 73 -3.45 95.98 40.35
CA ALA L 73 -4.07 95.65 41.63
C ALA L 73 -4.87 96.80 42.21
N TYR L 74 -4.74 98.01 41.67
CA TYR L 74 -5.43 99.18 42.18
C TYR L 74 -6.42 99.75 41.17
N GLN L 75 -6.66 99.07 40.06
CA GLN L 75 -7.56 99.54 39.02
C GLN L 75 -8.99 99.07 39.31
N SER L 76 -9.97 99.76 38.72
CA SER L 76 -11.34 99.32 38.85
C SER L 76 -11.52 98.05 38.03
N PRO L 77 -12.64 97.35 38.19
CA PRO L 77 -12.91 96.22 37.30
C PRO L 77 -13.14 96.66 35.87
N SER L 78 -13.67 97.87 35.65
CA SER L 78 -14.06 98.36 34.33
C SER L 78 -13.03 99.36 33.85
N LYS L 79 -12.46 99.10 32.68
CA LYS L 79 -11.48 100.00 32.10
C LYS L 79 -12.10 100.96 31.11
N LYS L 80 -13.40 100.88 30.89
CA LYS L 80 -14.08 101.72 29.91
C LYS L 80 -13.96 103.20 30.27
N GLY L 81 -13.92 104.05 29.25
CA GLY L 81 -14.02 105.48 29.47
C GLY L 81 -14.62 106.16 28.24
N THR L 82 -14.88 107.46 28.38
CA THR L 82 -15.22 108.28 27.24
C THR L 82 -14.33 109.52 27.23
N SER L 83 -14.16 110.08 26.05
CA SER L 83 -13.27 111.21 25.82
C SER L 83 -14.05 112.26 25.05
N LEU L 84 -14.22 113.42 25.66
CA LEU L 84 -14.99 114.51 25.11
C LEU L 84 -14.07 115.58 24.58
N VAL L 85 -14.44 116.17 23.45
CA VAL L 85 -13.75 117.32 22.91
C VAL L 85 -14.75 118.41 22.61
N VAL L 86 -14.38 119.63 22.97
CA VAL L 86 -15.16 120.83 22.71
C VAL L 86 -14.20 121.80 22.06
N GLN L 87 -14.39 122.06 20.77
CA GLN L 87 -13.53 122.98 20.03
C GLN L 87 -14.31 124.20 19.57
N VAL L 88 -13.67 125.36 19.65
CA VAL L 88 -14.25 126.58 19.13
C VAL L 88 -13.25 127.16 18.13
N THR L 89 -13.78 127.71 17.04
CA THR L 89 -13.02 128.33 15.97
C THR L 89 -13.63 129.69 15.68
N GLU L 90 -12.82 130.74 15.81
CA GLU L 90 -13.27 132.09 15.55
C GLU L 90 -12.37 132.72 14.49
N THR L 91 -12.89 133.79 13.88
CA THR L 91 -12.12 134.55 12.90
C THR L 91 -12.23 136.03 13.26
N TRP L 92 -11.10 136.62 13.63
CA TRP L 92 -11.04 138.01 14.04
C TRP L 92 -10.57 138.82 12.83
N THR L 93 -11.00 140.07 12.76
CA THR L 93 -10.58 140.92 11.64
C THR L 93 -9.83 142.15 12.16
N VAL L 94 -8.75 142.49 11.47
CA VAL L 94 -7.97 143.68 11.73
C VAL L 94 -8.20 144.64 10.58
N ALA L 95 -8.54 145.89 10.92
CA ALA L 95 -8.74 146.93 9.91
C ALA L 95 -8.21 148.24 10.46
N SER L 96 -8.40 149.31 9.70
CA SER L 96 -7.84 150.61 10.04
C SER L 96 -8.92 151.68 10.03
N THR L 97 -8.75 152.68 10.91
CA THR L 97 -9.62 153.85 10.91
C THR L 97 -9.35 154.74 9.71
N ASP L 98 -8.06 154.95 9.41
CA ASP L 98 -7.68 155.91 8.37
C ASP L 98 -7.82 155.31 6.98
N ASP L 99 -7.73 153.98 6.86
CA ASP L 99 -7.61 153.30 5.59
C ASP L 99 -8.67 152.21 5.49
N GLU L 100 -9.61 152.38 4.56
CA GLU L 100 -10.63 151.38 4.33
C GLU L 100 -10.09 150.14 3.63
N THR L 101 -8.96 150.26 2.93
CA THR L 101 -8.42 149.14 2.17
C THR L 101 -7.47 148.26 2.98
N TYR L 102 -7.16 148.64 4.21
CA TYR L 102 -6.19 147.90 5.02
C TYR L 102 -6.91 146.97 5.96
N GLY L 103 -6.61 145.68 5.86
CA GLY L 103 -7.12 144.70 6.80
C GLY L 103 -6.65 143.30 6.49
N TYR L 104 -6.89 142.42 7.44
CA TYR L 104 -6.70 140.98 7.28
C TYR L 104 -7.55 140.23 8.31
N SER L 105 -7.54 138.91 8.21
CA SER L 105 -8.29 138.04 9.11
C SER L 105 -7.35 137.10 9.84
N LEU L 106 -7.48 137.02 11.16
CA LEU L 106 -6.69 136.17 12.02
C LEU L 106 -7.53 134.99 12.47
N PRO L 107 -7.02 133.78 12.35
CA PRO L 107 -7.76 132.62 12.84
C PRO L 107 -7.44 132.28 14.28
N PHE L 108 -8.46 132.16 15.12
CA PHE L 108 -8.30 131.66 16.47
C PHE L 108 -8.96 130.30 16.59
N SER L 109 -8.30 129.38 17.27
CA SER L 109 -8.91 128.10 17.58
C SER L 109 -8.47 127.68 18.97
N ALA L 110 -9.33 126.93 19.63
CA ALA L 110 -8.96 126.38 20.92
C ALA L 110 -9.89 125.22 21.20
N HIS L 111 -9.42 124.27 22.02
CA HIS L 111 -10.29 123.17 22.37
C HIS L 111 -9.95 122.63 23.75
N VAL L 112 -10.92 121.91 24.30
CA VAL L 112 -10.79 121.21 25.56
C VAL L 112 -11.05 119.74 25.30
N ILE L 113 -10.29 118.89 25.98
CA ILE L 113 -10.49 117.45 25.93
C ILE L 113 -10.59 116.98 27.38
N VAL L 114 -11.56 116.11 27.63
CA VAL L 114 -11.84 115.59 28.97
C VAL L 114 -11.93 114.08 28.88
N ASN L 115 -11.22 113.36 29.75
CA ASN L 115 -11.11 111.91 29.66
C ASN L 115 -11.71 111.31 30.93
N VAL L 116 -13.00 110.98 30.88
CA VAL L 116 -13.76 110.58 32.07
C VAL L 116 -13.89 109.06 32.08
N PRO L 117 -13.46 108.37 33.14
CA PRO L 117 -13.79 106.96 33.30
C PRO L 117 -15.28 106.78 33.54
N GLN L 118 -15.83 105.67 33.03
CA GLN L 118 -17.25 105.37 33.27
C GLN L 118 -17.38 104.68 34.61
N ASP L 119 -17.52 105.49 35.65
CA ASP L 119 -17.81 105.01 37.00
C ASP L 119 -19.04 105.75 37.48
N ALA L 120 -20.01 105.02 38.00
CA ALA L 120 -21.27 105.65 38.37
C ALA L 120 -21.06 106.74 39.42
N LEU L 121 -19.98 106.65 40.20
CA LEU L 121 -19.69 107.60 41.27
C LEU L 121 -19.16 108.93 40.78
N ILE L 122 -18.62 109.00 39.56
CA ILE L 122 -18.25 110.28 38.97
C ILE L 122 -19.53 111.02 38.60
N THR L 123 -19.74 112.19 39.18
CA THR L 123 -20.95 112.96 38.96
C THR L 123 -20.66 114.15 38.05
N GLU L 124 -21.75 114.73 37.50
CA GLU L 124 -21.57 115.87 36.63
C GLU L 124 -20.95 117.04 37.38
N GLU L 125 -21.31 117.18 38.66
CA GLU L 125 -20.72 118.25 39.46
C GLU L 125 -19.23 117.99 39.71
N ILE L 126 -18.85 116.74 39.99
CA ILE L 126 -17.43 116.41 40.14
C ILE L 126 -16.67 116.84 38.88
N LEU L 127 -17.24 116.52 37.71
CA LEU L 127 -16.56 116.83 36.46
C LEU L 127 -16.44 118.34 36.23
N TYR L 128 -17.51 119.09 36.50
CA TYR L 128 -17.40 120.54 36.35
C TYR L 128 -16.38 121.13 37.31
N ASP L 129 -16.32 120.63 38.55
CA ASP L 129 -15.32 121.13 39.48
C ASP L 129 -13.91 120.80 38.99
N ALA L 130 -13.74 119.64 38.37
CA ALA L 130 -12.46 119.32 37.76
C ALA L 130 -12.12 120.32 36.66
N LEU L 131 -13.10 120.66 35.82
CA LEU L 131 -12.85 121.66 34.77
C LEU L 131 -12.47 123.01 35.38
N LYS L 132 -13.09 123.37 36.50
CA LYS L 132 -12.77 124.64 37.14
C LYS L 132 -11.33 124.62 37.65
N ARG L 133 -10.88 123.48 38.20
CA ARG L 133 -9.49 123.35 38.64
C ARG L 133 -8.53 123.43 37.45
N LEU L 134 -8.89 122.76 36.36
CA LEU L 134 -8.12 122.83 35.12
C LEU L 134 -7.90 124.26 34.68
N MET L 135 -8.98 125.00 34.49
CA MET L 135 -8.84 126.39 34.05
C MET L 135 -8.13 127.25 35.08
N GLY L 136 -8.14 126.85 36.36
CA GLY L 136 -7.39 127.61 37.34
C GLY L 136 -5.89 127.62 37.08
N HIS L 137 -5.39 126.67 36.30
CA HIS L 137 -3.96 126.63 36.01
C HIS L 137 -3.52 127.72 35.04
N PHE L 138 -4.46 128.43 34.42
CA PHE L 138 -4.15 129.63 33.65
C PHE L 138 -3.88 130.82 34.54
N TYR L 139 -3.86 130.61 35.85
CA TYR L 139 -3.62 131.67 36.81
C TYR L 139 -2.56 131.20 37.79
N GLU L 140 -2.10 132.11 38.63
CA GLU L 140 -1.23 131.78 39.75
C GLU L 140 -1.84 132.40 41.01
N GLY L 141 -1.81 131.64 42.09
CA GLY L 141 -2.47 132.00 43.33
C GLY L 141 -1.52 132.43 44.42
N ASN L 142 -1.96 133.43 45.19
CA ASN L 142 -1.24 134.00 46.33
C ASN L 142 -2.23 134.10 47.50
N ASP L 143 -2.05 133.26 48.52
CA ASP L 143 -2.90 133.31 49.71
C ASP L 143 -2.18 133.96 50.89
N THR L 144 -0.93 134.38 50.72
CA THR L 144 -0.23 135.01 51.83
C THR L 144 -0.78 136.40 52.12
N THR L 145 -1.15 137.15 51.07
CA THR L 145 -1.68 138.50 51.25
C THR L 145 -3.04 138.49 51.94
N SER L 146 -3.35 139.63 52.53
CA SER L 146 -4.59 139.74 53.30
C SER L 146 -5.82 139.40 52.47
N PRO L 147 -6.07 140.03 51.30
CA PRO L 147 -7.03 139.39 50.39
C PRO L 147 -6.32 138.40 49.49
N THR L 148 -6.83 137.18 49.36
CA THR L 148 -6.24 136.24 48.43
C THR L 148 -6.32 136.83 47.02
N THR L 149 -5.19 136.81 46.31
CA THR L 149 -5.09 137.41 45.00
C THR L 149 -4.53 136.42 43.99
N THR L 150 -4.83 136.67 42.72
CA THR L 150 -4.40 135.84 41.61
C THR L 150 -3.89 136.72 40.48
N SER L 151 -2.82 136.27 39.84
CA SER L 151 -2.30 136.95 38.65
C SER L 151 -2.43 136.03 37.44
N VAL L 152 -2.64 136.62 36.28
CA VAL L 152 -2.87 135.86 35.05
C VAL L 152 -1.55 135.31 34.52
N ARG L 153 -1.63 134.18 33.82
CA ARG L 153 -0.42 133.49 33.37
C ARG L 153 -0.44 133.12 31.90
N LEU L 154 -1.53 133.39 31.18
CA LEU L 154 -1.65 132.90 29.81
C LEU L 154 -0.58 133.47 28.89
N LYS L 155 -0.39 134.79 28.93
CA LYS L 155 0.59 135.40 28.05
C LYS L 155 2.01 134.98 28.45
N ASP L 156 2.27 134.89 29.75
CA ASP L 156 3.57 134.44 30.21
C ASP L 156 3.91 133.06 29.64
N MET L 157 2.95 132.14 29.70
CA MET L 157 3.20 130.80 29.16
C MET L 157 3.40 130.85 27.66
N LEU L 158 2.53 131.58 26.94
CA LEU L 158 2.71 131.73 25.51
C LEU L 158 4.12 132.21 25.16
N GLN L 159 4.67 133.11 25.99
CA GLN L 159 5.98 133.70 25.74
C GLN L 159 7.12 132.91 26.34
N GLY L 160 6.89 131.66 26.75
CA GLY L 160 7.97 130.78 27.16
C GLY L 160 8.26 130.74 28.64
N ALA L 161 7.51 131.48 29.46
CA ALA L 161 7.66 131.42 30.90
C ALA L 161 6.66 130.40 31.44
N LEU L 162 7.05 129.14 31.36
CA LEU L 162 6.12 128.07 31.65
C LEU L 162 6.10 127.68 33.12
N VAL L 163 7.20 127.90 33.83
CA VAL L 163 7.24 127.60 35.26
C VAL L 163 6.59 128.74 36.03
N PRO L 164 5.71 128.46 36.98
CA PRO L 164 5.08 129.52 37.77
C PRO L 164 6.10 130.37 38.52
N GLN L 165 5.72 131.62 38.78
CA GLN L 165 6.53 132.50 39.63
C GLN L 165 6.83 131.87 40.98
N SER L 166 5.82 131.23 41.58
CA SER L 166 5.97 130.68 42.93
C SER L 166 7.06 129.62 43.00
N LEU L 167 7.35 128.95 41.88
CA LEU L 167 8.29 127.83 41.84
C LEU L 167 9.65 128.22 41.25
N SER M 1 2.57 -70.18 8.46
CA SER M 1 3.79 -70.96 8.32
C SER M 1 4.29 -70.91 6.90
N LYS M 2 5.59 -70.65 6.74
CA LYS M 2 6.22 -70.53 5.44
C LYS M 2 6.88 -71.86 5.06
N ILE M 3 6.76 -72.24 3.79
CA ILE M 3 7.31 -73.51 3.32
C ILE M 3 8.13 -73.26 2.06
N LEU M 4 9.33 -73.84 2.02
CA LEU M 4 10.20 -73.81 0.87
C LEU M 4 10.14 -75.14 0.13
N SER M 5 10.08 -75.07 -1.19
CA SER M 5 10.16 -76.24 -2.06
C SER M 5 11.29 -76.06 -3.05
N THR M 6 12.01 -77.15 -3.32
CA THR M 6 13.04 -77.15 -4.33
C THR M 6 12.50 -77.50 -5.72
N ASN M 7 11.23 -77.93 -5.80
CA ASN M 7 10.56 -78.20 -7.08
C ASN M 7 11.26 -79.30 -7.86
N ASN M 8 11.98 -80.19 -7.19
CA ASN M 8 12.59 -81.33 -7.85
C ASN M 8 11.74 -82.58 -7.77
N SER M 9 10.56 -82.49 -7.15
CA SER M 9 9.71 -83.65 -6.98
C SER M 9 9.26 -84.25 -8.30
N ASN M 10 9.19 -83.44 -9.35
CA ASN M 10 8.73 -83.92 -10.65
C ASN M 10 9.87 -84.34 -11.56
N SER M 11 11.12 -84.23 -11.10
CA SER M 11 12.25 -84.67 -11.89
C SER M 11 12.47 -86.17 -11.72
N ASN M 12 13.14 -86.75 -12.71
CA ASN M 12 13.41 -88.17 -12.82
C ASN M 12 14.90 -88.42 -12.65
N PHE M 13 15.28 -89.07 -11.55
CA PHE M 13 16.70 -89.35 -11.26
C PHE M 13 16.92 -90.85 -10.98
N VAL M 14 18.17 -91.27 -11.07
CA VAL M 14 18.58 -92.61 -10.71
C VAL M 14 19.61 -92.47 -9.60
N ASP M 15 19.37 -93.16 -8.50
CA ASP M 15 20.38 -93.16 -7.46
C ASP M 15 21.59 -93.94 -7.96
N THR M 16 22.79 -93.48 -7.58
CA THR M 16 23.99 -94.24 -7.85
C THR M 16 25.00 -93.95 -6.75
N SER M 17 25.88 -94.91 -6.50
CA SER M 17 26.79 -94.83 -5.36
C SER M 17 28.00 -94.00 -5.72
N PHE M 18 28.39 -93.14 -4.79
CA PHE M 18 29.52 -92.22 -5.00
C PHE M 18 30.16 -92.07 -3.63
N THR M 19 31.11 -92.96 -3.33
CA THR M 19 31.64 -93.10 -1.99
C THR M 19 32.81 -92.13 -1.80
N LEU M 20 32.64 -91.19 -0.87
CA LEU M 20 33.61 -90.12 -0.67
C LEU M 20 34.72 -90.58 0.25
N LYS M 21 35.95 -90.23 -0.11
CA LYS M 21 37.11 -90.37 0.77
C LYS M 21 37.30 -89.02 1.47
N VAL M 22 36.84 -88.94 2.70
CA VAL M 22 36.87 -87.76 3.57
C VAL M 22 38.19 -87.65 4.30
N PRO M 23 38.81 -86.48 4.35
CA PRO M 23 40.12 -86.33 5.01
C PRO M 23 40.04 -86.47 6.51
N VAL M 24 41.20 -86.79 7.09
CA VAL M 24 41.38 -86.71 8.53
C VAL M 24 42.34 -85.56 8.79
N TYR M 25 41.76 -84.37 8.98
CA TYR M 25 42.55 -83.16 8.93
C TYR M 25 43.60 -83.14 10.02
N SER M 26 43.24 -83.62 11.20
CA SER M 26 44.19 -83.65 12.32
C SER M 26 45.44 -84.44 11.96
N LYS M 27 45.27 -85.61 11.31
CA LYS M 27 46.44 -86.41 10.97
C LYS M 27 47.25 -85.79 9.84
N ASP M 28 46.57 -85.31 8.78
CA ASP M 28 47.27 -85.04 7.53
C ASP M 28 47.55 -83.57 7.22
N TYR M 29 46.67 -82.67 7.61
CA TYR M 29 46.68 -81.31 7.10
C TYR M 29 47.09 -80.31 8.16
N ARG M 30 47.81 -79.29 7.74
CA ARG M 30 48.15 -78.12 8.54
C ARG M 30 47.60 -76.89 7.84
N VAL M 31 47.62 -75.74 8.49
CA VAL M 31 47.00 -74.55 7.93
C VAL M 31 48.07 -73.64 7.35
N THR M 32 47.96 -73.35 6.05
CA THR M 32 48.85 -72.43 5.35
C THR M 32 48.38 -70.99 5.40
N GLN M 33 47.06 -70.77 5.34
CA GLN M 33 46.49 -69.42 5.26
C GLN M 33 45.22 -69.38 6.10
N ASP M 34 45.11 -68.39 7.00
CA ASP M 34 43.89 -68.20 7.81
C ASP M 34 43.29 -66.81 7.61
N GLU M 35 43.12 -66.38 6.36
CA GLU M 35 42.49 -65.09 6.22
C GLU M 35 40.99 -65.18 6.48
N PRO M 36 40.36 -64.06 6.88
CA PRO M 36 38.96 -64.13 7.35
C PRO M 36 37.99 -64.72 6.36
N ASP M 37 38.22 -64.53 5.06
CA ASP M 37 37.35 -65.09 4.05
C ASP M 37 37.97 -66.24 3.27
N GLU M 38 39.23 -66.61 3.55
CA GLU M 38 39.90 -67.60 2.70
C GLU M 38 40.89 -68.37 3.55
N VAL M 39 40.71 -69.68 3.63
CA VAL M 39 41.61 -70.55 4.37
C VAL M 39 42.26 -71.51 3.40
N VAL M 40 43.55 -71.77 3.62
CA VAL M 40 44.31 -72.73 2.83
C VAL M 40 44.97 -73.72 3.77
N VAL M 41 44.95 -74.97 3.36
CA VAL M 41 45.29 -76.13 4.16
C VAL M 41 46.21 -77.01 3.33
N ALA M 42 47.35 -77.38 3.90
CA ALA M 42 48.36 -78.15 3.18
C ALA M 42 48.49 -79.55 3.75
N ASN M 43 48.83 -80.49 2.87
CA ASN M 43 48.98 -81.89 3.22
C ASN M 43 50.41 -82.13 3.68
N ARG M 44 50.59 -82.29 4.98
CA ARG M 44 51.92 -82.49 5.55
C ARG M 44 52.54 -83.82 5.14
N GLN M 45 51.74 -84.78 4.67
CA GLN M 45 52.22 -86.12 4.33
C GLN M 45 53.03 -86.15 3.04
N GLN M 46 53.07 -85.07 2.28
CA GLN M 46 53.69 -85.19 0.98
C GLN M 46 55.17 -84.84 1.02
N PRO M 47 55.96 -85.41 0.11
CA PRO M 47 57.34 -84.95 -0.07
C PRO M 47 57.39 -83.56 -0.68
N PHE M 48 58.58 -82.96 -0.81
CA PHE M 48 58.63 -81.56 -1.20
C PHE M 48 58.14 -81.33 -2.62
N GLY M 49 58.49 -82.22 -3.55
CA GLY M 49 58.00 -82.06 -4.91
C GLY M 49 56.50 -82.00 -4.98
N VAL M 50 55.82 -82.90 -4.27
CA VAL M 50 54.39 -83.10 -4.41
C VAL M 50 53.65 -82.06 -3.55
N LYS M 51 52.82 -81.25 -4.19
CA LYS M 51 52.00 -80.27 -3.50
C LYS M 51 50.57 -80.77 -3.45
N ASN M 52 50.01 -80.84 -2.25
CA ASN M 52 48.64 -81.30 -2.02
C ASN M 52 47.98 -80.30 -1.08
N THR M 53 47.07 -79.47 -1.60
CA THR M 53 46.46 -78.41 -0.80
C THR M 53 44.96 -78.32 -1.05
N ALA M 54 44.27 -77.67 -0.13
CA ALA M 54 42.85 -77.40 -0.23
C ALA M 54 42.61 -75.95 0.19
N ARG M 55 41.60 -75.35 -0.43
CA ARG M 55 41.30 -73.94 -0.26
C ARG M 55 39.80 -73.80 -0.04
N TYR M 56 39.43 -73.08 1.01
CA TYR M 56 38.04 -72.96 1.42
C TYR M 56 37.76 -71.47 1.56
N GLY M 57 36.85 -70.95 0.75
CA GLY M 57 36.63 -69.52 0.71
C GLY M 57 35.16 -69.16 0.58
N ILE M 58 34.81 -67.99 1.11
CA ILE M 58 33.47 -67.45 0.95
C ILE M 58 33.57 -66.01 0.46
N ARG M 59 32.65 -65.65 -0.44
CA ARG M 59 32.45 -64.30 -0.94
C ARG M 59 30.98 -63.94 -0.72
N GLN M 60 30.71 -62.66 -0.50
CA GLN M 60 29.33 -62.22 -0.34
C GLN M 60 28.78 -61.77 -1.69
N ILE M 61 27.55 -62.20 -1.99
CA ILE M 61 26.87 -61.89 -3.24
C ILE M 61 25.97 -60.70 -2.99
N ALA M 62 26.25 -59.60 -3.70
CA ALA M 62 25.49 -58.37 -3.50
C ALA M 62 24.03 -58.59 -3.83
N ASP M 63 23.74 -58.93 -5.09
CA ASP M 63 22.38 -59.16 -5.56
C ASP M 63 22.32 -60.60 -6.08
N VAL M 64 21.61 -61.46 -5.36
CA VAL M 64 21.51 -62.86 -5.76
C VAL M 64 20.68 -63.02 -7.03
N TYR M 65 19.88 -62.02 -7.38
CA TYR M 65 19.07 -62.02 -8.59
C TYR M 65 19.77 -61.34 -9.76
N ARG M 66 21.03 -60.92 -9.59
CA ARG M 66 21.67 -60.00 -10.53
C ARG M 66 21.68 -60.56 -11.95
N ASN M 67 21.97 -61.84 -12.10
CA ASN M 67 22.06 -62.47 -13.40
C ASN M 67 20.90 -63.40 -13.70
N THR M 68 19.93 -63.52 -12.80
CA THR M 68 18.76 -64.34 -13.05
C THR M 68 17.63 -63.51 -13.64
N THR M 69 16.60 -64.20 -14.12
CA THR M 69 15.49 -63.55 -14.79
C THR M 69 14.19 -63.66 -13.99
N ILE M 70 14.30 -63.86 -12.68
CA ILE M 70 13.12 -63.90 -11.81
C ILE M 70 12.49 -62.52 -11.76
N ASP M 71 11.18 -62.46 -11.97
CA ASP M 71 10.53 -61.15 -11.98
C ASP M 71 10.67 -60.47 -10.64
N ARG M 72 10.78 -59.14 -10.68
CA ARG M 72 10.93 -58.34 -9.47
C ARG M 72 9.83 -58.68 -8.47
N ALA M 73 8.61 -58.86 -8.96
CA ALA M 73 7.47 -59.12 -8.09
C ALA M 73 7.63 -60.40 -7.28
N TYR M 74 8.54 -61.28 -7.68
CA TYR M 74 8.75 -62.54 -6.97
C TYR M 74 10.13 -62.63 -6.34
N GLN M 75 10.82 -61.51 -6.17
CA GLN M 75 12.12 -61.54 -5.52
C GLN M 75 11.96 -61.38 -4.01
N SER M 76 12.81 -62.08 -3.27
CA SER M 76 12.84 -61.93 -1.83
C SER M 76 13.20 -60.48 -1.46
N PRO M 77 12.76 -60.02 -0.29
CA PRO M 77 13.27 -58.73 0.19
C PRO M 77 14.76 -58.75 0.40
N SER M 78 15.27 -59.83 1.01
CA SER M 78 16.70 -59.99 1.25
C SER M 78 17.35 -60.57 0.00
N LYS M 79 18.17 -59.75 -0.66
CA LYS M 79 18.78 -60.13 -1.92
C LYS M 79 20.23 -60.53 -1.78
N LYS M 80 20.71 -60.69 -0.55
CA LYS M 80 22.10 -61.04 -0.32
C LYS M 80 22.27 -62.54 -0.45
N GLY M 81 23.46 -62.96 -0.89
CA GLY M 81 23.79 -64.37 -0.96
C GLY M 81 25.19 -64.63 -0.42
N THR M 82 25.51 -65.92 -0.31
CA THR M 82 26.86 -66.36 0.01
C THR M 82 27.35 -67.29 -1.09
N SER M 83 28.60 -67.11 -1.49
CA SER M 83 29.24 -67.94 -2.49
C SER M 83 30.39 -68.68 -1.82
N LEU M 84 30.32 -70.00 -1.79
CA LEU M 84 31.33 -70.85 -1.20
C LEU M 84 32.16 -71.50 -2.29
N VAL M 85 33.45 -71.65 -2.02
CA VAL M 85 34.36 -72.34 -2.92
C VAL M 85 35.18 -73.34 -2.12
N VAL M 86 35.33 -74.53 -2.69
CA VAL M 86 36.13 -75.62 -2.14
C VAL M 86 37.01 -76.09 -3.28
N GLN M 87 38.32 -75.81 -3.19
CA GLN M 87 39.29 -76.24 -4.20
C GLN M 87 40.24 -77.27 -3.62
N VAL M 88 40.55 -78.29 -4.40
CA VAL M 88 41.59 -79.24 -4.06
C VAL M 88 42.62 -79.23 -5.17
N THR M 89 43.89 -79.25 -4.77
CA THR M 89 45.04 -79.22 -5.66
C THR M 89 45.92 -80.40 -5.33
N GLU M 90 46.20 -81.24 -6.33
CA GLU M 90 47.01 -82.43 -6.14
C GLU M 90 48.15 -82.42 -7.15
N THR M 91 49.21 -83.14 -6.81
CA THR M 91 50.35 -83.32 -7.70
C THR M 91 50.54 -84.81 -7.92
N TRP M 92 50.34 -85.25 -9.14
CA TRP M 92 50.48 -86.65 -9.52
C TRP M 92 51.87 -86.85 -10.13
N THR M 93 52.37 -88.08 -10.05
CA THR M 93 53.68 -88.37 -10.61
C THR M 93 53.61 -89.59 -11.53
N VAL M 94 54.42 -89.54 -12.59
CA VAL M 94 54.51 -90.62 -13.55
C VAL M 94 55.94 -91.14 -13.51
N ALA M 95 56.09 -92.45 -13.36
CA ALA M 95 57.40 -93.09 -13.32
C ALA M 95 57.33 -94.40 -14.09
N SER M 96 58.46 -95.11 -14.10
CA SER M 96 58.57 -96.39 -14.77
C SER M 96 59.07 -97.46 -13.81
N THR M 97 58.44 -98.64 -13.88
CA THR M 97 58.93 -99.81 -13.17
C THR M 97 60.35 -100.14 -13.59
N ASP M 98 60.61 -100.09 -14.89
CA ASP M 98 61.86 -100.56 -15.45
C ASP M 98 62.98 -99.53 -15.26
N ASP M 99 62.66 -98.24 -15.36
CA ASP M 99 63.64 -97.17 -15.37
C ASP M 99 63.37 -96.25 -14.17
N GLU M 100 64.26 -96.29 -13.20
CA GLU M 100 64.08 -95.50 -11.99
C GLU M 100 64.37 -94.03 -12.20
N THR M 101 64.83 -93.64 -13.39
CA THR M 101 65.13 -92.26 -13.70
C THR M 101 64.02 -91.56 -14.47
N TYR M 102 63.09 -92.32 -15.01
CA TYR M 102 62.00 -91.75 -15.78
C TYR M 102 60.93 -91.27 -14.82
N GLY M 103 60.56 -90.00 -14.94
CA GLY M 103 59.51 -89.43 -14.12
C GLY M 103 59.19 -88.01 -14.51
N TYR M 104 57.95 -87.63 -14.22
CA TYR M 104 57.55 -86.22 -14.28
C TYR M 104 56.33 -86.01 -13.39
N SER M 105 56.03 -84.75 -13.13
CA SER M 105 54.90 -84.37 -12.26
C SER M 105 53.81 -83.67 -13.07
N LEU M 106 52.57 -84.06 -12.81
CA LEU M 106 51.37 -83.50 -13.42
C LEU M 106 50.57 -82.76 -12.37
N PRO M 107 50.10 -81.55 -12.66
CA PRO M 107 49.26 -80.83 -11.70
C PRO M 107 47.77 -81.05 -11.96
N PHE M 108 47.03 -81.44 -10.92
CA PHE M 108 45.59 -81.56 -10.99
C PHE M 108 44.96 -80.57 -10.05
N SER M 109 43.85 -79.97 -10.47
CA SER M 109 43.08 -79.13 -9.58
C SER M 109 41.62 -79.25 -9.96
N ALA M 110 40.77 -79.04 -8.97
CA ALA M 110 39.35 -79.01 -9.24
C ALA M 110 38.67 -78.32 -8.07
N HIS M 111 37.60 -77.61 -8.36
CA HIS M 111 36.89 -76.94 -7.28
C HIS M 111 35.40 -77.00 -7.51
N VAL M 112 34.69 -76.68 -6.43
CA VAL M 112 33.25 -76.63 -6.38
C VAL M 112 32.87 -75.25 -5.87
N ILE M 113 31.86 -74.65 -6.48
CA ILE M 113 31.33 -73.37 -6.07
C ILE M 113 29.85 -73.54 -5.83
N VAL M 114 29.36 -72.97 -4.73
CA VAL M 114 27.98 -73.09 -4.31
C VAL M 114 27.46 -71.70 -3.97
N ASN M 115 26.38 -71.28 -4.63
CA ASN M 115 25.85 -69.93 -4.50
C ASN M 115 24.46 -70.04 -3.86
N VAL M 116 24.40 -69.74 -2.57
CA VAL M 116 23.24 -69.98 -1.71
C VAL M 116 22.66 -68.64 -1.30
N PRO M 117 21.38 -68.36 -1.59
CA PRO M 117 20.75 -67.15 -1.05
C PRO M 117 20.67 -67.21 0.46
N GLN M 118 20.74 -66.03 1.09
CA GLN M 118 20.63 -65.94 2.55
C GLN M 118 19.15 -65.92 2.92
N ASP M 119 18.60 -67.12 3.17
CA ASP M 119 17.19 -67.27 3.55
C ASP M 119 17.10 -68.31 4.65
N ALA M 120 16.28 -68.02 5.66
CA ALA M 120 16.19 -68.89 6.83
C ALA M 120 15.74 -70.30 6.45
N LEU M 121 14.94 -70.44 5.40
CA LEU M 121 14.35 -71.74 5.09
C LEU M 121 15.32 -72.71 4.42
N ILE M 122 16.42 -72.21 3.84
CA ILE M 122 17.41 -73.10 3.25
C ILE M 122 18.20 -73.77 4.37
N THR M 123 18.25 -75.10 4.34
CA THR M 123 18.90 -75.86 5.40
C THR M 123 20.10 -76.64 4.88
N GLU M 124 20.91 -77.10 5.83
CA GLU M 124 22.16 -77.78 5.45
C GLU M 124 21.86 -79.03 4.67
N GLU M 125 20.80 -79.76 5.05
CA GLU M 125 20.42 -80.95 4.30
C GLU M 125 19.97 -80.59 2.88
N ILE M 126 19.19 -79.52 2.74
CA ILE M 126 18.77 -79.08 1.41
C ILE M 126 19.98 -78.85 0.54
N LEU M 127 21.02 -78.22 1.10
CA LEU M 127 22.20 -77.91 0.31
C LEU M 127 23.01 -79.15 -0.03
N TYR M 128 23.17 -80.08 0.91
CA TYR M 128 23.86 -81.31 0.56
C TYR M 128 23.13 -82.07 -0.54
N ASP M 129 21.79 -82.14 -0.46
CA ASP M 129 21.05 -82.82 -1.52
C ASP M 129 21.15 -82.08 -2.84
N ALA M 130 21.29 -80.75 -2.79
CA ALA M 130 21.61 -80.01 -4.00
C ALA M 130 22.95 -80.45 -4.56
N LEU M 131 23.96 -80.57 -3.70
CA LEU M 131 25.27 -81.01 -4.16
C LEU M 131 25.18 -82.40 -4.78
N LYS M 132 24.32 -83.26 -4.23
CA LYS M 132 24.17 -84.61 -4.77
C LYS M 132 23.53 -84.57 -6.16
N ARG M 133 22.53 -83.72 -6.34
CA ARG M 133 21.95 -83.51 -7.67
C ARG M 133 23.00 -82.99 -8.64
N LEU M 134 23.81 -82.02 -8.18
CA LEU M 134 24.87 -81.44 -9.00
C LEU M 134 25.84 -82.49 -9.48
N MET M 135 26.49 -83.18 -8.56
CA MET M 135 27.44 -84.22 -8.94
C MET M 135 26.79 -85.33 -9.75
N GLY M 136 25.47 -85.51 -9.63
CA GLY M 136 24.83 -86.53 -10.44
C GLY M 136 24.87 -86.24 -11.93
N HIS M 137 25.12 -85.00 -12.33
CA HIS M 137 25.21 -84.65 -13.74
C HIS M 137 26.49 -85.15 -14.40
N PHE M 138 27.40 -85.75 -13.63
CA PHE M 138 28.54 -86.43 -14.23
C PHE M 138 28.19 -87.83 -14.72
N TYR M 139 26.91 -88.21 -14.63
CA TYR M 139 26.45 -89.52 -15.07
C TYR M 139 25.19 -89.32 -15.91
N GLU M 140 24.77 -90.39 -16.57
CA GLU M 140 23.50 -90.43 -17.29
C GLU M 140 22.65 -91.55 -16.74
N GLY M 141 21.38 -91.24 -16.48
CA GLY M 141 20.45 -92.19 -15.90
C GLY M 141 19.62 -92.89 -16.96
N ASN M 142 19.32 -94.16 -16.69
CA ASN M 142 18.60 -95.05 -17.58
C ASN M 142 17.51 -95.77 -16.80
N ASP M 143 16.28 -95.28 -16.92
CA ASP M 143 15.06 -95.90 -16.41
C ASP M 143 14.47 -96.93 -17.36
N THR M 144 14.95 -96.98 -18.62
CA THR M 144 14.46 -97.98 -19.57
C THR M 144 14.74 -99.39 -19.06
N THR M 145 15.93 -99.62 -18.51
CA THR M 145 16.26 -100.93 -17.97
C THR M 145 15.30 -101.29 -16.85
N SER M 146 15.11 -102.59 -16.68
CA SER M 146 14.29 -103.08 -15.57
C SER M 146 14.91 -102.72 -14.21
N PRO M 147 16.20 -103.05 -13.90
CA PRO M 147 16.84 -102.37 -12.75
C PRO M 147 17.47 -101.06 -13.23
N THR M 148 17.20 -99.92 -12.61
CA THR M 148 17.60 -98.65 -13.21
C THR M 148 19.11 -98.52 -13.12
N THR M 149 19.75 -98.08 -14.21
CA THR M 149 21.22 -98.09 -14.30
C THR M 149 21.75 -96.73 -14.74
N THR M 150 23.06 -96.55 -14.55
CA THR M 150 23.71 -95.29 -14.86
C THR M 150 25.02 -95.54 -15.57
N SER M 151 25.42 -94.58 -16.41
CA SER M 151 26.66 -94.65 -17.16
C SER M 151 27.45 -93.36 -17.02
N VAL M 152 28.75 -93.45 -17.23
CA VAL M 152 29.66 -92.36 -16.90
C VAL M 152 29.83 -91.48 -18.14
N ARG M 153 29.94 -90.16 -17.92
CA ARG M 153 30.10 -89.22 -19.02
C ARG M 153 31.22 -88.20 -18.81
N LEU M 154 32.08 -88.41 -17.82
CA LEU M 154 33.15 -87.43 -17.57
C LEU M 154 34.13 -87.39 -18.72
N LYS M 155 34.56 -88.55 -19.21
CA LYS M 155 35.48 -88.58 -20.33
C LYS M 155 34.83 -88.00 -21.58
N ASP M 156 33.60 -88.42 -21.87
CA ASP M 156 32.89 -87.89 -23.03
C ASP M 156 32.84 -86.36 -22.99
N MET M 157 32.49 -85.79 -21.83
CA MET M 157 32.46 -84.33 -21.75
C MET M 157 33.83 -83.72 -21.98
N LEU M 158 34.85 -84.24 -21.29
CA LEU M 158 36.21 -83.74 -21.49
C LEU M 158 36.63 -83.78 -22.95
N GLN M 159 36.13 -84.75 -23.72
CA GLN M 159 36.52 -84.86 -25.12
C GLN M 159 35.69 -83.97 -26.05
N GLY M 160 34.73 -83.21 -25.53
CA GLY M 160 33.99 -82.24 -26.32
C GLY M 160 32.55 -82.61 -26.58
N ALA M 161 32.13 -83.79 -26.13
CA ALA M 161 30.76 -84.28 -26.29
C ALA M 161 29.96 -83.87 -25.07
N LEU M 162 29.45 -82.64 -25.11
CA LEU M 162 28.85 -82.07 -23.92
C LEU M 162 27.36 -82.37 -23.83
N VAL M 163 26.72 -82.71 -24.93
CA VAL M 163 25.32 -83.12 -24.88
C VAL M 163 25.27 -84.55 -24.36
N PRO M 164 24.34 -84.86 -23.46
CA PRO M 164 24.20 -86.24 -23.00
C PRO M 164 23.85 -87.18 -24.15
N GLN M 165 24.16 -88.46 -23.95
CA GLN M 165 23.83 -89.47 -24.95
C GLN M 165 22.34 -89.73 -25.02
N SER M 166 21.62 -89.46 -23.92
CA SER M 166 20.17 -89.65 -23.85
C SER M 166 19.41 -88.67 -24.74
N LEU M 167 20.06 -87.62 -25.25
CA LEU M 167 19.39 -86.64 -26.12
C LEU M 167 19.97 -86.69 -27.53
N SER N 1 67.43 -96.61 -5.28
CA SER N 1 67.89 -96.26 -6.62
C SER N 1 68.28 -94.79 -6.64
N LYS N 2 67.30 -93.87 -6.58
CA LYS N 2 67.64 -92.46 -6.52
C LYS N 2 68.17 -92.09 -5.15
N ILE N 3 69.33 -91.46 -5.12
CA ILE N 3 70.00 -91.10 -3.88
C ILE N 3 70.47 -89.66 -3.99
N LEU N 4 70.18 -88.88 -2.96
CA LEU N 4 70.75 -87.55 -2.77
C LEU N 4 71.90 -87.66 -1.77
N SER N 5 73.06 -87.13 -2.15
CA SER N 5 74.18 -86.98 -1.23
C SER N 5 74.44 -85.51 -0.99
N THR N 6 74.72 -85.19 0.26
CA THR N 6 75.16 -83.85 0.62
C THR N 6 76.65 -83.64 0.40
N ASN N 7 77.36 -84.67 -0.08
CA ASN N 7 78.79 -84.57 -0.40
C ASN N 7 79.61 -84.09 0.79
N ASN N 8 79.15 -84.37 2.01
CA ASN N 8 79.94 -84.09 3.20
C ASN N 8 80.70 -85.32 3.68
N SER N 9 80.63 -86.41 2.92
CA SER N 9 81.25 -87.66 3.35
C SER N 9 82.77 -87.55 3.48
N ASN N 10 83.40 -86.61 2.77
CA ASN N 10 84.84 -86.44 2.85
C ASN N 10 85.25 -85.20 3.65
N SER N 11 84.30 -84.50 4.26
CA SER N 11 84.64 -83.43 5.18
C SER N 11 84.97 -84.01 6.55
N ASN N 12 85.83 -83.33 7.30
CA ASN N 12 86.24 -83.78 8.62
C ASN N 12 85.58 -82.92 9.69
N PHE N 13 84.79 -83.53 10.54
CA PHE N 13 84.08 -82.81 11.58
C PHE N 13 84.39 -83.37 12.96
N VAL N 14 83.92 -82.63 13.95
CA VAL N 14 84.01 -82.97 15.36
C VAL N 14 82.67 -82.62 16.00
N ASP N 15 82.12 -83.54 16.78
CA ASP N 15 80.83 -83.27 17.38
C ASP N 15 80.98 -82.41 18.63
N THR N 16 79.96 -81.57 18.87
CA THR N 16 79.89 -80.85 20.13
C THR N 16 78.42 -80.65 20.50
N SER N 17 78.15 -80.53 21.80
CA SER N 17 76.79 -80.44 22.30
C SER N 17 76.30 -79.01 22.24
N PHE N 18 75.04 -78.85 21.83
CA PHE N 18 74.44 -77.52 21.67
C PHE N 18 72.97 -77.69 22.04
N THR N 19 72.67 -77.54 23.32
CA THR N 19 71.37 -77.91 23.85
C THR N 19 70.39 -76.77 23.65
N LEU N 20 69.35 -77.02 22.86
CA LEU N 20 68.41 -75.98 22.47
C LEU N 20 67.35 -75.81 23.54
N LYS N 21 66.94 -74.57 23.77
CA LYS N 21 65.79 -74.24 24.62
C LYS N 21 64.61 -73.96 23.68
N VAL N 22 63.79 -74.99 23.47
CA VAL N 22 62.61 -74.98 22.61
C VAL N 22 61.43 -74.36 23.34
N PRO N 23 60.66 -73.48 22.72
CA PRO N 23 59.58 -72.82 23.46
C PRO N 23 58.35 -73.68 23.65
N VAL N 24 57.68 -73.46 24.79
CA VAL N 24 56.36 -74.02 25.05
C VAL N 24 55.39 -72.95 24.58
N TYR N 25 55.06 -73.01 23.29
CA TYR N 25 54.33 -71.91 22.68
C TYR N 25 52.97 -71.73 23.32
N SER N 26 52.33 -72.85 23.68
CA SER N 26 51.04 -72.78 24.36
C SER N 26 51.09 -71.92 25.63
N LYS N 27 52.15 -72.03 26.45
CA LYS N 27 52.18 -71.15 27.63
C LYS N 27 52.58 -69.72 27.26
N ASP N 28 53.64 -69.57 26.47
CA ASP N 28 54.30 -68.26 26.45
C ASP N 28 53.88 -67.34 25.31
N TYR N 29 53.47 -67.88 24.17
CA TYR N 29 53.43 -67.06 22.97
C TYR N 29 52.01 -66.93 22.42
N ARG N 30 51.73 -65.76 21.86
CA ARG N 30 50.43 -65.45 21.26
C ARG N 30 50.69 -64.78 19.90
N VAL N 31 49.67 -64.79 19.03
CA VAL N 31 49.91 -64.34 17.66
C VAL N 31 49.58 -62.86 17.51
N THR N 32 50.59 -62.09 17.11
CA THR N 32 50.47 -60.69 16.71
C THR N 32 50.15 -60.51 15.23
N GLN N 33 50.73 -61.33 14.37
CA GLN N 33 50.50 -61.22 12.93
C GLN N 33 50.32 -62.61 12.34
N ASP N 34 49.22 -62.82 11.62
CA ASP N 34 48.93 -64.08 10.95
C ASP N 34 48.72 -63.86 9.44
N GLU N 35 49.66 -63.20 8.79
CA GLU N 35 49.44 -63.10 7.35
C GLU N 35 50.10 -64.30 6.66
N PRO N 36 49.66 -64.64 5.44
CA PRO N 36 49.90 -65.99 4.90
C PRO N 36 51.35 -66.42 4.88
N ASP N 37 52.26 -65.49 4.57
CA ASP N 37 53.68 -65.75 4.44
C ASP N 37 54.52 -65.16 5.57
N GLU N 38 53.89 -64.51 6.55
CA GLU N 38 54.65 -63.91 7.64
C GLU N 38 53.81 -63.98 8.91
N VAL N 39 54.35 -64.63 9.93
CA VAL N 39 53.70 -64.75 11.22
C VAL N 39 54.60 -64.14 12.27
N VAL N 40 54.02 -63.28 13.08
CA VAL N 40 54.70 -62.67 14.21
C VAL N 40 54.01 -63.13 15.47
N VAL N 41 54.83 -63.43 16.47
CA VAL N 41 54.39 -64.07 17.70
C VAL N 41 55.08 -63.36 18.86
N ALA N 42 54.32 -63.01 19.88
CA ALA N 42 54.81 -62.24 21.01
C ALA N 42 54.81 -63.09 22.27
N ASN N 43 55.73 -62.77 23.17
CA ASN N 43 55.94 -63.48 24.41
C ASN N 43 55.06 -62.86 25.49
N ARG N 44 54.05 -63.62 25.91
CA ARG N 44 53.10 -63.16 26.93
C ARG N 44 53.79 -62.88 28.26
N GLN N 45 54.89 -63.57 28.56
CA GLN N 45 55.44 -63.58 29.91
C GLN N 45 56.22 -62.31 30.26
N GLN N 46 56.61 -61.51 29.27
CA GLN N 46 57.41 -60.34 29.59
C GLN N 46 56.54 -59.23 30.18
N PRO N 47 57.13 -58.36 31.02
CA PRO N 47 56.40 -57.16 31.47
C PRO N 47 56.28 -56.14 30.35
N PHE N 48 55.59 -55.03 30.59
CA PHE N 48 55.24 -54.16 29.47
C PHE N 48 56.45 -53.50 28.84
N GLY N 49 57.49 -53.24 29.63
CA GLY N 49 58.70 -52.66 29.07
C GLY N 49 59.39 -53.61 28.09
N VAL N 50 59.53 -54.86 28.48
CA VAL N 50 60.32 -55.82 27.72
C VAL N 50 59.52 -56.35 26.55
N LYS N 51 60.11 -56.32 25.37
CA LYS N 51 59.49 -56.82 24.15
C LYS N 51 60.26 -58.05 23.68
N ASN N 52 59.53 -59.17 23.52
CA ASN N 52 60.09 -60.46 23.15
C ASN N 52 59.22 -61.04 22.04
N THR N 53 59.75 -61.12 20.82
CA THR N 53 58.96 -61.58 19.69
C THR N 53 59.75 -62.58 18.85
N ALA N 54 59.01 -63.31 18.02
CA ALA N 54 59.57 -64.25 17.06
C ALA N 54 58.80 -64.09 15.77
N ARG N 55 59.50 -64.20 14.65
CA ARG N 55 58.93 -63.96 13.33
C ARG N 55 59.29 -65.14 12.43
N TYR N 56 58.29 -65.66 11.72
CA TYR N 56 58.46 -66.84 10.90
C TYR N 56 57.93 -66.48 9.52
N GLY N 57 58.76 -66.57 8.50
CA GLY N 57 58.36 -66.12 7.17
C GLY N 57 58.95 -66.98 6.07
N ILE N 58 58.20 -67.13 4.98
CA ILE N 58 58.72 -67.78 3.79
C ILE N 58 58.55 -66.87 2.59
N ARG N 59 59.46 -67.02 1.64
CA ARG N 59 59.46 -66.34 0.36
C ARG N 59 59.69 -67.39 -0.72
N GLN N 60 59.04 -67.24 -1.85
CA GLN N 60 59.25 -68.19 -2.94
C GLN N 60 60.46 -67.75 -3.76
N ILE N 61 61.31 -68.71 -4.07
CA ILE N 61 62.55 -68.46 -4.80
C ILE N 61 62.31 -68.81 -6.26
N ALA N 62 62.56 -67.83 -7.14
CA ALA N 62 62.22 -67.99 -8.54
C ALA N 62 63.14 -68.98 -9.22
N ASP N 63 64.46 -68.76 -9.11
CA ASP N 63 65.47 -69.64 -9.69
C ASP N 63 66.54 -69.84 -8.62
N VAL N 64 66.58 -71.05 -8.04
CA VAL N 64 67.54 -71.32 -6.99
C VAL N 64 68.96 -71.37 -7.55
N TYR N 65 69.11 -71.47 -8.87
CA TYR N 65 70.41 -71.55 -9.54
C TYR N 65 70.96 -70.19 -9.95
N ARG N 66 70.25 -69.10 -9.65
CA ARG N 66 70.53 -67.83 -10.32
C ARG N 66 71.76 -67.13 -9.76
N ASN N 67 71.85 -66.96 -8.44
CA ASN N 67 73.04 -66.29 -7.93
C ASN N 67 74.24 -67.22 -7.82
N THR N 68 74.04 -68.53 -7.99
CA THR N 68 75.05 -69.53 -7.66
C THR N 68 76.05 -69.71 -8.80
N THR N 69 77.17 -70.37 -8.47
CA THR N 69 78.09 -70.86 -9.49
C THR N 69 77.63 -72.20 -10.05
N ILE N 70 76.74 -72.88 -9.33
CA ILE N 70 76.05 -74.03 -9.89
C ILE N 70 75.06 -73.56 -10.94
N ASP N 71 74.86 -74.39 -11.96
CA ASP N 71 73.75 -74.19 -12.88
C ASP N 71 73.10 -75.53 -13.17
N ARG N 72 71.91 -75.45 -13.75
CA ARG N 72 70.96 -76.56 -13.73
C ARG N 72 71.31 -77.58 -14.82
N ALA N 73 71.51 -78.84 -14.42
CA ALA N 73 71.69 -79.91 -15.39
C ALA N 73 70.35 -80.28 -16.01
N TYR N 74 70.40 -81.00 -17.13
CA TYR N 74 69.23 -81.06 -18.00
C TYR N 74 68.07 -81.83 -17.37
N GLN N 75 68.36 -82.69 -16.41
CA GLN N 75 67.38 -83.57 -15.81
C GLN N 75 67.04 -83.15 -14.39
N SER N 76 67.08 -81.85 -14.15
CA SER N 76 66.65 -81.37 -12.84
C SER N 76 65.13 -81.21 -12.82
N PRO N 77 64.49 -81.54 -11.70
CA PRO N 77 63.02 -81.43 -11.63
C PRO N 77 62.50 -80.01 -11.74
N SER N 78 63.12 -79.06 -11.01
CA SER N 78 62.65 -77.69 -11.00
C SER N 78 63.80 -76.77 -10.67
N LYS N 79 63.62 -75.50 -11.03
CA LYS N 79 64.45 -74.42 -10.54
C LYS N 79 63.88 -73.77 -9.30
N LYS N 80 62.67 -74.15 -8.90
CA LYS N 80 61.97 -73.43 -7.85
C LYS N 80 62.64 -73.64 -6.50
N GLY N 81 62.36 -72.73 -5.57
CA GLY N 81 62.86 -72.92 -4.23
C GLY N 81 61.97 -72.24 -3.21
N THR N 82 62.30 -72.45 -1.93
CA THR N 82 61.64 -71.75 -0.85
C THR N 82 62.68 -71.23 0.13
N SER N 83 62.48 -70.01 0.62
CA SER N 83 63.39 -69.37 1.55
C SER N 83 62.65 -69.15 2.86
N LEU N 84 63.19 -69.70 3.94
CA LEU N 84 62.60 -69.62 5.26
C LEU N 84 63.43 -68.69 6.14
N VAL N 85 62.75 -67.91 6.95
CA VAL N 85 63.39 -67.06 7.93
C VAL N 85 62.74 -67.28 9.29
N VAL N 86 63.59 -67.38 10.31
CA VAL N 86 63.18 -67.50 11.70
C VAL N 86 63.95 -66.43 12.45
N GLN N 87 63.24 -65.46 13.02
CA GLN N 87 63.86 -64.36 13.75
C GLN N 87 63.38 -64.35 15.19
N VAL N 88 64.29 -64.06 16.11
CA VAL N 88 63.96 -63.81 17.49
C VAL N 88 64.43 -62.41 17.85
N THR N 89 63.61 -61.72 18.64
CA THR N 89 63.86 -60.36 19.10
C THR N 89 63.66 -60.33 20.60
N GLU N 90 64.68 -59.89 21.33
CA GLU N 90 64.62 -59.84 22.78
C GLU N 90 64.99 -58.44 23.26
N THR N 91 64.55 -58.14 24.47
CA THR N 91 64.84 -56.85 25.11
C THR N 91 65.52 -57.14 26.44
N TRP N 92 66.83 -56.89 26.50
CA TRP N 92 67.61 -57.10 27.71
C TRP N 92 67.63 -55.80 28.50
N THR N 93 67.79 -55.90 29.82
CA THR N 93 67.71 -54.72 30.67
C THR N 93 68.91 -54.65 31.59
N VAL N 94 69.54 -53.46 31.64
CA VAL N 94 70.64 -53.18 32.53
C VAL N 94 70.12 -52.28 33.63
N ALA N 95 70.38 -52.66 34.88
CA ALA N 95 70.02 -51.87 36.06
C ALA N 95 71.22 -51.81 37.01
N SER N 96 71.06 -51.03 38.08
CA SER N 96 72.12 -50.87 39.06
C SER N 96 71.58 -51.12 40.46
N THR N 97 72.35 -51.85 41.26
CA THR N 97 72.03 -52.10 42.67
C THR N 97 72.33 -50.89 43.55
N ASP N 98 73.07 -49.91 43.05
CA ASP N 98 73.36 -48.69 43.78
C ASP N 98 72.28 -47.64 43.54
N ASP N 99 71.97 -47.36 42.28
CA ASP N 99 71.09 -46.28 41.88
C ASP N 99 69.79 -46.87 41.32
N GLU N 100 68.66 -46.49 41.90
CA GLU N 100 67.39 -46.86 41.32
C GLU N 100 67.09 -46.09 40.03
N THR N 101 67.76 -44.95 39.83
CA THR N 101 67.54 -44.14 38.63
C THR N 101 68.21 -44.75 37.40
N TYR N 102 69.30 -45.46 37.59
CA TYR N 102 70.13 -45.88 36.47
C TYR N 102 69.58 -47.15 35.86
N GLY N 103 69.30 -47.11 34.57
CA GLY N 103 68.89 -48.27 33.83
C GLY N 103 68.73 -47.95 32.36
N TYR N 104 68.81 -49.00 31.54
CA TYR N 104 68.51 -48.87 30.12
C TYR N 104 68.16 -50.23 29.55
N SER N 105 67.68 -50.23 28.31
CA SER N 105 67.28 -51.43 27.60
C SER N 105 68.15 -51.62 26.36
N LEU N 106 68.62 -52.83 26.16
CA LEU N 106 69.41 -53.22 25.00
C LEU N 106 68.56 -54.08 24.10
N PRO N 107 68.50 -53.78 22.81
CA PRO N 107 67.75 -54.65 21.89
C PRO N 107 68.64 -55.71 21.28
N PHE N 108 68.24 -56.98 21.39
CA PHE N 108 68.95 -58.07 20.74
C PHE N 108 68.09 -58.64 19.63
N SER N 109 68.71 -58.98 18.50
CA SER N 109 67.94 -59.71 17.51
C SER N 109 68.86 -60.67 16.78
N ALA N 110 68.26 -61.72 16.24
CA ALA N 110 69.02 -62.65 15.42
C ALA N 110 68.06 -63.45 14.58
N HIS N 111 68.54 -63.92 13.44
CA HIS N 111 67.67 -64.73 12.61
C HIS N 111 68.48 -65.73 11.80
N VAL N 112 67.76 -66.72 11.30
CA VAL N 112 68.29 -67.78 10.46
C VAL N 112 67.50 -67.77 9.17
N ILE N 113 68.19 -67.97 8.06
CA ILE N 113 67.57 -68.06 6.75
C ILE N 113 68.07 -69.32 6.08
N VAL N 114 67.14 -70.05 5.47
CA VAL N 114 67.40 -71.35 4.86
C VAL N 114 66.81 -71.34 3.46
N ASN N 115 67.59 -71.77 2.47
CA ASN N 115 67.20 -71.66 1.07
C ASN N 115 67.15 -73.06 0.44
N VAL N 116 65.97 -73.67 0.48
CA VAL N 116 65.79 -75.09 0.17
C VAL N 116 65.29 -75.21 -1.27
N PRO N 117 65.99 -75.95 -2.14
CA PRO N 117 65.44 -76.24 -3.47
C PRO N 117 64.23 -77.16 -3.40
N GLN N 118 63.43 -77.10 -4.47
CA GLN N 118 62.24 -77.96 -4.58
C GLN N 118 62.63 -79.28 -5.24
N ASP N 119 63.12 -80.20 -4.42
CA ASP N 119 63.35 -81.57 -4.86
C ASP N 119 62.87 -82.49 -3.76
N ALA N 120 62.06 -83.49 -4.13
CA ALA N 120 61.42 -84.33 -3.14
C ALA N 120 62.41 -85.14 -2.32
N LEU N 121 63.61 -85.40 -2.86
CA LEU N 121 64.63 -86.17 -2.13
C LEU N 121 65.25 -85.41 -0.97
N ILE N 122 65.12 -84.08 -0.94
CA ILE N 122 65.49 -83.33 0.26
C ILE N 122 64.48 -83.65 1.35
N THR N 123 64.96 -84.17 2.48
CA THR N 123 64.08 -84.58 3.57
C THR N 123 64.24 -83.64 4.75
N GLU N 124 63.26 -83.72 5.65
CA GLU N 124 63.29 -82.84 6.82
C GLU N 124 64.53 -83.11 7.65
N GLU N 125 64.95 -84.37 7.73
CA GLU N 125 66.17 -84.67 8.47
C GLU N 125 67.41 -84.13 7.75
N ILE N 126 67.46 -84.24 6.41
CA ILE N 126 68.59 -83.66 5.68
C ILE N 126 68.73 -82.19 6.03
N LEU N 127 67.59 -81.49 6.08
CA LEU N 127 67.64 -80.06 6.37
C LEU N 127 68.08 -79.78 7.79
N TYR N 128 67.57 -80.51 8.78
CA TYR N 128 68.04 -80.30 10.14
C TYR N 128 69.53 -80.56 10.27
N ASP N 129 70.03 -81.62 9.65
CA ASP N 129 71.47 -81.89 9.74
C ASP N 129 72.27 -80.81 9.03
N ALA N 130 71.72 -80.23 7.97
CA ALA N 130 72.35 -79.06 7.36
C ALA N 130 72.42 -77.91 8.36
N LEU N 131 71.33 -77.66 9.10
CA LEU N 131 71.36 -76.61 10.11
C LEU N 131 72.42 -76.89 11.17
N LYS N 132 72.61 -78.17 11.52
CA LYS N 132 73.61 -78.53 12.51
C LYS N 132 75.02 -78.24 11.98
N ARG N 133 75.28 -78.59 10.72
CA ARG N 133 76.55 -78.21 10.10
C ARG N 133 76.75 -76.71 10.09
N LEU N 134 75.68 -75.96 9.78
CA LEU N 134 75.72 -74.50 9.77
C LEU N 134 76.17 -73.96 11.11
N MET N 135 75.40 -74.24 12.17
CA MET N 135 75.75 -73.76 13.49
C MET N 135 77.12 -74.24 13.94
N GLY N 136 77.61 -75.35 13.40
CA GLY N 136 78.96 -75.78 13.74
C GLY N 136 80.03 -74.76 13.44
N HIS N 137 79.79 -73.87 12.46
CA HIS N 137 80.77 -72.86 12.09
C HIS N 137 80.96 -71.79 13.14
N PHE N 138 80.18 -71.80 14.21
CA PHE N 138 80.45 -70.94 15.36
C PHE N 138 81.49 -71.54 16.28
N TYR N 139 82.18 -72.59 15.83
CA TYR N 139 83.16 -73.30 16.63
C TYR N 139 84.32 -73.72 15.73
N GLU N 140 85.40 -74.18 16.35
CA GLU N 140 86.52 -74.80 15.66
C GLU N 140 86.79 -76.15 16.32
N GLY N 141 87.11 -77.16 15.50
CA GLY N 141 87.32 -78.50 16.02
C GLY N 141 88.74 -79.00 15.90
N ASN N 142 89.10 -80.02 16.67
CA ASN N 142 90.43 -80.63 16.64
C ASN N 142 90.29 -82.14 16.50
N ASP N 143 90.80 -82.69 15.39
CA ASP N 143 90.85 -84.15 15.32
C ASP N 143 91.93 -84.72 16.22
N THR N 144 92.89 -83.89 16.61
CA THR N 144 94.12 -84.40 17.20
C THR N 144 93.87 -85.08 18.54
N THR N 145 93.21 -84.39 19.47
CA THR N 145 93.03 -84.92 20.81
C THR N 145 92.22 -86.21 20.79
N SER N 146 92.47 -87.03 21.79
CA SER N 146 91.77 -88.30 21.85
C SER N 146 90.29 -88.11 22.17
N PRO N 147 89.89 -87.31 23.15
CA PRO N 147 88.52 -86.79 23.06
C PRO N 147 88.59 -85.53 22.22
N THR N 148 87.79 -85.48 21.15
CA THR N 148 87.87 -84.34 20.25
C THR N 148 87.47 -83.09 21.01
N THR N 149 88.19 -82.00 20.77
CA THR N 149 87.96 -80.75 21.48
C THR N 149 87.49 -79.69 20.49
N THR N 150 86.61 -78.82 20.98
CA THR N 150 86.08 -77.71 20.21
C THR N 150 86.24 -76.42 21.00
N SER N 151 86.73 -75.38 20.33
CA SER N 151 86.80 -74.03 20.89
C SER N 151 85.80 -73.13 20.18
N VAL N 152 85.58 -71.95 20.76
CA VAL N 152 84.50 -71.08 20.32
C VAL N 152 85.02 -69.97 19.44
N ARG N 153 84.13 -69.49 18.57
CA ARG N 153 84.46 -68.44 17.62
C ARG N 153 83.68 -67.16 17.78
N LEU N 154 82.49 -67.21 18.37
CA LEU N 154 81.56 -66.09 18.28
C LEU N 154 82.20 -64.77 18.71
N LYS N 155 82.93 -64.79 19.83
CA LYS N 155 83.63 -63.58 20.27
C LYS N 155 84.62 -63.12 19.22
N ASP N 156 85.56 -64.01 18.84
CA ASP N 156 86.61 -63.60 17.91
C ASP N 156 86.03 -63.06 16.61
N MET N 157 84.92 -63.64 16.15
CA MET N 157 84.30 -63.16 14.92
C MET N 157 83.69 -61.78 15.12
N LEU N 158 82.85 -61.61 16.15
CA LEU N 158 82.27 -60.32 16.43
C LEU N 158 83.34 -59.25 16.64
N GLN N 159 84.53 -59.65 17.08
CA GLN N 159 85.64 -58.73 17.27
C GLN N 159 86.41 -58.44 15.99
N GLY N 160 86.11 -59.14 14.89
CA GLY N 160 86.74 -58.88 13.61
C GLY N 160 87.73 -59.93 13.16
N ALA N 161 87.99 -60.95 13.97
CA ALA N 161 88.88 -62.06 13.59
C ALA N 161 88.02 -63.09 12.84
N LEU N 162 87.78 -62.80 11.56
CA LEU N 162 86.82 -63.60 10.84
C LEU N 162 87.42 -64.88 10.26
N VAL N 163 88.74 -64.97 10.18
CA VAL N 163 89.34 -66.21 9.72
C VAL N 163 89.43 -67.14 10.91
N PRO N 164 89.12 -68.43 10.74
CA PRO N 164 89.34 -69.38 11.82
C PRO N 164 90.79 -69.38 12.27
N GLN N 165 91.00 -69.48 13.59
CA GLN N 165 92.34 -69.47 14.14
C GLN N 165 93.10 -70.74 13.78
N SER N 166 92.40 -71.80 13.36
CA SER N 166 93.03 -73.02 12.87
C SER N 166 93.74 -72.81 11.55
N LEU N 167 93.28 -71.86 10.74
CA LEU N 167 93.87 -71.60 9.43
C LEU N 167 95.05 -70.65 9.54
N SER O 1 64.59 -52.11 45.76
CA SER O 1 63.72 -52.57 44.68
C SER O 1 62.56 -51.61 44.52
N LYS O 2 61.92 -51.66 43.35
CA LYS O 2 60.85 -50.74 42.98
C LYS O 2 59.48 -51.36 43.25
N ILE O 3 58.56 -50.56 43.77
CA ILE O 3 57.23 -51.03 44.11
C ILE O 3 56.20 -50.04 43.58
N LEU O 4 55.11 -50.58 43.04
CA LEU O 4 53.96 -49.79 42.63
C LEU O 4 52.83 -49.99 43.63
N SER O 5 52.16 -48.90 43.99
CA SER O 5 50.94 -48.94 44.81
C SER O 5 49.82 -48.26 44.06
N THR O 6 48.65 -48.88 44.10
CA THR O 6 47.45 -48.26 43.56
C THR O 6 46.78 -47.29 44.52
N ASN O 7 47.30 -47.20 45.74
CA ASN O 7 46.78 -46.27 46.75
C ASN O 7 45.32 -46.55 47.11
N ASN O 8 44.81 -47.73 46.77
CA ASN O 8 43.48 -48.13 47.19
C ASN O 8 43.48 -48.86 48.52
N SER O 9 44.61 -48.84 49.23
CA SER O 9 44.72 -49.60 50.48
C SER O 9 43.72 -49.12 51.51
N ASN O 10 43.51 -47.82 51.63
CA ASN O 10 42.68 -47.24 52.68
C ASN O 10 41.26 -46.92 52.22
N SER O 11 40.95 -47.12 50.95
CA SER O 11 39.60 -46.85 50.47
C SER O 11 38.67 -48.00 50.84
N ASN O 12 37.39 -47.69 51.02
CA ASN O 12 36.42 -48.63 51.58
C ASN O 12 35.52 -49.19 50.48
N PHE O 13 35.50 -50.52 50.37
CA PHE O 13 34.67 -51.20 49.38
C PHE O 13 33.83 -52.27 50.04
N VAL O 14 32.85 -52.72 49.28
CA VAL O 14 32.02 -53.87 49.57
C VAL O 14 32.07 -54.79 48.37
N ASP O 15 32.40 -56.06 48.59
CA ASP O 15 32.45 -56.98 47.48
C ASP O 15 31.04 -57.35 47.04
N THR O 16 30.88 -57.62 45.73
CA THR O 16 29.64 -58.19 45.23
C THR O 16 29.93 -59.06 44.02
N SER O 17 29.06 -60.05 43.79
CA SER O 17 29.30 -61.05 42.77
C SER O 17 28.84 -60.56 41.41
N PHE O 18 29.66 -60.85 40.40
CA PHE O 18 29.39 -60.38 39.03
C PHE O 18 29.95 -61.46 38.11
N THR O 19 29.12 -62.45 37.80
CA THR O 19 29.59 -63.66 37.12
C THR O 19 29.58 -63.45 35.61
N LEU O 20 30.75 -63.50 35.00
CA LEU O 20 30.89 -63.20 33.59
C LEU O 20 30.55 -64.42 32.75
N LYS O 21 29.81 -64.19 31.66
CA LYS O 21 29.56 -65.19 30.63
C LYS O 21 30.63 -64.98 29.55
N VAL O 22 31.67 -65.83 29.57
CA VAL O 22 32.82 -65.76 28.68
C VAL O 22 32.55 -66.54 27.40
N PRO O 23 32.83 -65.97 26.23
CA PRO O 23 32.54 -66.67 24.97
C PRO O 23 33.44 -67.87 24.71
N VAL O 24 32.88 -68.86 24.04
CA VAL O 24 33.65 -69.97 23.46
C VAL O 24 33.81 -69.61 21.99
N TYR O 25 34.90 -68.92 21.68
CA TYR O 25 35.04 -68.34 20.35
C TYR O 25 35.06 -69.43 19.29
N SER O 26 35.75 -70.53 19.57
CA SER O 26 35.81 -71.64 18.64
C SER O 26 34.43 -72.11 18.19
N LYS O 27 33.44 -72.16 19.10
CA LYS O 27 32.12 -72.61 18.64
C LYS O 27 31.31 -71.46 18.04
N ASP O 28 31.34 -70.27 18.62
CA ASP O 28 30.33 -69.28 18.24
C ASP O 28 30.80 -68.22 17.25
N TYR O 29 32.09 -67.91 17.19
CA TYR O 29 32.50 -66.72 16.47
C TYR O 29 33.38 -67.05 15.27
N ARG O 30 33.44 -66.08 14.36
CA ARG O 30 34.38 -66.03 13.24
C ARG O 30 34.97 -64.63 13.17
N VAL O 31 36.05 -64.50 12.41
CA VAL O 31 36.72 -63.21 12.30
C VAL O 31 36.21 -62.48 11.07
N THR O 32 35.68 -61.28 11.29
CA THR O 32 35.22 -60.37 10.25
C THR O 32 36.35 -59.48 9.72
N GLN O 33 37.18 -58.94 10.60
CA GLN O 33 38.25 -58.05 10.17
C GLN O 33 39.50 -58.40 10.95
N ASP O 34 40.61 -58.60 10.24
CA ASP O 34 41.91 -58.92 10.85
C ASP O 34 42.88 -57.81 10.44
N GLU O 35 42.86 -56.73 11.21
CA GLU O 35 43.79 -55.63 11.05
C GLU O 35 44.80 -55.64 12.20
N PRO O 36 45.95 -54.99 12.03
CA PRO O 36 46.94 -55.00 13.11
C PRO O 36 46.47 -54.28 14.36
N ASP O 37 45.59 -53.29 14.22
CA ASP O 37 45.15 -52.49 15.35
C ASP O 37 43.71 -52.74 15.75
N GLU O 38 42.93 -53.42 14.90
CA GLU O 38 41.49 -53.51 15.09
C GLU O 38 41.04 -54.85 14.54
N VAL O 39 40.52 -55.71 15.41
CA VAL O 39 39.96 -56.99 15.01
C VAL O 39 38.45 -56.95 15.25
N VAL O 40 37.72 -57.48 14.28
CA VAL O 40 36.26 -57.57 14.39
C VAL O 40 35.86 -59.03 14.26
N VAL O 41 34.94 -59.43 15.11
CA VAL O 41 34.51 -60.80 15.31
C VAL O 41 32.99 -60.80 15.26
N ALA O 42 32.42 -61.89 14.74
CA ALA O 42 30.98 -61.98 14.54
C ALA O 42 30.48 -63.36 14.93
N ASN O 43 29.22 -63.40 15.39
CA ASN O 43 28.60 -64.65 15.81
C ASN O 43 27.94 -65.28 14.59
N ARG O 44 28.53 -66.38 14.12
CA ARG O 44 28.01 -67.10 12.97
C ARG O 44 26.82 -67.99 13.31
N GLN O 45 26.53 -68.21 14.60
CA GLN O 45 25.41 -69.05 15.00
C GLN O 45 24.08 -68.29 15.02
N GLN O 46 24.13 -66.97 15.16
CA GLN O 46 22.91 -66.18 15.15
C GLN O 46 22.17 -66.36 13.82
N PRO O 47 20.84 -66.31 13.82
CA PRO O 47 20.10 -66.22 12.55
C PRO O 47 20.46 -64.94 11.81
N PHE O 48 20.01 -64.86 10.55
CA PHE O 48 20.51 -63.81 9.67
C PHE O 48 20.12 -62.42 10.16
N GLY O 49 18.89 -62.27 10.66
CA GLY O 49 18.45 -60.97 11.13
C GLY O 49 19.29 -60.43 12.28
N VAL O 50 19.71 -61.31 13.18
CA VAL O 50 20.36 -60.90 14.42
C VAL O 50 21.87 -60.89 14.21
N LYS O 51 22.45 -59.71 14.22
CA LYS O 51 23.90 -59.55 14.09
C LYS O 51 24.48 -59.36 15.49
N ASN O 52 25.29 -60.33 15.92
CA ASN O 52 25.99 -60.26 17.20
C ASN O 52 27.49 -60.15 16.92
N THR O 53 28.09 -58.99 17.22
CA THR O 53 29.49 -58.72 16.88
C THR O 53 30.28 -58.16 18.07
N ALA O 54 31.60 -58.17 17.92
CA ALA O 54 32.52 -57.68 18.92
C ALA O 54 33.75 -57.12 18.23
N ARG O 55 34.38 -56.13 18.86
CA ARG O 55 35.47 -55.38 18.26
C ARG O 55 36.54 -55.16 19.30
N TYR O 56 37.79 -55.43 18.93
CA TYR O 56 38.90 -55.39 19.86
C TYR O 56 39.98 -54.52 19.21
N GLY O 57 40.29 -53.39 19.82
CA GLY O 57 41.17 -52.42 19.19
C GLY O 57 42.17 -51.83 20.16
N ILE O 58 43.31 -51.42 19.61
CA ILE O 58 44.35 -50.75 20.37
C ILE O 58 44.85 -49.54 19.60
N ARG O 59 44.81 -48.38 20.24
CA ARG O 59 45.48 -47.16 19.81
C ARG O 59 46.67 -46.95 20.72
N GLN O 60 47.71 -46.28 20.24
CA GLN O 60 48.87 -46.03 21.09
C GLN O 60 48.85 -44.59 21.57
N ILE O 61 49.02 -44.40 22.87
CA ILE O 61 48.88 -43.11 23.53
C ILE O 61 50.25 -42.43 23.56
N ALA O 62 50.30 -41.20 23.01
CA ALA O 62 51.56 -40.50 22.88
C ALA O 62 52.05 -39.97 24.22
N ASP O 63 51.20 -39.22 24.93
CA ASP O 63 51.49 -38.71 26.26
C ASP O 63 50.36 -39.15 27.17
N VAL O 64 50.64 -40.10 28.05
CA VAL O 64 49.61 -40.60 28.96
C VAL O 64 49.25 -39.54 30.00
N TYR O 65 50.07 -38.50 30.14
CA TYR O 65 49.86 -37.41 31.08
C TYR O 65 49.14 -36.22 30.47
N ARG O 66 48.64 -36.34 29.24
CA ARG O 66 48.21 -35.16 28.50
C ARG O 66 47.05 -34.47 29.19
N ASN O 67 46.04 -35.22 29.60
CA ASN O 67 44.85 -34.65 30.19
C ASN O 67 44.78 -34.91 31.70
N THR O 68 45.94 -34.97 32.36
CA THR O 68 46.03 -35.23 33.79
C THR O 68 46.61 -34.01 34.49
N THR O 69 46.45 -34.01 35.83
CA THR O 69 46.89 -32.93 36.68
C THR O 69 48.27 -33.19 37.29
N ILE O 70 49.01 -34.14 36.74
CA ILE O 70 50.29 -34.55 37.32
C ILE O 70 51.38 -33.65 36.76
N ASP O 71 52.04 -32.90 37.64
CA ASP O 71 53.11 -32.02 37.20
C ASP O 71 54.28 -32.84 36.66
N ARG O 72 55.05 -32.23 35.76
CA ARG O 72 56.13 -32.95 35.08
C ARG O 72 57.14 -33.52 36.08
N ALA O 73 57.43 -32.77 37.15
CA ALA O 73 58.39 -33.24 38.14
C ALA O 73 57.98 -34.56 38.78
N TYR O 74 56.74 -35.00 38.58
CA TYR O 74 56.24 -36.22 39.20
C TYR O 74 55.88 -37.28 38.15
N GLN O 75 56.21 -37.05 36.88
CA GLN O 75 55.90 -37.99 35.81
C GLN O 75 57.04 -39.01 35.65
N SER O 76 56.70 -40.15 35.04
CA SER O 76 57.74 -41.13 34.75
C SER O 76 58.62 -40.59 33.64
N PRO O 77 59.75 -41.23 33.38
CA PRO O 77 60.54 -40.82 32.20
C PRO O 77 59.83 -41.14 30.90
N SER O 78 58.99 -42.17 30.87
CA SER O 78 58.34 -42.64 29.65
C SER O 78 56.89 -42.21 29.66
N LYS O 79 56.48 -41.50 28.62
CA LYS O 79 55.11 -41.04 28.50
C LYS O 79 54.26 -41.98 27.65
N LYS O 80 54.86 -43.06 27.13
CA LYS O 80 54.15 -43.98 26.26
C LYS O 80 52.98 -44.64 26.98
N GLY O 81 51.93 -44.94 26.23
CA GLY O 81 50.85 -45.76 26.74
C GLY O 81 50.17 -46.51 25.61
N THR O 82 49.24 -47.40 25.99
CA THR O 82 48.34 -48.02 25.02
C THR O 82 46.92 -47.86 25.51
N SER O 83 45.99 -47.89 24.55
CA SER O 83 44.58 -47.67 24.81
C SER O 83 43.81 -48.80 24.16
N LEU O 84 43.11 -49.58 24.97
CA LEU O 84 42.38 -50.74 24.53
C LEU O 84 40.89 -50.43 24.49
N VAL O 85 40.22 -50.96 23.48
CA VAL O 85 38.77 -50.88 23.39
C VAL O 85 38.22 -52.27 23.15
N VAL O 86 37.14 -52.59 23.86
CA VAL O 86 36.42 -53.84 23.72
C VAL O 86 34.96 -53.44 23.55
N GLN O 87 34.42 -53.63 22.35
CA GLN O 87 33.05 -53.28 22.05
C GLN O 87 32.23 -54.52 21.74
N VAL O 88 31.00 -54.56 22.23
CA VAL O 88 30.07 -55.62 21.89
C VAL O 88 28.82 -54.96 21.31
N THR O 89 28.26 -55.61 20.29
CA THR O 89 27.06 -55.17 19.59
C THR O 89 26.11 -56.36 19.51
N GLU O 90 24.92 -56.19 20.06
CA GLU O 90 23.89 -57.22 20.03
C GLU O 90 22.63 -56.68 19.38
N THR O 91 21.79 -57.60 18.93
CA THR O 91 20.50 -57.24 18.35
C THR O 91 19.42 -58.10 19.02
N TRP O 92 18.54 -57.44 19.76
CA TRP O 92 17.48 -58.11 20.49
C TRP O 92 16.21 -58.02 19.65
N THR O 93 15.33 -59.01 19.77
CA THR O 93 14.08 -58.97 19.02
C THR O 93 12.89 -58.99 19.96
N VAL O 94 11.90 -58.17 19.62
CA VAL O 94 10.64 -58.10 20.33
C VAL O 94 9.57 -58.69 19.43
N ALA O 95 8.79 -59.62 19.96
CA ALA O 95 7.70 -60.23 19.21
C ALA O 95 6.54 -60.47 20.16
N SER O 96 5.49 -61.11 19.65
CA SER O 96 4.26 -61.31 20.40
C SER O 96 3.84 -62.76 20.40
N THR O 97 3.21 -63.18 21.50
CA THR O 97 2.62 -64.51 21.58
C THR O 97 1.37 -64.62 20.72
N ASP O 98 0.53 -63.60 20.77
CA ASP O 98 -0.76 -63.67 20.11
C ASP O 98 -0.64 -63.37 18.61
N ASP O 99 0.39 -62.62 18.22
CA ASP O 99 0.51 -62.08 16.87
C ASP O 99 1.85 -62.45 16.29
N GLU O 100 1.85 -63.28 15.24
CA GLU O 100 3.08 -63.64 14.56
C GLU O 100 3.64 -62.50 13.73
N THR O 101 2.81 -61.53 13.34
CA THR O 101 3.26 -60.44 12.48
C THR O 101 3.82 -59.26 13.25
N TYR O 102 3.76 -59.27 14.58
CA TYR O 102 4.18 -58.12 15.37
C TYR O 102 5.60 -58.36 15.89
N GLY O 103 6.50 -57.45 15.55
CA GLY O 103 7.84 -57.49 16.10
C GLY O 103 8.69 -56.36 15.58
N TYR O 104 9.85 -56.21 16.22
CA TYR O 104 10.92 -55.31 15.76
C TYR O 104 12.25 -55.76 16.38
N SER O 105 13.32 -55.08 15.97
CA SER O 105 14.66 -55.37 16.45
C SER O 105 15.25 -54.15 17.12
N LEU O 106 15.79 -54.33 18.33
CA LEU O 106 16.42 -53.29 19.12
C LEU O 106 17.92 -53.47 19.08
N PRO O 107 18.67 -52.40 18.80
CA PRO O 107 20.13 -52.52 18.81
C PRO O 107 20.72 -52.17 20.17
N PHE O 108 21.54 -53.08 20.71
CA PHE O 108 22.30 -52.80 21.91
C PHE O 108 23.78 -52.70 21.54
N SER O 109 24.46 -51.72 22.13
CA SER O 109 25.91 -51.64 21.97
C SER O 109 26.50 -51.15 23.28
N ALA O 110 27.72 -51.58 23.54
CA ALA O 110 28.42 -51.09 24.72
C ALA O 110 29.91 -51.34 24.50
N HIS O 111 30.73 -50.53 25.15
CA HIS O 111 32.16 -50.77 25.04
C HIS O 111 32.88 -50.31 26.29
N VAL O 112 34.10 -50.83 26.41
CA VAL O 112 35.02 -50.48 27.48
C VAL O 112 36.29 -49.96 26.83
N ILE O 113 36.87 -48.92 27.43
CA ILE O 113 38.14 -48.38 27.01
C ILE O 113 39.04 -48.35 28.24
N VAL O 114 40.29 -48.76 28.06
CA VAL O 114 41.26 -48.86 29.14
C VAL O 114 42.54 -48.18 28.67
N ASN O 115 43.08 -47.28 29.49
CA ASN O 115 44.23 -46.46 29.09
C ASN O 115 45.41 -46.77 30.01
N VAL O 116 46.24 -47.72 29.60
CA VAL O 116 47.28 -48.28 30.46
C VAL O 116 48.62 -47.63 30.08
N PRO O 117 49.33 -47.01 31.02
CA PRO O 117 50.72 -46.60 30.76
C PRO O 117 51.61 -47.81 30.62
N GLN O 118 52.62 -47.70 29.75
CA GLN O 118 53.59 -48.79 29.59
C GLN O 118 54.64 -48.68 30.67
N ASP O 119 54.36 -49.29 31.82
CA ASP O 119 55.31 -49.40 32.91
C ASP O 119 55.40 -50.87 33.26
N ALA O 120 56.62 -51.39 33.36
CA ALA O 120 56.78 -52.82 33.58
C ALA O 120 56.10 -53.26 34.88
N LEU O 121 55.94 -52.34 35.84
CA LEU O 121 55.36 -52.66 37.14
C LEU O 121 53.84 -52.82 37.11
N ILE O 122 53.16 -52.28 36.09
CA ILE O 122 51.74 -52.56 35.92
C ILE O 122 51.58 -54.00 35.45
N THR O 123 50.88 -54.81 36.24
CA THR O 123 50.71 -56.22 35.94
C THR O 123 49.30 -56.50 35.43
N GLU O 124 49.14 -57.67 34.81
CA GLU O 124 47.83 -58.02 34.28
C GLU O 124 46.81 -58.13 35.42
N GLU O 125 47.26 -58.61 36.58
CA GLU O 125 46.35 -58.69 37.71
C GLU O 125 45.97 -57.29 38.21
N ILE O 126 46.94 -56.36 38.28
CA ILE O 126 46.61 -54.98 38.65
C ILE O 126 45.52 -54.44 37.73
N LEU O 127 45.67 -54.68 36.43
CA LEU O 127 44.71 -54.15 35.47
C LEU O 127 43.33 -54.78 35.64
N TYR O 128 43.27 -56.10 35.83
CA TYR O 128 41.96 -56.71 36.05
C TYR O 128 41.31 -56.20 37.33
N ASP O 129 42.09 -56.00 38.38
CA ASP O 129 41.51 -55.45 39.61
C ASP O 129 40.99 -54.04 39.39
N ALA O 130 41.70 -53.26 38.56
CA ALA O 130 41.19 -51.94 38.20
C ALA O 130 39.86 -52.06 37.47
N LEU O 131 39.74 -53.02 36.54
CA LEU O 131 38.48 -53.21 35.84
C LEU O 131 37.37 -53.59 36.82
N LYS O 132 37.70 -54.41 37.83
CA LYS O 132 36.70 -54.80 38.81
C LYS O 132 36.22 -53.59 39.60
N ARG O 133 37.14 -52.69 39.94
CA ARG O 133 36.76 -51.45 40.65
C ARG O 133 35.90 -50.57 39.76
N LEU O 134 36.27 -50.45 38.48
CA LEU O 134 35.48 -49.73 37.50
C LEU O 134 34.04 -50.21 37.48
N MET O 135 33.85 -51.50 37.23
CA MET O 135 32.49 -52.04 37.17
C MET O 135 31.77 -51.94 38.51
N GLY O 136 32.51 -51.85 39.61
CA GLY O 136 31.85 -51.65 40.88
C GLY O 136 31.08 -50.35 40.98
N HIS O 137 31.40 -49.37 40.12
CA HIS O 137 30.70 -48.09 40.16
C HIS O 137 29.29 -48.18 39.60
N PHE O 138 28.93 -49.30 38.96
CA PHE O 138 27.54 -49.56 38.59
C PHE O 138 26.71 -50.00 39.78
N TYR O 139 27.28 -49.98 40.97
CA TYR O 139 26.60 -50.37 42.19
C TYR O 139 26.82 -49.30 43.24
N GLU O 140 26.10 -49.43 44.36
CA GLU O 140 26.35 -48.60 45.53
C GLU O 140 26.50 -49.53 46.72
N GLY O 141 27.48 -49.21 47.59
CA GLY O 141 27.86 -50.07 48.69
C GLY O 141 27.40 -49.54 50.03
N ASN O 142 27.00 -50.48 50.90
CA ASN O 142 26.58 -50.23 52.27
C ASN O 142 27.29 -51.22 53.18
N ASP O 143 28.25 -50.73 53.98
CA ASP O 143 28.95 -51.58 54.94
C ASP O 143 28.47 -51.38 56.37
N THR O 144 27.50 -50.49 56.59
CA THR O 144 27.00 -50.29 57.94
C THR O 144 26.18 -51.49 58.41
N THR O 145 25.39 -52.09 57.52
CA THR O 145 24.56 -53.23 57.89
C THR O 145 25.40 -54.45 58.24
N SER O 146 24.78 -55.35 58.99
CA SER O 146 25.48 -56.52 59.49
C SER O 146 26.06 -57.36 58.34
N PRO O 147 25.28 -57.78 57.32
CA PRO O 147 25.96 -58.24 56.10
C PRO O 147 26.18 -57.05 55.16
N THR O 148 27.40 -56.89 54.64
CA THR O 148 27.62 -55.83 53.67
C THR O 148 26.72 -56.07 52.46
N THR O 149 26.00 -55.04 52.04
CA THR O 149 25.03 -55.14 50.95
C THR O 149 25.30 -54.09 49.90
N THR O 150 24.82 -54.37 48.69
CA THR O 150 24.98 -53.49 47.53
C THR O 150 23.65 -53.40 46.79
N SER O 151 23.34 -52.19 46.31
CA SER O 151 22.18 -52.00 45.46
C SER O 151 22.62 -51.55 44.08
N VAL O 152 21.84 -51.94 43.07
CA VAL O 152 22.20 -51.66 41.68
C VAL O 152 21.90 -50.21 41.34
N ARG O 153 22.66 -49.65 40.39
CA ARG O 153 22.55 -48.23 40.09
C ARG O 153 22.40 -47.95 38.59
N LEU O 154 22.43 -48.96 37.73
CA LEU O 154 22.47 -48.73 36.29
C LEU O 154 21.23 -48.01 35.80
N LYS O 155 20.05 -48.50 36.19
CA LYS O 155 18.81 -47.88 35.72
C LYS O 155 18.66 -46.49 36.31
N ASP O 156 19.04 -46.32 37.57
CA ASP O 156 18.96 -45.00 38.20
C ASP O 156 19.78 -43.99 37.42
N MET O 157 21.01 -44.36 37.03
CA MET O 157 21.83 -43.44 36.27
C MET O 157 21.23 -43.17 34.89
N LEU O 158 20.79 -44.22 34.21
CA LEU O 158 20.13 -44.03 32.92
C LEU O 158 18.98 -43.03 33.03
N GLN O 159 18.25 -43.07 34.14
CA GLN O 159 17.08 -42.21 34.34
C GLN O 159 17.43 -40.87 34.98
N GLY O 160 18.70 -40.47 35.01
CA GLY O 160 19.07 -39.14 35.43
C GLY O 160 19.43 -38.99 36.89
N ALA O 161 19.42 -40.07 37.66
CA ALA O 161 19.85 -40.02 39.06
C ALA O 161 21.32 -40.42 39.09
N LEU O 162 22.17 -39.45 38.81
CA LEU O 162 23.59 -39.76 38.62
C LEU O 162 24.38 -39.69 39.91
N VAL O 163 23.93 -38.91 40.90
CA VAL O 163 24.61 -38.83 42.18
C VAL O 163 24.18 -40.02 43.03
N PRO O 164 25.13 -40.72 43.67
CA PRO O 164 24.76 -41.85 44.53
C PRO O 164 23.83 -41.46 45.66
N GLN O 165 23.05 -42.43 46.13
CA GLN O 165 22.21 -42.22 47.31
C GLN O 165 23.03 -41.77 48.50
N SER O 166 24.21 -42.37 48.70
CA SER O 166 25.02 -42.08 49.88
C SER O 166 25.44 -40.60 49.93
N LEU O 167 25.52 -39.95 48.78
CA LEU O 167 26.02 -38.57 48.69
C LEU O 167 24.89 -37.54 48.52
N SER P 1 77.50 -51.39 41.21
CA SER P 1 77.68 -52.50 40.30
C SER P 1 76.49 -52.60 39.35
N LYS P 2 76.80 -52.74 38.06
CA LYS P 2 75.79 -52.82 37.01
C LYS P 2 75.51 -54.28 36.68
N ILE P 3 74.23 -54.60 36.46
CA ILE P 3 73.82 -55.97 36.16
C ILE P 3 72.94 -55.98 34.93
N LEU P 4 73.22 -56.89 34.01
CA LEU P 4 72.41 -57.12 32.83
C LEU P 4 71.57 -58.37 33.01
N SER P 5 70.30 -58.28 32.60
CA SER P 5 69.39 -59.41 32.56
C SER P 5 68.84 -59.57 31.16
N THR P 6 68.71 -60.83 30.74
CA THR P 6 68.07 -61.14 29.46
C THR P 6 66.57 -61.30 29.58
N ASN P 7 66.03 -61.32 30.81
CA ASN P 7 64.59 -61.37 31.05
C ASN P 7 63.95 -62.62 30.47
N ASN P 8 64.73 -63.69 30.31
CA ASN P 8 64.18 -64.96 29.85
C ASN P 8 63.84 -65.90 31.00
N SER P 9 64.06 -65.45 32.24
CA SER P 9 63.81 -66.30 33.40
C SER P 9 62.36 -66.73 33.52
N ASN P 10 61.43 -65.92 33.00
CA ASN P 10 60.02 -66.23 33.10
C ASN P 10 59.48 -66.98 31.89
N SER P 11 60.32 -67.25 30.90
CA SER P 11 59.90 -68.02 29.74
C SER P 11 59.97 -69.51 30.02
N ASN P 12 59.19 -70.26 29.25
CA ASN P 12 59.02 -71.70 29.38
C ASN P 12 59.64 -72.39 28.17
N PHE P 13 60.73 -73.13 28.38
CA PHE P 13 61.42 -73.83 27.30
C PHE P 13 61.59 -75.32 27.62
N VAL P 14 61.87 -76.11 26.59
CA VAL P 14 62.20 -77.51 26.72
C VAL P 14 63.58 -77.70 26.14
N ASP P 15 64.47 -78.29 26.92
CA ASP P 15 65.77 -78.60 26.37
C ASP P 15 65.61 -79.72 25.34
N THR P 16 66.39 -79.64 24.27
CA THR P 16 66.46 -80.73 23.31
C THR P 16 67.85 -80.76 22.70
N SER P 17 68.25 -81.96 22.27
CA SER P 17 69.62 -82.17 21.81
C SER P 17 69.77 -81.74 20.37
N PHE P 18 70.87 -81.03 20.09
CA PHE P 18 71.13 -80.51 18.75
C PHE P 18 72.65 -80.56 18.59
N THR P 19 73.12 -81.70 18.10
CA THR P 19 74.55 -82.00 18.12
C THR P 19 75.21 -81.44 16.86
N LEU P 20 76.13 -80.49 17.06
CA LEU P 20 76.74 -79.77 15.95
C LEU P 20 77.92 -80.55 15.40
N LYS P 21 78.01 -80.59 14.08
CA LYS P 21 79.20 -81.08 13.38
C LYS P 21 80.06 -79.86 13.06
N VAL P 22 81.10 -79.65 13.87
CA VAL P 22 82.03 -78.53 13.80
C VAL P 22 83.16 -78.84 12.84
N PRO P 23 83.53 -77.91 11.97
CA PRO P 23 84.59 -78.18 10.98
C PRO P 23 85.98 -78.29 11.60
N VAL P 24 86.86 -78.95 10.85
CA VAL P 24 88.28 -78.94 11.15
C VAL P 24 88.95 -78.13 10.05
N TYR P 25 89.08 -76.83 10.30
CA TYR P 25 89.41 -75.92 9.23
C TYR P 25 90.77 -76.23 8.65
N SER P 26 91.72 -76.58 9.51
CA SER P 26 93.06 -76.89 9.06
C SER P 26 93.05 -78.03 8.03
N LYS P 27 92.27 -79.08 8.29
CA LYS P 27 92.22 -80.21 7.36
C LYS P 27 91.49 -79.85 6.07
N ASP P 28 90.33 -79.19 6.19
CA ASP P 28 89.41 -79.14 5.06
C ASP P 28 89.38 -77.82 4.28
N TYR P 29 89.55 -76.70 4.94
CA TYR P 29 89.22 -75.39 4.38
C TYR P 29 90.47 -74.58 4.09
N ARG P 30 90.41 -73.81 3.01
CA ARG P 30 91.41 -72.82 2.64
C ARG P 30 90.69 -71.47 2.55
N VAL P 31 91.44 -70.39 2.42
CA VAL P 31 90.84 -69.06 2.46
C VAL P 31 90.74 -68.51 1.04
N THR P 32 89.51 -68.21 0.61
CA THR P 32 89.23 -67.60 -0.70
C THR P 32 89.29 -66.07 -0.65
N GLN P 33 88.83 -65.46 0.45
CA GLN P 33 88.72 -64.01 0.55
C GLN P 33 89.11 -63.59 1.97
N ASP P 34 90.03 -62.61 2.09
CA ASP P 34 90.41 -62.07 3.39
C ASP P 34 90.18 -60.56 3.46
N GLU P 35 89.00 -60.09 3.07
CA GLU P 35 88.81 -58.66 3.22
C GLU P 35 88.56 -58.29 4.69
N PRO P 36 88.85 -57.04 5.07
CA PRO P 36 88.84 -56.68 6.50
C PRO P 36 87.53 -56.96 7.20
N ASP P 37 86.40 -56.83 6.50
CA ASP P 37 85.11 -57.09 7.10
C ASP P 37 84.45 -58.37 6.60
N GLU P 38 85.08 -59.11 5.68
CA GLU P 38 84.39 -60.24 5.07
C GLU P 38 85.42 -61.29 4.67
N VAL P 39 85.30 -62.48 5.24
CA VAL P 39 86.19 -63.59 4.93
C VAL P 39 85.38 -64.70 4.30
N VAL P 40 85.98 -65.34 3.30
CA VAL P 40 85.38 -66.47 2.61
C VAL P 40 86.37 -67.63 2.61
N VAL P 41 85.84 -68.81 2.86
CA VAL P 41 86.58 -70.03 3.15
C VAL P 41 86.00 -71.14 2.29
N ALA P 42 86.86 -71.84 1.57
CA ALA P 42 86.43 -72.87 0.65
C ALA P 42 86.85 -74.26 1.11
N ASN P 43 86.03 -75.24 0.78
CA ASN P 43 86.26 -76.62 1.17
C ASN P 43 87.12 -77.29 0.10
N ARG P 44 88.38 -77.52 0.43
CA ARG P 44 89.33 -78.10 -0.51
C ARG P 44 88.99 -79.56 -0.83
N GLN P 45 88.20 -80.23 0.00
CA GLN P 45 87.89 -81.65 -0.16
C GLN P 45 86.93 -81.93 -1.32
N GLN P 46 86.35 -80.89 -1.93
CA GLN P 46 85.30 -81.20 -2.88
C GLN P 46 85.87 -81.31 -4.30
N PRO P 47 85.19 -82.09 -5.16
CA PRO P 47 85.52 -82.07 -6.59
C PRO P 47 85.11 -80.75 -7.23
N PHE P 48 85.45 -80.54 -8.51
CA PHE P 48 85.24 -79.22 -9.09
C PHE P 48 83.77 -78.85 -9.19
N GLY P 49 82.92 -79.80 -9.56
CA GLY P 49 81.50 -79.49 -9.65
C GLY P 49 80.95 -78.97 -8.33
N VAL P 50 81.31 -79.63 -7.23
CA VAL P 50 80.69 -79.37 -5.93
C VAL P 50 81.37 -78.18 -5.29
N LYS P 51 80.59 -77.15 -4.99
CA LYS P 51 81.09 -75.96 -4.29
C LYS P 51 80.61 -76.00 -2.85
N ASN P 52 81.56 -75.91 -1.91
CA ASN P 52 81.28 -75.93 -0.48
C ASN P 52 82.07 -74.79 0.14
N THR P 53 81.38 -73.71 0.54
CA THR P 53 82.04 -72.53 1.07
C THR P 53 81.33 -71.99 2.30
N ALA P 54 82.05 -71.16 3.04
CA ALA P 54 81.53 -70.46 4.21
C ALA P 54 81.99 -69.02 4.16
N ARG P 55 81.15 -68.13 4.67
CA ARG P 55 81.37 -66.70 4.61
C ARG P 55 81.11 -66.11 5.99
N TYR P 56 82.05 -65.32 6.47
CA TYR P 56 82.01 -64.79 7.82
C TYR P 56 82.20 -63.28 7.69
N GLY P 57 81.20 -62.50 8.09
CA GLY P 57 81.26 -61.07 7.86
C GLY P 57 80.70 -60.29 9.04
N ILE P 58 81.21 -59.07 9.20
CA ILE P 58 80.68 -58.14 10.19
C ILE P 58 80.41 -56.80 9.52
N ARG P 59 79.31 -56.17 9.94
CA ARG P 59 78.92 -54.82 9.57
C ARG P 59 78.70 -54.04 10.86
N GLN P 60 78.95 -52.73 10.81
CA GLN P 60 78.71 -51.90 11.97
C GLN P 60 77.31 -51.29 11.89
N ILE P 61 76.59 -51.32 13.00
CA ILE P 61 75.22 -50.81 13.10
C ILE P 61 75.28 -49.41 13.65
N ALA P 62 74.84 -48.44 12.85
CA ALA P 62 74.92 -47.04 13.24
C ALA P 62 74.11 -46.80 14.51
N ASP P 63 72.80 -47.03 14.44
CA ASP P 63 71.89 -46.83 15.56
C ASP P 63 71.23 -48.17 15.85
N VAL P 64 71.58 -48.80 16.98
CA VAL P 64 71.02 -50.10 17.32
C VAL P 64 69.55 -49.98 17.68
N TYR P 65 69.07 -48.79 17.99
CA TYR P 65 67.67 -48.54 18.30
C TYR P 65 66.86 -48.09 17.09
N ARG P 66 67.47 -48.08 15.90
CA ARG P 66 66.89 -47.39 14.75
C ARG P 66 65.51 -47.92 14.41
N ASN P 67 65.32 -49.23 14.47
CA ASN P 67 64.05 -49.85 14.11
C ASN P 67 63.29 -50.38 15.33
N THR P 68 63.82 -50.21 16.53
CA THR P 68 63.12 -50.63 17.74
C THR P 68 62.30 -49.48 18.30
N THR P 69 61.43 -49.83 19.26
CA THR P 69 60.51 -48.87 19.85
C THR P 69 60.84 -48.58 21.32
N ILE P 70 62.09 -48.81 21.72
CA ILE P 70 62.52 -48.50 23.08
C ILE P 70 62.51 -46.99 23.27
N ASP P 71 61.90 -46.53 24.36
CA ASP P 71 61.81 -45.09 24.56
C ASP P 71 63.20 -44.49 24.70
N ARG P 72 63.33 -43.25 24.21
CA ARG P 72 64.61 -42.54 24.26
C ARG P 72 65.17 -42.54 25.68
N ALA P 73 64.29 -42.34 26.67
CA ALA P 73 64.71 -42.25 28.06
C ALA P 73 65.38 -43.52 28.56
N TYR P 74 65.22 -44.63 27.85
CA TYR P 74 65.80 -45.90 28.25
C TYR P 74 66.84 -46.41 27.26
N GLN P 75 67.34 -45.55 26.38
CA GLN P 75 68.37 -45.97 25.45
C GLN P 75 69.75 -45.78 26.06
N SER P 76 70.64 -46.72 25.74
CA SER P 76 72.03 -46.59 26.17
C SER P 76 72.64 -45.33 25.57
N PRO P 77 73.65 -44.76 26.22
CA PRO P 77 74.40 -43.68 25.56
C PRO P 77 75.09 -44.16 24.30
N SER P 78 75.70 -45.35 24.35
CA SER P 78 76.37 -45.95 23.21
C SER P 78 75.35 -46.68 22.36
N LYS P 79 75.08 -46.14 21.17
CA LYS P 79 74.04 -46.68 20.30
C LYS P 79 74.60 -47.51 19.17
N LYS P 80 75.90 -47.81 19.19
CA LYS P 80 76.52 -48.58 18.12
C LYS P 80 76.30 -50.06 18.35
N GLY P 81 76.22 -50.81 17.26
CA GLY P 81 76.11 -52.25 17.34
C GLY P 81 77.03 -52.93 16.35
N THR P 82 77.10 -54.25 16.46
CA THR P 82 77.79 -55.09 15.48
C THR P 82 76.82 -56.12 14.94
N SER P 83 76.86 -56.32 13.63
CA SER P 83 76.04 -57.31 12.94
C SER P 83 76.97 -58.35 12.35
N LEU P 84 76.82 -59.59 12.81
CA LEU P 84 77.61 -60.72 12.34
C LEU P 84 76.78 -61.59 11.41
N VAL P 85 77.43 -62.13 10.39
CA VAL P 85 76.80 -63.05 9.46
C VAL P 85 77.71 -64.26 9.29
N VAL P 86 77.10 -65.43 9.30
CA VAL P 86 77.75 -66.71 9.07
C VAL P 86 76.91 -67.43 8.03
N GLN P 87 77.44 -67.56 6.82
CA GLN P 87 76.77 -68.25 5.73
C GLN P 87 77.51 -69.53 5.36
N VAL P 88 76.76 -70.60 5.11
CA VAL P 88 77.31 -71.82 4.56
C VAL P 88 76.61 -72.11 3.26
N THR P 89 77.38 -72.51 2.26
CA THR P 89 76.93 -72.83 0.92
C THR P 89 77.39 -74.23 0.57
N GLU P 90 76.45 -75.10 0.23
CA GLU P 90 76.75 -76.48 -0.10
C GLU P 90 76.18 -76.82 -1.48
N THR P 91 76.77 -77.84 -2.10
CA THR P 91 76.28 -78.34 -3.37
C THR P 91 75.97 -79.82 -3.19
N TRP P 92 74.69 -80.18 -3.31
CA TRP P 92 74.24 -81.54 -3.17
C TRP P 92 74.09 -82.16 -4.56
N THR P 93 74.20 -83.48 -4.64
CA THR P 93 74.06 -84.16 -5.92
C THR P 93 73.04 -85.29 -5.82
N VAL P 94 72.31 -85.47 -6.91
CA VAL P 94 71.32 -86.53 -7.02
C VAL P 94 71.77 -87.46 -8.14
N ALA P 95 71.81 -88.76 -7.85
CA ALA P 95 72.19 -89.75 -8.84
C ALA P 95 71.32 -90.98 -8.65
N SER P 96 71.59 -92.00 -9.47
CA SER P 96 70.85 -93.25 -9.43
C SER P 96 71.80 -94.43 -9.25
N THR P 97 71.40 -95.36 -8.37
CA THR P 97 72.10 -96.63 -8.24
C THR P 97 72.13 -97.37 -9.56
N ASP P 98 70.98 -97.39 -10.25
CA ASP P 98 70.81 -98.22 -11.44
C ASP P 98 71.48 -97.59 -12.66
N ASP P 99 71.41 -96.26 -12.77
CA ASP P 99 71.84 -95.53 -13.97
C ASP P 99 72.98 -94.59 -13.57
N GLU P 100 74.18 -94.90 -14.03
CA GLU P 100 75.34 -94.10 -13.68
C GLU P 100 75.40 -92.79 -14.43
N THR P 101 74.47 -92.54 -15.35
CA THR P 101 74.43 -91.32 -16.13
C THR P 101 73.42 -90.32 -15.59
N TYR P 102 72.52 -90.74 -14.72
CA TYR P 102 71.51 -89.88 -14.16
C TYR P 102 72.12 -89.09 -13.01
N GLY P 103 72.03 -87.78 -13.09
CA GLY P 103 72.52 -86.92 -12.03
C GLY P 103 72.21 -85.47 -12.28
N TYR P 104 72.12 -84.73 -11.18
CA TYR P 104 72.09 -83.27 -11.24
C TYR P 104 72.57 -82.69 -9.90
N SER P 105 72.84 -81.39 -9.90
CA SER P 105 73.34 -80.70 -8.71
C SER P 105 72.30 -79.70 -8.21
N LEU P 106 72.11 -79.69 -6.89
CA LEU P 106 71.21 -78.78 -6.19
C LEU P 106 72.01 -77.85 -5.32
N PRO P 107 71.72 -76.55 -5.34
CA PRO P 107 72.43 -75.62 -4.46
C PRO P 107 71.69 -75.38 -3.15
N PHE P 108 72.38 -75.52 -2.02
CA PHE P 108 71.83 -75.20 -0.72
C PHE P 108 72.63 -74.07 -0.12
N SER P 109 71.93 -73.16 0.55
CA SER P 109 72.62 -72.14 1.31
C SER P 109 71.77 -71.80 2.52
N ALA P 110 72.45 -71.34 3.57
CA ALA P 110 71.74 -70.88 4.75
C ALA P 110 72.70 -70.03 5.54
N HIS P 111 72.17 -69.03 6.21
CA HIS P 111 73.02 -68.17 7.02
C HIS P 111 72.32 -67.77 8.30
N VAL P 112 73.15 -67.27 9.21
CA VAL P 112 72.73 -66.77 10.51
C VAL P 112 73.24 -65.35 10.63
N ILE P 113 72.40 -64.47 11.15
CA ILE P 113 72.76 -63.09 11.40
C ILE P 113 72.48 -62.80 12.86
N VAL P 114 73.42 -62.11 13.51
CA VAL P 114 73.36 -61.82 14.94
C VAL P 114 73.66 -60.33 15.11
N ASN P 115 72.74 -59.60 15.73
CA ASN P 115 72.83 -58.16 15.88
C ASN P 115 72.97 -57.85 17.37
N VAL P 116 74.21 -57.54 17.77
CA VAL P 116 74.61 -57.43 19.17
C VAL P 116 74.96 -55.97 19.45
N PRO P 117 74.30 -55.32 20.42
CA PRO P 117 74.74 -53.98 20.83
C PRO P 117 76.12 -54.01 21.43
N GLN P 118 76.88 -52.92 21.25
CA GLN P 118 78.22 -52.80 21.82
C GLN P 118 78.09 -52.34 23.26
N ASP P 119 78.02 -53.31 24.18
CA ASP P 119 77.91 -53.04 25.60
C ASP P 119 78.79 -54.00 26.37
N ALA P 120 79.51 -53.48 27.37
CA ALA P 120 80.49 -54.29 28.08
C ALA P 120 79.84 -55.49 28.76
N LEU P 121 78.57 -55.39 29.16
CA LEU P 121 77.95 -56.44 29.95
C LEU P 121 77.53 -57.65 29.13
N ILE P 122 77.40 -57.51 27.81
CA ILE P 122 77.06 -58.65 26.98
C ILE P 122 78.29 -59.54 26.85
N THR P 123 78.14 -60.83 27.16
CA THR P 123 79.26 -61.74 27.15
C THR P 123 79.08 -62.85 26.12
N GLU P 124 80.18 -63.54 25.84
CA GLU P 124 80.16 -64.56 24.80
C GLU P 124 79.18 -65.67 25.15
N GLU P 125 79.12 -66.03 26.44
CA GLU P 125 78.16 -67.05 26.86
C GLU P 125 76.73 -66.57 26.67
N ILE P 126 76.46 -65.30 27.03
CA ILE P 126 75.12 -64.76 26.83
C ILE P 126 74.72 -64.90 25.38
N LEU P 127 75.64 -64.61 24.46
CA LEU P 127 75.32 -64.67 23.04
C LEU P 127 75.13 -66.10 22.56
N TYR P 128 75.96 -67.04 23.01
CA TYR P 128 75.72 -68.42 22.62
C TYR P 128 74.36 -68.91 23.11
N ASP P 129 74.00 -68.57 24.36
CA ASP P 129 72.69 -68.99 24.85
C ASP P 129 71.57 -68.31 24.09
N ALA P 130 71.80 -67.08 23.63
CA ALA P 130 70.85 -66.46 22.71
C ALA P 130 70.71 -67.29 21.44
N LEU P 131 71.83 -67.72 20.86
CA LEU P 131 71.77 -68.54 19.65
C LEU P 131 71.00 -69.83 19.92
N LYS P 132 71.15 -70.39 21.11
CA LYS P 132 70.45 -71.63 21.45
C LYS P 132 68.94 -71.38 21.54
N ARG P 133 68.54 -70.26 22.14
CA ARG P 133 67.13 -69.89 22.15
C ARG P 133 66.60 -69.71 20.73
N LEU P 134 67.40 -69.04 19.89
CA LEU P 134 67.04 -68.79 18.50
C LEU P 134 66.78 -70.09 17.75
N MET P 135 67.79 -70.96 17.68
CA MET P 135 67.62 -72.22 17.00
C MET P 135 66.53 -73.09 17.63
N GLY P 136 66.20 -72.84 18.90
CA GLY P 136 65.12 -73.62 19.47
C GLY P 136 63.76 -73.35 18.85
N HIS P 137 63.60 -72.25 18.14
CA HIS P 137 62.35 -71.93 17.48
C HIS P 137 62.09 -72.79 16.26
N PHE P 138 63.04 -73.65 15.87
CA PHE P 138 62.77 -74.64 14.84
C PHE P 138 62.04 -75.86 15.39
N TYR P 139 61.67 -75.83 16.67
CA TYR P 139 60.97 -76.93 17.30
C TYR P 139 59.79 -76.36 18.08
N GLU P 140 58.92 -77.25 18.55
CA GLU P 140 57.82 -76.90 19.45
C GLU P 140 57.95 -77.71 20.73
N GLY P 141 57.82 -77.03 21.87
CA GLY P 141 57.96 -77.66 23.16
C GLY P 141 56.62 -78.07 23.75
N ASN P 142 56.64 -79.18 24.47
CA ASN P 142 55.47 -79.81 25.06
C ASN P 142 55.77 -80.17 26.51
N ASP P 143 55.32 -79.31 27.44
CA ASP P 143 55.34 -79.54 28.88
C ASP P 143 54.14 -80.34 29.37
N THR P 144 53.11 -80.52 28.53
CA THR P 144 51.95 -81.33 28.93
C THR P 144 52.37 -82.76 29.25
N THR P 145 53.24 -83.34 28.44
CA THR P 145 53.72 -84.69 28.70
C THR P 145 54.42 -84.75 30.04
N SER P 146 54.38 -85.94 30.64
CA SER P 146 55.10 -86.15 31.88
C SER P 146 56.62 -86.01 31.70
N PRO P 147 57.29 -86.71 30.73
CA PRO P 147 58.65 -86.27 30.36
C PRO P 147 58.55 -85.22 29.26
N THR P 148 59.16 -84.04 29.40
CA THR P 148 58.87 -82.96 28.46
C THR P 148 59.46 -83.29 27.10
N THR P 149 58.69 -83.06 26.03
CA THR P 149 59.08 -83.52 24.69
C THR P 149 58.98 -82.38 23.67
N THR P 150 59.60 -82.60 22.52
CA THR P 150 59.66 -81.60 21.47
C THR P 150 59.38 -82.25 20.12
N SER P 151 58.83 -81.43 19.21
CA SER P 151 58.51 -81.88 17.86
C SER P 151 59.03 -80.89 16.85
N VAL P 152 59.25 -81.37 15.63
CA VAL P 152 59.97 -80.61 14.62
C VAL P 152 58.95 -79.82 13.79
N ARG P 153 59.34 -78.60 13.39
CA ARG P 153 58.45 -77.74 12.61
C ARG P 153 59.13 -77.11 11.39
N LEU P 154 60.32 -77.57 11.01
CA LEU P 154 61.00 -76.97 9.87
C LEU P 154 60.24 -77.23 8.57
N LYS P 155 59.79 -78.46 8.35
CA LYS P 155 59.02 -78.76 7.15
C LYS P 155 57.71 -77.99 7.15
N ASP P 156 56.99 -78.03 8.28
CA ASP P 156 55.74 -77.30 8.37
C ASP P 156 55.92 -75.83 7.98
N MET P 157 56.96 -75.19 8.52
CA MET P 157 57.19 -73.78 8.18
C MET P 157 57.48 -73.62 6.69
N LEU P 158 58.39 -74.44 6.16
CA LEU P 158 58.70 -74.37 4.73
C LEU P 158 57.45 -74.52 3.87
N GLN P 159 56.47 -75.29 4.33
CA GLN P 159 55.27 -75.50 3.54
C GLN P 159 54.22 -74.40 3.71
N GLY P 160 54.49 -73.39 4.53
CA GLY P 160 53.61 -72.24 4.65
C GLY P 160 52.86 -72.14 5.95
N ALA P 161 53.01 -73.15 6.83
CA ALA P 161 52.37 -73.20 8.13
C ALA P 161 53.30 -72.57 9.15
N LEU P 162 53.24 -71.25 9.25
CA LEU P 162 54.22 -70.53 10.03
C LEU P 162 53.80 -70.35 11.49
N VAL P 163 52.51 -70.49 11.77
CA VAL P 163 52.07 -70.44 13.17
C VAL P 163 52.38 -71.78 13.79
N PRO P 164 52.90 -71.81 15.02
CA PRO P 164 53.13 -73.08 15.70
C PRO P 164 51.84 -73.87 15.89
N GLN P 165 52.00 -75.19 16.05
CA GLN P 165 50.83 -76.04 16.28
C GLN P 165 50.26 -75.82 17.67
N SER P 166 51.09 -75.36 18.61
CA SER P 166 50.67 -75.10 19.98
C SER P 166 49.68 -73.93 20.09
N LEU P 167 49.53 -73.13 19.04
CA LEU P 167 48.61 -71.99 19.06
C LEU P 167 47.46 -72.19 18.07
N SER Q 1 82.61 -96.21 -14.09
CA SER Q 1 81.53 -96.02 -15.05
C SER Q 1 81.81 -94.74 -15.82
N LYS Q 2 81.64 -93.56 -15.18
CA LYS Q 2 81.96 -92.32 -15.88
C LYS Q 2 83.47 -92.14 -15.98
N ILE Q 3 83.94 -91.89 -17.20
CA ILE Q 3 85.35 -91.75 -17.48
C ILE Q 3 85.56 -90.53 -18.34
N LEU Q 4 86.52 -89.70 -17.96
CA LEU Q 4 87.02 -88.61 -18.78
C LEU Q 4 88.32 -89.06 -19.44
N SER Q 5 88.40 -88.91 -20.76
CA SER Q 5 89.64 -89.13 -21.49
C SER Q 5 90.11 -87.80 -22.06
N THR Q 6 91.42 -87.58 -21.98
CA THR Q 6 92.04 -86.44 -22.63
C THR Q 6 92.33 -86.70 -24.11
N ASN Q 7 91.99 -87.89 -24.61
CA ASN Q 7 92.17 -88.24 -26.02
C ASN Q 7 93.61 -88.04 -26.49
N ASN Q 8 94.57 -88.17 -25.59
CA ASN Q 8 95.97 -88.14 -25.97
C ASN Q 8 96.53 -89.54 -26.14
N SER Q 9 95.69 -90.56 -26.03
CA SER Q 9 96.15 -91.94 -26.09
C SER Q 9 96.78 -92.30 -27.43
N ASN Q 10 96.41 -91.60 -28.51
CA ASN Q 10 96.98 -91.87 -29.82
C ASN Q 10 97.99 -90.82 -30.26
N SER Q 11 98.34 -89.86 -29.41
CA SER Q 11 99.42 -88.95 -29.70
C SER Q 11 100.76 -89.62 -29.36
N ASN Q 12 101.81 -89.24 -30.07
CA ASN Q 12 103.13 -89.80 -29.86
C ASN Q 12 104.02 -88.77 -29.16
N PHE Q 13 104.50 -89.13 -27.97
CA PHE Q 13 105.32 -88.23 -27.19
C PHE Q 13 106.66 -88.87 -26.84
N VAL Q 14 107.52 -88.02 -26.30
CA VAL Q 14 108.85 -88.38 -25.81
C VAL Q 14 109.05 -87.65 -24.49
N ASP Q 15 109.51 -88.36 -23.46
CA ASP Q 15 109.69 -87.71 -22.17
C ASP Q 15 111.01 -86.94 -22.13
N THR Q 16 110.99 -85.83 -21.38
CA THR Q 16 112.23 -85.13 -21.08
C THR Q 16 112.12 -84.50 -19.70
N SER Q 17 113.28 -84.31 -19.06
CA SER Q 17 113.32 -83.82 -17.69
C SER Q 17 113.26 -82.31 -17.68
N PHE Q 18 112.49 -81.77 -16.73
CA PHE Q 18 112.28 -80.33 -16.63
C PHE Q 18 112.14 -80.04 -15.13
N THR Q 19 113.26 -79.81 -14.48
CA THR Q 19 113.30 -79.77 -13.02
C THR Q 19 112.92 -78.38 -12.53
N LEU Q 20 111.81 -78.29 -11.81
CA LEU Q 20 111.27 -77.01 -11.39
C LEU Q 20 111.95 -76.54 -10.12
N LYS Q 21 112.17 -75.23 -10.03
CA LYS Q 21 112.62 -74.58 -8.81
C LYS Q 21 111.39 -73.94 -8.14
N VAL Q 22 110.82 -74.67 -7.19
CA VAL Q 22 109.63 -74.31 -6.42
C VAL Q 22 110.01 -73.36 -5.30
N PRO Q 23 109.28 -72.28 -5.07
CA PRO Q 23 109.69 -71.32 -4.03
C PRO Q 23 109.38 -71.77 -2.62
N VAL Q 24 110.26 -71.38 -1.70
CA VAL Q 24 110.01 -71.50 -0.26
C VAL Q 24 109.38 -70.18 0.15
N TYR Q 25 108.05 -70.13 0.01
CA TYR Q 25 107.35 -68.85 0.15
C TYR Q 25 107.55 -68.28 1.53
N SER Q 26 107.55 -69.15 2.55
CA SER Q 26 107.78 -68.70 3.92
C SER Q 26 109.08 -67.90 4.06
N LYS Q 27 110.20 -68.33 3.43
CA LYS Q 27 111.41 -67.50 3.54
C LYS Q 27 111.35 -66.26 2.65
N ASP Q 28 110.96 -66.44 1.39
CA ASP Q 28 111.30 -65.40 0.42
C ASP Q 28 110.19 -64.39 0.15
N TYR Q 29 108.92 -64.77 0.27
CA TYR Q 29 107.86 -63.97 -0.32
C TYR Q 29 106.92 -63.41 0.73
N ARG Q 30 106.42 -62.20 0.46
CA ARG Q 30 105.47 -61.52 1.32
C ARG Q 30 104.36 -60.95 0.45
N VAL Q 31 103.21 -60.64 1.05
CA VAL Q 31 102.03 -60.28 0.26
C VAL Q 31 101.95 -58.77 0.07
N THR Q 32 101.99 -58.33 -1.19
CA THR Q 32 101.73 -56.96 -1.62
C THR Q 32 100.25 -56.69 -1.88
N GLN Q 33 99.54 -57.64 -2.46
CA GLN Q 33 98.12 -57.46 -2.77
C GLN Q 33 97.36 -58.72 -2.42
N ASP Q 34 96.29 -58.58 -1.62
CA ASP Q 34 95.44 -59.69 -1.22
C ASP Q 34 93.98 -59.41 -1.61
N GLU Q 35 93.73 -59.07 -2.87
CA GLU Q 35 92.32 -58.89 -3.18
C GLU Q 35 91.76 -60.22 -3.67
N PRO Q 36 90.43 -60.41 -3.59
CA PRO Q 36 89.86 -61.77 -3.61
C PRO Q 36 90.26 -62.63 -4.80
N ASP Q 37 90.37 -62.01 -5.98
CA ASP Q 37 90.66 -62.69 -7.23
C ASP Q 37 92.06 -62.39 -7.75
N GLU Q 38 92.86 -61.59 -7.04
CA GLU Q 38 94.20 -61.24 -7.53
C GLU Q 38 95.10 -61.07 -6.32
N VAL Q 39 96.17 -61.86 -6.28
CA VAL Q 39 97.15 -61.79 -5.23
C VAL Q 39 98.50 -61.48 -5.85
N VAL Q 40 99.17 -60.48 -5.29
CA VAL Q 40 100.52 -60.12 -5.70
C VAL Q 40 101.43 -60.36 -4.51
N VAL Q 41 102.61 -60.90 -4.81
CA VAL Q 41 103.55 -61.38 -3.83
C VAL Q 41 104.94 -60.92 -4.26
N ALA Q 42 105.68 -60.36 -3.32
CA ALA Q 42 106.99 -59.79 -3.60
C ALA Q 42 108.09 -60.60 -2.92
N ASN Q 43 109.26 -60.58 -3.56
CA ASN Q 43 110.42 -61.33 -3.10
C ASN Q 43 111.22 -60.48 -2.12
N ARG Q 44 111.21 -60.89 -0.86
CA ARG Q 44 111.90 -60.18 0.21
C ARG Q 44 113.42 -60.12 -0.03
N GLN Q 45 113.98 -61.12 -0.72
CA GLN Q 45 115.42 -61.30 -0.76
C GLN Q 45 116.14 -60.33 -1.70
N GLN Q 46 115.43 -59.68 -2.61
CA GLN Q 46 116.11 -58.81 -3.55
C GLN Q 46 116.51 -57.50 -2.89
N PRO Q 47 117.58 -56.85 -3.37
CA PRO Q 47 117.90 -55.49 -2.91
C PRO Q 47 116.92 -54.47 -3.47
N PHE Q 48 117.05 -53.20 -3.09
CA PHE Q 48 115.98 -52.26 -3.40
C PHE Q 48 115.84 -52.01 -4.89
N GLY Q 49 116.95 -52.08 -5.63
CA GLY Q 49 116.86 -51.90 -7.07
C GLY Q 49 116.07 -52.99 -7.75
N VAL Q 50 116.35 -54.23 -7.38
CA VAL Q 50 115.79 -55.38 -8.09
C VAL Q 50 114.36 -55.63 -7.61
N LYS Q 51 113.45 -55.78 -8.55
CA LYS Q 51 112.05 -56.06 -8.28
C LYS Q 51 111.72 -57.47 -8.76
N ASN Q 52 111.21 -58.30 -7.85
CA ASN Q 52 110.91 -59.71 -8.12
C ASN Q 52 109.52 -59.99 -7.54
N THR Q 53 108.53 -60.21 -8.40
CA THR Q 53 107.16 -60.42 -7.95
C THR Q 53 106.52 -61.60 -8.67
N ALA Q 54 105.43 -62.07 -8.08
CA ALA Q 54 104.60 -63.13 -8.63
C ALA Q 54 103.15 -62.73 -8.43
N ARG Q 55 102.31 -63.05 -9.42
CA ARG Q 55 100.92 -62.64 -9.42
C ARG Q 55 100.06 -63.86 -9.71
N TYR Q 56 99.01 -64.04 -8.91
CA TYR Q 56 98.16 -65.21 -9.00
C TYR Q 56 96.74 -64.70 -9.10
N GLY Q 57 96.03 -65.04 -10.17
CA GLY Q 57 94.70 -64.49 -10.39
C GLY Q 57 93.78 -65.48 -11.04
N ILE Q 58 92.48 -65.38 -10.70
CA ILE Q 58 91.47 -66.16 -11.39
C ILE Q 58 90.39 -65.23 -11.90
N ARG Q 59 89.76 -65.64 -13.00
CA ARG Q 59 88.63 -64.99 -13.63
C ARG Q 59 87.59 -66.06 -13.90
N GLN Q 60 86.32 -65.71 -13.74
CA GLN Q 60 85.26 -66.67 -14.03
C GLN Q 60 84.93 -66.61 -15.51
N ILE Q 61 84.81 -67.79 -16.13
CA ILE Q 61 84.54 -67.92 -17.55
C ILE Q 61 83.06 -68.16 -17.73
N ALA Q 62 82.42 -67.31 -18.53
CA ALA Q 62 80.97 -67.35 -18.66
C ALA Q 62 80.53 -68.58 -19.43
N ASP Q 63 81.08 -68.76 -20.63
CA ASP Q 63 80.76 -69.90 -21.50
C ASP Q 63 82.09 -70.43 -22.03
N VAL Q 64 82.51 -71.59 -21.52
CA VAL Q 64 83.78 -72.15 -21.95
C VAL Q 64 83.71 -72.63 -23.40
N TYR Q 65 82.50 -72.75 -23.95
CA TYR Q 65 82.28 -73.23 -25.33
C TYR Q 65 82.22 -72.09 -26.34
N ARG Q 66 82.40 -70.84 -25.92
CA ARG Q 66 82.00 -69.71 -26.75
C ARG Q 66 83.00 -69.41 -27.87
N ASN Q 67 84.28 -69.30 -27.54
CA ASN Q 67 85.21 -69.02 -28.64
C ASN Q 67 85.60 -70.28 -29.40
N THR Q 68 85.24 -71.46 -28.91
CA THR Q 68 85.77 -72.72 -29.42
C THR Q 68 85.00 -73.19 -30.65
N THR Q 69 85.60 -74.16 -31.36
CA THR Q 69 84.89 -74.90 -32.38
C THR Q 69 84.07 -76.04 -31.79
N ILE Q 70 84.37 -76.41 -30.55
CA ILE Q 70 83.51 -77.30 -29.80
C ILE Q 70 82.24 -76.55 -29.40
N ASP Q 71 81.14 -77.26 -29.34
CA ASP Q 71 79.94 -76.74 -28.71
C ASP Q 71 79.31 -77.81 -27.84
N ARG Q 72 78.40 -77.38 -26.99
CA ARG Q 72 77.98 -78.14 -25.82
C ARG Q 72 76.96 -79.20 -26.22
N ALA Q 73 77.26 -80.46 -25.90
CA ALA Q 73 76.30 -81.55 -26.09
C ALA Q 73 75.23 -81.47 -25.00
N TYR Q 74 74.12 -82.18 -25.21
CA TYR Q 74 72.93 -81.87 -24.43
C TYR Q 74 73.05 -82.27 -22.97
N GLN Q 75 73.96 -83.17 -22.66
CA GLN Q 75 74.11 -83.72 -21.33
C GLN Q 75 75.38 -83.22 -20.66
N SER Q 76 75.77 -82.00 -20.98
CA SER Q 76 76.90 -81.42 -20.28
C SER Q 76 76.45 -80.80 -18.96
N PRO Q 77 77.27 -80.92 -17.91
CA PRO Q 77 76.86 -80.38 -16.61
C PRO Q 77 76.76 -78.86 -16.59
N SER Q 78 77.73 -78.16 -17.16
CA SER Q 78 77.74 -76.70 -17.12
C SER Q 78 78.53 -76.17 -18.31
N LYS Q 79 78.27 -74.91 -18.62
CA LYS Q 79 79.11 -74.13 -19.52
C LYS Q 79 80.17 -73.35 -18.76
N LYS Q 80 80.11 -73.35 -17.43
CA LYS Q 80 80.94 -72.45 -16.65
C LYS Q 80 82.41 -72.87 -16.73
N GLY Q 81 83.30 -71.93 -16.43
CA GLY Q 81 84.71 -72.26 -16.36
C GLY Q 81 85.45 -71.35 -15.41
N THR Q 82 86.72 -71.65 -15.22
CA THR Q 82 87.61 -70.79 -14.45
C THR Q 82 88.92 -70.62 -15.21
N SER Q 83 89.44 -69.40 -15.19
CA SER Q 83 90.69 -69.07 -15.89
C SER Q 83 91.70 -68.65 -14.85
N LEU Q 84 92.83 -69.34 -14.80
CA LEU Q 84 93.90 -69.10 -13.85
C LEU Q 84 95.09 -68.47 -14.54
N VAL Q 85 95.73 -67.52 -13.89
CA VAL Q 85 96.95 -66.91 -14.37
C VAL Q 85 97.99 -66.93 -13.26
N VAL Q 86 99.21 -67.29 -13.65
CA VAL Q 86 100.36 -67.28 -12.78
C VAL Q 86 101.44 -66.51 -13.51
N GLN Q 87 101.85 -65.38 -12.95
CA GLN Q 87 102.86 -64.52 -13.57
C GLN Q 87 104.06 -64.37 -12.65
N VAL Q 88 105.24 -64.37 -13.26
CA VAL Q 88 106.47 -64.05 -12.55
C VAL Q 88 107.11 -62.86 -13.25
N THR Q 89 107.66 -61.95 -12.45
CA THR Q 89 108.32 -60.74 -12.89
C THR Q 89 109.67 -60.65 -12.21
N GLU Q 90 110.73 -60.55 -13.00
CA GLU Q 90 112.08 -60.49 -12.47
C GLU Q 90 112.80 -59.28 -13.03
N THR Q 91 113.84 -58.86 -12.32
CA THR Q 91 114.67 -57.73 -12.72
C THR Q 91 116.11 -58.21 -12.80
N TRP Q 92 116.61 -58.37 -14.02
CA TRP Q 92 117.97 -58.82 -14.26
C TRP Q 92 118.87 -57.59 -14.38
N THR Q 93 120.15 -57.75 -14.03
CA THR Q 93 121.05 -56.59 -14.02
C THR Q 93 122.31 -56.90 -14.80
N VAL Q 94 122.69 -55.97 -15.67
CA VAL Q 94 123.93 -56.03 -16.44
C VAL Q 94 124.89 -55.02 -15.86
N ALA Q 95 126.11 -55.48 -15.56
CA ALA Q 95 127.18 -54.62 -15.06
C ALA Q 95 128.45 -54.92 -15.83
N SER Q 96 129.50 -54.15 -15.56
CA SER Q 96 130.79 -54.32 -16.21
C SER Q 96 131.90 -54.41 -15.18
N THR Q 97 132.82 -55.35 -15.39
CA THR Q 97 134.01 -55.49 -14.55
C THR Q 97 135.07 -54.44 -14.86
N ASP Q 98 134.94 -53.73 -15.97
CA ASP Q 98 135.85 -52.65 -16.34
C ASP Q 98 135.41 -51.32 -15.74
N ASP Q 99 134.15 -50.95 -15.98
CA ASP Q 99 133.60 -49.65 -15.62
C ASP Q 99 132.59 -49.82 -14.49
N GLU Q 100 132.81 -49.11 -13.39
CA GLU Q 100 131.81 -49.07 -12.33
C GLU Q 100 130.59 -48.24 -12.73
N THR Q 101 130.74 -47.36 -13.72
CA THR Q 101 129.63 -46.52 -14.16
C THR Q 101 128.62 -47.29 -15.00
N TYR Q 102 129.09 -48.30 -15.72
CA TYR Q 102 128.26 -48.95 -16.71
C TYR Q 102 127.37 -50.00 -16.07
N GLY Q 103 126.06 -49.84 -16.28
CA GLY Q 103 125.10 -50.84 -15.84
C GLY Q 103 123.71 -50.47 -16.28
N TYR Q 104 122.85 -51.48 -16.33
CA TYR Q 104 121.43 -51.26 -16.59
C TYR Q 104 120.64 -52.46 -16.07
N SER Q 105 119.31 -52.30 -16.07
CA SER Q 105 118.38 -53.32 -15.60
C SER Q 105 117.48 -53.76 -16.75
N LEU Q 106 117.31 -55.05 -16.90
CA LEU Q 106 116.44 -55.65 -17.88
C LEU Q 106 115.22 -56.21 -17.19
N PRO Q 107 114.02 -55.90 -17.66
CA PRO Q 107 112.81 -56.49 -17.06
C PRO Q 107 112.41 -57.78 -17.76
N PHE Q 108 112.25 -58.86 -17.00
CA PHE Q 108 111.75 -60.11 -17.55
C PHE Q 108 110.36 -60.38 -17.00
N SER Q 109 109.47 -60.89 -17.83
CA SER Q 109 108.20 -61.35 -17.28
C SER Q 109 107.71 -62.55 -18.07
N ALA Q 110 106.89 -63.35 -17.43
CA ALA Q 110 106.28 -64.47 -18.13
C ALA Q 110 105.09 -64.94 -17.32
N HIS Q 111 104.12 -65.52 -18.00
CA HIS Q 111 102.96 -66.02 -17.28
C HIS Q 111 102.37 -67.22 -17.99
N VAL Q 112 101.55 -67.93 -17.23
CA VAL Q 112 100.83 -69.10 -17.69
C VAL Q 112 99.35 -68.83 -17.43
N ILE Q 113 98.52 -69.25 -18.37
CA ILE Q 113 97.07 -69.13 -18.24
C ILE Q 113 96.46 -70.48 -18.54
N VAL Q 114 95.50 -70.89 -17.72
CA VAL Q 114 94.88 -72.20 -17.79
C VAL Q 114 93.37 -72.01 -17.75
N ASN Q 115 92.65 -72.64 -18.66
CA ASN Q 115 91.21 -72.42 -18.81
C ASN Q 115 90.46 -73.73 -18.57
N VAL Q 116 90.05 -73.95 -17.33
CA VAL Q 116 89.55 -75.25 -16.88
C VAL Q 116 88.02 -75.20 -16.89
N PRO Q 117 87.35 -76.11 -17.60
CA PRO Q 117 85.89 -76.22 -17.48
C PRO Q 117 85.46 -76.71 -16.10
N GLN Q 118 84.20 -76.43 -15.76
CA GLN Q 118 83.61 -76.87 -14.50
C GLN Q 118 82.98 -78.25 -14.69
N ASP Q 119 83.81 -79.28 -14.59
CA ASP Q 119 83.32 -80.65 -14.56
C ASP Q 119 84.10 -81.39 -13.49
N ALA Q 120 83.38 -82.10 -12.61
CA ALA Q 120 84.02 -82.70 -11.46
C ALA Q 120 85.02 -83.79 -11.84
N LEU Q 121 84.88 -84.38 -13.03
CA LEU Q 121 85.80 -85.43 -13.46
C LEU Q 121 87.17 -84.91 -13.86
N ILE Q 122 87.31 -83.60 -14.09
CA ILE Q 122 88.63 -83.01 -14.24
C ILE Q 122 89.30 -83.00 -12.87
N THR Q 123 90.45 -83.66 -12.77
CA THR Q 123 91.15 -83.78 -11.50
C THR Q 123 92.42 -82.94 -11.50
N GLU Q 124 92.95 -82.73 -10.29
CA GLU Q 124 94.15 -81.91 -10.17
C GLU Q 124 95.29 -82.54 -10.93
N GLU Q 125 95.37 -83.88 -10.92
CA GLU Q 125 96.42 -84.54 -11.67
C GLU Q 125 96.21 -84.39 -13.18
N ILE Q 126 94.96 -84.50 -13.65
CA ILE Q 126 94.69 -84.30 -15.07
C ILE Q 126 95.23 -82.94 -15.50
N LEU Q 127 94.99 -81.92 -14.66
CA LEU Q 127 95.43 -80.58 -15.02
C LEU Q 127 96.95 -80.44 -15.01
N TYR Q 128 97.62 -81.01 -14.00
CA TYR Q 128 99.08 -80.95 -14.02
C TYR Q 128 99.66 -81.65 -15.24
N ASP Q 129 99.11 -82.81 -15.61
CA ASP Q 129 99.64 -83.51 -16.78
C ASP Q 129 99.35 -82.72 -18.05
N ALA Q 130 98.23 -81.99 -18.07
CA ALA Q 130 97.99 -81.06 -19.18
C ALA Q 130 99.08 -80.00 -19.23
N LEU Q 131 99.44 -79.43 -18.08
CA LEU Q 131 100.53 -78.45 -18.05
C LEU Q 131 101.84 -79.04 -18.56
N LYS Q 132 102.08 -80.32 -18.24
CA LYS Q 132 103.30 -80.97 -18.72
C LYS Q 132 103.29 -81.13 -20.24
N ARG Q 133 102.14 -81.52 -20.81
CA ARG Q 133 102.00 -81.56 -22.25
C ARG Q 133 102.23 -80.18 -22.86
N LEU Q 134 101.67 -79.15 -22.22
CA LEU Q 134 101.84 -77.77 -22.67
C LEU Q 134 103.30 -77.38 -22.78
N MET Q 135 104.02 -77.43 -21.65
CA MET Q 135 105.42 -77.08 -21.65
C MET Q 135 106.23 -77.96 -22.60
N GLY Q 136 105.76 -79.17 -22.90
CA GLY Q 136 106.48 -79.99 -23.87
C GLY Q 136 106.64 -79.33 -25.23
N HIS Q 137 105.75 -78.42 -25.59
CA HIS Q 137 105.82 -77.75 -26.89
C HIS Q 137 106.99 -76.79 -27.01
N PHE Q 138 107.74 -76.57 -25.94
CA PHE Q 138 109.00 -75.85 -26.03
C PHE Q 138 110.15 -76.74 -26.49
N TYR Q 139 109.83 -77.94 -26.96
CA TYR Q 139 110.82 -78.92 -27.36
C TYR Q 139 110.29 -79.66 -28.58
N GLU Q 140 111.18 -80.43 -29.22
CA GLU Q 140 110.82 -81.37 -30.28
C GLU Q 140 111.38 -82.74 -29.90
N GLY Q 141 110.61 -83.79 -30.18
CA GLY Q 141 111.02 -85.13 -29.81
C GLY Q 141 111.30 -86.04 -30.99
N ASN Q 142 112.04 -87.13 -30.76
CA ASN Q 142 112.38 -88.10 -31.79
C ASN Q 142 112.03 -89.50 -31.29
N ASP Q 143 111.09 -90.19 -31.96
CA ASP Q 143 110.88 -91.59 -31.61
C ASP Q 143 112.02 -92.46 -32.11
N THR Q 144 112.78 -91.96 -33.08
CA THR Q 144 113.68 -92.83 -33.83
C THR Q 144 114.79 -93.40 -32.97
N THR Q 145 115.52 -92.55 -32.26
CA THR Q 145 116.66 -93.01 -31.48
C THR Q 145 116.25 -93.99 -30.41
N SER Q 146 117.18 -94.86 -30.05
CA SER Q 146 116.87 -95.85 -29.03
C SER Q 146 116.72 -95.23 -27.65
N PRO Q 147 117.60 -94.35 -27.19
CA PRO Q 147 117.12 -93.44 -26.15
C PRO Q 147 116.49 -92.25 -26.85
N THR Q 148 115.23 -91.96 -26.52
CA THR Q 148 114.54 -90.89 -27.21
C THR Q 148 115.27 -89.58 -26.95
N THR Q 149 115.38 -88.76 -27.99
CA THR Q 149 116.10 -87.50 -27.89
C THR Q 149 115.16 -86.34 -28.12
N THR Q 150 115.42 -85.26 -27.40
CA THR Q 150 114.64 -84.03 -27.50
C THR Q 150 115.58 -82.85 -27.75
N SER Q 151 115.22 -82.01 -28.71
CA SER Q 151 115.91 -80.75 -28.97
C SER Q 151 115.03 -79.58 -28.56
N VAL Q 152 115.61 -78.40 -28.51
CA VAL Q 152 114.96 -77.24 -27.93
C VAL Q 152 114.41 -76.33 -29.01
N ARG Q 153 113.37 -75.59 -28.65
CA ARG Q 153 112.69 -74.70 -29.57
C ARG Q 153 112.74 -73.23 -29.18
N LEU Q 154 112.89 -72.92 -27.89
CA LEU Q 154 112.63 -71.56 -27.41
C LEU Q 154 113.39 -70.52 -28.22
N LYS Q 155 114.68 -70.76 -28.50
CA LYS Q 155 115.45 -69.83 -29.30
C LYS Q 155 114.83 -69.69 -30.69
N ASP Q 156 114.68 -70.80 -31.40
CA ASP Q 156 114.19 -70.74 -32.78
C ASP Q 156 112.83 -70.04 -32.84
N MET Q 157 111.97 -70.25 -31.84
CA MET Q 157 110.67 -69.60 -31.84
C MET Q 157 110.82 -68.10 -31.62
N LEU Q 158 111.53 -67.70 -30.57
CA LEU Q 158 111.75 -66.27 -30.32
C LEU Q 158 112.41 -65.59 -31.51
N GLN Q 159 113.17 -66.33 -32.31
CA GLN Q 159 113.80 -65.80 -33.51
C GLN Q 159 112.87 -65.74 -34.71
N GLY Q 160 111.67 -66.32 -34.62
CA GLY Q 160 110.69 -66.25 -35.69
C GLY Q 160 110.48 -67.55 -36.45
N ALA Q 161 111.21 -68.61 -36.10
CA ALA Q 161 111.01 -69.93 -36.71
C ALA Q 161 109.93 -70.65 -35.91
N LEU Q 162 108.69 -70.29 -36.21
CA LEU Q 162 107.60 -70.76 -35.36
C LEU Q 162 107.11 -72.15 -35.73
N VAL Q 163 107.46 -72.64 -36.92
CA VAL Q 163 107.08 -74.00 -37.27
C VAL Q 163 108.13 -74.93 -36.67
N PRO Q 164 107.73 -76.06 -36.09
CA PRO Q 164 108.72 -77.04 -35.64
C PRO Q 164 109.60 -77.48 -36.79
N GLN Q 165 110.89 -77.65 -36.50
CA GLN Q 165 111.85 -78.05 -37.52
C GLN Q 165 111.61 -79.49 -37.97
N SER Q 166 110.89 -80.28 -37.18
CA SER Q 166 110.50 -81.63 -37.56
C SER Q 166 109.50 -81.64 -38.72
N LEU Q 167 108.69 -80.60 -38.83
CA LEU Q 167 107.69 -80.52 -39.89
C LEU Q 167 108.26 -79.98 -41.18
N SER R 1 134.52 -53.26 -6.83
CA SER R 1 133.18 -53.41 -6.28
C SER R 1 132.75 -52.14 -5.57
N LYS R 2 131.45 -52.00 -5.38
CA LYS R 2 130.86 -50.79 -4.81
C LYS R 2 130.60 -50.97 -3.31
N ILE R 3 130.88 -49.92 -2.54
CA ILE R 3 130.72 -49.97 -1.09
C ILE R 3 129.99 -48.72 -0.64
N LEU R 4 129.08 -48.89 0.32
CA LEU R 4 128.40 -47.79 0.98
C LEU R 4 128.96 -47.64 2.40
N SER R 5 129.20 -46.40 2.81
CA SER R 5 129.58 -46.08 4.17
C SER R 5 128.58 -45.08 4.74
N THR R 6 128.17 -45.31 5.98
CA THR R 6 127.33 -44.36 6.70
C THR R 6 128.14 -43.24 7.34
N ASN R 7 129.47 -43.30 7.28
CA ASN R 7 130.35 -42.28 7.81
C ASN R 7 130.19 -42.10 9.32
N ASN R 8 129.57 -43.07 10.01
CA ASN R 8 129.49 -43.05 11.45
C ASN R 8 130.67 -43.75 12.11
N SER R 9 131.70 -44.08 11.34
CA SER R 9 132.82 -44.84 11.87
C SER R 9 133.53 -44.10 12.99
N ASN R 10 133.72 -42.78 12.84
CA ASN R 10 134.49 -42.00 13.79
C ASN R 10 133.65 -41.25 14.81
N SER R 11 132.33 -41.34 14.72
CA SER R 11 131.46 -40.67 15.68
C SER R 11 131.39 -41.49 16.97
N ASN R 12 131.18 -40.79 18.10
CA ASN R 12 131.29 -41.40 19.42
C ASN R 12 129.92 -41.66 20.01
N PHE R 13 129.65 -42.91 20.37
CA PHE R 13 128.38 -43.29 20.96
C PHE R 13 128.61 -44.07 22.25
N VAL R 14 127.52 -44.19 23.00
CA VAL R 14 127.42 -45.04 24.18
C VAL R 14 126.20 -45.93 23.98
N ASP R 15 126.38 -47.24 24.11
CA ASP R 15 125.25 -48.13 23.95
C ASP R 15 124.33 -48.04 25.17
N THR R 16 123.03 -48.24 24.94
CA THR R 16 122.10 -48.41 26.05
C THR R 16 120.96 -49.32 25.63
N SER R 17 120.36 -50.00 26.61
CA SER R 17 119.37 -51.02 26.33
C SER R 17 117.99 -50.41 26.14
N PHE R 18 117.26 -50.91 25.15
CA PHE R 18 115.95 -50.39 24.80
C PHE R 18 115.15 -51.58 24.29
N THR R 19 114.48 -52.27 25.20
CA THR R 19 113.86 -53.56 24.89
C THR R 19 112.47 -53.34 24.34
N LEU R 20 112.27 -53.75 23.09
CA LEU R 20 111.01 -53.50 22.39
C LEU R 20 109.97 -54.55 22.76
N LYS R 21 108.75 -54.09 22.99
CA LYS R 21 107.59 -54.97 23.14
C LYS R 21 106.94 -55.10 21.76
N VAL R 22 107.20 -56.22 21.08
CA VAL R 22 106.73 -56.50 19.73
C VAL R 22 105.36 -57.14 19.76
N PRO R 23 104.42 -56.68 18.94
CA PRO R 23 103.07 -57.25 18.97
C PRO R 23 102.99 -58.67 18.42
N VAL R 24 102.05 -59.44 18.97
CA VAL R 24 101.65 -60.72 18.40
C VAL R 24 100.35 -60.42 17.65
N TYR R 25 100.49 -60.10 16.37
CA TYR R 25 99.34 -59.59 15.63
C TYR R 25 98.23 -60.62 15.57
N SER R 26 98.60 -61.88 15.35
CA SER R 26 97.62 -62.96 15.30
C SER R 26 96.71 -62.97 16.52
N LYS R 27 97.23 -62.73 17.73
CA LYS R 27 96.33 -62.75 18.88
C LYS R 27 95.62 -61.42 19.08
N ASP R 28 96.32 -60.28 18.91
CA ASP R 28 95.73 -59.03 19.40
C ASP R 28 95.08 -58.15 18.34
N TYR R 29 95.46 -58.25 17.08
CA TYR R 29 95.05 -57.23 16.13
C TYR R 29 94.16 -57.81 15.03
N ARG R 30 93.43 -56.90 14.38
CA ARG R 30 92.69 -57.13 13.15
C ARG R 30 92.96 -55.99 12.20
N VAL R 31 92.62 -56.18 10.94
CA VAL R 31 92.87 -55.17 9.93
C VAL R 31 91.63 -54.30 9.76
N THR R 32 91.80 -53.00 9.97
CA THR R 32 90.76 -51.99 9.77
C THR R 32 90.73 -51.48 8.33
N GLN R 33 91.88 -51.21 7.73
CA GLN R 33 91.93 -50.69 6.37
C GLN R 33 93.02 -51.41 5.61
N ASP R 34 92.68 -51.95 4.44
CA ASP R 34 93.64 -52.64 3.56
C ASP R 34 93.69 -51.87 2.25
N GLU R 35 94.52 -50.84 2.22
CA GLU R 35 94.80 -50.08 1.01
C GLU R 35 96.20 -50.40 0.50
N PRO R 36 96.48 -50.13 -0.76
CA PRO R 36 97.82 -50.45 -1.28
C PRO R 36 98.92 -49.62 -0.65
N ASP R 37 98.61 -48.42 -0.19
CA ASP R 37 99.61 -47.52 0.36
C ASP R 37 99.50 -47.33 1.86
N GLU R 38 98.39 -47.73 2.47
CA GLU R 38 98.08 -47.38 3.85
C GLU R 38 97.28 -48.52 4.45
N VAL R 39 97.84 -49.18 5.45
CA VAL R 39 97.14 -50.23 6.19
C VAL R 39 96.87 -49.74 7.60
N VAL R 40 95.68 -50.01 8.09
CA VAL R 40 95.29 -49.66 9.45
C VAL R 40 94.88 -50.92 10.18
N VAL R 41 95.35 -51.03 11.42
CA VAL R 41 95.24 -52.20 12.25
C VAL R 41 94.71 -51.75 13.60
N ALA R 42 93.92 -52.61 14.24
CA ALA R 42 93.25 -52.26 15.48
C ALA R 42 93.31 -53.41 16.47
N ASN R 43 93.33 -53.07 17.75
CA ASN R 43 93.39 -54.07 18.81
C ASN R 43 91.97 -54.47 19.17
N ARG R 44 91.60 -55.69 18.78
CA ARG R 44 90.27 -56.22 19.07
C ARG R 44 90.11 -56.71 20.50
N GLN R 45 91.21 -56.84 21.26
CA GLN R 45 91.13 -57.29 22.65
C GLN R 45 90.80 -56.17 23.62
N GLN R 46 91.09 -54.92 23.26
CA GLN R 46 90.77 -53.80 24.13
C GLN R 46 89.26 -53.75 24.39
N PRO R 47 88.85 -53.29 25.57
CA PRO R 47 87.42 -52.97 25.77
C PRO R 47 86.98 -51.85 24.84
N PHE R 48 85.65 -51.64 24.78
CA PHE R 48 85.11 -50.78 23.73
C PHE R 48 85.59 -49.34 23.86
N GLY R 49 85.68 -48.84 25.09
CA GLY R 49 86.12 -47.46 25.27
C GLY R 49 87.53 -47.21 24.76
N VAL R 50 88.43 -48.18 24.93
CA VAL R 50 89.84 -47.99 24.65
C VAL R 50 90.14 -48.44 23.23
N LYS R 51 90.46 -47.49 22.38
CA LYS R 51 90.81 -47.78 21.00
C LYS R 51 92.34 -47.78 20.90
N ASN R 52 92.90 -48.95 20.60
CA ASN R 52 94.34 -49.11 20.37
C ASN R 52 94.56 -49.46 18.90
N THR R 53 95.18 -48.54 18.14
CA THR R 53 95.33 -48.71 16.69
C THR R 53 96.76 -48.43 16.24
N ALA R 54 97.05 -48.83 15.00
CA ALA R 54 98.34 -48.64 14.38
C ALA R 54 98.15 -48.48 12.88
N ARG R 55 99.06 -47.74 12.25
CA ARG R 55 98.92 -47.35 10.85
C ARG R 55 100.27 -47.47 10.19
N TYR R 56 100.29 -48.12 9.02
CA TYR R 56 101.53 -48.41 8.32
C TYR R 56 101.37 -47.91 6.89
N GLY R 57 102.17 -46.93 6.50
CA GLY R 57 101.96 -46.27 5.22
C GLY R 57 103.25 -46.02 4.48
N ILE R 58 103.15 -45.96 3.15
CA ILE R 58 104.27 -45.65 2.29
C ILE R 58 103.83 -44.64 1.24
N ARG R 59 104.56 -43.54 1.17
CA ARG R 59 104.50 -42.58 0.08
C ARG R 59 105.76 -42.73 -0.75
N GLN R 60 105.71 -42.42 -2.03
CA GLN R 60 106.91 -42.54 -2.85
C GLN R 60 107.51 -41.15 -3.09
N ILE R 61 108.82 -41.04 -2.84
CA ILE R 61 109.53 -39.77 -2.86
C ILE R 61 110.07 -39.54 -4.27
N ALA R 62 109.71 -38.39 -4.85
CA ALA R 62 110.07 -38.10 -6.23
C ALA R 62 111.55 -37.75 -6.36
N ASP R 63 112.02 -36.78 -5.56
CA ASP R 63 113.42 -36.39 -5.53
C ASP R 63 113.87 -36.47 -4.08
N VAL R 64 114.68 -37.48 -3.76
CA VAL R 64 115.14 -37.63 -2.39
C VAL R 64 116.12 -36.52 -2.01
N TYR R 65 116.63 -35.79 -3.00
CA TYR R 65 117.57 -34.68 -2.79
C TYR R 65 116.89 -33.33 -2.69
N ARG R 66 115.56 -33.29 -2.63
CA ARG R 66 114.85 -32.02 -2.83
C ARG R 66 115.20 -31.01 -1.75
N ASN R 67 115.18 -31.43 -0.50
CA ASN R 67 115.41 -30.52 0.61
C ASN R 67 116.79 -30.76 1.26
N THR R 68 117.76 -31.17 0.46
CA THR R 68 119.11 -31.45 0.93
C THR R 68 120.11 -30.48 0.31
N THR R 69 121.29 -30.44 0.91
CA THR R 69 122.36 -29.54 0.50
C THR R 69 123.35 -30.22 -0.45
N ILE R 70 122.97 -31.34 -1.04
CA ILE R 70 123.88 -32.13 -1.86
C ILE R 70 123.81 -31.59 -3.28
N ASP R 71 124.92 -31.09 -3.79
CA ASP R 71 124.94 -30.57 -5.16
C ASP R 71 124.75 -31.70 -6.16
N ARG R 72 124.20 -31.35 -7.32
CA ARG R 72 123.84 -32.36 -8.31
C ARG R 72 125.03 -33.22 -8.72
N ALA R 73 126.22 -32.61 -8.84
CA ALA R 73 127.41 -33.35 -9.22
C ALA R 73 127.73 -34.48 -8.27
N TYR R 74 127.10 -34.52 -7.10
CA TYR R 74 127.38 -35.53 -6.09
C TYR R 74 126.17 -36.44 -5.83
N GLN R 75 125.11 -36.31 -6.62
CA GLN R 75 123.90 -37.10 -6.43
C GLN R 75 124.00 -38.41 -7.21
N SER R 76 123.20 -39.40 -6.80
CA SER R 76 123.15 -40.65 -7.55
C SER R 76 122.45 -40.39 -8.87
N PRO R 77 122.50 -41.34 -9.79
CA PRO R 77 121.70 -41.19 -11.01
C PRO R 77 120.21 -41.27 -10.74
N SER R 78 119.79 -41.99 -9.70
CA SER R 78 118.39 -42.24 -9.39
C SER R 78 117.97 -41.39 -8.21
N LYS R 79 116.95 -40.58 -8.40
CA LYS R 79 116.44 -39.73 -7.34
C LYS R 79 115.26 -40.36 -6.60
N LYS R 80 114.85 -41.56 -7.01
CA LYS R 80 113.70 -42.23 -6.41
C LYS R 80 113.93 -42.49 -4.93
N GLY R 81 112.85 -42.47 -4.16
CA GLY R 81 112.90 -42.91 -2.78
C GLY R 81 111.53 -43.42 -2.34
N THR R 82 111.49 -43.97 -1.13
CA THR R 82 110.23 -44.29 -0.48
C THR R 82 110.24 -43.71 0.92
N SER R 83 109.04 -43.45 1.44
CA SER R 83 108.85 -42.81 2.73
C SER R 83 107.87 -43.66 3.51
N LEU R 84 108.32 -44.19 4.64
CA LEU R 84 107.55 -45.07 5.48
C LEU R 84 107.06 -44.32 6.70
N VAL R 85 105.84 -44.61 7.11
CA VAL R 85 105.29 -44.10 8.36
C VAL R 85 104.73 -45.25 9.17
N VAL R 86 105.03 -45.24 10.46
CA VAL R 86 104.53 -46.20 11.42
C VAL R 86 103.94 -45.38 12.55
N GLN R 87 102.62 -45.39 12.69
CA GLN R 87 101.93 -44.63 13.72
C GLN R 87 101.24 -45.57 14.69
N VAL R 88 101.30 -45.23 15.97
CA VAL R 88 100.57 -45.95 17.00
C VAL R 88 99.69 -44.95 17.73
N THR R 89 98.47 -45.39 18.07
CA THR R 89 97.48 -44.60 18.79
C THR R 89 96.97 -45.44 19.95
N GLU R 90 97.12 -44.93 21.16
CA GLU R 90 96.66 -45.60 22.35
C GLU R 90 95.69 -44.69 23.11
N THR R 91 94.90 -45.31 23.98
CA THR R 91 93.98 -44.58 24.84
C THR R 91 94.17 -45.06 26.27
N TRP R 92 94.65 -44.18 27.13
CA TRP R 92 94.92 -44.50 28.52
C TRP R 92 93.73 -44.01 29.34
N THR R 93 93.45 -44.69 30.46
CA THR R 93 92.35 -44.28 31.31
C THR R 93 92.84 -43.93 32.70
N VAL R 94 92.30 -42.84 33.24
CA VAL R 94 92.57 -42.40 34.60
C VAL R 94 91.31 -42.63 35.41
N ALA R 95 91.45 -43.29 36.56
CA ALA R 95 90.33 -43.54 37.45
C ALA R 95 90.82 -43.41 38.88
N SER R 96 89.94 -43.70 39.83
CA SER R 96 90.24 -43.51 41.24
C SER R 96 89.94 -44.78 42.03
N THR R 97 90.73 -44.99 43.09
CA THR R 97 90.46 -46.08 44.03
C THR R 97 89.24 -45.80 44.88
N ASP R 98 89.13 -44.57 45.36
CA ASP R 98 88.07 -44.23 46.31
C ASP R 98 86.75 -43.98 45.61
N ASP R 99 86.79 -43.58 44.35
CA ASP R 99 85.61 -43.09 43.62
C ASP R 99 85.47 -43.85 42.32
N GLU R 100 84.39 -44.62 42.21
CA GLU R 100 84.10 -45.34 40.98
C GLU R 100 83.62 -44.42 39.87
N THR R 101 83.10 -43.25 40.20
CA THR R 101 82.55 -42.34 39.19
C THR R 101 83.59 -41.39 38.62
N TYR R 102 84.81 -41.38 39.13
CA TYR R 102 85.83 -40.43 38.69
C TYR R 102 86.74 -41.09 37.68
N GLY R 103 86.81 -40.50 36.49
CA GLY R 103 87.75 -40.94 35.48
C GLY R 103 87.66 -40.12 34.21
N TYR R 104 88.65 -40.34 33.35
CA TYR R 104 88.67 -39.80 31.99
C TYR R 104 89.62 -40.64 31.14
N SER R 105 89.66 -40.31 29.84
CA SER R 105 90.51 -41.01 28.89
C SER R 105 91.47 -40.02 28.24
N LEU R 106 92.76 -40.36 28.22
CA LEU R 106 93.82 -39.57 27.63
C LEU R 106 94.24 -40.19 26.31
N PRO R 107 94.33 -39.41 25.25
CA PRO R 107 94.80 -39.95 23.97
C PRO R 107 96.31 -39.82 23.82
N PHE R 108 96.99 -40.94 23.53
CA PHE R 108 98.39 -40.91 23.16
C PHE R 108 98.52 -41.26 21.69
N SER R 109 99.40 -40.54 20.99
CA SER R 109 99.73 -40.90 19.63
C SER R 109 101.21 -40.62 19.41
N ALA R 110 101.80 -41.40 18.52
CA ALA R 110 103.19 -41.16 18.14
C ALA R 110 103.44 -41.85 16.82
N HIS R 111 104.40 -41.32 16.06
CA HIS R 111 104.73 -41.99 14.81
C HIS R 111 106.19 -41.78 14.46
N VAL R 112 106.65 -42.65 13.56
CA VAL R 112 107.98 -42.60 12.99
C VAL R 112 107.83 -42.48 11.49
N ILE R 113 108.69 -41.68 10.89
CA ILE R 113 108.77 -41.55 9.44
C ILE R 113 110.22 -41.79 9.05
N VAL R 114 110.41 -42.57 7.98
CA VAL R 114 111.73 -42.95 7.51
C VAL R 114 111.77 -42.71 6.01
N ASN R 115 112.82 -42.01 5.55
CA ASN R 115 112.89 -41.58 4.15
C ASN R 115 114.10 -42.24 3.51
N VAL R 116 113.89 -43.39 2.87
CA VAL R 116 114.96 -44.25 2.39
C VAL R 116 115.12 -44.04 0.88
N PRO R 117 116.30 -43.66 0.40
CA PRO R 117 116.54 -43.70 -1.06
C PRO R 117 116.57 -45.13 -1.56
N GLN R 118 116.08 -45.32 -2.80
CA GLN R 118 116.13 -46.65 -3.40
C GLN R 118 117.50 -46.88 -4.03
N ASP R 119 118.41 -47.38 -3.20
CA ASP R 119 119.74 -47.77 -3.65
C ASP R 119 119.93 -49.20 -3.19
N ALA R 120 120.38 -50.07 -4.11
CA ALA R 120 120.49 -51.48 -3.76
C ALA R 120 121.42 -51.71 -2.59
N LEU R 121 122.38 -50.79 -2.39
CA LEU R 121 123.38 -50.92 -1.32
C LEU R 121 122.85 -50.60 0.08
N ILE R 122 121.73 -49.88 0.18
CA ILE R 122 121.08 -49.72 1.48
C ILE R 122 120.43 -51.03 1.86
N THR R 123 120.86 -51.60 2.99
CA THR R 123 120.37 -52.90 3.45
C THR R 123 119.40 -52.72 4.61
N GLU R 124 118.65 -53.78 4.88
CA GLU R 124 117.69 -53.72 5.97
C GLU R 124 118.41 -53.52 7.30
N GLU R 125 119.59 -54.12 7.44
CA GLU R 125 120.37 -53.92 8.65
C GLU R 125 120.87 -52.48 8.78
N ILE R 126 121.33 -51.89 7.67
CA ILE R 126 121.73 -50.48 7.70
C ILE R 126 120.58 -49.63 8.19
N LEU R 127 119.37 -49.89 7.69
CA LEU R 127 118.22 -49.09 8.07
C LEU R 127 117.87 -49.27 9.54
N TYR R 128 117.88 -50.51 10.04
CA TYR R 128 117.60 -50.70 11.47
C TYR R 128 118.65 -50.01 12.34
N ASP R 129 119.92 -50.07 11.94
CA ASP R 129 120.94 -49.38 12.71
C ASP R 129 120.71 -47.88 12.70
N ALA R 130 120.25 -47.34 11.57
CA ALA R 130 119.89 -45.93 11.53
C ALA R 130 118.76 -45.63 12.51
N LEU R 131 117.75 -46.50 12.56
CA LEU R 131 116.66 -46.31 13.52
C LEU R 131 117.18 -46.34 14.96
N LYS R 132 118.15 -47.21 15.23
CA LYS R 132 118.71 -47.29 16.57
C LYS R 132 119.43 -46.00 16.93
N ARG R 133 120.14 -45.42 15.97
CA ARG R 133 120.80 -44.13 16.20
C ARG R 133 119.79 -43.02 16.41
N LEU R 134 118.73 -43.02 15.62
CA LEU R 134 117.63 -42.08 15.78
C LEU R 134 117.08 -42.10 17.20
N MET R 135 116.65 -43.27 17.66
CA MET R 135 116.11 -43.38 19.00
C MET R 135 117.14 -43.06 20.07
N GLY R 136 118.44 -43.22 19.76
CA GLY R 136 119.43 -42.83 20.73
C GLY R 136 119.41 -41.35 21.08
N HIS R 137 118.82 -40.51 20.23
CA HIS R 137 118.77 -39.08 20.51
C HIS R 137 117.77 -38.73 21.59
N PHE R 138 116.94 -39.68 22.03
CA PHE R 138 116.12 -39.51 23.22
C PHE R 138 116.91 -39.68 24.50
N TYR R 139 118.23 -39.84 24.38
CA TYR R 139 119.10 -40.02 25.52
C TYR R 139 120.28 -39.06 25.38
N GLU R 140 121.10 -38.98 26.43
CA GLU R 140 122.36 -38.27 26.38
C GLU R 140 123.43 -39.21 26.91
N GLY R 141 124.58 -39.21 26.24
CA GLY R 141 125.65 -40.14 26.51
C GLY R 141 126.83 -39.51 27.23
N ASN R 142 127.42 -40.29 28.15
CA ASN R 142 128.59 -39.93 28.93
C ASN R 142 129.58 -41.10 28.87
N ASP R 143 130.69 -40.93 28.15
CA ASP R 143 131.72 -41.96 28.09
C ASP R 143 132.93 -41.63 28.96
N THR R 144 132.92 -40.49 29.64
CA THR R 144 134.05 -40.15 30.49
C THR R 144 134.10 -41.05 31.73
N THR R 145 132.94 -41.37 32.31
CA THR R 145 132.90 -42.21 33.50
C THR R 145 133.37 -43.63 33.21
N SER R 146 133.79 -44.30 34.28
CA SER R 146 134.33 -45.64 34.15
C SER R 146 133.36 -46.59 33.49
N PRO R 147 132.10 -46.77 33.95
CA PRO R 147 131.12 -47.40 33.06
C PRO R 147 130.44 -46.33 32.21
N THR R 148 130.37 -46.53 30.89
CA THR R 148 129.63 -45.59 30.06
C THR R 148 128.18 -45.54 30.53
N THR R 149 127.67 -44.34 30.73
CA THR R 149 126.32 -44.14 31.27
C THR R 149 125.53 -43.21 30.37
N THR R 150 124.21 -43.32 30.46
CA THR R 150 123.27 -42.53 29.68
C THR R 150 122.15 -42.04 30.58
N SER R 151 121.73 -40.79 30.36
CA SER R 151 120.59 -40.24 31.06
C SER R 151 119.47 -39.94 30.07
N VAL R 152 118.23 -40.07 30.53
CA VAL R 152 117.07 -39.92 29.66
C VAL R 152 116.81 -38.43 29.40
N ARG R 153 116.23 -38.12 28.24
CA ARG R 153 116.06 -36.73 27.83
C ARG R 153 114.63 -36.40 27.37
N LEU R 154 113.73 -37.38 27.33
CA LEU R 154 112.41 -37.16 26.74
C LEU R 154 111.62 -36.10 27.49
N LYS R 155 111.56 -36.21 28.81
CA LYS R 155 110.79 -35.24 29.59
C LYS R 155 111.44 -33.87 29.53
N ASP R 156 112.77 -33.83 29.59
CA ASP R 156 113.47 -32.56 29.48
C ASP R 156 113.12 -31.84 28.19
N MET R 157 113.11 -32.56 27.07
CA MET R 157 112.76 -31.93 25.80
C MET R 157 111.30 -31.48 25.81
N LEU R 158 110.40 -32.35 26.27
CA LEU R 158 109.00 -31.95 26.36
C LEU R 158 108.83 -30.66 27.14
N GLN R 159 109.64 -30.48 28.19
CA GLN R 159 109.55 -29.31 29.06
C GLN R 159 110.40 -28.13 28.59
N GLY R 160 110.88 -28.15 27.35
CA GLY R 160 111.54 -26.99 26.78
C GLY R 160 113.05 -26.97 26.91
N ALA R 161 113.65 -28.00 27.49
CA ALA R 161 115.11 -28.09 27.56
C ALA R 161 115.58 -28.92 26.37
N LEU R 162 115.68 -28.25 25.23
CA LEU R 162 115.93 -28.96 23.99
C LEU R 162 117.41 -29.16 23.70
N VAL R 163 118.27 -28.28 24.22
CA VAL R 163 119.71 -28.43 24.02
C VAL R 163 120.24 -29.43 25.03
N PRO R 164 121.07 -30.38 24.60
CA PRO R 164 121.64 -31.36 25.54
C PRO R 164 122.45 -30.70 26.64
N GLN R 165 122.52 -31.40 27.79
CA GLN R 165 123.39 -30.96 28.88
C GLN R 165 124.83 -30.78 28.43
N SER R 166 125.33 -31.70 27.61
CA SER R 166 126.73 -31.68 27.19
C SER R 166 127.08 -30.41 26.42
N LEU R 167 126.08 -29.79 25.77
CA LEU R 167 126.32 -28.63 24.90
C LEU R 167 125.91 -27.31 25.57
N SER S 1 -27.52 89.47 51.82
CA SER S 1 -28.78 89.66 51.11
C SER S 1 -28.54 90.46 49.84
N LYS S 2 -29.10 89.98 48.74
CA LYS S 2 -28.96 90.62 47.43
C LYS S 2 -30.17 91.49 47.15
N ILE S 3 -29.93 92.67 46.56
CA ILE S 3 -31.00 93.61 46.28
C ILE S 3 -30.89 94.07 44.83
N LEU S 4 -32.02 94.06 44.13
CA LEU S 4 -32.13 94.57 42.77
C LEU S 4 -32.79 95.94 42.78
N SER S 5 -32.23 96.85 41.98
CA SER S 5 -32.81 98.17 41.76
C SER S 5 -33.03 98.37 40.27
N THR S 6 -34.15 99.01 39.93
CA THR S 6 -34.43 99.39 38.55
C THR S 6 -33.86 100.76 38.20
N ASN S 7 -33.36 101.50 39.19
CA ASN S 7 -32.71 102.79 38.96
C ASN S 7 -33.64 103.81 38.32
N ASN S 8 -34.95 103.65 38.50
CA ASN S 8 -35.90 104.63 38.01
C ASN S 8 -36.30 105.65 39.07
N SER S 9 -35.73 105.54 40.27
CA SER S 9 -36.09 106.43 41.36
C SER S 9 -35.78 107.90 41.05
N ASN S 10 -34.79 108.15 40.19
CA ASN S 10 -34.40 109.51 39.86
C ASN S 10 -35.08 110.03 38.61
N SER S 11 -35.92 109.23 37.97
CA SER S 11 -36.66 109.69 36.80
C SER S 11 -37.93 110.44 37.22
N ASN S 12 -38.40 111.28 36.31
CA ASN S 12 -39.53 112.17 36.51
C ASN S 12 -40.68 111.72 35.62
N PHE S 13 -41.77 111.21 36.22
CA PHE S 13 -42.93 110.73 35.48
C PHE S 13 -44.22 111.40 35.97
N VAL S 14 -45.25 111.31 35.15
CA VAL S 14 -46.58 111.76 35.50
C VAL S 14 -47.51 110.56 35.41
N ASP S 15 -48.23 110.29 36.47
CA ASP S 15 -49.21 109.23 36.40
C ASP S 15 -50.33 109.68 35.47
N THR S 16 -50.88 108.72 34.71
CA THR S 16 -52.06 108.99 33.92
C THR S 16 -52.85 107.70 33.78
N SER S 17 -54.16 107.84 33.61
CA SER S 17 -55.06 106.70 33.64
C SER S 17 -55.08 106.01 32.28
N PHE S 18 -55.03 104.68 32.31
CA PHE S 18 -55.00 103.89 31.08
C PHE S 18 -55.76 102.61 31.42
N THR S 19 -57.08 102.65 31.20
CA THR S 19 -57.97 101.62 31.70
C THR S 19 -58.06 100.49 30.68
N LEU S 20 -57.61 99.31 31.08
CA LEU S 20 -57.51 98.18 30.17
C LEU S 20 -58.84 97.45 30.09
N LYS S 21 -59.23 97.07 28.87
CA LYS S 21 -60.34 96.16 28.63
C LYS S 21 -59.75 94.76 28.50
N VAL S 22 -59.84 93.98 29.58
CA VAL S 22 -59.31 92.63 29.72
C VAL S 22 -60.30 91.60 29.19
N PRO S 23 -59.86 90.62 28.41
CA PRO S 23 -60.79 89.65 27.84
C PRO S 23 -61.37 88.68 28.87
N VAL S 24 -62.50 88.10 28.49
CA VAL S 24 -63.06 86.97 29.24
C VAL S 24 -62.92 85.75 28.35
N TYR S 25 -61.79 85.07 28.52
CA TYR S 25 -61.39 84.09 27.52
C TYR S 25 -62.40 82.95 27.44
N SER S 26 -62.94 82.54 28.58
CA SER S 26 -63.91 81.47 28.61
C SER S 26 -65.13 81.80 27.74
N LYS S 27 -65.62 83.05 27.82
CA LYS S 27 -66.80 83.41 27.03
C LYS S 27 -66.46 83.55 25.54
N ASP S 28 -65.34 84.21 25.23
CA ASP S 28 -65.14 84.69 23.86
C ASP S 28 -64.16 83.88 23.01
N TYR S 29 -63.12 83.33 23.59
CA TYR S 29 -61.98 82.83 22.85
C TYR S 29 -61.90 81.32 22.90
N ARG S 30 -61.45 80.73 21.79
CA ARG S 30 -61.13 79.31 21.67
C ARG S 30 -59.66 79.23 21.25
N VAL S 31 -59.09 78.04 21.27
CA VAL S 31 -57.67 77.89 21.00
C VAL S 31 -57.47 77.36 19.58
N THR S 32 -56.75 78.13 18.76
CA THR S 32 -56.40 77.76 17.39
C THR S 32 -55.11 76.97 17.31
N GLN S 33 -54.12 77.31 18.16
CA GLN S 33 -52.79 76.70 18.09
C GLN S 33 -52.27 76.49 19.51
N ASP S 34 -51.81 75.28 19.84
CA ASP S 34 -51.21 75.01 21.14
C ASP S 34 -49.79 74.46 21.01
N GLU S 35 -48.95 75.12 20.22
CA GLU S 35 -47.59 74.61 20.18
C GLU S 35 -46.82 74.98 21.45
N PRO S 36 -45.78 74.22 21.80
CA PRO S 36 -45.14 74.38 23.12
C PRO S 36 -44.63 75.78 23.38
N ASP S 37 -44.17 76.49 22.35
CA ASP S 37 -43.69 77.85 22.53
C ASP S 37 -44.62 78.91 21.96
N GLU S 38 -45.74 78.53 21.34
CA GLU S 38 -46.56 79.52 20.65
C GLU S 38 -48.02 79.10 20.70
N VAL S 39 -48.86 79.92 21.30
CA VAL S 39 -50.29 79.65 21.38
C VAL S 39 -51.03 80.73 20.62
N VAL S 40 -52.08 80.31 19.92
CA VAL S 40 -52.95 81.20 19.18
C VAL S 40 -54.38 80.95 19.59
N VAL S 41 -55.12 82.04 19.76
CA VAL S 41 -56.43 82.09 20.38
C VAL S 41 -57.33 82.92 19.49
N ALA S 42 -58.49 82.38 19.13
CA ALA S 42 -59.40 83.04 18.20
C ALA S 42 -60.68 83.47 18.91
N ASN S 43 -61.25 84.57 18.41
CA ASN S 43 -62.45 85.16 18.97
C ASN S 43 -63.66 84.52 18.29
N ARG S 44 -64.34 83.64 19.03
CA ARG S 44 -65.48 82.93 18.49
C ARG S 44 -66.68 83.85 18.21
N GLN S 45 -66.70 85.05 18.80
CA GLN S 45 -67.82 85.96 18.66
C GLN S 45 -67.90 86.63 17.29
N GLN S 46 -66.89 86.46 16.45
CA GLN S 46 -66.90 87.27 15.23
C GLN S 46 -67.58 86.52 14.08
N PRO S 47 -68.16 87.25 13.13
CA PRO S 47 -68.61 86.62 11.88
C PRO S 47 -67.44 86.16 11.03
N PHE S 48 -67.70 85.49 9.91
CA PHE S 48 -66.60 84.86 9.19
C PHE S 48 -65.64 85.88 8.59
N GLY S 49 -66.16 86.98 8.05
CA GLY S 49 -65.28 87.99 7.49
C GLY S 49 -64.28 88.50 8.52
N VAL S 50 -64.77 88.80 9.72
CA VAL S 50 -63.97 89.48 10.73
C VAL S 50 -63.09 88.49 11.46
N LYS S 51 -61.78 88.69 11.40
CA LYS S 51 -60.82 87.86 12.12
C LYS S 51 -60.30 88.62 13.33
N ASN S 52 -60.43 88.00 14.50
CA ASN S 52 -60.00 88.59 15.77
C ASN S 52 -59.21 87.50 16.51
N THR S 53 -57.89 87.65 16.58
CA THR S 53 -57.04 86.62 17.17
C THR S 53 -55.97 87.25 18.07
N ALA S 54 -55.41 86.41 18.93
CA ALA S 54 -54.32 86.78 19.80
C ALA S 54 -53.28 85.67 19.77
N ARG S 55 -52.02 86.05 19.93
CA ARG S 55 -50.89 85.14 19.81
C ARG S 55 -49.95 85.39 20.97
N TYR S 56 -49.58 84.33 21.66
CA TYR S 56 -48.78 84.42 22.87
C TYR S 56 -47.61 83.48 22.69
N GLY S 57 -46.39 84.02 22.68
CA GLY S 57 -45.23 83.21 22.37
C GLY S 57 -44.04 83.57 23.22
N ILE S 58 -43.17 82.58 23.43
CA ILE S 58 -41.90 82.80 24.12
C ILE S 58 -40.78 82.20 23.30
N ARG S 59 -39.65 82.91 23.29
CA ARG S 59 -38.38 82.48 22.69
C ARG S 59 -37.32 82.58 23.77
N GLN S 60 -36.32 81.71 23.69
CA GLN S 60 -35.21 81.78 24.64
C GLN S 60 -34.09 82.63 24.06
N ILE S 61 -33.53 83.51 24.90
CA ILE S 61 -32.47 84.42 24.49
C ILE S 61 -31.15 83.80 24.92
N ALA S 62 -30.29 83.50 23.94
CA ALA S 62 -29.03 82.84 24.22
C ALA S 62 -28.17 83.70 25.13
N ASP S 63 -27.80 84.89 24.67
CA ASP S 63 -26.97 85.83 25.42
C ASP S 63 -27.76 87.11 25.60
N VAL S 64 -28.19 87.38 26.83
CA VAL S 64 -28.99 88.58 27.08
C VAL S 64 -28.15 89.84 26.94
N TYR S 65 -26.83 89.72 26.98
CA TYR S 65 -25.92 90.84 26.81
C TYR S 65 -25.45 91.01 25.37
N ARG S 66 -25.99 90.20 24.44
CA ARG S 66 -25.39 90.08 23.12
C ARG S 66 -25.32 91.42 22.39
N ASN S 67 -26.35 92.24 22.50
CA ASN S 67 -26.39 93.52 21.82
C ASN S 67 -26.24 94.71 22.76
N THR S 68 -26.04 94.46 24.06
CA THR S 68 -25.83 95.55 25.01
C THR S 68 -24.34 95.80 25.18
N THR S 69 -24.03 96.91 25.84
CA THR S 69 -22.65 97.35 26.02
C THR S 69 -22.21 97.29 27.48
N ILE S 70 -22.87 96.45 28.28
CA ILE S 70 -22.49 96.26 29.67
C ILE S 70 -21.14 95.57 29.72
N ASP S 71 -20.21 96.10 30.52
CA ASP S 71 -18.89 95.52 30.56
C ASP S 71 -18.96 94.09 31.08
N ARG S 72 -18.05 93.25 30.55
CA ARG S 72 -18.00 91.84 30.95
C ARG S 72 -17.92 91.71 32.46
N ALA S 73 -17.12 92.58 33.10
CA ALA S 73 -16.92 92.51 34.54
C ALA S 73 -18.21 92.70 35.33
N TYR S 74 -19.26 93.23 34.70
CA TYR S 74 -20.52 93.46 35.39
C TYR S 74 -21.66 92.61 34.81
N GLN S 75 -21.33 91.55 34.07
CA GLN S 75 -22.38 90.69 33.55
C GLN S 75 -22.70 89.58 34.56
N SER S 76 -23.97 89.21 34.62
CA SER S 76 -24.38 88.10 35.46
C SER S 76 -23.70 86.82 34.98
N PRO S 77 -23.51 85.84 35.87
CA PRO S 77 -23.07 84.52 35.39
C PRO S 77 -24.08 83.89 34.47
N SER S 78 -25.37 83.98 34.80
CA SER S 78 -26.45 83.44 33.99
C SER S 78 -26.82 84.47 32.93
N LYS S 79 -26.51 84.15 31.68
CA LYS S 79 -26.71 85.07 30.57
C LYS S 79 -27.93 84.74 29.74
N LYS S 80 -28.77 83.82 30.21
CA LYS S 80 -29.95 83.42 29.46
C LYS S 80 -31.08 84.40 29.74
N GLY S 81 -31.96 84.58 28.75
CA GLY S 81 -33.12 85.40 28.91
C GLY S 81 -34.36 84.73 28.32
N THR S 82 -35.51 85.35 28.57
CA THR S 82 -36.75 84.96 27.94
C THR S 82 -37.34 86.16 27.20
N SER S 83 -37.84 85.91 26.00
CA SER S 83 -38.48 86.92 25.17
C SER S 83 -39.94 86.52 25.01
N LEU S 84 -40.83 87.38 25.49
CA LEU S 84 -42.27 87.16 25.40
C LEU S 84 -42.86 88.05 24.33
N VAL S 85 -43.85 87.53 23.62
CA VAL S 85 -44.59 88.30 22.62
C VAL S 85 -46.07 88.10 22.85
N VAL S 86 -46.81 89.20 22.76
CA VAL S 86 -48.26 89.23 22.87
C VAL S 86 -48.75 90.04 21.68
N GLN S 87 -49.38 89.37 20.72
CA GLN S 87 -49.93 90.02 19.53
C GLN S 87 -51.43 89.94 19.52
N VAL S 88 -52.08 91.04 19.15
CA VAL S 88 -53.52 91.06 18.92
C VAL S 88 -53.75 91.48 17.48
N THR S 89 -54.67 90.80 16.82
CA THR S 89 -55.05 91.02 15.43
C THR S 89 -56.55 91.24 15.38
N GLU S 90 -56.97 92.37 14.82
CA GLU S 90 -58.37 92.73 14.72
C GLU S 90 -58.72 93.06 13.28
N THR S 91 -59.99 92.92 12.97
CA THR S 91 -60.51 93.28 11.65
C THR S 91 -61.61 94.31 11.85
N TRP S 92 -61.38 95.52 11.37
CA TRP S 92 -62.33 96.61 11.47
C TRP S 92 -63.10 96.71 10.16
N THR S 93 -64.31 97.26 10.24
CA THR S 93 -65.13 97.40 9.05
C THR S 93 -65.63 98.84 8.90
N VAL S 94 -65.72 99.28 7.66
CA VAL S 94 -66.21 100.61 7.32
C VAL S 94 -67.47 100.43 6.50
N ALA S 95 -68.55 101.10 6.90
CA ALA S 95 -69.80 101.04 6.18
C ALA S 95 -70.43 102.42 6.17
N SER S 96 -71.63 102.50 5.58
CA SER S 96 -72.38 103.75 5.49
C SER S 96 -73.76 103.58 6.06
N THR S 97 -74.19 104.59 6.84
CA THR S 97 -75.57 104.67 7.29
C THR S 97 -76.53 104.71 6.12
N ASP S 98 -76.20 105.51 5.11
CA ASP S 98 -77.11 105.77 4.01
C ASP S 98 -77.13 104.62 3.01
N ASP S 99 -75.98 103.99 2.77
CA ASP S 99 -75.82 102.98 1.72
C ASP S 99 -75.42 101.66 2.37
N GLU S 100 -76.33 100.70 2.35
CA GLU S 100 -76.08 99.42 2.98
C GLU S 100 -75.14 98.55 2.17
N THR S 101 -74.73 98.98 0.99
CA THR S 101 -73.84 98.22 0.14
C THR S 101 -72.39 98.69 0.23
N TYR S 102 -72.16 99.87 0.81
CA TYR S 102 -70.83 100.41 0.93
C TYR S 102 -70.17 99.79 2.15
N GLY S 103 -68.99 99.19 1.93
CA GLY S 103 -68.23 98.61 3.02
C GLY S 103 -66.89 98.09 2.56
N TYR S 104 -65.97 98.05 3.51
CA TYR S 104 -64.71 97.35 3.32
C TYR S 104 -64.12 96.99 4.68
N SER S 105 -63.12 96.11 4.66
CA SER S 105 -62.46 95.63 5.87
C SER S 105 -61.02 96.12 5.94
N LEU S 106 -60.62 96.60 7.12
CA LEU S 106 -59.28 97.06 7.42
C LEU S 106 -58.63 96.13 8.42
N PRO S 107 -57.38 95.73 8.19
CA PRO S 107 -56.69 94.89 9.16
C PRO S 107 -55.85 95.69 10.14
N PHE S 108 -56.02 95.45 11.43
CA PHE S 108 -55.20 96.07 12.47
C PHE S 108 -54.44 94.98 13.20
N SER S 109 -53.19 95.27 13.53
CA SER S 109 -52.44 94.37 14.38
C SER S 109 -51.48 95.20 15.23
N ALA S 110 -51.17 94.64 16.38
CA ALA S 110 -50.17 95.30 17.23
C ALA S 110 -49.68 94.25 18.21
N HIS S 111 -48.41 94.37 18.59
CA HIS S 111 -47.87 93.43 19.54
C HIS S 111 -46.92 94.11 20.51
N VAL S 112 -46.65 93.39 21.58
CA VAL S 112 -45.73 93.80 22.62
C VAL S 112 -44.71 92.70 22.79
N ILE S 113 -43.46 93.09 22.94
CA ILE S 113 -42.36 92.16 23.17
C ILE S 113 -41.65 92.60 24.44
N VAL S 114 -41.33 91.62 25.28
CA VAL S 114 -40.71 91.87 26.58
C VAL S 114 -39.53 90.92 26.72
N ASN S 115 -38.35 91.48 26.95
CA ASN S 115 -37.11 90.72 26.99
C ASN S 115 -36.55 90.79 28.41
N VAL S 116 -36.75 89.71 29.16
CA VAL S 116 -36.52 89.65 30.61
C VAL S 116 -35.35 88.70 30.85
N PRO S 117 -34.26 89.16 31.51
CA PRO S 117 -33.21 88.22 31.92
C PRO S 117 -33.71 87.23 32.93
N GLN S 118 -33.15 86.01 32.90
CA GLN S 118 -33.52 84.97 33.86
C GLN S 118 -32.73 85.19 35.14
N ASP S 119 -33.32 85.94 36.07
CA ASP S 119 -32.71 86.24 37.35
C ASP S 119 -33.77 86.16 38.44
N ALA S 120 -33.40 85.54 39.57
CA ALA S 120 -34.38 85.30 40.62
C ALA S 120 -34.97 86.59 41.16
N LEU S 121 -34.23 87.69 41.12
CA LEU S 121 -34.67 88.92 41.76
C LEU S 121 -35.72 89.68 40.96
N ILE S 122 -35.84 89.41 39.66
CA ILE S 122 -36.88 90.06 38.86
C ILE S 122 -38.22 89.43 39.20
N THR S 123 -39.19 90.28 39.56
CA THR S 123 -40.49 89.79 40.00
C THR S 123 -41.60 90.25 39.05
N GLU S 124 -42.76 89.61 39.20
CA GLU S 124 -43.86 89.88 38.30
C GLU S 124 -44.30 91.33 38.42
N GLU S 125 -44.29 91.86 39.64
CA GLU S 125 -44.65 93.27 39.83
C GLU S 125 -43.64 94.18 39.15
N ILE S 126 -42.34 93.87 39.29
CA ILE S 126 -41.31 94.67 38.62
C ILE S 126 -41.59 94.73 37.14
N LEU S 127 -41.97 93.60 36.55
CA LEU S 127 -42.19 93.56 35.11
C LEU S 127 -43.46 94.32 34.71
N TYR S 128 -44.54 94.19 35.48
CA TYR S 128 -45.72 94.98 35.15
C TYR S 128 -45.43 96.48 35.23
N ASP S 129 -44.68 96.90 36.26
CA ASP S 129 -44.35 98.33 36.35
C ASP S 129 -43.42 98.74 35.22
N ALA S 130 -42.58 97.84 34.75
CA ALA S 130 -41.83 98.11 33.52
C ALA S 130 -42.77 98.34 32.35
N LEU S 131 -43.78 97.47 32.19
CA LEU S 131 -44.74 97.65 31.11
C LEU S 131 -45.45 98.98 31.22
N LYS S 132 -45.73 99.43 32.46
CA LYS S 132 -46.39 100.70 32.65
C LYS S 132 -45.50 101.86 32.23
N ARG S 133 -44.21 101.78 32.58
CA ARG S 133 -43.26 102.78 32.10
C ARG S 133 -43.18 102.79 30.58
N LEU S 134 -43.16 101.59 29.99
CA LEU S 134 -43.10 101.44 28.53
C LEU S 134 -44.28 102.12 27.85
N MET S 135 -45.49 101.70 28.19
CA MET S 135 -46.68 102.30 27.60
C MET S 135 -46.78 103.79 27.92
N GLY S 136 -46.15 104.24 29.00
CA GLY S 136 -46.19 105.67 29.25
C GLY S 136 -45.49 106.53 28.22
N HIS S 137 -44.63 105.94 27.40
CA HIS S 137 -43.95 106.69 26.34
C HIS S 137 -44.85 107.03 25.18
N PHE S 138 -46.11 106.57 25.19
CA PHE S 138 -47.08 107.05 24.22
C PHE S 138 -47.68 108.39 24.62
N TYR S 139 -47.21 108.99 25.69
CA TYR S 139 -47.70 110.27 26.17
C TYR S 139 -46.50 111.15 26.49
N GLU S 140 -46.77 112.43 26.72
CA GLU S 140 -45.77 113.38 27.19
C GLU S 140 -46.24 113.99 28.51
N GLY S 141 -45.32 114.03 29.47
CA GLY S 141 -45.63 114.52 30.81
C GLY S 141 -45.25 115.98 30.97
N ASN S 142 -46.06 116.70 31.75
CA ASN S 142 -45.95 118.13 31.99
C ASN S 142 -46.07 118.39 33.49
N ASP S 143 -44.90 118.57 34.14
CA ASP S 143 -44.78 119.01 35.52
C ASP S 143 -44.82 120.52 35.68
N THR S 144 -44.71 121.28 34.57
CA THR S 144 -44.80 122.74 34.65
C THR S 144 -46.14 123.18 35.21
N THR S 145 -47.23 122.53 34.77
CA THR S 145 -48.55 122.87 35.28
C THR S 145 -48.60 122.63 36.78
N SER S 146 -49.47 123.40 37.43
CA SER S 146 -49.70 123.20 38.86
C SER S 146 -50.30 121.82 39.15
N PRO S 147 -51.43 121.37 38.51
CA PRO S 147 -51.74 119.93 38.56
C PRO S 147 -51.03 119.24 37.40
N THR S 148 -50.27 118.16 37.62
CA THR S 148 -49.40 117.65 36.56
C THR S 148 -50.27 117.01 35.48
N THR S 149 -49.97 117.29 34.20
CA THR S 149 -50.85 116.87 33.11
C THR S 149 -50.06 116.14 32.02
N THR S 150 -50.79 115.45 31.15
CA THR S 150 -50.20 114.66 30.09
C THR S 150 -50.93 114.90 28.78
N SER S 151 -50.19 114.75 27.68
CA SER S 151 -50.75 114.92 26.34
C SER S 151 -50.36 113.74 25.46
N VAL S 152 -51.15 113.51 24.43
CA VAL S 152 -51.05 112.29 23.63
C VAL S 152 -50.10 112.54 22.45
N ARG S 153 -49.31 111.53 22.09
CA ARG S 153 -48.35 111.65 21.00
C ARG S 153 -48.38 110.50 20.01
N LEU S 154 -49.40 109.64 20.07
CA LEU S 154 -49.46 108.50 19.16
C LEU S 154 -49.63 108.95 17.72
N LYS S 155 -50.55 109.89 17.48
CA LYS S 155 -50.75 110.39 16.13
C LYS S 155 -49.49 111.11 15.64
N ASP S 156 -48.94 111.99 16.48
CA ASP S 156 -47.73 112.71 16.10
C ASP S 156 -46.63 111.73 15.67
N MET S 157 -46.41 110.67 16.45
CA MET S 157 -45.38 109.70 16.07
C MET S 157 -45.72 109.03 14.76
N LEU S 158 -46.95 108.54 14.62
CA LEU S 158 -47.35 107.92 13.36
C LEU S 158 -47.13 108.82 12.16
N GLN S 159 -47.25 110.14 12.35
CA GLN S 159 -47.07 111.06 11.24
C GLN S 159 -45.62 111.44 10.97
N GLY S 160 -44.67 110.91 11.75
CA GLY S 160 -43.25 111.10 11.48
C GLY S 160 -42.53 111.99 12.47
N ALA S 161 -43.27 112.56 13.42
CA ALA S 161 -42.73 113.44 14.45
C ALA S 161 -42.37 112.58 15.65
N LEU S 162 -41.18 112.00 15.61
CA LEU S 162 -40.81 111.01 16.61
C LEU S 162 -40.13 111.62 17.82
N VAL S 163 -39.61 112.83 17.70
CA VAL S 163 -39.05 113.51 18.87
C VAL S 163 -40.21 114.07 19.68
N PRO S 164 -40.19 113.94 21.00
CA PRO S 164 -41.24 114.53 21.83
C PRO S 164 -41.29 116.04 21.66
N GLN S 165 -42.46 116.61 21.98
CA GLN S 165 -42.63 118.05 21.89
C GLN S 165 -41.87 118.76 23.01
N SER S 166 -41.62 118.05 24.12
CA SER S 166 -40.89 118.60 25.26
C SER S 166 -39.42 118.87 24.95
N LEU S 167 -38.90 118.35 23.83
CA LEU S 167 -37.50 118.57 23.46
C LEU S 167 -37.39 119.39 22.18
N SER T 1 -81.25 94.29 5.09
CA SER T 1 -80.82 94.86 3.82
C SER T 1 -80.01 93.82 3.07
N LYS T 2 -78.78 93.53 3.51
CA LYS T 2 -78.00 92.49 2.86
C LYS T 2 -78.55 91.11 3.23
N ILE T 3 -78.82 90.30 2.20
CA ILE T 3 -79.41 88.99 2.38
C ILE T 3 -78.64 88.00 1.52
N LEU T 4 -78.26 86.88 2.12
CA LEU T 4 -77.73 85.72 1.42
C LEU T 4 -78.86 84.72 1.24
N SER T 5 -79.06 84.25 0.01
CA SER T 5 -79.97 83.15 -0.27
C SER T 5 -79.17 81.97 -0.77
N THR T 6 -79.55 80.78 -0.30
CA THR T 6 -78.99 79.55 -0.81
C THR T 6 -79.68 79.08 -2.08
N ASN T 7 -80.67 79.83 -2.57
CA ASN T 7 -81.37 79.53 -3.82
C ASN T 7 -81.95 78.11 -3.83
N ASN T 8 -82.28 77.58 -2.64
CA ASN T 8 -82.98 76.31 -2.56
C ASN T 8 -84.48 76.50 -2.43
N SER T 9 -84.96 77.73 -2.51
CA SER T 9 -86.37 78.01 -2.29
C SER T 9 -87.27 77.35 -3.33
N ASN T 10 -86.74 77.06 -4.52
CA ASN T 10 -87.53 76.40 -5.55
C ASN T 10 -87.18 74.93 -5.75
N SER T 11 -86.31 74.38 -4.91
CA SER T 11 -86.08 72.94 -4.91
C SER T 11 -87.18 72.24 -4.11
N ASN T 12 -87.48 71.00 -4.48
CA ASN T 12 -88.51 70.22 -3.81
C ASN T 12 -87.86 69.15 -2.95
N PHE T 13 -88.10 69.20 -1.65
CA PHE T 13 -87.52 68.24 -0.72
C PHE T 13 -88.59 67.53 0.08
N VAL T 14 -88.12 66.51 0.79
CA VAL T 14 -88.91 65.71 1.72
C VAL T 14 -88.06 65.48 2.96
N ASP T 15 -88.64 65.70 4.13
CA ASP T 15 -87.87 65.54 5.35
C ASP T 15 -87.78 64.07 5.74
N THR T 16 -86.66 63.70 6.36
CA THR T 16 -86.53 62.39 6.98
C THR T 16 -85.61 62.49 8.19
N SER T 17 -85.83 61.59 9.15
CA SER T 17 -85.11 61.64 10.41
C SER T 17 -83.76 60.94 10.28
N PHE T 18 -82.74 61.54 10.87
CA PHE T 18 -81.37 61.02 10.78
C PHE T 18 -80.72 61.36 12.12
N THR T 19 -80.87 60.46 13.08
CA THR T 19 -80.52 60.76 14.46
C THR T 19 -79.03 60.49 14.68
N LEU T 20 -78.30 61.55 15.01
CA LEU T 20 -76.86 61.48 15.12
C LEU T 20 -76.46 60.98 16.50
N LYS T 21 -75.40 60.17 16.53
CA LYS T 21 -74.75 59.75 17.78
C LYS T 21 -73.51 60.62 17.95
N VAL T 22 -73.67 61.68 18.74
CA VAL T 22 -72.64 62.67 19.06
C VAL T 22 -71.73 62.16 20.16
N PRO T 23 -70.42 62.29 20.05
CA PRO T 23 -69.54 61.72 21.07
C PRO T 23 -69.47 62.54 22.35
N VAL T 24 -69.32 61.82 23.47
CA VAL T 24 -68.97 62.43 24.75
C VAL T 24 -67.45 62.40 24.82
N TYR T 25 -66.85 63.46 24.27
CA TYR T 25 -65.41 63.43 24.07
C TYR T 25 -64.67 63.32 25.39
N SER T 26 -65.19 63.98 26.43
CA SER T 26 -64.60 63.89 27.75
C SER T 26 -64.46 62.45 28.23
N LYS T 27 -65.46 61.57 28.02
CA LYS T 27 -65.27 60.18 28.44
C LYS T 27 -64.38 59.41 27.48
N ASP T 28 -64.64 59.52 26.18
CA ASP T 28 -64.11 58.49 25.28
C ASP T 28 -62.81 58.86 24.59
N TYR T 29 -62.54 60.13 24.33
CA TYR T 29 -61.52 60.47 23.35
C TYR T 29 -60.37 61.25 24.01
N ARG T 30 -59.16 61.00 23.49
CA ARG T 30 -57.94 61.64 23.93
C ARG T 30 -57.15 62.10 22.71
N VAL T 31 -56.24 63.05 22.89
CA VAL T 31 -55.58 63.66 21.73
C VAL T 31 -54.28 62.94 21.40
N THR T 32 -54.20 62.39 20.19
CA THR T 32 -53.02 61.83 19.59
C THR T 32 -52.17 62.85 18.84
N GLN T 33 -52.81 63.79 18.15
CA GLN T 33 -52.09 64.81 17.38
C GLN T 33 -52.77 66.16 17.58
N ASP T 34 -51.98 67.17 17.99
CA ASP T 34 -52.47 68.53 18.18
C ASP T 34 -51.66 69.52 17.34
N GLU T 35 -51.54 69.25 16.03
CA GLU T 35 -50.83 70.27 15.28
C GLU T 35 -51.84 71.29 14.75
N PRO T 36 -51.39 72.51 14.42
CA PRO T 36 -52.31 73.65 14.33
C PRO T 36 -53.51 73.47 13.41
N ASP T 37 -53.29 72.80 12.28
CA ASP T 37 -54.30 72.58 11.25
C ASP T 37 -54.79 71.14 11.18
N GLU T 38 -54.29 70.24 12.03
CA GLU T 38 -54.70 68.85 11.97
C GLU T 38 -54.68 68.28 13.38
N VAL T 39 -55.82 67.79 13.83
CA VAL T 39 -55.97 67.18 15.14
C VAL T 39 -56.44 65.76 14.96
N VAL T 40 -55.76 64.83 15.60
CA VAL T 40 -56.13 63.44 15.62
C VAL T 40 -56.47 63.06 17.04
N VAL T 41 -57.54 62.28 17.18
CA VAL T 41 -58.16 61.97 18.45
C VAL T 41 -58.47 60.48 18.45
N ALA T 42 -58.11 59.80 19.53
CA ALA T 42 -58.26 58.36 19.63
C ALA T 42 -59.30 58.00 20.68
N ASN T 43 -59.95 56.86 20.47
CA ASN T 43 -61.03 56.37 21.33
C ASN T 43 -60.41 55.52 22.44
N ARG T 44 -60.48 56.03 23.66
CA ARG T 44 -59.92 55.34 24.82
C ARG T 44 -60.61 54.00 25.07
N GLN T 45 -61.87 53.86 24.69
CA GLN T 45 -62.68 52.74 25.13
C GLN T 45 -62.39 51.43 24.39
N GLN T 46 -61.72 51.49 23.24
CA GLN T 46 -61.49 50.26 22.49
C GLN T 46 -60.37 49.44 23.14
N PRO T 47 -60.41 48.11 22.97
CA PRO T 47 -59.26 47.28 23.39
C PRO T 47 -58.09 47.46 22.46
N PHE T 48 -56.95 46.82 22.75
CA PHE T 48 -55.73 47.17 22.03
C PHE T 48 -55.79 46.80 20.56
N GLY T 49 -56.52 45.74 20.22
CA GLY T 49 -56.65 45.38 18.83
C GLY T 49 -57.40 46.42 18.03
N VAL T 50 -58.52 46.90 18.56
CA VAL T 50 -59.41 47.76 17.81
C VAL T 50 -58.89 49.19 17.84
N LYS T 51 -58.83 49.80 16.66
CA LYS T 51 -58.38 51.17 16.51
C LYS T 51 -59.56 52.04 16.06
N ASN T 52 -59.85 53.09 16.83
CA ASN T 52 -60.98 53.98 16.60
C ASN T 52 -60.47 55.42 16.73
N THR T 53 -60.42 56.14 15.62
CA THR T 53 -59.88 57.50 15.62
C THR T 53 -60.79 58.45 14.86
N ALA T 54 -60.57 59.74 15.10
CA ALA T 54 -61.24 60.82 14.40
C ALA T 54 -60.20 61.88 14.10
N ARG T 55 -60.32 62.51 12.93
CA ARG T 55 -59.35 63.47 12.45
C ARG T 55 -60.08 64.72 12.01
N TYR T 56 -59.60 65.87 12.44
CA TYR T 56 -60.25 67.15 12.18
C TYR T 56 -59.19 68.06 11.60
N GLY T 57 -59.41 68.56 10.39
CA GLY T 57 -58.39 69.35 9.72
C GLY T 57 -58.98 70.45 8.88
N ILE T 58 -58.24 71.56 8.79
CA ILE T 58 -58.61 72.64 7.88
C ILE T 58 -57.44 72.96 6.98
N ARG T 59 -57.78 73.43 5.77
CA ARG T 59 -56.85 73.90 4.76
C ARG T 59 -57.37 75.24 4.26
N GLN T 60 -56.46 76.17 3.97
CA GLN T 60 -56.88 77.45 3.45
C GLN T 60 -57.03 77.36 1.94
N ILE T 61 -58.13 77.89 1.43
CA ILE T 61 -58.45 77.84 0.01
C ILE T 61 -58.05 79.16 -0.61
N ALA T 62 -57.20 79.08 -1.64
CA ALA T 62 -56.62 80.28 -2.23
C ALA T 62 -57.65 81.08 -2.99
N ASP T 63 -58.34 80.43 -3.94
CA ASP T 63 -59.38 81.05 -4.76
C ASP T 63 -60.55 80.08 -4.78
N VAL T 64 -61.63 80.42 -4.08
CA VAL T 64 -62.78 79.53 -4.03
C VAL T 64 -63.50 79.49 -5.38
N TYR T 65 -63.19 80.43 -6.27
CA TYR T 65 -63.81 80.51 -7.60
C TYR T 65 -63.04 79.76 -8.67
N ARG T 66 -61.94 79.10 -8.33
CA ARG T 66 -60.98 78.68 -9.34
C ARG T 66 -61.43 77.43 -10.10
N ASN T 67 -61.82 76.38 -9.39
CA ASN T 67 -62.25 75.21 -10.15
C ASN T 67 -63.69 75.32 -10.64
N THR T 68 -64.44 76.32 -10.20
CA THR T 68 -65.87 76.39 -10.40
C THR T 68 -66.22 76.96 -11.76
N THR T 69 -67.49 76.77 -12.16
CA THR T 69 -68.05 77.50 -13.29
C THR T 69 -68.53 78.88 -12.89
N ILE T 70 -68.71 79.11 -11.58
CA ILE T 70 -68.92 80.45 -11.08
C ILE T 70 -67.61 81.22 -11.17
N ASP T 71 -67.71 82.53 -11.40
CA ASP T 71 -66.58 83.42 -11.24
C ASP T 71 -67.04 84.68 -10.52
N ARG T 72 -66.05 85.42 -10.05
CA ARG T 72 -66.26 86.43 -9.02
C ARG T 72 -66.82 87.72 -9.62
N ALA T 73 -67.96 88.17 -9.12
CA ALA T 73 -68.50 89.46 -9.51
C ALA T 73 -67.71 90.57 -8.82
N TYR T 74 -67.88 91.80 -9.32
CA TYR T 74 -66.90 92.83 -9.00
C TYR T 74 -66.96 93.26 -7.54
N GLN T 75 -68.08 93.03 -6.88
CA GLN T 75 -68.32 93.49 -5.53
C GLN T 75 -68.29 92.34 -4.54
N SER T 76 -67.49 91.34 -4.81
CA SER T 76 -67.33 90.27 -3.85
C SER T 76 -66.30 90.64 -2.80
N PRO T 77 -66.53 90.28 -1.54
CA PRO T 77 -65.57 90.65 -0.48
C PRO T 77 -64.21 90.00 -0.62
N SER T 78 -64.17 88.70 -0.91
CA SER T 78 -62.91 87.98 -1.00
C SER T 78 -63.07 86.78 -1.91
N LYS T 79 -61.94 86.29 -2.41
CA LYS T 79 -61.85 85.00 -3.05
C LYS T 79 -61.48 83.90 -2.06
N LYS T 80 -61.14 84.26 -0.83
CA LYS T 80 -60.55 83.31 0.10
C LYS T 80 -61.60 82.27 0.53
N GLY T 81 -61.10 81.14 1.02
CA GLY T 81 -62.00 80.14 1.55
C GLY T 81 -61.33 79.29 2.61
N THR T 82 -62.12 78.42 3.22
CA THR T 82 -61.59 77.44 4.16
C THR T 82 -62.21 76.08 3.85
N SER T 83 -61.39 75.03 3.92
CA SER T 83 -61.82 73.67 3.63
C SER T 83 -61.67 72.86 4.91
N LEU T 84 -62.76 72.26 5.36
CA LEU T 84 -62.80 71.48 6.59
C LEU T 84 -62.96 70.01 6.25
N VAL T 85 -62.27 69.17 7.00
CA VAL T 85 -62.40 67.72 6.88
C VAL T 85 -62.63 67.14 8.26
N VAL T 86 -63.58 66.20 8.31
CA VAL T 86 -63.89 65.43 9.50
C VAL T 86 -63.87 63.97 9.09
N GLN T 87 -62.94 63.21 9.64
CA GLN T 87 -62.79 61.80 9.31
C GLN T 87 -62.98 60.93 10.54
N VAL T 88 -63.66 59.80 10.36
CA VAL T 88 -63.76 58.79 11.39
C VAL T 88 -63.19 57.50 10.83
N THR T 89 -62.47 56.77 11.68
CA THR T 89 -61.81 55.52 11.37
C THR T 89 -62.19 54.51 12.43
N GLU T 90 -62.75 53.38 12.01
CA GLU T 90 -63.18 52.35 12.94
C GLU T 90 -62.58 51.01 12.53
N THR T 91 -62.51 50.10 13.50
CA THR T 91 -62.01 48.75 13.28
C THR T 91 -63.10 47.78 13.71
N TRP T 92 -63.74 47.15 12.73
CA TRP T 92 -64.78 46.17 12.99
C TRP T 92 -64.16 44.79 13.05
N THR T 93 -64.78 43.88 13.80
CA THR T 93 -64.18 42.57 14.00
C THR T 93 -65.19 41.46 13.69
N VAL T 94 -64.75 40.49 12.91
CA VAL T 94 -65.53 39.31 12.58
C VAL T 94 -64.96 38.14 13.35
N ALA T 95 -65.83 37.41 14.06
CA ALA T 95 -65.45 36.21 14.80
C ALA T 95 -66.47 35.11 14.51
N SER T 96 -66.20 33.92 15.04
CA SER T 96 -67.07 32.77 14.84
C SER T 96 -67.40 32.14 16.18
N THR T 97 -68.69 31.78 16.35
CA THR T 97 -69.14 31.06 17.54
C THR T 97 -68.79 29.57 17.49
N ASP T 98 -68.37 29.06 16.34
CA ASP T 98 -67.92 27.68 16.20
C ASP T 98 -66.43 27.54 16.50
N ASP T 99 -65.61 28.35 15.84
CA ASP T 99 -64.16 28.25 15.89
C ASP T 99 -63.60 29.45 16.65
N GLU T 100 -62.83 29.17 17.70
CA GLU T 100 -62.11 30.23 18.38
C GLU T 100 -60.94 30.75 17.54
N THR T 101 -60.46 29.96 16.58
CA THR T 101 -59.34 30.36 15.74
C THR T 101 -59.76 31.38 14.69
N TYR T 102 -61.00 31.33 14.25
CA TYR T 102 -61.42 32.11 13.09
C TYR T 102 -61.78 33.53 13.51
N GLY T 103 -61.11 34.50 12.89
CA GLY T 103 -61.44 35.89 13.08
C GLY T 103 -60.60 36.77 12.19
N TYR T 104 -61.10 37.98 11.95
CA TYR T 104 -60.33 39.00 11.24
C TYR T 104 -60.89 40.37 11.58
N SER T 105 -60.16 41.40 11.14
CA SER T 105 -60.53 42.79 11.37
C SER T 105 -60.76 43.49 10.04
N LEU T 106 -61.85 44.24 9.95
CA LEU T 106 -62.19 45.03 8.80
C LEU T 106 -61.98 46.49 9.11
N PRO T 107 -61.28 47.23 8.26
CA PRO T 107 -61.11 48.66 8.50
C PRO T 107 -62.20 49.47 7.82
N PHE T 108 -62.90 50.32 8.57
CA PHE T 108 -63.88 51.23 8.01
C PHE T 108 -63.36 52.66 8.11
N SER T 109 -63.59 53.45 7.07
CA SER T 109 -63.30 54.87 7.24
C SER T 109 -64.29 55.69 6.44
N ALA T 110 -64.47 56.93 6.86
CA ALA T 110 -65.32 57.82 6.09
C ALA T 110 -65.01 59.25 6.52
N HIS T 111 -65.23 60.18 5.61
CA HIS T 111 -64.99 61.57 5.97
C HIS T 111 -65.92 62.49 5.21
N VAL T 112 -66.00 63.71 5.73
CA VAL T 112 -66.79 64.79 5.16
C VAL T 112 -65.84 65.95 4.92
N ILE T 113 -66.03 66.63 3.80
CA ILE T 113 -65.25 67.81 3.46
C ILE T 113 -66.23 68.91 3.08
N VAL T 114 -65.96 70.12 3.60
CA VAL T 114 -66.83 71.27 3.44
C VAL T 114 -65.98 72.44 2.99
N ASN T 115 -66.42 73.14 1.95
CA ASN T 115 -65.61 74.20 1.33
C ASN T 115 -66.35 75.53 1.42
N VAL T 116 -66.08 76.28 2.49
CA VAL T 116 -66.87 77.45 2.85
C VAL T 116 -66.15 78.70 2.36
N PRO T 117 -66.79 79.54 1.56
CA PRO T 117 -66.21 80.85 1.22
C PRO T 117 -66.14 81.78 2.42
N GLN T 118 -65.25 82.77 2.32
CA GLN T 118 -65.08 83.78 3.36
C GLN T 118 -66.02 84.95 3.09
N ASP T 119 -67.26 84.78 3.55
CA ASP T 119 -68.22 85.88 3.54
C ASP T 119 -68.97 85.85 4.86
N ALA T 120 -69.05 87.01 5.51
CA ALA T 120 -69.59 87.05 6.86
C ALA T 120 -71.07 86.66 6.92
N LEU T 121 -71.80 86.79 5.80
CA LEU T 121 -73.22 86.44 5.77
C LEU T 121 -73.47 84.93 5.79
N ILE T 122 -72.45 84.11 5.50
CA ILE T 122 -72.57 82.68 5.74
C ILE T 122 -72.55 82.45 7.24
N THR T 123 -73.60 81.82 7.76
CA THR T 123 -73.73 81.61 9.20
C THR T 123 -73.58 80.13 9.52
N GLU T 124 -73.35 79.87 10.81
CA GLU T 124 -73.14 78.50 11.24
C GLU T 124 -74.38 77.67 10.94
N GLU T 125 -75.57 78.27 11.08
CA GLU T 125 -76.79 77.54 10.76
C GLU T 125 -76.91 77.29 9.27
N ILE T 126 -76.55 78.27 8.43
CA ILE T 126 -76.58 78.05 6.99
C ILE T 126 -75.75 76.84 6.64
N LEU T 127 -74.57 76.74 7.26
CA LEU T 127 -73.67 75.61 6.96
C LEU T 127 -74.24 74.29 7.44
N TYR T 128 -74.80 74.23 8.65
CA TYR T 128 -75.40 72.98 9.09
C TYR T 128 -76.55 72.56 8.18
N ASP T 129 -77.40 73.50 7.77
CA ASP T 129 -78.51 73.13 6.88
C ASP T 129 -77.99 72.68 5.52
N ALA T 130 -76.86 73.25 5.08
CA ALA T 130 -76.21 72.73 3.88
C ALA T 130 -75.78 71.28 4.08
N LEU T 131 -75.20 70.97 5.24
CA LEU T 131 -74.82 69.58 5.53
C LEU T 131 -76.03 68.66 5.51
N LYS T 132 -77.18 69.16 6.00
CA LYS T 132 -78.40 68.36 6.01
C LYS T 132 -78.87 68.08 4.58
N ARG T 133 -78.83 69.10 3.72
CA ARG T 133 -79.13 68.89 2.29
C ARG T 133 -78.19 67.87 1.68
N LEU T 134 -76.89 67.97 2.02
CA LEU T 134 -75.87 67.05 1.53
C LEU T 134 -76.22 65.61 1.86
N MET T 135 -76.32 65.30 3.15
CA MET T 135 -76.65 63.95 3.57
C MET T 135 -77.99 63.49 3.02
N GLY T 136 -78.90 64.42 2.68
CA GLY T 136 -80.15 63.99 2.07
C GLY T 136 -79.97 63.20 0.79
N HIS T 137 -78.86 63.41 0.07
CA HIS T 137 -78.62 62.71 -1.18
C HIS T 137 -78.33 61.23 -1.01
N PHE T 138 -78.24 60.75 0.23
CA PHE T 138 -78.20 59.31 0.48
C PHE T 138 -79.58 58.69 0.49
N TYR T 139 -80.58 59.45 0.04
CA TYR T 139 -81.97 59.01 0.06
C TYR T 139 -82.66 59.53 -1.19
N GLU T 140 -83.86 59.02 -1.44
CA GLU T 140 -84.75 59.52 -2.47
C GLU T 140 -86.11 59.83 -1.83
N GLY T 141 -86.73 60.93 -2.25
CA GLY T 141 -87.99 61.33 -1.65
C GLY T 141 -89.17 61.27 -2.60
N ASN T 142 -90.39 61.24 -2.05
CA ASN T 142 -91.62 61.21 -2.83
C ASN T 142 -92.56 62.30 -2.35
N ASP T 143 -92.88 63.26 -3.22
CA ASP T 143 -93.92 64.22 -2.85
C ASP T 143 -95.30 63.58 -2.88
N THR T 144 -95.43 62.46 -3.59
CA THR T 144 -96.75 61.97 -3.94
C THR T 144 -97.56 61.53 -2.71
N THR T 145 -96.98 60.67 -1.89
CA THR T 145 -97.70 60.12 -0.76
C THR T 145 -98.13 61.21 0.21
N SER T 146 -99.21 60.95 0.92
CA SER T 146 -99.69 61.93 1.87
C SER T 146 -98.77 62.09 3.07
N PRO T 147 -98.29 61.02 3.71
CA PRO T 147 -97.06 61.22 4.47
C PRO T 147 -95.91 60.99 3.50
N THR T 148 -95.03 61.98 3.39
CA THR T 148 -93.94 61.86 2.42
C THR T 148 -93.07 60.66 2.78
N THR T 149 -92.66 59.91 1.77
CA THR T 149 -91.87 58.71 1.98
C THR T 149 -90.50 58.89 1.37
N THR T 150 -89.52 58.29 2.03
CA THR T 150 -88.13 58.31 1.58
C THR T 150 -87.59 56.88 1.56
N SER T 151 -86.92 56.53 0.45
CA SER T 151 -86.20 55.28 0.32
C SER T 151 -84.71 55.53 0.32
N VAL T 152 -83.93 54.46 0.47
CA VAL T 152 -82.50 54.58 0.70
C VAL T 152 -81.71 54.33 -0.58
N ARG T 153 -80.53 54.92 -0.63
CA ARG T 153 -79.66 54.83 -1.79
C ARG T 153 -78.33 54.15 -1.53
N LEU T 154 -77.83 54.17 -0.29
CA LEU T 154 -76.44 53.83 -0.04
C LEU T 154 -76.05 52.49 -0.65
N LYS T 155 -76.90 51.48 -0.48
CA LYS T 155 -76.63 50.18 -1.08
C LYS T 155 -76.54 50.29 -2.59
N ASP T 156 -77.60 50.80 -3.21
CA ASP T 156 -77.65 50.85 -4.67
C ASP T 156 -76.45 51.62 -5.23
N MET T 157 -76.02 52.69 -4.54
CA MET T 157 -74.87 53.46 -5.01
C MET T 157 -73.59 52.64 -4.88
N LEU T 158 -73.33 52.08 -3.70
CA LEU T 158 -72.14 51.27 -3.52
C LEU T 158 -72.10 50.09 -4.48
N GLN T 159 -73.27 49.64 -4.94
CA GLN T 159 -73.37 48.56 -5.92
C GLN T 159 -73.19 49.02 -7.36
N GLY T 160 -73.12 50.33 -7.59
CA GLY T 160 -72.88 50.86 -8.93
C GLY T 160 -74.07 51.50 -9.60
N ALA T 161 -75.24 51.50 -8.94
CA ALA T 161 -76.43 52.17 -9.47
C ALA T 161 -76.39 53.62 -9.01
N LEU T 162 -75.59 54.42 -9.70
CA LEU T 162 -75.31 55.75 -9.21
C LEU T 162 -76.38 56.76 -9.60
N VAL T 163 -77.23 56.44 -10.57
CA VAL T 163 -78.32 57.35 -10.90
C VAL T 163 -79.46 57.07 -9.92
N PRO T 164 -80.11 58.10 -9.40
CA PRO T 164 -81.30 57.87 -8.59
C PRO T 164 -82.35 57.07 -9.36
N GLN T 165 -83.00 56.15 -8.66
CA GLN T 165 -84.01 55.30 -9.27
C GLN T 165 -85.26 56.10 -9.65
N SER T 166 -85.43 57.30 -9.06
CA SER T 166 -86.52 58.20 -9.44
C SER T 166 -86.34 58.77 -10.84
N LEU T 167 -85.10 58.89 -11.30
CA LEU T 167 -84.83 59.45 -12.62
C LEU T 167 -84.91 58.38 -13.71
N SER U 1 -65.67 31.35 24.80
CA SER U 1 -65.09 32.69 24.90
C SER U 1 -63.63 32.57 25.32
N LYS U 2 -62.87 33.64 25.08
CA LYS U 2 -61.43 33.67 25.32
C LYS U 2 -61.14 34.32 26.66
N ILE U 3 -60.17 33.77 27.39
CA ILE U 3 -59.82 34.26 28.72
C ILE U 3 -58.30 34.36 28.80
N LEU U 4 -57.83 35.43 29.43
CA LEU U 4 -56.41 35.61 29.75
C LEU U 4 -56.21 35.40 31.25
N SER U 5 -55.15 34.68 31.60
CA SER U 5 -54.72 34.54 32.99
C SER U 5 -53.29 35.01 33.11
N THR U 6 -53.02 35.75 34.18
CA THR U 6 -51.66 36.16 34.51
C THR U 6 -50.91 35.08 35.28
N ASN U 7 -51.57 33.99 35.64
CA ASN U 7 -50.95 32.87 36.34
C ASN U 7 -50.39 33.27 37.71
N ASN U 8 -50.79 34.42 38.23
CA ASN U 8 -50.40 34.83 39.58
C ASN U 8 -51.38 34.35 40.63
N SER U 9 -52.31 33.47 40.26
CA SER U 9 -53.35 33.04 41.18
C SER U 9 -52.75 32.34 42.40
N ASN U 10 -51.74 31.49 42.20
CA ASN U 10 -51.19 30.68 43.27
C ASN U 10 -49.94 31.27 43.91
N SER U 11 -49.44 32.39 43.41
CA SER U 11 -48.25 33.00 43.99
C SER U 11 -48.63 33.78 45.25
N ASN U 12 -47.68 33.88 46.19
CA ASN U 12 -47.94 34.39 47.53
C ASN U 12 -47.43 35.82 47.66
N PHE U 13 -48.31 36.75 48.03
CA PHE U 13 -47.93 38.13 48.22
C PHE U 13 -48.41 38.63 49.57
N VAL U 14 -47.86 39.78 49.95
CA VAL U 14 -48.28 40.56 51.09
C VAL U 14 -48.54 41.98 50.60
N ASP U 15 -49.72 42.50 50.89
CA ASP U 15 -50.02 43.85 50.46
C ASP U 15 -49.26 44.87 51.31
N THR U 16 -48.91 46.00 50.70
CA THR U 16 -48.38 47.12 51.46
C THR U 16 -48.75 48.44 50.77
N SER U 17 -48.84 49.49 51.56
CA SER U 17 -49.35 50.77 51.07
C SER U 17 -48.24 51.56 50.40
N PHE U 18 -48.59 52.20 49.28
CA PHE U 18 -47.62 52.95 48.48
C PHE U 18 -48.42 54.09 47.85
N THR U 19 -48.50 55.20 48.56
CA THR U 19 -49.41 56.28 48.18
C THR U 19 -48.72 57.21 47.19
N LEU U 20 -49.27 57.29 45.98
CA LEU U 20 -48.66 58.05 44.91
C LEU U 20 -49.02 59.52 45.01
N LYS U 21 -48.02 60.37 44.81
CA LYS U 21 -48.23 61.82 44.65
C LYS U 21 -48.36 62.08 43.15
N VAL U 22 -49.59 62.27 42.69
CA VAL U 22 -49.94 62.47 41.28
C VAL U 22 -49.88 63.95 40.93
N PRO U 23 -49.26 64.32 39.82
CA PRO U 23 -49.13 65.74 39.47
C PRO U 23 -50.45 66.37 39.04
N VAL U 24 -50.57 67.67 39.34
CA VAL U 24 -51.62 68.50 38.77
C VAL U 24 -50.96 69.27 37.63
N TYR U 25 -51.03 68.69 36.44
CA TYR U 25 -50.25 69.21 35.34
C TYR U 25 -50.66 70.64 35.00
N SER U 26 -51.97 70.90 35.02
CA SER U 26 -52.47 72.24 34.75
C SER U 26 -51.79 73.31 35.62
N LYS U 27 -51.55 73.02 36.91
CA LYS U 27 -50.89 74.06 37.70
C LYS U 27 -49.37 74.04 37.56
N ASP U 28 -48.74 72.86 37.52
CA ASP U 28 -47.29 72.85 37.69
C ASP U 28 -46.48 72.71 36.41
N TYR U 29 -47.03 72.14 35.35
CA TYR U 29 -46.18 71.75 34.23
C TYR U 29 -46.53 72.51 32.97
N ARG U 30 -45.57 72.52 32.04
CA ARG U 30 -45.72 72.96 30.66
C ARG U 30 -45.08 71.94 29.75
N VAL U 31 -45.38 72.02 28.47
CA VAL U 31 -44.84 71.08 27.50
C VAL U 31 -43.58 71.64 26.87
N THR U 32 -42.48 70.90 27.02
CA THR U 32 -41.19 71.23 26.41
C THR U 32 -41.07 70.67 25.00
N GLN U 33 -41.49 69.43 24.78
CA GLN U 33 -41.37 68.81 23.46
C GLN U 33 -42.66 68.07 23.15
N ASP U 34 -43.24 68.33 21.98
CA ASP U 34 -44.46 67.68 21.52
C ASP U 34 -44.13 66.94 20.23
N GLU U 35 -43.62 65.72 20.38
CA GLU U 35 -43.36 64.83 19.26
C GLU U 35 -44.38 63.70 19.26
N PRO U 36 -44.57 63.03 18.13
CA PRO U 36 -45.55 61.95 18.09
C PRO U 36 -45.19 60.77 18.98
N ASP U 37 -43.90 60.54 19.21
CA ASP U 37 -43.45 59.39 19.97
C ASP U 37 -42.89 59.75 21.33
N GLU U 38 -42.60 61.02 21.58
CA GLU U 38 -41.84 61.42 22.76
C GLU U 38 -42.33 62.81 23.17
N VAL U 39 -42.92 62.90 24.35
CA VAL U 39 -43.34 64.18 24.91
C VAL U 39 -42.48 64.49 26.12
N VAL U 40 -42.07 65.74 26.23
CA VAL U 40 -41.29 66.21 27.35
C VAL U 40 -42.02 67.35 28.02
N VAL U 41 -42.04 67.31 29.34
CA VAL U 41 -42.81 68.18 30.20
C VAL U 41 -41.88 68.72 31.26
N ALA U 42 -42.11 69.95 31.69
CA ALA U 42 -41.22 70.63 32.61
C ALA U 42 -42.04 71.39 33.67
N ASN U 43 -41.45 71.50 34.85
CA ASN U 43 -42.09 72.20 35.97
C ASN U 43 -41.72 73.68 35.87
N ARG U 44 -42.69 74.50 35.51
CA ARG U 44 -42.50 75.94 35.40
C ARG U 44 -42.52 76.65 36.74
N GLN U 45 -42.95 75.99 37.82
CA GLN U 45 -42.99 76.61 39.14
C GLN U 45 -41.65 76.55 39.86
N GLN U 46 -40.77 75.61 39.50
CA GLN U 46 -39.47 75.52 40.12
C GLN U 46 -38.68 76.81 39.89
N PRO U 47 -37.83 77.22 40.83
CA PRO U 47 -36.87 78.30 40.53
C PRO U 47 -35.93 77.90 39.41
N PHE U 48 -35.16 78.88 38.93
CA PHE U 48 -34.42 78.67 37.69
C PHE U 48 -33.35 77.58 37.84
N GLY U 49 -32.67 77.54 38.98
CA GLY U 49 -31.64 76.54 39.17
C GLY U 49 -32.18 75.12 39.13
N VAL U 50 -33.38 74.89 39.65
CA VAL U 50 -33.91 73.54 39.83
C VAL U 50 -34.76 73.19 38.62
N LYS U 51 -34.27 72.24 37.83
CA LYS U 51 -35.00 71.76 36.66
C LYS U 51 -35.71 70.46 37.05
N ASN U 52 -37.04 70.50 37.05
CA ASN U 52 -37.88 69.33 37.32
C ASN U 52 -38.61 68.96 36.03
N THR U 53 -38.26 67.81 35.42
CA THR U 53 -38.80 67.43 34.12
C THR U 53 -39.31 65.99 34.12
N ALA U 54 -40.07 65.66 33.08
CA ALA U 54 -40.63 64.32 32.89
C ALA U 54 -40.75 64.05 31.39
N ARG U 55 -40.66 62.78 31.04
CA ARG U 55 -40.58 62.37 29.64
C ARG U 55 -41.45 61.14 29.45
N TYR U 56 -42.28 61.16 28.41
CA TYR U 56 -43.25 60.11 28.16
C TYR U 56 -43.07 59.67 26.72
N GLY U 57 -42.68 58.42 26.52
CA GLY U 57 -42.30 57.96 25.19
C GLY U 57 -42.83 56.58 24.89
N ILE U 58 -43.05 56.33 23.59
CA ILE U 58 -43.47 55.02 23.11
C ILE U 58 -42.65 54.64 21.89
N ARG U 59 -42.03 53.47 21.96
CA ARG U 59 -41.42 52.79 20.83
C ARG U 59 -42.32 51.62 20.46
N GLN U 60 -42.32 51.19 19.21
CA GLN U 60 -43.15 50.06 18.84
C GLN U 60 -42.27 48.82 18.68
N ILE U 61 -42.70 47.73 19.32
CA ILE U 61 -41.93 46.49 19.42
C ILE U 61 -42.29 45.60 18.24
N ALA U 62 -41.27 45.19 17.49
CA ALA U 62 -41.49 44.42 16.27
C ALA U 62 -41.88 42.98 16.59
N ASP U 63 -41.08 42.30 17.41
CA ASP U 63 -41.36 40.94 17.85
C ASP U 63 -41.28 40.95 19.37
N VAL U 64 -42.46 40.84 20.02
CA VAL U 64 -42.47 40.85 21.48
C VAL U 64 -41.86 39.58 22.05
N TYR U 65 -41.69 38.56 21.21
CA TYR U 65 -41.11 37.28 21.61
C TYR U 65 -39.61 37.19 21.36
N ARG U 66 -38.96 38.30 21.00
CA ARG U 66 -37.60 38.22 20.48
C ARG U 66 -36.62 37.68 21.52
N ASN U 67 -36.70 38.21 22.74
CA ASN U 67 -35.77 37.81 23.78
C ASN U 67 -36.43 36.95 24.85
N THR U 68 -37.41 36.14 24.44
CA THR U 68 -38.15 35.26 25.34
C THR U 68 -37.89 33.81 24.99
N THR U 69 -38.26 32.94 25.93
CA THR U 69 -38.06 31.50 25.80
C THR U 69 -39.30 30.78 25.27
N ILE U 70 -40.23 31.52 24.69
CA ILE U 70 -41.51 30.95 24.28
C ILE U 70 -41.35 30.41 22.86
N ASP U 71 -41.51 29.11 22.70
CA ASP U 71 -41.39 28.51 21.38
C ASP U 71 -42.51 29.01 20.47
N ARG U 72 -42.24 29.00 19.15
CA ARG U 72 -43.17 29.58 18.19
C ARG U 72 -44.54 28.90 18.26
N ALA U 73 -44.57 27.59 18.48
CA ALA U 73 -45.84 26.87 18.56
C ALA U 73 -46.74 27.39 19.67
N TYR U 74 -46.22 28.20 20.57
CA TYR U 74 -46.99 28.71 21.70
C TYR U 74 -47.17 30.23 21.63
N GLN U 75 -46.75 30.87 20.54
CA GLN U 75 -46.86 32.32 20.39
C GLN U 75 -48.22 32.70 19.80
N SER U 76 -48.62 33.95 20.02
CA SER U 76 -49.85 34.44 19.41
C SER U 76 -49.62 34.58 17.92
N PRO U 77 -50.68 34.79 17.14
CA PRO U 77 -50.46 35.10 15.72
C PRO U 77 -49.80 36.45 15.52
N SER U 78 -50.01 37.40 16.42
CA SER U 78 -49.52 38.77 16.29
C SER U 78 -48.32 38.97 17.20
N LYS U 79 -47.21 39.38 16.62
CA LYS U 79 -46.00 39.64 17.39
C LYS U 79 -45.85 41.11 17.76
N LYS U 80 -46.81 41.95 17.35
CA LYS U 80 -46.72 43.38 17.61
C LYS U 80 -46.73 43.68 19.10
N GLY U 81 -46.03 44.75 19.48
CA GLY U 81 -46.13 45.26 20.83
C GLY U 81 -45.86 46.76 20.86
N THR U 82 -46.04 47.35 22.03
CA THR U 82 -45.60 48.71 22.28
C THR U 82 -44.78 48.75 23.56
N SER U 83 -43.90 49.75 23.64
CA SER U 83 -42.97 49.89 24.74
C SER U 83 -43.08 51.32 25.23
N LEU U 84 -43.48 51.47 26.49
CA LEU U 84 -43.71 52.76 27.11
C LEU U 84 -42.56 53.08 28.05
N VAL U 85 -42.17 54.35 28.08
CA VAL U 85 -41.20 54.84 29.04
C VAL U 85 -41.76 56.08 29.72
N VAL U 86 -41.58 56.12 31.03
CA VAL U 86 -41.96 57.25 31.86
C VAL U 86 -40.73 57.60 32.67
N GLN U 87 -40.12 58.74 32.37
CA GLN U 87 -38.92 59.19 33.07
C GLN U 87 -39.20 60.46 33.85
N VAL U 88 -38.64 60.54 35.05
CA VAL U 88 -38.70 61.75 35.84
C VAL U 88 -37.27 62.16 36.16
N THR U 89 -37.04 63.48 36.14
CA THR U 89 -35.75 64.09 36.43
C THR U 89 -35.97 65.21 37.44
N GLU U 90 -35.31 65.12 38.58
CA GLU U 90 -35.42 66.13 39.62
C GLU U 90 -34.03 66.66 39.94
N THR U 91 -34.01 67.83 40.57
CA THR U 91 -32.77 68.44 41.02
C THR U 91 -32.94 68.86 42.47
N TRP U 92 -32.20 68.23 43.37
CA TRP U 92 -32.27 68.48 44.79
C TRP U 92 -31.14 69.44 45.14
N THR U 93 -31.34 70.27 46.16
CA THR U 93 -30.29 71.19 46.58
C THR U 93 -29.89 70.92 48.03
N VAL U 94 -28.59 70.98 48.27
CA VAL U 94 -28.01 70.85 49.60
C VAL U 94 -27.46 72.21 49.98
N ALA U 95 -27.83 72.69 51.17
CA ALA U 95 -27.34 73.97 51.67
C ALA U 95 -27.12 73.83 53.18
N SER U 96 -26.75 74.94 53.82
CA SER U 96 -26.40 74.93 55.22
C SER U 96 -27.19 75.99 55.98
N THR U 97 -27.47 75.69 57.25
CA THR U 97 -28.09 76.67 58.15
C THR U 97 -27.10 77.75 58.54
N ASP U 98 -25.87 77.36 58.85
CA ASP U 98 -24.90 78.29 59.39
C ASP U 98 -24.24 79.11 58.28
N ASP U 99 -24.21 78.58 57.06
CA ASP U 99 -23.43 79.15 55.97
C ASP U 99 -24.32 79.33 54.76
N GLU U 100 -24.53 80.60 54.36
CA GLU U 100 -25.31 80.90 53.17
C GLU U 100 -24.56 80.58 51.89
N THR U 101 -23.22 80.52 51.94
CA THR U 101 -22.43 80.28 50.75
C THR U 101 -22.20 78.81 50.45
N TYR U 102 -22.63 77.91 51.32
CA TYR U 102 -22.35 76.49 51.15
C TYR U 102 -23.57 75.80 50.54
N GLY U 103 -23.35 75.18 49.38
CA GLY U 103 -24.40 74.36 48.78
C GLY U 103 -23.93 73.73 47.48
N TYR U 104 -24.77 72.81 47.00
CA TYR U 104 -24.62 72.21 45.68
C TYR U 104 -25.96 71.62 45.24
N SER U 105 -26.00 71.12 44.01
CA SER U 105 -27.19 70.53 43.43
C SER U 105 -26.92 69.08 43.04
N LEU U 106 -27.80 68.18 43.47
CA LEU U 106 -27.72 66.76 43.18
C LEU U 106 -28.75 66.40 42.13
N PRO U 107 -28.37 65.69 41.08
CA PRO U 107 -29.34 65.25 40.07
C PRO U 107 -29.93 63.90 40.39
N PHE U 108 -31.26 63.81 40.43
CA PHE U 108 -31.95 62.54 40.53
C PHE U 108 -32.65 62.25 39.21
N SER U 109 -32.58 61.00 38.77
CA SER U 109 -33.36 60.57 37.62
C SER U 109 -33.83 59.15 37.87
N ALA U 110 -34.97 58.83 37.28
CA ALA U 110 -35.47 57.46 37.34
C ALA U 110 -36.47 57.28 36.24
N HIS U 111 -36.63 56.05 35.79
CA HIS U 111 -37.63 55.80 34.76
C HIS U 111 -38.20 54.40 34.88
N VAL U 112 -39.34 54.22 34.25
CA VAL U 112 -40.04 52.95 34.14
C VAL U 112 -40.22 52.66 32.66
N ILE U 113 -40.04 51.39 32.29
CA ILE U 113 -40.29 50.92 30.95
C ILE U 113 -41.25 49.75 31.06
N VAL U 114 -42.24 49.72 30.18
CA VAL U 114 -43.28 48.69 30.18
C VAL U 114 -43.43 48.17 28.77
N ASN U 115 -43.41 46.85 28.59
CA ASN U 115 -43.38 46.25 27.27
C ASN U 115 -44.65 45.40 27.10
N VAL U 116 -45.69 46.01 26.53
CA VAL U 116 -47.03 45.41 26.49
C VAL U 116 -47.26 44.82 25.10
N PRO U 117 -47.57 43.54 24.98
CA PRO U 117 -48.04 43.01 23.70
C PRO U 117 -49.40 43.57 23.35
N GLN U 118 -49.64 43.78 22.05
CA GLN U 118 -50.95 44.27 21.60
C GLN U 118 -51.90 43.07 21.47
N ASP U 119 -52.55 42.75 22.58
CA ASP U 119 -53.59 41.74 22.61
C ASP U 119 -54.82 42.39 23.23
N ALA U 120 -55.96 42.24 22.58
CA ALA U 120 -57.16 42.93 23.06
C ALA U 120 -57.50 42.53 24.49
N LEU U 121 -57.09 41.33 24.91
CA LEU U 121 -57.40 40.81 26.24
C LEU U 121 -56.57 41.43 27.36
N ILE U 122 -55.43 42.04 27.05
CA ILE U 122 -54.69 42.80 28.05
C ILE U 122 -55.45 44.09 28.32
N THR U 123 -55.87 44.28 29.57
CA THR U 123 -56.67 45.44 29.95
C THR U 123 -55.82 46.44 30.73
N GLU U 124 -56.34 47.66 30.83
CA GLU U 124 -55.60 48.69 31.56
C GLU U 124 -55.44 48.30 33.02
N GLU U 125 -56.47 47.64 33.58
CA GLU U 125 -56.36 47.18 34.95
C GLU U 125 -55.31 46.08 35.10
N ILE U 126 -55.26 45.13 34.16
CA ILE U 126 -54.21 44.11 34.18
C ILE U 126 -52.84 44.77 34.22
N LEU U 127 -52.65 45.79 33.38
CA LEU U 127 -51.36 46.44 33.31
C LEU U 127 -51.01 47.18 34.60
N TYR U 128 -51.98 47.91 35.18
CA TYR U 128 -51.69 48.56 36.45
C TYR U 128 -51.37 47.56 37.55
N ASP U 129 -52.07 46.43 37.59
CA ASP U 129 -51.77 45.41 38.59
C ASP U 129 -50.36 44.85 38.37
N ALA U 130 -49.96 44.70 37.11
CA ALA U 130 -48.58 44.31 36.83
C ALA U 130 -47.59 45.33 37.36
N LEU U 131 -47.88 46.62 37.18
CA LEU U 131 -47.00 47.66 37.71
C LEU U 131 -46.93 47.57 39.23
N LYS U 132 -48.06 47.27 39.89
CA LYS U 132 -48.07 47.16 41.34
C LYS U 132 -47.19 46.00 41.79
N ARG U 133 -47.23 44.89 41.05
CA ARG U 133 -46.36 43.75 41.37
C ARG U 133 -44.90 44.10 41.16
N LEU U 134 -44.60 44.80 40.06
CA LEU U 134 -43.25 45.29 39.79
C LEU U 134 -42.71 46.09 40.96
N MET U 135 -43.43 47.15 41.35
CA MET U 135 -42.95 47.97 42.46
C MET U 135 -42.92 47.20 43.77
N GLY U 136 -43.70 46.12 43.90
CA GLY U 136 -43.58 45.33 45.11
C GLY U 136 -42.22 44.69 45.31
N HIS U 137 -41.42 44.57 44.24
CA HIS U 137 -40.10 43.97 44.36
C HIS U 137 -39.10 44.89 45.05
N PHE U 138 -39.45 46.16 45.27
CA PHE U 138 -38.66 47.05 46.11
C PHE U 138 -38.87 46.76 47.60
N TYR U 139 -39.62 45.72 47.91
CA TYR U 139 -39.90 45.35 49.29
C TYR U 139 -39.65 43.86 49.44
N GLU U 140 -39.69 43.39 50.68
CA GLU U 140 -39.65 41.96 50.98
C GLU U 140 -40.82 41.66 51.90
N GLY U 141 -41.49 40.53 51.64
CA GLY U 141 -42.71 40.17 52.32
C GLY U 141 -42.53 39.04 53.31
N ASN U 142 -43.25 39.16 54.43
CA ASN U 142 -43.30 38.18 55.51
C ASN U 142 -44.76 37.92 55.88
N ASP U 143 -45.27 36.74 55.54
CA ASP U 143 -46.64 36.37 55.90
C ASP U 143 -46.69 35.40 57.07
N THR U 144 -45.54 35.01 57.61
CA THR U 144 -45.56 34.10 58.75
C THR U 144 -46.07 34.79 60.01
N THR U 145 -45.71 36.06 60.21
CA THR U 145 -46.13 36.79 61.40
C THR U 145 -47.64 37.04 61.40
N SER U 146 -48.16 37.27 62.60
CA SER U 146 -49.60 37.44 62.76
C SER U 146 -50.14 38.58 61.91
N PRO U 147 -49.62 39.82 61.97
CA PRO U 147 -49.92 40.74 60.86
C PRO U 147 -48.89 40.58 59.75
N THR U 148 -49.34 40.43 58.50
CA THR U 148 -48.39 40.38 57.40
C THR U 148 -47.59 41.68 57.37
N THR U 149 -46.28 41.56 57.30
CA THR U 149 -45.37 42.71 57.35
C THR U 149 -44.42 42.70 56.17
N THR U 150 -43.92 43.89 55.86
CA THR U 150 -42.99 44.10 54.76
C THR U 150 -41.85 44.99 55.21
N SER U 151 -40.63 44.68 54.75
CA SER U 151 -39.48 45.53 55.00
C SER U 151 -38.96 46.08 53.68
N VAL U 152 -38.41 47.28 53.74
CA VAL U 152 -37.95 47.97 52.53
C VAL U 152 -36.62 47.39 52.07
N ARG U 153 -36.36 47.46 50.77
CA ARG U 153 -35.17 46.82 50.21
C ARG U 153 -34.36 47.73 49.30
N LEU U 154 -34.80 48.97 49.06
CA LEU U 154 -34.16 49.82 48.05
C LEU U 154 -32.71 50.12 48.41
N LYS U 155 -32.48 50.55 49.66
CA LYS U 155 -31.12 50.89 50.06
C LYS U 155 -30.25 49.66 50.11
N ASP U 156 -30.79 48.53 50.57
CA ASP U 156 -30.03 47.29 50.59
C ASP U 156 -29.54 46.93 49.20
N MET U 157 -30.42 47.03 48.19
CA MET U 157 -30.00 46.71 46.83
C MET U 157 -28.96 47.70 46.33
N LEU U 158 -29.21 49.00 46.56
CA LEU U 158 -28.22 50.00 46.17
C LEU U 158 -26.85 49.68 46.73
N GLN U 159 -26.81 49.16 47.96
CA GLN U 159 -25.55 48.87 48.65
C GLN U 159 -25.03 47.46 48.38
N GLY U 160 -25.54 46.77 47.37
CA GLY U 160 -24.97 45.51 46.95
C GLY U 160 -25.59 44.27 47.53
N ALA U 161 -26.62 44.42 48.37
CA ALA U 161 -27.33 43.26 48.91
C ALA U 161 -28.54 43.00 48.01
N LEU U 162 -28.27 42.31 46.91
CA LEU U 162 -29.28 42.16 45.88
C LEU U 162 -30.18 40.95 46.09
N VAL U 163 -29.69 39.92 46.78
CA VAL U 163 -30.49 38.74 47.06
C VAL U 163 -31.37 39.04 48.27
N PRO U 164 -32.67 38.71 48.21
CA PRO U 164 -33.55 38.95 49.36
C PRO U 164 -33.09 38.21 50.61
N GLN U 165 -33.46 38.75 51.78
CA GLN U 165 -33.21 38.07 53.04
C GLN U 165 -33.81 36.67 53.05
N SER U 166 -35.02 36.52 52.52
CA SER U 166 -35.72 35.24 52.57
C SER U 166 -34.95 34.14 51.84
N LEU U 167 -34.13 34.50 50.87
CA LEU U 167 -33.43 33.54 50.02
C LEU U 167 -31.95 33.38 50.40
N SER V 1 -69.05 5.22 7.12
CA SER V 1 -69.33 4.05 6.30
C SER V 1 -69.22 4.40 4.83
N LYS V 2 -68.50 3.57 4.08
CA LYS V 2 -68.26 3.78 2.66
C LYS V 2 -69.28 2.97 1.85
N ILE V 3 -69.79 3.55 0.77
CA ILE V 3 -70.78 2.90 -0.06
C ILE V 3 -70.35 2.98 -1.52
N LEU V 4 -70.44 1.86 -2.22
CA LEU V 4 -70.18 1.78 -3.65
C LEU V 4 -71.50 1.70 -4.41
N SER V 5 -71.57 2.45 -5.50
CA SER V 5 -72.70 2.39 -6.43
C SER V 5 -72.19 2.08 -7.82
N THR V 6 -72.94 1.25 -8.54
CA THR V 6 -72.65 0.97 -9.93
C THR V 6 -73.28 1.95 -10.89
N ASN V 7 -74.17 2.82 -10.39
CA ASN V 7 -74.79 3.88 -11.17
C ASN V 7 -75.62 3.33 -12.34
N ASN V 8 -76.09 2.10 -12.22
CA ASN V 8 -76.96 1.53 -13.24
C ASN V 8 -78.44 1.69 -12.89
N SER V 9 -78.76 2.32 -11.76
CA SER V 9 -80.13 2.47 -11.33
C SER V 9 -80.98 3.27 -12.32
N ASN V 10 -80.35 4.17 -13.08
CA ASN V 10 -81.08 5.00 -14.03
C ASN V 10 -81.11 4.42 -15.43
N SER V 11 -80.49 3.26 -15.64
CA SER V 11 -80.55 2.61 -16.93
C SER V 11 -81.82 1.79 -17.09
N ASN V 12 -82.19 1.56 -18.34
CA ASN V 12 -83.41 0.88 -18.74
C ASN V 12 -83.06 -0.47 -19.38
N PHE V 13 -83.40 -1.56 -18.71
CA PHE V 13 -83.10 -2.91 -19.19
C PHE V 13 -84.36 -3.77 -19.25
N VAL V 14 -84.28 -4.86 -19.99
CA VAL V 14 -85.33 -5.87 -20.07
C VAL V 14 -84.71 -7.17 -19.61
N ASP V 15 -85.33 -7.81 -18.63
CA ASP V 15 -84.86 -9.12 -18.24
C ASP V 15 -85.16 -10.10 -19.37
N THR V 16 -84.26 -11.04 -19.58
CA THR V 16 -84.51 -12.14 -20.51
C THR V 16 -83.76 -13.37 -20.03
N SER V 17 -84.30 -14.54 -20.38
CA SER V 17 -83.78 -15.79 -19.85
C SER V 17 -82.58 -16.24 -20.65
N PHE V 18 -81.55 -16.70 -19.95
CA PHE V 18 -80.31 -17.12 -20.57
C PHE V 18 -79.79 -18.27 -19.71
N THR V 19 -80.21 -19.48 -20.04
CA THR V 19 -80.02 -20.63 -19.16
C THR V 19 -78.68 -21.27 -19.46
N LEU V 20 -77.78 -21.26 -18.48
CA LEU V 20 -76.42 -21.72 -18.66
C LEU V 20 -76.33 -23.22 -18.47
N LYS V 21 -75.57 -23.87 -19.36
CA LYS V 21 -75.18 -25.27 -19.20
C LYS V 21 -73.80 -25.27 -18.53
N VAL V 22 -73.79 -25.51 -17.22
CA VAL V 22 -72.62 -25.52 -16.36
C VAL V 22 -71.95 -26.89 -16.38
N PRO V 23 -70.63 -26.95 -16.50
CA PRO V 23 -69.94 -28.25 -16.57
C PRO V 23 -69.96 -29.01 -15.25
N VAL V 24 -69.76 -30.32 -15.38
CA VAL V 24 -69.48 -31.17 -14.22
C VAL V 24 -68.04 -31.61 -14.34
N TYR V 25 -67.16 -30.82 -13.74
CA TYR V 25 -65.74 -30.94 -14.04
C TYR V 25 -65.23 -32.32 -13.63
N SER V 26 -65.69 -32.82 -12.49
CA SER V 26 -65.27 -34.12 -12.00
C SER V 26 -65.55 -35.21 -13.03
N LYS V 27 -66.75 -35.19 -13.64
CA LYS V 27 -67.07 -36.23 -14.62
C LYS V 27 -66.29 -36.05 -15.93
N ASP V 28 -66.21 -34.81 -16.43
CA ASP V 28 -65.80 -34.61 -17.82
C ASP V 28 -64.38 -34.14 -18.04
N TYR V 29 -63.84 -33.32 -17.16
CA TYR V 29 -62.64 -32.55 -17.43
C TYR V 29 -61.46 -33.04 -16.60
N ARG V 30 -60.28 -33.00 -17.19
CA ARG V 30 -59.00 -33.26 -16.54
C ARG V 30 -58.14 -32.01 -16.72
N VAL V 31 -57.03 -31.93 -16.03
CA VAL V 31 -56.22 -30.71 -16.05
C VAL V 31 -55.01 -30.91 -16.97
N THR V 32 -54.92 -30.07 -18.00
CA THR V 32 -53.80 -30.06 -18.94
C THR V 32 -52.64 -29.18 -18.47
N GLN V 33 -52.95 -28.05 -17.83
CA GLN V 33 -51.93 -27.05 -17.45
C GLN V 33 -52.30 -26.48 -16.09
N ASP V 34 -51.35 -26.49 -15.14
CA ASP V 34 -51.57 -25.88 -13.83
C ASP V 34 -50.53 -24.79 -13.53
N GLU V 35 -50.31 -23.86 -14.46
CA GLU V 35 -49.37 -22.83 -14.10
C GLU V 35 -50.01 -21.81 -13.14
N PRO V 36 -49.19 -21.11 -12.35
CA PRO V 36 -49.74 -20.29 -11.25
C PRO V 36 -50.75 -19.26 -11.70
N ASP V 37 -50.59 -18.70 -12.90
CA ASP V 37 -51.54 -17.71 -13.40
C ASP V 37 -52.42 -18.25 -14.52
N GLU V 38 -52.26 -19.50 -14.95
CA GLU V 38 -52.98 -19.95 -16.14
C GLU V 38 -53.25 -21.45 -16.01
N VAL V 39 -54.51 -21.83 -16.00
CA VAL V 39 -54.91 -23.24 -15.92
C VAL V 39 -55.63 -23.61 -17.20
N VAL V 40 -55.36 -24.81 -17.68
CA VAL V 40 -56.02 -25.36 -18.86
C VAL V 40 -56.59 -26.72 -18.51
N VAL V 41 -57.80 -26.96 -19.00
CA VAL V 41 -58.65 -28.06 -18.62
C VAL V 41 -59.19 -28.68 -19.90
N ALA V 42 -59.05 -30.00 -20.03
CA ALA V 42 -59.44 -30.71 -21.24
C ALA V 42 -60.63 -31.62 -21.00
N ASN V 43 -61.43 -31.78 -22.03
CA ASN V 43 -62.64 -32.60 -21.97
C ASN V 43 -62.27 -34.03 -22.34
N ARG V 44 -62.25 -34.90 -21.33
CA ARG V 44 -61.86 -36.29 -21.52
C ARG V 44 -62.89 -37.06 -22.35
N GLN V 45 -64.12 -36.56 -22.47
CA GLN V 45 -65.19 -37.25 -23.16
C GLN V 45 -65.04 -37.24 -24.68
N GLN V 46 -64.08 -36.49 -25.22
CA GLN V 46 -64.09 -36.35 -26.67
C GLN V 46 -63.20 -37.39 -27.32
N PRO V 47 -63.50 -37.76 -28.57
CA PRO V 47 -62.56 -38.58 -29.35
C PRO V 47 -61.32 -37.79 -29.73
N PHE V 48 -60.34 -38.43 -30.37
CA PHE V 48 -59.05 -37.74 -30.55
C PHE V 48 -59.17 -36.56 -31.49
N GLY V 49 -59.94 -36.69 -32.57
CA GLY V 49 -60.10 -35.57 -33.48
C GLY V 49 -60.62 -34.33 -32.78
N VAL V 50 -61.64 -34.51 -31.94
CA VAL V 50 -62.38 -33.39 -31.37
C VAL V 50 -61.63 -32.87 -30.14
N LYS V 51 -61.26 -31.60 -30.18
CA LYS V 51 -60.61 -30.95 -29.04
C LYS V 51 -61.61 -30.03 -28.36
N ASN V 52 -61.78 -30.23 -27.05
CA ASN V 52 -62.70 -29.46 -26.23
C ASN V 52 -61.94 -29.06 -24.97
N THR V 53 -61.57 -27.78 -24.86
CA THR V 53 -60.76 -27.31 -23.75
C THR V 53 -61.27 -25.98 -23.20
N ALA V 54 -60.85 -25.67 -21.98
CA ALA V 54 -61.16 -24.42 -21.32
C ALA V 54 -59.88 -23.89 -20.68
N ARG V 55 -59.77 -22.58 -20.62
CA ARG V 55 -58.57 -21.91 -20.15
C ARG V 55 -58.99 -20.79 -19.20
N TYR V 56 -58.37 -20.77 -18.03
CA TYR V 56 -58.75 -19.85 -16.96
C TYR V 56 -57.48 -19.15 -16.53
N GLY V 57 -57.41 -17.85 -16.70
CA GLY V 57 -56.18 -17.12 -16.45
C GLY V 57 -56.43 -15.79 -15.78
N ILE V 58 -55.44 -15.33 -15.01
CA ILE V 58 -55.46 -14.00 -14.42
C ILE V 58 -54.15 -13.30 -14.71
N ARG V 59 -54.24 -12.00 -14.97
CA ARG V 59 -53.13 -11.09 -15.13
C ARG V 59 -53.33 -9.93 -14.17
N GLN V 60 -52.24 -9.35 -13.70
CA GLN V 60 -52.34 -8.19 -12.81
C GLN V 60 -52.26 -6.91 -13.64
N ILE V 61 -53.14 -5.97 -13.33
CA ILE V 61 -53.23 -4.69 -14.03
C ILE V 61 -52.46 -3.67 -13.23
N ALA V 62 -51.40 -3.13 -13.83
CA ALA V 62 -50.54 -2.18 -13.13
C ALA V 62 -51.32 -0.95 -12.71
N ASP V 63 -51.87 -0.22 -13.69
CA ASP V 63 -52.64 1.00 -13.44
C ASP V 63 -54.02 0.77 -14.02
N VAL V 64 -55.03 0.65 -13.16
CA VAL V 64 -56.40 0.39 -13.63
C VAL V 64 -56.97 1.62 -14.34
N TYR V 65 -56.38 2.80 -14.10
CA TYR V 65 -56.80 4.03 -14.74
C TYR V 65 -56.01 4.34 -16.01
N ARG V 66 -55.14 3.43 -16.45
CA ARG V 66 -54.13 3.75 -17.45
C ARG V 66 -54.76 4.25 -18.75
N ASN V 67 -55.86 3.63 -19.18
CA ASN V 67 -56.51 3.99 -20.42
C ASN V 67 -57.84 4.69 -20.21
N THR V 68 -58.24 4.95 -18.97
CA THR V 68 -59.46 5.67 -18.69
C THR V 68 -59.18 7.16 -18.54
N THR V 69 -60.24 7.95 -18.51
CA THR V 69 -60.13 9.41 -18.45
C THR V 69 -60.66 9.97 -17.13
N ILE V 70 -60.68 9.15 -16.09
CA ILE V 70 -61.09 9.59 -14.77
C ILE V 70 -60.05 10.58 -14.24
N ASP V 71 -60.51 11.73 -13.74
CA ASP V 71 -59.56 12.72 -13.28
C ASP V 71 -58.76 12.19 -12.10
N ARG V 72 -57.49 12.62 -12.04
CA ARG V 72 -56.59 12.20 -10.98
C ARG V 72 -57.23 12.41 -9.61
N ALA V 73 -57.91 13.54 -9.44
CA ALA V 73 -58.51 13.90 -8.15
C ALA V 73 -59.55 12.89 -7.70
N TYR V 74 -60.05 12.04 -8.61
CA TYR V 74 -61.07 11.06 -8.26
C TYR V 74 -60.57 9.63 -8.42
N GLN V 75 -59.25 9.43 -8.48
CA GLN V 75 -58.72 8.08 -8.57
C GLN V 75 -58.50 7.50 -7.19
N SER V 76 -58.76 6.19 -7.05
CA SER V 76 -58.48 5.50 -5.81
C SER V 76 -56.99 5.57 -5.50
N PRO V 77 -56.61 5.50 -4.22
CA PRO V 77 -55.19 5.34 -3.90
C PRO V 77 -54.62 4.05 -4.46
N SER V 78 -55.37 2.95 -4.35
CA SER V 78 -54.96 1.65 -4.87
C SER V 78 -55.35 1.57 -6.34
N LYS V 79 -54.35 1.57 -7.21
CA LYS V 79 -54.58 1.61 -8.64
C LYS V 79 -54.38 0.25 -9.29
N LYS V 80 -54.23 -0.82 -8.50
CA LYS V 80 -54.01 -2.14 -9.04
C LYS V 80 -55.33 -2.77 -9.42
N GLY V 81 -55.31 -3.63 -10.44
CA GLY V 81 -56.48 -4.37 -10.84
C GLY V 81 -56.15 -5.83 -11.11
N THR V 82 -57.19 -6.61 -11.33
CA THR V 82 -57.06 -7.98 -11.78
C THR V 82 -57.83 -8.15 -13.09
N SER V 83 -57.22 -8.87 -14.03
CA SER V 83 -57.83 -9.17 -15.32
C SER V 83 -58.01 -10.67 -15.39
N LEU V 84 -59.26 -11.12 -15.50
CA LEU V 84 -59.60 -12.53 -15.60
C LEU V 84 -59.98 -12.86 -17.04
N VAL V 85 -59.60 -14.06 -17.46
CA VAL V 85 -59.98 -14.56 -18.77
C VAL V 85 -60.51 -15.98 -18.62
N VAL V 86 -61.60 -16.25 -19.33
CA VAL V 86 -62.24 -17.55 -19.40
C VAL V 86 -62.44 -17.84 -20.87
N GLN V 87 -61.68 -18.79 -21.41
CA GLN V 87 -61.80 -19.20 -22.81
C GLN V 87 -62.32 -20.62 -22.91
N VAL V 88 -63.24 -20.84 -23.86
CA VAL V 88 -63.68 -22.18 -24.20
C VAL V 88 -63.37 -22.41 -25.67
N THR V 89 -62.87 -23.60 -25.97
CA THR V 89 -62.48 -24.04 -27.30
C THR V 89 -63.21 -25.34 -27.60
N GLU V 90 -63.95 -25.36 -28.70
CA GLU V 90 -64.73 -26.53 -29.09
C GLU V 90 -64.38 -26.90 -30.52
N THR V 91 -64.61 -28.17 -30.85
CA THR V 91 -64.42 -28.67 -32.20
C THR V 91 -65.73 -29.26 -32.67
N TRP V 92 -66.34 -28.64 -33.68
CA TRP V 92 -67.60 -29.08 -34.25
C TRP V 92 -67.31 -29.93 -35.48
N THR V 93 -68.24 -30.82 -35.81
CA THR V 93 -68.06 -31.67 -36.98
C THR V 93 -69.29 -31.59 -37.89
N VAL V 94 -69.03 -31.67 -39.19
CA VAL V 94 -70.08 -31.66 -40.20
C VAL V 94 -70.00 -32.98 -40.93
N ALA V 95 -71.15 -33.66 -41.04
CA ALA V 95 -71.23 -34.94 -41.75
C ALA V 95 -72.53 -34.98 -42.53
N SER V 96 -72.75 -36.13 -43.19
CA SER V 96 -73.96 -36.34 -43.98
C SER V 96 -74.66 -37.62 -43.53
N THR V 97 -75.99 -37.52 -43.42
CA THR V 97 -76.82 -38.70 -43.20
C THR V 97 -76.62 -39.71 -44.32
N ASP V 98 -76.60 -39.23 -45.55
CA ASP V 98 -76.60 -40.10 -46.72
C ASP V 98 -75.21 -40.69 -46.98
N ASP V 99 -74.16 -39.90 -46.76
CA ASP V 99 -72.79 -40.27 -47.11
C ASP V 99 -71.95 -40.33 -45.85
N GLU V 100 -71.55 -41.53 -45.46
CA GLU V 100 -70.79 -41.71 -44.23
C GLU V 100 -69.34 -41.28 -44.38
N THR V 101 -68.92 -40.88 -45.58
CA THR V 101 -67.55 -40.46 -45.83
C THR V 101 -67.41 -38.95 -45.85
N TYR V 102 -68.51 -38.22 -45.94
CA TYR V 102 -68.47 -36.77 -45.99
C TYR V 102 -68.35 -36.25 -44.57
N GLY V 103 -67.33 -35.43 -44.33
CA GLY V 103 -67.14 -34.82 -43.04
C GLY V 103 -65.98 -33.84 -43.03
N TYR V 104 -66.08 -32.88 -42.12
CA TYR V 104 -64.95 -32.02 -41.80
C TYR V 104 -65.13 -31.45 -40.39
N SER V 105 -64.06 -30.86 -39.87
CA SER V 105 -64.05 -30.29 -38.53
C SER V 105 -63.90 -28.77 -38.59
N LEU V 106 -64.71 -28.09 -37.79
CA LEU V 106 -64.70 -26.64 -37.64
C LEU V 106 -64.24 -26.26 -36.25
N PRO V 107 -63.32 -25.31 -36.12
CA PRO V 107 -62.90 -24.87 -34.78
C PRO V 107 -63.69 -23.67 -34.29
N PHE V 108 -64.24 -23.76 -33.08
CA PHE V 108 -64.91 -22.64 -32.43
C PHE V 108 -64.15 -22.26 -31.19
N SER V 109 -64.06 -20.96 -30.93
CA SER V 109 -63.51 -20.50 -29.67
C SER V 109 -64.20 -19.21 -29.29
N ALA V 110 -64.24 -18.98 -27.99
CA ALA V 110 -64.78 -17.71 -27.50
C ALA V 110 -64.29 -17.54 -26.08
N HIS V 111 -64.08 -16.29 -25.70
CA HIS V 111 -63.63 -16.03 -24.35
C HIS V 111 -64.27 -14.77 -23.79
N VAL V 112 -64.16 -14.66 -22.48
CA VAL V 112 -64.65 -13.54 -21.71
C VAL V 112 -63.48 -13.00 -20.91
N ILE V 113 -63.38 -11.67 -20.86
CA ILE V 113 -62.35 -11.00 -20.08
C ILE V 113 -63.06 -10.02 -19.16
N VAL V 114 -62.61 -9.99 -17.91
CA VAL V 114 -63.22 -9.17 -16.87
C VAL V 114 -62.10 -8.42 -16.16
N ASN V 115 -62.19 -7.10 -16.13
CA ASN V 115 -61.15 -6.24 -15.58
C ASN V 115 -61.70 -5.52 -14.35
N VAL V 116 -61.33 -6.03 -13.18
CA VAL V 116 -61.92 -5.64 -11.90
C VAL V 116 -60.87 -4.90 -11.09
N PRO V 117 -61.12 -3.66 -10.67
CA PRO V 117 -60.21 -2.99 -9.74
C PRO V 117 -60.15 -3.71 -8.41
N GLN V 118 -58.99 -3.66 -7.76
CA GLN V 118 -58.81 -4.27 -6.43
C GLN V 118 -59.33 -3.29 -5.38
N ASP V 119 -60.62 -3.44 -5.04
CA ASP V 119 -61.26 -2.60 -4.04
C ASP V 119 -62.15 -3.46 -3.17
N ALA V 120 -62.10 -3.23 -1.85
CA ALA V 120 -62.83 -4.07 -0.92
C ALA V 120 -64.33 -4.07 -1.18
N LEU V 121 -64.86 -2.95 -1.71
CA LEU V 121 -66.32 -2.82 -1.84
C LEU V 121 -66.89 -3.60 -3.02
N ILE V 122 -66.07 -3.97 -4.00
CA ILE V 122 -66.57 -4.77 -5.12
C ILE V 122 -66.79 -6.20 -4.63
N THR V 123 -67.99 -6.74 -4.84
CA THR V 123 -68.34 -8.05 -4.35
C THR V 123 -68.65 -9.01 -5.50
N GLU V 124 -68.68 -10.29 -5.14
CA GLU V 124 -68.86 -11.32 -6.16
C GLU V 124 -70.21 -11.16 -6.85
N GLU V 125 -71.24 -10.79 -6.08
CA GLU V 125 -72.54 -10.57 -6.68
C GLU V 125 -72.51 -9.37 -7.63
N ILE V 126 -71.85 -8.28 -7.22
CA ILE V 126 -71.72 -7.13 -8.10
C ILE V 126 -71.12 -7.54 -9.43
N LEU V 127 -70.09 -8.39 -9.38
CA LEU V 127 -69.42 -8.80 -10.61
C LEU V 127 -70.30 -9.73 -11.46
N TYR V 128 -71.00 -10.66 -10.84
CA TYR V 128 -71.91 -11.49 -11.65
C TYR V 128 -72.99 -10.63 -12.31
N ASP V 129 -73.56 -9.67 -11.59
CA ASP V 129 -74.56 -8.80 -12.21
C ASP V 129 -73.94 -7.94 -13.31
N ALA V 130 -72.68 -7.57 -13.16
CA ALA V 130 -71.97 -6.94 -14.27
C ALA V 130 -71.92 -7.86 -15.47
N LEU V 131 -71.57 -9.14 -15.26
CA LEU V 131 -71.53 -10.08 -16.37
C LEU V 131 -72.89 -10.22 -17.03
N LYS V 132 -73.96 -10.14 -16.23
CA LYS V 132 -75.30 -10.26 -16.78
C LYS V 132 -75.63 -9.04 -17.64
N ARG V 133 -75.25 -7.85 -17.19
CA ARG V 133 -75.40 -6.65 -18.02
C ARG V 133 -74.61 -6.78 -19.31
N LEU V 134 -73.37 -7.28 -19.21
CA LEU V 134 -72.51 -7.48 -20.36
C LEU V 134 -73.14 -8.38 -21.40
N MET V 135 -73.45 -9.62 -21.01
CA MET V 135 -74.08 -10.54 -21.95
C MET V 135 -75.42 -10.04 -22.45
N GLY V 136 -76.07 -9.14 -21.70
CA GLY V 136 -77.33 -8.61 -22.21
C GLY V 136 -77.19 -7.78 -23.47
N HIS V 137 -75.99 -7.31 -23.79
CA HIS V 137 -75.75 -6.54 -25.00
C HIS V 137 -75.78 -7.39 -26.26
N PHE V 138 -75.92 -8.70 -26.13
CA PHE V 138 -76.17 -9.54 -27.30
C PHE V 138 -77.64 -9.54 -27.71
N TYR V 139 -78.46 -8.73 -27.05
CA TYR V 139 -79.87 -8.64 -27.35
C TYR V 139 -80.26 -7.16 -27.43
N GLU V 140 -81.46 -6.89 -27.91
CA GLU V 140 -82.04 -5.56 -27.89
C GLU V 140 -83.35 -5.59 -27.13
N GLY V 141 -83.53 -4.62 -26.24
CA GLY V 141 -84.70 -4.54 -25.39
C GLY V 141 -85.76 -3.62 -25.97
N ASN V 142 -87.02 -4.00 -25.74
CA ASN V 142 -88.20 -3.32 -26.26
C ASN V 142 -89.20 -3.13 -25.14
N ASP V 143 -89.22 -1.92 -24.56
CA ASP V 143 -90.21 -1.47 -23.60
C ASP V 143 -91.47 -0.90 -24.24
N THR V 144 -91.45 -0.66 -25.56
CA THR V 144 -92.64 -0.17 -26.26
C THR V 144 -93.78 -1.17 -26.13
N THR V 145 -93.49 -2.46 -26.29
CA THR V 145 -94.53 -3.47 -26.14
C THR V 145 -95.12 -3.44 -24.75
N SER V 146 -96.38 -3.85 -24.67
CA SER V 146 -97.04 -3.96 -23.38
C SER V 146 -96.35 -4.99 -22.47
N PRO V 147 -96.13 -6.28 -22.90
CA PRO V 147 -95.16 -7.11 -22.14
C PRO V 147 -93.76 -6.88 -22.71
N THR V 148 -92.75 -6.55 -21.90
CA THR V 148 -91.49 -6.09 -22.45
C THR V 148 -90.79 -7.26 -23.13
N THR V 149 -90.24 -7.04 -24.33
CA THR V 149 -89.70 -8.14 -25.13
C THR V 149 -88.28 -7.83 -25.61
N THR V 150 -87.60 -8.87 -26.07
CA THR V 150 -86.21 -8.75 -26.51
C THR V 150 -86.01 -9.51 -27.81
N SER V 151 -85.06 -9.04 -28.61
CA SER V 151 -84.72 -9.65 -29.88
C SER V 151 -83.22 -9.85 -30.00
N VAL V 152 -82.82 -10.79 -30.83
CA VAL V 152 -81.45 -11.26 -30.87
C VAL V 152 -80.67 -10.45 -31.91
N ARG V 153 -79.41 -10.15 -31.62
CA ARG V 153 -78.57 -9.36 -32.54
C ARG V 153 -77.19 -9.96 -32.78
N LEU V 154 -76.96 -11.22 -32.38
CA LEU V 154 -75.65 -11.81 -32.58
C LEU V 154 -75.33 -11.98 -34.06
N LYS V 155 -76.29 -12.50 -34.84
CA LYS V 155 -76.05 -12.66 -36.27
C LYS V 155 -75.88 -11.30 -36.93
N ASP V 156 -76.77 -10.35 -36.61
CA ASP V 156 -76.66 -9.02 -37.19
C ASP V 156 -75.26 -8.43 -36.95
N MET V 157 -74.75 -8.53 -35.72
CA MET V 157 -73.42 -8.00 -35.44
C MET V 157 -72.36 -8.74 -36.25
N LEU V 158 -72.39 -10.08 -36.24
CA LEU V 158 -71.43 -10.84 -37.02
C LEU V 158 -71.44 -10.43 -38.49
N GLN V 159 -72.59 -10.03 -39.02
CA GLN V 159 -72.67 -9.65 -40.43
C GLN V 159 -72.24 -8.22 -40.71
N GLY V 160 -71.87 -7.44 -39.68
CA GLY V 160 -71.32 -6.11 -39.87
C GLY V 160 -72.23 -5.00 -39.42
N ALA V 161 -73.45 -5.33 -38.98
CA ALA V 161 -74.43 -4.36 -38.49
C ALA V 161 -74.25 -4.22 -36.99
N LEU V 162 -73.32 -3.34 -36.63
CA LEU V 162 -72.92 -3.25 -35.23
C LEU V 162 -73.75 -2.25 -34.44
N VAL V 163 -74.41 -1.32 -35.11
CA VAL V 163 -75.31 -0.41 -34.42
C VAL V 163 -76.60 -1.16 -34.12
N PRO V 164 -77.15 -1.02 -32.93
CA PRO V 164 -78.44 -1.65 -32.62
C PRO V 164 -79.54 -1.15 -33.56
N GLN V 165 -80.59 -1.97 -33.69
CA GLN V 165 -81.73 -1.57 -34.52
C GLN V 165 -82.54 -0.48 -33.86
N SER V 166 -82.46 -0.38 -32.52
CA SER V 166 -83.18 0.65 -31.77
C SER V 166 -82.65 2.06 -32.03
N LEU V 167 -81.48 2.20 -32.66
CA LEU V 167 -80.93 3.52 -32.96
C LEU V 167 -80.87 3.77 -34.46
N SER W 1 -69.93 -48.12 -40.29
CA SER W 1 -69.56 -47.67 -41.62
C SER W 1 -68.05 -47.42 -41.65
N LYS W 2 -67.58 -46.35 -41.00
CA LYS W 2 -66.14 -46.12 -40.95
C LYS W 2 -65.49 -47.08 -39.99
N ILE W 3 -64.45 -47.77 -40.47
CA ILE W 3 -63.75 -48.79 -39.69
C ILE W 3 -62.26 -48.56 -39.85
N LEU W 4 -61.56 -48.57 -38.71
CA LEU W 4 -60.11 -48.61 -38.68
C LEU W 4 -59.67 -50.05 -38.41
N SER W 5 -58.78 -50.56 -39.25
CA SER W 5 -58.14 -51.85 -39.01
C SER W 5 -56.66 -51.63 -38.74
N THR W 6 -56.14 -52.37 -37.77
CA THR W 6 -54.71 -52.39 -37.52
C THR W 6 -53.97 -53.36 -38.43
N ASN W 7 -54.69 -54.04 -39.32
CA ASN W 7 -54.09 -54.96 -40.30
C ASN W 7 -53.23 -56.03 -39.63
N ASN W 8 -53.54 -56.39 -38.39
CA ASN W 8 -52.89 -57.50 -37.73
C ASN W 8 -53.68 -58.79 -37.85
N SER W 9 -54.77 -58.77 -38.60
CA SER W 9 -55.65 -59.92 -38.69
C SER W 9 -54.96 -61.13 -39.33
N ASN W 10 -53.93 -60.91 -40.13
CA ASN W 10 -53.21 -62.01 -40.76
C ASN W 10 -51.85 -62.27 -40.13
N SER W 11 -51.50 -61.58 -39.05
CA SER W 11 -50.30 -61.91 -38.30
C SER W 11 -50.60 -63.08 -37.35
N ASN W 12 -49.57 -63.87 -37.06
CA ASN W 12 -49.71 -65.03 -36.19
C ASN W 12 -49.07 -64.74 -34.84
N PHE W 13 -49.86 -64.78 -33.78
CA PHE W 13 -49.37 -64.48 -32.45
C PHE W 13 -49.65 -65.64 -31.50
N VAL W 14 -49.05 -65.50 -30.32
CA VAL W 14 -49.20 -66.41 -29.19
C VAL W 14 -49.33 -65.56 -27.93
N ASP W 15 -50.32 -65.87 -27.10
CA ASP W 15 -50.51 -65.07 -25.91
C ASP W 15 -49.55 -65.48 -24.81
N THR W 16 -49.14 -64.52 -23.99
CA THR W 16 -48.40 -64.82 -22.77
C THR W 16 -48.73 -63.80 -21.71
N SER W 17 -48.61 -64.20 -20.45
CA SER W 17 -49.01 -63.37 -19.33
C SER W 17 -47.88 -62.42 -18.96
N PHE W 18 -48.25 -61.18 -18.66
CA PHE W 18 -47.27 -60.14 -18.34
C PHE W 18 -47.96 -59.24 -17.30
N THR W 19 -47.81 -59.59 -16.04
CA THR W 19 -48.60 -59.00 -14.99
C THR W 19 -47.94 -57.70 -14.51
N LEU W 20 -48.63 -56.59 -14.72
CA LEU W 20 -48.06 -55.28 -14.44
C LEU W 20 -48.23 -54.92 -12.97
N LYS W 21 -47.21 -54.26 -12.43
CA LYS W 21 -47.27 -53.67 -11.09
C LYS W 21 -47.55 -52.17 -11.27
N VAL W 22 -48.83 -51.81 -11.17
CA VAL W 22 -49.36 -50.46 -11.30
C VAL W 22 -49.16 -49.67 -10.01
N PRO W 23 -48.70 -48.44 -10.05
CA PRO W 23 -48.43 -47.72 -8.81
C PRO W 23 -49.68 -47.18 -8.12
N VAL W 24 -49.63 -47.17 -6.79
CA VAL W 24 -50.63 -46.46 -5.97
C VAL W 24 -50.05 -45.07 -5.76
N TYR W 25 -50.35 -44.19 -6.72
CA TYR W 25 -49.66 -42.90 -6.74
C TYR W 25 -49.96 -42.10 -5.48
N SER W 26 -51.20 -42.20 -4.99
CA SER W 26 -51.57 -41.52 -3.76
C SER W 26 -50.65 -41.88 -2.59
N LYS W 27 -50.26 -43.16 -2.42
CA LYS W 27 -49.33 -43.45 -1.32
C LYS W 27 -47.90 -43.05 -1.66
N ASP W 28 -47.43 -43.42 -2.85
CA ASP W 28 -45.98 -43.43 -3.04
C ASP W 28 -45.40 -42.18 -3.69
N TYR W 29 -46.15 -41.50 -4.55
CA TYR W 29 -45.52 -40.54 -5.45
C TYR W 29 -45.99 -39.12 -5.18
N ARG W 30 -45.07 -38.18 -5.38
CA ARG W 30 -45.33 -36.75 -5.22
C ARG W 30 -44.74 -36.01 -6.42
N VAL W 31 -45.21 -34.79 -6.67
CA VAL W 31 -44.84 -34.10 -7.91
C VAL W 31 -43.61 -33.23 -7.69
N THR W 32 -42.55 -33.53 -8.44
CA THR W 32 -41.34 -32.72 -8.56
C THR W 32 -41.44 -31.65 -9.64
N GLN W 33 -42.06 -31.97 -10.78
CA GLN W 33 -42.16 -31.01 -11.88
C GLN W 33 -43.56 -31.10 -12.46
N ASP W 34 -44.25 -29.95 -12.56
CA ASP W 34 -45.58 -29.85 -13.14
C ASP W 34 -45.59 -28.85 -14.30
N GLU W 35 -44.68 -29.00 -15.26
CA GLU W 35 -44.80 -28.06 -16.35
C GLU W 35 -45.71 -28.67 -17.43
N PRO W 36 -46.31 -27.84 -18.30
CA PRO W 36 -47.50 -28.26 -19.05
C PRO W 36 -47.35 -29.54 -19.85
N ASP W 37 -46.17 -29.74 -20.44
CA ASP W 37 -45.89 -30.88 -21.30
C ASP W 37 -44.92 -31.87 -20.68
N GLU W 38 -44.48 -31.64 -19.44
CA GLU W 38 -43.53 -32.57 -18.81
C GLU W 38 -43.81 -32.58 -17.31
N VAL W 39 -44.11 -33.76 -16.80
CA VAL W 39 -44.36 -33.95 -15.38
C VAL W 39 -43.35 -34.96 -14.85
N VAL W 40 -42.70 -34.60 -13.76
CA VAL W 40 -41.78 -35.47 -13.05
C VAL W 40 -42.35 -35.75 -11.68
N VAL W 41 -42.23 -36.99 -11.26
CA VAL W 41 -42.87 -37.52 -10.07
C VAL W 41 -41.86 -38.38 -9.34
N ALA W 42 -41.73 -38.17 -8.04
CA ALA W 42 -40.74 -38.84 -7.23
C ALA W 42 -41.41 -39.79 -6.24
N ASN W 43 -40.67 -40.85 -5.90
CA ASN W 43 -41.15 -41.91 -5.02
C ASN W 43 -40.81 -41.53 -3.58
N ARG W 44 -41.86 -41.23 -2.81
CA ARG W 44 -41.70 -40.85 -1.41
C ARG W 44 -41.06 -41.94 -0.57
N GLN W 45 -41.25 -43.22 -0.95
CA GLN W 45 -40.92 -44.34 -0.07
C GLN W 45 -39.43 -44.65 0.00
N GLN W 46 -38.63 -44.15 -0.94
CA GLN W 46 -37.22 -44.51 -0.93
C GLN W 46 -36.48 -43.72 0.14
N PRO W 47 -35.39 -44.27 0.69
CA PRO W 47 -34.52 -43.49 1.57
C PRO W 47 -33.72 -42.45 0.80
N PHE W 48 -32.93 -41.62 1.49
CA PHE W 48 -32.37 -40.45 0.81
C PHE W 48 -31.36 -40.84 -0.25
N GLY W 49 -30.65 -41.95 -0.06
CA GLY W 49 -29.72 -42.39 -1.08
C GLY W 49 -30.41 -42.78 -2.37
N VAL W 50 -31.48 -43.56 -2.26
CA VAL W 50 -32.12 -44.15 -3.44
C VAL W 50 -33.02 -43.12 -4.10
N LYS W 51 -32.87 -42.98 -5.42
CA LYS W 51 -33.67 -42.07 -6.21
C LYS W 51 -34.57 -42.88 -7.14
N ASN W 52 -35.88 -42.64 -7.05
CA ASN W 52 -36.89 -43.38 -7.81
C ASN W 52 -37.86 -42.35 -8.40
N THR W 53 -37.84 -42.17 -9.71
CA THR W 53 -38.68 -41.16 -10.35
C THR W 53 -39.37 -41.72 -11.59
N ALA W 54 -40.39 -41.00 -12.02
CA ALA W 54 -41.12 -41.30 -13.23
C ALA W 54 -41.39 -39.98 -13.94
N ARG W 55 -41.34 -40.01 -15.26
CA ARG W 55 -41.44 -38.80 -16.08
C ARG W 55 -42.47 -39.07 -17.17
N TYR W 56 -43.39 -38.12 -17.35
CA TYR W 56 -44.49 -38.27 -18.29
C TYR W 56 -44.48 -37.02 -19.15
N GLY W 57 -44.34 -37.20 -20.46
CA GLY W 57 -44.21 -36.04 -21.34
C GLY W 57 -44.87 -36.27 -22.68
N ILE W 58 -45.39 -35.18 -23.26
CA ILE W 58 -45.89 -35.24 -24.63
C ILE W 58 -45.23 -34.14 -25.45
N ARG W 59 -45.11 -34.44 -26.74
CA ARG W 59 -44.60 -33.53 -27.76
C ARG W 59 -45.58 -33.56 -28.92
N GLN W 60 -45.79 -32.42 -29.56
CA GLN W 60 -46.68 -32.38 -30.71
C GLN W 60 -45.89 -32.74 -31.96
N ILE W 61 -46.47 -33.62 -32.78
CA ILE W 61 -45.83 -34.11 -33.99
C ILE W 61 -46.37 -33.32 -35.17
N ALA W 62 -45.46 -32.71 -35.92
CA ALA W 62 -45.86 -31.79 -36.97
C ALA W 62 -46.49 -32.53 -38.14
N ASP W 63 -45.78 -33.52 -38.67
CA ASP W 63 -46.24 -34.35 -39.79
C ASP W 63 -45.94 -35.79 -39.43
N VAL W 64 -46.98 -36.56 -39.11
CA VAL W 64 -46.77 -37.94 -38.71
C VAL W 64 -46.33 -38.79 -39.91
N TYR W 65 -46.48 -38.27 -41.13
CA TYR W 65 -46.12 -38.98 -42.35
C TYR W 65 -44.70 -38.69 -42.82
N ARG W 66 -43.93 -37.89 -42.08
CA ARG W 66 -42.72 -37.30 -42.63
C ARG W 66 -41.54 -38.27 -42.68
N ASN W 67 -41.24 -38.95 -41.57
CA ASN W 67 -40.14 -39.87 -41.65
C ASN W 67 -40.53 -41.22 -42.27
N THR W 68 -41.81 -41.46 -42.48
CA THR W 68 -42.32 -42.78 -42.82
C THR W 68 -42.21 -43.06 -44.32
N THR W 69 -42.36 -44.33 -44.67
CA THR W 69 -42.56 -44.73 -46.06
C THR W 69 -44.01 -44.57 -46.48
N ILE W 70 -44.91 -44.50 -45.50
CA ILE W 70 -46.28 -44.11 -45.78
C ILE W 70 -46.32 -42.64 -46.13
N ASP W 71 -47.25 -42.27 -47.00
CA ASP W 71 -47.58 -40.87 -47.21
C ASP W 71 -49.08 -40.71 -47.30
N ARG W 72 -49.52 -39.47 -47.20
CA ARG W 72 -50.89 -39.15 -46.85
C ARG W 72 -51.79 -39.25 -48.07
N ALA W 73 -52.84 -40.07 -47.99
CA ALA W 73 -53.85 -40.12 -49.03
C ALA W 73 -54.75 -38.89 -48.95
N TYR W 74 -55.50 -38.64 -50.02
CA TYR W 74 -56.07 -37.31 -50.18
C TYR W 74 -57.18 -37.01 -49.17
N GLN W 75 -57.77 -38.04 -48.60
CA GLN W 75 -58.90 -37.91 -47.70
C GLN W 75 -58.51 -38.21 -46.26
N SER W 76 -57.28 -37.88 -45.90
CA SER W 76 -56.88 -38.03 -44.51
C SER W 76 -57.31 -36.79 -43.72
N PRO W 77 -57.76 -36.99 -42.47
CA PRO W 77 -58.21 -35.84 -41.67
C PRO W 77 -57.10 -34.85 -41.33
N SER W 78 -55.94 -35.35 -40.90
CA SER W 78 -54.85 -34.47 -40.49
C SER W 78 -53.53 -35.20 -40.67
N LYS W 79 -52.47 -34.40 -40.73
CA LYS W 79 -51.11 -34.90 -40.60
C LYS W 79 -50.62 -34.85 -39.16
N LYS W 80 -51.40 -34.24 -38.26
CA LYS W 80 -50.91 -33.95 -36.93
C LYS W 80 -50.72 -35.25 -36.13
N GLY W 81 -49.91 -35.16 -35.08
CA GLY W 81 -49.77 -36.30 -34.19
C GLY W 81 -49.38 -35.87 -32.79
N THR W 82 -49.34 -36.85 -31.89
CA THR W 82 -48.85 -36.62 -30.54
C THR W 82 -47.89 -37.74 -30.17
N SER W 83 -46.81 -37.37 -29.49
CA SER W 83 -45.78 -38.31 -29.08
C SER W 83 -45.74 -38.32 -27.56
N LEU W 84 -45.94 -39.50 -26.97
CA LEU W 84 -45.98 -39.67 -25.53
C LEU W 84 -44.73 -40.42 -25.08
N VAL W 85 -44.19 -40.01 -23.93
CA VAL W 85 -43.07 -40.70 -23.32
C VAL W 85 -43.41 -40.96 -21.86
N VAL W 86 -43.08 -42.17 -21.42
CA VAL W 86 -43.22 -42.60 -20.04
C VAL W 86 -41.88 -43.19 -19.64
N GLN W 87 -41.22 -42.56 -18.67
CA GLN W 87 -39.90 -43.00 -18.22
C GLN W 87 -39.94 -43.34 -16.74
N VAL W 88 -39.23 -44.41 -16.39
CA VAL W 88 -39.02 -44.77 -15.00
C VAL W 88 -37.52 -44.80 -14.76
N THR W 89 -37.12 -44.30 -13.59
CA THR W 89 -35.73 -44.22 -13.15
C THR W 89 -35.65 -44.81 -11.76
N GLU W 90 -34.78 -45.81 -11.59
CA GLU W 90 -34.63 -46.47 -10.31
C GLU W 90 -33.16 -46.49 -9.91
N THR W 91 -32.94 -46.64 -8.62
CA THR W 91 -31.59 -46.72 -8.05
C THR W 91 -31.48 -48.03 -7.29
N TRP W 92 -30.74 -48.98 -7.86
CA TRP W 92 -30.53 -50.28 -7.24
C TRP W 92 -29.25 -50.22 -6.42
N THR W 93 -29.18 -51.04 -5.37
CA THR W 93 -28.02 -50.97 -4.47
C THR W 93 -27.42 -52.35 -4.25
N VAL W 94 -26.10 -52.42 -4.39
CA VAL W 94 -25.33 -53.63 -4.13
C VAL W 94 -24.60 -53.45 -2.82
N ALA W 95 -24.74 -54.43 -1.92
CA ALA W 95 -24.05 -54.45 -0.64
C ALA W 95 -23.44 -55.83 -0.42
N SER W 96 -22.69 -55.97 0.67
CA SER W 96 -22.05 -57.23 1.01
C SER W 96 -22.37 -57.60 2.45
N THR W 97 -22.68 -58.89 2.66
CA THR W 97 -22.90 -59.43 4.00
C THR W 97 -21.60 -59.67 4.76
N ASP W 98 -20.46 -59.63 4.07
CA ASP W 98 -19.15 -59.76 4.70
C ASP W 98 -18.62 -58.42 5.17
N ASP W 99 -18.59 -57.44 4.27
CA ASP W 99 -17.98 -56.14 4.51
C ASP W 99 -19.06 -55.07 4.59
N GLU W 100 -19.08 -54.34 5.71
CA GLU W 100 -19.97 -53.19 5.80
C GLU W 100 -19.48 -52.04 4.94
N THR W 101 -18.20 -52.02 4.56
CA THR W 101 -17.65 -50.94 3.76
C THR W 101 -18.06 -51.07 2.30
N TYR W 102 -18.28 -52.28 1.82
CA TYR W 102 -18.46 -52.51 0.40
C TYR W 102 -19.89 -52.26 -0.01
N GLY W 103 -20.07 -51.36 -0.97
CA GLY W 103 -21.36 -51.10 -1.56
C GLY W 103 -21.26 -50.11 -2.69
N TYR W 104 -22.27 -50.15 -3.56
CA TYR W 104 -22.40 -49.15 -4.62
C TYR W 104 -23.84 -49.10 -5.10
N SER W 105 -24.12 -48.09 -5.92
CA SER W 105 -25.45 -47.86 -6.48
C SER W 105 -25.40 -47.99 -7.99
N LEU W 106 -26.36 -48.70 -8.55
CA LEU W 106 -26.52 -48.87 -9.98
C LEU W 106 -27.71 -48.08 -10.45
N PRO W 107 -27.58 -47.27 -11.48
CA PRO W 107 -28.74 -46.53 -12.00
C PRO W 107 -29.44 -47.32 -13.10
N PHE W 108 -30.74 -47.53 -12.96
CA PHE W 108 -31.53 -48.16 -14.01
C PHE W 108 -32.50 -47.13 -14.60
N SER W 109 -32.66 -47.18 -15.91
CA SER W 109 -33.72 -46.35 -16.48
C SER W 109 -34.33 -47.04 -17.68
N ALA W 110 -35.57 -46.69 -17.97
CA ALA W 110 -36.20 -47.23 -19.16
C ALA W 110 -37.39 -46.35 -19.50
N HIS W 111 -37.74 -46.32 -20.78
CA HIS W 111 -38.89 -45.52 -21.16
C HIS W 111 -39.58 -46.12 -22.37
N VAL W 112 -40.81 -45.66 -22.57
CA VAL W 112 -41.65 -46.05 -23.68
C VAL W 112 -42.05 -44.78 -24.39
N ILE W 113 -42.09 -44.83 -25.71
CA ILE W 113 -42.51 -43.71 -26.54
C ILE W 113 -43.56 -44.23 -27.52
N VAL W 114 -44.63 -43.46 -27.67
CA VAL W 114 -45.78 -43.85 -28.48
C VAL W 114 -46.13 -42.68 -29.39
N ASN W 115 -46.30 -42.94 -30.68
CA ASN W 115 -46.49 -41.88 -31.67
C ASN W 115 -47.85 -42.05 -32.35
N VAL W 116 -48.85 -41.38 -31.80
CA VAL W 116 -50.26 -41.61 -32.16
C VAL W 116 -50.69 -40.54 -33.15
N PRO W 117 -51.17 -40.92 -34.34
CA PRO W 117 -51.78 -39.93 -35.24
C PRO W 117 -53.07 -39.35 -34.69
N GLN W 118 -53.44 -38.18 -35.21
CA GLN W 118 -54.68 -37.50 -34.81
C GLN W 118 -55.81 -37.96 -35.73
N ASP W 119 -56.39 -39.10 -35.39
CA ASP W 119 -57.60 -39.57 -36.05
C ASP W 119 -58.54 -40.10 -34.97
N ALA W 120 -59.80 -39.65 -35.02
CA ALA W 120 -60.73 -39.96 -33.94
C ALA W 120 -61.03 -41.46 -33.84
N LEU W 121 -60.85 -42.21 -34.93
CA LEU W 121 -61.11 -43.65 -34.90
C LEU W 121 -60.06 -44.45 -34.14
N ILE W 122 -58.88 -43.86 -33.87
CA ILE W 122 -57.95 -44.49 -32.94
C ILE W 122 -58.52 -44.36 -31.54
N THR W 123 -58.72 -45.51 -30.87
CA THR W 123 -59.34 -45.52 -29.56
C THR W 123 -58.30 -45.90 -28.50
N GLU W 124 -58.67 -45.63 -27.25
CA GLU W 124 -57.75 -45.91 -26.15
C GLU W 124 -57.43 -47.39 -26.11
N GLU W 125 -58.44 -48.23 -26.40
CA GLU W 125 -58.19 -49.66 -26.41
C GLU W 125 -57.28 -50.06 -27.57
N ILE W 126 -57.47 -49.46 -28.75
CA ILE W 126 -56.58 -49.76 -29.88
C ILE W 126 -55.15 -49.50 -29.47
N LEU W 127 -54.93 -48.39 -28.77
CA LEU W 127 -53.56 -48.03 -28.37
C LEU W 127 -53.01 -48.99 -27.33
N TYR W 128 -53.80 -49.37 -26.33
CA TYR W 128 -53.29 -50.34 -25.36
C TYR W 128 -52.96 -51.67 -26.03
N ASP W 129 -53.80 -52.14 -26.95
CA ASP W 129 -53.49 -53.40 -27.62
C ASP W 129 -52.26 -53.27 -28.50
N ALA W 130 -52.03 -52.09 -29.06
CA ALA W 130 -50.77 -51.83 -29.74
C ALA W 130 -49.59 -51.97 -28.79
N LEU W 131 -49.71 -51.40 -27.59
CA LEU W 131 -48.64 -51.54 -26.59
C LEU W 131 -48.40 -53.01 -26.25
N LYS W 132 -49.48 -53.81 -26.20
CA LYS W 132 -49.34 -55.23 -25.90
C LYS W 132 -48.58 -55.95 -27.01
N ARG W 133 -48.91 -55.63 -28.27
CA ARG W 133 -48.15 -56.17 -29.40
C ARG W 133 -46.69 -55.76 -29.32
N LEU W 134 -46.43 -54.50 -28.96
CA LEU W 134 -45.08 -53.97 -28.80
C LEU W 134 -44.28 -54.80 -27.81
N MET W 135 -44.74 -54.85 -26.56
CA MET W 135 -44.04 -55.61 -25.54
C MET W 135 -43.92 -57.09 -25.90
N GLY W 136 -44.81 -57.61 -26.75
CA GLY W 136 -44.65 -58.99 -27.17
C GLY W 136 -43.33 -59.28 -27.85
N HIS W 137 -42.70 -58.28 -28.45
CA HIS W 137 -41.43 -58.48 -29.14
C HIS W 137 -40.27 -58.76 -28.21
N PHE W 138 -40.49 -58.70 -26.89
CA PHE W 138 -39.50 -59.17 -25.94
C PHE W 138 -39.56 -60.67 -25.74
N TYR W 139 -40.30 -61.37 -26.60
CA TYR W 139 -40.51 -62.80 -26.50
C TYR W 139 -40.54 -63.40 -27.89
N GLU W 140 -40.50 -64.73 -27.96
CA GLU W 140 -40.71 -65.49 -29.19
C GLU W 140 -41.79 -66.52 -28.92
N GLY W 141 -42.67 -66.74 -29.90
CA GLY W 141 -43.77 -67.66 -29.72
C GLY W 141 -43.70 -68.88 -30.62
N ASN W 142 -44.44 -69.94 -30.25
CA ASN W 142 -44.49 -71.18 -31.01
C ASN W 142 -45.94 -71.56 -31.25
N ASP W 143 -46.36 -71.60 -32.52
CA ASP W 143 -47.69 -72.15 -32.79
C ASP W 143 -47.72 -73.65 -32.62
N THR W 144 -46.55 -74.29 -32.67
CA THR W 144 -46.50 -75.74 -32.83
C THR W 144 -47.10 -76.48 -31.64
N THR W 145 -46.64 -76.18 -30.44
CA THR W 145 -47.07 -76.91 -29.26
C THR W 145 -48.57 -76.75 -29.04
N SER W 146 -49.14 -77.76 -28.40
CA SER W 146 -50.57 -77.71 -28.15
C SER W 146 -50.94 -76.65 -27.12
N PRO W 147 -50.26 -76.54 -25.98
CA PRO W 147 -50.31 -75.24 -25.32
C PRO W 147 -49.20 -74.40 -25.91
N THR W 148 -49.55 -73.22 -26.43
CA THR W 148 -48.56 -72.39 -27.09
C THR W 148 -47.49 -72.00 -26.08
N THR W 149 -46.23 -72.04 -26.52
CA THR W 149 -45.11 -71.75 -25.65
C THR W 149 -44.40 -70.50 -26.13
N THR W 150 -43.89 -69.73 -25.16
CA THR W 150 -43.13 -68.52 -25.42
C THR W 150 -41.82 -68.57 -24.67
N SER W 151 -40.74 -68.22 -25.36
CA SER W 151 -39.42 -68.07 -24.75
C SER W 151 -39.04 -66.59 -24.74
N VAL W 152 -37.99 -66.27 -24.01
CA VAL W 152 -37.64 -64.88 -23.72
C VAL W 152 -36.49 -64.43 -24.60
N ARG W 153 -36.46 -63.12 -24.85
CA ARG W 153 -35.46 -62.51 -25.71
C ARG W 153 -34.56 -61.50 -25.01
N LEU W 154 -35.01 -60.88 -23.91
CA LEU W 154 -34.34 -59.70 -23.40
C LEU W 154 -32.84 -59.95 -23.19
N LYS W 155 -32.48 -61.08 -22.60
CA LYS W 155 -31.07 -61.40 -22.41
C LYS W 155 -30.36 -61.47 -23.76
N ASP W 156 -30.85 -62.33 -24.66
CA ASP W 156 -30.16 -62.53 -25.93
C ASP W 156 -30.00 -61.21 -26.69
N MET W 157 -31.01 -60.33 -26.61
CA MET W 157 -30.91 -59.04 -27.28
C MET W 157 -29.84 -58.16 -26.64
N LEU W 158 -29.92 -57.98 -25.32
CA LEU W 158 -28.92 -57.18 -24.63
C LEU W 158 -27.52 -57.71 -24.86
N GLN W 159 -27.39 -59.02 -25.12
CA GLN W 159 -26.11 -59.64 -25.40
C GLN W 159 -25.66 -59.48 -26.84
N GLY W 160 -26.52 -58.95 -27.72
CA GLY W 160 -26.16 -58.70 -29.10
C GLY W 160 -26.78 -59.64 -30.12
N ALA W 161 -27.56 -60.62 -29.67
CA ALA W 161 -28.27 -61.53 -30.58
C ALA W 161 -29.61 -60.87 -30.92
N LEU W 162 -29.55 -59.93 -31.86
CA LEU W 162 -30.72 -59.10 -32.10
C LEU W 162 -31.72 -59.76 -33.05
N VAL W 163 -31.31 -60.78 -33.79
CA VAL W 163 -32.25 -61.48 -34.64
C VAL W 163 -32.98 -62.50 -33.77
N PRO W 164 -34.29 -62.64 -33.92
CA PRO W 164 -34.99 -63.72 -33.21
C PRO W 164 -34.40 -65.08 -33.57
N GLN W 165 -34.29 -65.93 -32.56
CA GLN W 165 -33.73 -67.27 -32.75
C GLN W 165 -34.64 -68.14 -33.59
N SER W 166 -35.91 -67.77 -33.72
CA SER W 166 -36.84 -68.48 -34.61
C SER W 166 -36.49 -68.28 -36.07
N LEU W 167 -35.88 -67.15 -36.42
CA LEU W 167 -35.52 -66.86 -37.81
C LEU W 167 -34.19 -67.48 -38.19
N SER X 1 -25.46 -55.22 10.36
CA SER X 1 -26.31 -54.17 9.81
C SER X 1 -25.88 -52.82 10.37
N LYS X 2 -26.28 -51.75 9.69
CA LYS X 2 -25.87 -50.39 10.02
C LYS X 2 -26.95 -49.70 10.85
N ILE X 3 -26.51 -48.94 11.85
CA ILE X 3 -27.41 -48.25 12.76
C ILE X 3 -26.94 -46.81 12.93
N LEU X 4 -27.91 -45.89 12.96
CA LEU X 4 -27.66 -44.49 13.28
C LEU X 4 -28.18 -44.20 14.67
N SER X 5 -27.39 -43.45 15.46
CA SER X 5 -27.82 -42.94 16.75
C SER X 5 -27.69 -41.43 16.74
N THR X 6 -28.70 -40.77 17.30
CA THR X 6 -28.64 -39.33 17.50
C THR X 6 -27.92 -38.94 18.78
N ASN X 7 -27.52 -39.93 19.58
CA ASN X 7 -26.77 -39.69 20.82
C ASN X 7 -27.56 -38.85 21.83
N ASN X 8 -28.86 -38.71 21.65
CA ASN X 8 -29.70 -38.03 22.62
C ASN X 8 -30.25 -38.97 23.67
N SER X 9 -29.75 -40.21 23.71
CA SER X 9 -30.29 -41.21 24.64
C SER X 9 -30.14 -40.78 26.08
N ASN X 10 -29.00 -40.19 26.45
CA ASN X 10 -28.70 -39.86 27.84
C ASN X 10 -28.98 -38.40 28.19
N SER X 11 -29.40 -37.59 27.23
CA SER X 11 -29.71 -36.20 27.52
C SER X 11 -31.09 -36.09 28.17
N ASN X 12 -31.27 -35.06 29.00
CA ASN X 12 -32.46 -34.94 29.85
C ASN X 12 -33.41 -33.91 29.29
N PHE X 13 -34.66 -34.32 29.03
CA PHE X 13 -35.68 -33.43 28.52
C PHE X 13 -36.93 -33.50 29.38
N VAL X 14 -37.78 -32.51 29.15
CA VAL X 14 -39.14 -32.45 29.68
C VAL X 14 -40.08 -32.22 28.51
N ASP X 15 -41.10 -33.07 28.38
CA ASP X 15 -42.02 -32.89 27.28
C ASP X 15 -42.94 -31.69 27.56
N THR X 16 -43.36 -31.02 26.50
CA THR X 16 -44.41 -30.01 26.62
C THR X 16 -45.21 -29.94 25.33
N SER X 17 -46.47 -29.51 25.45
CA SER X 17 -47.39 -29.56 24.32
C SER X 17 -47.24 -28.34 23.44
N PHE X 18 -47.28 -28.56 22.13
CA PHE X 18 -47.08 -27.49 21.16
C PHE X 18 -47.95 -27.86 19.95
N THR X 19 -49.20 -27.42 19.97
CA THR X 19 -50.19 -27.90 19.01
C THR X 19 -50.14 -27.04 17.76
N LEU X 20 -49.79 -27.67 16.64
CA LEU X 20 -49.60 -26.95 15.39
C LEU X 20 -50.92 -26.71 14.68
N LYS X 21 -51.08 -25.50 14.17
CA LYS X 21 -52.20 -25.17 13.27
C LYS X 21 -51.69 -25.36 11.84
N VAL X 22 -52.08 -26.50 11.23
CA VAL X 22 -51.66 -26.91 9.90
C VAL X 22 -52.60 -26.34 8.84
N PRO X 23 -52.07 -25.76 7.77
CA PRO X 23 -52.93 -25.16 6.75
C PRO X 23 -53.72 -26.18 5.94
N VAL X 24 -54.90 -25.77 5.52
CA VAL X 24 -55.68 -26.48 4.50
C VAL X 24 -55.43 -25.73 3.21
N TYR X 25 -54.41 -26.17 2.47
CA TYR X 25 -53.94 -25.39 1.33
C TYR X 25 -55.02 -25.27 0.28
N SER X 26 -55.75 -26.36 0.04
CA SER X 26 -56.83 -26.35 -0.92
C SER X 26 -57.84 -25.21 -0.67
N LYS X 27 -58.18 -24.93 0.59
CA LYS X 27 -59.13 -23.83 0.79
C LYS X 27 -58.44 -22.47 0.83
N ASP X 28 -57.27 -22.36 1.46
CA ASP X 28 -56.79 -21.00 1.76
C ASP X 28 -55.71 -20.48 0.81
N TYR X 29 -54.95 -21.33 0.14
CA TYR X 29 -53.76 -20.84 -0.53
C TYR X 29 -53.83 -21.04 -2.04
N ARG X 30 -53.00 -20.26 -2.73
CA ARG X 30 -52.71 -20.42 -4.14
C ARG X 30 -51.19 -20.32 -4.33
N VAL X 31 -50.73 -20.73 -5.50
CA VAL X 31 -49.30 -20.72 -5.78
C VAL X 31 -48.93 -19.42 -6.49
N THR X 32 -48.00 -18.67 -5.89
CA THR X 32 -47.44 -17.45 -6.45
C THR X 32 -46.25 -17.73 -7.36
N GLN X 33 -45.34 -18.62 -6.94
CA GLN X 33 -44.16 -18.91 -7.73
C GLN X 33 -43.93 -20.41 -7.73
N ASP X 34 -43.76 -20.99 -8.92
CA ASP X 34 -43.50 -22.42 -9.10
C ASP X 34 -42.16 -22.56 -9.79
N GLU X 35 -41.09 -22.53 -8.99
CA GLU X 35 -39.73 -22.77 -9.45
C GLU X 35 -39.26 -24.13 -8.97
N PRO X 36 -38.24 -24.70 -9.61
CA PRO X 36 -37.78 -26.02 -9.18
C PRO X 36 -37.17 -26.03 -7.79
N ASP X 37 -36.62 -24.90 -7.35
CA ASP X 37 -35.94 -24.83 -6.07
C ASP X 37 -36.69 -24.01 -5.04
N GLU X 38 -37.69 -23.23 -5.45
CA GLU X 38 -38.30 -22.23 -4.58
C GLU X 38 -39.76 -22.11 -4.99
N VAL X 39 -40.67 -22.46 -4.09
CA VAL X 39 -42.09 -22.30 -4.31
C VAL X 39 -42.61 -21.23 -3.36
N VAL X 40 -43.47 -20.36 -3.87
CA VAL X 40 -44.10 -19.32 -3.06
C VAL X 40 -45.60 -19.48 -3.16
N VAL X 41 -46.25 -19.35 -2.01
CA VAL X 41 -47.65 -19.63 -1.80
C VAL X 41 -48.24 -18.42 -1.09
N ALA X 42 -49.50 -18.11 -1.38
CA ALA X 42 -50.14 -16.92 -0.85
C ALA X 42 -51.58 -17.24 -0.42
N ASN X 43 -52.05 -16.51 0.58
CA ASN X 43 -53.39 -16.70 1.11
C ASN X 43 -54.33 -15.81 0.31
N ARG X 44 -55.16 -16.44 -0.52
CA ARG X 44 -56.13 -15.72 -1.33
C ARG X 44 -57.38 -15.30 -0.56
N GLN X 45 -57.58 -15.82 0.66
CA GLN X 45 -58.73 -15.45 1.47
C GLN X 45 -58.54 -14.14 2.24
N GLN X 46 -57.30 -13.75 2.49
CA GLN X 46 -57.03 -12.50 3.20
C GLN X 46 -57.60 -11.33 2.41
N PRO X 47 -58.06 -10.27 3.08
CA PRO X 47 -58.38 -9.02 2.37
C PRO X 47 -57.12 -8.45 1.70
N PHE X 48 -57.33 -7.43 0.86
CA PHE X 48 -56.26 -6.98 -0.02
C PHE X 48 -55.09 -6.41 0.77
N GLY X 49 -55.37 -5.65 1.83
CA GLY X 49 -54.29 -5.07 2.61
C GLY X 49 -53.38 -6.11 3.24
N VAL X 50 -53.95 -7.22 3.70
CA VAL X 50 -53.21 -8.20 4.49
C VAL X 50 -52.64 -9.27 3.56
N LYS X 51 -51.33 -9.28 3.42
CA LYS X 51 -50.65 -10.27 2.61
C LYS X 51 -50.12 -11.37 3.54
N ASN X 52 -50.66 -12.57 3.39
CA ASN X 52 -50.23 -13.75 4.14
C ASN X 52 -49.58 -14.73 3.16
N THR X 53 -48.26 -14.93 3.26
CA THR X 53 -47.50 -15.74 2.31
C THR X 53 -46.59 -16.74 3.00
N ALA X 54 -46.10 -17.70 2.21
CA ALA X 54 -45.20 -18.74 2.68
C ALA X 54 -44.29 -19.14 1.54
N ARG X 55 -43.09 -19.58 1.89
CA ARG X 55 -42.04 -19.84 0.91
C ARG X 55 -41.33 -21.13 1.30
N TYR X 56 -41.13 -22.02 0.33
CA TYR X 56 -40.58 -23.34 0.57
C TYR X 56 -39.44 -23.52 -0.41
N GLY X 57 -38.23 -23.67 0.10
CA GLY X 57 -37.05 -23.66 -0.76
C GLY X 57 -36.04 -24.70 -0.37
N ILE X 58 -35.28 -25.15 -1.36
CA ILE X 58 -34.20 -26.11 -1.13
C ILE X 58 -32.96 -25.65 -1.90
N ARG X 59 -31.85 -25.53 -1.19
CA ARG X 59 -30.52 -25.37 -1.75
C ARG X 59 -29.78 -26.68 -1.53
N GLN X 60 -28.81 -27.00 -2.38
CA GLN X 60 -28.07 -28.23 -2.20
C GLN X 60 -26.70 -27.93 -1.61
N ILE X 61 -26.36 -28.66 -0.55
CA ILE X 61 -25.15 -28.40 0.24
C ILE X 61 -24.01 -29.22 -0.33
N ALA X 62 -22.92 -28.53 -0.67
CA ALA X 62 -21.80 -29.19 -1.33
C ALA X 62 -20.99 -30.04 -0.35
N ASP X 63 -20.58 -29.47 0.77
CA ASP X 63 -19.87 -30.18 1.83
C ASP X 63 -20.62 -29.92 3.12
N VAL X 64 -21.32 -30.94 3.61
CA VAL X 64 -22.08 -30.78 4.84
C VAL X 64 -21.15 -30.62 6.05
N TYR X 65 -19.87 -30.96 5.88
CA TYR X 65 -18.87 -30.86 6.94
C TYR X 65 -18.09 -29.56 6.91
N ARG X 66 -18.51 -28.58 6.09
CA ARG X 66 -17.64 -27.43 5.81
C ARG X 66 -17.39 -26.62 7.08
N ASN X 67 -18.44 -26.32 7.84
CA ASN X 67 -18.31 -25.48 9.02
C ASN X 67 -18.44 -26.29 10.30
N THR X 68 -18.00 -27.55 10.28
CA THR X 68 -18.06 -28.45 11.43
C THR X 68 -16.66 -28.81 11.90
N THR X 69 -16.61 -29.35 13.12
CA THR X 69 -15.36 -29.72 13.77
C THR X 69 -15.02 -31.20 13.57
N ILE X 70 -15.66 -31.86 12.61
CA ILE X 70 -15.51 -33.29 12.42
C ILE X 70 -14.32 -33.52 11.51
N ASP X 71 -13.29 -34.20 12.02
CA ASP X 71 -12.11 -34.48 11.22
C ASP X 71 -12.46 -35.43 10.08
N ARG X 72 -11.69 -35.35 8.98
CA ARG X 72 -12.01 -36.11 7.78
C ARG X 72 -12.06 -37.61 8.05
N ALA X 73 -11.16 -38.10 8.91
CA ALA X 73 -11.14 -39.53 9.24
C ALA X 73 -12.45 -40.03 9.82
N TYR X 74 -13.35 -39.12 10.23
CA TYR X 74 -14.61 -39.49 10.85
C TYR X 74 -15.82 -39.08 10.01
N GLN X 75 -15.59 -38.61 8.78
CA GLN X 75 -16.67 -38.17 7.90
C GLN X 75 -17.19 -39.35 7.07
N SER X 76 -18.42 -39.21 6.57
CA SER X 76 -18.96 -40.24 5.69
C SER X 76 -18.22 -40.16 4.37
N PRO X 77 -18.40 -41.14 3.49
CA PRO X 77 -17.83 -41.01 2.14
C PRO X 77 -18.51 -39.92 1.34
N SER X 78 -19.78 -39.63 1.61
CA SER X 78 -20.57 -38.68 0.83
C SER X 78 -20.73 -37.39 1.61
N LYS X 79 -20.32 -36.29 1.01
CA LYS X 79 -20.44 -34.99 1.65
C LYS X 79 -21.70 -34.25 1.23
N LYS X 80 -22.51 -34.85 0.35
CA LYS X 80 -23.71 -34.20 -0.15
C LYS X 80 -24.70 -33.90 0.98
N GLY X 81 -25.44 -32.81 0.81
CA GLY X 81 -26.57 -32.53 1.68
C GLY X 81 -27.62 -31.72 0.97
N THR X 82 -28.75 -31.52 1.65
CA THR X 82 -29.74 -30.55 1.18
C THR X 82 -30.10 -29.63 2.34
N SER X 83 -30.57 -28.44 1.98
CA SER X 83 -30.88 -27.39 2.94
C SER X 83 -32.27 -26.89 2.61
N LEU X 84 -33.18 -27.04 3.57
CA LEU X 84 -34.57 -26.68 3.42
C LEU X 84 -34.85 -25.38 4.16
N VAL X 85 -35.68 -24.54 3.57
CA VAL X 85 -36.17 -23.35 4.23
C VAL X 85 -37.69 -23.31 4.12
N VAL X 86 -38.32 -22.95 5.22
CA VAL X 86 -39.76 -22.78 5.32
C VAL X 86 -39.95 -21.41 5.94
N GLN X 87 -40.45 -20.46 5.17
CA GLN X 87 -40.67 -19.10 5.64
C GLN X 87 -42.15 -18.77 5.62
N VAL X 88 -42.62 -18.08 6.65
CA VAL X 88 -43.98 -17.58 6.70
C VAL X 88 -43.90 -16.06 6.90
N THR X 89 -44.80 -15.36 6.23
CA THR X 89 -44.93 -13.90 6.28
C THR X 89 -46.38 -13.55 6.54
N GLU X 90 -46.64 -12.84 7.63
CA GLU X 90 -47.97 -12.43 7.98
C GLU X 90 -48.02 -10.91 8.12
N THR X 91 -49.23 -10.37 8.05
CA THR X 91 -49.45 -8.94 8.24
C THR X 91 -50.58 -8.75 9.25
N TRP X 92 -50.25 -8.20 10.40
CA TRP X 92 -51.20 -7.99 11.48
C TRP X 92 -51.67 -6.54 11.40
N THR X 93 -52.91 -6.29 11.83
CA THR X 93 -53.42 -4.92 11.81
C THR X 93 -53.80 -4.47 13.21
N VAL X 94 -53.45 -3.23 13.51
CA VAL X 94 -53.80 -2.58 14.76
C VAL X 94 -54.84 -1.51 14.44
N ALA X 95 -55.94 -1.52 15.17
CA ALA X 95 -56.99 -0.52 15.00
C ALA X 95 -57.56 -0.18 16.37
N SER X 96 -58.59 0.66 16.37
CA SER X 96 -59.17 1.15 17.61
C SER X 96 -60.67 0.94 17.63
N THR X 97 -61.20 0.72 18.85
CA THR X 97 -62.64 0.65 19.05
C THR X 97 -63.29 2.01 18.92
N ASP X 98 -62.67 3.02 19.51
CA ASP X 98 -63.28 4.34 19.57
C ASP X 98 -63.10 5.11 18.27
N ASP X 99 -62.06 4.78 17.51
CA ASP X 99 -61.63 5.58 16.37
C ASP X 99 -61.51 4.68 15.14
N GLU X 100 -62.37 4.92 14.15
CA GLU X 100 -62.30 4.17 12.91
C GLU X 100 -61.11 4.57 12.04
N THR X 101 -60.57 5.78 12.24
CA THR X 101 -59.47 6.26 11.42
C THR X 101 -58.09 5.88 11.95
N TYR X 102 -58.01 5.25 13.12
CA TYR X 102 -56.73 4.94 13.73
C TYR X 102 -56.37 3.49 13.44
N GLY X 103 -55.21 3.30 12.80
CA GLY X 103 -54.68 1.97 12.60
C GLY X 103 -53.36 1.98 11.86
N TYR X 104 -52.73 0.81 11.86
CA TYR X 104 -51.54 0.55 11.04
C TYR X 104 -51.38 -0.96 10.86
N SER X 105 -50.39 -1.34 10.06
CA SER X 105 -50.11 -2.73 9.75
C SER X 105 -48.69 -3.08 10.19
N LEU X 106 -48.55 -4.17 10.93
CA LEU X 106 -47.28 -4.68 11.42
C LEU X 106 -46.87 -5.89 10.61
N PRO X 107 -45.64 -5.94 10.13
CA PRO X 107 -45.19 -7.13 9.40
C PRO X 107 -44.52 -8.15 10.31
N PHE X 108 -44.99 -9.39 10.26
CA PHE X 108 -44.34 -10.49 10.94
C PHE X 108 -43.71 -11.41 9.90
N SER X 109 -42.51 -11.88 10.18
CA SER X 109 -41.89 -12.89 9.34
C SER X 109 -41.10 -13.83 10.23
N ALA X 110 -41.01 -15.08 9.78
CA ALA X 110 -40.18 -16.04 10.50
C ALA X 110 -39.88 -17.18 9.55
N HIS X 111 -38.76 -17.85 9.79
CA HIS X 111 -38.44 -18.99 8.95
C HIS X 111 -37.62 -20.02 9.71
N VAL X 112 -37.62 -21.22 9.15
CA VAL X 112 -36.86 -22.35 9.64
C VAL X 112 -35.95 -22.81 8.52
N ILE X 113 -34.74 -23.18 8.88
CA ILE X 113 -33.78 -23.76 7.94
C ILE X 113 -33.30 -25.07 8.55
N VAL X 114 -33.23 -26.10 7.73
CA VAL X 114 -32.84 -27.44 8.16
C VAL X 114 -31.78 -27.95 7.20
N ASN X 115 -30.67 -28.46 7.74
CA ASN X 115 -29.51 -28.83 6.92
C ASN X 115 -29.27 -30.33 7.09
N VAL X 116 -29.86 -31.13 6.20
CA VAL X 116 -29.89 -32.58 6.35
C VAL X 116 -28.83 -33.19 5.44
N PRO X 117 -27.90 -33.99 5.97
CA PRO X 117 -27.02 -34.78 5.10
C PRO X 117 -27.81 -35.86 4.38
N GLN X 118 -27.40 -36.16 3.15
CA GLN X 118 -28.06 -37.24 2.40
C GLN X 118 -27.45 -38.57 2.81
N ASP X 119 -28.01 -39.15 3.86
CA ASP X 119 -27.65 -40.49 4.30
C ASP X 119 -28.94 -41.28 4.38
N ALA X 120 -28.95 -42.48 3.80
CA ALA X 120 -30.19 -43.25 3.74
C ALA X 120 -30.73 -43.53 5.13
N LEU X 121 -29.86 -43.56 6.14
CA LEU X 121 -30.26 -43.87 7.51
C LEU X 121 -30.98 -42.73 8.23
N ILE X 122 -30.84 -41.50 7.76
CA ILE X 122 -31.65 -40.41 8.29
C ILE X 122 -33.08 -40.57 7.79
N THR X 123 -34.02 -40.73 8.71
CA THR X 123 -35.42 -40.98 8.37
C THR X 123 -36.25 -39.72 8.60
N GLU X 124 -37.45 -39.71 8.00
CA GLU X 124 -38.32 -38.56 8.17
C GLU X 124 -38.70 -38.38 9.62
N GLU X 125 -38.86 -39.50 10.35
CA GLU X 125 -39.18 -39.40 11.76
C GLU X 125 -37.99 -38.83 12.56
N ILE X 126 -36.76 -39.27 12.24
CA ILE X 126 -35.59 -38.70 12.90
C ILE X 126 -35.59 -37.19 12.72
N LEU X 127 -35.87 -36.73 11.48
CA LEU X 127 -35.83 -35.30 11.21
C LEU X 127 -36.93 -34.55 11.97
N TYR X 128 -38.14 -35.07 11.99
CA TYR X 128 -39.19 -34.41 12.77
C TYR X 128 -38.85 -34.35 14.25
N ASP X 129 -38.27 -35.42 14.80
CA ASP X 129 -37.87 -35.39 16.20
C ASP X 129 -36.79 -34.35 16.44
N ALA X 130 -35.87 -34.19 15.48
CA ALA X 130 -34.89 -33.12 15.58
C ALA X 130 -35.58 -31.76 15.60
N LEU X 131 -36.58 -31.55 14.75
CA LEU X 131 -37.31 -30.28 14.76
C LEU X 131 -37.99 -30.06 16.10
N LYS X 132 -38.53 -31.13 16.70
CA LYS X 132 -39.18 -30.99 18.00
C LYS X 132 -38.18 -30.56 19.07
N ARG X 133 -36.96 -31.13 19.01
CA ARG X 133 -35.91 -30.72 19.95
C ARG X 133 -35.50 -29.27 19.73
N LEU X 134 -35.37 -28.87 18.46
CA LEU X 134 -35.10 -27.49 18.11
C LEU X 134 -36.09 -26.54 18.75
N MET X 135 -37.38 -26.74 18.47
CA MET X 135 -38.39 -25.86 19.03
C MET X 135 -38.45 -25.94 20.55
N GLY X 136 -37.99 -27.06 21.13
CA GLY X 136 -37.94 -27.09 22.58
C GLY X 136 -37.02 -26.06 23.21
N HIS X 137 -36.08 -25.52 22.45
CA HIS X 137 -35.16 -24.51 22.98
C HIS X 137 -35.83 -23.17 23.17
N PHE X 138 -37.05 -22.98 22.69
CA PHE X 138 -37.86 -21.81 23.03
C PHE X 138 -38.47 -21.92 24.41
N TYR X 139 -38.13 -22.96 25.15
CA TYR X 139 -38.64 -23.20 26.48
C TYR X 139 -37.48 -23.51 27.41
N GLU X 140 -37.77 -23.56 28.71
CA GLU X 140 -36.80 -24.03 29.69
C GLU X 140 -37.50 -25.11 30.53
N GLY X 141 -36.75 -26.17 30.81
CA GLY X 141 -37.29 -27.35 31.46
C GLY X 141 -36.87 -27.49 32.92
N ASN X 142 -37.80 -27.96 33.74
CA ASN X 142 -37.61 -28.23 35.16
C ASN X 142 -38.17 -29.62 35.46
N ASP X 143 -37.28 -30.58 35.73
CA ASP X 143 -37.71 -31.92 36.10
C ASP X 143 -37.58 -32.20 37.59
N THR X 144 -37.12 -31.23 38.36
CA THR X 144 -37.00 -31.45 39.80
C THR X 144 -38.37 -31.50 40.47
N THR X 145 -39.30 -30.65 40.02
CA THR X 145 -40.63 -30.62 40.61
C THR X 145 -41.41 -31.91 40.35
N SER X 146 -42.40 -32.13 41.20
CA SER X 146 -43.17 -33.36 41.12
C SER X 146 -43.82 -33.54 39.74
N PRO X 147 -44.61 -32.59 39.21
CA PRO X 147 -44.87 -32.66 37.76
C PRO X 147 -43.78 -31.91 37.00
N THR X 148 -43.21 -32.54 35.97
CA THR X 148 -42.25 -31.83 35.15
C THR X 148 -42.92 -30.61 34.53
N THR X 149 -42.28 -29.45 34.66
CA THR X 149 -42.84 -28.19 34.20
C THR X 149 -41.86 -27.47 33.28
N THR X 150 -42.41 -26.59 32.46
CA THR X 150 -41.66 -25.80 31.50
C THR X 150 -42.14 -24.36 31.53
N SER X 151 -41.20 -23.43 31.42
CA SER X 151 -41.53 -22.02 31.31
C SER X 151 -41.08 -21.49 29.95
N VAL X 152 -41.82 -20.52 29.42
CA VAL X 152 -41.55 -20.00 28.09
C VAL X 152 -40.35 -19.05 28.12
N ARG X 153 -39.64 -18.95 27.00
CA ARG X 153 -38.41 -18.19 26.96
C ARG X 153 -38.33 -17.20 25.79
N LEU X 154 -39.33 -17.18 24.92
CA LEU X 154 -39.23 -16.40 23.69
C LEU X 154 -39.09 -14.90 23.98
N LYS X 155 -39.95 -14.36 24.83
CA LYS X 155 -39.89 -12.94 25.13
C LYS X 155 -38.62 -12.60 25.88
N ASP X 156 -38.21 -13.47 26.80
CA ASP X 156 -36.97 -13.24 27.53
C ASP X 156 -35.79 -13.10 26.58
N MET X 157 -35.70 -14.01 25.59
CA MET X 157 -34.61 -13.92 24.63
C MET X 157 -34.72 -12.65 23.80
N LEU X 158 -35.91 -12.34 23.30
CA LEU X 158 -36.10 -11.11 22.55
C LEU X 158 -35.61 -9.91 23.33
N GLN X 159 -35.83 -9.91 24.64
CA GLN X 159 -35.46 -8.79 25.50
C GLN X 159 -34.04 -8.87 26.05
N GLY X 160 -33.19 -9.73 25.48
CA GLY X 160 -31.78 -9.74 25.82
C GLY X 160 -31.37 -10.71 26.91
N ALA X 161 -32.31 -11.49 27.45
CA ALA X 161 -31.97 -12.52 28.43
C ALA X 161 -31.78 -13.83 27.69
N LEU X 162 -30.59 -13.98 27.13
CA LEU X 162 -30.34 -15.10 26.23
C LEU X 162 -29.86 -16.36 26.95
N VAL X 163 -29.23 -16.20 28.11
CA VAL X 163 -28.78 -17.36 28.88
C VAL X 163 -29.97 -17.90 29.68
N PRO X 164 -30.18 -19.21 29.67
CA PRO X 164 -31.29 -19.79 30.45
C PRO X 164 -31.18 -19.49 31.94
N GLN X 165 -32.34 -19.47 32.61
CA GLN X 165 -32.36 -19.34 34.07
C GLN X 165 -31.52 -20.42 34.74
N SER X 166 -31.60 -21.66 34.24
CA SER X 166 -30.92 -22.78 34.88
C SER X 166 -29.40 -22.59 34.91
N LEU X 167 -28.86 -21.82 33.95
CA LEU X 167 -27.42 -21.64 33.80
C LEU X 167 -26.92 -20.30 34.35
N SER Y 1 -20.27 -62.57 0.19
CA SER Y 1 -21.31 -62.67 -0.83
C SER Y 1 -21.95 -61.32 -1.07
N LYS Y 2 -22.08 -60.96 -2.33
CA LYS Y 2 -22.64 -59.68 -2.74
C LYS Y 2 -24.13 -59.85 -3.07
N ILE Y 3 -24.95 -58.88 -2.66
CA ILE Y 3 -26.38 -58.94 -2.88
C ILE Y 3 -26.85 -57.63 -3.49
N LEU Y 4 -27.66 -57.73 -4.54
CA LEU Y 4 -28.30 -56.59 -5.18
C LEU Y 4 -29.75 -56.50 -4.75
N SER Y 5 -30.21 -55.28 -4.47
CA SER Y 5 -31.61 -55.01 -4.18
C SER Y 5 -32.11 -53.93 -5.13
N THR Y 6 -33.34 -54.08 -5.59
CA THR Y 6 -34.00 -53.08 -6.39
C THR Y 6 -34.73 -52.03 -5.57
N ASN Y 7 -34.84 -52.25 -4.24
CA ASN Y 7 -35.42 -51.29 -3.32
C ASN Y 7 -36.89 -50.98 -3.66
N ASN Y 8 -37.57 -51.91 -4.32
CA ASN Y 8 -38.99 -51.74 -4.59
C ASN Y 8 -39.87 -52.42 -3.57
N SER Y 9 -39.26 -53.05 -2.56
CA SER Y 9 -40.03 -53.78 -1.55
C SER Y 9 -40.98 -52.88 -0.77
N ASN Y 10 -40.66 -51.60 -0.65
CA ASN Y 10 -41.50 -50.67 0.11
C ASN Y 10 -42.49 -49.93 -0.75
N SER Y 11 -42.50 -50.18 -2.06
CA SER Y 11 -43.48 -49.56 -2.94
C SER Y 11 -44.79 -50.34 -2.93
N ASN Y 12 -45.85 -49.63 -3.29
CA ASN Y 12 -47.23 -50.12 -3.28
C ASN Y 12 -47.73 -50.24 -4.71
N PHE Y 13 -47.97 -51.47 -5.18
CA PHE Y 13 -48.43 -51.72 -6.53
C PHE Y 13 -49.70 -52.59 -6.54
N VAL Y 14 -50.39 -52.57 -7.65
CA VAL Y 14 -51.54 -53.43 -7.89
C VAL Y 14 -51.23 -54.26 -9.12
N ASP Y 15 -51.34 -55.59 -8.96
CA ASP Y 15 -51.16 -56.42 -10.13
C ASP Y 15 -52.35 -56.20 -11.07
N THR Y 16 -52.07 -56.24 -12.37
CA THR Y 16 -53.13 -56.21 -13.37
C THR Y 16 -52.67 -56.98 -14.59
N SER Y 17 -53.64 -57.54 -15.32
CA SER Y 17 -53.34 -58.44 -16.41
C SER Y 17 -53.01 -57.65 -17.67
N PHE Y 18 -51.97 -58.09 -18.36
CA PHE Y 18 -51.51 -57.40 -19.58
C PHE Y 18 -50.98 -58.51 -20.48
N THR Y 19 -51.88 -59.07 -21.29
CA THR Y 19 -51.59 -60.29 -22.03
C THR Y 19 -50.93 -59.95 -23.36
N LEU Y 20 -49.69 -60.38 -23.53
CA LEU Y 20 -48.89 -60.02 -24.69
C LEU Y 20 -49.20 -60.95 -25.86
N LYS Y 21 -49.31 -60.36 -27.04
CA LYS Y 21 -49.36 -61.11 -28.30
C LYS Y 21 -47.94 -61.13 -28.85
N VAL Y 22 -47.27 -62.27 -28.64
CA VAL Y 22 -45.89 -62.53 -29.02
C VAL Y 22 -45.81 -63.03 -30.46
N PRO Y 23 -44.88 -62.51 -31.28
CA PRO Y 23 -44.81 -62.92 -32.68
C PRO Y 23 -44.31 -64.35 -32.86
N VAL Y 24 -44.64 -64.90 -34.03
CA VAL Y 24 -44.04 -66.14 -34.48
C VAL Y 24 -43.14 -65.79 -35.66
N TYR Y 25 -41.89 -65.52 -35.33
CA TYR Y 25 -41.01 -64.87 -36.30
C TYR Y 25 -40.81 -65.74 -37.53
N SER Y 26 -40.68 -67.06 -37.31
CA SER Y 26 -40.49 -67.98 -38.41
C SER Y 26 -41.63 -67.89 -39.42
N LYS Y 27 -42.87 -67.81 -38.94
CA LYS Y 27 -44.00 -67.74 -39.87
C LYS Y 27 -44.09 -66.39 -40.56
N ASP Y 28 -43.93 -65.30 -39.79
CA ASP Y 28 -44.34 -63.98 -40.29
C ASP Y 28 -43.23 -63.06 -40.77
N TYR Y 29 -42.07 -63.10 -40.14
CA TYR Y 29 -41.07 -62.07 -40.28
C TYR Y 29 -39.85 -62.57 -41.05
N ARG Y 30 -39.28 -61.68 -41.85
CA ARG Y 30 -38.01 -61.87 -42.55
C ARG Y 30 -37.07 -60.76 -42.09
N VAL Y 31 -35.80 -60.86 -42.44
CA VAL Y 31 -34.82 -59.90 -41.94
C VAL Y 31 -34.49 -58.89 -43.02
N THR Y 32 -34.73 -57.60 -42.74
CA THR Y 32 -34.40 -56.50 -43.64
C THR Y 32 -32.98 -55.98 -43.44
N GLN Y 33 -32.50 -55.95 -42.19
CA GLN Y 33 -31.20 -55.35 -41.85
C GLN Y 33 -30.53 -56.22 -40.80
N ASP Y 34 -29.27 -56.61 -41.02
CA ASP Y 34 -28.50 -57.37 -40.02
C ASP Y 34 -27.20 -56.65 -39.66
N GLU Y 35 -27.28 -55.35 -39.34
CA GLU Y 35 -26.03 -54.74 -38.93
C GLU Y 35 -25.65 -55.15 -37.50
N PRO Y 36 -24.36 -55.09 -37.16
CA PRO Y 36 -23.90 -55.67 -35.89
C PRO Y 36 -24.60 -55.12 -34.67
N ASP Y 37 -24.99 -53.85 -34.68
CA ASP Y 37 -25.69 -53.26 -33.55
C ASP Y 37 -27.16 -52.98 -33.82
N GLU Y 38 -27.67 -53.29 -35.01
CA GLU Y 38 -29.04 -52.88 -35.34
C GLU Y 38 -29.63 -53.88 -36.32
N VAL Y 39 -30.71 -54.53 -35.92
CA VAL Y 39 -31.41 -55.48 -36.78
C VAL Y 39 -32.80 -54.96 -37.07
N VAL Y 40 -33.24 -55.16 -38.30
CA VAL Y 40 -34.58 -54.78 -38.73
C VAL Y 40 -35.24 -55.98 -39.37
N VAL Y 41 -36.52 -56.15 -39.05
CA VAL Y 41 -37.30 -57.34 -39.33
C VAL Y 41 -38.63 -56.88 -39.91
N ALA Y 42 -39.01 -57.44 -41.05
CA ALA Y 42 -40.21 -57.04 -41.76
C ALA Y 42 -41.26 -58.14 -41.75
N ASN Y 43 -42.51 -57.70 -41.76
CA ASN Y 43 -43.66 -58.62 -41.71
C ASN Y 43 -44.02 -58.99 -43.14
N ARG Y 44 -43.71 -60.22 -43.52
CA ARG Y 44 -43.96 -60.70 -44.88
C ARG Y 44 -45.45 -60.83 -45.17
N GLN Y 45 -46.30 -60.90 -44.14
CA GLN Y 45 -47.73 -61.11 -44.32
C GLN Y 45 -48.46 -59.89 -44.85
N GLN Y 46 -47.81 -58.75 -44.95
CA GLN Y 46 -48.60 -57.57 -45.28
C GLN Y 46 -48.61 -57.32 -46.78
N PRO Y 47 -49.66 -56.67 -47.29
CA PRO Y 47 -49.65 -56.19 -48.68
C PRO Y 47 -48.66 -55.04 -48.86
N PHE Y 48 -48.47 -54.56 -50.08
CA PHE Y 48 -47.39 -53.61 -50.31
C PHE Y 48 -47.64 -52.28 -49.61
N GLY Y 49 -48.87 -51.80 -49.62
CA GLY Y 49 -49.16 -50.54 -48.94
C GLY Y 49 -48.77 -50.59 -47.48
N VAL Y 50 -49.14 -51.67 -46.80
CA VAL Y 50 -49.03 -51.77 -45.35
C VAL Y 50 -47.60 -52.16 -44.98
N LYS Y 51 -46.94 -51.31 -44.21
CA LYS Y 51 -45.60 -51.60 -43.70
C LYS Y 51 -45.68 -51.98 -42.23
N ASN Y 52 -45.14 -53.15 -41.90
CA ASN Y 52 -45.14 -53.68 -40.53
C ASN Y 52 -43.72 -54.15 -40.24
N THR Y 53 -42.97 -53.41 -39.41
CA THR Y 53 -41.57 -53.73 -39.16
C THR Y 53 -41.24 -53.61 -37.68
N ALA Y 54 -40.14 -54.23 -37.29
CA ALA Y 54 -39.60 -54.16 -35.94
C ALA Y 54 -38.10 -53.93 -36.04
N ARG Y 55 -37.57 -53.22 -35.06
CA ARG Y 55 -36.18 -52.80 -35.05
C ARG Y 55 -35.62 -53.07 -33.66
N TYR Y 56 -34.47 -53.74 -33.61
CA TYR Y 56 -33.88 -54.18 -32.37
C TYR Y 56 -32.44 -53.69 -32.39
N GLY Y 57 -32.08 -52.83 -31.45
CA GLY Y 57 -30.77 -52.21 -31.48
C GLY Y 57 -30.17 -52.07 -30.09
N ILE Y 58 -28.84 -52.09 -30.06
CA ILE Y 58 -28.10 -51.82 -28.82
C ILE Y 58 -27.04 -50.75 -29.08
N ARG Y 59 -26.86 -49.89 -28.10
CA ARG Y 59 -25.81 -48.88 -28.04
C ARG Y 59 -25.07 -49.06 -26.73
N GLN Y 60 -23.77 -48.73 -26.73
CA GLN Y 60 -23.00 -48.81 -25.50
C GLN Y 60 -23.01 -47.46 -24.80
N ILE Y 61 -23.21 -47.48 -23.48
CA ILE Y 61 -23.27 -46.29 -22.66
C ILE Y 61 -21.90 -46.08 -22.04
N ALA Y 62 -21.28 -44.95 -22.38
CA ALA Y 62 -19.93 -44.68 -21.89
C ALA Y 62 -19.91 -44.61 -20.37
N ASP Y 63 -20.65 -43.65 -19.81
CA ASP Y 63 -20.72 -43.45 -18.36
C ASP Y 63 -22.18 -43.59 -17.96
N VAL Y 64 -22.49 -44.68 -17.25
CA VAL Y 64 -23.87 -44.92 -16.85
C VAL Y 64 -24.32 -43.92 -15.79
N TYR Y 65 -23.38 -43.26 -15.13
CA TYR Y 65 -23.68 -42.25 -14.12
C TYR Y 65 -23.69 -40.84 -14.70
N ARG Y 66 -23.55 -40.69 -16.02
CA ARG Y 66 -23.27 -39.40 -16.62
C ARG Y 66 -24.33 -38.36 -16.29
N ASN Y 67 -25.60 -38.75 -16.32
CA ASN Y 67 -26.69 -37.82 -16.05
C ASN Y 67 -27.37 -38.06 -14.71
N THR Y 68 -26.88 -39.01 -13.92
CA THR Y 68 -27.44 -39.25 -12.59
C THR Y 68 -26.67 -38.47 -11.55
N THR Y 69 -27.22 -38.42 -10.34
CA THR Y 69 -26.66 -37.65 -9.25
C THR Y 69 -26.12 -38.53 -8.13
N ILE Y 70 -25.80 -39.78 -8.43
CA ILE Y 70 -25.22 -40.69 -7.45
C ILE Y 70 -23.83 -40.21 -7.09
N ASP Y 71 -23.55 -40.12 -5.79
CA ASP Y 71 -22.24 -39.59 -5.38
C ASP Y 71 -21.14 -40.51 -5.89
N ARG Y 72 -20.00 -39.89 -6.21
CA ARG Y 72 -18.85 -40.62 -6.72
C ARG Y 72 -18.49 -41.77 -5.78
N ALA Y 73 -18.55 -41.53 -4.47
CA ALA Y 73 -18.17 -42.52 -3.49
C ALA Y 73 -19.03 -43.77 -3.56
N TYR Y 74 -20.18 -43.71 -4.23
CA TYR Y 74 -21.06 -44.87 -4.33
C TYR Y 74 -21.23 -45.35 -5.76
N GLN Y 75 -20.32 -44.96 -6.66
CA GLN Y 75 -20.40 -45.44 -8.04
C GLN Y 75 -19.62 -46.74 -8.18
N SER Y 76 -20.15 -47.63 -9.02
CA SER Y 76 -19.45 -48.86 -9.33
C SER Y 76 -18.11 -48.55 -9.99
N PRO Y 77 -17.12 -49.43 -9.86
CA PRO Y 77 -15.90 -49.27 -10.66
C PRO Y 77 -16.20 -49.34 -12.16
N SER Y 78 -17.03 -50.29 -12.57
CA SER Y 78 -17.43 -50.46 -13.96
C SER Y 78 -18.58 -49.52 -14.26
N LYS Y 79 -18.31 -48.50 -15.08
CA LYS Y 79 -19.28 -47.46 -15.37
C LYS Y 79 -19.93 -47.63 -16.73
N LYS Y 80 -19.70 -48.75 -17.39
CA LYS Y 80 -20.24 -48.98 -18.73
C LYS Y 80 -21.67 -49.51 -18.60
N GLY Y 81 -22.49 -49.18 -19.60
CA GLY Y 81 -23.84 -49.68 -19.65
C GLY Y 81 -24.20 -50.15 -21.06
N THR Y 82 -25.36 -50.77 -21.17
CA THR Y 82 -25.96 -51.12 -22.45
C THR Y 82 -27.33 -50.49 -22.56
N SER Y 83 -27.62 -49.94 -23.74
CA SER Y 83 -28.90 -49.33 -24.03
C SER Y 83 -29.56 -50.15 -25.13
N LEU Y 84 -30.71 -50.74 -24.83
CA LEU Y 84 -31.47 -51.54 -25.77
C LEU Y 84 -32.67 -50.76 -26.26
N VAL Y 85 -33.01 -50.94 -27.54
CA VAL Y 85 -34.19 -50.35 -28.13
C VAL Y 85 -34.95 -51.42 -28.89
N VAL Y 86 -36.26 -51.40 -28.72
CA VAL Y 86 -37.20 -52.28 -29.41
C VAL Y 86 -38.28 -51.38 -29.98
N GLN Y 87 -38.31 -51.22 -31.30
CA GLN Y 87 -39.31 -50.41 -31.98
C GLN Y 87 -40.21 -51.29 -32.83
N VAL Y 88 -41.51 -51.00 -32.79
CA VAL Y 88 -42.46 -51.62 -33.70
C VAL Y 88 -43.13 -50.51 -34.50
N THR Y 89 -43.29 -50.75 -35.80
CA THR Y 89 -43.87 -49.84 -36.76
C THR Y 89 -45.01 -50.57 -37.47
N GLU Y 90 -46.22 -50.00 -37.40
CA GLU Y 90 -47.39 -50.59 -38.01
C GLU Y 90 -48.04 -49.58 -38.94
N THR Y 91 -48.80 -50.10 -39.90
CA THR Y 91 -49.58 -49.28 -40.80
C THR Y 91 -51.04 -49.69 -40.69
N TRP Y 92 -51.87 -48.79 -40.20
CA TRP Y 92 -53.29 -49.03 -40.02
C TRP Y 92 -54.03 -48.45 -41.21
N THR Y 93 -55.21 -49.00 -41.51
CA THR Y 93 -56.00 -48.50 -42.62
C THR Y 93 -57.43 -48.20 -42.16
N VAL Y 94 -57.99 -47.16 -42.76
CA VAL Y 94 -59.36 -46.73 -42.49
C VAL Y 94 -60.14 -46.86 -43.80
N ALA Y 95 -61.28 -47.55 -43.73
CA ALA Y 95 -62.13 -47.72 -44.90
C ALA Y 95 -63.58 -47.61 -44.46
N SER Y 96 -64.48 -47.80 -45.43
CA SER Y 96 -65.92 -47.74 -45.19
C SER Y 96 -66.60 -49.01 -45.66
N THR Y 97 -67.52 -49.50 -44.82
CA THR Y 97 -68.40 -50.59 -45.23
C THR Y 97 -69.19 -50.22 -46.47
N ASP Y 98 -69.73 -49.00 -46.48
CA ASP Y 98 -70.66 -48.59 -47.51
C ASP Y 98 -69.94 -48.23 -48.81
N ASP Y 99 -68.76 -47.61 -48.70
CA ASP Y 99 -68.03 -47.05 -49.85
C ASP Y 99 -66.69 -47.77 -49.96
N GLU Y 100 -66.54 -48.58 -51.00
CA GLU Y 100 -65.32 -49.34 -51.17
C GLU Y 100 -64.16 -48.50 -51.68
N THR Y 101 -64.40 -47.22 -51.97
CA THR Y 101 -63.37 -46.34 -52.46
C THR Y 101 -62.80 -45.45 -51.36
N TYR Y 102 -63.46 -45.36 -50.22
CA TYR Y 102 -63.01 -44.52 -49.13
C TYR Y 102 -61.95 -45.29 -48.35
N GLY Y 103 -60.78 -44.67 -48.20
CA GLY Y 103 -59.71 -45.26 -47.44
C GLY Y 103 -58.52 -44.33 -47.30
N TYR Y 104 -57.78 -44.54 -46.23
CA TYR Y 104 -56.47 -43.93 -46.06
C TYR Y 104 -55.63 -44.76 -45.09
N SER Y 105 -54.33 -44.47 -45.06
CA SER Y 105 -53.39 -45.19 -44.21
C SER Y 105 -52.83 -44.27 -43.12
N LEU Y 106 -52.79 -44.79 -41.90
CA LEU Y 106 -52.24 -44.10 -40.74
C LEU Y 106 -50.98 -44.81 -40.27
N PRO Y 107 -49.92 -44.07 -39.98
CA PRO Y 107 -48.70 -44.70 -39.46
C PRO Y 107 -48.65 -44.71 -37.93
N PHE Y 108 -48.40 -45.87 -37.35
CA PHE Y 108 -48.21 -45.99 -35.91
C PHE Y 108 -46.80 -46.47 -35.64
N SER Y 109 -46.18 -45.93 -34.60
CA SER Y 109 -44.91 -46.46 -34.17
C SER Y 109 -44.81 -46.30 -32.66
N ALA Y 110 -44.03 -47.17 -32.05
CA ALA Y 110 -43.78 -47.06 -30.63
C ALA Y 110 -42.54 -47.87 -30.33
N HIS Y 111 -41.78 -47.41 -29.35
CA HIS Y 111 -40.59 -48.15 -28.98
C HIS Y 111 -40.38 -48.11 -27.47
N VAL Y 112 -39.51 -49.02 -27.05
CA VAL Y 112 -39.10 -49.17 -25.67
C VAL Y 112 -37.59 -49.08 -25.64
N ILE Y 113 -37.06 -48.36 -24.65
CA ILE Y 113 -35.63 -48.24 -24.45
C ILE Y 113 -35.34 -48.66 -23.02
N VAL Y 114 -34.28 -49.44 -22.85
CA VAL Y 114 -33.89 -50.00 -21.56
C VAL Y 114 -32.41 -49.76 -21.36
N ASN Y 115 -32.05 -49.08 -20.28
CA ASN Y 115 -30.67 -48.68 -20.02
C ASN Y 115 -30.18 -49.42 -18.78
N VAL Y 116 -29.39 -50.47 -19.01
CA VAL Y 116 -29.00 -51.45 -18.01
C VAL Y 116 -27.50 -51.30 -17.75
N PRO Y 117 -27.07 -51.03 -16.52
CA PRO Y 117 -25.64 -51.07 -16.21
C PRO Y 117 -25.06 -52.45 -16.39
N GLN Y 118 -23.79 -52.52 -16.78
CA GLN Y 118 -23.10 -53.80 -16.96
C GLN Y 118 -22.59 -54.25 -15.59
N ASP Y 119 -23.42 -55.05 -14.90
CA ASP Y 119 -23.08 -55.57 -13.59
C ASP Y 119 -23.54 -57.02 -13.50
N ALA Y 120 -22.68 -57.88 -12.95
CA ALA Y 120 -22.98 -59.30 -12.92
C ALA Y 120 -24.27 -59.62 -12.17
N LEU Y 121 -24.63 -58.80 -11.18
CA LEU Y 121 -25.76 -59.14 -10.33
C LEU Y 121 -27.12 -58.85 -10.97
N ILE Y 122 -27.16 -58.02 -12.02
CA ILE Y 122 -28.42 -57.77 -12.72
C ILE Y 122 -28.76 -59.00 -13.56
N THR Y 123 -29.96 -59.53 -13.38
CA THR Y 123 -30.36 -60.75 -14.07
C THR Y 123 -31.55 -60.51 -14.99
N GLU Y 124 -31.78 -61.48 -15.87
CA GLU Y 124 -32.81 -61.32 -16.88
C GLU Y 124 -34.17 -61.17 -16.23
N GLU Y 125 -34.41 -61.93 -15.15
CA GLU Y 125 -35.67 -61.79 -14.44
C GLU Y 125 -35.81 -60.41 -13.82
N ILE Y 126 -34.73 -59.90 -13.21
CA ILE Y 126 -34.78 -58.55 -12.65
C ILE Y 126 -35.20 -57.55 -13.70
N LEU Y 127 -34.66 -57.70 -14.92
CA LEU Y 127 -34.97 -56.75 -15.97
C LEU Y 127 -36.41 -56.90 -16.48
N TYR Y 128 -36.89 -58.13 -16.63
CA TYR Y 128 -38.30 -58.27 -17.03
C TYR Y 128 -39.23 -57.67 -15.98
N ASP Y 129 -38.94 -57.89 -14.69
CA ASP Y 129 -39.80 -57.30 -13.66
C ASP Y 129 -39.68 -55.79 -13.66
N ALA Y 130 -38.51 -55.25 -14.03
CA ALA Y 130 -38.41 -53.82 -14.25
C ALA Y 130 -39.34 -53.37 -15.37
N LEU Y 131 -39.34 -54.11 -16.49
CA LEU Y 131 -40.23 -53.77 -17.59
C LEU Y 131 -41.69 -53.81 -17.15
N LYS Y 132 -42.03 -54.75 -16.26
CA LYS Y 132 -43.41 -54.85 -15.78
C LYS Y 132 -43.76 -53.64 -14.93
N ARG Y 133 -42.84 -53.21 -14.07
CA ARG Y 133 -43.05 -51.98 -13.30
C ARG Y 133 -43.23 -50.79 -14.22
N LEU Y 134 -42.38 -50.71 -15.26
CA LEU Y 134 -42.43 -49.63 -16.24
C LEU Y 134 -43.79 -49.55 -16.92
N MET Y 135 -44.20 -50.62 -17.59
CA MET Y 135 -45.48 -50.63 -18.26
C MET Y 135 -46.64 -50.44 -17.28
N GLY Y 136 -46.43 -50.74 -16.00
CA GLY Y 136 -47.51 -50.50 -15.06
C GLY Y 136 -47.86 -49.04 -14.87
N HIS Y 137 -46.97 -48.12 -15.26
CA HIS Y 137 -47.24 -46.70 -15.15
C HIS Y 137 -48.24 -46.21 -16.18
N PHE Y 138 -48.69 -47.06 -17.10
CA PHE Y 138 -49.80 -46.72 -17.97
C PHE Y 138 -51.15 -46.90 -17.30
N TYR Y 139 -51.15 -47.26 -16.02
CA TYR Y 139 -52.37 -47.47 -15.26
C TYR Y 139 -52.25 -46.74 -13.92
N GLU Y 140 -53.36 -46.64 -13.20
CA GLU Y 140 -53.38 -46.13 -11.84
C GLU Y 140 -53.96 -47.18 -10.91
N GLY Y 141 -53.28 -47.40 -9.80
CA GLY Y 141 -53.67 -48.41 -8.84
C GLY Y 141 -54.51 -47.84 -7.72
N ASN Y 142 -55.47 -48.64 -7.25
CA ASN Y 142 -56.45 -48.28 -6.24
C ASN Y 142 -56.51 -49.40 -5.20
N ASP Y 143 -55.83 -49.19 -4.07
CA ASP Y 143 -55.89 -50.02 -2.88
C ASP Y 143 -57.04 -49.66 -1.95
N THR Y 144 -57.70 -48.51 -2.17
CA THR Y 144 -58.86 -48.13 -1.35
C THR Y 144 -59.96 -49.15 -1.47
N THR Y 145 -60.24 -49.64 -2.68
CA THR Y 145 -61.26 -50.66 -2.87
C THR Y 145 -60.91 -51.91 -2.08
N SER Y 146 -61.96 -52.64 -1.69
CA SER Y 146 -61.75 -53.91 -1.02
C SER Y 146 -61.05 -54.93 -1.92
N PRO Y 147 -61.51 -55.22 -3.19
CA PRO Y 147 -60.61 -55.91 -4.12
C PRO Y 147 -59.78 -54.87 -4.88
N THR Y 148 -58.46 -54.97 -4.92
CA THR Y 148 -57.66 -53.84 -5.43
C THR Y 148 -57.88 -53.73 -6.93
N THR Y 149 -58.06 -52.51 -7.43
CA THR Y 149 -58.45 -52.30 -8.83
C THR Y 149 -57.55 -51.27 -9.51
N THR Y 150 -57.61 -51.24 -10.84
CA THR Y 150 -56.78 -50.37 -11.64
C THR Y 150 -57.60 -49.71 -12.73
N SER Y 151 -57.16 -48.52 -13.13
CA SER Y 151 -57.82 -47.76 -14.18
C SER Y 151 -56.80 -47.26 -15.19
N VAL Y 152 -57.26 -46.99 -16.40
CA VAL Y 152 -56.39 -46.74 -17.53
C VAL Y 152 -56.14 -45.23 -17.63
N ARG Y 153 -54.91 -44.85 -18.01
CA ARG Y 153 -54.55 -43.45 -18.13
C ARG Y 153 -53.82 -43.10 -19.42
N LEU Y 154 -53.81 -44.01 -20.41
CA LEU Y 154 -53.10 -43.72 -21.65
C LEU Y 154 -53.75 -42.57 -22.41
N LYS Y 155 -55.08 -42.59 -22.53
CA LYS Y 155 -55.77 -41.50 -23.21
C LYS Y 155 -55.58 -40.19 -22.44
N ASP Y 156 -55.79 -40.23 -21.12
CA ASP Y 156 -55.61 -39.03 -20.33
C ASP Y 156 -54.23 -38.41 -20.55
N MET Y 157 -53.18 -39.23 -20.54
CA MET Y 157 -51.84 -38.69 -20.77
C MET Y 157 -51.72 -38.10 -22.17
N LEU Y 158 -52.15 -38.85 -23.18
CA LEU Y 158 -52.10 -38.33 -24.55
C LEU Y 158 -52.81 -36.99 -24.68
N GLN Y 159 -53.86 -36.76 -23.90
CA GLN Y 159 -54.61 -35.52 -24.00
C GLN Y 159 -53.99 -34.37 -23.19
N GLY Y 160 -52.88 -34.61 -22.48
CA GLY Y 160 -52.17 -33.55 -21.79
C GLY Y 160 -52.25 -33.60 -20.28
N ALA Y 161 -53.03 -34.55 -19.74
CA ALA Y 161 -53.21 -34.73 -18.31
C ALA Y 161 -52.17 -35.74 -17.83
N LEU Y 162 -50.98 -35.23 -17.55
CA LEU Y 162 -49.86 -36.11 -17.27
C LEU Y 162 -49.72 -36.45 -15.80
N VAL Y 163 -50.32 -35.66 -14.92
CA VAL Y 163 -50.33 -36.01 -13.50
C VAL Y 163 -51.38 -37.09 -13.29
N PRO Y 164 -51.08 -38.12 -12.51
CA PRO Y 164 -52.09 -39.14 -12.21
C PRO Y 164 -53.30 -38.54 -11.51
N GLN Y 165 -54.43 -39.25 -11.61
CA GLN Y 165 -55.65 -38.80 -10.93
C GLN Y 165 -55.55 -38.99 -9.43
N SER Y 166 -54.70 -39.92 -8.99
CA SER Y 166 -54.50 -40.19 -7.57
C SER Y 166 -53.81 -39.04 -6.83
N LEU Y 167 -53.23 -38.08 -7.56
CA LEU Y 167 -52.56 -36.94 -6.92
C LEU Y 167 -53.29 -35.64 -7.22
N SER Z 1 -64.43 -55.55 -55.44
CA SER Z 1 -64.77 -54.15 -55.71
C SER Z 1 -63.55 -53.48 -56.33
N LYS Z 2 -62.49 -53.23 -55.56
CA LYS Z 2 -61.29 -52.64 -56.15
C LYS Z 2 -60.54 -53.68 -56.98
N ILE Z 3 -60.24 -53.33 -58.22
CA ILE Z 3 -59.60 -54.23 -59.15
C ILE Z 3 -58.47 -53.48 -59.84
N LEU Z 4 -57.30 -54.09 -59.88
CA LEU Z 4 -56.18 -53.65 -60.70
C LEU Z 4 -56.15 -54.48 -61.97
N SER Z 5 -56.10 -53.81 -63.12
CA SER Z 5 -55.88 -54.47 -64.40
C SER Z 5 -54.53 -54.05 -64.95
N THR Z 6 -53.82 -55.00 -65.52
CA THR Z 6 -52.59 -54.71 -66.23
C THR Z 6 -52.84 -54.29 -67.67
N ASN Z 7 -54.10 -54.22 -68.09
CA ASN Z 7 -54.48 -53.77 -69.43
C ASN Z 7 -53.78 -54.56 -70.53
N ASN Z 8 -53.44 -55.82 -70.25
CA ASN Z 8 -52.90 -56.69 -71.27
C ASN Z 8 -53.98 -57.59 -71.88
N SER Z 9 -55.23 -57.37 -71.50
CA SER Z 9 -56.32 -58.23 -71.96
C SER Z 9 -56.53 -58.17 -73.47
N ASN Z 10 -56.13 -57.07 -74.11
CA ASN Z 10 -56.27 -56.94 -75.55
C ASN Z 10 -54.96 -57.09 -76.30
N SER Z 11 -53.87 -57.43 -75.62
CA SER Z 11 -52.64 -57.76 -76.30
C SER Z 11 -52.69 -59.22 -76.76
N ASN Z 12 -51.99 -59.52 -77.86
CA ASN Z 12 -51.96 -60.87 -78.41
C ASN Z 12 -50.61 -61.52 -78.13
N PHE Z 13 -50.63 -62.63 -77.39
CA PHE Z 13 -49.41 -63.31 -77.03
C PHE Z 13 -49.45 -64.77 -77.49
N VAL Z 14 -48.28 -65.38 -77.35
CA VAL Z 14 -48.04 -66.79 -77.62
C VAL Z 14 -47.17 -67.33 -76.51
N ASP Z 15 -47.54 -68.48 -75.96
CA ASP Z 15 -46.75 -69.03 -74.85
C ASP Z 15 -45.53 -69.76 -75.38
N THR Z 16 -44.45 -69.72 -74.60
CA THR Z 16 -43.29 -70.56 -74.87
C THR Z 16 -42.63 -70.93 -73.55
N SER Z 17 -41.95 -72.08 -73.56
CA SER Z 17 -41.35 -72.62 -72.35
C SER Z 17 -39.99 -72.00 -72.11
N PHE Z 18 -39.71 -71.68 -70.84
CA PHE Z 18 -38.46 -71.01 -70.47
C PHE Z 18 -38.11 -71.56 -69.08
N THR Z 19 -37.40 -72.67 -69.05
CA THR Z 19 -37.22 -73.43 -67.82
C THR Z 19 -36.04 -72.85 -67.03
N LEU Z 20 -36.34 -72.33 -65.85
CA LEU Z 20 -35.35 -71.64 -65.04
C LEU Z 20 -34.53 -72.62 -64.24
N LYS Z 21 -33.23 -72.33 -64.11
CA LYS Z 21 -32.34 -73.05 -63.21
C LYS Z 21 -32.18 -72.20 -61.94
N VAL Z 22 -32.99 -72.53 -60.93
CA VAL Z 22 -33.04 -71.87 -59.64
C VAL Z 22 -31.92 -72.37 -58.73
N PRO Z 23 -31.20 -71.50 -58.04
CA PRO Z 23 -30.07 -71.98 -57.24
C PRO Z 23 -30.47 -72.64 -55.93
N VAL Z 24 -29.67 -73.64 -55.53
CA VAL Z 24 -29.76 -74.22 -54.19
C VAL Z 24 -28.76 -73.43 -53.35
N TYR Z 25 -29.24 -72.32 -52.80
CA TYR Z 25 -28.34 -71.37 -52.17
C TYR Z 25 -27.61 -72.01 -51.01
N SER Z 26 -28.30 -72.85 -50.25
CA SER Z 26 -27.68 -73.57 -49.13
C SER Z 26 -26.42 -74.33 -49.57
N LYS Z 27 -26.44 -75.03 -50.73
CA LYS Z 27 -25.19 -75.70 -51.13
C LYS Z 27 -24.17 -74.72 -51.69
N ASP Z 28 -24.60 -73.85 -52.61
CA ASP Z 28 -23.60 -73.21 -53.46
C ASP Z 28 -23.14 -71.84 -53.02
N TYR Z 29 -23.97 -71.07 -52.32
CA TYR Z 29 -23.72 -69.65 -52.20
C TYR Z 29 -23.48 -69.23 -50.76
N ARG Z 30 -22.60 -68.26 -50.58
CA ARG Z 30 -22.26 -67.70 -49.28
C ARG Z 30 -22.26 -66.17 -49.39
N VAL Z 31 -22.38 -65.48 -48.26
CA VAL Z 31 -22.59 -64.03 -48.31
C VAL Z 31 -21.25 -63.30 -48.22
N THR Z 32 -20.96 -62.52 -49.27
CA THR Z 32 -19.84 -61.57 -49.33
C THR Z 32 -20.20 -60.19 -48.79
N GLN Z 33 -21.41 -59.71 -49.04
CA GLN Z 33 -21.82 -58.39 -48.57
C GLN Z 33 -23.25 -58.47 -48.05
N ASP Z 34 -23.46 -58.01 -46.81
CA ASP Z 34 -24.78 -57.97 -46.19
C ASP Z 34 -25.13 -56.55 -45.75
N GLU Z 35 -25.02 -55.58 -46.66
CA GLU Z 35 -25.46 -54.27 -46.20
C GLU Z 35 -26.95 -54.09 -46.50
N PRO Z 36 -27.63 -53.19 -45.79
CA PRO Z 36 -29.10 -53.26 -45.71
C PRO Z 36 -29.84 -53.29 -47.03
N ASP Z 37 -29.34 -52.53 -48.01
CA ASP Z 37 -29.96 -52.39 -49.32
C ASP Z 37 -29.18 -53.08 -50.43
N GLU Z 38 -28.07 -53.75 -50.12
CA GLU Z 38 -27.28 -54.40 -51.16
C GLU Z 38 -26.65 -55.65 -50.56
N VAL Z 39 -26.95 -56.79 -51.16
CA VAL Z 39 -26.39 -58.06 -50.74
C VAL Z 39 -25.64 -58.66 -51.92
N VAL Z 40 -24.41 -59.07 -51.65
CA VAL Z 40 -23.59 -59.77 -52.62
C VAL Z 40 -23.34 -61.17 -52.10
N VAL Z 41 -23.40 -62.13 -53.01
CA VAL Z 41 -23.37 -63.55 -52.71
C VAL Z 41 -22.45 -64.22 -53.70
N ALA Z 42 -21.55 -65.06 -53.21
CA ALA Z 42 -20.54 -65.70 -54.03
C ALA Z 42 -20.79 -67.20 -54.11
N ASN Z 43 -20.37 -67.78 -55.23
CA ASN Z 43 -20.56 -69.19 -55.52
C ASN Z 43 -19.38 -69.98 -54.97
N ARG Z 44 -19.64 -70.78 -53.94
CA ARG Z 44 -18.61 -71.58 -53.29
C ARG Z 44 -17.98 -72.59 -54.24
N GLN Z 45 -18.74 -73.05 -55.24
CA GLN Z 45 -18.35 -74.23 -56.02
C GLN Z 45 -17.27 -73.93 -57.06
N GLN Z 46 -17.04 -72.66 -57.40
CA GLN Z 46 -16.06 -72.37 -58.44
C GLN Z 46 -14.64 -72.51 -57.90
N PRO Z 47 -13.67 -72.85 -58.76
CA PRO Z 47 -12.26 -72.80 -58.36
C PRO Z 47 -11.76 -71.37 -58.22
N PHE Z 48 -10.51 -71.18 -57.79
CA PHE Z 48 -10.11 -69.83 -57.41
C PHE Z 48 -10.06 -68.87 -58.58
N GLY Z 49 -9.76 -69.38 -59.77
CA GLY Z 49 -9.77 -68.51 -60.94
C GLY Z 49 -11.14 -67.97 -61.26
N VAL Z 50 -12.14 -68.85 -61.25
CA VAL Z 50 -13.47 -68.49 -61.71
C VAL Z 50 -14.22 -67.74 -60.63
N LYS Z 51 -14.81 -66.61 -61.00
CA LYS Z 51 -15.59 -65.79 -60.09
C LYS Z 51 -17.04 -65.82 -60.52
N ASN Z 52 -17.92 -66.22 -59.60
CA ASN Z 52 -19.36 -66.38 -59.85
C ASN Z 52 -20.10 -65.72 -58.70
N THR Z 53 -20.78 -64.61 -58.97
CA THR Z 53 -21.47 -63.85 -57.93
C THR Z 53 -22.86 -63.45 -58.36
N ALA Z 54 -23.67 -63.09 -57.36
CA ALA Z 54 -25.01 -62.57 -57.57
C ALA Z 54 -25.20 -61.41 -56.61
N ARG Z 55 -25.91 -60.39 -57.08
CA ARG Z 55 -26.08 -59.15 -56.32
C ARG Z 55 -27.56 -58.81 -56.30
N TYR Z 56 -28.07 -58.48 -55.12
CA TYR Z 56 -29.49 -58.23 -54.92
C TYR Z 56 -29.59 -56.88 -54.22
N GLY Z 57 -30.27 -55.93 -54.82
CA GLY Z 57 -30.31 -54.58 -54.28
C GLY Z 57 -31.64 -53.91 -54.50
N ILE Z 58 -32.02 -53.05 -53.54
CA ILE Z 58 -33.21 -52.21 -53.72
C ILE Z 58 -32.83 -50.76 -53.50
N ARG Z 59 -33.55 -49.89 -54.18
CA ARG Z 59 -33.47 -48.44 -54.06
C ARG Z 59 -34.88 -47.91 -53.91
N GLN Z 60 -35.04 -46.88 -53.10
CA GLN Z 60 -36.37 -46.29 -52.94
C GLN Z 60 -36.58 -45.26 -54.03
N ILE Z 61 -37.76 -45.30 -54.64
CA ILE Z 61 -38.12 -44.42 -55.75
C ILE Z 61 -38.95 -43.29 -55.19
N ALA Z 62 -38.49 -42.06 -55.44
CA ALA Z 62 -39.11 -40.88 -54.83
C ALA Z 62 -40.48 -40.62 -55.43
N ASP Z 63 -40.55 -40.50 -56.75
CA ASP Z 63 -41.79 -40.25 -57.48
C ASP Z 63 -41.80 -41.21 -58.66
N VAL Z 64 -42.65 -42.24 -58.60
CA VAL Z 64 -42.70 -43.21 -59.67
C VAL Z 64 -43.31 -42.61 -60.95
N TYR Z 65 -43.95 -41.44 -60.82
CA TYR Z 65 -44.59 -40.75 -61.95
C TYR Z 65 -43.67 -39.75 -62.65
N ARG Z 66 -42.42 -39.63 -62.21
CA ARG Z 66 -41.62 -38.46 -62.58
C ARG Z 66 -41.06 -38.55 -63.99
N ASN Z 67 -40.42 -39.66 -64.34
CA ASN Z 67 -39.91 -39.72 -65.70
C ASN Z 67 -40.97 -40.11 -66.72
N THR Z 68 -42.15 -40.53 -66.27
CA THR Z 68 -43.13 -41.16 -67.13
C THR Z 68 -43.99 -40.12 -67.86
N THR Z 69 -44.70 -40.59 -68.89
CA THR Z 69 -45.76 -39.81 -69.50
C THR Z 69 -47.06 -39.92 -68.73
N ILE Z 70 -47.17 -40.94 -67.87
CA ILE Z 70 -48.26 -40.99 -66.91
C ILE Z 70 -48.03 -39.93 -65.84
N ASP Z 71 -49.11 -39.38 -65.32
CA ASP Z 71 -49.04 -38.58 -64.11
C ASP Z 71 -50.19 -38.95 -63.19
N ARG Z 72 -50.07 -38.50 -61.95
CA ARG Z 72 -50.82 -39.07 -60.85
C ARG Z 72 -52.24 -38.50 -60.80
N ALA Z 73 -53.24 -39.37 -60.85
CA ALA Z 73 -54.63 -38.95 -60.66
C ALA Z 73 -54.88 -38.66 -59.18
N TYR Z 74 -55.98 -37.96 -58.90
CA TYR Z 74 -56.10 -37.32 -57.60
C TYR Z 74 -56.27 -38.30 -56.46
N GLN Z 75 -56.72 -39.50 -56.77
CA GLN Z 75 -57.03 -40.51 -55.78
C GLN Z 75 -56.01 -41.65 -55.78
N SER Z 76 -54.77 -41.32 -56.08
CA SER Z 76 -53.72 -42.32 -55.99
C SER Z 76 -53.21 -42.41 -54.55
N PRO Z 77 -52.91 -43.62 -54.08
CA PRO Z 77 -52.44 -43.76 -52.69
C PRO Z 77 -51.10 -43.11 -52.42
N SER Z 78 -50.12 -43.31 -53.30
CA SER Z 78 -48.79 -42.77 -53.10
C SER Z 78 -48.11 -42.58 -54.44
N LYS Z 79 -47.09 -41.73 -54.41
CA LYS Z 79 -46.13 -41.62 -55.50
C LYS Z 79 -44.92 -42.52 -55.29
N LYS Z 80 -44.82 -43.15 -54.11
CA LYS Z 80 -43.60 -43.85 -53.76
C LYS Z 80 -43.41 -45.10 -54.61
N GLY Z 81 -42.17 -45.57 -54.67
CA GLY Z 81 -41.91 -46.81 -55.37
C GLY Z 81 -40.70 -47.52 -54.81
N THR Z 82 -40.46 -48.72 -55.33
CA THR Z 82 -39.24 -49.46 -55.00
C THR Z 82 -38.65 -50.02 -56.28
N SER Z 83 -37.33 -49.97 -56.39
CA SER Z 83 -36.61 -50.44 -57.55
C SER Z 83 -35.71 -51.59 -57.12
N LEU Z 84 -35.90 -52.76 -57.74
CA LEU Z 84 -35.17 -53.96 -57.41
C LEU Z 84 -34.20 -54.29 -58.54
N VAL Z 85 -33.01 -54.75 -58.17
CA VAL Z 85 -32.02 -55.21 -59.13
C VAL Z 85 -31.53 -56.58 -58.69
N VAL Z 86 -31.42 -57.46 -59.69
CA VAL Z 86 -30.87 -58.80 -59.52
C VAL Z 86 -29.80 -58.95 -60.59
N GLN Z 87 -28.55 -59.13 -60.17
CA GLN Z 87 -27.43 -59.26 -61.09
C GLN Z 87 -26.73 -60.59 -60.89
N VAL Z 88 -26.32 -61.19 -62.00
CA VAL Z 88 -25.48 -62.38 -61.96
C VAL Z 88 -24.21 -62.06 -62.74
N THR Z 89 -23.09 -62.55 -62.21
CA THR Z 89 -21.76 -62.35 -62.77
C THR Z 89 -21.09 -63.71 -62.86
N GLU Z 90 -20.65 -64.09 -64.05
CA GLU Z 90 -20.00 -65.37 -64.27
C GLU Z 90 -18.67 -65.17 -64.95
N THR Z 91 -17.81 -66.17 -64.81
CA THR Z 91 -16.49 -66.18 -65.42
C THR Z 91 -16.38 -67.43 -66.28
N TRP Z 92 -16.44 -67.26 -67.59
CA TRP Z 92 -16.33 -68.36 -68.53
C TRP Z 92 -14.88 -68.52 -68.93
N THR Z 93 -14.48 -69.74 -69.30
CA THR Z 93 -13.07 -70.00 -69.59
C THR Z 93 -12.91 -70.69 -70.92
N VAL Z 94 -11.99 -70.18 -71.74
CA VAL Z 94 -11.65 -70.76 -73.03
C VAL Z 94 -10.29 -71.42 -72.88
N ALA Z 95 -10.20 -72.68 -73.30
CA ALA Z 95 -8.94 -73.43 -73.30
C ALA Z 95 -8.79 -74.13 -74.64
N SER Z 96 -7.64 -74.78 -74.82
CA SER Z 96 -7.36 -75.51 -76.05
C SER Z 96 -6.91 -76.93 -75.73
N THR Z 97 -7.43 -77.89 -76.50
CA THR Z 97 -7.00 -79.28 -76.39
C THR Z 97 -5.65 -79.54 -77.06
N ASP Z 98 -5.16 -78.61 -77.87
CA ASP Z 98 -3.85 -78.72 -78.49
C ASP Z 98 -2.75 -78.16 -77.58
N ASP Z 99 -2.93 -76.93 -77.11
CA ASP Z 99 -1.92 -76.19 -76.36
C ASP Z 99 -2.37 -76.05 -74.92
N GLU Z 100 -1.53 -76.51 -73.99
CA GLU Z 100 -1.79 -76.27 -72.58
C GLU Z 100 -1.56 -74.80 -72.21
N THR Z 101 -0.78 -74.07 -73.00
CA THR Z 101 -0.49 -72.67 -72.72
C THR Z 101 -1.67 -71.77 -73.03
N TYR Z 102 -2.48 -72.14 -74.01
CA TYR Z 102 -3.49 -71.25 -74.52
C TYR Z 102 -4.74 -71.29 -73.66
N GLY Z 103 -5.13 -70.13 -73.17
CA GLY Z 103 -6.38 -69.99 -72.43
C GLY Z 103 -6.62 -68.54 -72.06
N TYR Z 104 -7.89 -68.24 -71.81
CA TYR Z 104 -8.28 -66.94 -71.28
C TYR Z 104 -9.65 -67.05 -70.60
N SER Z 105 -10.02 -65.96 -69.91
CA SER Z 105 -11.27 -65.88 -69.18
C SER Z 105 -12.12 -64.77 -69.78
N LEU Z 106 -13.40 -65.06 -69.98
CA LEU Z 106 -14.38 -64.11 -70.46
C LEU Z 106 -15.32 -63.74 -69.33
N PRO Z 107 -15.54 -62.46 -69.09
CA PRO Z 107 -16.49 -62.07 -68.05
C PRO Z 107 -17.90 -61.90 -68.60
N PHE Z 108 -18.88 -62.57 -68.02
CA PHE Z 108 -20.27 -62.39 -68.40
C PHE Z 108 -21.02 -61.71 -67.26
N SER Z 109 -21.91 -60.78 -67.60
CA SER Z 109 -22.77 -60.27 -66.55
C SER Z 109 -24.14 -59.94 -67.13
N ALA Z 110 -25.13 -59.95 -66.27
CA ALA Z 110 -26.46 -59.54 -66.70
C ALA Z 110 -27.28 -59.22 -65.48
N HIS Z 111 -28.26 -58.35 -65.65
CA HIS Z 111 -29.10 -58.02 -64.51
C HIS Z 111 -30.50 -57.66 -64.98
N VAL Z 112 -31.41 -57.70 -64.01
CA VAL Z 112 -32.81 -57.34 -64.20
C VAL Z 112 -33.12 -56.24 -63.19
N ILE Z 113 -33.91 -55.27 -63.62
CA ILE Z 113 -34.35 -54.19 -62.77
C ILE Z 113 -35.87 -54.09 -62.91
N VAL Z 114 -36.54 -53.91 -61.77
CA VAL Z 114 -37.99 -53.91 -61.68
C VAL Z 114 -38.40 -52.69 -60.86
N ASN Z 115 -39.36 -51.91 -61.37
CA ASN Z 115 -39.73 -50.65 -60.75
C ASN Z 115 -41.21 -50.69 -60.34
N VAL Z 116 -41.45 -51.09 -59.10
CA VAL Z 116 -42.80 -51.43 -58.63
C VAL Z 116 -43.35 -50.23 -57.86
N PRO Z 117 -44.52 -49.70 -58.24
CA PRO Z 117 -45.18 -48.67 -57.42
C PRO Z 117 -45.66 -49.24 -56.10
N GLN Z 118 -45.87 -48.33 -55.14
CA GLN Z 118 -46.38 -48.70 -53.82
C GLN Z 118 -47.92 -48.64 -53.84
N ASP Z 119 -48.52 -49.72 -54.31
CA ASP Z 119 -49.96 -49.88 -54.21
C ASP Z 119 -50.24 -51.32 -53.78
N ALA Z 120 -51.08 -51.47 -52.76
CA ALA Z 120 -51.27 -52.78 -52.17
C ALA Z 120 -51.91 -53.78 -53.14
N LEU Z 121 -52.62 -53.31 -54.16
CA LEU Z 121 -53.26 -54.19 -55.13
C LEU Z 121 -52.27 -54.85 -56.08
N ILE Z 122 -51.04 -54.33 -56.19
CA ILE Z 122 -49.99 -55.05 -56.90
C ILE Z 122 -49.61 -56.26 -56.06
N THR Z 123 -49.74 -57.45 -56.65
CA THR Z 123 -49.46 -58.68 -55.91
C THR Z 123 -48.19 -59.33 -56.45
N GLU Z 124 -47.67 -60.27 -55.66
CA GLU Z 124 -46.44 -60.95 -56.05
C GLU Z 124 -46.64 -61.69 -57.36
N GLU Z 125 -47.82 -62.26 -57.56
CA GLU Z 125 -48.10 -62.94 -58.81
C GLU Z 125 -48.18 -61.96 -59.97
N ILE Z 126 -48.82 -60.79 -59.76
CA ILE Z 126 -48.86 -59.78 -60.83
C ILE Z 126 -47.46 -59.46 -61.28
N LEU Z 127 -46.55 -59.31 -60.32
CA LEU Z 127 -45.17 -58.95 -60.66
C LEU Z 127 -44.45 -60.08 -61.40
N TYR Z 128 -44.61 -61.33 -60.95
CA TYR Z 128 -43.98 -62.42 -61.69
C TYR Z 128 -44.51 -62.51 -63.12
N ASP Z 129 -45.83 -62.35 -63.30
CA ASP Z 129 -46.37 -62.42 -64.66
C ASP Z 129 -45.89 -61.25 -65.50
N ALA Z 130 -45.65 -60.10 -64.87
CA ALA Z 130 -45.00 -59.00 -65.57
C ALA Z 130 -43.61 -59.40 -66.03
N LEU Z 131 -42.83 -60.05 -65.16
CA LEU Z 131 -41.51 -60.51 -65.54
C LEU Z 131 -41.59 -61.49 -66.72
N LYS Z 132 -42.62 -62.33 -66.74
CA LYS Z 132 -42.79 -63.28 -67.82
C LYS Z 132 -43.07 -62.56 -69.14
N ARG Z 133 -43.94 -61.54 -69.10
CA ARG Z 133 -44.16 -60.71 -70.28
C ARG Z 133 -42.87 -60.05 -70.74
N LEU Z 134 -42.08 -59.55 -69.77
CA LEU Z 134 -40.79 -58.91 -70.07
C LEU Z 134 -39.88 -59.84 -70.85
N MET Z 135 -39.54 -60.98 -70.24
CA MET Z 135 -38.67 -61.94 -70.91
C MET Z 135 -39.24 -62.42 -72.23
N GLY Z 136 -40.56 -62.36 -72.41
CA GLY Z 136 -41.11 -62.74 -73.71
C GLY Z 136 -40.58 -61.91 -74.87
N HIS Z 137 -40.12 -60.69 -74.61
CA HIS Z 137 -39.61 -59.83 -75.67
C HIS Z 137 -38.28 -60.30 -76.24
N PHE Z 138 -37.68 -61.35 -75.67
CA PHE Z 138 -36.54 -61.99 -76.29
C PHE Z 138 -36.94 -62.98 -77.36
N TYR Z 139 -38.22 -62.96 -77.76
CA TYR Z 139 -38.76 -63.89 -78.73
C TYR Z 139 -39.76 -63.14 -79.61
N GLU Z 140 -40.18 -63.80 -80.69
CA GLU Z 140 -41.27 -63.35 -81.55
C GLU Z 140 -42.27 -64.49 -81.68
N GLY Z 141 -43.56 -64.15 -81.66
CA GLY Z 141 -44.59 -65.18 -81.73
C GLY Z 141 -45.42 -65.14 -83.00
N ASN Z 142 -46.10 -66.25 -83.30
CA ASN Z 142 -46.96 -66.36 -84.48
C ASN Z 142 -48.33 -66.88 -84.06
N ASP Z 143 -49.38 -66.07 -84.25
CA ASP Z 143 -50.72 -66.63 -84.03
C ASP Z 143 -51.11 -67.59 -85.14
N THR Z 144 -50.45 -67.49 -86.29
CA THR Z 144 -50.96 -68.13 -87.49
C THR Z 144 -50.97 -69.65 -87.37
N THR Z 145 -49.84 -70.25 -87.02
CA THR Z 145 -49.72 -71.70 -87.00
C THR Z 145 -50.69 -72.30 -85.99
N SER Z 146 -51.08 -73.52 -86.27
CA SER Z 146 -52.01 -74.19 -85.37
C SER Z 146 -51.38 -74.54 -84.03
N PRO Z 147 -50.18 -75.12 -83.97
CA PRO Z 147 -49.44 -74.94 -82.72
C PRO Z 147 -48.67 -73.63 -82.86
N THR Z 148 -48.87 -72.73 -81.90
CA THR Z 148 -48.23 -71.42 -82.00
C THR Z 148 -46.71 -71.61 -81.98
N THR Z 149 -46.02 -70.87 -82.82
CA THR Z 149 -44.58 -70.98 -82.95
C THR Z 149 -43.91 -69.69 -82.51
N THR Z 150 -42.74 -69.84 -81.89
CA THR Z 150 -41.93 -68.72 -81.43
C THR Z 150 -40.51 -68.87 -81.96
N SER Z 151 -39.98 -67.78 -82.49
CA SER Z 151 -38.58 -67.70 -82.90
C SER Z 151 -37.83 -66.77 -81.96
N VAL Z 152 -36.50 -66.81 -82.05
CA VAL Z 152 -35.65 -66.14 -81.08
C VAL Z 152 -35.13 -64.82 -81.62
N ARG Z 153 -34.83 -63.91 -80.69
CA ARG Z 153 -34.37 -62.59 -81.02
C ARG Z 153 -32.98 -62.26 -80.52
N LEU Z 154 -32.50 -62.91 -79.46
CA LEU Z 154 -31.32 -62.43 -78.74
C LEU Z 154 -30.14 -62.21 -79.68
N LYS Z 155 -29.89 -63.15 -80.59
CA LYS Z 155 -28.80 -62.97 -81.55
C LYS Z 155 -29.04 -61.74 -82.40
N ASP Z 156 -30.20 -61.69 -83.08
CA ASP Z 156 -30.46 -60.59 -84.00
C ASP Z 156 -30.36 -59.24 -83.29
N MET Z 157 -30.80 -59.17 -82.03
CA MET Z 157 -30.70 -57.92 -81.29
C MET Z 157 -29.26 -57.57 -80.98
N LEU Z 158 -28.51 -58.51 -80.39
CA LEU Z 158 -27.11 -58.25 -80.11
C LEU Z 158 -26.33 -57.89 -81.37
N GLN Z 159 -26.79 -58.35 -82.54
CA GLN Z 159 -26.16 -58.02 -83.81
C GLN Z 159 -26.59 -56.67 -84.36
N GLY Z 160 -27.57 -56.01 -83.75
CA GLY Z 160 -28.01 -54.69 -84.18
C GLY Z 160 -29.35 -54.64 -84.87
N ALA Z 161 -30.00 -55.79 -85.08
CA ALA Z 161 -31.34 -55.83 -85.67
C ALA Z 161 -32.35 -55.68 -84.54
N LEU Z 162 -32.53 -54.43 -84.12
CA LEU Z 162 -33.31 -54.20 -82.91
C LEU Z 162 -34.81 -54.17 -83.17
N VAL Z 163 -35.23 -54.03 -84.42
CA VAL Z 163 -36.66 -54.08 -84.70
C VAL Z 163 -37.04 -55.55 -84.83
N PRO Z 164 -38.17 -55.96 -84.28
CA PRO Z 164 -38.64 -57.32 -84.52
C PRO Z 164 -38.81 -57.60 -86.01
N GLN Z 165 -38.43 -58.79 -86.42
CA GLN Z 165 -38.51 -59.17 -87.83
C GLN Z 165 -39.96 -59.32 -88.29
N SER Z 166 -40.90 -59.45 -87.33
CA SER Z 166 -42.32 -59.49 -87.65
C SER Z 166 -42.83 -58.14 -88.14
N LEU Z 167 -42.20 -57.05 -87.70
CA LEU Z 167 -42.62 -55.71 -88.08
C LEU Z 167 -42.02 -55.29 -89.41
N SER AA 1 -4.04 -82.76 -69.77
CA SER AA 1 -4.66 -82.07 -68.64
C SER AA 1 -3.60 -81.61 -67.66
N LYS AA 2 -3.96 -80.64 -66.81
CA LYS AA 2 -3.03 -80.02 -65.89
C LYS AA 2 -3.16 -80.65 -64.50
N ILE AA 3 -2.02 -80.86 -63.84
CA ILE AA 3 -1.99 -81.49 -62.53
C ILE AA 3 -1.09 -80.68 -61.61
N LEU AA 4 -1.53 -80.53 -60.36
CA LEU AA 4 -0.72 -79.93 -59.31
C LEU AA 4 -0.23 -81.02 -58.36
N SER AA 5 1.04 -80.94 -57.98
CA SER AA 5 1.61 -81.80 -56.95
C SER AA 5 2.17 -80.93 -55.84
N THR AA 6 1.93 -81.35 -54.61
CA THR AA 6 2.53 -80.70 -53.45
C THR AA 6 3.94 -81.21 -53.16
N ASN AA 7 4.39 -82.23 -53.89
CA ASN AA 7 5.73 -82.79 -53.74
C ASN AA 7 5.97 -83.38 -52.35
N ASN AA 8 4.91 -83.61 -51.58
CA ASN AA 8 5.03 -84.28 -50.29
C ASN AA 8 4.92 -85.79 -50.41
N SER AA 9 4.94 -86.32 -51.63
CA SER AA 9 4.73 -87.75 -51.83
C SER AA 9 5.80 -88.58 -51.13
N ASN AA 10 7.07 -88.13 -51.19
CA ASN AA 10 8.18 -88.92 -50.67
C ASN AA 10 8.62 -88.50 -49.28
N SER AA 11 8.02 -87.47 -48.70
CA SER AA 11 8.37 -87.04 -47.36
C SER AA 11 7.72 -87.95 -46.32
N ASN AA 12 8.38 -88.09 -45.17
CA ASN AA 12 8.00 -89.10 -44.17
C ASN AA 12 7.26 -88.42 -43.00
N PHE AA 13 6.05 -88.89 -42.73
CA PHE AA 13 5.25 -88.36 -41.63
C PHE AA 13 4.76 -89.50 -40.75
N VAL AA 14 4.29 -89.08 -39.57
CA VAL AA 14 3.58 -89.93 -38.62
C VAL AA 14 2.27 -89.23 -38.29
N ASP AA 15 1.16 -89.93 -38.44
CA ASP AA 15 -0.11 -89.33 -38.13
C ASP AA 15 -0.29 -89.21 -36.61
N THR AA 16 -1.00 -88.17 -36.18
CA THR AA 16 -1.41 -88.07 -34.78
C THR AA 16 -2.73 -87.33 -34.69
N SER AA 17 -3.49 -87.62 -33.63
CA SER AA 17 -4.85 -87.11 -33.51
C SER AA 17 -4.85 -85.71 -32.90
N PHE AA 18 -5.69 -84.85 -33.45
CA PHE AA 18 -5.77 -83.45 -33.03
C PHE AA 18 -7.23 -83.04 -33.21
N THR AA 19 -8.03 -83.26 -32.18
CA THR AA 19 -9.47 -83.12 -32.30
C THR AA 19 -9.88 -81.67 -32.05
N LEU AA 20 -10.44 -81.03 -33.07
CA LEU AA 20 -10.78 -79.62 -33.00
C LEU AA 20 -12.11 -79.41 -32.31
N LYS AA 21 -12.16 -78.41 -31.44
CA LYS AA 21 -13.40 -77.93 -30.84
C LYS AA 21 -13.89 -76.77 -31.71
N VAL AA 22 -14.88 -77.06 -32.56
CA VAL AA 22 -15.45 -76.12 -33.52
C VAL AA 22 -16.58 -75.32 -32.89
N PRO AA 23 -16.61 -74.01 -33.05
CA PRO AA 23 -17.66 -73.20 -32.43
C PRO AA 23 -19.04 -73.40 -33.04
N VAL AA 24 -20.05 -73.26 -32.20
CA VAL AA 24 -21.44 -73.14 -32.65
C VAL AA 24 -21.75 -71.65 -32.59
N TYR AA 25 -21.53 -70.98 -33.72
CA TYR AA 25 -21.57 -69.52 -33.72
C TYR AA 25 -22.96 -69.02 -33.34
N SER AA 26 -23.98 -69.69 -33.88
CA SER AA 26 -25.35 -69.31 -33.57
C SER AA 26 -25.62 -69.25 -32.06
N LYS AA 27 -25.07 -70.17 -31.26
CA LYS AA 27 -25.34 -70.07 -29.83
C LYS AA 27 -24.38 -69.11 -29.14
N ASP AA 28 -23.08 -69.13 -29.48
CA ASP AA 28 -22.13 -68.46 -28.60
C ASP AA 28 -21.69 -67.07 -29.07
N TYR AA 29 -21.75 -66.76 -30.36
CA TYR AA 29 -21.06 -65.57 -30.83
C TYR AA 29 -22.03 -64.55 -31.40
N ARG AA 30 -21.55 -63.31 -31.47
CA ARG AA 30 -22.17 -62.20 -32.18
C ARG AA 30 -21.10 -61.48 -32.99
N VAL AA 31 -21.54 -60.65 -33.92
CA VAL AA 31 -20.60 -59.94 -34.78
C VAL AA 31 -20.32 -58.57 -34.19
N THR AA 32 -19.04 -58.30 -33.92
CA THR AA 32 -18.54 -57.01 -33.46
C THR AA 32 -18.23 -56.06 -34.59
N GLN AA 33 -17.59 -56.54 -35.66
CA GLN AA 33 -17.22 -55.68 -36.78
C GLN AA 33 -17.52 -56.41 -38.07
N ASP AA 34 -18.25 -55.76 -38.97
CA ASP AA 34 -18.59 -56.32 -40.28
C ASP AA 34 -17.99 -55.40 -41.34
N GLU AA 35 -16.72 -55.62 -41.66
CA GLU AA 35 -16.02 -54.93 -42.73
C GLU AA 35 -15.82 -55.88 -43.90
N PRO AA 36 -15.58 -55.34 -45.09
CA PRO AA 36 -15.39 -56.23 -46.25
C PRO AA 36 -14.15 -57.09 -46.15
N ASP AA 37 -13.12 -56.62 -45.44
CA ASP AA 37 -11.86 -57.32 -45.36
C ASP AA 37 -11.59 -57.92 -44.00
N GLU AA 38 -12.33 -57.54 -42.98
CA GLU AA 38 -12.00 -57.87 -41.60
C GLU AA 38 -13.31 -58.00 -40.83
N VAL AA 39 -13.60 -59.19 -40.34
CA VAL AA 39 -14.76 -59.43 -39.49
C VAL AA 39 -14.28 -59.76 -38.09
N VAL AA 40 -14.95 -59.19 -37.10
CA VAL AA 40 -14.66 -59.45 -35.70
C VAL AA 40 -15.91 -59.99 -35.03
N VAL AA 41 -15.71 -61.02 -34.23
CA VAL AA 41 -16.75 -61.81 -33.61
C VAL AA 41 -16.41 -61.92 -32.13
N ALA AA 42 -17.45 -61.95 -31.29
CA ALA AA 42 -17.28 -61.95 -29.85
C ALA AA 42 -18.22 -62.94 -29.19
N ASN AA 43 -17.78 -63.47 -28.06
CA ASN AA 43 -18.57 -64.45 -27.30
C ASN AA 43 -19.47 -63.67 -26.34
N ARG AA 44 -20.76 -63.67 -26.63
CA ARG AA 44 -21.75 -63.00 -25.79
C ARG AA 44 -22.12 -63.79 -24.55
N GLN AA 45 -21.73 -65.07 -24.46
CA GLN AA 45 -22.05 -65.89 -23.30
C GLN AA 45 -21.06 -65.71 -22.16
N GLN AA 46 -19.84 -65.26 -22.45
CA GLN AA 46 -18.85 -65.03 -21.40
C GLN AA 46 -19.37 -63.98 -20.42
N PRO AA 47 -19.01 -64.08 -19.14
CA PRO AA 47 -19.25 -62.97 -18.21
C PRO AA 47 -18.51 -61.72 -18.65
N PHE AA 48 -18.83 -60.59 -18.00
CA PHE AA 48 -18.36 -59.31 -18.51
C PHE AA 48 -16.84 -59.19 -18.46
N GLY AA 49 -16.23 -59.69 -17.39
CA GLY AA 49 -14.78 -59.60 -17.28
C GLY AA 49 -14.05 -60.33 -18.40
N VAL AA 50 -14.57 -61.48 -18.81
CA VAL AA 50 -13.86 -62.36 -19.73
C VAL AA 50 -14.29 -62.03 -21.17
N LYS AA 51 -13.37 -61.48 -21.94
CA LYS AA 51 -13.62 -61.15 -23.33
C LYS AA 51 -13.04 -62.28 -24.18
N ASN AA 52 -13.91 -63.01 -24.87
CA ASN AA 52 -13.52 -64.08 -25.80
C ASN AA 52 -13.88 -63.62 -27.22
N THR AA 53 -12.88 -63.36 -28.06
CA THR AA 53 -13.10 -62.80 -29.40
C THR AA 53 -12.32 -63.56 -30.47
N ALA AA 54 -12.69 -63.31 -31.72
CA ALA AA 54 -12.07 -63.91 -32.88
C ALA AA 54 -12.14 -62.93 -34.05
N ARG AA 55 -11.16 -63.04 -34.94
CA ARG AA 55 -11.00 -62.07 -36.02
C ARG AA 55 -10.64 -62.82 -37.29
N TYR AA 56 -11.33 -62.49 -38.38
CA TYR AA 56 -11.17 -63.20 -39.63
C TYR AA 56 -10.92 -62.15 -40.71
N GLY AA 57 -9.74 -62.19 -41.32
CA GLY AA 57 -9.34 -61.13 -42.23
C GLY AA 57 -8.67 -61.65 -43.47
N ILE AA 58 -8.78 -60.87 -44.55
CA ILE AA 58 -8.13 -61.18 -45.81
C ILE AA 58 -7.48 -59.92 -46.36
N ARG AA 59 -6.19 -60.02 -46.65
CA ARG AA 59 -5.44 -59.04 -47.42
C ARG AA 59 -5.16 -59.67 -48.79
N GLN AA 60 -5.01 -58.85 -49.82
CA GLN AA 60 -4.73 -59.41 -51.14
C GLN AA 60 -3.25 -59.21 -51.46
N ILE AA 61 -2.61 -60.30 -51.90
CA ILE AA 61 -1.17 -60.35 -52.12
C ILE AA 61 -0.88 -59.96 -53.55
N ALA AA 62 -0.02 -58.95 -53.72
CA ALA AA 62 0.26 -58.42 -55.04
C ALA AA 62 1.16 -59.35 -55.85
N ASP AA 63 2.29 -59.75 -55.28
CA ASP AA 63 3.20 -60.70 -55.90
C ASP AA 63 3.44 -61.81 -54.90
N VAL AA 64 2.88 -62.98 -55.16
CA VAL AA 64 3.05 -64.10 -54.24
C VAL AA 64 4.48 -64.61 -54.26
N TYR AA 65 5.26 -64.22 -55.27
CA TYR AA 65 6.65 -64.63 -55.42
C TYR AA 65 7.64 -63.64 -54.83
N ARG AA 66 7.16 -62.63 -54.10
CA ARG AA 66 8.02 -61.50 -53.76
C ARG AA 66 9.18 -61.93 -52.88
N ASN AA 67 8.90 -62.70 -51.84
CA ASN AA 67 9.93 -63.11 -50.90
C ASN AA 67 10.31 -64.59 -51.06
N THR AA 68 10.25 -65.09 -52.29
CA THR AA 68 10.57 -66.48 -52.60
C THR AA 68 11.78 -66.55 -53.50
N THR AA 69 12.35 -67.76 -53.58
CA THR AA 69 13.55 -68.02 -54.36
C THR AA 69 13.23 -68.56 -55.75
N ILE AA 70 11.99 -68.40 -56.21
CA ILE AA 70 11.57 -68.99 -57.47
C ILE AA 70 11.89 -68.00 -58.58
N ASP AA 71 12.74 -68.41 -59.52
CA ASP AA 71 13.10 -67.53 -60.62
C ASP AA 71 11.89 -67.30 -61.52
N ARG AA 72 11.89 -66.15 -62.21
CA ARG AA 72 10.72 -65.75 -63.00
C ARG AA 72 10.37 -66.80 -64.05
N ALA AA 73 11.39 -67.41 -64.67
CA ALA AA 73 11.14 -68.42 -65.69
C ALA AA 73 10.32 -69.60 -65.18
N TYR AA 74 10.15 -69.72 -63.86
CA TYR AA 74 9.42 -70.84 -63.27
C TYR AA 74 8.16 -70.38 -62.56
N GLN AA 75 7.78 -69.12 -62.69
CA GLN AA 75 6.59 -68.57 -62.03
C GLN AA 75 5.36 -68.77 -62.91
N SER AA 76 4.18 -68.73 -62.29
CA SER AA 76 2.95 -68.80 -63.06
C SER AA 76 2.79 -67.49 -63.80
N PRO AA 77 1.84 -67.42 -64.75
CA PRO AA 77 1.56 -66.11 -65.36
C PRO AA 77 0.93 -65.14 -64.39
N SER AA 78 0.20 -65.63 -63.38
CA SER AA 78 -0.55 -64.80 -62.45
C SER AA 78 0.18 -64.75 -61.12
N LYS AA 79 0.49 -63.55 -60.67
CA LYS AA 79 1.17 -63.37 -59.39
C LYS AA 79 0.20 -63.09 -58.26
N LYS AA 80 -1.10 -63.03 -58.56
CA LYS AA 80 -2.10 -62.70 -57.55
C LYS AA 80 -2.13 -63.74 -56.43
N GLY AA 81 -2.45 -63.28 -55.22
CA GLY AA 81 -2.71 -64.20 -54.12
C GLY AA 81 -3.67 -63.56 -53.13
N THR AA 82 -4.08 -64.36 -52.15
CA THR AA 82 -4.80 -63.84 -51.00
C THR AA 82 -4.14 -64.34 -49.73
N SER AA 83 -4.32 -63.58 -48.65
CA SER AA 83 -3.70 -63.85 -47.37
C SER AA 83 -4.78 -63.81 -46.32
N LEU AA 84 -4.97 -64.93 -45.65
CA LEU AA 84 -6.02 -65.12 -44.65
C LEU AA 84 -5.41 -65.07 -43.27
N VAL AA 85 -6.12 -64.44 -42.34
CA VAL AA 85 -5.74 -64.47 -40.93
C VAL AA 85 -6.95 -64.89 -40.11
N VAL AA 86 -6.69 -65.77 -39.15
CA VAL AA 86 -7.67 -66.24 -38.20
C VAL AA 86 -7.05 -66.05 -36.83
N GLN AA 87 -7.57 -65.10 -36.05
CA GLN AA 87 -7.05 -64.81 -34.73
C GLN AA 87 -8.09 -65.13 -33.67
N VAL AA 88 -7.64 -65.70 -32.56
CA VAL AA 88 -8.48 -65.93 -31.41
C VAL AA 88 -7.85 -65.24 -30.22
N THR AA 89 -8.69 -64.66 -29.38
CA THR AA 89 -8.30 -63.95 -28.16
C THR AA 89 -9.16 -64.47 -27.02
N GLU AA 90 -8.52 -65.00 -25.99
CA GLU AA 90 -9.20 -65.51 -24.82
C GLU AA 90 -8.69 -64.81 -23.58
N THR AA 91 -9.48 -64.88 -22.51
CA THR AA 91 -9.09 -64.33 -21.22
C THR AA 91 -9.33 -65.39 -20.16
N TRP AA 92 -8.25 -65.86 -19.55
CA TRP AA 92 -8.30 -66.89 -18.53
C TRP AA 92 -8.26 -66.21 -17.17
N THR AA 93 -8.87 -66.82 -16.17
CA THR AA 93 -8.86 -66.25 -14.83
C THR AA 93 -8.20 -67.21 -13.85
N VAL AA 94 -7.38 -66.65 -12.97
CA VAL AA 94 -6.74 -67.37 -11.89
C VAL AA 94 -7.38 -66.90 -10.59
N ALA AA 95 -7.82 -67.85 -9.77
CA ALA AA 95 -8.40 -67.53 -8.47
C ALA AA 95 -7.95 -68.59 -7.48
N SER AA 96 -8.47 -68.51 -6.26
CA SER AA 96 -8.05 -69.39 -5.17
C SER AA 96 -9.26 -70.04 -4.50
N THR AA 97 -9.04 -71.26 -4.03
CA THR AA 97 -10.05 -71.96 -3.24
C THR AA 97 -10.20 -71.35 -1.86
N ASP AA 98 -9.07 -71.04 -1.22
CA ASP AA 98 -9.09 -70.58 0.15
C ASP AA 98 -9.45 -69.11 0.26
N ASP AA 99 -9.19 -68.34 -0.80
CA ASP AA 99 -9.27 -66.88 -0.75
C ASP AA 99 -10.14 -66.39 -1.90
N GLU AA 100 -11.29 -65.80 -1.56
CA GLU AA 100 -12.17 -65.23 -2.56
C GLU AA 100 -11.62 -63.94 -3.15
N THR AA 101 -10.72 -63.26 -2.45
CA THR AA 101 -10.20 -61.98 -2.92
C THR AA 101 -8.97 -62.12 -3.81
N TYR AA 102 -8.43 -63.32 -3.99
CA TYR AA 102 -7.22 -63.51 -4.75
C TYR AA 102 -7.55 -63.94 -6.16
N GLY AA 103 -7.09 -63.17 -7.13
CA GLY AA 103 -7.21 -63.56 -8.53
C GLY AA 103 -6.62 -62.52 -9.46
N TYR AA 104 -6.51 -62.94 -10.72
CA TYR AA 104 -6.14 -62.05 -11.83
C TYR AA 104 -6.60 -62.66 -13.14
N SER AA 105 -6.42 -61.91 -14.23
CA SER AA 105 -6.81 -62.34 -15.57
C SER AA 105 -5.59 -62.37 -16.48
N LEU AA 106 -5.40 -63.48 -17.18
CA LEU AA 106 -4.32 -63.69 -18.11
C LEU AA 106 -4.84 -63.59 -19.52
N PRO AA 107 -4.19 -62.82 -20.38
CA PRO AA 107 -4.62 -62.74 -21.78
C PRO AA 107 -3.92 -63.77 -22.66
N PHE AA 108 -4.70 -64.57 -23.39
CA PHE AA 108 -4.16 -65.46 -24.40
C PHE AA 108 -4.56 -64.94 -25.77
N SER AA 109 -3.62 -65.00 -26.72
CA SER AA 109 -3.95 -64.69 -28.09
C SER AA 109 -3.14 -65.61 -28.99
N ALA AA 110 -3.70 -65.92 -30.15
CA ALA AA 110 -2.97 -66.70 -31.12
C ALA AA 110 -3.62 -66.48 -32.47
N HIS AA 111 -2.84 -66.64 -33.53
CA HIS AA 111 -3.43 -66.50 -34.85
C HIS AA 111 -2.70 -67.37 -35.86
N VAL AA 112 -3.40 -67.60 -36.98
CA VAL AA 112 -2.88 -68.32 -38.12
C VAL AA 112 -2.97 -67.40 -39.32
N ILE AA 113 -1.95 -67.44 -40.17
CA ILE AA 113 -1.94 -66.72 -41.43
C ILE AA 113 -1.64 -67.72 -42.52
N VAL AA 114 -2.37 -67.63 -43.62
CA VAL AA 114 -2.24 -68.56 -44.75
C VAL AA 114 -2.14 -67.73 -46.01
N ASN AA 115 -1.14 -68.03 -46.85
CA ASN AA 115 -0.84 -67.21 -48.02
C ASN AA 115 -1.03 -68.07 -49.27
N VAL AA 116 -2.23 -68.02 -49.85
CA VAL AA 116 -2.63 -68.93 -50.91
C VAL AA 116 -2.52 -68.20 -52.25
N PRO AA 117 -1.76 -68.72 -53.21
CA PRO AA 117 -1.83 -68.18 -54.58
C PRO AA 117 -3.17 -68.49 -55.21
N GLN AA 118 -3.66 -67.57 -56.05
CA GLN AA 118 -4.91 -67.80 -56.76
C GLN AA 118 -4.63 -68.63 -58.00
N ASP AA 119 -4.65 -69.95 -57.83
CA ASP AA 119 -4.54 -70.88 -58.93
C ASP AA 119 -5.73 -71.83 -58.82
N ALA AA 120 -6.44 -72.02 -59.93
CA ALA AA 120 -7.65 -72.82 -59.88
C ALA AA 120 -7.37 -74.24 -59.37
N LEU AA 121 -6.14 -74.72 -59.55
CA LEU AA 121 -5.77 -76.09 -59.17
C LEU AA 121 -5.56 -76.26 -57.67
N ILE AA 122 -5.34 -75.18 -56.92
CA ILE AA 122 -5.31 -75.27 -55.46
C ILE AA 122 -6.73 -75.48 -54.97
N THR AA 123 -6.98 -76.60 -54.29
CA THR AA 123 -8.32 -76.95 -53.83
C THR AA 123 -8.43 -76.73 -52.32
N GLU AA 124 -9.68 -76.69 -51.85
CA GLU AA 124 -9.89 -76.48 -50.42
C GLU AA 124 -9.30 -77.65 -49.63
N GLU AA 125 -9.36 -78.86 -50.19
CA GLU AA 125 -8.77 -79.99 -49.51
C GLU AA 125 -7.25 -79.89 -49.47
N ILE AA 126 -6.62 -79.46 -50.57
CA ILE AA 126 -5.17 -79.23 -50.56
C ILE AA 126 -4.80 -78.28 -49.45
N LEU AA 127 -5.57 -77.19 -49.31
CA LEU AA 127 -5.24 -76.19 -48.31
C LEU AA 127 -5.42 -76.74 -46.88
N TYR AA 128 -6.50 -77.47 -46.63
CA TYR AA 128 -6.64 -78.06 -45.30
C TYR AA 128 -5.53 -79.04 -44.99
N ASP AA 129 -5.11 -79.84 -45.97
CA ASP AA 129 -4.01 -80.77 -45.73
C ASP AA 129 -2.72 -80.01 -45.44
N ALA AA 130 -2.53 -78.87 -46.11
CA ALA AA 130 -1.39 -78.02 -45.78
C ALA AA 130 -1.46 -77.53 -44.33
N LEU AA 131 -2.65 -77.12 -43.89
CA LEU AA 131 -2.80 -76.69 -42.50
C LEU AA 131 -2.49 -77.84 -41.54
N LYS AA 132 -2.89 -79.06 -41.90
CA LYS AA 132 -2.62 -80.21 -41.04
C LYS AA 132 -1.11 -80.44 -40.93
N ARG AA 133 -0.39 -80.29 -42.04
CA ARG AA 133 1.07 -80.42 -42.01
C ARG AA 133 1.71 -79.33 -41.19
N LEU AA 134 1.21 -78.09 -41.34
CA LEU AA 134 1.66 -76.96 -40.51
C LEU AA 134 1.55 -77.29 -39.03
N MET AA 135 0.35 -77.63 -38.57
CA MET AA 135 0.17 -77.94 -37.16
C MET AA 135 0.96 -79.16 -36.73
N GLY AA 136 1.30 -80.05 -37.66
CA GLY AA 136 2.14 -81.17 -37.28
C GLY AA 136 3.52 -80.77 -36.79
N HIS AA 137 3.97 -79.55 -37.11
CA HIS AA 137 5.29 -79.11 -36.66
C HIS AA 137 5.31 -78.76 -35.18
N PHE AA 138 4.16 -78.70 -34.52
CA PHE AA 138 4.10 -78.62 -33.07
C PHE AA 138 4.38 -79.94 -32.40
N TYR AA 139 4.73 -80.95 -33.16
CA TYR AA 139 5.03 -82.27 -32.65
C TYR AA 139 6.35 -82.75 -33.25
N GLU AA 140 6.85 -83.87 -32.74
CA GLU AA 140 7.98 -84.55 -33.33
C GLU AA 140 7.60 -86.01 -33.54
N GLY AA 141 8.00 -86.55 -34.69
CA GLY AA 141 7.58 -87.88 -35.11
C GLY AA 141 8.69 -88.91 -35.01
N ASN AA 142 8.29 -90.12 -34.62
CA ASN AA 142 9.17 -91.29 -34.49
C ASN AA 142 8.47 -92.47 -35.18
N ASP AA 143 9.00 -92.90 -36.33
CA ASP AA 143 8.47 -94.05 -37.04
C ASP AA 143 9.32 -95.30 -36.86
N THR AA 144 10.42 -95.20 -36.12
CA THR AA 144 11.25 -96.37 -35.92
C THR AA 144 10.57 -97.38 -35.00
N THR AA 145 9.87 -96.91 -33.97
CA THR AA 145 9.21 -97.81 -33.03
C THR AA 145 8.06 -98.57 -33.70
N SER AA 146 7.72 -99.69 -33.07
CA SER AA 146 6.70 -100.56 -33.64
C SER AA 146 5.37 -99.84 -33.84
N PRO AA 147 4.77 -99.18 -32.83
CA PRO AA 147 3.72 -98.21 -33.18
C PRO AA 147 4.35 -96.85 -33.43
N THR AA 148 4.01 -96.19 -34.55
CA THR AA 148 4.51 -94.84 -34.78
C THR AA 148 4.01 -93.94 -33.64
N THR AA 149 4.94 -93.19 -33.05
CA THR AA 149 4.65 -92.34 -31.90
C THR AA 149 5.10 -90.91 -32.15
N THR AA 150 4.48 -90.00 -31.41
CA THR AA 150 4.76 -88.58 -31.51
C THR AA 150 4.86 -87.98 -30.11
N SER AA 151 5.81 -87.06 -29.94
CA SER AA 151 5.94 -86.33 -28.69
C SER AA 151 5.67 -84.85 -28.94
N VAL AA 152 5.11 -84.17 -27.94
CA VAL AA 152 4.72 -82.78 -28.09
C VAL AA 152 5.94 -81.88 -27.99
N ARG AA 153 5.88 -80.72 -28.65
CA ARG AA 153 7.05 -79.85 -28.73
C ARG AA 153 6.75 -78.39 -28.37
N LEU AA 154 5.49 -78.05 -28.07
CA LEU AA 154 5.12 -76.65 -27.89
C LEU AA 154 5.86 -76.02 -26.71
N LYS AA 155 5.85 -76.68 -25.57
CA LYS AA 155 6.51 -76.11 -24.39
C LYS AA 155 8.01 -76.06 -24.59
N ASP AA 156 8.57 -77.10 -25.21
CA ASP AA 156 10.01 -77.10 -25.49
C ASP AA 156 10.40 -75.89 -26.32
N MET AA 157 9.64 -75.59 -27.37
CA MET AA 157 9.95 -74.43 -28.20
C MET AA 157 9.80 -73.13 -27.40
N LEU AA 158 8.69 -73.01 -26.67
CA LEU AA 158 8.51 -71.83 -25.83
C LEU AA 158 9.70 -71.60 -24.92
N GLN AA 159 10.28 -72.68 -24.40
CA GLN AA 159 11.39 -72.60 -23.46
C GLN AA 159 12.77 -72.57 -24.14
N GLY AA 160 12.82 -72.31 -25.45
CA GLY AA 160 14.08 -72.09 -26.12
C GLY AA 160 14.72 -73.31 -26.76
N ALA AA 161 14.06 -74.46 -26.70
CA ALA AA 161 14.56 -75.66 -27.38
C ALA AA 161 13.87 -75.73 -28.74
N LEU AA 162 14.42 -74.98 -29.68
CA LEU AA 162 13.74 -74.81 -30.96
C LEU AA 162 14.13 -75.89 -31.97
N VAL AA 163 15.31 -76.47 -31.84
CA VAL AA 163 15.73 -77.53 -32.76
C VAL AA 163 15.11 -78.84 -32.29
N PRO AA 164 14.53 -79.63 -33.20
CA PRO AA 164 13.95 -80.92 -32.80
C PRO AA 164 14.97 -81.85 -32.17
N GLN AA 165 14.48 -82.76 -31.32
CA GLN AA 165 15.32 -83.82 -30.77
C GLN AA 165 16.01 -84.62 -31.86
N SER AA 166 15.28 -84.94 -32.93
CA SER AA 166 15.81 -85.80 -33.98
C SER AA 166 17.04 -85.19 -34.65
N LEU AA 167 17.16 -83.86 -34.64
CA LEU AA 167 18.22 -83.14 -35.34
C LEU AA 167 19.33 -82.67 -34.39
N SER BA 1 134.31 -56.25 -19.94
CA SER BA 1 133.39 -57.37 -20.09
C SER BA 1 132.10 -57.11 -19.34
N LYS BA 2 130.98 -57.34 -20.01
CA LYS BA 2 129.66 -57.11 -19.45
C LYS BA 2 129.10 -58.41 -18.89
N ILE BA 3 128.43 -58.32 -17.74
CA ILE BA 3 127.87 -59.51 -17.08
C ILE BA 3 126.43 -59.25 -16.72
N LEU BA 4 125.56 -60.21 -17.04
CA LEU BA 4 124.16 -60.18 -16.65
C LEU BA 4 123.92 -61.11 -15.48
N SER BA 5 123.13 -60.64 -14.51
CA SER BA 5 122.68 -61.45 -13.38
C SER BA 5 121.15 -61.43 -13.33
N THR BA 6 120.59 -62.58 -13.01
CA THR BA 6 119.15 -62.69 -12.79
C THR BA 6 118.75 -62.38 -11.36
N ASN BA 7 119.72 -62.24 -10.45
CA ASN BA 7 119.47 -61.84 -9.06
C ASN BA 7 118.58 -62.85 -8.34
N ASN BA 8 118.57 -64.10 -8.78
CA ASN BA 8 117.83 -65.15 -8.08
C ASN BA 8 118.71 -65.94 -7.12
N SER BA 9 119.99 -65.58 -7.01
CA SER BA 9 120.91 -66.31 -6.15
C SER BA 9 120.50 -66.27 -4.68
N ASN BA 10 119.78 -65.22 -4.27
CA ASN BA 10 119.38 -65.09 -2.88
C ASN BA 10 117.98 -65.63 -2.60
N SER BA 11 117.31 -66.16 -3.62
CA SER BA 11 116.00 -66.76 -3.42
C SER BA 11 116.13 -68.21 -2.97
N ASN BA 12 115.08 -68.68 -2.31
CA ASN BA 12 115.00 -70.00 -1.71
C ASN BA 12 113.99 -70.84 -2.48
N PHE BA 13 114.47 -71.89 -3.16
CA PHE BA 13 113.60 -72.76 -3.96
C PHE BA 13 113.80 -74.23 -3.57
N VAL BA 14 112.85 -75.06 -3.96
CA VAL BA 14 112.93 -76.49 -3.80
C VAL BA 14 112.82 -77.10 -5.19
N ASP BA 15 113.78 -77.93 -5.55
CA ASP BA 15 113.67 -78.63 -6.81
C ASP BA 15 112.53 -79.64 -6.70
N THR BA 16 111.80 -79.81 -7.79
CA THR BA 16 110.80 -80.87 -7.87
C THR BA 16 110.68 -81.32 -9.32
N SER BA 17 110.29 -82.58 -9.49
CA SER BA 17 110.30 -83.20 -10.80
C SER BA 17 109.04 -82.83 -11.57
N PHE BA 18 109.21 -82.50 -12.85
CA PHE BA 18 108.10 -82.08 -13.68
C PHE BA 18 108.43 -82.60 -15.08
N THR BA 19 108.01 -83.82 -15.36
CA THR BA 19 108.47 -84.54 -16.54
C THR BA 19 107.57 -84.22 -17.72
N LEU BA 20 108.16 -83.60 -18.74
CA LEU BA 20 107.40 -83.10 -19.88
C LEU BA 20 107.18 -84.19 -20.90
N LYS BA 21 105.97 -84.27 -21.44
CA LYS BA 21 105.65 -85.09 -22.59
C LYS BA 21 105.76 -84.19 -23.83
N VAL BA 22 106.89 -84.31 -24.52
CA VAL BA 22 107.26 -83.53 -25.71
C VAL BA 22 106.68 -84.16 -26.97
N PRO BA 23 106.09 -83.38 -27.87
CA PRO BA 23 105.48 -83.97 -29.07
C PRO BA 23 106.50 -84.49 -30.07
N VAL BA 24 106.03 -85.39 -30.92
CA VAL BA 24 106.78 -85.81 -32.09
C VAL BA 24 106.05 -85.25 -33.30
N TYR BA 25 106.46 -84.06 -33.70
CA TYR BA 25 105.66 -83.28 -34.63
C TYR BA 25 105.54 -84.00 -35.97
N SER BA 26 106.63 -84.62 -36.42
CA SER BA 26 106.61 -85.34 -37.67
C SER BA 26 105.52 -86.41 -37.70
N LYS BA 27 105.39 -87.17 -36.60
CA LYS BA 27 104.39 -88.24 -36.58
C LYS BA 27 102.98 -87.68 -36.46
N ASP BA 28 102.77 -86.69 -35.57
CA ASP BA 28 101.41 -86.35 -35.15
C ASP BA 28 100.81 -85.09 -35.76
N TYR BA 29 101.61 -84.08 -36.02
CA TYR BA 29 101.11 -82.74 -36.28
C TYR BA 29 101.33 -82.34 -37.74
N ARG BA 30 100.39 -81.59 -38.28
CA ARG BA 30 100.47 -80.95 -39.58
C ARG BA 30 100.28 -79.45 -39.36
N VAL BA 31 100.52 -78.65 -40.38
CA VAL BA 31 100.50 -77.20 -40.21
C VAL BA 31 99.20 -76.64 -40.76
N THR BA 32 98.42 -75.98 -39.90
CA THR BA 32 97.17 -75.32 -40.28
C THR BA 32 97.38 -73.88 -40.76
N GLN BA 33 98.33 -73.16 -40.14
CA GLN BA 33 98.54 -71.74 -40.43
C GLN BA 33 100.03 -71.45 -40.41
N ASP BA 34 100.56 -70.80 -41.46
CA ASP BA 34 101.96 -70.41 -41.50
C ASP BA 34 102.11 -68.90 -41.70
N GLU BA 35 101.40 -68.09 -40.92
CA GLU BA 35 101.63 -66.67 -41.11
C GLU BA 35 102.96 -66.24 -40.48
N PRO BA 36 103.54 -65.14 -40.97
CA PRO BA 36 104.92 -64.79 -40.56
C PRO BA 36 105.12 -64.65 -39.08
N ASP BA 37 104.11 -64.18 -38.34
CA ASP BA 37 104.21 -64.04 -36.90
C ASP BA 37 103.39 -65.06 -36.13
N GLU BA 38 102.65 -65.96 -36.80
CA GLU BA 38 101.74 -66.83 -36.07
C GLU BA 38 101.61 -68.15 -36.82
N VAL BA 39 101.97 -69.24 -36.18
CA VAL BA 39 101.86 -70.57 -36.76
C VAL BA 39 100.88 -71.38 -35.95
N VAL BA 40 100.07 -72.17 -36.64
CA VAL BA 40 99.11 -73.08 -36.02
C VAL BA 40 99.32 -74.47 -36.57
N VAL BA 41 99.25 -75.44 -35.67
CA VAL BA 41 99.65 -76.81 -35.89
C VAL BA 41 98.54 -77.70 -35.34
N ALA BA 42 98.06 -78.63 -36.16
CA ALA BA 42 96.94 -79.49 -35.81
C ALA BA 42 97.38 -80.93 -35.62
N ASN BA 43 96.69 -81.62 -34.73
CA ASN BA 43 96.99 -83.01 -34.40
C ASN BA 43 96.20 -83.91 -35.34
N ARG BA 44 96.91 -84.50 -36.30
CA ARG BA 44 96.27 -85.35 -37.30
C ARG BA 44 95.72 -86.64 -36.70
N GLN BA 45 96.16 -87.03 -35.50
CA GLN BA 45 95.75 -88.29 -34.88
C GLN BA 45 94.32 -88.25 -34.34
N GLN BA 46 93.67 -87.10 -34.33
CA GLN BA 46 92.39 -87.08 -33.64
C GLN BA 46 91.24 -87.36 -34.59
N PRO BA 47 90.13 -87.90 -34.07
CA PRO BA 47 88.90 -87.98 -34.88
C PRO BA 47 88.30 -86.61 -35.10
N PHE BA 48 87.23 -86.51 -35.90
CA PHE BA 48 86.76 -85.18 -36.30
C PHE BA 48 86.22 -84.38 -35.13
N GLY BA 49 85.49 -85.03 -34.22
CA GLY BA 49 84.97 -84.30 -33.06
C GLY BA 49 86.09 -83.63 -32.28
N VAL BA 50 87.16 -84.38 -32.02
CA VAL BA 50 88.20 -83.95 -31.10
C VAL BA 50 89.16 -83.00 -31.82
N LYS BA 51 89.29 -81.79 -31.31
CA LYS BA 51 90.24 -80.81 -31.86
C LYS BA 51 91.43 -80.70 -30.92
N ASN BA 52 92.62 -80.90 -31.47
CA ASN BA 52 93.88 -80.85 -30.72
C ASN BA 52 94.84 -79.98 -31.53
N THR BA 53 95.10 -78.75 -31.08
CA THR BA 53 95.93 -77.82 -31.83
C THR BA 53 96.90 -77.09 -30.93
N ALA BA 54 97.93 -76.52 -31.55
CA ALA BA 54 98.93 -75.70 -30.88
C ALA BA 54 99.17 -74.46 -31.73
N ARG BA 55 99.49 -73.37 -31.05
CA ARG BA 55 99.63 -72.07 -31.68
C ARG BA 55 100.90 -71.43 -31.14
N TYR BA 56 101.75 -70.96 -32.04
CA TYR BA 56 103.05 -70.43 -31.69
C TYR BA 56 103.16 -69.06 -32.33
N GLY BA 57 103.29 -68.02 -31.53
CA GLY BA 57 103.24 -66.67 -32.07
C GLY BA 57 104.24 -65.75 -31.39
N ILE BA 58 104.70 -64.74 -32.13
CA ILE BA 58 105.55 -63.69 -31.58
C ILE BA 58 104.97 -62.33 -31.95
N ARG BA 59 105.07 -61.40 -31.00
CA ARG BA 59 104.72 -60.00 -31.17
C ARG BA 59 105.94 -59.18 -30.76
N GLN BA 60 106.11 -58.02 -31.37
CA GLN BA 60 107.21 -57.14 -30.98
C GLN BA 60 106.74 -56.15 -29.94
N ILE BA 61 107.54 -55.95 -28.90
CA ILE BA 61 107.23 -55.05 -27.79
C ILE BA 61 107.92 -53.73 -28.06
N ALA BA 62 107.12 -52.67 -28.22
CA ALA BA 62 107.66 -51.36 -28.54
C ALA BA 62 108.61 -50.88 -27.46
N ASP BA 63 108.09 -50.71 -26.24
CA ASP BA 63 108.86 -50.24 -25.10
C ASP BA 63 108.77 -51.32 -24.02
N VAL BA 64 109.89 -52.00 -23.77
CA VAL BA 64 109.88 -53.08 -22.78
C VAL BA 64 109.74 -52.53 -21.37
N TYR BA 65 110.01 -51.23 -21.18
CA TYR BA 65 109.87 -50.57 -19.89
C TYR BA 65 108.50 -49.90 -19.72
N ARG BA 66 107.59 -50.08 -20.68
CA ARG BA 66 106.40 -49.24 -20.75
C ARG BA 66 105.56 -49.33 -19.49
N ASN BA 67 105.41 -50.53 -18.92
CA ASN BA 67 104.60 -50.72 -17.73
C ASN BA 67 105.43 -51.00 -16.48
N THR BA 68 106.75 -50.99 -16.59
CA THR BA 68 107.61 -51.18 -15.42
C THR BA 68 107.99 -49.85 -14.81
N THR BA 69 108.57 -49.90 -13.62
CA THR BA 69 108.92 -48.71 -12.87
C THR BA 69 110.43 -48.54 -12.73
N ILE BA 70 111.20 -49.13 -13.64
CA ILE BA 70 112.64 -48.97 -13.64
C ILE BA 70 112.98 -47.53 -14.01
N ASP BA 71 113.85 -46.90 -13.22
CA ASP BA 71 114.17 -45.51 -13.48
C ASP BA 71 114.82 -45.36 -14.84
N ARG BA 72 114.53 -44.22 -15.49
CA ARG BA 72 115.07 -43.93 -16.80
C ARG BA 72 116.59 -44.09 -16.82
N ALA BA 73 117.25 -43.63 -15.75
CA ALA BA 73 118.70 -43.67 -15.68
C ALA BA 73 119.25 -45.08 -15.73
N TYR BA 74 118.41 -46.09 -15.51
CA TYR BA 74 118.86 -47.48 -15.53
C TYR BA 74 118.22 -48.28 -16.65
N GLN BA 75 117.65 -47.62 -17.66
CA GLN BA 75 117.06 -48.34 -18.78
C GLN BA 75 118.11 -48.58 -19.86
N SER BA 76 118.02 -49.74 -20.50
CA SER BA 76 118.88 -50.04 -21.62
C SER BA 76 118.65 -49.03 -22.74
N PRO BA 77 119.66 -48.78 -23.58
CA PRO BA 77 119.40 -47.99 -24.79
C PRO BA 77 118.39 -48.66 -25.70
N SER BA 78 118.52 -49.98 -25.89
CA SER BA 78 117.61 -50.75 -26.72
C SER BA 78 116.39 -51.14 -25.88
N LYS BA 79 115.25 -50.55 -26.20
CA LYS BA 79 114.03 -50.74 -25.42
C LYS BA 79 113.07 -51.71 -26.08
N LYS BA 80 113.49 -52.39 -27.15
CA LYS BA 80 112.61 -53.30 -27.86
C LYS BA 80 112.60 -54.65 -27.15
N GLY BA 81 111.46 -55.35 -27.25
CA GLY BA 81 111.35 -56.69 -26.70
C GLY BA 81 110.66 -57.61 -27.68
N THR BA 82 110.65 -58.90 -27.33
CA THR BA 82 109.88 -59.91 -28.04
C THR BA 82 108.93 -60.59 -27.06
N SER BA 83 107.70 -60.80 -27.50
CA SER BA 83 106.68 -61.48 -26.72
C SER BA 83 106.33 -62.77 -27.44
N LEU BA 84 106.57 -63.90 -26.80
CA LEU BA 84 106.28 -65.22 -27.35
C LEU BA 84 105.04 -65.79 -26.69
N VAL BA 85 104.24 -66.50 -27.47
CA VAL BA 85 103.07 -67.20 -26.96
C VAL BA 85 103.08 -68.62 -27.49
N VAL BA 86 102.76 -69.55 -26.59
CA VAL BA 86 102.63 -70.97 -26.89
C VAL BA 86 101.30 -71.40 -26.30
N GLN BA 87 100.33 -71.68 -27.16
CA GLN BA 87 99.01 -72.14 -26.73
C GLN BA 87 98.77 -73.58 -27.16
N VAL BA 88 98.19 -74.37 -26.27
CA VAL BA 88 97.74 -75.71 -26.61
C VAL BA 88 96.23 -75.76 -26.34
N THR BA 89 95.52 -76.39 -27.26
CA THR BA 89 94.07 -76.55 -27.23
C THR BA 89 93.75 -78.03 -27.37
N GLU BA 90 93.03 -78.58 -26.39
CA GLU BA 90 92.67 -79.99 -26.38
C GLU BA 90 91.17 -80.13 -26.25
N THR BA 91 90.66 -81.27 -26.70
CA THR BA 91 89.26 -81.62 -26.55
C THR BA 91 89.17 -82.92 -25.79
N TRP BA 92 88.60 -82.88 -24.60
CA TRP BA 92 88.44 -84.04 -23.75
C TRP BA 92 87.03 -84.59 -23.93
N THR BA 93 86.85 -85.87 -23.68
CA THR BA 93 85.53 -86.48 -23.80
C THR BA 93 85.17 -87.24 -22.53
N VAL BA 94 83.89 -87.21 -22.20
CA VAL BA 94 83.34 -87.91 -21.05
C VAL BA 94 82.35 -88.93 -21.57
N ALA BA 95 82.50 -90.18 -21.14
CA ALA BA 95 81.60 -91.25 -21.54
C ALA BA 95 81.34 -92.15 -20.34
N SER BA 96 80.57 -93.20 -20.58
CA SER BA 96 80.23 -94.18 -19.55
C SER BA 96 80.59 -95.59 -19.99
N THR BA 97 81.18 -96.35 -19.06
CA THR BA 97 81.41 -97.77 -19.28
C THR BA 97 80.10 -98.48 -19.55
N ASP BA 98 79.08 -98.16 -18.76
CA ASP BA 98 77.82 -98.90 -18.78
C ASP BA 98 76.95 -98.49 -19.97
N ASP BA 99 76.96 -97.21 -20.33
CA ASP BA 99 76.07 -96.64 -21.34
C ASP BA 99 76.91 -96.10 -22.49
N GLU BA 100 76.83 -96.75 -23.63
CA GLU BA 100 77.64 -96.35 -24.78
C GLU BA 100 77.09 -95.11 -25.47
N THR BA 101 75.94 -94.60 -25.02
CA THR BA 101 75.32 -93.42 -25.61
C THR BA 101 75.60 -92.17 -24.81
N TYR BA 102 76.08 -92.30 -23.58
CA TYR BA 102 76.35 -91.16 -22.74
C TYR BA 102 77.72 -90.61 -23.11
N GLY BA 103 77.76 -89.31 -23.42
CA GLY BA 103 79.00 -88.65 -23.75
C GLY BA 103 78.81 -87.16 -23.97
N TYR BA 104 79.90 -86.44 -23.72
CA TYR BA 104 79.99 -85.04 -24.13
C TYR BA 104 81.45 -84.64 -24.26
N SER BA 105 81.67 -83.48 -24.87
CA SER BA 105 83.03 -82.97 -25.11
C SER BA 105 83.27 -81.71 -24.29
N LEU BA 106 84.45 -81.64 -23.66
CA LEU BA 106 84.90 -80.50 -22.88
C LEU BA 106 86.08 -79.84 -23.56
N PRO BA 107 86.10 -78.53 -23.68
CA PRO BA 107 87.25 -77.85 -24.27
C PRO BA 107 88.26 -77.39 -23.23
N PHE BA 108 89.53 -77.74 -23.43
CA PHE BA 108 90.60 -77.26 -22.57
C PHE BA 108 91.56 -76.42 -23.39
N SER BA 109 92.05 -75.35 -22.80
CA SER BA 109 93.09 -74.58 -23.44
C SER BA 109 93.99 -74.00 -22.37
N ALA BA 110 95.23 -73.78 -22.74
CA ALA BA 110 96.16 -73.12 -21.83
C ALA BA 110 97.31 -72.60 -22.66
N HIS BA 111 97.86 -71.48 -22.23
CA HIS BA 111 98.98 -70.92 -22.95
C HIS BA 111 100.01 -70.33 -22.00
N VAL BA 112 101.19 -70.10 -22.57
CA VAL BA 112 102.31 -69.50 -21.89
C VAL BA 112 102.75 -68.29 -22.72
N ILE BA 113 103.06 -67.21 -22.04
CA ILE BA 113 103.55 -66.00 -22.67
C ILE BA 113 104.87 -65.63 -22.00
N VAL BA 114 105.85 -65.26 -22.80
CA VAL BA 114 107.20 -64.96 -22.34
C VAL BA 114 107.62 -63.65 -22.98
N ASN BA 115 107.97 -62.67 -22.14
CA ASN BA 115 108.29 -61.32 -22.59
C ASN BA 115 109.76 -61.05 -22.30
N VAL BA 116 110.58 -61.14 -23.35
CA VAL BA 116 112.04 -61.16 -23.26
C VAL BA 116 112.57 -59.87 -23.88
N PRO BA 117 113.32 -59.05 -23.15
CA PRO BA 117 113.99 -57.91 -23.78
C PRO BA 117 115.02 -58.36 -24.80
N GLN BA 118 115.21 -57.55 -25.85
CA GLN BA 118 116.19 -57.84 -26.88
C GLN BA 118 117.56 -57.37 -26.40
N ASP BA 119 118.29 -58.27 -25.74
CA ASP BA 119 119.62 -57.97 -25.23
C ASP BA 119 120.53 -59.16 -25.49
N ALA BA 120 121.76 -58.87 -25.93
CA ALA BA 120 122.67 -59.95 -26.32
C ALA BA 120 122.97 -60.90 -25.16
N LEU BA 121 122.93 -60.41 -23.93
CA LEU BA 121 123.36 -61.22 -22.79
C LEU BA 121 122.33 -62.24 -22.36
N ILE BA 122 121.05 -62.07 -22.73
CA ILE BA 122 120.05 -63.06 -22.39
C ILE BA 122 120.23 -64.28 -23.28
N THR BA 123 120.34 -65.46 -22.68
CA THR BA 123 120.62 -66.68 -23.42
C THR BA 123 119.47 -67.67 -23.28
N GLU BA 124 119.50 -68.67 -24.17
CA GLU BA 124 118.41 -69.63 -24.22
C GLU BA 124 118.30 -70.38 -22.91
N GLU BA 125 119.45 -70.72 -22.31
CA GLU BA 125 119.43 -71.39 -21.02
C GLU BA 125 118.83 -70.50 -19.94
N ILE BA 126 119.20 -69.21 -19.93
CA ILE BA 126 118.63 -68.28 -18.97
C ILE BA 126 117.12 -68.30 -19.07
N LEU BA 127 116.60 -68.31 -20.29
CA LEU BA 127 115.15 -68.26 -20.48
C LEU BA 127 114.49 -69.57 -20.06
N TYR BA 128 115.08 -70.71 -20.39
CA TYR BA 128 114.49 -71.96 -19.91
C TYR BA 128 114.45 -72.02 -18.38
N ASP BA 129 115.54 -71.58 -17.73
CA ASP BA 129 115.53 -71.59 -16.26
C ASP BA 129 114.52 -70.58 -15.72
N ALA BA 130 114.29 -69.49 -16.44
CA ALA BA 130 113.18 -68.62 -16.08
C ALA BA 130 111.85 -69.36 -16.16
N LEU BA 131 111.63 -70.11 -17.25
CA LEU BA 131 110.40 -70.88 -17.37
C LEU BA 131 110.26 -71.88 -16.23
N LYS BA 132 111.37 -72.45 -15.78
CA LYS BA 132 111.33 -73.41 -14.68
C LYS BA 132 110.94 -72.73 -13.38
N ARG BA 133 111.49 -71.53 -13.14
CA ARG BA 133 111.07 -70.75 -11.97
C ARG BA 133 109.58 -70.42 -12.05
N LEU BA 134 109.12 -70.02 -13.25
CA LEU BA 134 107.72 -69.68 -13.47
C LEU BA 134 106.80 -70.84 -13.13
N MET BA 135 106.98 -71.97 -13.81
CA MET BA 135 106.15 -73.13 -13.52
C MET BA 135 106.29 -73.61 -12.09
N GLY BA 136 107.40 -73.29 -11.43
CA GLY BA 136 107.51 -73.69 -10.04
C GLY BA 136 106.51 -73.03 -9.12
N HIS BA 137 105.90 -71.92 -9.53
CA HIS BA 137 104.90 -71.24 -8.73
C HIS BA 137 103.57 -71.98 -8.68
N PHE BA 138 103.44 -73.09 -9.41
CA PHE BA 138 102.28 -73.95 -9.24
C PHE BA 138 102.42 -74.88 -8.06
N TYR BA 139 103.51 -74.75 -7.29
CA TYR BA 139 103.75 -75.59 -6.13
C TYR BA 139 104.17 -74.69 -4.97
N GLU BA 140 104.22 -75.26 -3.78
CA GLU BA 140 104.74 -74.59 -2.59
C GLU BA 140 105.89 -75.40 -2.03
N GLY BA 141 106.98 -74.71 -1.70
CA GLY BA 141 108.19 -75.35 -1.21
C GLY BA 141 108.25 -75.34 0.31
N ASN BA 142 108.82 -76.40 0.86
CA ASN BA 142 108.92 -76.64 2.29
C ASN BA 142 110.34 -77.08 2.62
N ASP BA 143 111.15 -76.13 3.11
CA ASP BA 143 112.48 -76.35 3.65
C ASP BA 143 112.47 -76.74 5.12
N THR BA 144 111.33 -76.61 5.80
CA THR BA 144 111.23 -77.02 7.21
C THR BA 144 111.52 -78.50 7.35
N THR BA 145 110.99 -79.33 6.45
CA THR BA 145 111.25 -80.75 6.51
C THR BA 145 112.73 -81.03 6.36
N SER BA 146 113.15 -82.14 6.95
CA SER BA 146 114.54 -82.56 6.80
C SER BA 146 114.88 -82.89 5.34
N PRO BA 147 114.12 -83.77 4.59
CA PRO BA 147 114.27 -83.76 3.13
C PRO BA 147 113.31 -82.73 2.54
N THR BA 148 113.76 -81.80 1.69
CA THR BA 148 112.91 -80.67 1.32
C THR BA 148 111.79 -81.18 0.43
N THR BA 149 110.55 -80.72 0.68
CA THR BA 149 109.38 -81.27 0.00
C THR BA 149 108.51 -80.16 -0.58
N THR BA 150 107.61 -80.56 -1.48
CA THR BA 150 106.74 -79.62 -2.18
C THR BA 150 105.31 -80.16 -2.22
N SER BA 151 104.37 -79.22 -2.27
CA SER BA 151 102.95 -79.55 -2.32
C SER BA 151 102.27 -78.77 -3.43
N VAL BA 152 101.15 -79.28 -3.91
CA VAL BA 152 100.52 -78.79 -5.11
C VAL BA 152 99.49 -77.73 -4.72
N ARG BA 153 99.37 -76.68 -5.55
CA ARG BA 153 98.44 -75.59 -5.28
C ARG BA 153 97.58 -75.20 -6.48
N LEU BA 154 97.57 -76.01 -7.55
CA LEU BA 154 96.78 -75.64 -8.73
C LEU BA 154 95.28 -75.65 -8.42
N LYS BA 155 94.81 -76.70 -7.74
CA LYS BA 155 93.40 -76.75 -7.39
C LYS BA 155 93.05 -75.62 -6.43
N ASP BA 156 93.86 -75.44 -5.39
CA ASP BA 156 93.61 -74.35 -4.44
C ASP BA 156 93.46 -73.01 -5.16
N MET BA 157 94.37 -72.71 -6.08
CA MET BA 157 94.27 -71.44 -6.81
C MET BA 157 92.99 -71.38 -7.64
N LEU BA 158 92.71 -72.44 -8.40
CA LEU BA 158 91.48 -72.47 -9.19
C LEU BA 158 90.24 -72.23 -8.33
N GLN BA 159 90.27 -72.67 -7.07
CA GLN BA 159 89.10 -72.51 -6.20
C GLN BA 159 89.04 -71.14 -5.53
N GLY BA 160 90.00 -70.25 -5.77
CA GLY BA 160 89.95 -68.88 -5.27
C GLY BA 160 90.93 -68.56 -4.18
N ALA BA 161 91.68 -69.57 -3.72
CA ALA BA 161 92.71 -69.42 -2.68
C ALA BA 161 94.03 -69.11 -3.35
N LEU BA 162 94.24 -67.83 -3.63
CA LEU BA 162 95.37 -67.44 -4.45
C LEU BA 162 96.61 -67.14 -3.62
N VAL BA 163 96.46 -66.87 -2.33
CA VAL BA 163 97.61 -66.69 -1.46
C VAL BA 163 98.17 -68.07 -1.14
N PRO BA 164 99.49 -68.25 -1.18
CA PRO BA 164 100.07 -69.54 -0.78
C PRO BA 164 99.74 -69.89 0.66
N GLN BA 165 99.80 -71.20 0.96
CA GLN BA 165 99.54 -71.65 2.32
C GLN BA 165 100.69 -71.27 3.25
N SER BA 166 101.88 -71.08 2.70
CA SER BA 166 103.06 -70.70 3.48
C SER BA 166 102.96 -69.29 4.06
N LEU BA 167 102.00 -68.47 3.60
CA LEU BA 167 101.84 -67.12 4.11
C LEU BA 167 100.52 -66.96 4.85
N SER CA 1 79.43 -100.58 -30.81
CA SER CA 1 78.19 -100.06 -30.24
C SER CA 1 77.69 -98.92 -31.11
N LYS CA 2 78.36 -97.76 -31.09
CA LYS CA 2 77.94 -96.67 -31.97
C LYS CA 2 78.36 -96.95 -33.40
N ILE CA 3 77.40 -96.85 -34.31
CA ILE CA 3 77.62 -97.17 -35.72
C ILE CA 3 76.99 -96.07 -36.55
N LEU CA 4 77.77 -95.56 -37.51
CA LEU CA 4 77.28 -94.68 -38.55
C LEU CA 4 77.03 -95.51 -39.81
N SER CA 5 75.84 -95.39 -40.38
CA SER CA 5 75.54 -95.97 -41.68
C SER CA 5 75.30 -94.85 -42.68
N THR CA 6 75.82 -95.04 -43.88
CA THR CA 6 75.54 -94.15 -44.99
C THR CA 6 74.23 -94.48 -45.68
N ASN CA 7 73.52 -95.51 -45.22
CA ASN CA 7 72.21 -95.89 -45.77
C ASN CA 7 72.27 -96.14 -47.27
N ASN CA 8 73.42 -96.56 -47.78
CA ASN CA 8 73.52 -96.97 -49.17
C ASN CA 8 73.40 -98.47 -49.34
N SER CA 9 73.13 -99.18 -48.25
CA SER CA 9 73.08 -100.64 -48.29
C SER CA 9 71.99 -101.17 -49.21
N ASN CA 10 70.93 -100.39 -49.45
CA ASN CA 10 69.86 -100.82 -50.33
C ASN CA 10 69.88 -100.14 -51.69
N SER CA 11 70.90 -99.33 -51.98
CA SER CA 11 71.09 -98.79 -53.31
C SER CA 11 71.77 -99.83 -54.20
N ASN CA 12 71.49 -99.79 -55.49
CA ASN CA 12 72.07 -100.73 -56.45
C ASN CA 12 73.12 -100.02 -57.29
N PHE CA 13 74.36 -100.50 -57.21
CA PHE CA 13 75.46 -99.90 -57.93
C PHE CA 13 76.16 -100.92 -58.83
N VAL CA 14 77.04 -100.37 -59.65
CA VAL CA 14 77.90 -101.11 -60.56
C VAL CA 14 79.28 -100.48 -60.49
N ASP CA 15 80.32 -101.29 -60.35
CA ASP CA 15 81.66 -100.72 -60.24
C ASP CA 15 82.21 -100.39 -61.62
N THR CA 16 83.03 -99.34 -61.67
CA THR CA 16 83.79 -99.05 -62.87
C THR CA 16 85.12 -98.40 -62.48
N SER CA 17 86.12 -98.57 -63.34
CA SER CA 17 87.47 -98.12 -63.05
C SER CA 17 87.62 -96.66 -63.43
N PHE CA 18 88.30 -95.91 -62.56
CA PHE CA 18 88.49 -94.47 -62.76
C PHE CA 18 89.87 -94.15 -62.19
N THR CA 19 90.88 -94.27 -63.03
CA THR CA 19 92.26 -94.25 -62.58
C THR CA 19 92.74 -92.81 -62.47
N LEU CA 20 93.06 -92.40 -61.25
CA LEU CA 20 93.41 -91.00 -60.98
C LEU CA 20 94.88 -90.76 -61.28
N LYS CA 21 95.17 -89.58 -61.81
CA LYS CA 21 96.54 -89.08 -62.00
C LYS CA 21 96.82 -88.12 -60.85
N VAL CA 22 97.45 -88.64 -59.79
CA VAL CA 22 97.81 -87.93 -58.58
C VAL CA 22 99.10 -87.13 -58.79
N PRO CA 23 99.18 -85.89 -58.37
CA PRO CA 23 100.39 -85.10 -58.65
C PRO CA 23 101.58 -85.43 -57.76
N VAL CA 24 102.76 -85.33 -58.34
CA VAL CA 24 104.02 -85.36 -57.58
C VAL CA 24 104.32 -83.91 -57.25
N TYR CA 25 103.77 -83.45 -56.13
CA TYR CA 25 103.80 -82.03 -55.82
C TYR CA 25 105.24 -81.54 -55.69
N SER CA 26 106.09 -82.36 -55.09
CA SER CA 26 107.49 -82.01 -54.95
C SER CA 26 108.14 -81.65 -56.29
N LYS CA 27 107.86 -82.39 -57.39
CA LYS CA 27 108.46 -81.98 -58.67
C LYS CA 27 107.74 -80.78 -59.27
N ASP CA 28 106.41 -80.82 -59.31
CA ASP CA 28 105.72 -79.93 -60.24
C ASP CA 28 105.20 -78.64 -59.63
N TYR CA 29 104.86 -78.61 -58.35
CA TYR CA 29 104.03 -77.53 -57.84
C TYR CA 29 104.77 -76.71 -56.79
N ARG CA 30 104.47 -75.41 -56.79
CA ARG CA 30 105.05 -74.46 -55.84
C ARG CA 30 103.92 -73.58 -55.30
N VAL CA 31 104.14 -72.95 -54.16
CA VAL CA 31 103.04 -72.24 -53.49
C VAL CA 31 102.99 -70.77 -53.91
N THR CA 32 101.87 -70.38 -54.50
CA THR CA 32 101.53 -68.99 -54.81
C THR CA 32 100.82 -68.28 -53.66
N GLN CA 33 99.94 -68.97 -52.95
CA GLN CA 33 99.21 -68.36 -51.84
C GLN CA 33 99.15 -69.34 -50.68
N ASP CA 34 99.57 -68.88 -49.49
CA ASP CA 34 99.54 -69.68 -48.27
C ASP CA 34 98.73 -68.97 -47.19
N GLU CA 35 97.50 -68.55 -47.50
CA GLU CA 35 96.76 -67.97 -46.39
C GLU CA 35 95.97 -69.06 -45.68
N PRO CA 36 95.60 -68.84 -44.41
CA PRO CA 36 95.24 -69.96 -43.52
C PRO CA 36 94.17 -70.90 -44.04
N ASP CA 37 93.16 -70.34 -44.71
CA ASP CA 37 92.02 -71.09 -45.22
C ASP CA 37 92.01 -71.23 -46.74
N GLU CA 38 93.03 -70.70 -47.44
CA GLU CA 38 93.05 -70.78 -48.90
C GLU CA 38 94.50 -70.89 -49.34
N VAL CA 39 94.81 -71.97 -50.05
CA VAL CA 39 96.13 -72.20 -50.60
C VAL CA 39 96.03 -72.31 -52.10
N VAL CA 40 96.86 -71.57 -52.79
CA VAL CA 40 96.97 -71.63 -54.24
C VAL CA 40 98.36 -72.14 -54.58
N VAL CA 41 98.40 -73.01 -55.58
CA VAL CA 41 99.59 -73.76 -55.95
C VAL CA 41 99.70 -73.74 -57.46
N ALA CA 42 100.89 -73.43 -57.96
CA ALA CA 42 101.11 -73.28 -59.39
C ALA CA 42 102.01 -74.39 -59.91
N ASN CA 43 101.82 -74.73 -61.18
CA ASN CA 43 102.55 -75.80 -61.85
C ASN CA 43 103.82 -75.23 -62.46
N ARG CA 44 104.96 -75.62 -61.89
CA ARG CA 44 106.25 -75.15 -62.36
C ARG CA 44 106.54 -75.56 -63.80
N GLN CA 45 105.97 -76.68 -64.25
CA GLN CA 45 106.40 -77.29 -65.51
C GLN CA 45 105.86 -76.59 -66.75
N GLN CA 46 104.83 -75.76 -66.62
CA GLN CA 46 104.26 -75.13 -67.80
C GLN CA 46 105.15 -74.00 -68.30
N PRO CA 47 105.12 -73.71 -69.61
CA PRO CA 47 105.80 -72.51 -70.13
C PRO CA 47 105.05 -71.25 -69.73
N PHE CA 48 105.59 -70.08 -70.08
CA PHE CA 48 105.04 -68.86 -69.50
C PHE CA 48 103.63 -68.57 -69.98
N GLY CA 49 103.29 -68.98 -71.20
CA GLY CA 49 101.93 -68.78 -71.67
C GLY CA 49 100.92 -69.58 -70.88
N VAL CA 50 101.22 -70.85 -70.65
CA VAL CA 50 100.26 -71.78 -70.06
C VAL CA 50 100.21 -71.58 -68.55
N LYS CA 51 99.00 -71.45 -68.02
CA LYS CA 51 98.78 -71.29 -66.59
C LYS CA 51 98.06 -72.53 -66.06
N ASN CA 52 98.66 -73.16 -65.06
CA ASN CA 52 98.17 -74.41 -64.47
C ASN CA 52 98.23 -74.25 -62.95
N THR CA 53 97.06 -74.17 -62.31
CA THR CA 53 97.01 -73.95 -60.87
C THR CA 53 96.01 -74.88 -60.20
N ALA CA 54 96.15 -74.99 -58.89
CA ALA CA 54 95.25 -75.75 -58.04
C ALA CA 54 95.00 -74.93 -56.79
N ARG CA 55 93.77 -74.97 -56.29
CA ARG CA 55 93.35 -74.16 -55.16
C ARG CA 55 92.67 -75.06 -54.15
N TYR CA 56 93.05 -74.92 -52.88
CA TYR CA 56 92.56 -75.78 -51.81
C TYR CA 56 92.06 -74.85 -50.72
N GLY CA 57 90.78 -74.96 -50.36
CA GLY CA 57 90.20 -74.03 -49.41
C GLY CA 57 89.17 -74.69 -48.53
N ILE CA 58 89.08 -74.21 -47.29
CA ILE CA 58 88.01 -74.63 -46.40
C ILE CA 58 87.27 -73.42 -45.86
N ARG CA 59 86.00 -73.63 -45.57
CA ARG CA 59 85.10 -72.66 -44.97
C ARG CA 59 84.39 -73.36 -43.82
N GLN CA 60 84.16 -72.65 -42.72
CA GLN CA 60 83.44 -73.24 -41.61
C GLN CA 60 81.95 -73.09 -41.84
N ILE CA 61 81.20 -74.17 -41.61
CA ILE CA 61 79.77 -74.21 -41.84
C ILE CA 61 79.08 -74.00 -40.50
N ALA CA 62 78.21 -72.99 -40.44
CA ALA CA 62 77.61 -72.58 -39.19
C ALA CA 62 76.61 -73.62 -38.70
N ASP CA 63 75.64 -73.97 -39.55
CA ASP CA 63 74.61 -74.96 -39.25
C ASP CA 63 74.50 -75.86 -40.47
N VAL CA 64 74.99 -77.10 -40.34
CA VAL CA 64 74.94 -78.01 -41.46
C VAL CA 64 73.51 -78.45 -41.77
N TYR CA 65 72.58 -78.21 -40.84
CA TYR CA 65 71.17 -78.58 -40.98
C TYR CA 65 70.31 -77.50 -41.61
N ARG CA 66 70.90 -76.36 -41.97
CA ARG CA 66 70.10 -75.16 -42.22
C ARG CA 66 69.42 -75.18 -43.59
N ASN CA 67 70.16 -75.45 -44.66
CA ASN CA 67 69.48 -75.48 -45.95
C ASN CA 67 68.75 -76.80 -46.20
N THR CA 68 68.96 -77.81 -45.37
CA THR CA 68 68.54 -79.17 -45.66
C THR CA 68 67.08 -79.39 -45.26
N THR CA 69 66.51 -80.49 -45.77
CA THR CA 69 65.23 -80.99 -45.27
C THR CA 69 65.41 -81.81 -44.01
N ILE CA 70 66.63 -82.27 -43.75
CA ILE CA 70 66.95 -82.86 -42.46
C ILE CA 70 66.98 -81.75 -41.41
N ASP CA 71 66.62 -82.10 -40.19
CA ASP CA 71 66.86 -81.22 -39.06
C ASP CA 71 67.35 -82.06 -37.88
N ARG CA 72 67.89 -81.36 -36.89
CA ARG CA 72 68.77 -81.97 -35.90
C ARG CA 72 67.96 -82.67 -34.82
N ALA CA 73 68.22 -83.96 -34.62
CA ALA CA 73 67.62 -84.69 -33.51
C ALA CA 73 68.30 -84.31 -32.21
N TYR CA 74 67.65 -84.64 -31.09
CA TYR CA 74 68.02 -83.98 -29.83
C TYR CA 74 69.39 -84.39 -29.33
N GLN CA 75 69.89 -85.53 -29.78
CA GLN CA 75 71.13 -86.09 -29.29
C GLN CA 75 72.23 -86.00 -30.34
N SER CA 76 72.20 -84.96 -31.15
CA SER CA 76 73.28 -84.75 -32.09
C SER CA 76 74.43 -84.02 -31.40
N PRO CA 77 75.67 -84.39 -31.73
CA PRO CA 77 76.82 -83.74 -31.08
C PRO CA 77 76.96 -82.26 -31.40
N SER CA 78 76.82 -81.89 -32.68
CA SER CA 78 77.01 -80.51 -33.09
C SER CA 78 76.21 -80.25 -34.36
N LYS CA 79 75.96 -78.98 -34.59
CA LYS CA 79 75.48 -78.49 -35.88
C LYS CA 79 76.62 -78.07 -36.79
N LYS CA 80 77.85 -78.04 -36.27
CA LYS CA 80 78.95 -77.44 -37.01
C LYS CA 80 79.31 -78.29 -38.23
N GLY CA 81 80.00 -77.65 -39.18
CA GLY CA 81 80.48 -78.39 -40.32
C GLY CA 81 81.71 -77.75 -40.92
N THR CA 82 82.29 -78.43 -41.90
CA THR CA 82 83.38 -77.88 -42.68
C THR CA 82 83.13 -78.12 -44.16
N SER CA 83 83.44 -77.11 -44.98
CA SER CA 83 83.24 -77.19 -46.42
C SER CA 83 84.59 -77.08 -47.09
N LEU CA 84 84.94 -78.09 -47.88
CA LEU CA 84 86.21 -78.18 -48.57
C LEU CA 84 86.00 -77.95 -50.06
N VAL CA 85 86.94 -77.23 -50.67
CA VAL CA 85 86.94 -77.03 -52.10
C VAL CA 85 88.33 -77.37 -52.64
N VAL CA 86 88.33 -78.08 -53.76
CA VAL CA 86 89.53 -78.43 -54.50
C VAL CA 86 89.28 -78.02 -55.94
N GLN CA 87 90.06 -77.06 -56.44
CA GLN CA 87 89.90 -76.55 -57.80
C GLN CA 87 91.17 -76.76 -58.60
N VAL CA 88 90.99 -77.13 -59.86
CA VAL CA 88 92.10 -77.20 -60.80
C VAL CA 88 91.78 -76.26 -61.96
N THR CA 89 92.80 -75.57 -62.43
CA THR CA 89 92.73 -74.60 -63.52
C THR CA 89 93.83 -74.94 -64.52
N GLU CA 90 93.44 -75.16 -65.77
CA GLU CA 90 94.39 -75.51 -66.81
C GLU CA 90 94.22 -74.58 -67.99
N THR CA 91 95.28 -74.49 -68.79
CA THR CA 91 95.30 -73.67 -70.00
C THR CA 91 95.65 -74.58 -71.17
N TRP CA 92 94.65 -74.88 -72.00
CA TRP CA 92 94.83 -75.72 -73.17
C TRP CA 92 95.14 -74.82 -74.36
N THR CA 93 95.87 -75.35 -75.34
CA THR CA 93 96.30 -74.54 -76.47
C THR CA 93 95.95 -75.21 -77.79
N VAL CA 94 95.36 -74.43 -78.69
CA VAL CA 94 95.03 -74.88 -80.03
C VAL CA 94 96.00 -74.21 -80.99
N ALA CA 95 96.63 -75.01 -81.84
CA ALA CA 95 97.55 -74.52 -82.87
C ALA CA 95 97.21 -75.20 -84.20
N SER CA 96 97.90 -74.77 -85.25
CA SER CA 96 97.69 -75.34 -86.58
C SER CA 96 99.02 -75.75 -87.19
N THR CA 97 99.04 -76.93 -87.82
CA THR CA 97 100.20 -77.43 -88.55
C THR CA 97 100.37 -76.75 -89.91
N ASP CA 98 99.35 -76.04 -90.38
CA ASP CA 98 99.43 -75.29 -91.63
C ASP CA 98 99.96 -73.88 -91.40
N ASP CA 99 99.37 -73.15 -90.47
CA ASP CA 99 99.67 -71.75 -90.23
C ASP CA 99 100.37 -71.59 -88.88
N GLU CA 100 101.56 -70.99 -88.91
CA GLU CA 100 102.22 -70.65 -87.66
C GLU CA 100 101.53 -69.49 -86.94
N THR CA 101 100.74 -68.69 -87.67
CA THR CA 101 100.05 -67.55 -87.07
C THR CA 101 98.85 -67.98 -86.24
N TYR CA 102 98.22 -69.09 -86.61
CA TYR CA 102 96.94 -69.45 -86.03
C TYR CA 102 97.15 -70.17 -84.71
N GLY CA 103 96.54 -69.64 -83.66
CA GLY CA 103 96.54 -70.29 -82.37
C GLY CA 103 95.70 -69.52 -81.38
N TYR CA 104 95.26 -70.22 -80.34
CA TYR CA 104 94.57 -69.58 -79.23
C TYR CA 104 94.67 -70.47 -77.99
N SER CA 105 94.26 -69.91 -76.85
CA SER CA 105 94.27 -70.61 -75.57
C SER CA 105 92.85 -70.75 -75.05
N LEU CA 106 92.52 -71.93 -74.57
CA LEU CA 106 91.25 -72.24 -73.95
C LEU CA 106 91.44 -72.40 -72.46
N PRO CA 107 90.63 -71.74 -71.65
CA PRO CA 107 90.75 -71.93 -70.20
C PRO CA 107 89.82 -73.04 -69.71
N PHE CA 108 90.37 -74.02 -69.00
CA PHE CA 108 89.56 -75.06 -68.37
C PHE CA 108 89.59 -74.90 -66.87
N SER CA 109 88.45 -75.11 -66.22
CA SER CA 109 88.51 -75.16 -64.76
C SER CA 109 87.48 -76.15 -64.25
N ALA CA 110 87.73 -76.66 -63.07
CA ALA CA 110 86.76 -77.54 -62.44
C ALA CA 110 87.07 -77.63 -60.96
N HIS CA 111 86.05 -77.89 -60.17
CA HIS CA 111 86.29 -78.01 -58.74
C HIS CA 111 85.31 -78.97 -58.11
N VAL CA 112 85.68 -79.41 -56.92
CA VAL CA 112 84.87 -80.29 -56.09
C VAL CA 112 84.67 -79.60 -54.77
N ILE CA 113 83.47 -79.73 -54.22
CA ILE CA 113 83.13 -79.18 -52.92
C ILE CA 113 82.50 -80.29 -52.10
N VAL CA 114 82.91 -80.37 -50.83
CA VAL CA 114 82.51 -81.44 -49.92
C VAL CA 114 82.08 -80.79 -48.62
N ASN CA 115 80.91 -81.18 -48.11
CA ASN CA 115 80.32 -80.53 -46.94
C ASN CA 115 80.15 -81.55 -45.81
N VAL CA 116 81.16 -81.64 -44.95
CA VAL CA 116 81.28 -82.72 -43.97
C VAL CA 116 80.78 -82.21 -42.62
N PRO CA 117 79.79 -82.87 -42.01
CA PRO CA 117 79.42 -82.52 -40.63
C PRO CA 117 80.51 -82.87 -39.63
N GLN CA 118 80.44 -82.22 -38.47
CA GLN CA 118 81.40 -82.46 -37.38
C GLN CA 118 80.86 -83.57 -36.49
N ASP CA 119 81.12 -84.81 -36.90
CA ASP CA 119 80.84 -85.96 -36.06
C ASP CA 119 82.02 -86.91 -36.18
N ALA CA 120 82.53 -87.36 -35.03
CA ALA CA 120 83.77 -88.12 -35.03
C ALA CA 120 83.63 -89.46 -35.74
N LEU CA 121 82.40 -89.99 -35.86
CA LEU CA 121 82.19 -91.28 -36.54
C LEU CA 121 82.34 -91.19 -38.05
N ILE CA 122 82.28 -89.99 -38.62
CA ILE CA 122 82.66 -89.82 -40.03
C ILE CA 122 84.15 -90.03 -40.15
N THR CA 123 84.56 -91.00 -40.96
CA THR CA 123 85.98 -91.33 -41.10
C THR CA 123 86.48 -90.91 -42.48
N GLU CA 124 87.81 -90.87 -42.60
CA GLU CA 124 88.41 -90.46 -43.86
C GLU CA 124 88.00 -91.41 -44.97
N GLU CA 125 87.89 -92.70 -44.65
CA GLU CA 125 87.47 -93.65 -45.67
C GLU CA 125 86.00 -93.45 -46.03
N ILE CA 126 85.14 -93.18 -45.05
CA ILE CA 126 83.73 -92.90 -45.36
C ILE CA 126 83.65 -91.78 -46.38
N LEU CA 127 84.46 -90.73 -46.16
CA LEU CA 127 84.42 -89.57 -47.06
C LEU CA 127 84.94 -89.92 -48.45
N TYR CA 128 86.05 -90.66 -48.54
CA TYR CA 128 86.51 -91.04 -49.88
C TYR CA 128 85.49 -91.89 -50.61
N ASP CA 129 84.84 -92.84 -49.91
CA ASP CA 129 83.84 -93.66 -50.60
C ASP CA 129 82.63 -92.82 -51.00
N ALA CA 130 82.31 -91.79 -50.22
CA ALA CA 130 81.31 -90.83 -50.65
C ALA CA 130 81.72 -90.16 -51.95
N LEU CA 131 82.98 -89.73 -52.04
CA LEU CA 131 83.47 -89.11 -53.28
C LEU CA 131 83.36 -90.07 -54.45
N LYS CA 132 83.60 -91.37 -54.20
CA LYS CA 132 83.50 -92.36 -55.26
C LYS CA 132 82.05 -92.51 -55.74
N ARG CA 133 81.10 -92.53 -54.80
CA ARG CA 133 79.69 -92.52 -55.17
C ARG CA 133 79.34 -91.28 -55.97
N LEU CA 134 79.86 -90.13 -55.54
CA LEU CA 134 79.64 -88.86 -56.24
C LEU CA 134 80.06 -88.94 -57.70
N MET CA 135 81.35 -89.20 -57.93
CA MET CA 135 81.85 -89.31 -59.30
C MET CA 135 81.14 -90.39 -60.09
N GLY CA 136 80.56 -91.40 -59.42
CA GLY CA 136 79.82 -92.40 -60.17
C GLY CA 136 78.66 -91.83 -60.97
N HIS CA 137 78.13 -90.67 -60.56
CA HIS CA 137 77.00 -90.06 -61.26
C HIS CA 137 77.37 -89.50 -62.62
N PHE CA 138 78.65 -89.52 -62.99
CA PHE CA 138 79.05 -89.22 -64.36
C PHE CA 138 78.91 -90.42 -65.28
N TYR CA 139 78.23 -91.47 -64.81
CA TYR CA 139 78.08 -92.70 -65.56
C TYR CA 139 76.68 -93.25 -65.30
N GLU CA 140 76.30 -94.26 -66.09
CA GLU CA 140 75.10 -95.04 -65.87
C GLU CA 140 75.48 -96.52 -65.84
N GLY CA 141 74.85 -97.28 -64.95
CA GLY CA 141 75.20 -98.68 -64.81
C GLY CA 141 74.09 -99.64 -65.21
N ASN CA 142 74.44 -100.90 -65.48
CA ASN CA 142 73.48 -101.93 -65.85
C ASN CA 142 73.70 -103.16 -64.97
N ASP CA 143 72.69 -103.52 -64.18
CA ASP CA 143 72.78 -104.80 -63.46
C ASP CA 143 72.61 -105.97 -64.40
N THR CA 144 72.01 -105.72 -65.56
CA THR CA 144 71.51 -106.83 -66.37
C THR CA 144 72.62 -107.71 -66.90
N THR CA 145 73.62 -107.13 -67.56
CA THR CA 145 74.68 -107.91 -68.18
C THR CA 145 75.44 -108.72 -67.15
N SER CA 146 75.99 -109.82 -67.61
CA SER CA 146 76.74 -110.67 -66.71
C SER CA 146 78.05 -110.03 -66.26
N PRO CA 147 78.87 -109.46 -67.15
CA PRO CA 147 79.78 -108.45 -66.62
C PRO CA 147 79.04 -107.13 -66.64
N THR CA 148 78.97 -106.47 -65.49
CA THR CA 148 78.20 -105.23 -65.41
C THR CA 148 78.82 -104.20 -66.35
N THR CA 149 77.98 -103.46 -67.05
CA THR CA 149 78.43 -102.49 -68.02
C THR CA 149 78.03 -101.09 -67.57
N THR CA 150 78.90 -100.14 -67.87
CA THR CA 150 78.67 -98.73 -67.57
C THR CA 150 78.88 -97.90 -68.82
N SER CA 151 77.95 -96.99 -69.08
CA SER CA 151 78.06 -96.00 -70.15
C SER CA 151 78.27 -94.62 -69.55
N VAL CA 152 78.64 -93.67 -70.39
CA VAL CA 152 79.09 -92.36 -69.94
C VAL CA 152 77.98 -91.33 -70.09
N ARG CA 153 78.05 -90.31 -69.24
CA ARG CA 153 77.07 -89.26 -69.21
C ARG CA 153 77.59 -87.87 -69.53
N LEU CA 154 78.89 -87.62 -69.31
CA LEU CA 154 79.40 -86.26 -69.30
C LEU CA 154 79.00 -85.48 -70.56
N LYS CA 155 79.14 -86.11 -71.73
CA LYS CA 155 78.73 -85.46 -72.96
C LYS CA 155 77.25 -85.13 -72.93
N ASP CA 156 76.41 -86.15 -72.72
CA ASP CA 156 74.97 -85.94 -72.78
C ASP CA 156 74.53 -84.87 -71.79
N MET CA 157 75.16 -84.81 -70.62
CA MET CA 157 74.80 -83.78 -69.64
C MET CA 157 75.22 -82.40 -70.13
N LEU CA 158 76.48 -82.23 -70.52
CA LEU CA 158 76.93 -80.95 -71.03
C LEU CA 158 76.10 -80.49 -72.22
N GLN CA 159 75.52 -81.44 -72.96
CA GLN CA 159 74.67 -81.12 -74.10
C GLN CA 159 73.24 -80.78 -73.70
N GLY CA 160 72.87 -80.96 -72.44
CA GLY CA 160 71.54 -80.61 -71.95
C GLY CA 160 70.64 -81.78 -71.65
N ALA CA 161 71.08 -83.02 -71.88
CA ALA CA 161 70.31 -84.22 -71.54
C ALA CA 161 70.63 -84.56 -70.09
N LEU CA 162 69.98 -83.84 -69.17
CA LEU CA 162 70.37 -83.96 -67.78
C LEU CA 162 69.71 -85.13 -67.09
N VAL CA 163 68.66 -85.71 -67.65
CA VAL CA 163 68.07 -86.89 -67.05
C VAL CA 163 68.87 -88.09 -67.52
N PRO CA 164 69.18 -89.04 -66.63
CA PRO CA 164 69.81 -90.28 -67.08
C PRO CA 164 68.98 -90.98 -68.14
N GLN CA 165 69.66 -91.52 -69.15
CA GLN CA 165 68.98 -92.20 -70.24
C GLN CA 165 68.33 -93.50 -69.78
N SER CA 166 68.75 -94.03 -68.63
CA SER CA 166 68.12 -95.21 -68.03
C SER CA 166 66.71 -94.91 -67.53
N LEU CA 167 66.44 -93.67 -67.15
CA LEU CA 167 65.13 -93.29 -66.64
C LEU CA 167 64.16 -92.94 -67.76
N SER DA 1 107.83 -75.45 -86.98
CA SER DA 1 107.90 -75.19 -85.54
C SER DA 1 108.55 -73.85 -85.27
N LYS DA 2 108.32 -73.31 -84.09
CA LYS DA 2 108.78 -71.98 -83.71
C LYS DA 2 110.08 -72.08 -82.92
N ILE DA 3 111.01 -71.16 -83.18
CA ILE DA 3 112.31 -71.15 -82.53
C ILE DA 3 112.63 -69.74 -82.09
N LEU DA 4 113.20 -69.62 -80.89
CA LEU DA 4 113.73 -68.37 -80.37
C LEU DA 4 115.24 -68.40 -80.42
N SER DA 5 115.84 -67.29 -80.85
CA SER DA 5 117.29 -67.09 -80.81
C SER DA 5 117.58 -65.84 -80.00
N THR DA 6 118.59 -65.93 -79.15
CA THR DA 6 119.08 -64.77 -78.42
C THR DA 6 120.08 -63.95 -79.23
N ASN DA 7 120.44 -64.42 -80.43
CA ASN DA 7 121.35 -63.71 -81.32
C ASN DA 7 122.73 -63.49 -80.71
N ASN DA 8 123.06 -64.22 -79.65
CA ASN DA 8 124.40 -64.17 -79.08
C ASN DA 8 125.33 -65.20 -79.70
N SER DA 9 124.91 -65.83 -80.80
CA SER DA 9 125.71 -66.90 -81.39
C SER DA 9 127.07 -66.40 -81.86
N ASN DA 10 127.12 -65.20 -82.45
CA ASN DA 10 128.35 -64.69 -83.04
C ASN DA 10 129.10 -63.72 -82.14
N SER DA 11 128.58 -63.40 -80.97
CA SER DA 11 129.26 -62.51 -80.06
C SER DA 11 130.36 -63.26 -79.31
N ASN DA 12 131.42 -62.53 -78.94
CA ASN DA 12 132.64 -63.14 -78.40
C ASN DA 12 132.71 -62.97 -76.89
N PHE DA 13 132.83 -64.09 -76.17
CA PHE DA 13 132.93 -64.06 -74.73
C PHE DA 13 134.13 -64.87 -74.27
N VAL DA 14 134.46 -64.65 -73.00
CA VAL DA 14 135.44 -65.42 -72.25
C VAL DA 14 134.77 -65.90 -70.98
N ASP DA 15 134.82 -67.20 -70.72
CA ASP DA 15 134.19 -67.71 -69.51
C ASP DA 15 135.05 -67.35 -68.29
N THR DA 16 134.38 -67.14 -67.15
CA THR DA 16 135.10 -67.01 -65.89
C THR DA 16 134.23 -67.54 -64.76
N SER DA 17 134.89 -67.99 -63.69
CA SER DA 17 134.19 -68.67 -62.61
C SER DA 17 133.62 -67.66 -61.62
N PHE DA 18 132.40 -67.93 -61.17
CA PHE DA 18 131.69 -67.03 -60.26
C PHE DA 18 130.82 -67.93 -59.38
N THR DA 19 131.38 -68.37 -58.27
CA THR DA 19 130.76 -69.42 -57.46
C THR DA 19 129.79 -68.78 -56.47
N LEU DA 20 128.52 -69.11 -56.60
CA LEU DA 20 127.48 -68.49 -55.78
C LEU DA 20 127.37 -69.18 -54.44
N LYS DA 21 127.23 -68.37 -53.39
CA LYS DA 21 126.89 -68.85 -52.06
C LYS DA 21 125.38 -68.77 -51.91
N VAL DA 22 124.71 -69.92 -52.06
CA VAL DA 22 123.25 -70.05 -52.04
C VAL DA 22 122.76 -70.25 -50.60
N PRO DA 23 121.73 -69.53 -50.18
CA PRO DA 23 121.26 -69.66 -48.80
C PRO DA 23 120.56 -70.97 -48.51
N VAL DA 24 120.70 -71.43 -47.27
CA VAL DA 24 119.89 -72.52 -46.74
C VAL DA 24 118.80 -71.85 -45.92
N TYR DA 25 117.67 -71.58 -46.59
CA TYR DA 25 116.66 -70.75 -45.96
C TYR DA 25 116.11 -71.38 -44.69
N SER DA 26 115.90 -72.70 -44.74
CA SER DA 26 115.42 -73.42 -43.58
C SER DA 26 116.26 -73.17 -42.33
N LYS DA 27 117.60 -73.09 -42.45
CA LYS DA 27 118.38 -72.83 -41.24
C LYS DA 27 118.47 -71.34 -40.93
N ASP DA 28 118.66 -70.48 -41.93
CA ASP DA 28 119.06 -69.11 -41.59
C ASP DA 28 117.93 -68.08 -41.62
N TYR DA 29 116.87 -68.29 -42.37
CA TYR DA 29 115.95 -67.20 -42.62
C TYR DA 29 114.57 -67.48 -42.06
N ARG DA 30 113.82 -66.38 -41.87
CA ARG DA 30 112.39 -66.38 -41.58
C ARG DA 30 111.70 -65.38 -42.49
N VAL DA 31 110.38 -65.45 -42.55
CA VAL DA 31 109.62 -64.57 -43.42
C VAL DA 31 109.15 -63.37 -42.61
N THR DA 32 109.54 -62.17 -43.06
CA THR DA 32 109.11 -60.90 -42.50
C THR DA 32 107.80 -60.41 -43.10
N GLN DA 33 107.65 -60.51 -44.42
CA GLN DA 33 106.44 -60.02 -45.08
C GLN DA 33 106.01 -61.05 -46.12
N ASP DA 34 104.75 -61.44 -46.07
CA ASP DA 34 104.17 -62.40 -47.02
C ASP DA 34 103.04 -61.70 -47.75
N GLU DA 35 103.38 -60.97 -48.80
CA GLU DA 35 102.42 -60.33 -49.68
C GLU DA 35 102.38 -61.06 -51.01
N PRO DA 36 101.31 -60.88 -51.78
CA PRO DA 36 101.24 -61.60 -53.06
C PRO DA 36 102.28 -61.14 -54.06
N ASP DA 37 102.73 -59.89 -53.97
CA ASP DA 37 103.67 -59.35 -54.93
C ASP DA 37 105.05 -59.13 -54.37
N GLU DA 38 105.22 -59.18 -53.05
CA GLU DA 38 106.45 -58.75 -52.41
C GLU DA 38 106.63 -59.59 -51.15
N VAL DA 39 107.69 -60.40 -51.11
CA VAL DA 39 108.03 -61.17 -49.94
C VAL DA 39 109.32 -60.62 -49.36
N VAL DA 40 109.36 -60.52 -48.04
CA VAL DA 40 110.55 -60.07 -47.33
C VAL DA 40 110.96 -61.14 -46.34
N VAL DA 41 112.27 -61.39 -46.30
CA VAL DA 41 112.89 -62.47 -45.59
C VAL DA 41 114.04 -61.87 -44.77
N ALA DA 42 114.28 -62.45 -43.60
CA ALA DA 42 115.26 -61.91 -42.67
C ALA DA 42 116.09 -63.03 -42.05
N ASN DA 43 117.33 -62.71 -41.72
CA ASN DA 43 118.25 -63.68 -41.12
C ASN DA 43 118.06 -63.63 -39.61
N ARG DA 44 117.47 -64.68 -39.06
CA ARG DA 44 117.23 -64.78 -37.63
C ARG DA 44 118.48 -65.19 -36.85
N GLN DA 45 119.54 -65.65 -37.53
CA GLN DA 45 120.76 -66.05 -36.85
C GLN DA 45 121.69 -64.88 -36.54
N GLN DA 46 121.58 -63.78 -37.28
CA GLN DA 46 122.40 -62.62 -37.01
C GLN DA 46 122.15 -62.10 -35.60
N PRO DA 47 123.17 -61.54 -34.95
CA PRO DA 47 122.92 -60.81 -33.70
C PRO DA 47 122.01 -59.60 -33.94
N PHE DA 48 121.55 -59.00 -32.84
CA PHE DA 48 120.48 -58.02 -32.95
C PHE DA 48 120.90 -56.79 -33.75
N GLY DA 49 122.14 -56.33 -33.56
CA GLY DA 49 122.60 -55.16 -34.29
C GLY DA 49 122.61 -55.36 -35.79
N VAL DA 50 122.97 -56.56 -36.25
CA VAL DA 50 123.19 -56.80 -37.66
C VAL DA 50 121.91 -57.32 -38.30
N LYS DA 51 121.31 -56.51 -39.15
CA LYS DA 51 120.11 -56.90 -39.86
C LYS DA 51 120.50 -57.36 -41.26
N ASN DA 52 120.29 -58.65 -41.53
CA ASN DA 52 120.54 -59.25 -42.85
C ASN DA 52 119.20 -59.64 -43.46
N THR DA 53 118.78 -58.95 -44.52
CA THR DA 53 117.46 -59.16 -45.11
C THR DA 53 117.54 -59.33 -46.64
N ALA DA 54 116.42 -59.80 -47.20
CA ALA DA 54 116.29 -60.01 -48.64
C ALA DA 54 114.83 -59.80 -49.02
N ARG DA 55 114.62 -59.38 -50.26
CA ARG DA 55 113.31 -58.97 -50.73
C ARG DA 55 113.11 -59.49 -52.14
N TYR DA 56 111.96 -60.11 -52.38
CA TYR DA 56 111.67 -60.77 -53.64
C TYR DA 56 110.34 -60.25 -54.13
N GLY DA 57 110.33 -59.57 -55.26
CA GLY DA 57 109.14 -58.87 -55.71
C GLY DA 57 108.89 -59.02 -57.19
N ILE DA 58 107.62 -58.94 -57.57
CA ILE DA 58 107.21 -58.98 -58.97
C ILE DA 58 106.18 -57.89 -59.23
N ARG DA 59 106.47 -57.06 -60.21
CA ARG DA 59 105.53 -56.13 -60.81
C ARG DA 59 105.15 -56.67 -62.19
N GLN DA 60 103.97 -56.35 -62.68
CA GLN DA 60 103.59 -56.83 -63.99
C GLN DA 60 103.71 -55.70 -65.01
N ILE DA 61 104.37 -55.99 -66.13
CA ILE DA 61 104.72 -55.00 -67.14
C ILE DA 61 103.61 -54.93 -68.17
N ALA DA 62 103.07 -53.74 -68.38
CA ALA DA 62 101.92 -53.56 -69.26
C ALA DA 62 102.33 -53.68 -70.72
N ASP DA 63 103.32 -52.91 -71.14
CA ASP DA 63 103.86 -52.96 -72.49
C ASP DA 63 105.36 -53.17 -72.37
N VAL DA 64 105.82 -54.37 -72.70
CA VAL DA 64 107.25 -54.66 -72.60
C VAL DA 64 108.04 -53.90 -73.66
N TYR DA 65 107.35 -53.35 -74.66
CA TYR DA 65 107.97 -52.59 -75.74
C TYR DA 65 107.98 -51.09 -75.49
N ARG DA 66 107.60 -50.64 -74.29
CA ARG DA 66 107.32 -49.23 -74.09
C ARG DA 66 108.55 -48.37 -74.31
N ASN DA 67 109.68 -48.75 -73.74
CA ASN DA 67 110.89 -47.97 -73.84
C ASN DA 67 111.93 -48.62 -74.76
N THR DA 68 111.45 -49.30 -75.80
CA THR DA 68 112.31 -49.98 -76.76
C THR DA 68 112.16 -49.36 -78.14
N THR DA 69 113.12 -49.68 -79.01
CA THR DA 69 113.17 -49.15 -80.36
C THR DA 69 112.54 -50.10 -81.38
N ILE DA 70 111.75 -51.06 -80.92
CA ILE DA 70 111.19 -52.08 -81.79
C ILE DA 70 109.88 -51.55 -82.38
N ASP DA 71 109.84 -51.41 -83.69
CA ASP DA 71 108.62 -50.92 -84.33
C ASP DA 71 107.50 -51.94 -84.17
N ARG DA 72 106.25 -51.44 -84.20
CA ARG DA 72 105.09 -52.29 -83.92
C ARG DA 72 105.02 -53.48 -84.88
N ALA DA 73 105.36 -53.26 -86.15
CA ALA DA 73 105.32 -54.33 -87.14
C ALA DA 73 106.21 -55.51 -86.78
N TYR DA 74 107.10 -55.34 -85.79
CA TYR DA 74 108.03 -56.40 -85.40
C TYR DA 74 107.78 -56.88 -83.98
N GLN DA 75 106.70 -56.44 -83.34
CA GLN DA 75 106.39 -56.82 -81.97
C GLN DA 75 105.55 -58.10 -81.95
N SER DA 76 105.57 -58.80 -80.81
CA SER DA 76 104.72 -59.98 -80.68
C SER DA 76 103.28 -59.52 -80.57
N PRO DA 77 102.33 -60.45 -80.67
CA PRO DA 77 100.94 -60.06 -80.41
C PRO DA 77 100.71 -59.67 -78.97
N SER DA 78 101.46 -60.23 -78.03
CA SER DA 78 101.26 -60.05 -76.60
C SER DA 78 102.32 -59.10 -76.06
N LYS DA 79 101.88 -58.02 -75.44
CA LYS DA 79 102.81 -57.06 -74.86
C LYS DA 79 103.04 -57.30 -73.38
N LYS DA 80 102.40 -58.32 -72.81
CA LYS DA 80 102.51 -58.60 -71.38
C LYS DA 80 103.96 -58.93 -71.00
N GLY DA 81 104.32 -58.56 -69.77
CA GLY DA 81 105.58 -59.02 -69.21
C GLY DA 81 105.49 -59.07 -67.70
N THR DA 82 106.56 -59.59 -67.08
CA THR DA 82 106.72 -59.50 -65.64
C THR DA 82 108.10 -58.95 -65.33
N SER DA 83 108.21 -58.35 -64.15
CA SER DA 83 109.43 -57.67 -63.72
C SER DA 83 109.76 -58.18 -62.33
N LEU DA 84 110.90 -58.82 -62.20
CA LEU DA 84 111.35 -59.43 -60.95
C LEU DA 84 112.41 -58.57 -60.32
N VAL DA 85 112.36 -58.47 -58.99
CA VAL DA 85 113.41 -57.82 -58.23
C VAL DA 85 113.86 -58.74 -57.12
N VAL DA 86 115.16 -58.81 -56.93
CA VAL DA 86 115.81 -59.57 -55.88
C VAL DA 86 116.76 -58.62 -55.20
N GLN DA 87 116.45 -58.22 -53.97
CA GLN DA 87 117.27 -57.29 -53.21
C GLN DA 87 117.86 -57.98 -51.99
N VAL DA 88 119.11 -57.67 -51.70
CA VAL DA 88 119.76 -58.13 -50.48
C VAL DA 88 120.26 -56.90 -49.73
N THR DA 89 120.14 -56.95 -48.40
CA THR DA 89 120.56 -55.91 -47.49
C THR DA 89 121.39 -56.54 -46.40
N GLU DA 90 122.64 -56.10 -46.26
CA GLU DA 90 123.53 -56.60 -45.23
C GLU DA 90 124.02 -55.44 -44.37
N THR DA 91 124.51 -55.79 -43.19
CA THR DA 91 125.08 -54.81 -42.28
C THR DA 91 126.43 -55.33 -41.81
N TRP DA 92 127.50 -54.64 -42.20
CA TRP DA 92 128.85 -55.01 -41.86
C TRP DA 92 129.29 -54.19 -40.65
N THR DA 93 130.17 -54.75 -39.84
CA THR DA 93 130.65 -54.02 -38.67
C THR DA 93 132.16 -53.84 -38.73
N VAL DA 94 132.60 -52.64 -38.36
CA VAL DA 94 134.01 -52.29 -38.26
C VAL DA 94 134.33 -52.12 -36.80
N ALA DA 95 135.38 -52.80 -36.34
CA ALA DA 95 135.82 -52.69 -34.95
C ALA DA 95 137.34 -52.71 -34.93
N SER DA 96 137.91 -52.71 -33.73
CA SER DA 96 139.36 -52.63 -33.56
C SER DA 96 139.86 -53.74 -32.66
N THR DA 97 141.09 -54.18 -32.93
CA THR DA 97 141.78 -55.14 -32.08
C THR DA 97 142.19 -54.51 -30.77
N ASP DA 98 142.74 -53.30 -30.84
CA ASP DA 98 143.32 -52.66 -29.67
C ASP DA 98 142.26 -52.01 -28.80
N ASP DA 99 141.11 -51.65 -29.39
CA ASP DA 99 140.12 -50.82 -28.72
C ASP DA 99 138.76 -51.50 -28.83
N GLU DA 100 138.22 -51.91 -27.68
CA GLU DA 100 136.89 -52.52 -27.65
C GLU DA 100 135.79 -51.49 -27.87
N THR DA 101 136.05 -50.20 -27.62
CA THR DA 101 135.02 -49.19 -27.74
C THR DA 101 134.92 -48.58 -29.13
N TYR DA 102 135.80 -48.95 -30.05
CA TYR DA 102 135.83 -48.36 -31.38
C TYR DA 102 135.10 -49.26 -32.36
N GLY DA 103 134.08 -48.72 -33.01
CA GLY DA 103 133.40 -49.44 -34.07
C GLY DA 103 132.26 -48.62 -34.66
N TYR DA 104 131.77 -49.13 -35.78
CA TYR DA 104 130.55 -48.63 -36.42
C TYR DA 104 129.98 -49.72 -37.33
N SER DA 105 128.81 -49.43 -37.90
CA SER DA 105 128.11 -50.34 -38.80
C SER DA 105 127.92 -49.70 -40.16
N LEU DA 106 128.29 -50.42 -41.21
CA LEU DA 106 128.17 -49.98 -42.59
C LEU DA 106 127.01 -50.71 -43.25
N PRO DA 107 126.13 -49.99 -43.93
CA PRO DA 107 125.03 -50.65 -44.64
C PRO DA 107 125.39 -50.99 -46.08
N PHE DA 108 125.23 -52.25 -46.46
CA PHE DA 108 125.35 -52.66 -47.85
C PHE DA 108 123.97 -53.03 -48.38
N SER DA 109 123.69 -52.61 -49.60
CA SER DA 109 122.48 -53.06 -50.28
C SER DA 109 122.79 -53.24 -51.75
N ALA DA 110 122.07 -54.17 -52.36
CA ALA DA 110 122.21 -54.36 -53.80
C ALA DA 110 120.97 -55.09 -54.29
N HIS DA 111 120.63 -54.89 -55.55
CA HIS DA 111 119.49 -55.62 -56.09
C HIS DA 111 119.67 -55.87 -57.58
N VAL DA 112 118.88 -56.84 -58.05
CA VAL DA 112 118.80 -57.20 -59.45
C VAL DA 112 117.35 -57.04 -59.87
N ILE DA 113 117.15 -56.54 -61.09
CA ILE DA 113 115.83 -56.44 -61.69
C ILE DA 113 115.91 -57.12 -63.04
N VAL DA 114 114.90 -57.91 -63.37
CA VAL DA 114 114.85 -58.68 -64.60
C VAL DA 114 113.49 -58.45 -65.23
N ASN DA 115 113.46 -58.13 -66.51
CA ASN DA 115 112.23 -57.73 -67.19
C ASN DA 115 111.95 -58.73 -68.31
N VAL DA 116 111.16 -59.76 -68.00
CA VAL DA 116 110.98 -60.91 -68.89
C VAL DA 116 109.64 -60.75 -69.60
N PRO DA 117 109.61 -60.76 -70.94
CA PRO DA 117 108.33 -60.86 -71.65
C PRO DA 117 107.70 -62.23 -71.44
N GLN DA 118 106.37 -62.28 -71.38
CA GLN DA 118 105.67 -63.56 -71.25
C GLN DA 118 105.52 -64.18 -72.62
N ASP DA 119 106.55 -64.94 -73.01
CA ASP DA 119 106.51 -65.73 -74.23
C ASP DA 119 106.87 -67.14 -73.85
N ALA DA 120 106.06 -68.11 -74.30
CA ALA DA 120 106.27 -69.48 -73.88
C ALA DA 120 107.66 -69.98 -74.25
N LEU DA 121 108.27 -69.39 -75.30
CA LEU DA 121 109.58 -69.82 -75.78
C LEU DA 121 110.74 -69.36 -74.92
N ILE DA 122 110.55 -68.34 -74.08
CA ILE DA 122 111.57 -67.98 -73.10
C ILE DA 122 111.58 -69.03 -72.01
N THR DA 123 112.72 -69.70 -71.84
CA THR DA 123 112.85 -70.79 -70.89
C THR DA 123 113.65 -70.32 -69.66
N GLU DA 124 113.53 -71.11 -68.59
CA GLU DA 124 114.25 -70.74 -67.37
C GLU DA 124 115.75 -70.78 -67.62
N GLU DA 125 116.21 -71.70 -68.46
CA GLU DA 125 117.63 -71.75 -68.79
C GLU DA 125 118.06 -70.53 -69.60
N ILE DA 126 117.23 -70.12 -70.57
CA ILE DA 126 117.53 -68.89 -71.32
C ILE DA 126 117.71 -67.73 -70.36
N LEU DA 127 116.81 -67.61 -69.38
CA LEU DA 127 116.88 -66.50 -68.45
C LEU DA 127 118.13 -66.56 -67.57
N TYR DA 128 118.46 -67.74 -67.05
CA TYR DA 128 119.69 -67.84 -66.26
C TYR DA 128 120.93 -67.51 -67.09
N ASP DA 129 120.96 -67.94 -68.34
CA ASP DA 129 122.11 -67.61 -69.19
C ASP DA 129 122.17 -66.10 -69.43
N ALA DA 130 121.01 -65.45 -69.55
CA ALA DA 130 121.00 -64.00 -69.64
C ALA DA 130 121.58 -63.37 -68.38
N LEU DA 131 121.21 -63.89 -67.21
CA LEU DA 131 121.77 -63.37 -65.97
C LEU DA 131 123.28 -63.55 -65.93
N LYS DA 132 123.77 -64.68 -66.44
CA LYS DA 132 125.20 -64.92 -66.45
C LYS DA 132 125.91 -63.91 -67.34
N ARG DA 133 125.30 -63.57 -68.49
CA ARG DA 133 125.87 -62.56 -69.37
C ARG DA 133 125.86 -61.18 -68.70
N LEU DA 134 124.75 -60.86 -68.03
CA LEU DA 134 124.65 -59.63 -67.25
C LEU DA 134 125.80 -59.49 -66.28
N MET DA 135 125.96 -60.48 -65.40
CA MET DA 135 127.04 -60.40 -64.41
C MET DA 135 128.40 -60.42 -65.06
N GLY DA 136 128.52 -60.96 -66.28
CA GLY DA 136 129.81 -60.89 -66.94
C GLY DA 136 130.28 -59.48 -67.23
N HIS DA 137 129.38 -58.49 -67.24
CA HIS DA 137 129.77 -57.12 -67.50
C HIS DA 137 130.51 -56.48 -66.33
N PHE DA 138 130.54 -57.13 -65.17
CA PHE DA 138 131.39 -56.73 -64.07
C PHE DA 138 132.84 -57.13 -64.29
N TYR DA 139 133.15 -57.68 -65.45
CA TYR DA 139 134.49 -58.11 -65.80
C TYR DA 139 134.84 -57.56 -67.18
N GLU DA 140 136.10 -57.72 -67.55
CA GLU DA 140 136.55 -57.44 -68.91
C GLU DA 140 137.29 -58.66 -69.42
N GLY DA 141 137.06 -59.00 -70.68
CA GLY DA 141 137.57 -60.22 -71.27
C GLY DA 141 138.69 -59.98 -72.26
N ASN DA 142 139.67 -60.89 -72.24
CA ASN DA 142 140.83 -60.91 -73.12
C ASN DA 142 140.97 -62.32 -73.69
N ASP DA 143 140.68 -62.50 -74.98
CA ASP DA 143 140.85 -63.79 -75.63
C ASP DA 143 142.11 -63.84 -76.50
N THR DA 144 142.86 -62.75 -76.58
CA THR DA 144 144.07 -62.78 -77.40
C THR DA 144 145.15 -63.64 -76.75
N THR DA 145 145.28 -63.60 -75.43
CA THR DA 145 146.29 -64.39 -74.74
C THR DA 145 146.03 -65.88 -74.85
N SER DA 146 147.11 -66.64 -74.66
CA SER DA 146 147.02 -68.09 -74.82
C SER DA 146 145.98 -68.71 -73.90
N PRO DA 147 145.98 -68.49 -72.57
CA PRO DA 147 144.76 -68.79 -71.82
C PRO DA 147 143.85 -67.57 -71.81
N THR DA 148 142.56 -67.73 -72.14
CA THR DA 148 141.64 -66.61 -72.05
C THR DA 148 141.60 -66.13 -70.60
N THR DA 149 141.76 -64.83 -70.41
CA THR DA 149 141.83 -64.22 -69.09
C THR DA 149 140.82 -63.09 -68.95
N THR DA 150 140.46 -62.82 -67.70
CA THR DA 150 139.51 -61.77 -67.36
C THR DA 150 140.03 -60.96 -66.20
N SER DA 151 139.81 -59.64 -66.25
CA SER DA 151 140.15 -58.76 -65.14
C SER DA 151 138.88 -58.14 -64.57
N VAL DA 152 138.89 -57.89 -63.27
CA VAL DA 152 137.71 -57.38 -62.58
C VAL DA 152 137.54 -55.89 -62.86
N ARG DA 153 136.28 -55.43 -62.83
CA ARG DA 153 136.00 -54.05 -63.21
C ARG DA 153 135.12 -53.31 -62.19
N LEU DA 154 134.70 -53.96 -61.11
CA LEU DA 154 133.72 -53.35 -60.21
C LEU DA 154 134.27 -52.09 -59.56
N LYS DA 155 135.48 -52.18 -59.00
CA LYS DA 155 136.06 -51.02 -58.32
C LYS DA 155 136.37 -49.92 -59.32
N ASP DA 156 136.85 -50.28 -60.50
CA ASP DA 156 137.12 -49.28 -61.53
C ASP DA 156 135.87 -48.49 -61.86
N MET DA 157 134.74 -49.18 -62.03
CA MET DA 157 133.50 -48.47 -62.34
C MET DA 157 133.07 -47.60 -61.17
N LEU DA 158 133.12 -48.14 -59.95
CA LEU DA 158 132.79 -47.36 -58.78
C LEU DA 158 133.60 -46.06 -58.74
N GLN DA 159 134.87 -46.13 -59.14
CA GLN DA 159 135.76 -44.99 -59.09
C GLN DA 159 135.74 -44.13 -60.35
N GLY DA 160 134.73 -44.29 -61.21
CA GLY DA 160 134.53 -43.40 -62.33
C GLY DA 160 135.15 -43.83 -63.63
N ALA DA 161 135.79 -45.00 -63.68
CA ALA DA 161 136.32 -45.53 -64.93
C ALA DA 161 135.27 -46.46 -65.52
N LEU DA 162 134.31 -45.86 -66.20
CA LEU DA 162 133.16 -46.61 -66.65
C LEU DA 162 133.36 -47.25 -68.02
N VAL DA 163 134.22 -46.68 -68.85
CA VAL DA 163 134.48 -47.25 -70.17
C VAL DA 163 135.50 -48.37 -70.01
N PRO DA 164 135.28 -49.53 -70.63
CA PRO DA 164 136.24 -50.63 -70.53
C PRO DA 164 137.62 -50.25 -71.06
N GLN DA 165 138.65 -50.94 -70.54
CA GLN DA 165 140.00 -50.77 -71.06
C GLN DA 165 140.06 -51.05 -72.56
N SER DA 166 139.35 -52.09 -73.01
CA SER DA 166 139.44 -52.48 -74.42
C SER DA 166 138.97 -51.38 -75.36
N LEU DA 167 138.09 -50.49 -74.88
CA LEU DA 167 137.47 -49.46 -75.71
C LEU DA 167 138.09 -48.07 -75.49
N SER EA 1 -71.61 29.74 12.82
CA SER EA 1 -72.19 31.03 12.47
C SER EA 1 -71.20 32.14 12.75
N LYS EA 2 -71.03 33.04 11.78
CA LYS EA 2 -70.11 34.15 11.88
C LYS EA 2 -70.86 35.40 12.32
N ILE EA 3 -70.24 36.19 13.20
CA ILE EA 3 -70.86 37.40 13.74
C ILE EA 3 -69.88 38.56 13.60
N LEU EA 4 -70.39 39.68 13.11
CA LEU EA 4 -69.64 40.93 13.02
C LEU EA 4 -70.08 41.87 14.13
N SER EA 5 -69.10 42.53 14.75
CA SER EA 5 -69.35 43.57 15.73
C SER EA 5 -68.63 44.84 15.30
N THR EA 6 -69.29 45.98 15.52
CA THR EA 6 -68.69 47.28 15.28
C THR EA 6 -67.92 47.79 16.49
N ASN EA 7 -68.05 47.14 17.64
CA ASN EA 7 -67.30 47.47 18.85
C ASN EA 7 -67.60 48.89 19.34
N ASN EA 8 -68.77 49.43 19.00
CA ASN EA 8 -69.18 50.73 19.50
C ASN EA 8 -70.06 50.62 20.74
N SER EA 9 -70.31 49.41 21.22
CA SER EA 9 -71.17 49.22 22.38
C SER EA 9 -70.63 49.89 23.63
N ASN EA 10 -69.32 50.07 23.73
CA ASN EA 10 -68.72 50.65 24.91
C ASN EA 10 -68.50 52.16 24.77
N SER EA 11 -68.85 52.74 23.63
CA SER EA 11 -68.73 54.17 23.44
C SER EA 11 -69.94 54.90 24.02
N ASN EA 12 -69.72 56.16 24.34
CA ASN EA 12 -70.69 57.03 24.98
C ASN EA 12 -71.13 58.12 23.99
N PHE EA 13 -72.39 58.08 23.56
CA PHE EA 13 -72.92 59.05 22.60
C PHE EA 13 -74.21 59.70 23.13
N VAL EA 14 -74.56 60.83 22.53
CA VAL EA 14 -75.80 61.51 22.81
C VAL EA 14 -76.58 61.57 21.50
N ASP EA 15 -77.82 61.10 21.52
CA ASP EA 15 -78.63 61.25 20.34
C ASP EA 15 -78.96 62.73 20.16
N THR EA 16 -79.01 63.16 18.90
CA THR EA 16 -79.48 64.51 18.59
C THR EA 16 -80.13 64.49 17.21
N SER EA 17 -81.07 65.40 17.02
CA SER EA 17 -81.90 65.39 15.81
C SER EA 17 -81.16 66.08 14.67
N PHE EA 18 -81.23 65.47 13.50
CA PHE EA 18 -80.54 65.98 12.32
C PHE EA 18 -81.45 65.62 11.14
N THR EA 19 -82.37 66.52 10.83
CA THR EA 19 -83.45 66.22 9.91
C THR EA 19 -83.01 66.52 8.48
N LEU EA 20 -82.96 65.47 7.66
CA LEU EA 20 -82.44 65.58 6.30
C LEU EA 20 -83.51 66.07 5.35
N LYS EA 21 -83.11 66.99 4.46
CA LYS EA 21 -83.94 67.39 3.33
C LYS EA 21 -83.48 66.55 2.13
N VAL EA 22 -84.25 65.51 1.84
CA VAL EA 22 -84.00 64.53 0.78
C VAL EA 22 -84.56 65.02 -0.55
N PRO EA 23 -83.82 64.91 -1.64
CA PRO EA 23 -84.29 65.42 -2.93
C PRO EA 23 -85.43 64.59 -3.51
N VAL EA 24 -86.17 65.23 -4.42
CA VAL EA 24 -87.13 64.54 -5.27
C VAL EA 24 -86.58 64.57 -6.67
N TYR EA 25 -85.82 63.54 -7.00
CA TYR EA 25 -84.98 63.59 -8.19
C TYR EA 25 -85.82 63.74 -9.44
N SER EA 26 -86.96 63.04 -9.48
CA SER EA 26 -87.84 63.11 -10.64
C SER EA 26 -88.29 64.54 -10.91
N LYS EA 27 -88.65 65.29 -9.86
CA LYS EA 27 -89.09 66.67 -10.08
C LYS EA 27 -87.94 67.59 -10.46
N ASP EA 28 -86.80 67.48 -9.75
CA ASP EA 28 -85.80 68.55 -9.81
C ASP EA 28 -84.58 68.26 -10.67
N TYR EA 29 -84.11 67.03 -10.73
CA TYR EA 29 -82.79 66.71 -11.23
C TYR EA 29 -82.86 65.98 -12.55
N ARG EA 30 -81.90 66.27 -13.42
CA ARG EA 30 -81.66 65.56 -14.68
C ARG EA 30 -80.23 65.02 -14.63
N VAL EA 31 -79.88 64.17 -15.57
CA VAL EA 31 -78.57 63.51 -15.52
C VAL EA 31 -77.62 64.19 -16.50
N THR EA 32 -76.51 64.70 -15.97
CA THR EA 32 -75.44 65.32 -16.77
C THR EA 32 -74.41 64.31 -17.25
N GLN EA 33 -74.09 63.31 -16.42
CA GLN EA 33 -73.02 62.35 -16.72
C GLN EA 33 -73.45 60.97 -16.26
N ASP EA 34 -73.36 59.96 -17.14
CA ASP EA 34 -73.67 58.58 -16.76
C ASP EA 34 -72.48 57.66 -17.02
N GLU EA 35 -71.29 58.03 -16.55
CA GLU EA 35 -70.21 57.08 -16.75
C GLU EA 35 -70.31 55.91 -15.78
N PRO EA 36 -69.73 54.75 -16.13
CA PRO EA 36 -69.98 53.53 -15.34
C PRO EA 36 -69.62 53.65 -13.87
N ASP EA 37 -68.60 54.43 -13.54
CA ASP EA 37 -68.22 54.62 -12.15
C ASP EA 37 -68.55 56.00 -11.60
N GLU EA 38 -69.13 56.90 -12.40
CA GLU EA 38 -69.31 58.27 -11.94
C GLU EA 38 -70.54 58.86 -12.61
N VAL EA 39 -71.52 59.26 -11.80
CA VAL EA 39 -72.73 59.88 -12.29
C VAL EA 39 -72.82 61.30 -11.77
N VAL EA 40 -73.27 62.20 -12.63
CA VAL EA 40 -73.48 63.60 -12.28
C VAL EA 40 -74.90 63.99 -12.64
N VAL EA 41 -75.50 64.75 -11.74
CA VAL EA 41 -76.92 65.06 -11.72
C VAL EA 41 -77.06 66.56 -11.49
N ALA EA 42 -77.83 67.22 -12.36
CA ALA EA 42 -77.98 68.67 -12.30
C ALA EA 42 -79.38 69.07 -11.89
N ASN EA 43 -79.47 70.21 -11.22
CA ASN EA 43 -80.73 70.72 -10.71
C ASN EA 43 -81.35 71.60 -11.80
N ARG EA 44 -82.39 71.09 -12.44
CA ARG EA 44 -83.05 71.81 -13.52
C ARG EA 44 -83.77 73.06 -13.04
N GLN EA 45 -84.06 73.17 -11.74
CA GLN EA 45 -84.82 74.29 -11.19
C GLN EA 45 -84.03 75.59 -11.13
N GLN EA 46 -82.73 75.56 -11.40
CA GLN EA 46 -81.97 76.77 -11.15
C GLN EA 46 -81.89 77.64 -12.40
N PRO EA 47 -81.74 78.96 -12.22
CA PRO EA 47 -81.42 79.83 -13.36
C PRO EA 47 -80.01 79.58 -13.86
N PHE EA 48 -79.61 80.24 -14.95
CA PHE EA 48 -78.34 79.87 -15.57
C PHE EA 48 -77.15 80.20 -14.69
N GLY EA 49 -77.18 81.35 -14.02
CA GLY EA 49 -76.06 81.68 -13.14
C GLY EA 49 -75.82 80.62 -12.08
N VAL EA 50 -76.90 80.16 -11.45
CA VAL EA 50 -76.81 79.29 -10.28
C VAL EA 50 -76.59 77.85 -10.73
N LYS EA 51 -75.48 77.26 -10.30
CA LYS EA 51 -75.20 75.86 -10.59
C LYS EA 51 -75.44 75.03 -9.33
N ASN EA 52 -76.28 74.01 -9.46
CA ASN EA 52 -76.64 73.10 -8.37
C ASN EA 52 -76.52 71.68 -8.89
N THR EA 53 -75.47 70.96 -8.47
CA THR EA 53 -75.22 69.62 -8.98
C THR EA 53 -74.84 68.66 -7.87
N ALA EA 54 -74.94 67.37 -8.18
CA ALA EA 54 -74.56 66.30 -7.29
C ALA EA 54 -73.78 65.27 -8.10
N ARG EA 55 -72.83 64.63 -7.44
CA ARG EA 55 -71.92 63.69 -8.07
C ARG EA 55 -71.82 62.45 -7.21
N TYR EA 56 -72.00 61.29 -7.83
CA TYR EA 56 -72.07 60.02 -7.13
C TYR EA 56 -71.07 59.09 -7.80
N GLY EA 57 -70.05 58.66 -7.07
CA GLY EA 57 -68.99 57.89 -7.69
C GLY EA 57 -68.51 56.76 -6.79
N ILE EA 58 -68.01 55.71 -7.42
CA ILE EA 58 -67.37 54.60 -6.72
C ILE EA 58 -66.02 54.32 -7.34
N ARG EA 59 -65.06 53.99 -6.48
CA ARG EA 59 -63.73 53.53 -6.84
C ARG EA 59 -63.48 52.21 -6.13
N GLN EA 60 -62.69 51.34 -6.74
CA GLN EA 60 -62.36 50.08 -6.08
C GLN EA 60 -61.05 50.23 -5.31
N ILE EA 61 -61.03 49.70 -4.09
CA ILE EA 61 -59.88 49.78 -3.21
C ILE EA 61 -59.11 48.48 -3.33
N ALA EA 62 -57.86 48.57 -3.81
CA ALA EA 62 -57.05 47.40 -4.04
C ALA EA 62 -56.83 46.63 -2.74
N ASP EA 63 -56.19 47.27 -1.78
CA ASP EA 63 -55.89 46.66 -0.48
C ASP EA 63 -56.55 47.53 0.59
N VAL EA 64 -57.59 47.01 1.23
CA VAL EA 64 -58.31 47.78 2.24
C VAL EA 64 -57.46 47.96 3.49
N TYR EA 65 -56.42 47.14 3.66
CA TYR EA 65 -55.52 47.23 4.79
C TYR EA 65 -54.28 48.07 4.48
N ARG EA 66 -54.22 48.69 3.29
CA ARG EA 66 -52.97 49.25 2.79
C ARG EA 66 -52.38 50.29 3.74
N ASN EA 67 -53.23 51.15 4.31
CA ASN EA 67 -52.77 52.20 5.20
C ASN EA 67 -53.12 51.95 6.66
N THR EA 68 -53.74 50.82 6.98
CA THR EA 68 -54.05 50.49 8.36
C THR EA 68 -52.93 49.64 8.95
N THR EA 69 -52.99 49.47 10.27
CA THR EA 69 -51.95 48.76 11.02
C THR EA 69 -52.47 47.45 11.61
N ILE EA 70 -53.53 46.90 11.02
CA ILE EA 70 -54.05 45.61 11.46
C ILE EA 70 -53.05 44.53 11.13
N ASP EA 71 -52.73 43.67 12.10
CA ASP EA 71 -51.73 42.65 11.86
C ASP EA 71 -52.19 41.71 10.76
N ARG EA 72 -51.22 41.22 9.98
CA ARG EA 72 -51.50 40.31 8.88
C ARG EA 72 -52.34 39.13 9.35
N ALA EA 73 -52.00 38.60 10.54
CA ALA EA 73 -52.69 37.44 11.07
C ALA EA 73 -54.18 37.67 11.29
N TYR EA 74 -54.62 38.93 11.31
CA TYR EA 74 -56.03 39.24 11.53
C TYR EA 74 -56.66 39.91 10.32
N GLN EA 75 -56.04 39.82 9.14
CA GLN EA 75 -56.64 40.39 7.95
C GLN EA 75 -57.56 39.38 7.27
N SER EA 76 -58.66 39.90 6.72
CA SER EA 76 -59.55 39.05 5.94
C SER EA 76 -58.81 38.47 4.75
N PRO EA 77 -59.24 37.31 4.26
CA PRO EA 77 -58.70 36.84 2.97
C PRO EA 77 -59.02 37.80 1.83
N SER EA 78 -60.25 38.30 1.79
CA SER EA 78 -60.68 39.25 0.77
C SER EA 78 -60.28 40.66 1.21
N LYS EA 79 -59.32 41.23 0.50
CA LYS EA 79 -58.76 42.52 0.87
C LYS EA 79 -59.29 43.66 0.01
N LYS EA 80 -60.30 43.40 -0.81
CA LYS EA 80 -60.85 44.42 -1.69
C LYS EA 80 -61.85 45.27 -0.94
N GLY EA 81 -61.95 46.53 -1.33
CA GLY EA 81 -62.94 47.43 -0.76
C GLY EA 81 -63.63 48.24 -1.84
N THR EA 82 -64.66 48.97 -1.42
CA THR EA 82 -65.32 49.95 -2.26
C THR EA 82 -65.26 51.31 -1.58
N SER EA 83 -64.98 52.34 -2.37
CA SER EA 83 -64.94 53.72 -1.91
C SER EA 83 -66.05 54.48 -2.62
N LEU EA 84 -66.99 55.00 -1.85
CA LEU EA 84 -68.11 55.77 -2.37
C LEU EA 84 -67.90 57.24 -2.09
N VAL EA 85 -68.32 58.08 -3.03
CA VAL EA 85 -68.27 59.52 -2.87
C VAL EA 85 -69.61 60.10 -3.27
N VAL EA 86 -70.07 61.05 -2.46
CA VAL EA 86 -71.30 61.79 -2.68
C VAL EA 86 -70.94 63.26 -2.51
N GLN EA 87 -70.93 64.00 -3.61
CA GLN EA 87 -70.62 65.43 -3.59
C GLN EA 87 -71.84 66.25 -3.97
N VAL EA 88 -72.08 67.35 -3.25
CA VAL EA 88 -73.09 68.31 -3.62
C VAL EA 88 -72.40 69.65 -3.83
N THR EA 89 -72.81 70.35 -4.89
CA THR EA 89 -72.28 71.63 -5.29
C THR EA 89 -73.44 72.60 -5.42
N GLU EA 90 -73.36 73.72 -4.70
CA GLU EA 90 -74.42 74.71 -4.70
C GLU EA 90 -73.82 76.08 -5.03
N THR EA 91 -74.68 76.96 -5.53
CA THR EA 91 -74.30 78.33 -5.82
C THR EA 91 -75.23 79.24 -5.03
N TRP EA 92 -74.66 79.98 -4.08
CA TRP EA 92 -75.41 80.90 -3.24
C TRP EA 92 -75.27 82.30 -3.82
N THR EA 93 -76.25 83.16 -3.55
CA THR EA 93 -76.20 84.53 -4.03
C THR EA 93 -76.41 85.52 -2.89
N VAL EA 94 -75.72 86.64 -2.98
CA VAL EA 94 -75.83 87.73 -2.02
C VAL EA 94 -76.37 88.94 -2.76
N ALA EA 95 -77.42 89.54 -2.21
CA ALA EA 95 -78.02 90.73 -2.79
C ALA EA 95 -78.43 91.68 -1.69
N SER EA 96 -79.02 92.80 -2.08
CA SER EA 96 -79.49 93.81 -1.14
C SER EA 96 -80.97 94.10 -1.35
N THR EA 97 -81.70 94.22 -0.23
CA THR EA 97 -83.07 94.69 -0.27
C THR EA 97 -83.15 96.08 -0.88
N ASP EA 98 -82.23 96.96 -0.47
CA ASP EA 98 -82.30 98.36 -0.85
C ASP EA 98 -81.81 98.59 -2.27
N ASP EA 99 -80.77 97.86 -2.69
CA ASP EA 99 -80.10 98.08 -3.97
C ASP EA 99 -80.26 96.83 -4.83
N GLU EA 100 -81.05 96.95 -5.89
CA GLU EA 100 -81.30 95.81 -6.75
C GLU EA 100 -80.13 95.48 -7.67
N THR EA 101 -79.08 96.29 -7.64
CA THR EA 101 -77.90 96.07 -8.47
C THR EA 101 -76.77 95.39 -7.71
N TYR EA 102 -76.84 95.36 -6.39
CA TYR EA 102 -75.80 94.76 -5.59
C TYR EA 102 -76.03 93.26 -5.54
N GLY EA 103 -75.00 92.51 -5.93
CA GLY EA 103 -75.07 91.06 -5.88
C GLY EA 103 -73.75 90.42 -6.26
N TYR EA 104 -73.56 89.21 -5.74
CA TYR EA 104 -72.48 88.34 -6.19
C TYR EA 104 -72.83 86.89 -5.87
N SER EA 105 -72.08 85.97 -6.47
CA SER EA 105 -72.30 84.54 -6.30
C SER EA 105 -71.14 83.90 -5.55
N LEU EA 106 -71.49 83.05 -4.58
CA LEU EA 106 -70.54 82.28 -3.78
C LEU EA 106 -70.67 80.80 -4.11
N PRO EA 107 -69.56 80.10 -4.31
CA PRO EA 107 -69.64 78.66 -4.56
C PRO EA 107 -69.48 77.84 -3.28
N PHE EA 108 -70.40 76.92 -3.04
CA PHE EA 108 -70.30 75.99 -1.92
C PHE EA 108 -70.19 74.57 -2.47
N SER EA 109 -69.35 73.77 -1.82
CA SER EA 109 -69.31 72.36 -2.16
C SER EA 109 -68.99 71.59 -0.90
N ALA EA 110 -69.45 70.34 -0.88
CA ALA EA 110 -69.11 69.47 0.22
C ALA EA 110 -69.36 68.04 -0.24
N HIS EA 111 -68.55 67.13 0.27
CA HIS EA 111 -68.75 65.74 -0.10
C HIS EA 111 -68.50 64.82 1.08
N VAL EA 112 -68.96 63.59 0.90
CA VAL EA 112 -68.81 62.52 1.85
C VAL EA 112 -68.16 61.36 1.12
N ILE EA 113 -67.20 60.72 1.78
CA ILE EA 113 -66.53 59.55 1.26
C ILE EA 113 -66.67 58.43 2.28
N VAL EA 114 -66.98 57.23 1.80
CA VAL EA 114 -67.23 56.08 2.64
C VAL EA 114 -66.42 54.92 2.09
N ASN EA 115 -65.56 54.33 2.91
CA ASN EA 115 -64.63 53.28 2.49
C ASN EA 115 -65.02 51.99 3.22
N VAL EA 116 -65.71 51.11 2.49
CA VAL EA 116 -66.36 49.92 3.03
C VAL EA 116 -65.63 48.69 2.52
N PRO EA 117 -65.12 47.83 3.39
CA PRO EA 117 -64.56 46.55 2.92
C PRO EA 117 -65.66 45.67 2.31
N GLN EA 118 -65.27 44.86 1.32
CA GLN EA 118 -66.19 43.94 0.67
C GLN EA 118 -66.30 42.68 1.53
N ASP EA 119 -67.27 42.68 2.43
CA ASP EA 119 -67.51 41.55 3.32
C ASP EA 119 -69.01 41.33 3.45
N ALA EA 120 -69.42 40.06 3.40
CA ALA EA 120 -70.84 39.74 3.39
C ALA EA 120 -71.55 40.25 4.64
N LEU EA 121 -70.84 40.32 5.77
CA LEU EA 121 -71.50 40.65 7.03
C LEU EA 121 -71.81 42.13 7.19
N ILE EA 122 -71.16 43.01 6.42
CA ILE EA 122 -71.48 44.43 6.50
C ILE EA 122 -72.81 44.67 5.79
N THR EA 123 -73.74 45.31 6.49
CA THR EA 123 -75.08 45.51 5.96
C THR EA 123 -75.39 47.00 5.80
N GLU EA 124 -76.46 47.26 5.03
CA GLU EA 124 -76.79 48.64 4.71
C GLU EA 124 -77.12 49.42 5.97
N GLU EA 125 -77.80 48.77 6.93
CA GLU EA 125 -78.09 49.44 8.19
C GLU EA 125 -76.81 49.75 8.96
N ILE EA 126 -75.87 48.80 8.99
CA ILE EA 126 -74.60 49.04 9.66
C ILE EA 126 -73.94 50.28 9.10
N LEU EA 127 -73.98 50.42 7.77
CA LEU EA 127 -73.31 51.56 7.14
C LEU EA 127 -74.05 52.86 7.41
N TYR EA 128 -75.38 52.86 7.37
CA TYR EA 128 -76.08 54.10 7.73
C TYR EA 128 -75.78 54.51 9.17
N ASP EA 129 -75.77 53.56 10.09
CA ASP EA 129 -75.45 53.90 11.48
C ASP EA 129 -74.01 54.38 11.61
N ALA EA 130 -73.11 53.86 10.78
CA ALA EA 130 -71.78 54.43 10.70
C ALA EA 130 -71.82 55.88 10.27
N LEU EA 131 -72.60 56.18 9.23
CA LEU EA 131 -72.73 57.57 8.77
C LEU EA 131 -73.27 58.45 9.87
N LYS EA 132 -74.19 57.92 10.68
CA LYS EA 132 -74.76 58.71 11.79
C LYS EA 132 -73.70 58.99 12.85
N ARG EA 133 -72.88 57.99 13.17
CA ARG EA 133 -71.76 58.23 14.08
C ARG EA 133 -70.81 59.28 13.52
N LEU EA 134 -70.52 59.18 12.21
CA LEU EA 134 -69.63 60.12 11.53
C LEU EA 134 -70.14 61.55 11.65
N MET EA 135 -71.33 61.81 11.15
CA MET EA 135 -71.90 63.14 11.23
C MET EA 135 -72.07 63.61 12.67
N GLY EA 136 -72.16 62.68 13.62
CA GLY EA 136 -72.25 63.13 15.00
C GLY EA 136 -71.02 63.85 15.52
N HIS EA 137 -69.88 63.70 14.85
CA HIS EA 137 -68.66 64.38 15.25
C HIS EA 137 -68.68 65.87 14.93
N PHE EA 138 -69.72 66.36 14.27
CA PHE EA 138 -69.91 67.80 14.13
C PHE EA 138 -70.53 68.43 15.36
N TYR EA 139 -70.74 67.66 16.42
CA TYR EA 139 -71.32 68.14 17.65
C TYR EA 139 -70.49 67.62 18.82
N GLU EA 140 -70.75 68.15 20.01
CA GLU EA 140 -70.15 67.66 21.24
C GLU EA 140 -71.26 67.25 22.20
N GLY EA 141 -71.10 66.07 22.79
CA GLY EA 141 -72.09 65.51 23.68
C GLY EA 141 -71.77 65.81 25.13
N ASN EA 142 -72.84 66.00 25.91
CA ASN EA 142 -72.78 66.38 27.32
C ASN EA 142 -73.73 65.49 28.11
N ASP EA 143 -73.18 64.46 28.76
CA ASP EA 143 -73.87 63.59 29.70
C ASP EA 143 -73.87 64.15 31.12
N THR EA 144 -73.09 65.20 31.40
CA THR EA 144 -73.10 65.82 32.73
C THR EA 144 -74.48 66.35 33.06
N THR EA 145 -75.14 66.99 32.10
CA THR EA 145 -76.48 67.51 32.33
C THR EA 145 -77.43 66.38 32.68
N SER EA 146 -78.46 66.73 33.45
CA SER EA 146 -79.50 65.75 33.77
C SER EA 146 -80.25 65.28 32.52
N PRO EA 147 -80.81 66.18 31.64
CA PRO EA 147 -81.19 65.70 30.29
C PRO EA 147 -79.98 65.83 29.37
N THR EA 148 -79.57 64.78 28.64
CA THR EA 148 -78.29 64.86 27.95
C THR EA 148 -78.41 65.83 26.78
N THR EA 149 -77.39 66.68 26.60
CA THR EA 149 -77.48 67.77 25.62
C THR EA 149 -76.26 67.80 24.72
N THR EA 150 -76.38 68.53 23.62
CA THR EA 150 -75.32 68.62 22.62
C THR EA 150 -75.13 70.05 22.17
N SER EA 151 -73.91 70.36 21.76
CA SER EA 151 -73.56 71.70 21.28
C SER EA 151 -72.80 71.61 19.97
N VAL EA 152 -72.85 72.69 19.20
CA VAL EA 152 -72.38 72.67 17.82
C VAL EA 152 -70.91 73.09 17.79
N ARG EA 153 -70.14 72.47 16.90
CA ARG EA 153 -68.71 72.77 16.79
C ARG EA 153 -68.24 72.99 15.35
N LEU EA 154 -69.16 73.16 14.40
CA LEU EA 154 -68.74 73.35 13.01
C LEU EA 154 -68.00 74.67 12.83
N LYS EA 155 -68.54 75.74 13.40
CA LYS EA 155 -67.86 77.03 13.29
C LYS EA 155 -66.52 76.99 14.01
N ASP EA 156 -66.50 76.47 15.24
CA ASP EA 156 -65.25 76.36 15.98
C ASP EA 156 -64.18 75.64 15.16
N MET EA 157 -64.54 74.51 14.55
CA MET EA 157 -63.56 73.79 13.74
C MET EA 157 -63.10 74.62 12.56
N LEU EA 158 -64.05 75.20 11.82
CA LEU EA 158 -63.68 76.05 10.68
C LEU EA 158 -62.72 77.17 11.10
N GLN EA 159 -62.84 77.67 12.32
CA GLN EA 159 -61.98 78.76 12.77
C GLN EA 159 -60.62 78.29 13.29
N GLY EA 160 -60.35 76.98 13.30
CA GLY EA 160 -59.04 76.46 13.66
C GLY EA 160 -58.98 75.75 14.98
N ALA EA 161 -60.10 75.73 15.71
CA ALA EA 161 -60.21 75.06 17.01
C ALA EA 161 -60.69 73.65 16.77
N LEU EA 162 -59.74 72.77 16.48
CA LEU EA 162 -60.10 71.43 16.05
C LEU EA 162 -60.23 70.44 17.20
N VAL EA 163 -59.65 70.76 18.35
CA VAL EA 163 -59.84 69.90 19.52
C VAL EA 163 -61.21 70.21 20.09
N PRO EA 164 -61.97 69.20 20.48
CA PRO EA 164 -63.27 69.46 21.13
C PRO EA 164 -63.11 70.25 22.41
N GLN EA 165 -64.20 70.92 22.81
CA GLN EA 165 -64.18 71.69 24.05
C GLN EA 165 -64.17 70.76 25.27
N SER EA 166 -64.68 69.54 25.10
CA SER EA 166 -64.72 68.56 26.19
C SER EA 166 -63.33 68.08 26.60
N LEU EA 167 -62.29 68.36 25.81
CA LEU EA 167 -60.93 67.93 26.15
C LEU EA 167 -60.03 69.14 26.43
N SER FA 1 -87.08 94.99 -11.61
CA SER FA 1 -85.94 95.90 -11.49
C SER FA 1 -84.92 95.53 -12.56
N LYS FA 2 -84.21 94.41 -12.40
CA LYS FA 2 -83.27 93.99 -13.44
C LYS FA 2 -84.01 93.44 -14.65
N ILE FA 3 -83.69 93.98 -15.81
CA ILE FA 3 -84.37 93.62 -17.05
C ILE FA 3 -83.31 93.38 -18.12
N LEU FA 4 -83.44 92.27 -18.82
CA LEU FA 4 -82.68 91.98 -20.02
C LEU FA 4 -83.55 92.29 -21.24
N SER FA 5 -83.02 93.09 -22.16
CA SER FA 5 -83.67 93.33 -23.44
C SER FA 5 -82.81 92.72 -24.54
N THR FA 6 -83.47 92.10 -25.50
CA THR FA 6 -82.80 91.62 -26.70
C THR FA 6 -82.65 92.71 -27.75
N ASN FA 7 -83.11 93.93 -27.46
CA ASN FA 7 -82.96 95.08 -28.36
C ASN FA 7 -83.53 94.80 -29.75
N ASN FA 8 -84.52 93.93 -29.85
CA ASN FA 8 -85.22 93.71 -31.09
C ASN FA 8 -86.50 94.52 -31.18
N SER FA 9 -86.75 95.38 -30.19
CA SER FA 9 -88.00 96.13 -30.14
C SER FA 9 -88.15 97.09 -31.32
N ASN FA 10 -87.05 97.51 -31.93
CA ASN FA 10 -87.12 98.41 -33.08
C ASN FA 10 -86.83 97.72 -34.41
N SER FA 11 -86.66 96.40 -34.40
CA SER FA 11 -86.57 95.67 -35.66
C SER FA 11 -87.97 95.40 -36.20
N ASN FA 12 -88.08 95.30 -37.52
CA ASN FA 12 -89.37 95.07 -38.19
C ASN FA 12 -89.42 93.64 -38.69
N PHE FA 13 -90.39 92.87 -38.19
CA PHE FA 13 -90.52 91.47 -38.58
C PHE FA 13 -91.91 91.19 -39.12
N VAL FA 14 -92.02 89.99 -39.68
CA VAL FA 14 -93.26 89.42 -40.21
C VAL FA 14 -93.33 87.97 -39.76
N ASP FA 15 -94.46 87.55 -39.23
CA ASP FA 15 -94.57 86.18 -38.76
C ASP FA 15 -94.83 85.22 -39.91
N THR FA 16 -94.31 84.01 -39.77
CA THR FA 16 -94.67 82.94 -40.70
C THR FA 16 -94.64 81.61 -39.95
N SER FA 17 -95.42 80.66 -40.44
CA SER FA 17 -95.59 79.38 -39.77
C SER FA 17 -94.48 78.42 -40.18
N PHE FA 18 -93.96 77.68 -39.20
CA PHE FA 18 -92.84 76.77 -39.43
C PHE FA 18 -93.08 75.59 -38.48
N THR FA 19 -93.83 74.61 -38.95
CA THR FA 19 -94.34 73.57 -38.09
C THR FA 19 -93.30 72.47 -37.94
N LEU FA 20 -92.83 72.27 -36.71
CA LEU FA 20 -91.73 71.36 -36.45
C LEU FA 20 -92.25 69.95 -36.28
N LYS FA 21 -91.48 68.98 -36.79
CA LYS FA 21 -91.72 67.56 -36.56
C LYS FA 21 -90.76 67.10 -35.45
N VAL FA 22 -91.27 67.10 -34.22
CA VAL FA 22 -90.57 66.72 -33.00
C VAL FA 22 -90.52 65.21 -32.85
N PRO FA 23 -89.38 64.62 -32.52
CA PRO FA 23 -89.32 63.15 -32.46
C PRO FA 23 -89.95 62.54 -31.22
N VAL FA 24 -90.53 61.36 -31.41
CA VAL FA 24 -90.98 60.52 -30.30
C VAL FA 24 -89.79 59.61 -29.99
N TYR FA 25 -88.90 60.11 -29.13
CA TYR FA 25 -87.63 59.45 -28.93
C TYR FA 25 -87.82 58.05 -28.38
N SER FA 26 -88.80 57.89 -27.49
CA SER FA 26 -89.11 56.58 -26.94
C SER FA 26 -89.38 55.54 -28.04
N LYS FA 27 -90.14 55.88 -29.11
CA LYS FA 27 -90.32 54.88 -30.16
C LYS FA 27 -89.09 54.72 -31.04
N ASP FA 28 -88.52 55.85 -31.50
CA ASP FA 28 -87.64 55.75 -32.66
C ASP FA 28 -86.16 55.68 -32.33
N TYR FA 29 -85.70 56.26 -31.23
CA TYR FA 29 -84.28 56.52 -31.09
C TYR FA 29 -83.68 55.75 -29.92
N ARG FA 30 -82.43 55.34 -30.09
CA ARG FA 30 -81.66 54.62 -29.08
C ARG FA 30 -80.28 55.25 -28.99
N VAL FA 31 -79.58 55.02 -27.88
CA VAL FA 31 -78.33 55.74 -27.64
C VAL FA 31 -77.14 54.94 -28.16
N THR FA 32 -76.40 55.53 -29.10
CA THR FA 32 -75.12 55.05 -29.60
C THR FA 32 -73.94 55.56 -28.78
N GLN FA 33 -73.97 56.81 -28.33
CA GLN FA 33 -72.87 57.39 -27.56
C GLN FA 33 -73.44 58.20 -26.41
N ASP FA 34 -72.98 57.89 -25.19
CA ASP FA 34 -73.38 58.62 -23.98
C ASP FA 34 -72.17 59.20 -23.26
N GLU FA 35 -71.32 59.94 -23.97
CA GLU FA 35 -70.24 60.52 -23.21
C GLU FA 35 -70.67 61.89 -22.69
N PRO FA 36 -70.03 62.40 -21.63
CA PRO FA 36 -70.64 63.47 -20.82
C PRO FA 36 -71.07 64.70 -21.58
N ASP FA 37 -70.28 65.11 -22.58
CA ASP FA 37 -70.51 66.30 -23.36
C ASP FA 37 -70.95 66.00 -24.79
N GLU FA 38 -71.12 64.74 -25.17
CA GLU FA 38 -71.51 64.42 -26.54
C GLU FA 38 -72.36 63.16 -26.50
N VAL FA 39 -73.59 63.27 -26.99
CA VAL FA 39 -74.51 62.15 -27.07
C VAL FA 39 -74.89 61.94 -28.52
N VAL FA 40 -74.78 60.70 -28.97
CA VAL FA 40 -75.19 60.31 -30.30
C VAL FA 40 -76.34 59.32 -30.16
N VAL FA 41 -77.32 59.48 -31.03
CA VAL FA 41 -78.60 58.79 -30.94
C VAL FA 41 -78.95 58.32 -32.35
N ALA FA 42 -79.34 57.06 -32.48
CA ALA FA 42 -79.62 56.46 -33.77
C ALA FA 42 -81.10 56.13 -33.89
N ASN FA 43 -81.58 56.16 -35.13
CA ASN FA 43 -82.98 55.93 -35.46
C ASN FA 43 -83.20 54.44 -35.68
N ARG FA 44 -83.93 53.83 -34.76
CA ARG FA 44 -84.22 52.40 -34.83
C ARG FA 44 -85.01 52.02 -36.08
N GLN FA 45 -85.82 52.95 -36.61
CA GLN FA 45 -86.82 52.60 -37.62
C GLN FA 45 -86.23 52.41 -39.01
N GLN FA 46 -85.00 52.87 -39.26
CA GLN FA 46 -84.47 52.75 -40.61
C GLN FA 46 -84.01 51.32 -40.88
N PRO FA 47 -84.03 50.89 -42.15
CA PRO FA 47 -83.42 49.60 -42.51
C PRO FA 47 -81.90 49.68 -42.46
N PHE FA 48 -81.20 48.56 -42.70
CA PHE FA 48 -79.77 48.56 -42.41
C PHE FA 48 -78.98 49.47 -43.33
N GLY FA 49 -79.45 49.66 -44.56
CA GLY FA 49 -78.75 50.58 -45.45
C GLY FA 49 -78.82 52.02 -44.96
N VAL FA 50 -80.00 52.45 -44.55
CA VAL FA 50 -80.22 53.86 -44.24
C VAL FA 50 -79.71 54.17 -42.84
N LYS FA 51 -78.93 55.22 -42.73
CA LYS FA 51 -78.38 55.68 -41.46
C LYS FA 51 -79.01 57.02 -41.09
N ASN FA 52 -79.62 57.08 -39.91
CA ASN FA 52 -80.33 58.26 -39.41
C ASN FA 52 -79.90 58.49 -37.98
N THR FA 53 -79.16 59.57 -37.73
CA THR FA 53 -78.63 59.85 -36.40
C THR FA 53 -78.84 61.30 -36.02
N ALA FA 54 -78.72 61.56 -34.73
CA ALA FA 54 -78.76 62.89 -34.15
C ALA FA 54 -77.68 62.98 -33.10
N ARG FA 55 -77.05 64.15 -33.02
CA ARG FA 55 -75.91 64.36 -32.14
C ARG FA 55 -76.16 65.62 -31.33
N TYR FA 56 -75.93 65.54 -30.02
CA TYR FA 56 -76.22 66.63 -29.10
C TYR FA 56 -74.96 66.85 -28.30
N GLY FA 57 -74.40 68.04 -28.36
CA GLY FA 57 -73.12 68.29 -27.69
C GLY FA 57 -73.02 69.69 -27.13
N ILE FA 58 -72.30 69.82 -26.02
CA ILE FA 58 -71.98 71.14 -25.48
C ILE FA 58 -70.49 71.26 -25.30
N ARG FA 59 -70.02 72.50 -25.40
CA ARG FA 59 -68.65 72.91 -25.18
C ARG FA 59 -68.68 74.13 -24.27
N GLN FA 60 -67.72 74.22 -23.36
CA GLN FA 60 -67.66 75.38 -22.49
C GLN FA 60 -66.90 76.50 -23.18
N ILE FA 61 -67.44 77.71 -23.12
CA ILE FA 61 -66.87 78.87 -23.79
C ILE FA 61 -66.09 79.65 -22.75
N ALA FA 62 -64.81 79.88 -23.05
CA ALA FA 62 -63.90 80.48 -22.07
C ALA FA 62 -64.23 81.95 -21.85
N ASP FA 63 -64.28 82.72 -22.93
CA ASP FA 63 -64.59 84.15 -22.90
C ASP FA 63 -65.58 84.40 -24.02
N VAL FA 64 -66.84 84.65 -23.67
CA VAL FA 64 -67.86 84.87 -24.68
C VAL FA 64 -67.64 86.22 -25.39
N TYR FA 65 -66.81 87.09 -24.82
CA TYR FA 65 -66.52 88.42 -25.37
C TYR FA 65 -65.32 88.43 -26.31
N ARG FA 66 -64.68 87.28 -26.55
CA ARG FA 66 -63.34 87.29 -27.12
C ARG FA 66 -63.35 87.54 -28.62
N ASN FA 67 -64.15 86.81 -29.38
CA ASN FA 67 -64.14 87.08 -30.82
C ASN FA 67 -65.00 88.28 -31.20
N THR FA 68 -65.79 88.81 -30.27
CA THR FA 68 -66.83 89.79 -30.58
C THR FA 68 -66.26 91.20 -30.65
N THR FA 69 -67.06 92.10 -31.23
CA THR FA 69 -66.81 93.54 -31.12
C THR FA 69 -67.33 94.10 -29.82
N ILE FA 70 -68.22 93.38 -29.16
CA ILE FA 70 -68.60 93.71 -27.79
C ILE FA 70 -67.42 93.38 -26.87
N ASP FA 71 -67.29 94.15 -25.80
CA ASP FA 71 -66.41 93.78 -24.71
C ASP FA 71 -67.10 94.07 -23.39
N ARG FA 72 -66.54 93.52 -22.33
CA ARG FA 72 -67.24 93.32 -21.08
C ARG FA 72 -67.24 94.60 -20.26
N ALA FA 73 -68.44 95.08 -19.90
CA ALA FA 73 -68.55 96.22 -18.99
C ALA FA 73 -68.24 95.76 -17.57
N TYR FA 74 -68.00 96.73 -16.68
CA TYR FA 74 -67.32 96.40 -15.43
C TYR FA 74 -68.20 95.58 -14.49
N GLN FA 75 -69.50 95.63 -14.68
CA GLN FA 75 -70.46 95.00 -13.78
C GLN FA 75 -71.11 93.79 -14.44
N SER FA 76 -70.37 93.11 -15.29
CA SER FA 76 -70.88 91.87 -15.86
C SER FA 76 -70.64 90.71 -14.90
N PRO FA 77 -71.59 89.79 -14.80
CA PRO FA 77 -71.42 88.66 -13.86
C PRO FA 77 -70.28 87.73 -14.23
N SER FA 78 -70.17 87.35 -15.51
CA SER FA 78 -69.16 86.41 -15.93
C SER FA 78 -68.84 86.64 -17.40
N LYS FA 79 -67.67 86.15 -17.79
CA LYS FA 79 -67.31 86.00 -19.19
C LYS FA 79 -67.66 84.62 -19.72
N LYS FA 80 -68.09 83.71 -18.85
CA LYS FA 80 -68.23 82.32 -19.25
C LYS FA 80 -69.39 82.15 -20.22
N GLY FA 81 -69.36 81.03 -20.95
CA GLY FA 81 -70.47 80.73 -21.83
C GLY FA 81 -70.61 79.25 -22.06
N THR FA 82 -71.67 78.87 -22.77
CA THR FA 82 -71.86 77.49 -23.18
C THR FA 82 -72.28 77.47 -24.65
N SER FA 83 -71.73 76.52 -25.40
CA SER FA 83 -72.01 76.39 -26.82
C SER FA 83 -72.68 75.04 -27.04
N LEU FA 84 -73.87 75.07 -27.61
CA LEU FA 84 -74.69 73.89 -27.86
C LEU FA 84 -74.72 73.60 -29.35
N VAL FA 85 -74.66 72.31 -29.68
CA VAL FA 85 -74.80 71.85 -31.06
C VAL FA 85 -75.83 70.75 -31.10
N VAL FA 86 -76.69 70.84 -32.12
CA VAL FA 86 -77.70 69.84 -32.41
C VAL FA 86 -77.54 69.50 -33.88
N GLN FA 87 -77.18 68.24 -34.17
CA GLN FA 87 -76.95 67.80 -35.54
C GLN FA 87 -77.89 66.66 -35.89
N VAL FA 88 -78.41 66.68 -37.11
CA VAL FA 88 -79.18 65.57 -37.65
C VAL FA 88 -78.47 65.10 -38.92
N THR FA 89 -78.44 63.79 -39.09
CA THR FA 89 -77.81 63.11 -40.21
C THR FA 89 -78.82 62.12 -40.79
N GLU FA 90 -79.11 62.25 -42.08
CA GLU FA 90 -80.06 61.39 -42.74
C GLU FA 90 -79.43 60.78 -43.98
N THR FA 91 -80.02 59.67 -44.41
CA THR FA 91 -79.58 58.96 -45.61
C THR FA 91 -80.78 58.84 -46.54
N TRP FA 92 -80.76 59.62 -47.62
CA TRP FA 92 -81.82 59.61 -48.61
C TRP FA 92 -81.44 58.61 -49.71
N THR FA 93 -82.45 58.04 -50.37
CA THR FA 93 -82.18 57.01 -51.36
C THR FA 93 -82.88 57.31 -52.67
N VAL FA 94 -82.14 57.21 -53.76
CA VAL FA 94 -82.66 57.38 -55.11
C VAL FA 94 -82.74 56.00 -55.75
N ALA FA 95 -83.91 55.68 -56.31
CA ALA FA 95 -84.12 54.43 -57.02
C ALA FA 95 -84.84 54.73 -58.34
N SER FA 96 -85.02 53.69 -59.16
CA SER FA 96 -85.69 53.83 -60.44
C SER FA 96 -86.78 52.79 -60.57
N THR FA 97 -87.95 53.22 -61.08
CA THR FA 97 -89.06 52.32 -61.37
C THR FA 97 -88.85 51.53 -62.65
N ASP FA 98 -87.87 51.90 -63.47
CA ASP FA 98 -87.53 51.16 -64.68
C ASP FA 98 -86.52 50.06 -64.39
N ASP FA 99 -85.41 50.41 -63.74
CA ASP FA 99 -84.28 49.52 -63.53
C ASP FA 99 -84.18 49.18 -62.04
N GLU FA 100 -84.21 47.88 -61.73
CA GLU FA 100 -83.95 47.46 -60.36
C GLU FA 100 -82.48 47.62 -59.98
N THR FA 101 -81.59 47.70 -60.97
CA THR FA 101 -80.15 47.84 -60.71
C THR FA 101 -79.81 49.27 -60.27
N TYR FA 102 -80.55 50.25 -60.74
CA TYR FA 102 -80.15 51.64 -60.56
C TYR FA 102 -80.58 52.14 -59.19
N GLY FA 103 -79.61 52.63 -58.43
CA GLY FA 103 -79.90 53.27 -57.17
C GLY FA 103 -78.63 53.82 -56.54
N TYR FA 104 -78.82 54.78 -55.65
CA TYR FA 104 -77.71 55.30 -54.85
C TYR FA 104 -78.26 55.96 -53.59
N SER FA 105 -77.35 56.30 -52.68
CA SER FA 105 -77.68 56.93 -51.42
C SER FA 105 -77.03 58.32 -51.35
N LEU FA 106 -77.80 59.29 -50.92
CA LEU FA 106 -77.35 60.66 -50.73
C LEU FA 106 -77.25 60.94 -49.24
N PRO FA 107 -76.14 61.47 -48.77
CA PRO FA 107 -76.04 61.82 -47.35
C PRO FA 107 -76.47 63.26 -47.10
N PHE FA 108 -77.41 63.47 -46.19
CA PHE FA 108 -77.80 64.81 -45.78
C PHE FA 108 -77.35 65.05 -44.34
N SER FA 109 -76.88 66.26 -44.08
CA SER FA 109 -76.63 66.60 -42.67
C SER FA 109 -76.90 68.07 -42.45
N ALA FA 110 -77.21 68.40 -41.21
CA ALA FA 110 -77.37 69.80 -40.87
C ALA FA 110 -77.28 69.93 -39.37
N HIS FA 111 -76.86 71.10 -38.91
CA HIS FA 111 -76.77 71.30 -37.47
C HIS FA 111 -77.02 72.76 -37.12
N VAL FA 112 -77.31 72.96 -35.84
CA VAL FA 112 -77.52 74.26 -35.25
C VAL FA 112 -76.55 74.40 -34.10
N ILE FA 113 -75.99 75.60 -33.95
CA ILE FA 113 -75.08 75.91 -32.88
C ILE FA 113 -75.57 77.19 -32.21
N VAL FA 114 -75.57 77.19 -30.88
CA VAL FA 114 -76.10 78.27 -30.07
C VAL FA 114 -75.06 78.62 -29.02
N ASN FA 115 -74.75 79.92 -28.88
CA ASN FA 115 -73.67 80.36 -27.99
C ASN FA 115 -74.23 81.28 -26.91
N VAL FA 116 -74.58 80.69 -25.77
CA VAL FA 116 -75.35 81.36 -24.73
C VAL FA 116 -74.40 81.84 -23.65
N PRO FA 117 -74.38 83.15 -23.34
CA PRO FA 117 -73.61 83.62 -22.17
C PRO FA 117 -74.20 83.12 -20.86
N GLN FA 118 -73.35 83.12 -19.82
CA GLN FA 118 -73.76 82.71 -18.48
C GLN FA 118 -74.29 83.94 -17.73
N ASP FA 119 -75.56 84.23 -17.95
CA ASP FA 119 -76.25 85.24 -17.16
C ASP FA 119 -77.62 84.70 -16.83
N ALA FA 120 -78.00 84.78 -15.55
CA ALA FA 120 -79.23 84.14 -15.10
C ALA FA 120 -80.47 84.76 -15.73
N LEU FA 121 -80.40 86.01 -16.19
CA LEU FA 121 -81.54 86.67 -16.81
C LEU FA 121 -81.87 86.14 -18.20
N ILE FA 122 -80.94 85.44 -18.85
CA ILE FA 122 -81.27 84.72 -20.07
C ILE FA 122 -82.16 83.54 -19.70
N THR FA 123 -83.35 83.50 -20.27
CA THR FA 123 -84.32 82.46 -19.94
C THR FA 123 -84.49 81.50 -21.12
N GLU FA 124 -85.08 80.34 -20.81
CA GLU FA 124 -85.27 79.34 -21.85
C GLU FA 124 -86.14 79.89 -22.95
N GLU FA 125 -87.14 80.70 -22.60
CA GLU FA 125 -87.99 81.29 -23.62
C GLU FA 125 -87.22 82.32 -24.45
N ILE FA 126 -86.37 83.13 -23.81
CA ILE FA 126 -85.56 84.09 -24.57
C ILE FA 126 -84.76 83.35 -25.63
N LEU FA 127 -84.19 82.20 -25.25
CA LEU FA 127 -83.38 81.45 -26.19
C LEU FA 127 -84.21 80.86 -27.32
N TYR FA 128 -85.37 80.28 -27.01
CA TYR FA 128 -86.20 79.77 -28.10
C TYR FA 128 -86.63 80.87 -29.06
N ASP FA 129 -87.00 82.05 -28.53
CA ASP FA 129 -87.39 83.13 -29.43
C ASP FA 129 -86.21 83.62 -30.25
N ALA FA 130 -85.00 83.55 -29.69
CA ALA FA 130 -83.81 83.81 -30.49
C ALA FA 130 -83.69 82.82 -31.63
N LEU FA 131 -83.92 81.52 -31.35
CA LEU FA 131 -83.88 80.52 -32.40
C LEU FA 131 -84.91 80.81 -33.49
N LYS FA 132 -86.08 81.32 -33.08
CA LYS FA 132 -87.13 81.65 -34.04
C LYS FA 132 -86.69 82.81 -34.95
N ARG FA 133 -86.08 83.84 -34.35
CA ARG FA 133 -85.51 84.92 -35.14
C ARG FA 133 -84.44 84.40 -36.10
N LEU FA 134 -83.60 83.49 -35.61
CA LEU FA 134 -82.55 82.87 -36.44
C LEU FA 134 -83.13 82.22 -37.67
N MET FA 135 -83.99 81.21 -37.47
CA MET FA 135 -84.61 80.53 -38.60
C MET FA 135 -85.39 81.47 -39.50
N GLY FA 136 -85.85 82.61 -38.98
CA GLY FA 136 -86.53 83.56 -39.85
C GLY FA 136 -85.68 84.04 -41.02
N HIS FA 137 -84.35 84.01 -40.87
CA HIS FA 137 -83.46 84.47 -41.94
C HIS FA 137 -83.44 83.56 -43.14
N PHE FA 138 -84.13 82.41 -43.09
CA PHE FA 138 -84.35 81.60 -44.28
C PHE FA 138 -85.51 82.10 -45.11
N TYR FA 139 -86.00 83.30 -44.81
CA TYR FA 139 -87.16 83.86 -45.48
C TYR FA 139 -86.94 85.37 -45.64
N GLU FA 140 -87.80 85.99 -46.43
CA GLU FA 140 -87.88 87.44 -46.54
C GLU FA 140 -89.33 87.87 -46.30
N GLY FA 141 -89.50 88.98 -45.59
CA GLY FA 141 -90.84 89.44 -45.26
C GLY FA 141 -91.25 90.74 -45.92
N ASN FA 142 -92.55 91.01 -45.97
CA ASN FA 142 -93.09 92.25 -46.55
C ASN FA 142 -94.04 92.89 -45.57
N ASP FA 143 -93.73 94.10 -45.10
CA ASP FA 143 -94.72 94.83 -44.31
C ASP FA 143 -95.86 95.35 -45.17
N THR FA 144 -95.62 95.45 -46.48
CA THR FA 144 -96.51 96.22 -47.33
C THR FA 144 -97.90 95.61 -47.41
N THR FA 145 -97.99 94.33 -47.75
CA THR FA 145 -99.28 93.69 -47.96
C THR FA 145 -100.12 93.70 -46.69
N SER FA 146 -101.42 93.69 -46.87
CA SER FA 146 -102.30 93.71 -45.73
C SER FA 146 -102.25 92.41 -44.94
N PRO FA 147 -102.32 91.23 -45.56
CA PRO FA 147 -101.76 90.09 -44.84
C PRO FA 147 -100.28 90.04 -45.19
N THR FA 148 -99.43 90.05 -44.16
CA THR FA 148 -98.00 90.08 -44.42
C THR FA 148 -97.60 88.83 -45.19
N THR FA 149 -96.72 89.00 -46.16
CA THR FA 149 -96.29 87.89 -47.01
C THR FA 149 -94.81 87.63 -46.81
N THR FA 150 -94.45 86.36 -46.89
CA THR FA 150 -93.06 85.91 -46.77
C THR FA 150 -92.71 85.02 -47.96
N SER FA 151 -91.55 85.28 -48.55
CA SER FA 151 -90.98 84.44 -49.59
C SER FA 151 -89.76 83.72 -49.05
N VAL FA 152 -89.30 82.73 -49.81
CA VAL FA 152 -88.28 81.81 -49.33
C VAL FA 152 -86.91 82.18 -49.89
N ARG FA 153 -85.88 81.81 -49.13
CA ARG FA 153 -84.51 82.12 -49.49
C ARG FA 153 -83.63 80.90 -49.73
N LEU FA 154 -83.96 79.75 -49.14
CA LEU FA 154 -83.00 78.64 -49.06
C LEU FA 154 -82.43 78.29 -50.42
N LYS FA 155 -83.29 78.21 -51.45
CA LYS FA 155 -82.80 77.93 -52.79
C LYS FA 155 -81.84 79.01 -53.25
N ASP FA 156 -82.30 80.26 -53.25
CA ASP FA 156 -81.46 81.34 -53.76
C ASP FA 156 -80.12 81.41 -53.05
N MET FA 157 -80.11 81.13 -51.74
CA MET FA 157 -78.84 81.14 -51.00
C MET FA 157 -77.94 80.00 -51.42
N LEU FA 158 -78.47 78.77 -51.41
CA LEU FA 158 -77.68 77.63 -51.85
C LEU FA 158 -77.16 77.80 -53.27
N GLN FA 159 -77.87 78.58 -54.09
CA GLN FA 159 -77.45 78.87 -55.46
C GLN FA 159 -76.42 79.99 -55.55
N GLY FA 160 -76.13 80.68 -54.44
CA GLY FA 160 -75.12 81.71 -54.43
C GLY FA 160 -75.65 83.14 -54.36
N ALA FA 161 -76.97 83.32 -54.34
CA ALA FA 161 -77.57 84.64 -54.17
C ALA FA 161 -77.71 84.91 -52.68
N LEU FA 162 -76.59 85.30 -52.08
CA LEU FA 162 -76.57 85.37 -50.62
C LEU FA 162 -77.13 86.68 -50.08
N VAL FA 163 -77.27 87.70 -50.92
CA VAL FA 163 -77.89 88.92 -50.45
C VAL FA 163 -79.39 88.75 -50.55
N PRO FA 164 -80.17 89.19 -49.55
CA PRO FA 164 -81.62 89.17 -49.69
C PRO FA 164 -82.07 89.96 -50.91
N GLN FA 165 -83.06 89.43 -51.60
CA GLN FA 165 -83.57 90.07 -52.80
C GLN FA 165 -84.30 91.37 -52.48
N SER FA 166 -84.70 91.56 -51.22
CA SER FA 166 -85.30 92.82 -50.77
C SER FA 166 -84.28 93.96 -50.77
N LEU FA 167 -83.01 93.65 -50.58
CA LEU FA 167 -81.97 94.67 -50.52
C LEU FA 167 -81.47 95.04 -51.92
N SER GA 1 -90.52 45.35 -57.62
CA SER GA 1 -90.01 45.52 -56.26
C SER GA 1 -89.09 44.36 -55.90
N LYS GA 2 -88.26 44.57 -54.88
CA LYS GA 2 -87.24 43.61 -54.47
C LYS GA 2 -87.75 42.77 -53.30
N ILE GA 3 -87.45 41.47 -53.34
CA ILE GA 3 -87.90 40.55 -52.31
C ILE GA 3 -86.72 39.68 -51.88
N LEU GA 4 -86.64 39.43 -50.57
CA LEU GA 4 -85.68 38.49 -50.01
C LEU GA 4 -86.41 37.23 -49.59
N SER GA 5 -85.82 36.07 -49.88
CA SER GA 5 -86.30 34.78 -49.39
C SER GA 5 -85.18 34.10 -48.62
N THR GA 6 -85.54 33.51 -47.49
CA THR GA 6 -84.61 32.69 -46.73
C THR GA 6 -84.53 31.27 -47.25
N ASN GA 7 -85.35 30.91 -48.23
CA ASN GA 7 -85.34 29.58 -48.84
C ASN GA 7 -85.67 28.47 -47.84
N ASN GA 8 -86.22 28.81 -46.69
CA ASN GA 8 -86.66 27.81 -45.72
C ASN GA 8 -88.11 27.40 -45.95
N SER GA 9 -88.70 27.81 -47.07
CA SER GA 9 -90.11 27.54 -47.32
C SER GA 9 -90.40 26.05 -47.36
N ASN GA 10 -89.52 25.26 -47.98
CA ASN GA 10 -89.76 23.85 -48.21
C ASN GA 10 -89.09 22.94 -47.18
N SER GA 11 -88.31 23.50 -46.26
CA SER GA 11 -87.66 22.70 -45.25
C SER GA 11 -88.64 22.34 -44.14
N ASN GA 12 -88.43 21.19 -43.50
CA ASN GA 12 -89.39 20.60 -42.56
C ASN GA 12 -88.96 20.82 -41.13
N PHE GA 13 -89.81 21.45 -40.34
CA PHE GA 13 -89.53 21.70 -38.93
C PHE GA 13 -90.68 21.22 -38.06
N VAL GA 14 -90.37 21.13 -36.77
CA VAL GA 14 -91.33 20.89 -35.70
C VAL GA 14 -91.15 21.99 -34.67
N ASP GA 15 -92.24 22.66 -34.33
CA ASP GA 15 -92.13 23.73 -33.34
C ASP GA 15 -91.95 23.12 -31.95
N THR GA 16 -91.22 23.85 -31.09
CA THR GA 16 -91.16 23.48 -29.68
C THR GA 16 -90.98 24.75 -28.84
N SER GA 17 -91.43 24.68 -27.59
CA SER GA 17 -91.47 25.87 -26.74
C SER GA 17 -90.13 26.07 -26.05
N PHE GA 18 -89.69 27.33 -25.99
CA PHE GA 18 -88.40 27.68 -25.42
C PHE GA 18 -88.59 29.06 -24.79
N THR GA 19 -88.99 29.08 -23.53
CA THR GA 19 -89.43 30.31 -22.90
C THR GA 19 -88.23 31.04 -22.30
N LEU GA 20 -87.95 32.24 -22.81
CA LEU GA 20 -86.77 32.98 -22.40
C LEU GA 20 -87.02 33.74 -21.11
N LYS GA 21 -86.03 33.70 -20.22
CA LYS GA 21 -86.01 34.54 -19.02
C LYS GA 21 -85.21 35.79 -19.38
N VAL GA 22 -85.93 36.89 -19.65
CA VAL GA 22 -85.37 38.17 -20.07
C VAL GA 22 -85.01 39.03 -18.86
N PRO GA 23 -83.82 39.62 -18.83
CA PRO GA 23 -83.42 40.41 -17.66
C PRO GA 23 -84.19 41.72 -17.52
N VAL GA 24 -84.36 42.13 -16.27
CA VAL GA 24 -84.83 43.48 -15.93
C VAL GA 24 -83.56 44.25 -15.56
N TYR GA 25 -82.96 44.89 -16.56
CA TYR GA 25 -81.65 45.46 -16.34
C TYR GA 25 -81.68 46.53 -15.27
N SER GA 26 -82.72 47.36 -15.29
CA SER GA 26 -82.88 48.41 -14.29
C SER GA 26 -82.77 47.87 -12.86
N LYS GA 27 -83.34 46.69 -12.57
CA LYS GA 27 -83.22 46.21 -11.18
C LYS GA 27 -81.90 45.46 -10.96
N ASP GA 28 -81.46 44.63 -11.91
CA ASP GA 28 -80.40 43.69 -11.56
C ASP GA 28 -78.99 44.10 -12.02
N TYR GA 29 -78.85 44.92 -13.05
CA TYR GA 29 -77.55 45.07 -13.66
C TYR GA 29 -77.02 46.50 -13.53
N ARG GA 30 -75.70 46.62 -13.68
CA ARG GA 30 -74.99 47.87 -13.84
C ARG GA 30 -74.00 47.72 -14.99
N VAL GA 31 -73.48 48.84 -15.46
CA VAL GA 31 -72.55 48.82 -16.58
C VAL GA 31 -71.13 48.81 -16.05
N THR GA 32 -70.37 47.79 -16.43
CA THR GA 32 -68.95 47.64 -16.13
C THR GA 32 -68.06 48.33 -17.15
N GLN GA 33 -68.36 48.19 -18.43
CA GLN GA 33 -67.53 48.80 -19.47
C GLN GA 33 -68.44 49.42 -20.51
N ASP GA 34 -68.20 50.68 -20.85
CA ASP GA 34 -68.96 51.42 -21.86
C ASP GA 34 -67.99 51.83 -22.94
N GLU GA 35 -67.75 50.92 -23.88
CA GLU GA 35 -66.94 51.19 -25.06
C GLU GA 35 -67.84 51.27 -26.28
N PRO GA 36 -67.37 51.90 -27.37
CA PRO GA 36 -68.23 52.01 -28.56
C PRO GA 36 -68.52 50.68 -29.21
N ASP GA 37 -67.64 49.69 -29.06
CA ASP GA 37 -67.81 48.42 -29.72
C ASP GA 37 -68.14 47.28 -28.76
N GLU GA 38 -67.97 47.49 -27.46
CA GLU GA 38 -68.01 46.40 -26.49
C GLU GA 38 -68.55 46.98 -25.19
N VAL GA 39 -69.72 46.50 -24.76
CA VAL GA 39 -70.30 46.89 -23.48
C VAL GA 39 -70.29 45.67 -22.57
N VAL GA 40 -69.94 45.91 -21.31
CA VAL GA 40 -69.93 44.86 -20.30
C VAL GA 40 -70.84 45.30 -19.16
N VAL GA 41 -71.63 44.34 -18.70
CA VAL GA 41 -72.71 44.53 -17.75
C VAL GA 41 -72.54 43.48 -16.66
N ALA GA 42 -72.89 43.84 -15.43
CA ALA GA 42 -72.67 42.98 -14.28
C ALA GA 42 -73.89 43.01 -13.36
N ASN GA 43 -74.11 41.89 -12.68
CA ASN GA 43 -75.23 41.75 -11.75
C ASN GA 43 -74.78 42.24 -10.39
N ARG GA 44 -75.29 43.40 -9.98
CA ARG GA 44 -74.96 43.98 -8.69
C ARG GA 44 -75.72 43.34 -7.53
N GLN GA 45 -76.74 42.53 -7.82
CA GLN GA 45 -77.51 41.87 -6.76
C GLN GA 45 -76.86 40.58 -6.26
N GLN GA 46 -76.01 39.96 -7.07
CA GLN GA 46 -75.33 38.74 -6.64
C GLN GA 46 -74.47 39.03 -5.41
N PRO GA 47 -74.31 38.07 -4.52
CA PRO GA 47 -73.29 38.20 -3.46
C PRO GA 47 -71.89 38.30 -4.06
N PHE GA 48 -70.92 38.64 -3.21
CA PHE GA 48 -69.60 39.01 -3.72
C PHE GA 48 -68.91 37.85 -4.43
N GLY GA 49 -69.04 36.64 -3.89
CA GLY GA 49 -68.39 35.50 -4.52
C GLY GA 49 -68.90 35.23 -5.92
N VAL GA 50 -70.20 35.42 -6.16
CA VAL GA 50 -70.82 35.02 -7.41
C VAL GA 50 -70.81 36.20 -8.38
N LYS GA 51 -70.03 36.08 -9.44
CA LYS GA 51 -69.96 37.11 -10.46
C LYS GA 51 -70.85 36.68 -11.62
N ASN GA 52 -71.91 37.43 -11.86
CA ASN GA 52 -72.83 37.21 -12.98
C ASN GA 52 -72.69 38.39 -13.95
N THR GA 53 -72.14 38.13 -15.14
CA THR GA 53 -71.83 39.19 -16.10
C THR GA 53 -72.34 38.85 -17.50
N ALA GA 54 -72.36 39.87 -18.36
CA ALA GA 54 -72.80 39.75 -19.74
C ALA GA 54 -72.04 40.77 -20.58
N ARG GA 55 -71.84 40.43 -21.85
CA ARG GA 55 -70.98 41.21 -22.74
C ARG GA 55 -71.65 41.30 -24.10
N TYR GA 56 -71.71 42.51 -24.64
CA TYR GA 56 -72.43 42.77 -25.88
C TYR GA 56 -71.47 43.51 -26.80
N GLY GA 57 -71.11 42.90 -27.92
CA GLY GA 57 -70.06 43.44 -28.76
C GLY GA 57 -70.40 43.36 -30.24
N ILE GA 58 -69.83 44.30 -31.00
CA ILE GA 58 -69.99 44.31 -32.45
C ILE GA 58 -68.63 44.56 -33.09
N ARG GA 59 -68.25 43.67 -34.00
CA ARG GA 59 -67.15 43.85 -34.92
C ARG GA 59 -67.75 44.10 -36.30
N GLN GA 60 -67.02 44.81 -37.17
CA GLN GA 60 -67.55 45.06 -38.49
C GLN GA 60 -66.85 44.14 -39.50
N ILE GA 61 -67.64 43.47 -40.33
CA ILE GA 61 -67.16 42.44 -41.24
C ILE GA 61 -66.83 43.09 -42.57
N ALA GA 62 -65.58 42.88 -43.03
CA ALA GA 62 -65.11 43.55 -44.23
C ALA GA 62 -65.71 42.92 -45.48
N ASP GA 63 -65.58 41.60 -45.62
CA ASP GA 63 -66.17 40.85 -46.73
C ASP GA 63 -67.01 39.74 -46.13
N VAL GA 64 -68.34 39.88 -46.21
CA VAL GA 64 -69.21 38.87 -45.64
C VAL GA 64 -69.14 37.57 -46.45
N TYR GA 65 -68.58 37.62 -47.65
CA TYR GA 65 -68.44 36.48 -48.53
C TYR GA 65 -67.09 35.78 -48.41
N ARG GA 66 -66.28 36.14 -47.41
CA ARG GA 66 -64.88 35.74 -47.42
C ARG GA 66 -64.75 34.22 -47.31
N ASN GA 67 -65.48 33.61 -46.38
CA ASN GA 67 -65.37 32.18 -46.14
C ASN GA 67 -66.60 31.42 -46.64
N THR GA 68 -67.21 31.92 -47.73
CA THR GA 68 -68.39 31.31 -48.32
C THR GA 68 -68.08 30.79 -49.71
N THR GA 69 -68.99 29.96 -50.22
CA THR GA 69 -68.84 29.32 -51.52
C THR GA 69 -69.59 30.08 -52.62
N ILE GA 70 -69.95 31.33 -52.36
CA ILE GA 70 -70.77 32.09 -53.30
C ILE GA 70 -69.84 32.78 -54.29
N ASP GA 71 -69.98 32.44 -55.56
CA ASP GA 71 -69.14 33.05 -56.58
C ASP GA 71 -69.47 34.53 -56.72
N ARG GA 72 -68.48 35.31 -57.17
CA ARG GA 72 -68.63 36.76 -57.20
C ARG GA 72 -69.82 37.19 -58.06
N ALA GA 73 -70.06 36.49 -59.17
CA ALA GA 73 -71.18 36.83 -60.04
C ALA GA 73 -72.53 36.76 -59.34
N TYR GA 74 -72.58 36.18 -58.15
CA TYR GA 74 -73.82 36.03 -57.41
C TYR GA 74 -73.82 36.81 -56.10
N GLN GA 75 -72.81 37.64 -55.87
CA GLN GA 75 -72.71 38.42 -54.63
C GLN GA 75 -73.43 39.76 -54.79
N SER GA 76 -73.79 40.37 -53.66
CA SER GA 76 -74.39 41.70 -53.71
C SER GA 76 -73.31 42.69 -54.10
N PRO GA 77 -73.70 43.93 -54.42
CA PRO GA 77 -72.67 44.94 -54.65
C PRO GA 77 -71.91 45.30 -53.39
N SER GA 78 -72.55 45.17 -52.21
CA SER GA 78 -71.98 45.59 -50.94
C SER GA 78 -71.54 44.36 -50.16
N LYS GA 79 -70.27 44.33 -49.79
CA LYS GA 79 -69.74 43.22 -49.02
C LYS GA 79 -69.73 43.50 -47.52
N LYS GA 80 -70.20 44.68 -47.12
CA LYS GA 80 -70.18 45.07 -45.70
C LYS GA 80 -71.05 44.13 -44.87
N GLY GA 81 -70.63 43.92 -43.61
CA GLY GA 81 -71.47 43.24 -42.65
C GLY GA 81 -71.15 43.71 -41.25
N THR GA 82 -71.96 43.23 -40.30
CA THR GA 82 -71.64 43.40 -38.89
C THR GA 82 -71.74 42.05 -38.19
N SER GA 83 -71.01 41.92 -37.09
CA SER GA 83 -70.89 40.68 -36.34
C SER GA 83 -71.18 41.00 -34.89
N LEU GA 84 -72.22 40.40 -34.36
CA LEU GA 84 -72.70 40.63 -33.00
C LEU GA 84 -72.30 39.46 -32.12
N VAL GA 85 -71.91 39.77 -30.89
CA VAL GA 85 -71.65 38.75 -29.88
C VAL GA 85 -72.41 39.12 -28.62
N VAL GA 86 -73.03 38.10 -28.04
CA VAL GA 86 -73.75 38.20 -26.79
C VAL GA 86 -73.22 37.08 -25.90
N GLN GA 87 -72.47 37.45 -24.87
CA GLN GA 87 -71.88 36.48 -23.96
C GLN GA 87 -72.48 36.62 -22.57
N VAL GA 88 -72.73 35.49 -21.92
CA VAL GA 88 -73.16 35.48 -20.53
C VAL GA 88 -72.16 34.63 -19.75
N THR GA 89 -71.87 35.08 -18.54
CA THR GA 89 -70.96 34.42 -17.61
C THR GA 89 -71.66 34.30 -16.26
N GLU GA 90 -71.81 33.08 -15.77
CA GLU GA 90 -72.43 32.83 -14.49
C GLU GA 90 -71.46 32.05 -13.60
N THR GA 91 -71.73 32.10 -12.30
CA THR GA 91 -70.96 31.34 -11.32
C THR GA 91 -71.93 30.59 -10.42
N TRP GA 92 -71.89 29.27 -10.51
CA TRP GA 92 -72.78 28.41 -9.73
C TRP GA 92 -72.00 27.93 -8.51
N THR GA 93 -72.71 27.67 -7.42
CA THR GA 93 -72.04 27.18 -6.21
C THR GA 93 -72.59 25.82 -5.82
N VAL GA 94 -71.68 24.95 -5.41
CA VAL GA 94 -72.00 23.63 -4.90
C VAL GA 94 -71.69 23.63 -3.42
N ALA GA 95 -72.65 23.19 -2.60
CA ALA GA 95 -72.46 23.11 -1.16
C ALA GA 95 -73.18 21.86 -0.66
N SER GA 96 -73.18 21.67 0.65
CA SER GA 96 -73.73 20.47 1.25
C SER GA 96 -74.73 20.82 2.35
N THR GA 97 -75.73 19.95 2.50
CA THR GA 97 -76.68 20.07 3.60
C THR GA 97 -76.04 19.71 4.93
N ASP GA 98 -75.27 18.62 4.94
CA ASP GA 98 -74.73 18.11 6.19
C ASP GA 98 -73.50 18.89 6.63
N ASP GA 99 -72.79 19.50 5.70
CA ASP GA 99 -71.47 20.09 5.94
C ASP GA 99 -71.46 21.53 5.47
N GLU GA 100 -71.32 22.45 6.42
CA GLU GA 100 -71.22 23.87 6.07
C GLU GA 100 -69.89 24.23 5.45
N THR GA 101 -68.85 23.42 5.67
CA THR GA 101 -67.51 23.74 5.16
C THR GA 101 -67.26 23.18 3.77
N TYR GA 102 -68.18 22.41 3.21
CA TYR GA 102 -67.96 21.78 1.91
C TYR GA 102 -68.62 22.61 0.82
N GLY GA 103 -67.82 23.03 -0.15
CA GLY GA 103 -68.36 23.69 -1.32
C GLY GA 103 -67.27 24.10 -2.29
N TYR GA 104 -67.72 24.50 -3.48
CA TYR GA 104 -66.87 25.10 -4.49
C TYR GA 104 -67.73 25.91 -5.47
N SER GA 105 -67.07 26.60 -6.40
CA SER GA 105 -67.74 27.42 -7.40
C SER GA 105 -67.39 26.92 -8.79
N LEU GA 106 -68.41 26.73 -9.62
CA LEU GA 106 -68.27 26.28 -10.99
C LEU GA 106 -68.51 27.45 -11.92
N PRO GA 107 -67.64 27.68 -12.89
CA PRO GA 107 -67.86 28.75 -13.86
C PRO GA 107 -68.62 28.28 -15.10
N PHE GA 108 -69.72 28.95 -15.43
CA PHE GA 108 -70.42 28.72 -16.66
C PHE GA 108 -70.24 29.92 -17.57
N SER GA 109 -70.01 29.66 -18.86
CA SER GA 109 -69.99 30.72 -19.83
C SER GA 109 -70.60 30.21 -21.13
N ALA GA 110 -71.20 31.13 -21.86
CA ALA GA 110 -71.73 30.76 -23.17
C ALA GA 110 -71.91 32.04 -23.97
N HIS GA 111 -71.86 31.93 -25.29
CA HIS GA 111 -72.08 33.10 -26.10
C HIS GA 111 -72.69 32.73 -27.44
N VAL GA 112 -73.27 33.76 -28.06
CA VAL GA 112 -73.85 33.68 -29.39
C VAL GA 112 -73.14 34.69 -30.26
N ILE GA 113 -72.88 34.32 -31.51
CA ILE GA 113 -72.32 35.22 -32.50
C ILE GA 113 -73.23 35.17 -33.71
N VAL GA 114 -73.53 36.34 -34.27
CA VAL GA 114 -74.43 36.47 -35.40
C VAL GA 114 -73.75 37.34 -36.44
N ASN GA 115 -73.73 36.88 -37.69
CA ASN GA 115 -72.97 37.55 -38.74
C ASN GA 115 -73.95 38.02 -39.82
N VAL GA 116 -74.41 39.25 -39.71
CA VAL GA 116 -75.51 39.77 -40.53
C VAL GA 116 -74.92 40.65 -41.64
N PRO GA 117 -75.19 40.35 -42.90
CA PRO GA 117 -74.85 41.31 -43.97
C PRO GA 117 -75.70 42.55 -43.87
N GLN GA 118 -75.11 43.70 -44.23
CA GLN GA 118 -75.87 44.95 -44.24
C GLN GA 118 -76.64 45.06 -45.54
N ASP GA 119 -77.85 44.50 -45.55
CA ASP GA 119 -78.78 44.63 -46.65
C ASP GA 119 -80.08 45.15 -46.08
N ALA GA 120 -80.64 46.18 -46.69
CA ALA GA 120 -81.83 46.80 -46.12
C ALA GA 120 -82.97 45.80 -46.01
N LEU GA 121 -82.97 44.76 -46.84
CA LEU GA 121 -84.05 43.77 -46.87
C LEU GA 121 -83.99 42.78 -45.72
N ILE GA 122 -82.84 42.62 -45.06
CA ILE GA 122 -82.78 41.82 -43.83
C ILE GA 122 -83.46 42.60 -42.72
N THR GA 123 -84.52 42.03 -42.15
CA THR GA 123 -85.31 42.69 -41.13
C THR GA 123 -85.01 42.09 -39.76
N GLU GA 124 -85.41 42.83 -38.72
CA GLU GA 124 -85.17 42.34 -37.37
C GLU GA 124 -85.94 41.06 -37.13
N GLU GA 125 -87.13 40.94 -37.72
CA GLU GA 125 -87.88 39.70 -37.58
C GLU GA 125 -87.20 38.54 -38.30
N ILE GA 126 -86.68 38.79 -39.50
CA ILE GA 126 -85.91 37.74 -40.20
C ILE GA 126 -84.80 37.24 -39.32
N LEU GA 127 -84.08 38.17 -38.68
CA LEU GA 127 -82.94 37.78 -37.86
C LEU GA 127 -83.37 36.98 -36.63
N TYR GA 128 -84.44 37.41 -35.95
CA TYR GA 128 -84.91 36.64 -34.81
C TYR GA 128 -85.36 35.24 -35.23
N ASP GA 129 -86.03 35.13 -36.38
CA ASP GA 129 -86.44 33.80 -36.84
C ASP GA 129 -85.22 32.94 -37.15
N ALA GA 130 -84.16 33.55 -37.69
CA ALA GA 130 -82.93 32.81 -37.88
C ALA GA 130 -82.37 32.32 -36.54
N LEU GA 131 -82.40 33.16 -35.51
CA LEU GA 131 -81.94 32.73 -34.19
C LEU GA 131 -82.78 31.58 -33.67
N LYS GA 132 -84.09 31.62 -33.92
CA LYS GA 132 -84.95 30.54 -33.47
C LYS GA 132 -84.59 29.23 -34.16
N ARG GA 133 -84.28 29.30 -35.46
CA ARG GA 133 -83.85 28.10 -36.18
C ARG GA 133 -82.51 27.59 -35.66
N LEU GA 134 -81.59 28.50 -35.39
CA LEU GA 134 -80.31 28.16 -34.77
C LEU GA 134 -80.50 27.36 -33.50
N MET GA 135 -81.23 27.93 -32.54
CA MET GA 135 -81.44 27.24 -31.28
C MET GA 135 -82.24 25.95 -31.46
N GLY GA 136 -83.01 25.83 -32.53
CA GLY GA 136 -83.68 24.57 -32.77
C GLY GA 136 -82.75 23.40 -32.99
N HIS GA 137 -81.50 23.66 -33.35
CA HIS GA 137 -80.54 22.58 -33.57
C HIS GA 137 -80.07 21.94 -32.28
N PHE GA 138 -80.40 22.51 -31.12
CA PHE GA 138 -80.20 21.85 -29.84
C PHE GA 138 -81.26 20.79 -29.57
N TYR GA 139 -82.13 20.54 -30.54
CA TYR GA 139 -83.18 19.55 -30.40
C TYR GA 139 -83.17 18.66 -31.64
N GLU GA 140 -83.96 17.60 -31.59
CA GLU GA 140 -84.22 16.76 -32.76
C GLU GA 140 -85.72 16.63 -32.91
N GLY GA 141 -86.18 16.70 -34.17
CA GLY GA 141 -87.59 16.74 -34.47
C GLY GA 141 -88.12 15.46 -35.07
N ASN GA 142 -89.34 15.11 -34.68
CA ASN GA 142 -90.08 13.95 -35.15
C ASN GA 142 -91.49 14.39 -35.54
N ASP GA 143 -91.79 14.41 -36.85
CA ASP GA 143 -93.12 14.76 -37.31
C ASP GA 143 -93.92 13.54 -37.75
N THR GA 144 -93.35 12.34 -37.67
CA THR GA 144 -94.10 11.15 -38.05
C THR GA 144 -95.20 10.84 -37.05
N THR GA 145 -94.93 11.04 -35.75
CA THR GA 145 -95.93 10.75 -34.73
C THR GA 145 -97.13 11.69 -34.80
N SER GA 146 -98.23 11.22 -34.23
CA SER GA 146 -99.48 11.98 -34.31
C SER GA 146 -99.33 13.38 -33.73
N PRO GA 147 -98.86 13.57 -32.48
CA PRO GA 147 -98.39 14.93 -32.13
C PRO GA 147 -96.91 15.07 -32.50
N THR GA 148 -96.55 16.15 -33.20
CA THR GA 148 -95.14 16.38 -33.48
C THR GA 148 -94.39 16.51 -32.16
N THR GA 149 -93.30 15.77 -32.02
CA THR GA 149 -92.52 15.73 -30.79
C THR GA 149 -91.06 16.04 -31.06
N THR GA 150 -90.39 16.49 -30.01
CA THR GA 150 -88.98 16.84 -30.05
C THR GA 150 -88.27 16.28 -28.84
N SER GA 151 -87.04 15.79 -29.06
CA SER GA 151 -86.20 15.33 -27.96
C SER GA 151 -84.96 16.21 -27.86
N VAL GA 152 -84.46 16.38 -26.65
CA VAL GA 152 -83.34 17.29 -26.40
C VAL GA 152 -82.03 16.61 -26.83
N ARG GA 153 -81.05 17.43 -27.21
CA ARG GA 153 -79.82 16.89 -27.77
C ARG GA 153 -78.55 17.48 -27.13
N LEU GA 154 -78.69 18.43 -26.21
CA LEU GA 154 -77.52 19.15 -25.69
C LEU GA 154 -76.55 18.21 -24.99
N LYS GA 155 -77.06 17.38 -24.08
CA LYS GA 155 -76.18 16.48 -23.33
C LYS GA 155 -75.58 15.43 -24.26
N ASP GA 156 -76.37 14.93 -25.20
CA ASP GA 156 -75.85 13.96 -26.16
C ASP GA 156 -74.67 14.53 -26.92
N MET GA 157 -74.79 15.77 -27.40
CA MET GA 157 -73.67 16.38 -28.12
C MET GA 157 -72.47 16.58 -27.21
N LEU GA 158 -72.70 17.10 -26.00
CA LEU GA 158 -71.61 17.26 -25.05
C LEU GA 158 -70.86 15.95 -24.85
N GLN GA 159 -71.59 14.83 -24.83
CA GLN GA 159 -71.01 13.52 -24.58
C GLN GA 159 -70.52 12.82 -25.84
N GLY GA 160 -70.38 13.54 -26.96
CA GLY GA 160 -69.76 12.98 -28.14
C GLY GA 160 -70.70 12.37 -29.15
N ALA GA 161 -72.01 12.41 -28.92
CA ALA GA 161 -72.99 11.94 -29.89
C ALA GA 161 -73.43 13.13 -30.72
N LEU GA 162 -72.63 13.47 -31.71
CA LEU GA 162 -72.85 14.70 -32.44
C LEU GA 162 -73.78 14.52 -33.63
N VAL GA 163 -73.85 13.33 -34.19
CA VAL GA 163 -74.76 13.07 -35.31
C VAL GA 163 -76.15 12.83 -34.76
N PRO GA 164 -77.18 13.45 -35.33
CA PRO GA 164 -78.56 13.22 -34.86
C PRO GA 164 -78.97 11.76 -34.96
N GLN GA 165 -79.92 11.38 -34.09
CA GLN GA 165 -80.51 10.04 -34.17
C GLN GA 165 -81.09 9.77 -35.55
N SER GA 166 -81.77 10.76 -36.14
CA SER GA 166 -82.45 10.56 -37.40
C SER GA 166 -81.49 10.18 -38.52
N LEU GA 167 -80.22 10.57 -38.41
CA LEU GA 167 -79.22 10.37 -39.46
C LEU GA 167 -78.27 9.21 -39.15
N SER HA 1 62.31 42.33 83.01
CA SER HA 1 61.32 41.32 83.31
C SER HA 1 60.02 41.63 82.60
N LYS HA 2 59.46 40.62 81.94
CA LYS HA 2 58.22 40.75 81.18
C LYS HA 2 57.04 40.31 82.04
N ILE HA 3 55.93 41.05 81.94
CA ILE HA 3 54.74 40.74 82.73
C ILE HA 3 53.52 40.70 81.81
N LEU HA 4 52.71 39.66 81.97
CA LEU HA 4 51.44 39.52 81.27
C LEU HA 4 50.29 39.87 82.19
N SER HA 5 49.32 40.61 81.67
CA SER HA 5 48.09 40.91 82.37
C SER HA 5 46.91 40.47 81.52
N THR HA 6 45.88 39.93 82.18
CA THR HA 6 44.65 39.58 81.52
C THR HA 6 43.66 40.73 81.47
N ASN HA 7 43.94 41.83 82.18
CA ASN HA 7 43.12 43.04 82.15
C ASN HA 7 41.70 42.79 82.63
N ASN HA 8 41.50 41.77 83.46
CA ASN HA 8 40.20 41.51 84.05
C ASN HA 8 40.06 42.12 85.44
N SER HA 9 41.09 42.81 85.92
CA SER HA 9 41.06 43.39 87.26
C SER HA 9 39.95 44.41 87.42
N ASN HA 10 39.55 45.07 86.34
CA ASN HA 10 38.52 46.11 86.42
C ASN HA 10 37.13 45.58 86.14
N SER HA 11 36.99 44.28 85.85
CA SER HA 11 35.69 43.69 85.64
C SER HA 11 35.03 43.32 86.96
N ASN HA 12 33.71 43.23 86.92
CA ASN HA 12 32.85 42.97 88.07
C ASN HA 12 32.22 41.59 87.93
N PHE HA 13 32.60 40.64 88.79
CA PHE HA 13 32.08 39.28 88.74
C PHE HA 13 31.51 38.86 90.10
N VAL HA 14 30.71 37.80 90.09
CA VAL HA 14 30.19 37.18 91.29
C VAL HA 14 30.66 35.75 91.29
N ASP HA 15 31.31 35.32 92.36
CA ASP HA 15 31.67 33.93 92.45
C ASP HA 15 30.40 33.11 92.62
N THR HA 16 30.39 31.93 92.02
CA THR HA 16 29.30 30.98 92.24
C THR HA 16 29.85 29.57 92.10
N SER HA 17 29.21 28.63 92.80
CA SER HA 17 29.73 27.27 92.89
C SER HA 17 29.32 26.47 91.66
N PHE HA 18 30.27 25.71 91.13
CA PHE HA 18 30.03 24.92 89.93
C PHE HA 18 30.88 23.66 90.11
N THR HA 19 30.30 22.66 90.73
CA THR HA 19 31.04 21.49 91.19
C THR HA 19 31.12 20.45 90.08
N LEU HA 20 32.35 20.19 89.63
CA LEU HA 20 32.57 19.32 88.48
C LEU HA 20 32.58 17.86 88.91
N LYS HA 21 31.94 17.02 88.11
CA LYS HA 21 32.05 15.57 88.23
C LYS HA 21 33.12 15.12 87.23
N VAL HA 22 34.32 14.88 87.75
CA VAL HA 22 35.52 14.49 87.02
C VAL HA 22 35.56 12.99 86.81
N PRO HA 23 35.87 12.51 85.60
CA PRO HA 23 35.87 11.06 85.35
C PRO HA 23 37.02 10.34 86.04
N VAL HA 24 36.82 9.03 86.21
CA VAL HA 24 37.89 8.12 86.61
C VAL HA 24 38.20 7.26 85.41
N TYR HA 25 39.14 7.72 84.61
CA TYR HA 25 39.31 7.16 83.28
C TYR HA 25 39.71 5.69 83.37
N SER HA 26 40.57 5.35 84.32
CA SER HA 26 41.00 3.98 84.49
C SER HA 26 39.82 3.04 84.71
N LYS HA 27 38.85 3.45 85.55
CA LYS HA 27 37.71 2.57 85.80
C LYS HA 27 36.77 2.51 84.60
N ASP HA 28 36.46 3.66 83.99
CA ASP HA 28 35.31 3.73 83.09
C ASP HA 28 35.63 3.73 81.59
N TYR HA 29 36.73 4.33 81.19
CA TYR HA 29 36.95 4.69 79.80
C TYR HA 29 38.06 3.84 79.19
N ARG HA 30 37.90 3.52 77.92
CA ARG HA 30 38.90 2.86 77.08
C ARG HA 30 39.16 3.78 75.89
N VAL HA 31 40.19 3.50 75.11
CA VAL HA 31 40.57 4.40 74.03
C VAL HA 31 40.08 3.84 72.70
N THR HA 32 39.25 4.61 72.00
CA THR HA 32 38.73 4.28 70.67
C THR HA 32 39.65 4.75 69.55
N GLN HA 33 40.28 5.91 69.71
CA GLN HA 33 41.10 6.53 68.66
C GLN HA 33 42.32 7.17 69.28
N ASP HA 34 43.52 6.87 68.77
CA ASP HA 34 44.75 7.50 69.24
C ASP HA 34 45.50 8.20 68.10
N GLU HA 35 44.80 9.02 67.32
CA GLU HA 35 45.57 9.71 66.30
C GLU HA 35 46.39 10.86 66.90
N PRO HA 36 47.48 11.26 66.24
CA PRO HA 36 48.42 12.20 66.87
C PRO HA 36 47.80 13.50 67.32
N ASP HA 37 46.79 14.00 66.60
CA ASP HA 37 46.12 15.22 66.97
C ASP HA 37 44.72 15.02 67.53
N GLU HA 38 44.22 13.79 67.60
CA GLU HA 38 42.82 13.59 67.97
C GLU HA 38 42.68 12.25 68.69
N VAL HA 39 42.22 12.29 69.93
CA VAL HA 39 42.00 11.08 70.72
C VAL HA 39 40.52 10.97 71.02
N VAL HA 40 40.02 9.74 70.97
CA VAL HA 40 38.64 9.43 71.30
C VAL HA 40 38.62 8.32 72.33
N VAL HA 41 37.73 8.48 73.30
CA VAL HA 41 37.68 7.70 74.52
C VAL HA 41 36.23 7.29 74.74
N ALA HA 42 35.99 6.00 74.95
CA ALA HA 42 34.66 5.47 75.08
C ALA HA 42 34.39 4.97 76.50
N ASN HA 43 33.13 5.07 76.90
CA ASN HA 43 32.69 4.68 78.24
C ASN HA 43 32.31 3.21 78.20
N ARG HA 44 33.16 2.37 78.77
CA ARG HA 44 32.93 0.94 78.78
C ARG HA 44 31.73 0.54 79.63
N GLN HA 45 31.28 1.40 80.54
CA GLN HA 45 30.19 1.07 81.46
C GLN HA 45 28.82 1.05 80.79
N GLN HA 46 28.72 1.48 79.53
CA GLN HA 46 27.37 1.62 79.00
C GLN HA 46 26.93 0.35 78.28
N PRO HA 47 25.62 0.11 78.22
CA PRO HA 47 25.10 -0.96 77.35
C PRO HA 47 25.25 -0.59 75.88
N PHE HA 48 24.90 -1.50 74.96
CA PHE HA 48 25.22 -1.26 73.57
C PHE HA 48 24.44 -0.09 72.99
N GLY HA 49 23.16 0.04 73.34
CA GLY HA 49 22.39 1.16 72.83
C GLY HA 49 23.03 2.49 73.18
N VAL HA 50 23.45 2.64 74.43
CA VAL HA 50 23.88 3.93 74.96
C VAL HA 50 25.33 4.18 74.57
N LYS HA 51 25.58 5.27 73.86
CA LYS HA 51 26.92 5.67 73.47
C LYS HA 51 27.35 6.85 74.34
N ASN HA 52 28.49 6.70 75.01
CA ASN HA 52 29.05 7.71 75.89
C ASN HA 52 30.53 7.86 75.54
N THR HA 53 30.90 8.95 74.87
CA THR HA 53 32.27 9.12 74.40
C THR HA 53 32.77 10.55 74.65
N ALA HA 54 34.09 10.69 74.61
CA ALA HA 54 34.75 11.97 74.74
C ALA HA 54 35.84 12.05 73.68
N ARG HA 55 36.08 13.27 73.22
CA ARG HA 55 36.99 13.53 72.11
C ARG HA 55 37.88 14.70 72.50
N TYR HA 56 39.19 14.52 72.35
CA TYR HA 56 40.16 15.51 72.79
C TYR HA 56 41.07 15.76 71.60
N GLY HA 57 41.09 16.99 71.09
CA GLY HA 57 41.82 17.29 69.88
C GLY HA 57 42.51 18.63 69.93
N ILE HA 58 43.61 18.74 69.19
CA ILE HA 58 44.32 19.99 69.03
C ILE HA 58 44.56 20.25 67.55
N ARG HA 59 44.43 21.52 67.16
CA ARG HA 59 44.75 22.04 65.84
C ARG HA 59 45.72 23.20 66.03
N GLN HA 60 46.60 23.39 65.04
CA GLN HA 60 47.53 24.51 65.11
C GLN HA 60 46.93 25.72 64.38
N ILE HA 61 47.04 26.88 64.99
CA ILE HA 61 46.50 28.13 64.45
C ILE HA 61 47.64 28.85 63.75
N ALA HA 62 47.47 29.04 62.44
CA ALA HA 62 48.52 29.66 61.63
C ALA HA 62 48.80 31.07 62.13
N ASP HA 63 47.80 31.95 62.06
CA ASP HA 63 47.92 33.34 62.47
C ASP HA 63 46.88 33.57 63.57
N VAL HA 64 47.36 33.75 64.81
CA VAL HA 64 46.44 33.95 65.92
C VAL HA 64 45.74 35.30 65.83
N TYR HA 65 46.29 36.23 65.05
CA TYR HA 65 45.70 37.54 64.84
C TYR HA 65 44.80 37.60 63.60
N ARG HA 66 44.57 36.46 62.94
CA ARG HA 66 44.00 36.47 61.60
C ARG HA 66 42.63 37.14 61.56
N ASN HA 67 41.80 36.89 62.57
CA ASN HA 67 40.46 37.46 62.61
C ASN HA 67 40.30 38.55 63.67
N THR HA 68 41.37 38.90 64.38
CA THR HA 68 41.31 39.97 65.35
C THR HA 68 41.73 41.29 64.72
N THR HA 69 41.49 42.38 65.44
CA THR HA 69 41.75 43.72 64.94
C THR HA 69 42.88 44.41 65.70
N ILE HA 70 43.76 43.63 66.33
CA ILE HA 70 44.92 44.17 67.02
C ILE HA 70 45.87 44.77 65.99
N ASP HA 71 46.32 46.01 66.23
CA ASP HA 71 47.18 46.66 65.26
C ASP HA 71 48.47 45.87 65.11
N ARG HA 72 49.01 45.90 63.88
CA ARG HA 72 50.25 45.19 63.58
C ARG HA 72 51.35 45.59 64.55
N ALA HA 73 51.42 46.87 64.89
CA ALA HA 73 52.47 47.38 65.76
C ALA HA 73 52.43 46.75 67.15
N TYR HA 74 51.32 46.11 67.52
CA TYR HA 74 51.19 45.50 68.84
C TYR HA 74 51.05 43.98 68.76
N GLN HA 75 51.39 43.38 67.62
CA GLN HA 75 51.32 41.93 67.51
C GLN HA 75 52.63 41.29 67.97
N SER HA 76 52.51 40.14 68.62
CA SER HA 76 53.69 39.38 69.01
C SER HA 76 54.47 38.98 67.77
N PRO HA 77 55.79 38.78 67.90
CA PRO HA 77 56.53 38.18 66.78
C PRO HA 77 56.04 36.78 66.47
N SER HA 78 55.78 35.97 67.50
CA SER HA 78 55.27 34.61 67.33
C SER HA 78 53.76 34.67 67.19
N LYS HA 79 53.27 34.37 66.00
CA LYS HA 79 51.85 34.47 65.69
C LYS HA 79 51.15 33.13 65.68
N LYS HA 80 51.82 32.08 66.13
CA LYS HA 80 51.22 30.75 66.13
C LYS HA 80 50.36 30.57 67.37
N GLY HA 81 49.31 29.76 67.25
CA GLY HA 81 48.47 29.43 68.36
C GLY HA 81 48.15 27.95 68.40
N THR HA 82 47.52 27.54 69.49
CA THR HA 82 46.97 26.20 69.61
C THR HA 82 45.47 26.28 69.89
N SER HA 83 44.71 25.43 69.23
CA SER HA 83 43.27 25.34 69.41
C SER HA 83 42.96 23.96 69.99
N LEU HA 84 42.40 23.94 71.19
CA LEU HA 84 42.03 22.72 71.87
C LEU HA 84 40.52 22.53 71.81
N VAL HA 85 40.09 21.28 71.67
CA VAL HA 85 38.68 20.92 71.70
C VAL HA 85 38.49 19.76 72.65
N VAL HA 86 37.43 19.85 73.44
CA VAL HA 86 37.02 18.82 74.37
C VAL HA 86 35.53 18.62 74.13
N GLN HA 87 35.16 17.48 73.54
CA GLN HA 87 33.76 17.15 73.28
C GLN HA 87 33.33 15.96 74.13
N VAL HA 88 32.11 16.05 74.66
CA VAL HA 88 31.49 14.92 75.33
C VAL HA 88 30.18 14.62 74.62
N THR HA 89 29.93 13.32 74.42
CA THR HA 89 28.76 12.81 73.73
C THR HA 89 28.09 11.80 74.66
N GLU HA 90 26.81 12.03 74.95
CA GLU HA 90 26.05 11.17 75.84
C GLU HA 90 24.78 10.71 75.14
N THR HA 91 24.25 9.59 75.60
CA THR HA 91 22.99 9.06 75.11
C THR HA 91 22.05 8.92 76.30
N TRP HA 92 20.97 9.70 76.29
CA TRP HA 92 19.98 9.69 77.35
C TRP HA 92 18.82 8.81 76.91
N THR HA 93 18.09 8.25 77.88
CA THR HA 93 16.95 7.40 77.56
C THR HA 93 15.72 7.87 78.32
N VAL HA 94 14.57 7.73 77.67
CA VAL HA 94 13.28 8.08 78.24
C VAL HA 94 12.46 6.80 78.31
N ALA HA 95 11.90 6.53 79.48
CA ALA HA 95 11.07 5.34 79.68
C ALA HA 95 9.91 5.72 80.58
N SER HA 96 9.08 4.71 80.89
CA SER HA 96 7.93 4.89 81.75
C SER HA 96 7.96 3.90 82.90
N THR HA 97 7.62 4.41 84.10
CA THR HA 97 7.42 3.54 85.26
C THR HA 97 6.33 2.54 84.99
N ASP HA 98 5.23 2.99 84.40
CA ASP HA 98 4.04 2.18 84.25
C ASP HA 98 4.17 1.19 83.09
N ASP HA 99 4.82 1.59 82.00
CA ASP HA 99 4.90 0.82 80.77
C ASP HA 99 6.36 0.49 80.48
N GLU HA 100 6.70 -0.78 80.61
CA GLU HA 100 8.08 -1.20 80.41
C GLU HA 100 8.47 -1.24 78.94
N THR HA 101 7.53 -0.99 78.04
CA THR HA 101 7.80 -1.02 76.61
C THR HA 101 8.00 0.37 76.03
N TYR HA 102 7.65 1.41 76.76
CA TYR HA 102 7.78 2.78 76.29
C TYR HA 102 9.21 3.23 76.53
N GLY HA 103 9.86 3.67 75.46
CA GLY HA 103 11.22 4.18 75.56
C GLY HA 103 11.71 4.74 74.25
N TYR HA 104 12.65 5.68 74.37
CA TYR HA 104 13.42 6.13 73.22
C TYR HA 104 14.74 6.73 73.71
N SER HA 105 15.66 6.93 72.76
CA SER HA 105 16.99 7.46 73.06
C SER HA 105 17.15 8.85 72.46
N LEU HA 106 17.72 9.76 73.26
CA LEU HA 106 18.03 11.13 72.88
C LEU HA 106 19.53 11.32 72.83
N PRO HA 107 20.07 11.95 71.79
CA PRO HA 107 21.51 12.22 71.75
C PRO HA 107 21.86 13.60 72.28
N PHE HA 108 22.80 13.67 73.20
CA PHE HA 108 23.31 14.94 73.70
C PHE HA 108 24.78 15.05 73.35
N SER HA 109 25.20 16.25 72.98
CA SER HA 109 26.62 16.50 72.79
C SER HA 109 26.90 17.94 73.16
N ALA HA 110 28.14 18.17 73.58
CA ALA HA 110 28.56 19.52 73.87
C ALA HA 110 30.07 19.53 73.87
N HIS HA 111 30.64 20.65 73.45
CA HIS HA 111 32.09 20.74 73.45
C HIS HA 111 32.54 22.14 73.85
N VAL HA 112 33.83 22.19 74.16
CA VAL HA 112 34.52 23.40 74.54
C VAL HA 112 35.72 23.54 73.62
N ILE HA 113 35.96 24.75 73.15
CA ILE HA 113 37.09 25.07 72.32
C ILE HA 113 37.85 26.22 72.98
N VAL HA 114 39.17 26.10 73.02
CA VAL HA 114 40.04 27.06 73.67
C VAL HA 114 41.17 27.40 72.72
N ASN HA 115 41.32 28.69 72.41
CA ASN HA 115 42.27 29.17 71.41
C ASN HA 115 43.32 30.02 72.14
N VAL HA 116 44.48 29.41 72.35
CA VAL HA 116 45.54 29.94 73.22
C VAL HA 116 46.73 30.31 72.34
N PRO HA 117 47.19 31.57 72.35
CA PRO HA 117 48.44 31.91 71.67
C PRO HA 117 49.62 31.20 72.30
N GLN HA 118 50.62 30.88 71.46
CA GLN HA 118 51.84 30.23 71.94
C GLN HA 118 52.77 31.30 72.49
N ASP HA 119 52.66 31.57 73.80
CA ASP HA 119 53.49 32.56 74.47
C ASP HA 119 53.90 32.01 75.82
N ALA HA 120 55.18 32.21 76.16
CA ALA HA 120 55.72 31.63 77.39
C ALA HA 120 54.98 32.12 78.63
N LEU HA 121 54.44 33.33 78.59
CA LEU HA 121 53.86 33.92 79.81
C LEU HA 121 52.47 33.38 80.13
N ILE HA 122 51.78 32.78 79.18
CA ILE HA 122 50.49 32.17 79.46
C ILE HA 122 50.70 30.89 80.24
N THR HA 123 50.04 30.77 81.39
CA THR HA 123 50.23 29.62 82.27
C THR HA 123 48.95 28.82 82.43
N GLU HA 124 49.11 27.60 82.95
CA GLU HA 124 47.97 26.70 83.05
C GLU HA 124 46.91 27.28 83.97
N GLU HA 125 47.34 27.94 85.05
CA GLU HA 125 46.38 28.58 85.94
C GLU HA 125 45.64 29.71 85.23
N ILE HA 126 46.37 30.52 84.46
CA ILE HA 126 45.72 31.60 83.70
C ILE HA 126 44.62 31.02 82.82
N LEU HA 127 44.90 29.89 82.18
CA LEU HA 127 43.92 29.31 81.28
C LEU HA 127 42.73 28.71 82.02
N TYR HA 128 42.96 28.04 83.14
CA TYR HA 128 41.81 27.55 83.91
C TYR HA 128 40.93 28.70 84.39
N ASP HA 129 41.54 29.79 84.86
CA ASP HA 129 40.74 30.93 85.29
C ASP HA 129 40.01 31.57 84.12
N ALA HA 130 40.61 31.52 82.92
CA ALA HA 130 39.88 31.91 81.73
C ALA HA 130 38.65 31.02 81.53
N LEU HA 131 38.82 29.70 81.66
CA LEU HA 131 37.68 28.80 81.52
C LEU HA 131 36.61 29.11 82.54
N LYS HA 132 37.01 29.50 83.74
CA LYS HA 132 36.03 29.83 84.79
C LYS HA 132 35.27 31.10 84.42
N ARG HA 133 35.95 32.10 83.89
CA ARG HA 133 35.27 33.30 83.40
C ARG HA 133 34.30 32.93 82.28
N LEU HA 134 34.75 32.06 81.36
CA LEU HA 134 33.92 31.62 80.23
C LEU HA 134 32.64 30.97 80.71
N MET HA 135 32.75 29.90 81.47
CA MET HA 135 31.56 29.21 81.98
C MET HA 135 30.72 30.12 82.86
N GLY HA 136 31.31 31.18 83.44
CA GLY HA 136 30.48 32.08 84.21
C GLY HA 136 29.43 32.83 83.41
N HIS HA 137 29.59 32.90 82.09
CA HIS HA 137 28.63 33.58 81.24
C HIS HA 137 27.34 32.79 81.08
N PHE HA 138 27.26 31.58 81.63
CA PHE HA 138 25.98 30.87 81.70
C PHE HA 138 25.11 31.35 82.85
N TYR HA 139 25.55 32.36 83.57
CA TYR HA 139 24.82 32.90 84.70
C TYR HA 139 24.80 34.42 84.59
N GLU HA 140 23.98 35.06 85.42
CA GLU HA 140 23.97 36.51 85.55
C GLU HA 140 24.24 36.89 86.98
N GLY HA 141 25.14 37.86 87.17
CA GLY HA 141 25.56 38.29 88.48
C GLY HA 141 24.77 39.50 88.96
N ASN HA 142 24.53 39.54 90.27
CA ASN HA 142 23.73 40.57 90.93
C ASN HA 142 24.48 41.05 92.17
N ASP HA 143 25.16 42.20 92.04
CA ASP HA 143 25.80 42.93 93.12
C ASP HA 143 24.85 43.86 93.85
N THR HA 144 23.64 44.10 93.30
CA THR HA 144 22.65 44.95 93.97
C THR HA 144 22.28 44.36 95.33
N THR HA 145 22.08 43.05 95.39
CA THR HA 145 21.76 42.40 96.66
C THR HA 145 22.87 42.62 97.66
N SER HA 146 22.48 42.62 98.93
CA SER HA 146 23.47 42.72 100.01
C SER HA 146 24.42 41.50 100.02
N PRO HA 147 23.95 40.21 100.04
CA PRO HA 147 24.87 39.13 99.68
C PRO HA 147 24.82 38.92 98.17
N THR HA 148 25.96 38.90 97.46
CA THR HA 148 25.90 38.94 96.01
C THR HA 148 25.37 37.61 95.50
N THR HA 149 24.45 37.65 94.52
CA THR HA 149 23.74 36.44 94.08
C THR HA 149 23.79 36.30 92.57
N THR HA 150 23.47 35.10 92.09
CA THR HA 150 23.52 34.77 90.68
C THR HA 150 22.27 34.01 90.27
N SER HA 151 21.91 34.17 89.00
CA SER HA 151 20.74 33.48 88.44
C SER HA 151 21.11 32.82 87.12
N VAL HA 152 20.34 31.81 86.75
CA VAL HA 152 20.69 30.93 85.64
C VAL HA 152 20.07 31.48 84.36
N ARG HA 153 20.80 31.35 83.25
CA ARG HA 153 20.30 31.85 81.96
C ARG HA 153 20.46 30.85 80.82
N LEU HA 154 20.75 29.58 81.11
CA LEU HA 154 20.93 28.60 80.04
C LEU HA 154 19.63 28.35 79.30
N LYS HA 155 18.53 28.17 80.03
CA LYS HA 155 17.25 27.96 79.37
C LYS HA 155 16.84 29.20 78.60
N ASP HA 156 16.95 30.38 79.22
CA ASP HA 156 16.61 31.61 78.52
C ASP HA 156 17.36 31.73 77.19
N MET HA 157 18.66 31.46 77.20
CA MET HA 157 19.42 31.54 75.95
C MET HA 157 18.93 30.52 74.94
N LEU HA 158 18.77 29.26 75.37
CA LEU HA 158 18.26 28.23 74.47
C LEU HA 158 16.93 28.63 73.84
N GLN HA 159 16.11 29.39 74.56
CA GLN HA 159 14.80 29.79 74.04
C GLN HA 159 14.85 31.02 73.14
N GLY HA 160 16.03 31.62 72.93
CA GLY HA 160 16.17 32.72 71.99
C GLY HA 160 16.44 34.06 72.63
N ALA HA 161 16.41 34.12 73.97
CA ALA HA 161 16.66 35.34 74.73
C ALA HA 161 18.15 35.41 75.05
N LEU HA 162 18.90 35.94 74.09
CA LEU HA 162 20.35 35.89 74.19
C LEU HA 162 20.94 37.09 74.91
N VAL HA 163 20.20 38.19 74.99
CA VAL HA 163 20.66 39.32 75.77
C VAL HA 163 20.42 39.02 77.24
N PRO HA 164 21.39 39.32 78.11
CA PRO HA 164 21.16 39.12 79.55
C PRO HA 164 19.99 39.96 80.06
N GLN HA 165 19.43 39.51 81.18
CA GLN HA 165 18.33 40.24 81.79
C GLN HA 165 18.81 41.54 82.43
N SER HA 166 20.09 41.61 82.79
CA SER HA 166 20.69 42.79 83.39
C SER HA 166 20.78 43.97 82.42
N LEU HA 167 20.59 43.74 81.13
CA LEU HA 167 20.65 44.82 80.13
C LEU HA 167 19.29 45.04 79.48
N SER IA 1 11.31 -7.60 82.90
CA SER IA 1 10.23 -7.27 81.97
C SER IA 1 10.73 -7.50 80.54
N LYS IA 2 11.62 -6.64 80.03
CA LYS IA 2 12.16 -6.88 78.70
C LYS IA 2 13.17 -8.01 78.73
N ILE IA 3 12.97 -8.98 77.84
CA ILE IA 3 13.82 -10.17 77.79
C ILE IA 3 14.19 -10.43 76.35
N LEU IA 4 15.47 -10.67 76.12
CA LEU IA 4 15.97 -11.17 74.85
C LEU IA 4 16.20 -12.66 74.97
N SER IA 5 15.65 -13.43 74.04
CA SER IA 5 15.94 -14.86 73.93
C SER IA 5 16.70 -15.11 72.64
N THR IA 6 17.69 -15.99 72.73
CA THR IA 6 18.39 -16.46 71.55
C THR IA 6 17.66 -17.61 70.86
N ASN IA 7 16.52 -18.02 71.39
CA ASN IA 7 15.69 -19.08 70.79
C ASN IA 7 16.47 -20.37 70.57
N ASN IA 8 17.49 -20.62 71.39
CA ASN IA 8 18.19 -21.88 71.35
C ASN IA 8 17.68 -22.85 72.39
N SER IA 9 16.61 -22.48 73.10
CA SER IA 9 16.10 -23.31 74.19
C SER IA 9 15.60 -24.66 73.71
N ASN IA 10 15.20 -24.77 72.44
CA ASN IA 10 14.72 -26.04 71.90
C ASN IA 10 15.72 -26.72 70.98
N SER IA 11 16.93 -26.18 70.85
CA SER IA 11 18.00 -26.88 70.14
C SER IA 11 18.64 -27.90 71.07
N ASN IA 12 19.16 -28.98 70.50
CA ASN IA 12 19.80 -30.05 71.27
C ASN IA 12 21.30 -29.98 71.07
N PHE IA 13 22.03 -29.78 72.16
CA PHE IA 13 23.48 -29.66 72.10
C PHE IA 13 24.14 -30.69 73.02
N VAL IA 14 25.46 -30.76 72.85
CA VAL IA 14 26.35 -31.57 73.65
C VAL IA 14 27.59 -30.74 73.95
N ASP IA 15 28.01 -30.73 75.21
CA ASP IA 15 29.17 -29.91 75.56
C ASP IA 15 30.46 -30.63 75.21
N THR IA 16 31.48 -29.84 74.85
CA THR IA 16 32.82 -30.38 74.70
C THR IA 16 33.83 -29.30 75.07
N SER IA 17 35.01 -29.74 75.51
CA SER IA 17 36.03 -28.84 76.01
C SER IA 17 36.86 -28.30 74.87
N PHE IA 18 37.16 -27.00 74.93
CA PHE IA 18 37.90 -26.33 73.87
C PHE IA 18 38.75 -25.26 74.58
N THR IA 19 39.95 -25.66 74.98
CA THR IA 19 40.74 -24.84 75.88
C THR IA 19 41.55 -23.84 75.08
N LEU IA 20 41.27 -22.56 75.30
CA LEU IA 20 41.87 -21.50 74.51
C LEU IA 20 43.22 -21.12 75.06
N LYS IA 21 44.16 -20.82 74.15
CA LYS IA 21 45.46 -20.25 74.50
C LYS IA 21 45.38 -18.74 74.24
N VAL IA 22 45.09 -18.00 75.31
CA VAL IA 22 44.95 -16.54 75.34
C VAL IA 22 46.32 -15.87 75.39
N PRO IA 23 46.58 -14.85 74.60
CA PRO IA 23 47.93 -14.26 74.59
C PRO IA 23 48.21 -13.36 75.78
N VAL IA 24 49.48 -13.38 76.20
CA VAL IA 24 50.00 -12.41 77.16
C VAL IA 24 50.55 -11.27 76.31
N TYR IA 25 49.67 -10.33 75.98
CA TYR IA 25 50.02 -9.32 75.00
C TYR IA 25 51.20 -8.48 75.47
N SER IA 26 51.23 -8.18 76.77
CA SER IA 26 52.35 -7.43 77.33
C SER IA 26 53.70 -8.08 77.01
N LYS IA 27 53.84 -9.42 77.11
CA LYS IA 27 55.14 -10.00 76.75
C LYS IA 27 55.33 -10.06 75.24
N ASP IA 28 54.34 -10.55 74.51
CA ASP IA 28 54.63 -11.01 73.15
C ASP IA 28 54.35 -10.02 72.05
N TYR IA 29 53.39 -9.11 72.21
CA TYR IA 29 52.86 -8.40 71.06
C TYR IA 29 53.12 -6.90 71.16
N ARG IA 30 53.34 -6.29 70.00
CA ARG IA 30 53.59 -4.86 69.87
C ARG IA 30 52.73 -4.34 68.71
N VAL IA 31 52.49 -3.03 68.68
CA VAL IA 31 51.54 -2.49 67.72
C VAL IA 31 52.24 -2.04 66.44
N THR IA 32 51.86 -2.65 65.33
CA THR IA 32 52.24 -2.26 63.97
C THR IA 32 51.32 -1.21 63.36
N GLN IA 33 50.01 -1.31 63.61
CA GLN IA 33 49.06 -0.36 63.05
C GLN IA 33 48.03 0.01 64.11
N ASP IA 34 47.86 1.32 64.35
CA ASP IA 34 46.88 1.84 65.30
C ASP IA 34 45.92 2.81 64.62
N GLU IA 35 45.30 2.38 63.52
CA GLU IA 35 44.33 3.32 62.98
C GLU IA 35 42.96 3.04 63.59
N PRO IA 36 42.05 4.02 63.58
CA PRO IA 36 40.90 4.00 64.50
C PRO IA 36 40.06 2.75 64.47
N ASP IA 37 39.86 2.20 63.26
CA ASP IA 37 39.02 1.03 63.05
C ASP IA 37 39.80 -0.22 62.70
N GLU IA 38 41.13 -0.16 62.67
CA GLU IA 38 41.92 -1.34 62.30
C GLU IA 38 43.24 -1.28 63.07
N VAL IA 39 43.49 -2.31 63.87
CA VAL IA 39 44.71 -2.42 64.64
C VAL IA 39 45.41 -3.70 64.22
N VAL IA 40 46.70 -3.57 63.91
CA VAL IA 40 47.55 -4.70 63.59
C VAL IA 40 48.62 -4.79 64.67
N VAL IA 41 48.91 -6.02 65.07
CA VAL IA 41 49.75 -6.33 66.21
C VAL IA 41 50.67 -7.46 65.81
N ALA IA 42 51.96 -7.31 66.09
CA ALA IA 42 52.97 -8.27 65.69
C ALA IA 42 53.56 -8.98 66.90
N ASN IA 43 53.99 -10.21 66.67
CA ASN IA 43 54.54 -11.07 67.72
C ASN IA 43 56.04 -10.83 67.81
N ARG IA 44 56.46 -10.23 68.92
CA ARG IA 44 57.86 -9.93 69.16
C ARG IA 44 58.73 -11.19 69.19
N GLN IA 45 58.17 -12.33 69.61
CA GLN IA 45 58.97 -13.49 69.95
C GLN IA 45 59.48 -14.26 68.74
N GLN IA 46 58.92 -14.04 67.56
CA GLN IA 46 59.35 -14.81 66.40
C GLN IA 46 60.70 -14.31 65.89
N PRO IA 47 61.50 -15.19 65.26
CA PRO IA 47 62.71 -14.72 64.57
C PRO IA 47 62.37 -13.98 63.29
N PHE IA 48 63.36 -13.45 62.58
CA PHE IA 48 63.05 -12.52 61.50
C PHE IA 48 62.34 -13.19 60.35
N GLY IA 49 62.61 -14.48 60.11
CA GLY IA 49 61.92 -15.17 59.05
C GLY IA 49 60.43 -15.32 59.33
N VAL IA 50 60.09 -15.71 60.55
CA VAL IA 50 58.72 -16.06 60.87
C VAL IA 50 57.92 -14.79 61.15
N LYS IA 51 56.75 -14.70 60.52
CA LYS IA 51 55.86 -13.57 60.70
C LYS IA 51 54.59 -14.05 61.40
N ASN IA 52 54.27 -13.42 62.54
CA ASN IA 52 53.14 -13.79 63.39
C ASN IA 52 52.40 -12.50 63.75
N THR IA 53 51.19 -12.32 63.22
CA THR IA 53 50.43 -11.10 63.44
C THR IA 53 48.99 -11.40 63.79
N ALA IA 54 48.33 -10.39 64.34
CA ALA IA 54 46.91 -10.43 64.66
C ALA IA 54 46.32 -9.09 64.27
N ARG IA 55 45.09 -9.12 63.76
CA ARG IA 55 44.43 -7.94 63.22
C ARG IA 55 43.05 -7.85 63.84
N TYR IA 56 42.69 -6.67 64.32
CA TYR IA 56 41.43 -6.45 65.01
C TYR IA 56 40.77 -5.27 64.34
N GLY IA 57 39.57 -5.46 63.80
CA GLY IA 57 38.92 -4.41 63.04
C GLY IA 57 37.43 -4.40 63.23
N ILE IA 58 36.84 -3.19 63.17
CA ILE IA 58 35.39 -3.07 63.17
C ILE IA 58 34.96 -2.24 61.97
N ARG IA 59 33.75 -2.54 61.49
CA ARG IA 59 33.07 -1.84 60.42
C ARG IA 59 31.66 -1.54 60.90
N GLN IA 60 31.13 -0.39 60.53
CA GLN IA 60 29.76 -0.06 60.92
C GLN IA 60 28.81 -0.65 59.88
N ILE IA 61 27.74 -1.28 60.36
CA ILE IA 61 26.76 -1.94 59.53
C ILE IA 61 25.58 -1.01 59.37
N ALA IA 62 25.24 -0.71 58.11
CA ALA IA 62 24.23 0.30 57.83
C ALA IA 62 22.83 -0.20 58.21
N ASP IA 63 22.46 -1.36 57.68
CA ASP IA 63 21.16 -1.98 57.94
C ASP IA 63 21.44 -3.46 58.23
N VAL IA 64 21.30 -3.86 59.48
CA VAL IA 64 21.58 -5.24 59.84
C VAL IA 64 20.50 -6.18 59.28
N TYR IA 65 19.36 -5.62 58.84
CA TYR IA 65 18.25 -6.40 58.29
C TYR IA 65 18.32 -6.57 56.78
N ARG IA 66 19.36 -6.05 56.12
CA ARG IA 66 19.31 -5.87 54.67
C ARG IA 66 19.53 -7.17 53.90
N ASN IA 67 20.59 -7.91 54.21
CA ASN IA 67 20.77 -9.14 53.47
C ASN IA 67 19.90 -10.28 53.99
N THR IA 68 19.25 -10.11 55.15
CA THR IA 68 18.62 -11.20 55.87
C THR IA 68 17.22 -11.48 55.32
N THR IA 69 16.69 -12.65 55.70
CA THR IA 69 15.27 -12.94 55.51
C THR IA 69 14.42 -12.34 56.62
N ILE IA 70 15.05 -11.99 57.74
CA ILE IA 70 14.38 -11.19 58.75
C ILE IA 70 14.22 -9.77 58.22
N ASP IA 71 13.14 -9.13 58.64
CA ASP IA 71 13.00 -7.70 58.45
C ASP IA 71 12.43 -7.07 59.72
N ARG IA 72 12.54 -5.75 59.78
CA ARG IA 72 12.46 -5.02 61.03
C ARG IA 72 11.00 -4.82 61.43
N ALA IA 73 10.65 -5.26 62.64
CA ALA IA 73 9.32 -4.99 63.19
C ALA IA 73 9.25 -3.54 63.66
N TYR IA 74 8.03 -3.05 63.89
CA TYR IA 74 7.85 -1.61 63.95
C TYR IA 74 8.47 -0.99 65.19
N GLN IA 75 8.69 -1.78 66.21
CA GLN IA 75 9.18 -1.31 67.50
C GLN IA 75 10.62 -1.73 67.75
N SER IA 76 11.40 -1.80 66.67
CA SER IA 76 12.81 -2.08 66.85
C SER IA 76 13.56 -0.79 67.15
N PRO IA 77 14.56 -0.84 68.03
CA PRO IA 77 15.30 0.38 68.38
C PRO IA 77 16.09 0.97 67.22
N SER IA 78 16.82 0.13 66.48
CA SER IA 78 17.67 0.61 65.40
C SER IA 78 17.85 -0.49 64.38
N LYS IA 79 18.23 -0.08 63.18
CA LYS IA 79 18.75 -0.97 62.15
C LYS IA 79 20.26 -1.08 62.21
N LYS IA 80 20.92 -0.28 63.03
CA LYS IA 80 22.37 -0.17 62.98
C LYS IA 80 23.02 -1.46 63.47
N GLY IA 81 24.28 -1.64 63.09
CA GLY IA 81 25.02 -2.78 63.60
C GLY IA 81 26.52 -2.50 63.62
N THR IA 82 27.25 -3.46 64.18
CA THR IA 82 28.71 -3.41 64.15
C THR IA 82 29.25 -4.77 63.75
N SER IA 83 30.28 -4.77 62.91
CA SER IA 83 30.89 -5.99 62.42
C SER IA 83 32.33 -6.03 62.91
N LEU IA 84 32.68 -7.08 63.65
CA LEU IA 84 33.99 -7.25 64.22
C LEU IA 84 34.73 -8.36 63.49
N VAL IA 85 36.02 -8.15 63.29
CA VAL IA 85 36.89 -9.15 62.72
C VAL IA 85 38.12 -9.31 63.60
N VAL IA 86 38.50 -10.56 63.82
CA VAL IA 86 39.70 -10.94 64.54
C VAL IA 86 40.44 -11.92 63.65
N GLN IA 87 41.64 -11.55 63.22
CA GLN IA 87 42.44 -12.39 62.34
C GLN IA 87 43.77 -12.72 62.97
N VAL IA 88 44.21 -13.95 62.79
CA VAL IA 88 45.54 -14.36 63.19
C VAL IA 88 46.26 -14.87 61.94
N THR IA 89 47.54 -14.54 61.85
CA THR IA 89 48.42 -14.89 60.74
C THR IA 89 49.68 -15.51 61.32
N GLU IA 90 50.00 -16.72 60.90
CA GLU IA 90 51.18 -17.42 61.41
C GLU IA 90 52.03 -17.90 60.24
N THR IA 91 53.31 -18.13 60.53
CA THR IA 91 54.25 -18.63 59.55
C THR IA 91 54.86 -19.91 60.10
N TRP IA 92 54.45 -21.04 59.53
CA TRP IA 92 54.94 -22.35 59.94
C TRP IA 92 56.15 -22.69 59.07
N THR IA 93 57.06 -23.51 59.59
CA THR IA 93 58.29 -23.82 58.89
C THR IA 93 58.53 -25.32 58.82
N VAL IA 94 58.83 -25.80 57.61
CA VAL IA 94 59.17 -27.19 57.36
C VAL IA 94 60.67 -27.26 57.13
N ALA IA 95 61.34 -28.16 57.85
CA ALA IA 95 62.77 -28.41 57.68
C ALA IA 95 63.02 -29.91 57.62
N SER IA 96 64.27 -30.28 57.37
CA SER IA 96 64.65 -31.69 57.29
C SER IA 96 65.85 -31.96 58.18
N THR IA 97 65.80 -33.08 58.91
CA THR IA 97 66.91 -33.53 59.73
C THR IA 97 68.02 -34.18 58.91
N ASP IA 98 67.76 -34.50 57.64
CA ASP IA 98 68.76 -35.04 56.74
C ASP IA 98 69.53 -33.93 56.03
N ASP IA 99 68.81 -33.00 55.40
CA ASP IA 99 69.39 -31.97 54.56
C ASP IA 99 69.24 -30.61 55.24
N GLU IA 100 70.36 -29.92 55.44
CA GLU IA 100 70.30 -28.55 55.92
C GLU IA 100 69.77 -27.60 54.85
N THR IA 101 69.86 -27.99 53.57
CA THR IA 101 69.40 -27.13 52.49
C THR IA 101 67.88 -27.11 52.38
N TYR IA 102 67.23 -28.19 52.76
CA TYR IA 102 65.81 -28.34 52.50
C TYR IA 102 64.98 -27.63 53.56
N GLY IA 103 64.13 -26.72 53.11
CA GLY IA 103 63.18 -26.06 54.00
C GLY IA 103 62.27 -25.15 53.21
N TYR IA 104 61.13 -24.85 53.82
CA TYR IA 104 60.21 -23.87 53.27
C TYR IA 104 59.30 -23.35 54.37
N SER IA 105 58.54 -22.30 54.05
CA SER IA 105 57.62 -21.66 54.98
C SER IA 105 56.20 -21.78 54.43
N LEU IA 106 55.27 -22.16 55.31
CA LEU IA 106 53.86 -22.25 55.00
C LEU IA 106 53.13 -21.12 55.68
N PRO IA 107 52.30 -20.37 54.95
CA PRO IA 107 51.52 -19.32 55.59
C PRO IA 107 50.16 -19.83 56.06
N PHE IA 108 49.84 -19.62 57.34
CA PHE IA 108 48.53 -19.96 57.86
C PHE IA 108 47.78 -18.68 58.20
N SER IA 109 46.48 -18.65 57.92
CA SER IA 109 45.70 -17.53 58.41
C SER IA 109 44.30 -17.99 58.74
N ALA IA 110 43.66 -17.26 59.63
CA ALA IA 110 42.28 -17.56 59.94
C ALA IA 110 41.67 -16.35 60.63
N HIS IA 111 40.36 -16.19 60.48
CA HIS IA 111 39.72 -15.07 61.14
C HIS IA 111 38.29 -15.42 61.51
N VAL IA 112 37.76 -14.59 62.41
CA VAL IA 112 36.40 -14.69 62.88
C VAL IA 112 35.74 -13.35 62.62
N ILE IA 113 34.49 -13.38 62.20
CA ILE IA 113 33.70 -12.17 61.97
C ILE IA 113 32.39 -12.32 62.71
N VAL IA 114 31.97 -11.25 63.39
CA VAL IA 114 30.80 -11.25 64.25
C VAL IA 114 29.98 -10.03 63.89
N ASN IA 115 28.67 -10.21 63.68
CA ASN IA 115 27.80 -9.13 63.20
C ASN IA 115 26.70 -8.85 64.22
N VAL IA 116 26.96 -7.91 65.11
CA VAL IA 116 26.14 -7.69 66.30
C VAL IA 116 25.19 -6.52 66.02
N PRO IA 117 23.88 -6.71 66.16
CA PRO IA 117 22.95 -5.58 66.09
C PRO IA 117 23.12 -4.64 67.26
N GLN IA 118 22.66 -3.40 67.06
CA GLN IA 118 22.69 -2.37 68.11
C GLN IA 118 21.41 -2.45 68.93
N ASP IA 119 21.40 -3.34 69.91
CA ASP IA 119 20.33 -3.40 70.89
C ASP IA 119 20.97 -3.61 72.25
N ALA IA 120 20.57 -2.79 73.23
CA ALA IA 120 21.23 -2.80 74.51
C ALA IA 120 21.06 -4.13 75.26
N LEU IA 121 20.01 -4.89 74.94
CA LEU IA 121 19.77 -6.18 75.60
C LEU IA 121 20.75 -7.26 75.16
N ILE IA 122 21.45 -7.09 74.04
CA ILE IA 122 22.55 -7.98 73.71
C ILE IA 122 23.69 -7.70 74.69
N THR IA 123 24.12 -8.73 75.42
CA THR IA 123 25.15 -8.56 76.43
C THR IA 123 26.44 -9.25 75.99
N GLU IA 124 27.52 -8.88 76.67
CA GLU IA 124 28.81 -9.45 76.32
C GLU IA 124 28.79 -10.97 76.49
N GLU IA 125 28.09 -11.44 77.52
CA GLU IA 125 27.99 -12.88 77.72
C GLU IA 125 27.15 -13.53 76.63
N ILE IA 126 26.05 -12.90 76.21
CA ILE IA 126 25.25 -13.45 75.11
C ILE IA 126 26.13 -13.65 73.90
N LEU IA 127 27.00 -12.67 73.62
CA LEU IA 127 27.86 -12.76 72.44
C LEU IA 127 28.90 -13.86 72.59
N TYR IA 128 29.53 -13.98 73.76
CA TYR IA 128 30.49 -15.07 73.92
C TYR IA 128 29.82 -16.43 73.78
N ASP IA 129 28.62 -16.60 74.35
CA ASP IA 129 27.96 -17.90 74.21
C ASP IA 129 27.55 -18.15 72.77
N ALA IA 130 27.24 -17.09 72.02
CA ALA IA 130 27.04 -17.24 70.58
C ALA IA 130 28.30 -17.76 69.91
N LEU IA 131 29.46 -17.19 70.26
CA LEU IA 131 30.73 -17.66 69.71
C LEU IA 131 30.95 -19.14 70.04
N LYS IA 132 30.55 -19.56 71.25
CA LYS IA 132 30.71 -20.95 71.65
C LYS IA 132 29.83 -21.86 70.79
N ARG IA 133 28.59 -21.45 70.55
CA ARG IA 133 27.71 -22.19 69.64
C ARG IA 133 28.32 -22.27 68.25
N LEU IA 134 28.88 -21.14 67.78
CA LEU IA 134 29.54 -21.08 66.47
C LEU IA 134 30.63 -22.13 66.34
N MET IA 135 31.65 -22.03 67.20
CA MET IA 135 32.74 -22.99 67.16
C MET IA 135 32.27 -24.42 67.36
N GLY IA 136 31.12 -24.63 68.01
CA GLY IA 136 30.62 -25.98 68.13
C GLY IA 136 30.38 -26.68 66.79
N HIS IA 137 30.14 -25.91 65.73
CA HIS IA 137 29.88 -26.49 64.42
C HIS IA 137 31.11 -27.14 63.80
N PHE IA 138 32.28 -27.03 64.43
CA PHE IA 138 33.44 -27.80 64.01
C PHE IA 138 33.43 -29.21 64.59
N TYR IA 139 32.30 -29.62 65.14
CA TYR IA 139 32.16 -30.91 65.79
C TYR IA 139 30.77 -31.46 65.51
N GLU IA 140 30.56 -32.74 65.82
CA GLU IA 140 29.26 -33.37 65.81
C GLU IA 140 29.03 -34.02 67.17
N GLY IA 141 27.80 -33.94 67.67
CA GLY IA 141 27.50 -34.46 68.99
C GLY IA 141 26.54 -35.64 68.97
N ASN IA 142 26.52 -36.42 70.07
CA ASN IA 142 25.64 -37.58 70.21
C ASN IA 142 24.89 -37.48 71.53
N ASP IA 143 23.56 -37.37 71.48
CA ASP IA 143 22.80 -37.47 72.73
C ASP IA 143 22.78 -38.89 73.26
N THR IA 144 23.04 -39.86 72.38
CA THR IA 144 22.73 -41.24 72.70
C THR IA 144 23.56 -41.77 73.87
N THR IA 145 24.88 -41.64 73.79
CA THR IA 145 25.76 -42.20 74.80
C THR IA 145 25.49 -41.59 76.16
N SER IA 146 25.78 -42.37 77.18
CA SER IA 146 25.56 -41.87 78.53
C SER IA 146 26.53 -40.77 78.91
N PRO IA 147 27.83 -40.88 78.67
CA PRO IA 147 28.59 -39.64 78.57
C PRO IA 147 28.49 -39.19 77.12
N THR IA 148 28.03 -37.95 76.92
CA THR IA 148 27.83 -37.48 75.56
C THR IA 148 29.17 -37.46 74.83
N THR IA 149 29.17 -37.88 73.58
CA THR IA 149 30.39 -37.97 72.80
C THR IA 149 30.33 -37.00 71.63
N THR IA 150 31.48 -36.44 71.29
CA THR IA 150 31.63 -35.53 70.17
C THR IA 150 32.77 -35.99 69.28
N SER IA 151 32.51 -36.00 67.97
CA SER IA 151 33.52 -36.27 66.96
C SER IA 151 33.83 -34.99 66.20
N VAL IA 152 34.92 -35.02 65.42
CA VAL IA 152 35.46 -33.83 64.80
C VAL IA 152 35.05 -33.74 63.34
N ARG IA 153 35.00 -32.51 62.84
CA ARG IA 153 34.59 -32.23 61.48
C ARG IA 153 35.65 -31.58 60.62
N LEU IA 154 36.60 -30.86 61.23
CA LEU IA 154 37.45 -29.95 60.46
C LEU IA 154 38.11 -30.65 59.28
N LYS IA 155 38.65 -31.85 59.49
CA LYS IA 155 39.25 -32.60 58.39
C LYS IA 155 38.21 -32.87 57.31
N ASP IA 156 37.10 -33.53 57.68
CA ASP IA 156 36.12 -33.93 56.69
C ASP IA 156 35.61 -32.72 55.90
N MET IA 157 35.46 -31.56 56.56
CA MET IA 157 35.01 -30.37 55.86
C MET IA 157 36.06 -29.88 54.89
N LEU IA 158 37.30 -29.69 55.35
CA LEU IA 158 38.37 -29.24 54.47
C LEU IA 158 38.56 -30.21 53.30
N GLN IA 159 38.20 -31.48 53.47
CA GLN IA 159 38.28 -32.48 52.42
C GLN IA 159 37.09 -32.44 51.47
N GLY IA 160 36.06 -31.66 51.77
CA GLY IA 160 34.90 -31.53 50.89
C GLY IA 160 33.64 -32.21 51.37
N ALA IA 161 33.68 -32.91 52.50
CA ALA IA 161 32.49 -33.52 53.10
C ALA IA 161 31.81 -32.48 53.96
N LEU IA 162 31.07 -31.60 53.32
CA LEU IA 162 30.55 -30.44 54.03
C LEU IA 162 29.26 -30.74 54.78
N VAL IA 163 28.58 -31.83 54.45
CA VAL IA 163 27.39 -32.19 55.22
C VAL IA 163 27.84 -32.93 56.46
N PRO IA 164 27.25 -32.66 57.62
CA PRO IA 164 27.56 -33.46 58.80
C PRO IA 164 27.27 -34.94 58.55
N GLN IA 165 28.15 -35.80 59.06
CA GLN IA 165 28.00 -37.23 58.87
C GLN IA 165 26.80 -37.78 59.64
N SER IA 166 26.31 -37.02 60.63
CA SER IA 166 25.09 -37.39 61.35
C SER IA 166 23.85 -37.30 60.48
N LEU IA 167 23.87 -36.42 59.48
CA LEU IA 167 22.71 -36.23 58.60
C LEU IA 167 22.72 -37.24 57.46
N SER JA 1 72.53 -28.79 63.00
CA SER JA 1 71.87 -27.52 63.25
C SER JA 1 72.69 -26.37 62.67
N LYS JA 2 72.04 -25.23 62.48
CA LYS JA 2 72.64 -24.07 61.82
C LYS JA 2 73.16 -23.09 62.87
N ILE JA 3 74.33 -22.52 62.61
CA ILE JA 3 74.96 -21.58 63.53
C ILE JA 3 75.44 -20.36 62.76
N LEU JA 4 75.26 -19.19 63.35
CA LEU JA 4 75.80 -17.94 62.83
C LEU JA 4 76.98 -17.51 63.69
N SER JA 5 78.05 -17.06 63.05
CA SER JA 5 79.19 -16.45 63.73
C SER JA 5 79.41 -15.06 63.17
N THR JA 6 79.67 -14.12 64.07
CA THR JA 6 80.04 -12.77 63.67
C THR JA 6 81.53 -12.64 63.36
N ASN JA 7 82.30 -13.70 63.57
CA ASN JA 7 83.73 -13.73 63.26
C ASN JA 7 84.52 -12.69 64.06
N ASN JA 8 83.93 -12.14 65.13
CA ASN JA 8 84.65 -11.24 66.01
C ASN JA 8 85.34 -11.98 67.14
N SER JA 9 85.41 -13.31 67.07
CA SER JA 9 85.98 -14.09 68.17
C SER JA 9 87.44 -13.74 68.42
N ASN JA 10 88.21 -13.56 67.36
CA ASN JA 10 89.66 -13.35 67.47
C ASN JA 10 90.06 -11.88 67.42
N SER JA 11 89.13 -10.96 67.22
CA SER JA 11 89.46 -9.55 67.19
C SER JA 11 89.63 -9.02 68.61
N ASN JA 12 90.47 -7.99 68.77
CA ASN JA 12 90.89 -7.52 70.08
C ASN JA 12 90.17 -6.22 70.44
N PHE JA 13 89.48 -6.22 71.57
CA PHE JA 13 88.77 -5.04 72.03
C PHE JA 13 89.15 -4.72 73.48
N VAL JA 14 88.78 -3.52 73.87
CA VAL JA 14 88.84 -3.04 75.24
C VAL JA 14 87.46 -2.52 75.60
N ASP JA 15 86.90 -2.99 76.71
CA ASP JA 15 85.59 -2.52 77.11
C ASP JA 15 85.70 -1.10 77.67
N THR JA 16 84.64 -0.32 77.47
CA THR JA 16 84.52 0.97 78.16
C THR JA 16 83.06 1.29 78.40
N SER JA 17 82.81 2.09 79.44
CA SER JA 17 81.44 2.35 79.88
C SER JA 17 80.82 3.47 79.08
N PHE JA 18 79.55 3.29 78.73
CA PHE JA 18 78.83 4.25 77.89
C PHE JA 18 77.37 4.18 78.36
N THR JA 19 77.03 4.99 79.36
CA THR JA 19 75.76 4.86 80.04
C THR JA 19 74.69 5.66 79.30
N LEU JA 20 73.68 4.97 78.79
CA LEU JA 20 72.66 5.61 77.97
C LEU JA 20 71.59 6.25 78.83
N LYS JA 21 71.20 7.46 78.44
CA LYS JA 21 70.03 8.14 79.03
C LYS JA 21 68.82 7.80 78.14
N VAL JA 22 68.01 6.85 78.61
CA VAL JA 22 66.84 6.33 77.89
C VAL JA 22 65.62 7.18 78.19
N PRO JA 23 64.85 7.57 77.18
CA PRO JA 23 63.68 8.43 77.41
C PRO JA 23 62.54 7.71 78.13
N VAL JA 24 61.80 8.49 78.91
CA VAL JA 24 60.51 8.06 79.46
C VAL JA 24 59.47 8.71 78.56
N TYR JA 25 59.06 7.97 77.53
CA TYR JA 25 58.24 8.57 76.49
C TYR JA 25 56.91 9.04 77.06
N SER JA 26 56.32 8.23 77.93
CA SER JA 26 55.06 8.60 78.57
C SER JA 26 55.10 9.98 79.21
N LYS JA 27 56.21 10.35 79.88
CA LYS JA 27 56.22 11.69 80.47
C LYS JA 27 56.64 12.77 79.47
N ASP JA 28 57.63 12.51 78.62
CA ASP JA 28 58.23 13.63 77.89
C ASP JA 28 57.74 13.80 76.45
N TYR JA 29 57.27 12.76 75.79
CA TYR JA 29 57.09 12.85 74.35
C TYR JA 29 55.63 12.70 73.94
N ARG JA 30 55.35 13.18 72.74
CA ARG JA 30 54.10 12.95 72.02
C ARG JA 30 54.42 12.57 70.60
N VAL JA 31 53.43 12.05 69.88
CA VAL JA 31 53.64 11.61 68.52
C VAL JA 31 53.26 12.73 67.56
N THR JA 32 54.20 13.14 66.73
CA THR JA 32 54.01 14.12 65.67
C THR JA 32 53.52 13.50 64.38
N GLN JA 33 54.10 12.36 63.98
CA GLN JA 33 53.71 11.73 62.73
C GLN JA 33 53.60 10.23 62.96
N ASP JA 34 52.48 9.64 62.56
CA ASP JA 34 52.24 8.19 62.70
C ASP JA 34 52.01 7.65 61.29
N GLU JA 35 53.11 7.34 60.62
CA GLU JA 35 53.09 6.68 59.32
C GLU JA 35 53.54 5.24 59.47
N PRO JA 36 53.21 4.38 58.50
CA PRO JA 36 53.61 2.97 58.63
C PRO JA 36 55.11 2.77 58.57
N ASP JA 37 55.84 3.66 57.90
CA ASP JA 37 57.27 3.50 57.73
C ASP JA 37 58.09 4.51 58.50
N GLU JA 38 57.47 5.56 59.03
CA GLU JA 38 58.19 6.70 59.58
C GLU JA 38 57.35 7.28 60.71
N VAL JA 39 57.85 7.22 61.93
CA VAL JA 39 57.20 7.83 63.07
C VAL JA 39 58.05 9.00 63.55
N VAL JA 40 57.39 10.09 63.88
CA VAL JA 40 58.05 11.28 64.41
C VAL JA 40 57.45 11.60 65.77
N VAL JA 41 58.33 11.92 66.71
CA VAL JA 41 58.04 12.10 68.11
C VAL JA 41 58.66 13.41 68.53
N ALA JA 42 58.01 14.11 69.46
CA ALA JA 42 58.43 15.43 69.88
C ALA JA 42 58.32 15.58 71.39
N ASN JA 43 59.20 16.41 71.95
CA ASN JA 43 59.24 16.66 73.38
C ASN JA 43 58.28 17.80 73.68
N ARG JA 44 57.15 17.47 74.32
CA ARG JA 44 56.16 18.46 74.69
C ARG JA 44 56.53 19.25 75.94
N GLN JA 45 57.55 18.81 76.69
CA GLN JA 45 57.96 19.53 77.90
C GLN JA 45 58.90 20.69 77.62
N GLN JA 46 59.60 20.67 76.48
CA GLN JA 46 60.50 21.76 76.13
C GLN JA 46 59.70 23.07 76.02
N PRO JA 47 60.31 24.20 76.35
CA PRO JA 47 59.69 25.49 76.01
C PRO JA 47 59.54 25.65 74.50
N PHE JA 48 58.79 26.69 74.10
CA PHE JA 48 58.38 26.78 72.70
C PHE JA 48 59.57 26.95 71.77
N GLY JA 49 60.56 27.75 72.17
CA GLY JA 49 61.71 27.96 71.31
C GLY JA 49 62.48 26.68 71.02
N VAL JA 50 62.59 25.80 72.00
CA VAL JA 50 63.46 24.63 71.91
C VAL JA 50 62.65 23.44 71.39
N LYS JA 51 62.95 23.02 70.18
CA LYS JA 51 62.29 21.87 69.59
C LYS JA 51 63.21 20.66 69.76
N ASN JA 52 62.75 19.69 70.54
CA ASN JA 52 63.46 18.42 70.76
C ASN JA 52 62.63 17.30 70.13
N THR JA 53 63.14 16.70 69.04
CA THR JA 53 62.40 15.70 68.27
C THR JA 53 63.23 14.46 67.99
N ALA JA 54 62.54 13.40 67.57
CA ALA JA 54 63.15 12.12 67.24
C ALA JA 54 62.33 11.47 66.13
N ARG JA 55 63.00 10.66 65.32
CA ARG JA 55 62.41 10.09 64.12
C ARG JA 55 62.84 8.64 64.00
N TYR JA 56 61.89 7.75 63.75
CA TYR JA 56 62.15 6.32 63.73
C TYR JA 56 61.58 5.80 62.42
N GLY JA 57 62.44 5.28 61.56
CA GLY JA 57 62.01 4.91 60.22
C GLY JA 57 62.59 3.60 59.75
N ILE JA 58 61.86 2.94 58.87
CA ILE JA 58 62.31 1.69 58.25
C ILE JA 58 62.05 1.75 56.76
N ARG JA 59 63.10 1.51 55.98
CA ARG JA 59 63.03 1.24 54.56
C ARG JA 59 63.32 -0.24 54.36
N GLN JA 60 62.80 -0.83 53.29
CA GLN JA 60 63.07 -2.24 53.05
C GLN JA 60 64.11 -2.39 51.95
N ILE JA 61 65.13 -3.19 52.22
CA ILE JA 61 66.30 -3.34 51.35
C ILE JA 61 66.04 -4.48 50.38
N ALA JA 62 66.16 -4.17 49.09
CA ALA JA 62 65.84 -5.14 48.04
C ALA JA 62 66.91 -6.20 47.92
N ASP JA 63 68.17 -5.80 47.77
CA ASP JA 63 69.31 -6.71 47.72
C ASP JA 63 70.30 -6.24 48.76
N VAL JA 64 70.42 -6.99 49.85
CA VAL JA 64 71.35 -6.60 50.90
C VAL JA 64 72.79 -6.77 50.46
N TYR JA 65 73.01 -7.49 49.35
CA TYR JA 65 74.34 -7.72 48.80
C TYR JA 65 74.73 -6.72 47.72
N ARG JA 66 73.94 -5.67 47.52
CA ARG JA 66 74.10 -4.84 46.33
C ARG JA 66 75.46 -4.16 46.29
N ASN JA 67 75.86 -3.56 47.40
CA ASN JA 67 77.11 -2.81 47.46
C ASN JA 67 78.18 -3.55 48.26
N THR JA 68 78.16 -4.88 48.22
CA THR JA 68 79.10 -5.72 48.94
C THR JA 68 79.96 -6.51 47.97
N THR JA 69 81.06 -7.05 48.50
CA THR JA 69 82.03 -7.81 47.72
C THR JA 69 81.77 -9.31 47.79
N ILE JA 70 80.60 -9.72 48.21
CA ILE JA 70 80.31 -11.13 48.43
C ILE JA 70 79.81 -11.72 47.12
N ASP JA 71 80.54 -12.69 46.58
CA ASP JA 71 80.14 -13.32 45.33
C ASP JA 71 78.85 -14.10 45.53
N ARG JA 72 78.10 -14.25 44.44
CA ARG JA 72 76.77 -14.87 44.52
C ARG JA 72 76.84 -16.27 45.11
N ALA JA 73 77.87 -17.04 44.75
CA ALA JA 73 78.01 -18.40 45.26
C ALA JA 73 78.08 -18.47 46.78
N TYR JA 74 78.27 -17.33 47.45
CA TYR JA 74 78.39 -17.29 48.90
C TYR JA 74 77.26 -16.52 49.55
N GLN JA 75 76.23 -16.12 48.79
CA GLN JA 75 75.11 -15.36 49.32
C GLN JA 75 74.02 -16.30 49.84
N SER JA 76 73.16 -15.79 50.72
CA SER JA 76 72.04 -16.57 51.19
C SER JA 76 71.05 -16.72 50.05
N PRO JA 77 70.05 -17.60 50.20
CA PRO JA 77 69.00 -17.63 49.19
C PRO JA 77 68.15 -16.37 49.18
N SER JA 78 68.02 -15.70 50.33
CA SER JA 78 67.14 -14.55 50.49
C SER JA 78 67.98 -13.29 50.53
N LYS JA 79 67.68 -12.35 49.63
CA LYS JA 79 68.39 -11.10 49.58
C LYS JA 79 67.66 -9.99 50.33
N LYS JA 80 66.51 -10.30 50.93
CA LYS JA 80 65.72 -9.30 51.62
C LYS JA 80 66.49 -8.71 52.81
N GLY JA 81 66.21 -7.44 53.10
CA GLY JA 81 66.71 -6.84 54.33
C GLY JA 81 65.78 -5.73 54.76
N THR JA 82 66.07 -5.18 55.95
CA THR JA 82 65.43 -3.95 56.39
C THR JA 82 66.50 -2.97 56.85
N SER JA 83 66.15 -1.69 56.79
CA SER JA 83 67.07 -0.60 57.09
C SER JA 83 66.37 0.32 58.08
N LEU JA 84 66.94 0.45 59.26
CA LEU JA 84 66.39 1.23 60.35
C LEU JA 84 67.15 2.54 60.47
N VAL JA 85 66.42 3.61 60.76
CA VAL JA 85 67.01 4.89 61.07
C VAL JA 85 66.42 5.41 62.37
N VAL JA 86 67.29 5.93 63.22
CA VAL JA 86 66.92 6.55 64.48
C VAL JA 86 67.61 7.91 64.48
N GLN JA 87 66.83 8.98 64.36
CA GLN JA 87 67.36 10.33 64.34
C GLN JA 87 66.90 11.11 65.56
N VAL JA 88 67.80 11.90 66.12
CA VAL JA 88 67.46 12.81 67.21
C VAL JA 88 67.84 14.22 66.76
N THR JA 89 67.00 15.18 67.12
CA THR JA 89 67.18 16.60 66.82
C THR JA 89 66.99 17.38 68.11
N GLU JA 90 68.01 18.13 68.51
CA GLU JA 90 67.96 18.95 69.70
C GLU JA 90 68.25 20.39 69.33
N THR JA 91 67.85 21.29 70.24
CA THR JA 91 68.13 22.71 70.08
C THR JA 91 68.72 23.23 71.38
N TRP JA 92 69.97 23.64 71.33
CA TRP JA 92 70.70 24.14 72.49
C TRP JA 92 70.63 25.66 72.46
N THR JA 93 70.66 26.29 73.63
CA THR JA 93 70.63 27.74 73.68
C THR JA 93 71.88 28.28 74.37
N VAL JA 94 72.43 29.35 73.81
CA VAL JA 94 73.56 30.06 74.37
C VAL JA 94 73.05 31.40 74.86
N ALA JA 95 73.37 31.74 76.11
CA ALA JA 95 72.98 33.02 76.69
C ALA JA 95 74.11 33.51 77.57
N SER JA 96 73.87 34.63 78.25
CA SER JA 96 74.91 35.27 79.05
C SER JA 96 74.41 35.54 80.46
N THR JA 97 75.35 35.48 81.41
CA THR JA 97 75.06 35.87 82.79
C THR JA 97 74.88 37.37 82.93
N ASP JA 98 75.76 38.13 82.28
CA ASP JA 98 75.77 39.57 82.46
C ASP JA 98 74.70 40.26 81.63
N ASP JA 99 74.29 39.62 80.52
CA ASP JA 99 73.45 40.26 79.52
C ASP JA 99 72.25 39.38 79.24
N GLU JA 100 71.05 39.88 79.59
CA GLU JA 100 69.82 39.16 79.31
C GLU JA 100 69.46 39.17 77.83
N THR JA 101 69.97 40.14 77.07
CA THR JA 101 69.60 40.26 75.66
C THR JA 101 70.51 39.47 74.74
N TYR JA 102 71.55 38.84 75.25
CA TYR JA 102 72.51 38.13 74.41
C TYR JA 102 72.18 36.65 74.41
N GLY JA 103 71.94 36.11 73.22
CA GLY JA 103 71.78 34.67 73.07
C GLY JA 103 71.51 34.28 71.63
N TYR JA 104 71.58 32.97 71.41
CA TYR JA 104 71.18 32.36 70.14
C TYR JA 104 70.87 30.88 70.38
N SER JA 105 70.40 30.21 69.33
CA SER JA 105 70.05 28.79 69.38
C SER JA 105 70.89 28.02 68.36
N LEU JA 106 71.50 26.93 68.82
CA LEU JA 106 72.31 26.04 68.02
C LEU JA 106 71.54 24.77 67.72
N PRO JA 107 71.49 24.35 66.47
CA PRO JA 107 70.82 23.08 66.15
C PRO JA 107 71.78 21.89 66.18
N PHE JA 108 71.42 20.86 66.94
CA PHE JA 108 72.15 19.60 66.92
C PHE JA 108 71.27 18.55 66.28
N SER JA 109 71.86 17.71 65.43
CA SER JA 109 71.16 16.57 64.89
C SER JA 109 72.14 15.42 64.77
N ALA JA 110 71.61 14.21 64.90
CA ALA JA 110 72.44 13.04 64.70
C ALA JA 110 71.52 11.86 64.41
N HIS JA 111 72.03 10.87 63.70
CA HIS JA 111 71.21 9.70 63.46
C HIS JA 111 72.08 8.46 63.31
N VAL JA 112 71.41 7.33 63.47
CA VAL JA 112 71.99 6.00 63.28
C VAL JA 112 71.18 5.29 62.22
N ILE JA 113 71.87 4.55 61.36
CA ILE JA 113 71.23 3.71 60.36
C ILE JA 113 71.81 2.32 60.52
N VAL JA 114 70.95 1.32 60.48
CA VAL JA 114 71.31 -0.08 60.67
C VAL JA 114 70.71 -0.89 59.54
N ASN JA 115 71.51 -1.72 58.88
CA ASN JA 115 71.09 -2.43 57.68
C ASN JA 115 71.14 -3.94 57.97
N VAL JA 116 70.02 -4.50 58.42
CA VAL JA 116 69.98 -5.87 58.92
C VAL JA 116 69.40 -6.78 57.84
N PRO JA 117 70.11 -7.83 57.42
CA PRO JA 117 69.49 -8.85 56.57
C PRO JA 117 68.43 -9.62 57.34
N GLN JA 118 67.38 -10.02 56.64
CA GLN JA 118 66.33 -10.83 57.27
C GLN JA 118 66.76 -12.30 57.26
N ASP JA 119 67.49 -12.67 58.31
CA ASP JA 119 67.87 -14.06 58.53
C ASP JA 119 67.42 -14.41 59.93
N ALA JA 120 66.74 -15.54 60.08
CA ALA JA 120 66.18 -15.88 61.39
C ALA JA 120 67.27 -15.99 62.45
N LEU JA 121 68.50 -16.29 62.04
CA LEU JA 121 69.62 -16.48 62.96
C LEU JA 121 70.19 -15.18 63.52
N ILE JA 122 69.94 -14.04 62.86
CA ILE JA 122 70.30 -12.76 63.45
C ILE JA 122 69.34 -12.47 64.60
N THR JA 123 69.88 -12.32 65.81
CA THR JA 123 69.07 -12.11 67.00
C THR JA 123 69.17 -10.66 67.46
N GLU JA 124 68.22 -10.28 68.32
CA GLU JA 124 68.22 -8.90 68.80
C GLU JA 124 69.48 -8.63 69.60
N GLU JA 125 69.98 -9.64 70.33
CA GLU JA 125 71.22 -9.47 71.07
C GLU JA 125 72.40 -9.30 70.13
N ILE JA 126 72.46 -10.11 69.06
CA ILE JA 126 73.52 -9.93 68.06
C ILE JA 126 73.54 -8.50 67.55
N LEU JA 127 72.35 -7.96 67.25
CA LEU JA 127 72.27 -6.62 66.70
C LEU JA 127 72.71 -5.56 67.71
N TYR JA 128 72.28 -5.69 68.97
CA TYR JA 128 72.74 -4.73 69.96
C TYR JA 128 74.25 -4.80 70.17
N ASP JA 129 74.82 -6.01 70.15
CA ASP JA 129 76.27 -6.11 70.29
C ASP JA 129 76.97 -5.46 69.10
N ALA JA 130 76.38 -5.59 67.90
CA ALA JA 130 76.93 -4.89 66.75
C ALA JA 130 76.89 -3.38 66.96
N LEU JA 131 75.78 -2.86 67.50
CA LEU JA 131 75.70 -1.43 67.79
C LEU JA 131 76.77 -1.01 68.79
N LYS JA 132 77.02 -1.86 69.79
CA LYS JA 132 78.05 -1.54 70.79
C LYS JA 132 79.42 -1.46 70.14
N ARG JA 133 79.71 -2.37 69.19
CA ARG JA 133 80.98 -2.33 68.47
C ARG JA 133 81.07 -1.08 67.61
N LEU JA 134 79.97 -0.74 66.93
CA LEU JA 134 79.89 0.49 66.15
C LEU JA 134 80.28 1.71 66.98
N MET JA 135 79.57 1.92 68.10
CA MET JA 135 79.87 3.07 68.94
C MET JA 135 81.27 3.00 69.54
N GLY JA 136 81.84 1.79 69.66
CA GLY JA 136 83.21 1.73 70.13
C GLY JA 136 84.21 2.41 69.23
N HIS JA 137 83.87 2.64 67.97
CA HIS JA 137 84.78 3.30 67.04
C HIS JA 137 84.91 4.79 67.32
N PHE JA 138 84.08 5.35 68.17
CA PHE JA 138 84.27 6.71 68.67
C PHE JA 138 85.35 6.79 69.73
N TYR JA 139 86.03 5.69 69.99
CA TYR JA 139 87.10 5.62 70.98
C TYR JA 139 88.30 4.95 70.35
N GLU JA 140 89.42 4.97 71.07
CA GLU JA 140 90.60 4.21 70.71
C GLU JA 140 91.03 3.40 71.92
N GLY JA 141 91.42 2.16 71.67
CA GLY JA 141 91.71 1.20 72.73
C GLY JA 141 93.19 0.93 72.88
N ASN JA 142 93.61 0.77 74.15
CA ASN JA 142 94.97 0.43 74.56
C ASN JA 142 94.90 -0.71 75.56
N ASP JA 143 95.34 -1.90 75.15
CA ASP JA 143 95.38 -3.06 76.05
C ASP JA 143 96.78 -3.36 76.54
N THR JA 144 97.78 -2.59 76.10
CA THR JA 144 99.14 -2.85 76.56
C THR JA 144 99.31 -2.47 78.03
N THR JA 145 98.69 -1.37 78.46
CA THR JA 145 98.81 -0.93 79.84
C THR JA 145 98.16 -1.90 80.82
N SER JA 146 98.60 -1.81 82.06
CA SER JA 146 98.12 -2.73 83.09
C SER JA 146 96.60 -2.69 83.24
N PRO JA 147 95.96 -1.53 83.47
CA PRO JA 147 94.51 -1.50 83.22
C PRO JA 147 94.24 -1.14 81.77
N THR JA 148 93.39 -1.90 81.08
CA THR JA 148 93.02 -1.52 79.72
C THR JA 148 92.36 -0.14 79.75
N THR JA 149 92.83 0.75 78.90
CA THR JA 149 92.36 2.13 78.86
C THR JA 149 91.91 2.51 77.46
N THR JA 150 91.05 3.53 77.41
CA THR JA 150 90.50 4.04 76.17
C THR JA 150 90.54 5.57 76.19
N SER JA 151 90.86 6.15 75.04
CA SER JA 151 90.80 7.61 74.88
C SER JA 151 89.74 7.97 73.84
N VAL JA 152 89.12 9.13 74.04
CA VAL JA 152 88.01 9.56 73.20
C VAL JA 152 88.55 10.07 71.86
N ARG JA 153 87.74 9.95 70.81
CA ARG JA 153 88.20 10.29 69.48
C ARG JA 153 87.25 11.21 68.71
N LEU JA 154 86.10 11.55 69.28
CA LEU JA 154 85.08 12.28 68.54
C LEU JA 154 85.57 13.65 68.07
N LYS JA 155 86.15 14.42 68.99
CA LYS JA 155 86.61 15.75 68.62
C LYS JA 155 87.78 15.67 67.65
N ASP JA 156 88.68 14.71 67.86
CA ASP JA 156 89.80 14.53 66.94
C ASP JA 156 89.29 14.30 65.52
N MET JA 157 88.30 13.42 65.36
CA MET JA 157 87.76 13.16 64.02
C MET JA 157 87.09 14.41 63.46
N LEU JA 158 86.27 15.08 64.27
CA LEU JA 158 85.65 16.31 63.81
C LEU JA 158 86.68 17.30 63.29
N GLN JA 159 87.84 17.36 63.94
CA GLN JA 159 88.90 18.29 63.58
C GLN JA 159 89.86 17.76 62.54
N GLY JA 160 89.52 16.68 61.84
CA GLY JA 160 90.30 16.22 60.70
C GLY JA 160 91.34 15.18 61.00
N ALA JA 161 91.45 14.71 62.25
CA ALA JA 161 92.36 13.63 62.59
C ALA JA 161 91.56 12.34 62.54
N LEU JA 162 91.42 11.81 61.33
CA LEU JA 162 90.52 10.68 61.13
C LEU JA 162 91.21 9.34 61.32
N VAL JA 163 92.52 9.27 61.11
CA VAL JA 163 93.25 8.03 61.32
C VAL JA 163 93.55 7.88 62.80
N PRO JA 164 93.32 6.70 63.40
CA PRO JA 164 93.62 6.50 64.81
C PRO JA 164 95.09 6.73 65.15
N GLN JA 165 95.34 7.11 66.40
CA GLN JA 165 96.71 7.22 66.90
C GLN JA 165 97.49 5.93 66.70
N SER JA 166 96.85 4.78 66.96
CA SER JA 166 97.54 3.50 66.89
C SER JA 166 98.09 3.20 65.50
N LEU JA 167 97.46 3.78 64.46
CA LEU JA 167 97.81 3.48 63.08
C LEU JA 167 98.64 4.60 62.43
N SER KA 1 69.55 66.11 80.30
CA SER KA 1 69.16 67.52 80.35
C SER KA 1 69.88 68.30 79.27
N LYS KA 2 69.13 69.11 78.54
CA LYS KA 2 69.66 69.91 77.45
C LYS KA 2 69.97 71.32 77.94
N ILE KA 3 71.08 71.88 77.48
CA ILE KA 3 71.51 73.21 77.91
C ILE KA 3 71.84 74.05 76.67
N LEU KA 4 71.33 75.27 76.65
CA LEU KA 4 71.64 76.24 75.61
C LEU KA 4 72.64 77.26 76.14
N SER KA 5 73.63 77.60 75.31
CA SER KA 5 74.59 78.66 75.60
C SER KA 5 74.57 79.67 74.46
N THR KA 6 74.67 80.94 74.83
CA THR KA 6 74.80 82.02 73.85
C THR KA 6 76.24 82.28 73.46
N ASN KA 7 77.20 81.67 74.15
CA ASN KA 7 78.62 81.77 73.80
C ASN KA 7 79.13 83.20 73.86
N ASN KA 8 78.48 84.05 74.66
CA ASN KA 8 78.97 85.41 74.85
C ASN KA 8 79.83 85.55 76.10
N SER KA 9 80.05 84.45 76.83
CA SER KA 9 80.83 84.51 78.06
C SER KA 9 82.26 84.98 77.83
N ASN KA 10 82.81 84.77 76.65
CA ASN KA 10 84.18 85.14 76.36
C ASN KA 10 84.30 86.52 75.70
N SER KA 11 83.17 87.18 75.47
CA SER KA 11 83.20 88.52 74.91
C SER KA 11 83.43 89.56 76.01
N ASN KA 12 83.93 90.72 75.58
CA ASN KA 12 84.31 91.82 76.45
C ASN KA 12 83.37 92.99 76.20
N PHE KA 13 82.54 93.33 77.20
CA PHE KA 13 81.57 94.42 77.07
C PHE KA 13 81.72 95.41 78.23
N VAL KA 14 81.15 96.59 78.05
CA VAL KA 14 81.08 97.61 79.07
C VAL KA 14 79.61 97.91 79.29
N ASP KA 15 79.16 97.82 80.53
CA ASP KA 15 77.80 98.21 80.81
C ASP KA 15 77.69 99.72 80.64
N THR KA 16 76.54 100.16 80.13
CA THR KA 16 76.24 101.60 80.09
C THR KA 16 74.74 101.78 80.20
N SER KA 17 74.34 102.94 80.73
CA SER KA 17 72.94 103.17 81.04
C SER KA 17 72.20 103.63 79.80
N PHE KA 18 71.00 103.08 79.62
CA PHE KA 18 70.19 103.39 78.44
C PHE KA 18 68.74 103.32 78.94
N THR KA 19 68.25 104.45 79.42
CA THR KA 19 66.99 104.49 80.15
C THR KA 19 65.84 104.67 79.17
N LEU KA 20 64.95 103.66 79.11
CA LEU KA 20 63.88 103.62 78.14
C LEU KA 20 62.68 104.42 78.63
N LYS KA 21 62.09 105.19 77.73
CA LYS KA 21 60.80 105.83 77.96
C LYS KA 21 59.73 104.91 77.35
N VAL KA 22 59.08 104.13 78.21
CA VAL KA 22 58.06 103.14 77.88
C VAL KA 22 56.69 103.79 77.79
N PRO KA 23 55.91 103.48 76.75
CA PRO KA 23 54.59 104.12 76.60
C PRO KA 23 53.58 103.68 77.64
N VAL KA 24 52.56 104.51 77.80
CA VAL KA 24 51.37 104.14 78.56
C VAL KA 24 50.24 104.02 77.56
N TYR KA 25 50.07 102.82 77.05
CA TYR KA 25 49.24 102.64 75.87
C TYR KA 25 47.80 103.04 76.14
N SER KA 26 47.31 102.70 77.33
CA SER KA 26 45.94 103.04 77.69
C SER KA 26 45.70 104.54 77.61
N LYS KA 27 46.65 105.35 78.10
CA LYS KA 27 46.45 106.80 78.06
C LYS KA 27 46.58 107.35 76.64
N ASP KA 28 47.62 106.91 75.90
CA ASP KA 28 48.02 107.64 74.71
C ASP KA 28 47.59 107.03 73.37
N TYR KA 29 47.55 105.71 73.27
CA TYR KA 29 47.49 105.03 71.99
C TYR KA 29 46.13 104.36 71.78
N ARG KA 30 45.66 104.37 70.54
CA ARG KA 30 44.50 103.65 70.08
C ARG KA 30 44.96 102.71 68.96
N VAL KA 31 44.09 101.80 68.54
CA VAL KA 31 44.50 100.80 67.56
C VAL KA 31 43.98 101.18 66.18
N THR KA 32 44.90 101.34 65.23
CA THR KA 32 44.58 101.63 63.82
C THR KA 32 44.35 100.38 62.99
N GLN KA 33 45.13 99.31 63.27
CA GLN KA 33 45.09 98.09 62.46
C GLN KA 33 45.23 96.88 63.38
N ASP KA 34 44.32 95.91 63.26
CA ASP KA 34 44.42 94.66 64.04
C ASP KA 34 44.47 93.44 63.13
N GLU KA 35 45.35 93.44 62.13
CA GLU KA 35 45.41 92.23 61.34
C GLU KA 35 46.16 91.12 62.09
N PRO KA 36 45.89 89.85 61.76
CA PRO KA 36 46.40 88.75 62.58
C PRO KA 36 47.91 88.74 62.74
N ASP KA 37 48.65 89.19 61.73
CA ASP KA 37 50.10 89.24 61.83
C ASP KA 37 50.66 90.66 61.95
N GLU KA 38 49.82 91.69 61.95
CA GLU KA 38 50.35 93.06 61.90
C GLU KA 38 49.38 93.97 62.63
N VAL KA 39 49.86 94.63 63.67
CA VAL KA 39 49.05 95.58 64.42
C VAL KA 39 49.68 96.96 64.30
N VAL KA 40 48.83 97.97 64.17
CA VAL KA 40 49.24 99.36 64.10
C VAL KA 40 48.48 100.15 65.14
N VAL KA 41 49.20 101.05 65.80
CA VAL KA 41 48.79 101.75 66.99
C VAL KA 41 49.11 103.22 66.80
N ALA KA 42 48.13 104.10 67.01
CA ALA KA 42 48.29 105.52 66.77
C ALA KA 42 48.25 106.30 68.07
N ASN KA 43 48.99 107.41 68.08
CA ASN KA 43 49.09 108.27 69.24
C ASN KA 43 47.97 109.31 69.19
N ARG KA 44 46.97 109.12 70.04
CA ARG KA 44 45.81 110.01 70.05
C ARG KA 44 46.17 111.41 70.54
N GLN KA 45 47.30 111.58 71.22
CA GLN KA 45 47.69 112.87 71.80
C GLN KA 45 48.16 113.88 70.76
N GLN KA 46 48.34 113.48 69.51
CA GLN KA 46 48.95 114.41 68.59
C GLN KA 46 47.92 115.24 67.85
N PRO KA 47 48.28 116.46 67.42
CA PRO KA 47 47.42 117.21 66.50
C PRO KA 47 47.39 116.57 65.12
N PHE KA 48 46.58 117.10 64.21
CA PHE KA 48 46.38 116.38 62.95
C PHE KA 48 47.64 116.34 62.10
N GLY KA 49 48.39 117.44 62.05
CA GLY KA 49 49.62 117.43 61.28
C GLY KA 49 50.56 116.33 61.71
N VAL KA 50 50.75 116.19 63.03
CA VAL KA 50 51.77 115.32 63.58
C VAL KA 50 51.26 113.88 63.63
N LYS KA 51 51.96 112.99 62.94
CA LYS KA 51 51.64 111.56 62.96
C LYS KA 51 52.64 110.83 63.83
N ASN KA 52 52.12 110.09 64.82
CA ASN KA 52 52.93 109.33 65.77
C ASN KA 52 52.32 107.94 65.86
N THR KA 53 52.98 106.94 65.26
CA THR KA 53 52.43 105.59 65.20
C THR KA 53 53.49 104.54 65.51
N ALA KA 54 53.01 103.34 65.85
CA ALA KA 54 53.86 102.20 66.09
C ALA KA 54 53.25 100.99 65.39
N ARG KA 55 54.10 100.09 64.95
CA ARG KA 55 53.70 98.94 64.15
C ARG KA 55 54.41 97.71 64.71
N TYR KA 56 53.64 96.67 64.97
CA TYR KA 56 54.14 95.47 65.61
C TYR KA 56 53.73 94.30 64.72
N GLY KA 57 54.69 93.58 64.18
CA GLY KA 57 54.39 92.54 63.21
C GLY KA 57 55.26 91.31 63.40
N ILE KA 58 54.71 90.16 63.00
CA ILE KA 58 55.47 88.92 62.98
C ILE KA 58 55.30 88.25 61.62
N ARG KA 59 56.39 87.66 61.15
CA ARG KA 59 56.45 86.83 59.95
C ARG KA 59 57.05 85.49 60.34
N GLN KA 60 56.64 84.43 59.65
CA GLN KA 60 57.22 83.12 59.92
C GLN KA 60 58.40 82.87 58.98
N ILE KA 61 59.49 82.35 59.53
CA ILE KA 61 60.71 82.07 58.78
C ILE KA 61 60.69 80.61 58.40
N ALA KA 62 60.68 80.35 57.09
CA ALA KA 62 60.59 78.98 56.60
C ALA KA 62 61.80 78.18 57.06
N ASP KA 63 62.99 78.59 56.65
CA ASP KA 63 64.23 77.90 57.01
C ASP KA 63 65.11 78.91 57.73
N VAL KA 64 65.30 78.71 59.04
CA VAL KA 64 66.10 79.65 59.83
C VAL KA 64 67.57 79.55 59.45
N TYR KA 65 67.98 78.47 58.81
CA TYR KA 65 69.36 78.28 58.36
C TYR KA 65 69.57 78.73 56.92
N ARG KA 66 68.55 79.31 56.28
CA ARG KA 66 68.55 79.49 54.83
C ARG KA 66 69.76 80.31 54.37
N ASN KA 67 70.11 81.36 55.09
CA ASN KA 67 71.21 82.23 54.71
C ASN KA 67 72.42 82.08 55.61
N THR KA 68 72.40 81.17 56.57
CA THR KA 68 73.55 80.93 57.42
C THR KA 68 74.38 79.78 56.86
N THR KA 69 75.58 79.63 57.42
CA THR KA 69 76.54 78.63 56.94
C THR KA 69 76.77 77.52 57.96
N ILE KA 70 75.81 77.31 58.86
CA ILE KA 70 75.91 76.22 59.83
C ILE KA 70 75.80 74.89 59.10
N ASP KA 71 76.73 73.98 59.39
CA ASP KA 71 76.72 72.70 58.67
C ASP KA 71 75.43 71.95 58.95
N ARG KA 72 74.97 71.22 57.94
CA ARG KA 72 73.74 70.45 58.04
C ARG KA 72 73.77 69.55 59.28
N ALA KA 73 74.93 68.94 59.54
CA ALA KA 73 75.08 68.01 60.66
C ALA KA 73 74.81 68.66 62.00
N TYR KA 74 74.82 69.99 62.07
CA TYR KA 74 74.59 70.70 63.33
C TYR KA 74 73.32 71.54 63.29
N GLN KA 75 72.42 71.28 62.34
CA GLN KA 75 71.17 72.02 62.31
C GLN KA 75 70.12 71.34 63.17
N SER KA 76 69.28 72.14 63.82
CA SER KA 76 68.17 71.61 64.58
C SER KA 76 67.23 70.85 63.65
N PRO KA 77 66.49 69.86 64.17
CA PRO KA 77 65.41 69.28 63.36
C PRO KA 77 64.36 70.30 63.00
N SER KA 78 63.96 71.14 63.95
CA SER KA 78 62.97 72.19 63.72
C SER KA 78 63.68 73.41 63.14
N LYS KA 79 63.40 73.70 61.87
CA LYS KA 79 64.08 74.77 61.16
C LYS KA 79 63.22 76.01 61.02
N LYS KA 80 62.09 76.07 61.71
CA LYS KA 80 61.19 77.20 61.61
C LYS KA 80 61.67 78.31 62.56
N GLY KA 81 61.40 79.56 62.17
CA GLY KA 81 61.71 80.68 63.01
C GLY KA 81 60.56 81.68 63.04
N THR KA 82 60.69 82.67 63.92
CA THR KA 82 59.79 83.81 63.96
C THR KA 82 60.60 85.09 63.78
N SER KA 83 60.07 86.00 62.97
CA SER KA 83 60.68 87.30 62.72
C SER KA 83 59.72 88.36 63.27
N LEU KA 84 60.19 89.12 64.25
CA LEU KA 84 59.42 90.19 64.86
C LEU KA 84 59.92 91.53 64.37
N VAL KA 85 59.00 92.47 64.20
CA VAL KA 85 59.32 93.84 63.82
C VAL KA 85 58.57 94.79 64.73
N VAL KA 86 59.28 95.82 65.18
CA VAL KA 86 58.75 96.89 66.01
C VAL KA 86 59.19 98.18 65.35
N GLN KA 87 58.25 98.91 64.75
CA GLN KA 87 58.53 100.18 64.10
C GLN KA 87 57.87 101.32 64.85
N VAL KA 88 58.58 102.43 65.01
CA VAL KA 88 58.02 103.66 65.54
C VAL KA 88 58.19 104.74 64.48
N THR KA 89 57.15 105.53 64.29
CA THR KA 89 57.08 106.62 63.33
C THR KA 89 56.69 107.88 64.07
N GLU KA 90 57.52 108.91 63.96
CA GLU KA 90 57.28 110.17 64.63
C GLU KA 90 57.32 111.31 63.62
N THR KA 91 56.67 112.40 63.97
CA THR KA 91 56.68 113.62 63.16
C THR KA 91 57.21 114.75 64.03
N TRP KA 92 58.37 115.28 63.66
CA TRP KA 92 59.01 116.37 64.38
C TRP KA 92 58.67 117.67 63.68
N THR KA 93 58.71 118.77 64.42
CA THR KA 93 58.42 120.08 63.83
C THR KA 93 59.52 121.06 64.16
N VAL KA 94 59.79 121.95 63.21
CA VAL KA 94 60.79 123.01 63.36
C VAL KA 94 60.05 124.33 63.26
N ALA KA 95 60.29 125.21 64.24
CA ALA KA 95 59.67 126.52 64.25
C ALA KA 95 60.69 127.54 64.74
N SER KA 96 60.25 128.79 64.85
CA SER KA 96 61.08 129.88 65.32
C SER KA 96 60.42 130.60 66.49
N THR KA 97 61.24 130.90 67.50
CA THR KA 97 60.81 131.76 68.60
C THR KA 97 60.36 133.11 68.08
N ASP KA 98 61.15 133.68 67.17
CA ASP KA 98 60.94 135.04 66.72
C ASP KA 98 59.79 135.15 65.72
N ASP KA 99 59.65 134.14 64.85
CA ASP KA 99 58.70 134.17 63.74
C ASP KA 99 57.70 133.04 63.91
N GLU KA 100 56.47 133.39 64.20
CA GLU KA 100 55.44 132.39 64.44
C GLU KA 100 54.94 131.74 63.17
N THR KA 101 55.41 132.21 62.01
CA THR KA 101 55.00 131.66 60.72
C THR KA 101 56.01 130.68 60.15
N TYR KA 102 57.21 130.66 60.69
CA TYR KA 102 58.25 129.77 60.19
C TYR KA 102 58.05 128.40 60.82
N GLY KA 103 57.94 127.39 59.96
CA GLY KA 103 57.80 126.02 60.42
C GLY KA 103 57.81 125.03 59.28
N TYR KA 104 58.23 123.81 59.61
CA TYR KA 104 58.06 122.67 58.73
C TYR KA 104 58.08 121.38 59.54
N SER KA 105 57.67 120.30 58.89
CA SER KA 105 57.59 118.99 59.54
C SER KA 105 58.61 118.03 58.94
N LEU KA 106 59.30 117.29 59.81
CA LEU KA 106 60.28 116.28 59.45
C LEU KA 106 59.77 114.91 59.85
N PRO KA 107 59.88 113.92 58.97
CA PRO KA 107 59.45 112.57 59.34
C PRO KA 107 60.61 111.72 59.86
N PHE KA 108 60.42 111.10 61.02
CA PHE KA 108 61.39 110.17 61.57
C PHE KA 108 60.76 108.79 61.65
N SER KA 109 61.55 107.77 61.36
CA SER KA 109 61.09 106.41 61.58
C SER KA 109 62.30 105.56 61.94
N ALA KA 110 62.02 104.51 62.69
CA ALA KA 110 63.07 103.55 63.00
C ALA KA 110 62.39 102.28 63.45
N HIS KA 111 63.03 101.16 63.15
CA HIS KA 111 62.46 99.90 63.56
C HIS KA 111 63.54 98.91 64.00
N VAL KA 112 63.08 97.89 64.67
CA VAL KA 112 63.90 96.80 65.16
C VAL KA 112 63.31 95.50 64.63
N ILE KA 113 64.18 94.62 64.18
CA ILE KA 113 63.77 93.30 63.71
C ILE KA 113 64.56 92.27 64.49
N VAL KA 114 63.87 91.21 64.92
CA VAL KA 114 64.44 90.16 65.74
C VAL KA 114 64.06 88.82 65.14
N ASN KA 115 65.05 88.01 64.81
CA ASN KA 115 64.84 86.74 64.12
C ASN KA 115 65.25 85.61 65.07
N VAL KA 116 64.25 84.97 65.65
CA VAL KA 116 64.40 84.02 66.76
C VAL KA 116 64.02 82.64 66.25
N PRO KA 117 64.91 81.65 66.32
CA PRO KA 117 64.51 80.27 66.01
C PRO KA 117 63.48 79.76 67.00
N GLN KA 118 62.60 78.88 66.52
CA GLN KA 118 61.57 78.27 67.37
C GLN KA 118 62.19 77.09 68.10
N ASP KA 119 62.72 77.36 69.30
CA ASP KA 119 63.34 76.34 70.13
C ASP KA 119 62.95 76.56 71.58
N ALA KA 120 62.61 75.47 72.27
CA ALA KA 120 62.09 75.58 73.62
C ALA KA 120 63.09 76.25 74.57
N LEU KA 121 64.39 76.11 74.30
CA LEU KA 121 65.39 76.59 75.25
C LEU KA 121 65.60 78.09 75.19
N ILE KA 122 65.20 78.75 74.10
CA ILE KA 122 65.32 80.20 74.04
C ILE KA 122 64.25 80.83 74.91
N THR KA 123 64.66 81.71 75.83
CA THR KA 123 63.74 82.30 76.79
C THR KA 123 63.66 83.81 76.61
N GLU KA 124 62.62 84.38 77.23
CA GLU KA 124 62.36 85.80 77.05
C GLU KA 124 63.52 86.63 77.58
N GLU KA 125 64.11 86.19 78.69
CA GLU KA 125 65.27 86.91 79.22
C GLU KA 125 66.45 86.82 78.26
N ILE KA 126 66.69 85.63 77.68
CA ILE KA 126 67.77 85.49 76.71
C ILE KA 126 67.59 86.48 75.59
N LEU KA 127 66.35 86.65 75.12
CA LEU KA 127 66.12 87.55 74.00
C LEU KA 127 66.27 89.02 74.40
N TYR KA 128 65.80 89.41 75.59
CA TYR KA 128 66.03 90.78 76.01
C TYR KA 128 67.52 91.07 76.14
N ASP KA 129 68.29 90.14 76.70
CA ASP KA 129 69.73 90.37 76.81
C ASP KA 129 70.39 90.40 75.44
N ALA KA 130 69.85 89.65 74.48
CA ALA KA 130 70.29 89.80 73.10
C ALA KA 130 70.02 91.22 72.59
N LEU KA 131 68.83 91.74 72.85
CA LEU KA 131 68.52 93.12 72.44
C LEU KA 131 69.47 94.12 73.07
N LYS KA 132 69.87 93.86 74.32
CA LYS KA 132 70.80 94.76 75.01
C LYS KA 132 72.17 94.71 74.37
N ARG KA 133 72.64 93.52 74.00
CA ARG KA 133 73.89 93.41 73.26
C ARG KA 133 73.79 94.14 71.93
N LEU KA 134 72.66 93.97 71.23
CA LEU KA 134 72.43 94.63 69.94
C LEU KA 134 72.52 96.13 70.06
N MET KA 135 71.69 96.74 70.88
CA MET KA 135 71.73 98.19 71.06
C MET KA 135 73.07 98.66 71.59
N GLY KA 136 73.83 97.79 72.25
CA GLY KA 136 75.13 98.22 72.71
C GLY KA 136 76.11 98.56 71.59
N HIS KA 137 75.85 98.09 70.38
CA HIS KA 137 76.71 98.37 69.24
C HIS KA 137 76.57 99.81 68.75
N PHE KA 138 75.65 100.59 69.32
CA PHE KA 138 75.62 102.03 69.05
C PHE KA 138 76.65 102.79 69.87
N TYR KA 139 77.48 102.09 70.63
CA TYR KA 139 78.49 102.71 71.47
C TYR KA 139 79.80 101.96 71.27
N GLU KA 140 80.89 102.53 71.77
CA GLU KA 140 82.19 101.87 71.81
C GLU KA 140 82.67 101.79 73.25
N GLY KA 141 83.15 100.61 73.62
CA GLY KA 141 83.59 100.35 74.98
C GLY KA 141 85.09 100.53 75.13
N ASN KA 142 85.48 101.01 76.30
CA ASN KA 142 86.86 101.34 76.65
C ASN KA 142 87.18 100.75 78.01
N ASP KA 143 87.86 99.60 78.02
CA ASP KA 143 88.42 98.95 79.20
C ASP KA 143 89.80 99.47 79.56
N THR KA 144 90.45 100.25 78.67
CA THR KA 144 91.76 100.83 78.98
C THR KA 144 91.67 101.73 80.20
N THR KA 145 90.62 102.56 80.27
CA THR KA 145 90.45 103.43 81.42
C THR KA 145 90.33 102.62 82.69
N SER KA 146 90.75 103.24 83.80
CA SER KA 146 90.59 102.60 85.09
C SER KA 146 89.11 102.39 85.46
N PRO KA 147 88.20 103.42 85.42
CA PRO KA 147 86.77 103.09 85.41
C PRO KA 147 86.32 102.88 83.97
N THR KA 148 85.66 101.77 83.63
CA THR KA 148 85.44 101.47 82.21
C THR KA 148 84.42 102.44 81.64
N THR KA 149 84.68 102.97 80.45
CA THR KA 149 83.87 104.06 79.89
C THR KA 149 83.43 103.73 78.46
N THR KA 150 82.43 104.49 77.99
CA THR KA 150 81.85 104.27 76.67
C THR KA 150 81.67 105.60 75.97
N SER KA 151 81.73 105.54 74.63
CA SER KA 151 81.56 106.72 73.79
C SER KA 151 80.56 106.44 72.68
N VAL KA 152 79.95 107.49 72.16
CA VAL KA 152 78.81 107.37 71.27
C VAL KA 152 79.32 107.33 69.82
N ARG KA 153 78.67 106.52 68.98
CA ARG KA 153 79.08 106.40 67.58
C ARG KA 153 77.91 106.49 66.59
N LEU KA 154 76.74 106.93 67.04
CA LEU KA 154 75.59 107.01 66.13
C LEU KA 154 75.83 108.05 65.05
N LYS KA 155 76.30 109.24 65.43
CA LYS KA 155 76.57 110.27 64.44
C LYS KA 155 77.69 109.83 63.51
N ASP KA 156 78.77 109.31 64.07
CA ASP KA 156 79.88 108.85 63.23
C ASP KA 156 79.38 107.85 62.18
N MET KA 157 78.56 106.88 62.58
CA MET KA 157 78.06 105.91 61.61
C MET KA 157 77.19 106.60 60.56
N LEU KA 158 76.25 107.44 61.00
CA LEU KA 158 75.41 108.15 60.04
C LEU KA 158 76.23 108.94 59.03
N GLN KA 159 77.40 109.44 59.43
CA GLN KA 159 78.23 110.23 58.53
C GLN KA 159 79.11 109.38 57.62
N GLY KA 160 79.07 108.05 57.73
CA GLY KA 160 79.78 107.17 56.81
C GLY KA 160 80.96 106.45 57.42
N ALA KA 161 81.27 106.75 58.69
CA ALA KA 161 82.38 106.12 59.41
C ALA KA 161 81.84 104.90 60.14
N LEU KA 162 81.77 103.79 59.42
CA LEU KA 162 81.09 102.62 59.95
C LEU KA 162 82.02 101.71 60.73
N VAL KA 163 83.33 101.82 60.53
CA VAL KA 163 84.26 101.05 61.35
C VAL KA 163 84.38 101.74 62.69
N PRO KA 164 84.38 100.98 63.79
CA PRO KA 164 84.58 101.59 65.11
C PRO KA 164 85.93 102.29 65.20
N GLN KA 165 86.01 103.24 66.13
CA GLN KA 165 87.27 103.96 66.36
C GLN KA 165 88.31 103.07 67.02
N SER KA 166 87.84 102.03 67.74
CA SER KA 166 88.73 101.10 68.43
C SER KA 166 89.53 100.23 67.45
N LEU KA 167 89.16 100.20 66.18
CA LEU KA 167 89.89 99.40 65.19
C LEU KA 167 90.58 100.29 64.16
N SER LA 1 48.88 133.34 68.14
CA SER LA 1 49.47 133.87 66.91
C SER LA 1 48.78 133.24 65.72
N LYS LA 2 49.03 131.96 65.44
CA LYS LA 2 48.32 131.30 64.34
C LYS LA 2 46.89 131.01 64.74
N ILE LA 3 45.96 131.44 63.89
CA ILE LA 3 44.53 131.31 64.15
C ILE LA 3 43.86 130.78 62.90
N LEU LA 4 43.04 129.76 63.06
CA LEU LA 4 42.12 129.28 62.04
C LEU LA 4 40.74 129.85 62.31
N SER LA 5 40.14 130.47 61.30
CA SER LA 5 38.75 130.89 61.36
C SER LA 5 37.94 130.09 60.37
N THR LA 6 36.76 129.69 60.80
CA THR LA 6 35.80 129.05 59.90
C THR LA 6 34.99 130.07 59.10
N ASN LA 7 35.24 131.37 59.29
CA ASN LA 7 34.58 132.42 58.53
C ASN LA 7 33.06 132.34 58.63
N ASN LA 8 32.55 131.80 59.72
CA ASN LA 8 31.11 131.80 59.97
C ASN LA 8 30.69 132.96 60.87
N SER LA 9 31.64 133.84 61.21
CA SER LA 9 31.36 134.92 62.14
C SER LA 9 30.31 135.89 61.62
N ASN LA 10 30.15 135.99 60.30
CA ASN LA 10 29.16 136.89 59.71
C ASN LA 10 27.93 136.15 59.17
N SER LA 11 27.84 134.85 59.38
CA SER LA 11 26.62 134.13 59.05
C SER LA 11 25.61 134.29 60.19
N ASN LA 12 24.32 134.24 59.86
CA ASN LA 12 23.25 134.39 60.84
C ASN LA 12 22.60 133.05 61.09
N PHE LA 13 22.66 132.59 62.33
CA PHE LA 13 22.10 131.30 62.70
C PHE LA 13 21.08 131.44 63.82
N VAL LA 14 20.40 130.33 64.06
CA VAL LA 14 19.43 130.15 65.12
C VAL LA 14 19.65 128.78 65.73
N ASP LA 15 19.72 128.70 67.05
CA ASP LA 15 19.99 127.41 67.68
C ASP LA 15 18.70 126.59 67.76
N THR LA 16 18.87 125.27 67.67
CA THR LA 16 17.77 124.36 67.95
C THR LA 16 18.32 123.07 68.54
N SER LA 17 17.49 122.39 69.34
CA SER LA 17 17.92 121.21 70.06
C SER LA 17 17.80 119.98 69.17
N PHE LA 18 18.81 119.11 69.25
CA PHE LA 18 18.87 117.91 68.41
C PHE LA 18 19.54 116.84 69.27
N THR LA 19 18.73 116.13 70.04
CA THR LA 19 19.26 115.26 71.09
C THR LA 19 19.62 113.91 70.49
N LEU LA 20 20.90 113.57 70.56
CA LEU LA 20 21.42 112.38 69.91
C LEU LA 20 21.23 111.18 70.82
N LYS LA 21 20.91 110.03 70.19
CA LYS LA 21 20.88 108.73 70.88
C LYS LA 21 22.19 108.02 70.53
N VAL LA 22 23.17 108.14 71.42
CA VAL LA 22 24.50 107.56 71.31
C VAL LA 22 24.49 106.09 71.73
N PRO LA 23 25.11 105.20 70.99
CA PRO LA 23 25.02 103.77 71.34
C PRO LA 23 25.91 103.37 72.51
N VAL LA 24 25.40 102.40 73.28
CA VAL LA 24 26.20 101.72 74.29
C VAL LA 24 26.79 100.49 73.58
N TYR LA 25 27.93 100.71 72.95
CA TYR LA 25 28.47 99.70 72.05
C TYR LA 25 28.76 98.41 72.80
N SER LA 26 29.26 98.52 74.03
CA SER LA 26 29.52 97.35 74.85
C SER LA 26 28.28 96.46 74.99
N LYS LA 27 27.07 97.01 75.20
CA LYS LA 27 25.91 96.12 75.27
C LYS LA 27 25.48 95.63 73.89
N ASP LA 28 25.37 96.53 72.92
CA ASP LA 28 24.56 96.20 71.75
C ASP LA 28 25.36 95.70 70.56
N TYR LA 29 26.60 96.10 70.38
CA TYR LA 29 27.24 95.95 69.08
C TYR LA 29 28.45 95.03 69.16
N ARG LA 30 28.65 94.27 68.08
CA ARG LA 30 29.77 93.34 67.94
C ARG LA 30 30.40 93.55 66.57
N VAL LA 31 31.63 93.11 66.39
CA VAL LA 31 32.36 93.42 65.16
C VAL LA 31 32.18 92.32 64.12
N THR LA 32 31.61 92.69 62.97
CA THR LA 32 31.51 91.87 61.78
C THR LA 32 32.73 92.00 60.87
N GLN LA 33 33.28 93.20 60.72
CA GLN LA 33 34.44 93.42 59.85
C GLN LA 33 35.42 94.35 60.54
N ASP LA 34 36.68 93.92 60.64
CA ASP LA 34 37.75 94.71 61.24
C ASP LA 34 38.90 94.89 60.24
N GLU LA 35 38.60 95.37 59.04
CA GLU LA 35 39.74 95.60 58.19
C GLU LA 35 40.23 97.04 58.38
N PRO LA 36 41.50 97.32 58.04
CA PRO LA 36 42.19 98.51 58.59
C PRO LA 36 41.46 99.82 58.38
N ASP LA 37 40.84 99.99 57.21
CA ASP LA 37 40.16 101.22 56.82
C ASP LA 37 38.64 101.09 56.80
N GLU LA 38 38.09 99.92 57.14
CA GLU LA 38 36.64 99.74 57.11
C GLU LA 38 36.25 98.78 58.22
N VAL LA 39 35.39 99.25 59.11
CA VAL LA 39 34.89 98.45 60.22
C VAL LA 39 33.38 98.38 60.10
N VAL LA 40 32.86 97.17 60.17
CA VAL LA 40 31.43 96.92 60.18
C VAL LA 40 31.07 96.31 61.53
N VAL LA 41 29.95 96.76 62.07
CA VAL LA 41 29.52 96.46 63.42
C VAL LA 41 28.04 96.14 63.37
N ALA LA 42 27.64 95.05 64.01
CA ALA LA 42 26.28 94.57 63.97
C ALA LA 42 25.63 94.69 65.34
N ASN LA 43 24.31 94.87 65.34
CA ASN LA 43 23.52 95.06 66.53
C ASN LA 43 23.06 93.70 67.05
N ARG LA 44 23.61 93.31 68.20
CA ARG LA 44 23.29 92.04 68.82
C ARG LA 44 21.82 91.92 69.19
N GLN LA 45 21.16 93.05 69.48
CA GLN LA 45 19.85 93.02 70.11
C GLN LA 45 18.71 92.67 69.15
N GLN LA 46 18.93 92.77 67.84
CA GLN LA 46 17.84 92.51 66.91
C GLN LA 46 17.58 91.01 66.79
N PRO LA 47 16.33 90.62 66.48
CA PRO LA 47 16.05 89.22 66.14
C PRO LA 47 16.61 88.85 64.78
N PHE LA 48 16.50 87.59 64.37
CA PHE LA 48 17.24 87.16 63.19
C PHE LA 48 16.74 87.82 61.92
N GLY LA 49 15.46 88.15 61.85
CA GLY LA 49 14.97 88.83 60.67
C GLY LA 49 15.55 90.22 60.51
N VAL LA 50 15.60 90.98 61.59
CA VAL LA 50 15.98 92.39 61.53
C VAL LA 50 17.49 92.51 61.48
N LYS LA 51 17.98 93.29 60.53
CA LYS LA 51 19.40 93.56 60.38
C LYS LA 51 19.69 95.01 60.70
N ASN LA 52 20.59 95.24 61.65
CA ASN LA 52 20.94 96.57 62.15
C ASN LA 52 22.47 96.65 62.20
N THR LA 53 23.07 97.46 61.33
CA THR LA 53 24.51 97.56 61.25
C THR LA 53 24.97 99.00 61.19
N ALA LA 54 26.25 99.20 61.46
CA ALA LA 54 26.92 100.49 61.35
C ALA LA 54 28.28 100.24 60.71
N ARG LA 55 28.70 101.17 59.88
CA ARG LA 55 29.92 101.03 59.11
C ARG LA 55 30.74 102.31 59.28
N TYR LA 56 32.03 102.14 59.56
CA TYR LA 56 32.92 103.26 59.84
C TYR LA 56 34.13 103.09 58.94
N GLY LA 57 34.39 104.07 58.09
CA GLY LA 57 35.46 103.94 57.11
C GLY LA 57 36.17 105.24 56.85
N ILE LA 58 37.47 105.13 56.56
CA ILE LA 58 38.23 106.29 56.11
C ILE LA 58 38.92 105.99 54.80
N ARG LA 59 39.10 107.03 54.00
CA ARG LA 59 39.83 107.02 52.74
C ARG LA 59 40.81 108.18 52.77
N GLN LA 60 41.98 107.98 52.19
CA GLN LA 60 42.96 109.07 52.14
C GLN LA 60 42.68 109.92 50.91
N ILE LA 61 42.69 111.24 51.09
CA ILE LA 61 42.40 112.19 50.04
C ILE LA 61 43.71 112.70 49.49
N ALA LA 62 43.89 112.55 48.17
CA ALA LA 62 45.17 112.85 47.54
C ALA LA 62 45.43 114.35 47.52
N ASP LA 63 44.49 115.12 46.98
CA ASP LA 63 44.57 116.58 46.89
C ASP LA 63 43.22 117.12 47.32
N VAL LA 64 43.17 117.72 48.52
CA VAL LA 64 41.90 118.24 49.01
C VAL LA 64 41.47 119.47 48.21
N TYR LA 65 42.37 120.06 47.42
CA TYR LA 65 42.10 121.24 46.62
C TYR LA 65 41.63 120.93 45.21
N ARG LA 66 41.48 119.64 44.86
CA ARG LA 66 41.40 119.27 43.45
C ARG LA 66 40.01 119.53 42.85
N ASN LA 67 38.95 119.08 43.51
CA ASN LA 67 37.65 119.34 42.93
C ASN LA 67 37.14 120.75 43.24
N THR LA 68 37.81 121.48 44.13
CA THR LA 68 37.28 122.71 44.69
C THR LA 68 37.56 123.90 43.78
N THR LA 69 36.85 125.00 44.06
CA THR LA 69 37.20 126.30 43.48
C THR LA 69 38.31 126.97 44.26
N ILE LA 70 38.56 126.54 45.48
CA ILE LA 70 39.74 126.94 46.21
C ILE LA 70 40.95 126.27 45.57
N ASP LA 71 42.08 126.97 45.62
CA ASP LA 71 43.36 126.35 45.31
C ASP LA 71 44.40 126.81 46.32
N ARG LA 72 45.52 126.09 46.33
CA ARG LA 72 46.43 126.09 47.46
C ARG LA 72 47.34 127.32 47.40
N ALA LA 73 47.34 128.12 48.47
CA ALA LA 73 48.28 129.22 48.60
C ALA LA 73 49.67 128.68 48.94
N TYR LA 74 50.68 129.54 48.77
CA TYR LA 74 52.04 128.99 48.69
C TYR LA 74 52.53 128.46 50.02
N GLN LA 75 51.94 128.90 51.12
CA GLN LA 75 52.38 128.55 52.45
C GLN LA 75 51.41 127.60 53.13
N SER LA 76 50.79 126.73 52.34
CA SER LA 76 49.94 125.70 52.95
C SER LA 76 50.79 124.51 53.37
N PRO LA 77 50.48 123.91 54.52
CA PRO LA 77 51.28 122.76 54.99
C PRO LA 77 51.21 121.54 54.09
N SER LA 78 50.00 121.17 53.64
CA SER LA 78 49.84 119.97 52.83
C SER LA 78 48.60 120.12 51.97
N LYS LA 79 48.56 119.32 50.91
CA LYS LA 79 47.35 119.08 50.15
C LYS LA 79 46.58 117.88 50.64
N LYS LA 80 47.15 117.12 51.57
CA LYS LA 80 46.58 115.83 51.95
C LYS LA 80 45.25 116.02 52.68
N GLY LA 81 44.45 114.96 52.69
CA GLY LA 81 43.23 115.00 53.46
C GLY LA 81 42.80 113.61 53.90
N THR LA 82 41.75 113.58 54.71
CA THR LA 82 41.14 112.32 55.11
C THR LA 82 39.63 112.44 54.96
N SER LA 83 38.99 111.38 54.47
CA SER LA 83 37.56 111.34 54.25
C SER LA 83 36.98 110.25 55.14
N LEU LA 84 36.05 110.64 56.00
CA LEU LA 84 35.41 109.74 56.96
C LEU LA 84 33.98 109.49 56.54
N VAL LA 85 33.54 108.25 56.72
CA VAL LA 85 32.16 107.87 56.47
C VAL LA 85 31.64 107.11 57.69
N VAL LA 86 30.42 107.46 58.08
CA VAL LA 86 29.69 106.79 59.14
C VAL LA 86 28.33 106.44 58.57
N GLN LA 87 28.03 105.15 58.49
CA GLN LA 87 26.78 104.67 57.93
C GLN LA 87 26.01 103.85 58.95
N VAL LA 88 24.70 104.05 58.97
CA VAL LA 88 23.82 103.21 59.77
C VAL LA 88 22.82 102.57 58.82
N THR LA 89 22.51 101.30 59.08
CA THR LA 89 21.59 100.48 58.31
C THR LA 89 20.60 99.84 59.26
N GLU LA 90 19.31 100.06 59.03
CA GLU LA 90 18.28 99.53 59.90
C GLU LA 90 17.26 98.77 59.06
N THR LA 91 16.54 97.88 59.74
CA THR LA 91 15.48 97.09 59.11
C THR LA 91 14.20 97.33 59.89
N TRP LA 92 13.29 98.09 59.29
CA TRP LA 92 12.00 98.40 59.90
C TRP LA 92 10.99 97.35 59.43
N THR LA 93 9.97 97.11 60.25
CA THR LA 93 9.01 96.06 59.95
C THR LA 93 7.59 96.57 60.04
N VAL LA 94 6.80 96.26 59.01
CA VAL LA 94 5.39 96.60 58.96
C VAL LA 94 4.60 95.31 59.17
N ALA LA 95 3.66 95.34 60.11
CA ALA LA 95 2.77 94.22 60.39
C ALA LA 95 1.34 94.72 60.49
N SER LA 96 0.40 93.79 60.64
CA SER LA 96 -1.01 94.13 60.75
C SER LA 96 -1.61 93.46 61.97
N THR LA 97 -2.43 94.22 62.72
CA THR LA 97 -3.17 93.69 63.85
C THR LA 97 -4.39 92.87 63.43
N ASP LA 98 -4.79 92.96 62.16
CA ASP LA 98 -5.90 92.17 61.63
C ASP LA 98 -5.41 90.81 61.12
N ASP LA 99 -4.39 90.83 60.26
CA ASP LA 99 -3.91 89.64 59.56
C ASP LA 99 -2.53 89.27 60.08
N GLU LA 100 -2.40 88.04 60.56
CA GLU LA 100 -1.08 87.54 60.92
C GLU LA 100 -0.22 87.27 59.70
N THR LA 101 -0.84 87.09 58.53
CA THR LA 101 -0.09 86.81 57.29
C THR LA 101 0.58 88.06 56.75
N TYR LA 102 0.01 89.23 56.99
CA TYR LA 102 0.47 90.44 56.33
C TYR LA 102 1.66 91.03 57.06
N GLY LA 103 2.75 91.21 56.33
CA GLY LA 103 3.92 91.88 56.85
C GLY LA 103 4.98 92.03 55.79
N TYR LA 104 5.86 93.00 56.01
CA TYR LA 104 7.04 93.17 55.16
C TYR LA 104 8.11 93.94 55.92
N SER LA 105 9.31 93.99 55.32
CA SER LA 105 10.46 94.68 55.90
C SER LA 105 10.88 95.81 54.97
N LEU LA 106 11.13 96.97 55.55
CA LEU LA 106 11.63 98.13 54.85
C LEU LA 106 13.08 98.35 55.21
N PRO LA 107 13.95 98.53 54.24
CA PRO LA 107 15.36 98.83 54.56
C PRO LA 107 15.61 100.33 54.64
N PHE LA 108 16.17 100.79 55.75
CA PHE LA 108 16.57 102.18 55.88
C PHE LA 108 18.09 102.26 55.92
N SER LA 109 18.64 103.28 55.26
CA SER LA 109 20.07 103.51 55.45
C SER LA 109 20.36 104.99 55.38
N ALA LA 110 21.45 105.38 56.00
CA ALA LA 110 21.88 106.77 55.90
C ALA LA 110 23.34 106.85 56.30
N HIS LA 111 24.03 107.85 55.78
CA HIS LA 111 25.43 108.00 56.15
C HIS LA 111 25.84 109.45 56.10
N VAL LA 112 26.96 109.71 56.75
CA VAL LA 112 27.59 111.01 56.81
C VAL LA 112 29.01 110.85 56.30
N ILE LA 113 29.46 111.84 55.53
CA ILE LA 113 30.82 111.85 55.00
C ILE LA 113 31.42 113.21 55.34
N VAL LA 114 32.66 113.19 55.80
CA VAL LA 114 33.37 114.38 56.27
C VAL LA 114 34.74 114.41 55.62
N ASN LA 115 35.13 115.55 55.05
CA ASN LA 115 36.35 115.64 54.26
C ASN LA 115 37.29 116.67 54.90
N VAL LA 116 38.17 116.19 55.78
CA VAL LA 116 38.96 117.05 56.65
C VAL LA 116 40.35 117.22 56.05
N PRO LA 117 40.80 118.45 55.80
CA PRO LA 117 42.19 118.67 55.40
C PRO LA 117 43.17 118.35 56.51
N GLN LA 118 44.42 118.10 56.11
CA GLN LA 118 45.50 117.80 57.07
C GLN LA 118 46.17 119.12 57.47
N ASP LA 119 45.56 119.78 58.46
CA ASP LA 119 46.19 120.93 59.08
C ASP LA 119 45.98 120.82 60.58
N ALA LA 120 47.06 120.98 61.34
CA ALA LA 120 47.00 120.71 62.77
C ALA LA 120 46.06 121.67 63.50
N LEU LA 121 45.81 122.86 62.94
CA LEU LA 121 44.92 123.84 63.58
C LEU LA 121 43.45 123.44 63.51
N ILE LA 122 43.07 122.51 62.64
CA ILE LA 122 41.74 121.93 62.70
C ILE LA 122 41.66 121.05 63.94
N THR LA 123 40.71 121.36 64.83
CA THR LA 123 40.59 120.64 66.09
C THR LA 123 39.32 119.79 66.08
N GLU LA 124 39.28 118.85 67.03
CA GLU LA 124 38.14 117.96 67.11
C GLU LA 124 36.86 118.75 67.35
N GLU LA 125 36.97 119.81 68.15
CA GLU LA 125 35.78 120.64 68.39
C GLU LA 125 35.38 121.41 67.15
N ILE LA 126 36.36 121.94 66.39
CA ILE LA 126 36.02 122.62 65.14
C ILE LA 126 35.21 121.71 64.26
N LEU LA 127 35.63 120.43 64.18
CA LEU LA 127 34.94 119.48 63.31
C LEU LA 127 33.54 119.17 63.82
N TYR LA 128 33.37 118.96 65.13
CA TYR LA 128 32.03 118.72 65.64
C TYR LA 128 31.10 119.91 65.39
N ASP LA 129 31.61 121.13 65.59
CA ASP LA 129 30.76 122.29 65.33
C ASP LA 129 30.44 122.43 63.84
N ALA LA 130 31.36 122.01 62.99
CA ALA LA 130 31.04 121.92 61.56
C ALA LA 130 29.90 120.94 61.32
N LEU LA 131 29.94 119.78 61.97
CA LEU LA 131 28.84 118.81 61.83
C LEU LA 131 27.53 119.41 62.30
N LYS LA 132 27.57 120.23 63.36
CA LYS LA 132 26.36 120.86 63.87
C LYS LA 132 25.79 121.85 62.85
N ARG LA 133 26.67 122.65 62.23
CA ARG LA 133 26.24 123.53 61.15
C ARG LA 133 25.63 122.73 60.00
N LEU LA 134 26.27 121.61 59.65
CA LEU LA 134 25.79 120.73 58.60
C LEU LA 134 24.36 120.28 58.86
N MET LA 135 24.14 119.57 59.97
CA MET LA 135 22.80 119.10 60.31
C MET LA 135 21.81 120.24 60.44
N GLY LA 136 22.27 121.47 60.73
CA GLY LA 136 21.33 122.58 60.78
C GLY LA 136 20.58 122.80 59.48
N HIS LA 137 21.16 122.39 58.35
CA HIS LA 137 20.50 122.59 57.06
C HIS LA 137 19.27 121.73 56.86
N PHE LA 138 18.97 120.82 57.79
CA PHE LA 138 17.70 120.12 57.79
C PHE LA 138 16.58 120.96 58.41
N TYR LA 139 16.84 122.24 58.64
CA TYR LA 139 15.90 123.13 59.29
C TYR LA 139 15.99 124.50 58.63
N GLU LA 140 15.03 125.37 58.96
CA GLU LA 140 15.05 126.78 58.60
C GLU LA 140 14.85 127.59 59.87
N GLY LA 141 15.58 128.72 59.98
CA GLY LA 141 15.50 129.52 61.18
C GLY LA 141 14.90 130.89 60.96
N ASN LA 142 14.44 131.54 62.04
CA ASN LA 142 13.86 132.87 61.98
C ASN LA 142 14.54 133.77 63.02
N ASP LA 143 15.21 134.82 62.56
CA ASP LA 143 15.70 135.80 63.55
C ASP LA 143 14.58 136.63 64.12
N THR LA 144 13.45 136.67 63.42
CA THR LA 144 12.44 137.69 63.73
C THR LA 144 11.83 137.51 65.11
N THR LA 145 11.34 136.31 65.41
CA THR LA 145 10.64 136.08 66.66
C THR LA 145 11.55 136.31 67.85
N SER LA 146 10.95 136.68 68.96
CA SER LA 146 11.73 136.94 70.15
C SER LA 146 12.33 135.67 70.73
N PRO LA 147 11.60 134.57 70.90
CA PRO LA 147 12.33 133.31 70.95
C PRO LA 147 12.49 132.84 69.51
N THR LA 148 13.74 132.58 69.10
CA THR LA 148 13.99 132.20 67.72
C THR LA 148 13.25 130.90 67.43
N THR LA 149 12.65 130.81 66.25
CA THR LA 149 11.87 129.65 65.87
C THR LA 149 12.53 128.97 64.68
N THR LA 150 12.42 127.65 64.66
CA THR LA 150 12.95 126.81 63.58
C THR LA 150 11.85 125.88 63.09
N SER LA 151 11.71 125.80 61.77
CA SER LA 151 10.83 124.83 61.13
C SER LA 151 11.66 123.78 60.41
N VAL LA 152 10.99 122.71 59.99
CA VAL LA 152 11.68 121.53 59.48
C VAL LA 152 11.65 121.49 57.96
N ARG LA 153 12.66 120.83 57.41
CA ARG LA 153 12.82 120.73 55.97
C ARG LA 153 12.75 119.32 55.42
N LEU LA 154 13.08 118.30 56.23
CA LEU LA 154 13.33 116.97 55.70
C LEU LA 154 12.21 116.48 54.80
N LYS LA 155 10.96 116.66 55.24
CA LYS LA 155 9.83 116.26 54.40
C LYS LA 155 9.84 117.03 53.09
N ASP LA 156 9.83 118.36 53.15
CA ASP LA 156 9.75 119.16 51.94
C ASP LA 156 10.87 118.82 50.97
N MET LA 157 12.07 118.54 51.49
CA MET LA 157 13.19 118.17 50.62
C MET LA 157 12.95 116.83 49.97
N LEU LA 158 12.66 115.80 50.78
CA LEU LA 158 12.39 114.48 50.21
C LEU LA 158 11.25 114.51 49.21
N GLN LA 159 10.33 115.48 49.34
CA GLN LA 159 9.22 115.64 48.41
C GLN LA 159 9.61 116.41 47.16
N GLY LA 160 10.81 116.99 47.10
CA GLY LA 160 11.28 117.69 45.92
C GLY LA 160 11.33 119.19 46.03
N ALA LA 161 10.93 119.76 47.17
CA ALA LA 161 11.03 121.19 47.42
C ALA LA 161 12.42 121.47 48.00
N LEU LA 162 13.40 121.52 47.11
CA LEU LA 162 14.77 121.56 47.58
C LEU LA 162 15.24 122.96 47.93
N VAL LA 163 14.53 123.99 47.48
CA VAL LA 163 14.90 125.34 47.87
C VAL LA 163 14.28 125.61 49.23
N PRO LA 164 15.01 126.24 50.15
CA PRO LA 164 14.39 126.64 51.43
C PRO LA 164 13.20 127.54 51.18
N GLN LA 165 12.15 127.33 51.98
CA GLN LA 165 10.93 128.11 51.84
C GLN LA 165 11.13 129.57 52.25
N SER LA 166 12.21 129.85 53.00
CA SER LA 166 12.57 131.22 53.36
C SER LA 166 13.04 132.01 52.15
N LEU LA 167 13.60 131.35 51.15
CA LEU LA 167 14.12 132.02 49.97
C LEU LA 167 13.02 132.25 48.93
N SER MA 1 -0.93 87.40 68.34
CA SER MA 1 0.52 87.39 68.32
C SER MA 1 1.04 86.02 67.94
N LYS MA 2 2.30 85.96 67.49
CA LYS MA 2 2.91 84.74 66.99
C LYS MA 2 3.74 84.07 68.07
N ILE MA 3 3.66 82.74 68.13
CA ILE MA 3 4.37 81.97 69.15
C ILE MA 3 5.06 80.79 68.48
N LEU MA 4 6.28 80.51 68.92
CA LEU MA 4 7.02 79.33 68.51
C LEU MA 4 7.04 78.33 69.66
N SER MA 5 6.83 77.05 69.33
CA SER MA 5 6.97 75.95 70.28
C SER MA 5 7.99 74.97 69.73
N THR MA 6 8.86 74.49 70.61
CA THR MA 6 9.79 73.44 70.25
C THR MA 6 9.18 72.05 70.38
N ASN MA 7 7.94 71.96 70.88
CA ASN MA 7 7.22 70.69 71.00
C ASN MA 7 7.93 69.71 71.94
N ASN MA 8 8.87 70.19 72.75
CA ASN MA 8 9.50 69.35 73.76
C ASN MA 8 8.77 69.38 75.09
N SER MA 9 7.56 69.95 75.11
CA SER MA 9 6.83 70.11 76.37
C SER MA 9 6.52 68.76 77.01
N ASN MA 10 6.15 67.77 76.21
CA ASN MA 10 5.70 66.48 76.74
C ASN MA 10 6.78 65.41 76.72
N SER MA 11 7.97 65.71 76.21
CA SER MA 11 9.04 64.74 76.19
C SER MA 11 9.71 64.67 77.57
N ASN MA 12 10.25 63.49 77.90
CA ASN MA 12 10.73 63.20 79.25
C ASN MA 12 12.26 63.27 79.30
N PHE MA 13 12.78 64.11 80.18
CA PHE MA 13 14.21 64.25 80.35
C PHE MA 13 14.60 64.11 81.82
N VAL MA 14 15.89 63.93 82.02
CA VAL MA 14 16.55 63.95 83.31
C VAL MA 14 17.69 64.94 83.22
N ASP MA 15 17.74 65.91 84.14
CA ASP MA 15 18.81 66.88 84.11
C ASP MA 15 20.11 66.22 84.59
N THR MA 16 21.24 66.70 84.05
CA THR MA 16 22.54 66.32 84.59
C THR MA 16 23.53 67.46 84.38
N SER MA 17 24.54 67.52 85.24
CA SER MA 17 25.46 68.65 85.26
C SER MA 17 26.57 68.44 84.24
N PHE MA 18 26.91 69.52 83.54
CA PHE MA 18 27.92 69.48 82.48
C PHE MA 18 28.60 70.85 82.50
N THR MA 19 29.64 70.97 83.31
CA THR MA 19 30.24 72.27 83.59
C THR MA 19 31.28 72.60 82.53
N LEU MA 20 31.03 73.68 81.78
CA LEU MA 20 31.88 74.04 80.67
C LEU MA 20 33.10 74.82 81.14
N LYS MA 21 34.25 74.49 80.57
CA LYS MA 21 35.47 75.27 80.75
C LYS MA 21 35.55 76.25 79.58
N VAL MA 22 35.19 77.51 79.83
CA VAL MA 22 35.12 78.58 78.84
C VAL MA 22 36.47 79.26 78.71
N PRO MA 23 36.96 79.50 77.50
CA PRO MA 23 38.28 80.12 77.33
C PRO MA 23 38.30 81.59 77.72
N VAL MA 24 39.46 82.02 78.21
CA VAL MA 24 39.77 83.44 78.38
C VAL MA 24 40.63 83.81 77.18
N TYR MA 25 39.97 84.26 76.12
CA TYR MA 25 40.68 84.43 74.85
C TYR MA 25 41.79 85.45 74.97
N SER MA 26 41.51 86.54 75.69
CA SER MA 26 42.52 87.58 75.89
C SER MA 26 43.83 87.01 76.44
N LYS MA 27 43.79 86.05 77.37
CA LYS MA 27 45.06 85.53 77.88
C LYS MA 27 45.62 84.43 76.98
N ASP MA 28 44.79 83.52 76.47
CA ASP MA 28 45.36 82.31 75.89
C ASP MA 28 45.45 82.30 74.36
N TYR MA 29 44.63 83.05 73.66
CA TYR MA 29 44.51 82.82 72.22
C TYR MA 29 44.96 84.04 71.42
N ARG MA 30 45.27 83.77 70.15
CA ARG MA 30 45.50 84.77 69.11
C ARG MA 30 44.75 84.36 67.86
N VAL MA 31 44.60 85.28 66.94
CA VAL MA 31 43.86 85.00 65.71
C VAL MA 31 44.83 84.57 64.62
N THR MA 32 44.60 83.37 64.09
CA THR MA 32 45.35 82.81 62.97
C THR MA 32 44.77 83.24 61.62
N GLN MA 33 43.45 83.20 61.47
CA GLN MA 33 42.83 83.56 60.20
C GLN MA 33 41.61 84.43 60.49
N ASP MA 34 41.52 85.58 59.81
CA ASP MA 34 40.40 86.51 59.95
C ASP MA 34 39.75 86.64 58.58
N GLU MA 35 38.86 85.71 58.28
CA GLU MA 35 38.05 85.74 57.07
C GLU MA 35 36.61 86.10 57.42
N PRO MA 36 35.83 86.57 56.45
CA PRO MA 36 34.45 86.95 56.78
C PRO MA 36 33.59 85.76 57.17
N ASP MA 37 33.91 84.57 56.69
CA ASP MA 37 33.09 83.40 56.95
C ASP MA 37 33.75 82.40 57.88
N GLU MA 38 35.05 82.52 58.13
CA GLU MA 38 35.81 81.49 58.81
C GLU MA 38 36.92 82.18 59.60
N VAL MA 39 36.87 82.06 60.92
CA VAL MA 39 37.92 82.58 61.79
C VAL MA 39 38.65 81.41 62.42
N VAL MA 40 39.97 81.51 62.49
CA VAL MA 40 40.80 80.49 63.11
C VAL MA 40 41.61 81.16 64.21
N VAL MA 41 41.67 80.47 65.35
CA VAL MA 41 42.23 80.96 66.59
C VAL MA 41 43.18 79.89 67.09
N ALA MA 42 44.26 80.32 67.76
CA ALA MA 42 45.30 79.42 68.19
C ALA MA 42 45.77 79.78 69.60
N ASN MA 43 46.21 78.78 70.34
CA ASN MA 43 46.69 78.95 71.70
C ASN MA 43 48.17 79.28 71.64
N ARG MA 44 48.51 80.53 71.94
CA ARG MA 44 49.89 80.98 71.95
C ARG MA 44 50.65 80.57 73.20
N GLN MA 45 49.96 80.08 74.24
CA GLN MA 45 50.62 79.67 75.48
C GLN MA 45 51.16 78.25 75.41
N GLN MA 46 50.61 77.40 74.54
CA GLN MA 46 51.09 76.04 74.40
C GLN MA 46 52.57 76.05 73.98
N PRO MA 47 53.35 75.07 74.41
CA PRO MA 47 54.70 74.89 73.83
C PRO MA 47 54.61 74.59 72.34
N PHE MA 48 55.77 74.62 71.68
CA PHE MA 48 55.77 74.61 70.21
C PHE MA 48 55.20 73.31 69.65
N GLY MA 49 55.54 72.18 70.29
CA GLY MA 49 55.03 70.90 69.79
C GLY MA 49 53.51 70.80 69.82
N VAL MA 50 52.88 71.37 70.84
CA VAL MA 50 51.46 71.18 71.07
C VAL MA 50 50.69 72.32 70.41
N LYS MA 51 49.95 72.00 69.37
CA LYS MA 51 49.13 72.97 68.67
C LYS MA 51 47.69 72.83 69.18
N ASN MA 52 47.21 73.86 69.85
CA ASN MA 52 45.83 73.93 70.34
C ASN MA 52 45.09 75.02 69.55
N THR MA 53 44.13 74.63 68.70
CA THR MA 53 43.45 75.57 67.81
C THR MA 53 41.93 75.41 67.86
N ALA MA 54 41.24 76.41 67.31
CA ALA MA 54 39.79 76.44 67.25
C ALA MA 54 39.38 77.19 66.00
N ARG MA 55 38.21 76.83 65.46
CA ARG MA 55 37.76 77.34 64.18
C ARG MA 55 36.27 77.64 64.28
N TYR MA 56 35.88 78.82 63.81
CA TYR MA 56 34.51 79.29 63.95
C TYR MA 56 34.05 79.73 62.57
N GLY MA 57 33.04 79.06 62.02
CA GLY MA 57 32.67 79.28 60.64
C GLY MA 57 31.17 79.33 60.45
N ILE MA 58 30.75 80.06 59.42
CA ILE MA 58 29.34 80.14 59.04
C ILE MA 58 29.23 79.98 57.53
N ARG MA 59 28.40 79.04 57.12
CA ARG MA 59 27.92 78.89 55.75
C ARG MA 59 26.46 79.33 55.73
N GLN MA 60 25.97 79.80 54.59
CA GLN MA 60 24.58 80.21 54.53
C GLN MA 60 23.77 79.15 53.80
N ILE MA 61 22.66 78.74 54.40
CA ILE MA 61 21.84 77.63 53.92
C ILE MA 61 20.78 78.17 52.99
N ALA MA 62 20.74 77.62 51.76
CA ALA MA 62 19.85 78.13 50.73
C ALA MA 62 18.41 77.72 51.00
N ASP MA 63 18.17 76.42 51.20
CA ASP MA 63 16.85 75.90 51.53
C ASP MA 63 17.01 75.06 52.79
N VAL MA 64 16.51 75.58 53.91
CA VAL MA 64 16.64 74.86 55.16
C VAL MA 64 15.76 73.61 55.17
N TYR MA 65 14.82 73.51 54.23
CA TYR MA 65 13.91 72.38 54.10
C TYR MA 65 14.40 71.32 53.13
N ARG MA 66 15.65 71.43 52.65
CA ARG MA 66 16.06 70.63 51.50
C ARG MA 66 16.04 69.13 51.83
N ASN MA 67 16.60 68.76 52.97
CA ASN MA 67 16.70 67.35 53.34
C ASN MA 67 15.73 66.99 54.47
N THR MA 68 14.57 67.65 54.50
CA THR MA 68 13.55 67.43 55.51
C THR MA 68 12.29 66.86 54.88
N THR MA 69 11.42 66.32 55.75
CA THR MA 69 10.17 65.70 55.34
C THR MA 69 9.00 66.65 55.41
N ILE MA 70 9.25 67.95 55.49
CA ILE MA 70 8.19 68.92 55.70
C ILE MA 70 7.65 69.32 54.33
N ASP MA 71 6.36 69.04 54.09
CA ASP MA 71 5.76 69.41 52.82
C ASP MA 71 5.70 70.92 52.67
N ARG MA 72 5.69 71.39 51.42
CA ARG MA 72 5.77 72.82 51.15
C ARG MA 72 4.62 73.58 51.80
N ALA MA 73 3.42 73.00 51.82
CA ALA MA 73 2.26 73.65 52.42
C ALA MA 73 2.47 73.97 53.90
N TYR MA 74 3.51 73.41 54.52
CA TYR MA 74 3.77 73.62 55.94
C TYR MA 74 5.08 74.36 56.19
N GLN MA 75 5.73 74.86 55.14
CA GLN MA 75 7.00 75.56 55.27
C GLN MA 75 6.77 77.05 55.50
N SER MA 76 7.77 77.73 56.06
CA SER MA 76 7.68 79.17 56.22
C SER MA 76 7.78 79.81 54.85
N PRO MA 77 7.49 81.11 54.75
CA PRO MA 77 7.73 81.78 53.48
C PRO MA 77 9.22 81.89 53.15
N SER MA 78 10.08 81.94 54.17
CA SER MA 78 11.52 82.15 54.00
C SER MA 78 12.25 80.85 54.20
N LYS MA 79 13.02 80.44 53.20
CA LYS MA 79 13.79 79.22 53.29
C LYS MA 79 15.23 79.47 53.74
N LYS MA 80 15.59 80.73 53.98
CA LYS MA 80 16.95 81.07 54.37
C LYS MA 80 17.35 80.41 55.68
N GLY MA 81 18.64 80.09 55.80
CA GLY MA 81 19.17 79.66 57.08
C GLY MA 81 20.65 80.00 57.17
N THR MA 82 21.22 79.77 58.35
CA THR MA 82 22.66 79.82 58.52
C THR MA 82 23.13 78.55 59.20
N SER MA 83 24.39 78.20 58.97
CA SER MA 83 24.98 76.98 59.46
C SER MA 83 26.29 77.34 60.14
N LEU MA 84 26.37 77.06 61.43
CA LEU MA 84 27.51 77.40 62.26
C LEU MA 84 28.34 76.16 62.53
N VAL MA 85 29.65 76.32 62.52
CA VAL MA 85 30.56 75.27 62.93
C VAL MA 85 31.53 75.81 63.96
N VAL MA 86 31.76 75.02 64.99
CA VAL MA 86 32.70 75.32 66.06
C VAL MA 86 33.58 74.08 66.18
N GLN MA 87 34.84 74.20 65.77
CA GLN MA 87 35.78 73.09 65.82
C GLN MA 87 36.90 73.38 66.81
N VAL MA 88 37.29 72.36 67.56
CA VAL MA 88 38.45 72.46 68.44
C VAL MA 88 39.42 71.35 68.05
N THR MA 89 40.71 71.67 68.10
CA THR MA 89 41.80 70.77 67.78
C THR MA 89 42.81 70.85 68.90
N GLU MA 90 43.08 69.71 69.55
CA GLU MA 90 44.06 69.64 70.62
C GLU MA 90 45.12 68.61 70.27
N THR MA 91 46.25 68.71 70.96
CA THR MA 91 47.34 67.76 70.81
C THR MA 91 47.77 67.30 72.19
N TRP MA 92 47.56 66.03 72.49
CA TRP MA 92 47.89 65.46 73.77
C TRP MA 92 49.23 64.75 73.65
N THR MA 93 50.00 64.70 74.74
CA THR MA 93 51.29 64.02 74.69
C THR MA 93 51.33 62.87 75.69
N VAL MA 94 51.90 61.77 75.24
CA VAL MA 94 52.13 60.59 76.07
C VAL MA 94 53.62 60.49 76.31
N ALA MA 95 54.01 60.34 77.58
CA ALA MA 95 55.42 60.18 77.94
C ALA MA 95 55.50 59.19 79.09
N SER MA 96 56.72 59.00 79.60
CA SER MA 96 56.96 57.99 80.63
C SER MA 96 57.69 58.61 81.81
N THR MA 97 57.41 58.06 83.00
CA THR MA 97 58.14 58.44 84.20
C THR MA 97 59.55 57.90 84.20
N ASP MA 98 59.70 56.64 83.80
CA ASP MA 98 60.98 55.97 83.88
C ASP MA 98 61.89 56.35 82.73
N ASP MA 99 61.33 56.74 81.60
CA ASP MA 99 62.06 56.91 80.35
C ASP MA 99 61.78 58.30 79.78
N GLU MA 100 62.82 59.14 79.75
CA GLU MA 100 62.69 60.47 79.15
C GLU MA 100 62.59 60.42 77.65
N THR MA 101 63.06 59.35 77.01
CA THR MA 101 63.06 59.28 75.55
C THR MA 101 61.78 58.69 74.98
N TYR MA 102 60.85 58.23 75.81
CA TYR MA 102 59.65 57.57 75.34
C TYR MA 102 58.50 58.56 75.32
N GLY MA 103 57.91 58.75 74.15
CA GLY MA 103 56.70 59.56 74.04
C GLY MA 103 56.20 59.64 72.61
N TYR MA 104 54.99 60.17 72.50
CA TYR MA 104 54.38 60.52 71.20
C TYR MA 104 53.28 61.54 71.43
N SER MA 105 52.70 62.03 70.32
CA SER MA 105 51.64 63.02 70.35
C SER MA 105 50.39 62.46 69.68
N LEU MA 106 49.26 62.57 70.35
CA LEU MA 106 47.97 62.14 69.87
C LEU MA 106 47.15 63.33 69.44
N PRO MA 107 46.56 63.30 68.26
CA PRO MA 107 45.70 64.40 67.83
C PRO MA 107 44.23 64.18 68.21
N PHE MA 108 43.65 65.15 68.89
CA PHE MA 108 42.21 65.15 69.15
C PHE MA 108 41.56 66.25 68.34
N SER MA 109 40.41 65.96 67.76
CA SER MA 109 39.62 66.98 67.11
C SER MA 109 38.15 66.69 67.35
N ALA MA 110 37.36 67.75 67.39
CA ALA MA 110 35.92 67.57 67.50
C ALA MA 110 35.26 68.85 67.04
N HIS MA 111 34.03 68.73 66.55
CA HIS MA 111 33.32 69.94 66.16
C HIS MA 111 31.83 69.79 66.34
N VAL MA 112 31.17 70.93 66.36
CA VAL MA 112 29.72 71.04 66.44
C VAL MA 112 29.26 71.82 65.22
N ILE MA 113 28.14 71.40 64.65
CA ILE MA 113 27.50 72.11 63.55
C ILE MA 113 26.06 72.34 63.96
N VAL MA 114 25.56 73.55 63.72
CA VAL MA 114 24.21 73.95 64.09
C VAL MA 114 23.56 74.60 62.88
N ASN MA 115 22.36 74.18 62.55
CA ASN MA 115 21.70 74.61 61.32
C ASN MA 115 20.41 75.36 61.69
N VAL MA 116 20.50 76.68 61.82
CA VAL MA 116 19.43 77.50 62.38
C VAL MA 116 18.69 78.17 61.22
N PRO MA 117 17.37 77.98 61.10
CA PRO MA 117 16.60 78.81 60.16
C PRO MA 117 16.55 80.25 60.63
N GLN MA 118 16.54 81.18 59.67
CA GLN MA 118 16.42 82.60 60.01
C GLN MA 118 14.96 82.95 60.21
N ASP MA 119 14.49 82.76 61.45
CA ASP MA 119 13.16 83.15 61.85
C ASP MA 119 13.32 84.03 63.09
N ALA MA 120 12.67 85.19 63.10
CA ALA MA 120 12.88 86.12 64.19
C ALA MA 120 12.49 85.50 65.53
N LEU MA 121 11.59 84.51 65.52
CA LEU MA 121 11.10 83.86 66.74
C LEU MA 121 12.09 82.89 67.36
N ILE MA 122 13.07 82.40 66.60
CA ILE MA 122 14.15 81.60 67.19
C ILE MA 122 15.05 82.53 67.98
N THR MA 123 15.16 82.28 69.29
CA THR MA 123 15.94 83.14 70.18
C THR MA 123 17.25 82.47 70.56
N GLU MA 124 18.18 83.27 71.07
CA GLU MA 124 19.47 82.72 71.47
C GLU MA 124 19.28 81.71 72.58
N GLU MA 125 18.32 81.94 73.47
CA GLU MA 125 18.07 80.98 74.53
C GLU MA 125 17.49 79.69 73.98
N ILE MA 126 16.56 79.77 73.02
CA ILE MA 126 16.04 78.57 72.37
C ILE MA 126 17.19 77.75 71.80
N LEU MA 127 18.13 78.42 71.14
CA LEU MA 127 19.24 77.71 70.51
C LEU MA 127 20.15 77.06 71.54
N TYR MA 128 20.48 77.77 72.62
CA TYR MA 128 21.30 77.15 73.66
C TYR MA 128 20.59 75.95 74.29
N ASP MA 129 19.29 76.06 74.52
CA ASP MA 129 18.57 74.90 75.07
C ASP MA 129 18.59 73.73 74.11
N ALA MA 130 18.51 74.01 72.81
CA ALA MA 130 18.67 72.95 71.82
C ALA MA 130 20.03 72.30 71.92
N LEU MA 131 21.08 73.11 72.09
CA LEU MA 131 22.43 72.54 72.25
C LEU MA 131 22.51 71.68 73.50
N LYS MA 132 21.84 72.10 74.58
CA LYS MA 132 21.86 71.31 75.81
C LYS MA 132 21.17 69.96 75.58
N ARG MA 133 20.07 69.95 74.83
CA ARG MA 133 19.41 68.69 74.50
C ARG MA 133 20.28 67.81 73.63
N LEU MA 134 20.95 68.41 72.65
CA LEU MA 134 21.91 67.70 71.81
C LEU MA 134 22.96 66.98 72.64
N MET MA 135 23.67 67.73 73.49
CA MET MA 135 24.70 67.10 74.31
C MET MA 135 24.12 66.11 75.30
N GLY MA 136 22.84 66.24 75.65
CA GLY MA 136 22.26 65.22 76.51
C GLY MA 136 22.23 63.83 75.91
N HIS MA 137 22.35 63.73 74.58
CA HIS MA 137 22.33 62.41 73.94
C HIS MA 137 23.62 61.65 74.14
N PHE MA 138 24.67 62.28 74.69
CA PHE MA 138 25.85 61.58 75.14
C PHE MA 138 25.63 60.86 76.46
N TYR MA 139 24.42 60.88 76.97
CA TYR MA 139 24.07 60.25 78.23
C TYR MA 139 22.82 59.41 78.02
N GLU MA 140 22.48 58.62 79.03
CA GLU MA 140 21.21 57.91 79.08
C GLU MA 140 20.56 58.22 80.41
N GLY MA 141 19.23 58.44 80.36
CA GLY MA 141 18.48 58.89 81.51
C GLY MA 141 17.61 57.82 82.11
N ASN MA 142 17.52 57.84 83.45
CA ASN MA 142 16.69 56.94 84.25
C ASN MA 142 15.92 57.78 85.26
N ASP MA 143 14.60 57.90 85.06
CA ASP MA 143 13.75 58.63 86.00
C ASP MA 143 12.94 57.71 86.90
N THR MA 144 13.08 56.39 86.74
CA THR MA 144 12.33 55.48 87.58
C THR MA 144 12.88 55.48 89.01
N THR MA 145 14.19 55.57 89.17
CA THR MA 145 14.80 55.58 90.51
C THR MA 145 14.42 56.82 91.30
N SER MA 146 14.54 56.69 92.61
CA SER MA 146 14.14 57.78 93.51
C SER MA 146 14.90 59.07 93.21
N PRO MA 147 16.24 59.11 93.17
CA PRO MA 147 16.87 60.26 92.50
C PRO MA 147 17.04 59.97 91.01
N THR MA 148 16.61 60.90 90.15
CA THR MA 148 16.85 60.72 88.72
C THR MA 148 18.35 60.61 88.48
N THR MA 149 18.76 59.59 87.74
CA THR MA 149 20.17 59.30 87.50
C THR MA 149 20.44 59.18 86.01
N THR MA 150 21.70 59.40 85.65
CA THR MA 150 22.16 59.33 84.27
C THR MA 150 23.48 58.57 84.22
N SER MA 151 23.63 57.75 83.17
CA SER MA 151 24.88 57.05 82.92
C SER MA 151 25.48 57.53 81.61
N VAL MA 152 26.81 57.54 81.55
CA VAL MA 152 27.52 58.08 80.38
C VAL MA 152 27.48 57.06 79.24
N ARG MA 153 27.53 57.56 78.00
CA ARG MA 153 27.36 56.70 76.85
C ARG MA 153 28.44 56.88 75.78
N LEU MA 154 29.38 57.81 75.97
CA LEU MA 154 30.32 58.16 74.91
C LEU MA 154 31.20 56.97 74.54
N LYS MA 155 31.79 56.32 75.54
CA LYS MA 155 32.68 55.20 75.25
C LYS MA 155 31.90 54.03 74.68
N ASP MA 156 30.69 53.79 75.19
CA ASP MA 156 29.86 52.72 74.64
C ASP MA 156 29.60 52.93 73.16
N MET MA 157 29.26 54.16 72.77
CA MET MA 157 29.02 54.42 71.35
C MET MA 157 30.29 54.26 70.54
N LEU MA 158 31.41 54.81 71.03
CA LEU MA 158 32.68 54.64 70.33
C LEU MA 158 32.97 53.16 70.09
N GLN MA 159 32.62 52.30 71.05
CA GLN MA 159 32.90 50.88 70.96
C GLN MA 159 31.80 50.08 70.28
N GLY MA 160 30.88 50.73 69.57
CA GLY MA 160 29.92 50.04 68.74
C GLY MA 160 28.59 49.74 69.39
N ALA MA 161 28.38 50.16 70.64
CA ALA MA 161 27.09 49.99 71.30
C ALA MA 161 26.30 51.28 71.10
N LEU MA 162 25.68 51.38 69.93
CA LEU MA 162 25.06 52.63 69.54
C LEU MA 162 23.61 52.75 70.00
N VAL MA 163 22.93 51.63 70.19
CA VAL MA 163 21.55 51.67 70.68
C VAL MA 163 21.58 51.83 72.20
N PRO MA 164 20.77 52.73 72.75
CA PRO MA 164 20.72 52.90 74.21
C PRO MA 164 20.33 51.62 74.94
N GLN MA 165 20.79 51.51 76.20
CA GLN MA 165 20.36 50.41 77.06
C GLN MA 165 18.85 50.34 77.18
N SER MA 166 18.18 51.49 77.30
CA SER MA 166 16.75 51.52 77.52
C SER MA 166 15.98 50.89 76.36
N LEU MA 167 16.56 50.90 75.16
CA LEU MA 167 15.88 50.43 73.95
C LEU MA 167 16.35 49.03 73.52
N SER NA 1 -5.74 97.67 61.11
CA SER NA 1 -4.81 98.78 61.27
C SER NA 1 -3.38 98.30 61.16
N LYS NA 2 -2.59 99.01 60.37
CA LYS NA 2 -1.20 98.67 60.12
C LYS NA 2 -0.30 99.48 61.05
N ILE NA 3 0.75 98.85 61.58
CA ILE NA 3 1.66 99.50 62.50
C ILE NA 3 3.09 99.27 62.05
N LEU NA 4 3.88 100.33 62.04
CA LEU NA 4 5.31 100.26 61.75
C LEU NA 4 6.10 100.38 63.04
N SER NA 5 7.14 99.56 63.16
CA SER NA 5 8.09 99.63 64.26
C SER NA 5 9.49 99.77 63.70
N THR NA 6 10.29 100.60 64.36
CA THR NA 6 11.70 100.75 64.02
C THR NA 6 12.59 99.73 64.73
N ASN NA 7 12.03 98.98 65.69
CA ASN NA 7 12.75 97.91 66.37
C ASN NA 7 13.98 98.42 67.12
N ASN NA 8 13.98 99.69 67.51
CA ASN NA 8 15.05 100.24 68.31
C ASN NA 8 14.73 100.23 69.79
N SER NA 9 13.56 99.72 70.18
CA SER NA 9 13.16 99.71 71.57
C SER NA 9 14.10 98.90 72.46
N ASN NA 10 14.78 97.90 71.89
CA ASN NA 10 15.67 97.05 72.67
C ASN NA 10 17.11 97.52 72.63
N SER NA 11 17.40 98.60 71.91
CA SER NA 11 18.74 99.15 71.89
C SER NA 11 19.00 100.05 73.10
N ASN NA 12 20.27 100.19 73.42
CA ASN NA 12 20.76 100.93 74.58
C ASN NA 12 21.48 102.18 74.10
N PHE NA 13 20.92 103.36 74.38
CA PHE NA 13 21.50 104.63 73.96
C PHE NA 13 21.67 105.59 75.14
N VAL NA 14 22.50 106.60 74.96
CA VAL NA 14 22.67 107.67 75.93
C VAL NA 14 22.32 108.97 75.21
N ASP NA 15 21.41 109.72 75.80
CA ASP NA 15 21.12 111.02 75.23
C ASP NA 15 22.33 111.92 75.44
N THR NA 16 22.59 112.77 74.45
CA THR NA 16 23.62 113.80 74.61
C THR NA 16 23.22 115.01 73.76
N SER NA 17 23.67 116.18 74.20
CA SER NA 17 23.24 117.43 73.59
C SER NA 17 24.05 117.72 72.34
N PHE NA 18 23.36 118.15 71.29
CA PHE NA 18 23.98 118.42 70.01
C PHE NA 18 23.20 119.59 69.42
N THR NA 19 23.64 120.80 69.74
CA THR NA 19 22.85 121.99 69.48
C THR NA 19 23.17 122.51 68.07
N LEU NA 20 22.17 122.51 67.21
CA LEU NA 20 22.34 122.84 65.80
C LEU NA 20 22.29 124.35 65.61
N LYS NA 21 23.20 124.85 64.78
CA LYS NA 21 23.14 126.22 64.29
C LYS NA 21 22.45 126.17 62.92
N VAL NA 22 21.16 126.53 62.92
CA VAL NA 22 20.27 126.52 61.77
C VAL NA 22 20.38 127.82 60.98
N PRO NA 23 20.47 127.77 59.66
CA PRO NA 23 20.63 128.99 58.88
C PRO NA 23 19.38 129.87 58.85
N VAL NA 24 19.61 131.14 58.54
CA VAL NA 24 18.53 132.06 58.23
C VAL NA 24 18.64 132.38 56.75
N TYR NA 25 17.95 131.57 55.95
CA TYR NA 25 18.22 131.57 54.52
C TYR NA 25 17.91 132.92 53.90
N SER NA 26 16.83 133.54 54.35
CA SER NA 26 16.45 134.85 53.83
C SER NA 26 17.57 135.87 54.01
N LYS NA 27 18.21 135.88 55.19
CA LYS NA 27 19.28 136.86 55.41
C LYS NA 27 20.54 136.51 54.63
N ASP NA 28 20.94 135.24 54.63
CA ASP NA 28 22.30 134.89 54.22
C ASP NA 28 22.45 134.29 52.82
N TYR NA 29 21.49 133.51 52.37
CA TYR NA 29 21.66 132.63 51.23
C TYR NA 29 20.84 133.10 50.03
N ARG NA 30 21.40 132.92 48.85
CA ARG NA 30 20.73 133.12 47.57
C ARG NA 30 20.80 131.80 46.81
N VAL NA 31 20.07 131.69 45.71
CA VAL NA 31 19.97 130.42 45.00
C VAL NA 31 20.87 130.45 43.78
N THR NA 32 21.83 129.51 43.72
CA THR NA 32 22.73 129.34 42.59
C THR NA 32 22.17 128.41 41.51
N GLN NA 33 21.45 127.36 41.92
CA GLN NA 33 20.96 126.33 41.00
C GLN NA 33 19.56 125.91 41.44
N ASP NA 34 18.59 125.91 40.51
CA ASP NA 34 17.24 125.44 40.81
C ASP NA 34 16.82 124.31 39.86
N GLU NA 35 17.68 123.29 39.70
CA GLU NA 35 17.20 122.22 38.85
C GLU NA 35 16.18 121.34 39.58
N PRO NA 36 15.31 120.65 38.83
CA PRO NA 36 14.17 119.96 39.47
C PRO NA 36 14.56 118.98 40.55
N ASP NA 37 15.69 118.31 40.42
CA ASP NA 37 16.15 117.37 41.42
C ASP NA 37 17.33 117.87 42.24
N GLU NA 38 17.85 119.06 41.98
CA GLU NA 38 19.09 119.47 42.65
C GLU NA 38 19.08 120.99 42.78
N VAL NA 39 19.15 121.47 44.02
CA VAL NA 39 19.20 122.90 44.30
C VAL NA 39 20.52 123.22 44.96
N VAL NA 40 21.09 124.35 44.60
CA VAL NA 40 22.32 124.85 45.18
C VAL NA 40 22.10 126.27 45.65
N VAL NA 41 22.64 126.57 46.83
CA VAL NA 41 22.38 127.76 47.60
C VAL NA 41 23.71 128.31 48.05
N ALA NA 42 23.95 129.60 47.81
CA ALA NA 42 25.22 130.23 48.12
C ALA NA 42 25.08 131.24 49.23
N ASN NA 43 26.16 131.39 50.01
CA ASN NA 43 26.18 132.30 51.14
C ASN NA 43 26.65 133.66 50.65
N ARG NA 44 25.72 134.60 50.57
CA ARG NA 44 26.03 135.94 50.08
C ARG NA 44 26.93 136.72 51.02
N GLN NA 45 27.04 136.30 52.29
CA GLN NA 45 27.82 137.02 53.29
C GLN NA 45 29.34 136.87 53.11
N GLN NA 46 29.78 136.00 52.21
CA GLN NA 46 31.21 135.75 52.20
C GLN NA 46 31.92 136.66 51.21
N PRO NA 47 33.21 136.95 51.47
CA PRO NA 47 34.03 137.61 50.45
C PRO NA 47 34.31 136.71 49.27
N PHE NA 48 34.97 137.21 48.22
CA PHE NA 48 35.07 136.42 46.99
C PHE NA 48 35.91 135.17 47.18
N GLY NA 49 37.02 135.27 47.92
CA GLY NA 49 37.83 134.09 48.15
C GLY NA 49 37.04 132.96 48.78
N VAL NA 50 36.25 133.29 49.80
CA VAL NA 50 35.60 132.28 50.64
C VAL NA 50 34.33 131.81 49.96
N LYS NA 51 34.25 130.50 49.68
CA LYS NA 51 33.05 129.91 49.11
C LYS NA 51 32.31 129.13 50.19
N ASN NA 52 31.03 129.46 50.38
CA ASN NA 52 30.17 128.82 51.37
C ASN NA 52 28.86 128.47 50.67
N THR NA 53 28.65 127.18 50.41
CA THR NA 53 27.48 126.75 49.66
C THR NA 53 26.84 125.52 50.28
N ALA NA 54 25.58 125.28 49.91
CA ALA NA 54 24.83 124.11 50.32
C ALA NA 54 24.11 123.55 49.11
N ARG NA 55 23.95 122.23 49.11
CA ARG NA 55 23.39 121.51 47.97
C ARG NA 55 22.37 120.52 48.50
N TYR NA 56 21.17 120.55 47.91
CA TYR NA 56 20.05 119.76 48.37
C TYR NA 56 19.53 119.00 47.17
N GLY NA 57 19.60 117.67 47.22
CA GLY NA 57 19.24 116.88 46.05
C GLY NA 57 18.48 115.62 46.41
N ILE NA 58 17.65 115.17 45.47
CA ILE NA 58 16.95 113.90 45.61
C ILE NA 58 17.15 113.08 44.36
N ARG NA 59 17.31 111.77 44.55
CA ARG NA 59 17.36 110.76 43.51
C ARG NA 59 16.32 109.70 43.82
N GLN NA 60 15.76 109.08 42.78
CA GLN NA 60 14.79 108.02 43.00
C GLN NA 60 15.51 106.67 43.00
N ILE NA 61 15.15 105.82 43.97
CA ILE NA 61 15.74 104.50 44.14
C ILE NA 61 14.84 103.50 43.47
N ALA NA 62 15.37 102.83 42.45
CA ALA NA 62 14.58 101.87 41.69
C ALA NA 62 14.07 100.74 42.57
N ASP NA 63 15.01 99.99 43.15
CA ASP NA 63 14.68 98.86 44.02
C ASP NA 63 15.31 99.14 45.37
N VAL NA 64 14.49 99.42 46.39
CA VAL NA 64 15.01 99.73 47.71
C VAL NA 64 15.62 98.49 48.36
N TYR NA 65 15.28 97.31 47.88
CA TYR NA 65 15.82 96.06 48.38
C TYR NA 65 17.05 95.58 47.60
N ARG NA 66 17.53 96.38 46.64
CA ARG NA 66 18.48 95.89 45.65
C ARG NA 66 19.74 95.34 46.30
N ASN NA 67 20.25 96.02 47.32
CA ASN NA 67 21.48 95.60 47.98
C ASN NA 67 21.25 95.03 49.37
N THR NA 68 20.01 94.91 49.81
CA THR NA 68 19.71 94.31 51.09
C THR NA 68 19.41 92.82 50.93
N THR NA 69 19.36 92.12 52.06
CA THR NA 69 19.17 90.67 52.06
C THR NA 69 17.83 90.27 52.66
N ILE NA 70 16.85 91.17 52.64
CA ILE NA 70 15.51 90.86 53.10
C ILE NA 70 14.88 89.85 52.16
N ASP NA 71 14.31 88.78 52.72
CA ASP NA 71 13.73 87.76 51.86
C ASP NA 71 12.59 88.33 51.04
N ARG NA 72 12.45 87.80 49.82
CA ARG NA 72 11.41 88.25 48.90
C ARG NA 72 10.04 88.20 49.58
N ALA NA 73 9.79 87.14 50.35
CA ALA NA 73 8.51 86.94 51.00
C ALA NA 73 8.16 88.07 51.97
N TYR NA 74 9.15 88.87 52.37
CA TYR NA 74 8.90 89.95 53.32
C TYR NA 74 9.17 91.32 52.70
N GLN NA 75 9.22 91.41 51.38
CA GLN NA 75 9.41 92.71 50.74
C GLN NA 75 8.06 93.39 50.50
N SER NA 76 8.04 94.70 50.66
CA SER NA 76 6.86 95.48 50.35
C SER NA 76 6.50 95.32 48.87
N PRO NA 77 5.22 95.46 48.51
CA PRO NA 77 4.89 95.54 47.09
C PRO NA 77 5.54 96.73 46.41
N SER NA 78 5.52 97.89 47.07
CA SER NA 78 6.13 99.11 46.55
C SER NA 78 7.62 99.10 46.90
N LYS NA 79 8.46 98.95 45.89
CA LYS NA 79 9.89 98.82 46.09
C LYS NA 79 10.65 100.09 45.77
N LYS NA 80 9.94 101.19 45.55
CA LYS NA 80 10.59 102.45 45.22
C LYS NA 80 11.04 103.14 46.48
N GLY NA 81 12.13 103.91 46.36
CA GLY NA 81 12.62 104.71 47.47
C GLY NA 81 13.00 106.10 47.01
N THR NA 82 13.31 106.95 47.99
CA THR NA 82 13.87 108.26 47.74
C THR NA 82 15.21 108.38 48.47
N SER NA 83 16.19 108.96 47.78
CA SER NA 83 17.51 109.20 48.34
C SER NA 83 17.71 110.71 48.40
N LEU NA 84 17.89 111.24 49.61
CA LEU NA 84 18.11 112.65 49.84
C LEU NA 84 19.59 112.90 50.16
N VAL NA 85 20.10 114.02 49.68
CA VAL NA 85 21.45 114.45 49.98
C VAL NA 85 21.43 115.90 50.40
N VAL NA 86 22.19 116.19 51.46
CA VAL NA 86 22.38 117.53 51.99
C VAL NA 86 23.87 117.71 52.14
N GLN NA 87 24.47 118.56 51.31
CA GLN NA 87 25.89 118.85 51.36
C GLN NA 87 26.14 120.30 51.77
N VAL NA 88 27.12 120.51 52.64
CA VAL NA 88 27.57 121.84 52.97
C VAL NA 88 29.06 121.92 52.61
N THR NA 89 29.44 123.04 52.02
CA THR NA 89 30.79 123.33 51.56
C THR NA 89 31.22 124.65 52.18
N GLU NA 90 32.33 124.64 52.90
CA GLU NA 90 32.84 125.82 53.57
C GLU NA 90 34.28 126.05 53.17
N THR NA 91 34.72 127.31 53.29
CA THR NA 91 36.10 127.68 53.04
C THR NA 91 36.65 128.32 54.30
N TRP NA 92 37.62 127.68 54.91
CA TRP NA 92 38.26 128.17 56.12
C TRP NA 92 39.55 128.88 55.74
N THR NA 93 39.98 129.81 56.60
CA THR NA 93 41.21 130.54 56.34
C THR NA 93 42.13 130.49 57.54
N VAL NA 94 43.43 130.43 57.26
CA VAL NA 94 44.46 130.42 58.28
C VAL NA 94 45.30 131.66 58.09
N ALA NA 95 45.50 132.42 59.17
CA ALA NA 95 46.30 133.63 59.13
C ALA NA 95 47.11 133.72 60.41
N SER NA 96 47.87 134.81 60.53
CA SER NA 96 48.70 135.05 61.70
C SER NA 96 48.39 136.41 62.31
N THR NA 97 48.31 136.43 63.65
CA THR NA 97 48.20 137.68 64.38
C THR NA 97 49.39 138.58 64.08
N ASP NA 98 50.59 138.00 64.07
CA ASP NA 98 51.82 138.77 63.98
C ASP NA 98 52.09 139.22 62.55
N ASP NA 99 51.78 138.37 61.56
CA ASP NA 99 52.14 138.61 60.16
C ASP NA 99 50.85 138.70 59.35
N GLU NA 100 50.55 139.90 58.86
CA GLU NA 100 49.32 140.12 58.11
C GLU NA 100 49.40 139.56 56.70
N THR NA 101 50.55 139.04 56.28
CA THR NA 101 50.73 138.49 54.95
C THR NA 101 50.62 136.98 54.93
N TYR NA 102 50.68 136.33 56.08
CA TYR NA 102 50.61 134.89 56.16
C TYR NA 102 49.15 134.48 56.12
N GLY NA 103 48.82 133.60 55.17
CA GLY NA 103 47.47 133.09 55.05
C GLY NA 103 47.36 132.03 53.97
N TYR NA 104 46.38 131.16 54.16
CA TYR NA 104 45.95 130.24 53.11
C TYR NA 104 44.52 129.81 53.37
N SER NA 105 43.91 129.19 52.35
CA SER NA 105 42.52 128.73 52.42
C SER NA 105 42.46 127.21 52.39
N LEU NA 106 41.62 126.65 53.27
CA LEU NA 106 41.36 125.22 53.37
C LEU NA 106 39.93 124.93 52.96
N PRO NA 107 39.70 123.92 52.14
CA PRO NA 107 38.33 123.56 51.78
C PRO NA 107 37.75 122.48 52.68
N PHE NA 108 36.56 122.71 53.22
CA PHE NA 108 35.85 121.71 54.00
C PHE NA 108 34.56 121.36 53.30
N SER NA 109 34.19 120.09 53.32
CA SER NA 109 32.88 119.70 52.82
C SER NA 109 32.42 118.52 53.63
N ALA NA 110 31.11 118.39 53.71
CA ALA NA 110 30.53 117.22 54.36
C ALA NA 110 29.09 117.12 53.91
N HIS NA 111 28.61 115.89 53.81
CA HIS NA 111 27.22 115.72 53.40
C HIS NA 111 26.58 114.57 54.16
N VAL NA 112 25.27 114.55 54.08
CA VAL NA 112 24.42 113.54 54.67
C VAL NA 112 23.55 112.97 53.56
N ILE NA 113 23.39 111.66 53.56
CA ILE NA 113 22.53 110.97 52.62
C ILE NA 113 21.55 110.14 53.42
N VAL NA 114 20.28 110.17 53.00
CA VAL NA 114 19.20 109.49 53.68
C VAL NA 114 18.39 108.72 52.65
N ASN NA 115 18.27 107.41 52.84
CA ASN NA 115 17.62 106.53 51.88
C ASN NA 115 16.36 105.97 52.52
N VAL NA 116 15.22 106.53 52.13
CA VAL NA 116 13.92 106.32 52.77
C VAL NA 116 13.03 105.55 51.79
N PRO NA 117 12.52 104.38 52.16
CA PRO NA 117 11.52 103.72 51.31
C PRO NA 117 10.24 104.54 51.24
N GLN NA 118 9.55 104.45 50.09
CA GLN NA 118 8.29 105.15 49.89
C GLN NA 118 7.17 104.31 50.50
N ASP NA 119 6.87 104.59 51.77
CA ASP NA 119 5.82 103.89 52.50
C ASP NA 119 5.04 104.89 53.34
N ALA NA 120 3.72 104.77 53.33
CA ALA NA 120 2.88 105.74 54.01
C ALA NA 120 3.18 105.83 55.51
N LEU NA 121 3.64 104.72 56.11
CA LEU NA 121 3.79 104.69 57.56
C LEU NA 121 5.04 105.41 58.06
N ILE NA 122 6.03 105.63 57.19
CA ILE NA 122 7.21 106.38 57.60
C ILE NA 122 6.86 107.85 57.71
N THR NA 123 7.14 108.45 58.87
CA THR NA 123 6.76 109.83 59.13
C THR NA 123 7.99 110.70 59.33
N GLU NA 124 7.74 112.03 59.27
CA GLU NA 124 8.85 112.97 59.35
C GLU NA 124 9.55 112.85 60.69
N GLU NA 125 8.79 112.64 61.76
CA GLU NA 125 9.40 112.46 63.06
C GLU NA 125 10.25 111.19 63.11
N ILE NA 126 9.73 110.10 62.54
CA ILE NA 126 10.52 108.86 62.49
C ILE NA 126 11.86 109.12 61.83
N LEU NA 127 11.84 109.89 60.74
CA LEU NA 127 13.09 110.13 60.03
C LEU NA 127 14.03 111.05 60.80
N TYR NA 128 13.52 112.09 61.45
CA TYR NA 128 14.40 112.91 62.27
C TYR NA 128 15.04 112.10 63.40
N ASP NA 129 14.24 111.23 64.05
CA ASP NA 129 14.82 110.41 65.11
C ASP NA 129 15.83 109.42 64.54
N ALA NA 130 15.61 108.96 63.31
CA ALA NA 130 16.64 108.18 62.64
C ALA NA 130 17.93 108.99 62.49
N LEU NA 131 17.80 110.25 62.04
CA LEU NA 131 18.98 111.10 61.90
C LEU NA 131 19.69 111.27 63.24
N LYS NA 132 18.92 111.36 64.33
CA LYS NA 132 19.51 111.52 65.64
C LYS NA 132 20.29 110.27 66.06
N ARG NA 133 19.72 109.09 65.78
CA ARG NA 133 20.45 107.85 66.01
C ARG NA 133 21.73 107.80 65.18
N LEU NA 134 21.64 108.22 63.91
CA LEU NA 134 22.78 108.24 63.01
C LEU NA 134 23.90 109.11 63.55
N MET NA 135 23.63 110.39 63.77
CA MET NA 135 24.65 111.28 64.31
C MET NA 135 25.13 110.84 65.67
N GLY NA 136 24.34 110.07 66.41
CA GLY NA 136 24.83 109.59 67.69
C GLY NA 136 26.02 108.65 67.59
N HIS NA 137 26.26 108.07 66.43
CA HIS NA 137 27.41 107.17 66.23
C HIS NA 137 28.72 107.92 66.17
N PHE NA 138 28.71 109.24 66.21
CA PHE NA 138 29.95 110.01 66.37
C PHE NA 138 30.40 110.07 67.82
N TYR NA 139 29.70 109.39 68.72
CA TYR NA 139 30.02 109.39 70.13
C TYR NA 139 29.99 107.95 70.62
N GLU NA 140 30.47 107.74 71.85
CA GLU NA 140 30.36 106.45 72.53
C GLU NA 140 29.65 106.65 73.85
N GLY NA 141 28.68 105.77 74.11
CA GLY NA 141 27.86 105.86 75.30
C GLY NA 141 28.39 104.98 76.42
N ASN NA 142 28.23 105.47 77.65
CA ASN NA 142 28.72 104.84 78.86
C ASN NA 142 27.61 104.83 79.91
N ASP NA 143 26.94 103.68 80.03
CA ASP NA 143 25.96 103.39 81.07
C ASP NA 143 26.59 102.87 82.36
N THR NA 144 27.88 102.51 82.33
CA THR NA 144 28.57 102.06 83.55
C THR NA 144 28.56 103.16 84.61
N THR NA 145 28.81 104.40 84.22
CA THR NA 145 28.78 105.51 85.16
C THR NA 145 27.40 105.62 85.79
N SER NA 146 27.39 106.14 87.01
CA SER NA 146 26.13 106.41 87.68
C SER NA 146 25.29 107.46 86.94
N PRO NA 147 25.81 108.69 86.60
CA PRO NA 147 25.11 109.49 85.59
C PRO NA 147 25.61 109.10 84.20
N THR NA 148 24.75 108.77 83.23
CA THR NA 148 25.24 108.16 81.99
C THR NA 148 25.98 109.22 81.20
N THR NA 149 27.14 108.86 80.64
CA THR NA 149 28.02 109.84 80.00
C THR NA 149 28.44 109.38 78.61
N THR NA 150 28.97 110.32 77.83
CA THR NA 150 29.36 110.07 76.45
C THR NA 150 30.72 110.70 76.18
N SER NA 151 31.44 110.08 75.24
CA SER NA 151 32.75 110.56 74.84
C SER NA 151 32.85 110.63 73.31
N VAL NA 152 33.75 111.47 72.82
CA VAL NA 152 33.79 111.82 71.41
C VAL NA 152 34.74 110.86 70.69
N ARG NA 153 34.39 110.50 69.46
CA ARG NA 153 35.22 109.57 68.68
C ARG NA 153 35.47 110.04 67.25
N LEU NA 154 35.18 111.30 66.92
CA LEU NA 154 35.39 111.78 65.56
C LEU NA 154 36.86 111.79 65.19
N LYS NA 155 37.70 112.32 66.10
CA LYS NA 155 39.14 112.33 65.83
C LYS NA 155 39.68 110.91 65.75
N ASP NA 156 39.32 110.07 66.73
CA ASP NA 156 39.78 108.69 66.70
C ASP NA 156 39.46 108.02 65.36
N MET NA 157 38.22 108.18 64.87
CA MET NA 157 37.87 107.58 63.60
C MET NA 157 38.71 108.16 62.46
N LEU NA 158 38.80 109.49 62.40
CA LEU NA 158 39.63 110.10 61.36
C LEU NA 158 41.05 109.58 61.36
N GLN NA 159 41.58 109.22 62.53
CA GLN NA 159 42.95 108.74 62.62
C GLN NA 159 43.10 107.25 62.30
N GLY NA 160 42.01 106.54 62.01
CA GLY NA 160 42.07 105.16 61.58
C GLY NA 160 41.56 104.16 62.58
N ALA NA 161 41.18 104.63 63.76
CA ALA NA 161 40.64 103.79 64.84
C ALA NA 161 39.12 103.75 64.69
N LEU NA 162 38.66 102.83 63.84
CA LEU NA 162 37.26 102.84 63.48
C LEU NA 162 36.41 101.97 64.39
N VAL NA 163 37.02 101.05 65.12
CA VAL NA 163 36.28 100.27 66.10
C VAL NA 163 36.07 101.14 67.33
N PRO NA 164 34.88 101.14 67.92
CA PRO NA 164 34.67 101.89 69.16
C PRO NA 164 35.58 101.40 70.27
N GLN NA 165 35.80 102.28 71.25
CA GLN NA 165 36.63 101.92 72.40
C GLN NA 165 35.91 100.94 73.31
N SER NA 166 34.57 100.95 73.27
CA SER NA 166 33.75 100.05 74.08
C SER NA 166 33.88 98.58 73.67
N LEU NA 167 34.46 98.30 72.50
CA LEU NA 167 34.63 96.93 72.03
C LEU NA 167 36.12 96.54 71.97
N SER OA 1 45.90 146.75 56.82
CA SER OA 1 47.18 146.17 56.45
C SER OA 1 47.15 145.79 54.98
N LYS OA 2 46.41 144.75 54.60
CA LYS OA 2 46.30 144.41 53.18
C LYS OA 2 45.40 145.40 52.47
N ILE OA 3 45.91 145.96 51.38
CA ILE OA 3 45.20 146.98 50.63
C ILE OA 3 45.30 146.63 49.15
N LEU OA 4 44.15 146.68 48.47
CA LEU OA 4 44.09 146.61 47.02
C LEU OA 4 43.92 148.02 46.47
N SER OA 5 44.77 148.39 45.53
CA SER OA 5 44.63 149.65 44.80
C SER OA 5 44.31 149.33 43.34
N THR OA 6 43.39 150.10 42.78
CA THR OA 6 43.10 150.03 41.36
C THR OA 6 44.07 150.86 40.54
N ASN OA 7 45.03 151.53 41.18
CA ASN OA 7 46.06 152.31 40.49
C ASN OA 7 45.46 153.37 39.56
N ASN OA 8 44.26 153.85 39.87
CA ASN OA 8 43.68 154.95 39.13
C ASN OA 8 43.92 156.29 39.81
N SER OA 9 44.69 156.29 40.90
CA SER OA 9 44.91 157.50 41.68
C SER OA 9 45.61 158.59 40.87
N ASN OA 10 46.39 158.22 39.85
CA ASN OA 10 47.08 159.21 39.03
C ASN OA 10 46.44 159.41 37.67
N SER OA 11 45.29 158.79 37.40
CA SER OA 11 44.54 159.09 36.19
C SER OA 11 43.70 160.35 36.41
N ASN OA 12 43.45 161.08 35.34
CA ASN OA 12 42.68 162.32 35.39
C ASN OA 12 41.30 162.08 34.80
N PHE OA 13 40.26 162.28 35.62
CA PHE OA 13 38.89 162.06 35.18
C PHE OA 13 38.04 163.31 35.38
N VAL OA 14 36.86 163.23 34.81
CA VAL OA 14 35.81 164.24 34.91
C VAL OA 14 34.49 163.50 35.14
N ASP OA 15 33.71 163.95 36.11
CA ASP OA 15 32.46 163.27 36.39
C ASP OA 15 31.38 163.71 35.41
N THR OA 16 30.47 162.78 35.10
CA THR OA 16 29.27 163.13 34.36
C THR OA 16 28.13 162.23 34.80
N SER OA 17 26.90 162.73 34.66
CA SER OA 17 25.72 162.02 35.14
C SER OA 17 25.24 161.03 34.11
N PHE OA 18 24.86 159.84 34.58
CA PHE OA 18 24.43 158.76 33.69
C PHE OA 18 23.35 158.01 34.48
N THR OA 19 22.11 158.46 34.31
CA THR OA 19 21.04 158.01 35.18
C THR OA 19 20.45 156.71 34.63
N LEU OA 20 20.56 155.65 35.40
CA LEU OA 20 20.17 154.32 34.95
C LEU OA 20 18.68 154.11 35.17
N LYS OA 21 18.05 153.41 34.22
CA LYS OA 21 16.68 152.95 34.35
C LYS OA 21 16.74 151.47 34.74
N VAL OA 22 16.65 151.22 36.04
CA VAL OA 22 16.69 149.90 36.67
C VAL OA 22 15.33 149.22 36.58
N PRO OA 23 15.25 147.95 36.20
CA PRO OA 23 13.94 147.32 36.03
C PRO OA 23 13.25 146.93 37.33
N VAL OA 24 11.92 147.03 37.31
CA VAL OA 24 11.08 146.48 38.37
C VAL OA 24 10.73 145.06 37.90
N TYR OA 25 11.62 144.13 38.25
CA TYR OA 25 11.52 142.80 37.68
C TYR OA 25 10.21 142.14 38.06
N SER OA 26 9.76 142.36 39.30
CA SER OA 26 8.49 141.82 39.75
C SER OA 26 7.34 142.21 38.82
N LYS OA 27 7.25 143.47 38.34
CA LYS OA 27 6.17 143.77 37.41
C LYS OA 27 6.43 143.23 36.01
N ASP OA 28 7.64 143.46 35.48
CA ASP OA 28 7.79 143.35 34.04
C ASP OA 28 8.32 142.01 33.55
N TYR OA 29 9.13 141.31 34.33
CA TYR OA 29 9.94 140.24 33.76
C TYR OA 29 9.57 138.88 34.34
N ARG OA 30 9.67 137.86 33.51
CA ARG OA 30 9.39 136.48 33.88
C ARG OA 30 10.52 135.60 33.33
N VAL OA 31 10.67 134.40 33.89
CA VAL OA 31 11.85 133.58 33.55
C VAL OA 31 11.53 132.64 32.40
N THR OA 32 12.27 132.79 31.31
CA THR OA 32 12.28 131.89 30.15
C THR OA 32 13.27 130.74 30.32
N GLN OA 33 14.45 131.01 30.88
CA GLN OA 33 15.47 129.98 31.06
C GLN OA 33 16.11 130.11 32.43
N ASP OA 34 16.12 129.02 33.19
CA ASP OA 34 16.73 128.98 34.53
C ASP OA 34 17.80 127.89 34.59
N GLU OA 35 18.74 127.89 33.65
CA GLU OA 35 19.77 126.87 33.84
C GLU OA 35 20.91 127.45 34.67
N PRO OA 36 21.72 126.60 35.31
CA PRO OA 36 22.53 127.05 36.46
C PRO OA 36 23.42 128.25 36.19
N ASP OA 37 24.01 128.30 34.99
CA ASP OA 37 24.95 129.34 34.60
C ASP OA 37 24.38 130.31 33.56
N GLU OA 38 23.13 130.15 33.16
CA GLU OA 38 22.55 131.04 32.16
C GLU OA 38 21.06 131.21 32.46
N VAL OA 39 20.65 132.44 32.68
CA VAL OA 39 19.27 132.78 32.93
C VAL OA 39 18.79 133.73 31.86
N VAL OA 40 17.65 133.41 31.26
CA VAL OA 40 17.00 134.27 30.29
C VAL OA 40 15.67 134.71 30.87
N VAL OA 41 15.36 135.98 30.66
CA VAL OA 41 14.23 136.65 31.28
C VAL OA 41 13.55 137.48 30.21
N ALA OA 42 12.23 137.36 30.13
CA ALA OA 42 11.45 138.03 29.09
C ALA OA 42 10.56 139.11 29.70
N ASN OA 43 10.29 140.13 28.89
CA ASN OA 43 9.51 141.29 29.30
C ASN OA 43 8.04 141.01 29.03
N ARG OA 44 7.27 140.86 30.10
CA ARG OA 44 5.84 140.58 30.00
C ARG OA 44 5.08 141.70 29.29
N GLN OA 45 5.57 142.93 29.37
CA GLN OA 45 4.77 144.10 28.99
C GLN OA 45 4.70 144.30 27.47
N GLN OA 46 5.57 143.67 26.69
CA GLN OA 46 5.55 143.91 25.25
C GLN OA 46 4.40 143.16 24.61
N PRO OA 47 3.87 143.67 23.48
CA PRO OA 47 2.90 142.90 22.69
C PRO OA 47 3.56 141.73 21.97
N PHE OA 48 2.79 140.91 21.27
CA PHE OA 48 3.35 139.65 20.78
C PHE OA 48 4.42 139.87 19.72
N GLY OA 49 4.30 140.94 18.93
CA GLY OA 49 5.34 141.21 17.94
C GLY OA 49 6.67 141.55 18.58
N VAL OA 50 6.65 142.41 19.59
CA VAL OA 50 7.88 142.94 20.16
C VAL OA 50 8.49 141.93 21.12
N LYS OA 51 9.78 141.68 20.96
CA LYS OA 51 10.52 140.77 21.82
C LYS OA 51 11.54 141.56 22.63
N ASN OA 52 11.46 141.44 23.95
CA ASN OA 52 12.30 142.18 24.89
C ASN OA 52 12.82 141.19 25.93
N THR OA 53 14.12 140.90 25.90
CA THR OA 53 14.70 139.91 26.79
C THR OA 53 15.99 140.42 27.41
N ALA OA 54 16.39 139.75 28.49
CA ALA OA 54 17.65 140.00 29.18
C ALA OA 54 18.24 138.64 29.52
N ARG OA 55 19.57 138.55 29.45
CA ARG OA 55 20.28 137.30 29.63
C ARG OA 55 21.42 137.55 30.61
N TYR OA 56 21.55 136.68 31.60
CA TYR OA 56 22.51 136.83 32.67
C TYR OA 56 23.28 135.52 32.75
N GLY OA 57 24.59 135.56 32.56
CA GLY OA 57 25.37 134.34 32.51
C GLY OA 57 26.75 134.49 33.12
N ILE OA 58 27.23 133.41 33.71
CA ILE OA 58 28.62 133.38 34.19
C ILE OA 58 29.33 132.19 33.60
N ARG OA 59 30.64 132.35 33.43
CA ARG OA 59 31.57 131.33 32.98
C ARG OA 59 32.75 131.34 33.93
N GLN OA 60 33.30 130.16 34.22
CA GLN OA 60 34.46 130.11 35.09
C GLN OA 60 35.72 130.30 34.25
N ILE OA 61 36.62 131.14 34.74
CA ILE OA 61 37.86 131.49 34.04
C ILE OA 61 38.97 130.64 34.62
N ALA OA 62 39.65 129.89 33.75
CA ALA OA 62 40.64 128.92 34.20
C ALA OA 62 41.87 129.62 34.75
N ASP OA 63 42.47 130.50 33.95
CA ASP OA 63 43.66 131.27 34.33
C ASP OA 63 43.41 132.70 33.91
N VAL OA 64 43.18 133.58 34.89
CA VAL OA 64 42.90 134.97 34.58
C VAL OA 64 44.15 135.67 34.05
N TYR OA 65 45.32 135.07 34.22
CA TYR OA 65 46.60 135.64 33.78
C TYR OA 65 46.99 135.20 32.37
N ARG OA 66 46.17 134.41 31.69
CA ARG OA 66 46.64 133.67 30.51
C ARG OA 66 46.73 134.55 29.27
N ASN OA 67 45.69 135.30 28.94
CA ASN OA 67 45.81 136.12 27.75
C ASN OA 67 46.55 137.43 28.02
N THR OA 68 46.80 137.76 29.29
CA THR OA 68 47.27 139.09 29.68
C THR OA 68 48.77 139.22 29.52
N THR OA 69 49.23 140.48 29.55
CA THR OA 69 50.67 140.76 29.70
C THR OA 69 51.10 140.69 31.15
N ILE OA 70 50.15 140.77 32.07
CA ILE OA 70 50.43 140.47 33.47
C ILE OA 70 50.66 138.98 33.62
N ASP OA 71 51.52 138.61 34.56
CA ASP OA 71 51.63 137.22 34.98
C ASP OA 71 51.74 137.18 36.50
N ARG OA 72 51.54 135.99 37.04
CA ARG OA 72 51.21 135.81 38.44
C ARG OA 72 52.46 135.87 39.31
N ALA OA 73 52.47 136.77 40.28
CA ALA OA 73 53.54 136.82 41.26
C ALA OA 73 53.38 135.67 42.26
N TYR OA 74 54.44 135.40 43.01
CA TYR OA 74 54.51 134.10 43.68
C TYR OA 74 53.51 133.98 44.82
N GLN OA 75 53.03 135.09 45.34
CA GLN OA 75 52.16 135.12 46.50
C GLN OA 75 50.73 135.51 46.12
N SER OA 76 50.32 135.12 44.92
CA SER OA 76 48.94 135.35 44.55
C SER OA 76 48.06 134.23 45.08
N PRO OA 77 46.85 134.56 45.53
CA PRO OA 77 45.97 133.52 46.09
C PRO OA 77 45.52 132.49 45.07
N SER OA 78 45.10 132.92 43.89
CA SER OA 78 44.59 132.00 42.87
C SER OA 78 44.79 132.61 41.50
N LYS OA 79 44.76 131.73 40.50
CA LYS OA 79 44.64 132.13 39.11
C LYS OA 79 43.19 132.15 38.65
N LYS OA 80 42.26 131.69 39.50
CA LYS OA 80 40.90 131.48 39.05
C LYS OA 80 40.20 132.81 38.78
N GLY OA 81 39.13 132.75 38.00
CA GLY OA 81 38.33 133.95 37.79
C GLY OA 81 36.90 133.61 37.47
N THR OA 82 36.08 134.65 37.35
CA THR OA 82 34.70 134.50 36.91
C THR OA 82 34.39 135.56 35.88
N SER OA 83 33.67 135.18 34.84
CA SER OA 83 33.30 136.07 33.75
C SER OA 83 31.79 136.20 33.73
N LEU OA 84 31.30 137.43 33.85
CA LEU OA 84 29.89 137.73 33.91
C LEU OA 84 29.47 138.41 32.61
N VAL OA 85 28.28 138.06 32.13
CA VAL OA 85 27.68 138.70 30.97
C VAL OA 85 26.27 139.11 31.31
N VAL OA 86 25.92 140.33 30.91
CA VAL OA 86 24.58 140.88 31.02
C VAL OA 86 24.20 141.39 29.65
N GLN OA 87 23.17 140.79 29.06
CA GLN OA 87 22.72 141.17 27.72
C GLN OA 87 21.28 141.64 27.76
N VAL OA 88 20.99 142.68 26.99
CA VAL OA 88 19.64 143.13 26.76
C VAL OA 88 19.35 143.06 25.26
N THR OA 89 18.14 142.64 24.94
CA THR OA 89 17.66 142.48 23.57
C THR OA 89 16.32 143.18 23.46
N GLU OA 90 16.21 144.12 22.52
CA GLU OA 90 14.98 144.88 22.34
C GLU OA 90 14.56 144.81 20.88
N THR OA 91 13.27 145.05 20.67
CA THR OA 91 12.68 145.08 19.33
C THR OA 91 12.03 146.44 19.13
N TRP OA 92 12.66 147.27 18.31
CA TRP OA 92 12.14 148.60 18.01
C TRP OA 92 11.28 148.50 16.75
N THR OA 93 10.30 149.40 16.63
CA THR OA 93 9.36 149.32 15.52
C THR OA 93 9.25 150.66 14.81
N VAL OA 94 9.35 150.61 13.48
CA VAL OA 94 9.18 151.78 12.62
C VAL OA 94 7.83 151.65 11.93
N ALA OA 95 7.03 152.71 12.01
CA ALA OA 95 5.73 152.78 11.34
C ALA OA 95 5.62 154.12 10.64
N SER OA 96 4.52 154.30 9.90
CA SER OA 96 4.27 155.53 9.17
C SER OA 96 2.88 156.05 9.47
N THR OA 97 2.77 157.36 9.69
CA THR OA 97 1.50 158.04 9.89
C THR OA 97 0.73 158.24 8.59
N ASP OA 98 1.37 158.05 7.44
CA ASP OA 98 0.73 158.13 6.15
C ASP OA 98 0.12 156.79 5.73
N ASP OA 99 0.94 155.74 5.76
CA ASP OA 99 0.59 154.42 5.25
C ASP OA 99 0.45 153.46 6.42
N GLU OA 100 -0.72 152.82 6.52
CA GLU OA 100 -0.89 151.75 7.50
C GLU OA 100 -0.14 150.49 7.09
N THR OA 101 0.19 150.35 5.81
CA THR OA 101 0.91 149.17 5.33
C THR OA 101 2.38 149.20 5.71
N TYR OA 102 2.96 150.39 5.81
CA TYR OA 102 4.40 150.52 5.95
C TYR OA 102 4.82 150.33 7.40
N GLY OA 103 5.71 149.37 7.61
CA GLY OA 103 6.30 149.17 8.92
C GLY OA 103 7.35 148.08 8.87
N TYR OA 104 8.25 148.12 9.85
CA TYR OA 104 9.22 147.06 10.04
C TYR OA 104 9.73 147.07 11.48
N SER OA 105 10.48 146.03 11.83
CA SER OA 105 11.04 145.86 13.16
C SER OA 105 12.57 145.85 13.06
N LEU OA 106 13.21 146.60 13.96
CA LEU OA 106 14.64 146.66 14.07
C LEU OA 106 15.08 145.92 15.32
N PRO OA 107 16.04 145.02 15.22
CA PRO OA 107 16.52 144.34 16.43
C PRO OA 107 17.70 145.07 17.05
N PHE OA 108 17.61 145.40 18.33
CA PHE OA 108 18.72 146.00 19.06
C PHE OA 108 19.25 145.00 20.08
N SER OA 109 20.58 144.95 20.23
CA SER OA 109 21.10 144.16 21.34
C SER OA 109 22.37 144.81 21.85
N ALA OA 110 22.66 144.52 23.11
CA ALA OA 110 23.92 145.00 23.67
C ALA OA 110 24.20 144.20 24.92
N HIS OA 111 25.49 144.08 25.25
CA HIS OA 111 25.82 143.35 26.45
C HIS OA 111 27.10 143.90 27.07
N VAL OA 112 27.28 143.53 28.33
CA VAL OA 112 28.46 143.89 29.11
C VAL OA 112 29.06 142.59 29.61
N ILE OA 113 30.39 142.53 29.60
CA ILE OA 113 31.14 141.39 30.11
C ILE OA 113 32.18 141.90 31.09
N VAL OA 114 32.29 141.22 32.22
CA VAL OA 114 33.16 141.61 33.32
C VAL OA 114 33.97 140.40 33.74
N ASN OA 115 35.29 140.58 33.87
CA ASN OA 115 36.20 139.45 34.12
C ASN OA 115 36.92 139.66 35.45
N VAL OA 116 36.35 139.12 36.52
CA VAL OA 116 36.76 139.43 37.88
C VAL OA 116 37.68 138.32 38.38
N PRO OA 117 38.90 138.63 38.82
CA PRO OA 117 39.73 137.62 39.47
C PRO OA 117 39.17 137.19 40.82
N GLN OA 118 39.59 136.02 41.27
CA GLN OA 118 39.18 135.48 42.57
C GLN OA 118 40.17 135.95 43.64
N ASP OA 119 39.93 137.15 44.14
CA ASP OA 119 40.65 137.65 45.30
C ASP OA 119 39.65 138.33 46.21
N ALA OA 120 39.70 137.98 47.50
CA ALA OA 120 38.68 138.46 48.41
C ALA OA 120 38.70 139.98 48.60
N LEU OA 121 39.84 140.63 48.33
CA LEU OA 121 39.95 142.08 48.48
C LEU OA 121 39.21 142.84 47.39
N ILE OA 122 38.88 142.20 46.28
CA ILE OA 122 37.97 142.82 45.31
C ILE OA 122 36.58 142.87 45.91
N THR OA 123 36.02 144.07 46.03
CA THR OA 123 34.72 144.24 46.67
C THR OA 123 33.67 144.62 45.63
N GLU OA 124 32.41 144.49 46.04
CA GLU OA 124 31.32 144.79 45.12
C GLU OA 124 31.38 146.24 44.69
N GLU OA 125 31.77 147.13 45.62
CA GLU OA 125 31.90 148.53 45.26
C GLU OA 125 33.06 148.76 44.30
N ILE OA 126 34.20 148.09 44.52
CA ILE OA 126 35.31 148.22 43.58
C ILE OA 126 34.85 147.88 42.18
N LEU OA 127 34.06 146.81 42.07
CA LEU OA 127 33.60 146.38 40.75
C LEU OA 127 32.63 147.39 40.13
N TYR OA 128 31.68 147.90 40.92
CA TYR OA 128 30.78 148.91 40.35
C TYR OA 128 31.55 150.15 39.89
N ASP OA 129 32.53 150.61 40.67
CA ASP OA 129 33.28 151.78 40.26
C ASP OA 129 34.12 151.47 39.02
N ALA OA 130 34.58 150.23 38.88
CA ALA OA 130 35.20 149.82 37.63
C ALA OA 130 34.23 149.95 36.46
N LEU OA 131 32.99 149.50 36.65
CA LEU OA 131 31.99 149.64 35.60
C LEU OA 131 31.76 151.11 35.24
N LYS OA 132 31.81 151.98 36.25
CA LYS OA 132 31.61 153.41 36.00
C LYS OA 132 32.77 153.97 35.17
N ARG OA 133 34.00 153.59 35.50
CA ARG OA 133 35.15 153.97 34.67
C ARG OA 133 34.99 153.45 33.25
N LEU OA 134 34.53 152.21 33.11
CA LEU OA 134 34.30 151.59 31.80
C LEU OA 134 33.35 152.43 30.95
N MET OA 135 32.13 152.62 31.44
CA MET OA 135 31.16 153.41 30.70
C MET OA 135 31.63 154.84 30.45
N GLY OA 136 32.54 155.35 31.28
CA GLY OA 136 33.08 156.68 31.01
C GLY OA 136 33.74 156.81 29.66
N HIS OA 137 34.24 155.71 29.09
CA HIS OA 137 34.91 155.75 27.80
C HIS OA 137 33.97 156.02 26.64
N PHE OA 138 32.66 156.08 26.88
CA PHE OA 138 31.72 156.57 25.88
C PHE OA 138 31.65 158.07 25.84
N TYR OA 139 32.59 158.75 26.49
CA TYR OA 139 32.60 160.19 26.59
C TYR OA 139 34.05 160.68 26.54
N GLU OA 140 34.22 161.98 26.39
CA GLU OA 140 35.51 162.65 26.52
C GLU OA 140 35.36 163.79 27.53
N GLY OA 141 36.38 163.98 28.36
CA GLY OA 141 36.30 165.00 29.39
C GLY OA 141 37.28 166.15 29.21
N ASN OA 142 37.02 167.28 29.86
CA ASN OA 142 37.89 168.45 29.80
C ASN OA 142 38.20 168.93 31.22
N ASP OA 143 39.48 168.90 31.61
CA ASP OA 143 39.83 169.51 32.88
C ASP OA 143 39.78 171.03 32.79
N THR OA 144 39.85 171.57 31.58
CA THR OA 144 40.13 172.98 31.42
C THR OA 144 39.02 173.87 31.97
N THR OA 145 37.79 173.63 31.55
CA THR OA 145 36.68 174.49 31.95
C THR OA 145 36.48 174.47 33.46
N SER OA 146 35.96 175.57 33.96
CA SER OA 146 35.73 175.65 35.39
C SER OA 146 34.63 174.72 35.86
N PRO OA 147 33.46 174.64 35.22
CA PRO OA 147 32.69 173.41 35.39
C PRO OA 147 33.20 172.44 34.33
N THR OA 148 33.62 171.26 34.78
CA THR OA 148 34.19 170.30 33.84
C THR OA 148 33.13 169.92 32.81
N THR OA 149 33.53 169.82 31.56
CA THR OA 149 32.61 169.52 30.47
C THR OA 149 32.97 168.18 29.86
N THR OA 150 31.94 167.47 29.43
CA THR OA 150 32.07 166.17 28.77
C THR OA 150 31.28 166.18 27.47
N SER OA 151 31.92 165.70 26.40
CA SER OA 151 31.27 165.49 25.12
C SER OA 151 31.13 163.99 24.85
N VAL OA 152 30.34 163.65 23.84
CA VAL OA 152 29.94 162.27 23.61
C VAL OA 152 30.75 161.65 22.49
N ARG OA 153 30.88 160.34 22.56
CA ARG OA 153 31.67 159.58 21.60
C ARG OA 153 30.87 158.57 20.79
N LEU OA 154 29.73 158.09 21.31
CA LEU OA 154 29.10 156.90 20.74
C LEU OA 154 28.87 157.04 19.24
N LYS OA 155 28.37 158.19 18.80
CA LYS OA 155 28.18 158.41 17.37
C LYS OA 155 29.50 158.32 16.63
N ASP OA 156 30.49 159.13 17.03
CA ASP OA 156 31.75 159.17 16.31
C ASP OA 156 32.39 157.79 16.24
N MET OA 157 32.26 156.99 17.32
CA MET OA 157 32.83 155.65 17.30
C MET OA 157 32.10 154.75 16.33
N LEU OA 158 30.76 154.68 16.45
CA LEU OA 158 29.99 153.87 15.52
C LEU OA 158 30.21 154.28 14.08
N GLN OA 159 30.58 155.53 13.84
CA GLN OA 159 30.88 156.03 12.50
C GLN OA 159 32.29 155.71 12.05
N GLY OA 160 33.15 155.18 12.93
CA GLY OA 160 34.50 154.79 12.56
C GLY OA 160 35.60 155.68 13.08
N ALA OA 161 35.26 156.76 13.79
CA ALA OA 161 36.25 157.63 14.41
C ALA OA 161 36.58 157.06 15.79
N LEU OA 162 37.42 156.04 15.79
CA LEU OA 162 37.63 155.29 17.02
C LEU OA 162 38.65 155.94 17.94
N VAL OA 163 39.46 156.85 17.44
CA VAL OA 163 40.40 157.56 18.31
C VAL OA 163 39.64 158.70 18.97
N PRO OA 164 39.83 158.93 20.26
CA PRO OA 164 39.23 160.12 20.89
C PRO OA 164 39.68 161.39 20.18
N GLN OA 165 38.73 162.32 20.03
CA GLN OA 165 39.02 163.58 19.35
C GLN OA 165 39.96 164.46 20.17
N SER OA 166 40.09 164.18 21.47
CA SER OA 166 41.06 164.87 22.32
C SER OA 166 42.50 164.52 21.97
N LEU OA 167 42.73 163.33 21.43
CA LEU OA 167 44.07 162.89 21.08
C LEU OA 167 44.47 163.37 19.69
N SER PA 1 -5.12 154.59 12.90
CA SER PA 1 -4.65 153.56 13.82
C SER PA 1 -5.32 152.23 13.51
N LYS PA 2 -4.72 151.15 13.98
CA LYS PA 2 -5.17 149.79 13.68
C LYS PA 2 -6.03 149.26 14.83
N ILE PA 3 -7.11 148.55 14.47
CA ILE PA 3 -8.04 148.01 15.45
C ILE PA 3 -8.33 146.56 15.10
N LEU PA 4 -8.41 145.73 16.13
CA LEU PA 4 -8.85 144.35 16.00
C LEU PA 4 -10.25 144.21 16.57
N SER PA 5 -11.12 143.47 15.87
CA SER PA 5 -12.43 143.10 16.36
C SER PA 5 -12.56 141.59 16.35
N THR PA 6 -13.14 141.06 17.42
CA THR PA 6 -13.46 139.64 17.48
C THR PA 6 -14.78 139.31 16.82
N ASN PA 7 -15.52 140.32 16.35
CA ASN PA 7 -16.78 140.13 15.65
C ASN PA 7 -17.84 139.44 16.52
N ASN PA 8 -17.64 139.39 17.83
CA ASN PA 8 -18.64 138.87 18.73
C ASN PA 8 -19.59 139.94 19.23
N SER PA 9 -19.55 141.12 18.63
CA SER PA 9 -20.36 142.23 19.11
C SER PA 9 -21.86 141.92 19.02
N ASN PA 10 -22.29 141.28 17.94
CA ASN PA 10 -23.71 141.04 17.69
C ASN PA 10 -24.18 139.65 18.09
N SER PA 11 -23.29 138.79 18.56
CA SER PA 11 -23.67 137.45 18.98
C SER PA 11 -24.29 137.51 20.38
N ASN PA 12 -25.20 136.58 20.66
CA ASN PA 12 -26.03 136.62 21.86
C ASN PA 12 -25.53 135.61 22.89
N PHE PA 13 -25.20 136.10 24.09
CA PHE PA 13 -24.74 135.25 25.17
C PHE PA 13 -25.56 135.50 26.43
N VAL PA 14 -25.40 134.56 27.36
CA VAL PA 14 -25.90 134.64 28.72
C VAL PA 14 -24.72 134.39 29.66
N ASP PA 15 -24.49 135.31 30.59
CA ASP PA 15 -23.39 135.10 31.51
C ASP PA 15 -23.75 134.02 32.53
N THR PA 16 -22.73 133.29 32.98
CA THR PA 16 -22.91 132.38 34.11
C THR PA 16 -21.60 132.27 34.89
N SER PA 17 -21.73 131.95 36.17
CA SER PA 17 -20.57 131.97 37.07
C SER PA 17 -19.80 130.67 37.00
N PHE PA 18 -18.48 130.78 37.00
CA PHE PA 18 -17.61 129.62 36.87
C PHE PA 18 -16.35 129.96 37.68
N THR PA 19 -16.38 129.63 38.97
CA THR PA 19 -15.36 130.09 39.89
C THR PA 19 -14.17 129.14 39.88
N LEU PA 20 -13.02 129.64 39.47
CA LEU PA 20 -11.84 128.80 39.31
C LEU PA 20 -11.12 128.61 40.64
N LYS PA 21 -10.69 127.37 40.88
CA LYS PA 21 -9.80 127.05 42.00
C LYS PA 21 -8.37 127.10 41.46
N VAL PA 22 -7.68 128.19 41.74
CA VAL PA 22 -6.31 128.46 41.26
C VAL PA 22 -5.29 127.88 42.22
N PRO PA 23 -4.28 127.18 41.72
CA PRO PA 23 -3.28 126.55 42.61
C PRO PA 23 -2.37 127.57 43.29
N VAL PA 24 -1.95 127.21 44.51
CA VAL PA 24 -0.87 127.90 45.20
C VAL PA 24 0.36 127.02 44.98
N TYR PA 25 1.09 127.32 43.91
CA TYR PA 25 2.16 126.41 43.49
C TYR PA 25 3.23 126.29 44.56
N SER PA 26 3.57 127.41 45.19
CA SER PA 26 4.56 127.40 46.26
C SER PA 26 4.24 126.38 47.35
N LYS PA 27 2.96 126.22 47.74
CA LYS PA 27 2.69 125.23 48.78
C LYS PA 27 2.54 123.82 48.20
N ASP PA 28 1.86 123.66 47.06
CA ASP PA 28 1.44 122.31 46.69
C ASP PA 28 2.32 121.63 45.65
N TYR PA 29 3.04 122.35 44.80
CA TYR PA 29 3.63 121.72 43.64
C TYR PA 29 5.15 121.80 43.66
N ARG PA 30 5.76 120.91 42.89
CA ARG PA 30 7.17 120.92 42.55
C ARG PA 30 7.31 120.69 41.05
N VAL PA 31 8.50 120.95 40.53
CA VAL PA 31 8.75 120.81 39.10
C VAL PA 31 9.33 119.44 38.83
N THR PA 32 8.64 118.67 37.98
CA THR PA 32 9.09 117.37 37.50
C THR PA 32 9.98 117.48 36.27
N GLN PA 33 9.62 118.32 35.31
CA GLN PA 33 10.40 118.45 34.09
C GLN PA 33 10.53 119.93 33.74
N ASP PA 34 11.76 120.38 33.50
CA ASP PA 34 12.03 121.77 33.13
C ASP PA 34 12.69 121.75 31.76
N GLU PA 35 11.88 121.71 30.72
CA GLU PA 35 12.33 121.80 29.34
C GLU PA 35 11.94 123.16 28.77
N PRO PA 36 12.59 123.59 27.69
CA PRO PA 36 12.26 124.90 27.14
C PRO PA 36 10.87 124.97 26.56
N ASP PA 37 10.33 123.85 26.10
CA ASP PA 37 9.02 123.83 25.46
C ASP PA 37 7.95 123.16 26.29
N GLU PA 38 8.31 122.43 27.34
CA GLU PA 38 7.39 121.56 28.04
C GLU PA 38 7.82 121.51 29.50
N VAL PA 39 6.98 122.01 30.40
CA VAL PA 39 7.21 121.95 31.82
C VAL PA 39 6.19 121.00 32.44
N VAL PA 40 6.65 120.16 33.35
CA VAL PA 40 5.79 119.25 34.08
C VAL PA 40 5.94 119.51 35.57
N VAL PA 41 4.80 119.53 36.25
CA VAL PA 41 4.64 119.93 37.63
C VAL PA 41 3.84 118.84 38.32
N ALA PA 42 4.15 118.60 39.60
CA ALA PA 42 3.54 117.52 40.35
C ALA PA 42 3.18 117.99 41.75
N ASN PA 43 2.13 117.38 42.30
CA ASN PA 43 1.65 117.72 43.63
C ASN PA 43 2.40 116.84 44.64
N ARG PA 44 3.30 117.46 45.40
CA ARG PA 44 4.07 116.76 46.40
C ARG PA 44 3.30 116.50 47.69
N GLN PA 45 2.13 117.12 47.87
CA GLN PA 45 1.33 116.92 49.07
C GLN PA 45 0.45 115.67 48.99
N GLN PA 46 0.12 115.21 47.78
CA GLN PA 46 -0.69 114.01 47.64
C GLN PA 46 0.03 112.82 48.29
N PRO PA 47 -0.72 111.86 48.83
CA PRO PA 47 -0.10 110.59 49.23
C PRO PA 47 0.48 109.86 48.03
N PHE PA 48 1.24 108.80 48.30
CA PHE PA 48 2.05 108.19 47.25
C PHE PA 48 1.19 107.60 46.14
N GLY PA 49 0.07 106.96 46.50
CA GLY PA 49 -0.77 106.36 45.49
C GLY PA 49 -1.34 107.37 44.52
N VAL PA 50 -1.69 108.56 44.99
CA VAL PA 50 -2.42 109.54 44.19
C VAL PA 50 -1.42 110.48 43.53
N LYS PA 51 -1.32 110.39 42.22
CA LYS PA 51 -0.44 111.25 41.44
C LYS PA 51 -1.28 112.37 40.85
N ASN PA 52 -1.03 113.60 41.29
CA ASN PA 52 -1.69 114.80 40.77
C ASN PA 52 -0.65 115.63 40.04
N THR PA 53 -0.78 115.73 38.70
CA THR PA 53 0.22 116.40 37.87
C THR PA 53 -0.40 117.39 36.89
N ALA PA 54 0.45 118.23 36.31
CA ALA PA 54 0.05 119.24 35.34
C ALA PA 54 1.19 119.46 34.37
N ARG PA 55 0.85 119.84 33.14
CA ARG PA 55 1.81 119.94 32.07
C ARG PA 55 1.51 121.19 31.26
N TYR PA 56 2.55 121.97 30.98
CA TYR PA 56 2.40 123.27 30.33
C TYR PA 56 3.36 123.28 29.16
N GLY PA 57 2.84 123.36 27.94
CA GLY PA 57 3.67 123.20 26.76
C GLY PA 57 3.33 124.19 25.67
N ILE PA 58 4.33 124.50 24.86
CA ILE PA 58 4.16 125.38 23.71
C ILE PA 58 4.86 124.76 22.51
N ARG PA 59 4.10 124.61 21.42
CA ARG PA 59 4.62 124.30 20.09
C ARG PA 59 4.50 125.57 19.26
N GLN PA 60 5.35 125.74 18.25
CA GLN PA 60 5.24 126.93 17.42
C GLN PA 60 4.59 126.56 16.09
N ILE PA 61 3.59 127.34 15.71
CA ILE PA 61 2.75 127.07 14.54
C ILE PA 61 3.35 127.74 13.33
N ALA PA 62 3.61 126.95 12.28
CA ALA PA 62 4.29 127.45 11.10
C ALA PA 62 3.37 128.32 10.26
N ASP PA 63 2.20 127.81 9.91
CA ASP PA 63 1.19 128.56 9.16
C ASP PA 63 -0.11 128.47 9.95
N VAL PA 64 -0.50 129.58 10.58
CA VAL PA 64 -1.71 129.57 11.37
C VAL PA 64 -2.96 129.46 10.48
N TYR PA 65 -2.79 129.66 9.17
CA TYR PA 65 -3.87 129.58 8.21
C TYR PA 65 -3.98 128.22 7.54
N ARG PA 66 -3.23 127.22 8.02
CA ARG PA 66 -3.08 125.99 7.24
C ARG PA 66 -4.40 125.26 7.08
N ASN PA 67 -5.16 125.11 8.15
CA ASN PA 67 -6.40 124.37 8.11
C ASN PA 67 -7.62 125.29 8.21
N THR PA 68 -7.51 126.50 7.66
CA THR PA 68 -8.57 127.49 7.69
C THR PA 68 -9.05 127.78 6.27
N THR PA 69 -10.22 128.42 6.20
CA THR PA 69 -10.87 128.76 4.94
C THR PA 69 -10.56 130.17 4.48
N ILE PA 70 -9.53 130.80 5.04
CA ILE PA 70 -9.23 132.20 4.78
C ILE PA 70 -8.33 132.26 3.54
N ASP PA 71 -8.82 132.89 2.48
CA ASP PA 71 -8.02 133.01 1.27
C ASP PA 71 -6.80 133.89 1.52
N ARG PA 72 -5.74 133.65 0.74
CA ARG PA 72 -4.47 134.33 0.96
C ARG PA 72 -4.62 135.85 0.91
N ALA PA 73 -5.45 136.34 -0.01
CA ALA PA 73 -5.66 137.79 -0.14
C ALA PA 73 -6.17 138.43 1.14
N TYR PA 74 -6.63 137.63 2.11
CA TYR PA 74 -7.18 138.15 3.34
C TYR PA 74 -6.34 137.76 4.56
N GLN PA 75 -5.17 137.18 4.36
CA GLN PA 75 -4.29 136.75 5.45
C GLN PA 75 -3.37 137.89 5.86
N SER PA 76 -2.84 137.81 7.09
CA SER PA 76 -1.86 138.80 7.53
C SER PA 76 -0.57 138.55 6.77
N PRO PA 77 0.38 139.47 6.86
CA PRO PA 77 1.70 139.18 6.27
C PRO PA 77 2.43 138.09 7.02
N SER PA 78 2.17 137.91 8.31
CA SER PA 78 2.89 136.97 9.17
C SER PA 78 2.01 135.77 9.45
N LYS PA 79 2.50 134.59 9.12
CA LYS PA 79 1.77 133.36 9.34
C LYS PA 79 2.15 132.69 10.66
N LYS PA 80 3.10 133.28 11.40
CA LYS PA 80 3.58 132.68 12.64
C LYS PA 80 2.46 132.55 13.67
N GLY PA 81 2.55 131.51 14.49
CA GLY PA 81 1.68 131.40 15.64
C GLY PA 81 2.36 130.61 16.74
N THR PA 82 1.70 130.56 17.89
CA THR PA 82 2.10 129.64 18.97
C THR PA 82 0.89 128.84 19.41
N SER PA 83 1.16 127.67 19.97
CA SER PA 83 0.13 126.73 20.38
C SER PA 83 0.44 126.31 21.80
N LEU PA 84 -0.47 126.61 22.71
CA LEU PA 84 -0.32 126.35 24.12
C LEU PA 84 -1.15 125.15 24.52
N VAL PA 85 -0.60 124.33 25.41
CA VAL PA 85 -1.35 123.23 26.00
C VAL PA 85 -1.20 123.31 27.51
N VAL PA 86 -2.32 123.09 28.19
CA VAL PA 86 -2.39 123.04 29.64
C VAL PA 86 -3.13 121.75 29.97
N GLN PA 87 -2.41 120.77 30.52
CA GLN PA 87 -2.99 119.49 30.86
C GLN PA 87 -2.96 119.28 32.36
N VAL PA 88 -4.03 118.71 32.90
CA VAL PA 88 -4.09 118.32 34.30
C VAL PA 88 -4.41 116.83 34.34
N THR PA 89 -3.78 116.14 35.29
CA THR PA 89 -3.95 114.71 35.53
C THR PA 89 -4.20 114.50 37.00
N GLU PA 90 -5.33 113.90 37.34
CA GLU PA 90 -5.70 113.62 38.71
C GLU PA 90 -5.94 112.13 38.88
N THR PA 91 -5.89 111.68 40.12
CA THR PA 91 -6.20 110.29 40.45
C THR PA 91 -7.19 110.28 41.62
N TRP PA 92 -8.39 109.81 41.36
CA TRP PA 92 -9.45 109.77 42.34
C TRP PA 92 -9.48 108.35 42.93
N THR PA 93 -9.89 108.23 44.18
CA THR PA 93 -9.97 106.91 44.80
C THR PA 93 -11.40 106.61 45.24
N VAL PA 94 -11.82 105.38 45.01
CA VAL PA 94 -13.10 104.87 45.43
C VAL PA 94 -12.84 103.86 46.54
N ALA PA 95 -13.54 104.01 47.66
CA ALA PA 95 -13.43 103.08 48.77
C ALA PA 95 -14.79 102.91 49.40
N SER PA 96 -14.85 102.15 50.50
CA SER PA 96 -16.11 101.81 51.13
C SER PA 96 -16.07 102.14 52.62
N THR PA 97 -17.25 102.51 53.15
CA THR PA 97 -17.41 102.71 54.58
C THR PA 97 -17.37 101.40 55.33
N ASP PA 98 -18.06 100.38 54.81
CA ASP PA 98 -18.21 99.14 55.52
C ASP PA 98 -16.99 98.25 55.38
N ASP PA 99 -16.23 98.42 54.30
CA ASP PA 99 -15.16 97.51 53.92
C ASP PA 99 -13.87 98.29 53.70
N GLU PA 100 -12.88 98.04 54.56
CA GLU PA 100 -11.58 98.67 54.40
C GLU PA 100 -10.79 98.10 53.23
N THR PA 101 -11.10 96.88 52.80
CA THR PA 101 -10.35 96.25 51.72
C THR PA 101 -10.88 96.56 50.33
N TYR PA 102 -12.00 97.27 50.22
CA TYR PA 102 -12.61 97.54 48.93
C TYR PA 102 -12.21 98.92 48.45
N GLY PA 103 -11.60 98.97 47.27
CA GLY PA 103 -11.30 100.24 46.63
C GLY PA 103 -10.60 100.05 45.30
N TYR PA 104 -10.51 101.17 44.58
CA TYR PA 104 -9.71 101.27 43.36
C TYR PA 104 -9.40 102.74 43.08
N SER PA 105 -8.60 102.98 42.04
CA SER PA 105 -8.19 104.31 41.64
C SER PA 105 -8.64 104.58 40.21
N LEU PA 106 -9.29 105.72 40.00
CA LEU PA 106 -9.77 106.16 38.71
C LEU PA 106 -8.87 107.26 38.18
N PRO PA 107 -8.41 107.17 36.94
CA PRO PA 107 -7.60 108.26 36.38
C PRO PA 107 -8.45 109.30 35.66
N PHE PA 108 -8.28 110.56 36.02
CA PHE PA 108 -8.88 111.66 35.30
C PHE PA 108 -7.79 112.45 34.58
N SER PA 109 -8.05 112.84 33.34
CA SER PA 109 -7.15 113.73 32.64
C SER PA 109 -7.98 114.68 31.80
N ALA PA 110 -7.44 115.87 31.59
CA ALA PA 110 -8.10 116.81 30.70
C ALA PA 110 -7.06 117.84 30.28
N HIS PA 111 -7.28 118.44 29.12
CA HIS PA 111 -6.36 119.48 28.69
C HIS PA 111 -7.05 120.50 27.82
N VAL PA 112 -6.40 121.65 27.72
CA VAL PA 112 -6.82 122.76 26.88
C VAL PA 112 -5.68 123.04 25.91
N ILE PA 113 -6.04 123.35 24.67
CA ILE PA 113 -5.08 123.77 23.66
C ILE PA 113 -5.60 125.08 23.08
N VAL PA 114 -4.69 126.04 22.91
CA VAL PA 114 -5.02 127.37 22.43
C VAL PA 114 -4.05 127.72 21.31
N ASN PA 115 -4.57 128.18 20.18
CA ASN PA 115 -3.77 128.40 18.98
C ASN PA 115 -3.81 129.88 18.62
N VAL PA 116 -2.84 130.64 19.13
CA VAL PA 116 -2.87 132.10 19.05
C VAL PA 116 -1.94 132.55 17.93
N PRO PA 117 -2.43 133.32 16.94
CA PRO PA 117 -1.52 133.96 15.99
C PRO PA 117 -0.70 135.02 16.67
N GLN PA 118 0.55 135.19 16.22
CA GLN PA 118 1.40 136.25 16.76
C GLN PA 118 1.09 137.56 16.07
N ASP PA 119 0.10 138.27 16.61
CA ASP PA 119 -0.24 139.61 16.15
C ASP PA 119 -0.22 140.50 17.37
N ALA PA 120 0.46 141.64 17.27
CA ALA PA 120 0.62 142.49 18.43
C ALA PA 120 -0.73 142.94 18.99
N LEU PA 121 -1.77 142.98 18.14
CA LEU PA 121 -3.10 143.44 18.54
C LEU PA 121 -3.88 142.43 19.35
N ILE PA 122 -3.52 141.15 19.31
CA ILE PA 122 -4.12 140.17 20.21
C ILE PA 122 -3.56 140.41 21.62
N THR PA 123 -4.45 140.72 22.56
CA THR PA 123 -4.05 141.04 23.92
C THR PA 123 -4.36 139.87 24.85
N GLU PA 124 -3.74 139.91 26.04
CA GLU PA 124 -3.97 138.85 27.00
C GLU PA 124 -5.43 138.83 27.42
N GLU PA 125 -6.06 140.00 27.52
CA GLU PA 125 -7.47 140.05 27.86
C GLU PA 125 -8.34 139.46 26.74
N ILE PA 126 -8.02 139.78 25.48
CA ILE PA 126 -8.74 139.16 24.36
C ILE PA 126 -8.69 137.65 24.48
N LEU PA 127 -7.50 137.12 24.78
CA LEU PA 127 -7.34 135.66 24.84
C LEU PA 127 -8.12 135.07 26.00
N TYR PA 128 -8.08 135.70 27.18
CA TYR PA 128 -8.88 135.18 28.29
C TYR PA 128 -10.37 135.22 27.98
N ASP PA 129 -10.84 136.28 27.33
CA ASP PA 129 -12.25 136.34 26.97
C ASP PA 129 -12.60 135.24 25.98
N ALA PA 130 -11.68 134.93 25.06
CA ALA PA 130 -11.89 133.79 24.17
C ALA PA 130 -12.01 132.50 24.95
N LEU PA 131 -11.15 132.31 25.96
CA LEU PA 131 -11.25 131.10 26.79
C LEU PA 131 -12.58 131.05 27.51
N LYS PA 132 -13.09 132.20 27.97
CA LYS PA 132 -14.37 132.22 28.66
C LYS PA 132 -15.49 131.82 27.70
N ARG PA 133 -15.42 132.27 26.45
CA ARG PA 133 -16.42 131.86 25.45
C ARG PA 133 -16.33 130.38 25.15
N LEU PA 134 -15.10 129.86 25.03
CA LEU PA 134 -14.86 128.43 24.86
C LEU PA 134 -15.56 127.62 25.94
N MET PA 135 -15.24 127.90 27.20
CA MET PA 135 -15.84 127.16 28.29
C MET PA 135 -17.34 127.37 28.37
N GLY PA 136 -17.85 128.47 27.83
CA GLY PA 136 -19.29 128.64 27.82
C GLY PA 136 -20.02 127.60 27.00
N HIS PA 137 -19.32 126.91 26.08
CA HIS PA 137 -19.97 125.89 25.26
C HIS PA 137 -20.26 124.62 26.04
N PHE PA 138 -19.75 124.49 27.26
CA PHE PA 138 -20.17 123.43 28.16
C PHE PA 138 -21.52 123.70 28.80
N TYR PA 139 -22.18 124.76 28.39
CA TYR PA 139 -23.48 125.14 28.91
C TYR PA 139 -24.40 125.44 27.74
N GLU PA 140 -25.69 125.62 28.04
CA GLU PA 140 -26.65 126.10 27.07
C GLU PA 140 -27.37 127.29 27.68
N GLY PA 141 -27.59 128.32 26.87
CA GLY PA 141 -28.13 129.59 27.32
C GLY PA 141 -29.58 129.81 26.91
N ASN PA 142 -30.33 130.42 27.82
CA ASN PA 142 -31.73 130.79 27.65
C ASN PA 142 -31.90 132.24 28.09
N ASP PA 143 -32.13 133.15 27.14
CA ASP PA 143 -32.36 134.56 27.46
C ASP PA 143 -33.83 134.94 27.34
N THR PA 144 -34.69 134.00 26.97
CA THR PA 144 -36.10 134.33 26.86
C THR PA 144 -36.73 134.54 28.23
N THR PA 145 -36.34 133.73 29.22
CA THR PA 145 -36.90 133.86 30.57
C THR PA 145 -36.51 135.17 31.22
N SER PA 146 -37.31 135.55 32.22
CA SER PA 146 -37.10 136.83 32.88
C SER PA 146 -35.71 136.94 33.50
N PRO PA 147 -35.23 136.01 34.34
CA PRO PA 147 -33.79 135.98 34.58
C PRO PA 147 -33.11 135.09 33.53
N THR PA 148 -32.05 135.58 32.89
CA THR PA 148 -31.31 134.73 31.97
C THR PA 148 -30.78 133.51 32.72
N THR PA 149 -31.02 132.33 32.18
CA THR PA 149 -30.64 131.08 32.83
C THR PA 149 -29.82 130.21 31.90
N THR PA 150 -29.04 129.31 32.51
CA THR PA 150 -28.18 128.39 31.79
C THR PA 150 -28.32 127.00 32.40
N SER PA 151 -28.31 125.99 31.52
CA SER PA 151 -28.30 124.60 31.97
C SER PA 151 -27.00 123.93 31.53
N VAL PA 152 -26.54 122.98 32.34
CA VAL PA 152 -25.25 122.33 32.09
C VAL PA 152 -25.40 121.30 30.98
N ARG PA 153 -24.31 121.05 30.25
CA ARG PA 153 -24.37 120.18 29.08
C ARG PA 153 -23.29 119.12 29.06
N LEU PA 154 -22.38 119.09 30.04
CA LEU PA 154 -21.23 118.20 29.97
C LEU PA 154 -21.65 116.73 29.96
N LYS PA 155 -22.52 116.34 30.88
CA LYS PA 155 -22.93 114.95 30.95
C LYS PA 155 -23.75 114.56 29.72
N ASP PA 156 -24.60 115.48 29.25
CA ASP PA 156 -25.38 115.21 28.05
C ASP PA 156 -24.47 114.91 26.87
N MET PA 157 -23.42 115.71 26.69
CA MET PA 157 -22.50 115.46 25.59
C MET PA 157 -21.76 114.14 25.78
N LEU PA 158 -21.26 113.89 26.99
CA LEU PA 158 -20.61 112.61 27.26
C LEU PA 158 -21.50 111.44 26.88
N GLN PA 159 -22.81 111.58 27.12
CA GLN PA 159 -23.76 110.50 26.86
C GLN PA 159 -24.33 110.52 25.45
N GLY PA 160 -23.72 111.26 24.53
CA GLY PA 160 -24.10 111.19 23.13
C GLY PA 160 -25.11 112.21 22.66
N ALA PA 161 -25.56 113.11 23.53
CA ALA PA 161 -26.47 114.18 23.14
C ALA PA 161 -25.62 115.40 22.83
N LEU PA 162 -25.08 115.43 21.62
CA LEU PA 162 -24.10 116.43 21.27
C LEU PA 162 -24.73 117.70 20.71
N VAL PA 163 -25.91 117.60 20.12
CA VAL PA 163 -26.60 118.78 19.59
C VAL PA 163 -27.31 119.48 20.74
N PRO PA 164 -27.20 120.80 20.85
CA PRO PA 164 -27.89 121.52 21.92
C PRO PA 164 -29.41 121.34 21.86
N GLN PA 165 -30.05 121.47 23.03
CA GLN PA 165 -31.51 121.46 23.09
C GLN PA 165 -32.11 122.53 22.19
N SER PA 166 -31.51 123.72 22.16
CA SER PA 166 -32.08 124.83 21.39
C SER PA 166 -32.15 124.53 19.91
N LEU PA 167 -31.29 123.63 19.41
CA LEU PA 167 -31.18 123.35 17.98
C LEU PA 167 -31.85 122.01 17.60
N SER QA 1 63.58 -37.32 56.72
CA SER QA 1 62.28 -37.08 57.34
C SER QA 1 62.01 -35.58 57.42
N LYS QA 2 60.82 -35.19 57.00
CA LYS QA 2 60.41 -33.79 56.99
C LYS QA 2 59.61 -33.48 58.25
N ILE QA 3 59.84 -32.31 58.83
CA ILE QA 3 59.17 -31.90 60.06
C ILE QA 3 58.59 -30.51 59.88
N LEU QA 4 57.34 -30.34 60.28
CA LEU QA 4 56.66 -29.05 60.30
C LEU QA 4 56.60 -28.51 61.71
N SER QA 5 56.87 -27.21 61.86
CA SER QA 5 56.73 -26.50 63.12
C SER QA 5 55.80 -25.31 62.92
N THR QA 6 54.96 -25.07 63.91
CA THR QA 6 54.10 -23.89 63.93
C THR QA 6 54.77 -22.68 64.55
N ASN QA 7 55.94 -22.86 65.16
CA ASN QA 7 56.74 -21.77 65.72
C ASN QA 7 56.00 -21.01 66.80
N ASN QA 8 55.05 -21.66 67.47
CA ASN QA 8 54.35 -21.05 68.59
C ASN QA 8 54.97 -21.43 69.93
N SER QA 9 56.03 -22.23 69.92
CA SER QA 9 56.65 -22.68 71.16
C SER QA 9 57.18 -21.53 72.01
N ASN QA 10 57.55 -20.42 71.38
CA ASN QA 10 58.10 -19.28 72.10
C ASN QA 10 57.06 -18.25 72.48
N SER QA 11 55.79 -18.48 72.12
CA SER QA 11 54.73 -17.57 72.51
C SER QA 11 54.23 -17.89 73.93
N ASN QA 12 53.63 -16.88 74.54
CA ASN QA 12 53.16 -16.90 75.92
C ASN QA 12 51.63 -16.84 75.92
N PHE QA 13 50.97 -17.93 76.33
CA PHE QA 13 49.52 -18.01 76.35
C PHE QA 13 49.01 -18.43 77.73
N VAL QA 14 47.74 -18.19 77.98
CA VAL QA 14 47.05 -18.63 79.17
C VAL QA 14 45.91 -19.52 78.73
N ASP QA 15 45.86 -20.72 79.27
CA ASP QA 15 44.72 -21.57 78.98
C ASP QA 15 43.49 -20.98 79.64
N THR QA 16 42.35 -21.09 78.96
CA THR QA 16 41.08 -20.72 79.57
C THR QA 16 39.98 -21.59 78.97
N SER QA 17 38.93 -21.80 79.75
CA SER QA 17 37.89 -22.75 79.38
C SER QA 17 36.90 -22.09 78.44
N PHE QA 18 36.53 -22.83 77.40
CA PHE QA 18 35.62 -22.31 76.37
C PHE QA 18 34.80 -23.53 75.92
N THR QA 19 33.70 -23.77 76.60
CA THR QA 19 32.96 -25.01 76.46
C THR QA 19 31.95 -24.89 75.32
N LEU QA 20 32.13 -25.70 74.29
CA LEU QA 20 31.35 -25.60 73.08
C LEU QA 20 30.04 -26.36 73.22
N LYS QA 21 28.96 -25.76 72.75
CA LYS QA 21 27.67 -26.45 72.60
C LYS QA 21 27.61 -26.93 71.15
N VAL QA 22 27.88 -28.22 70.95
CA VAL QA 22 27.94 -28.90 69.66
C VAL QA 22 26.55 -29.38 69.26
N PRO QA 23 26.14 -29.18 68.00
CA PRO QA 23 24.80 -29.58 67.58
C PRO QA 23 24.62 -31.09 67.50
N VAL QA 24 23.35 -31.50 67.55
CA VAL QA 24 22.98 -32.87 67.24
C VAL QA 24 22.20 -32.81 65.93
N TYR QA 25 22.93 -32.95 64.84
CA TYR QA 25 22.37 -32.62 63.54
C TYR QA 25 21.19 -33.50 63.21
N SER QA 26 21.28 -34.78 63.55
CA SER QA 26 20.20 -35.71 63.28
C SER QA 26 18.89 -35.25 63.92
N LYS QA 27 18.96 -34.79 65.19
CA LYS QA 27 17.74 -34.35 65.86
C LYS QA 27 17.21 -33.03 65.29
N ASP QA 28 18.11 -32.05 65.08
CA ASP QA 28 17.66 -30.68 64.90
C ASP QA 28 17.68 -30.16 63.47
N TYR QA 29 18.62 -30.57 62.65
CA TYR QA 29 18.93 -29.90 61.41
C TYR QA 29 18.54 -30.76 60.21
N ARG QA 30 18.07 -30.10 59.16
CA ARG QA 30 17.80 -30.68 57.85
C ARG QA 30 18.66 -29.92 56.83
N VAL QA 31 18.73 -30.42 55.61
CA VAL QA 31 19.63 -29.83 54.62
C VAL QA 31 18.82 -28.97 53.66
N THR QA 32 19.16 -27.68 53.59
CA THR QA 32 18.55 -26.72 52.67
C THR QA 32 19.25 -26.68 51.31
N GLN QA 33 20.58 -26.82 51.30
CA GLN QA 33 21.38 -26.67 50.07
C GLN QA 33 22.49 -27.71 50.09
N ASP QA 34 22.63 -28.49 49.00
CA ASP QA 34 23.73 -29.45 48.89
C ASP QA 34 24.57 -29.18 47.63
N GLU QA 35 24.99 -27.94 47.43
CA GLU QA 35 25.85 -27.75 46.27
C GLU QA 35 27.27 -28.28 46.54
N PRO QA 36 28.01 -28.63 45.48
CA PRO QA 36 29.28 -29.34 45.68
C PRO QA 36 30.27 -28.61 46.55
N ASP QA 37 30.28 -27.28 46.52
CA ASP QA 37 31.19 -26.51 47.35
C ASP QA 37 30.50 -25.78 48.50
N GLU QA 38 29.18 -25.88 48.63
CA GLU QA 38 28.48 -25.05 49.63
C GLU QA 38 27.25 -25.81 50.12
N VAL QA 39 27.20 -26.09 51.41
CA VAL QA 39 26.07 -26.76 52.02
C VAL QA 39 25.41 -25.82 53.01
N VAL QA 40 24.09 -25.86 53.05
CA VAL QA 40 23.30 -25.08 53.98
C VAL QA 40 22.35 -26.00 54.71
N VAL QA 41 22.22 -25.75 56.01
CA VAL QA 41 21.58 -26.63 56.97
C VAL QA 41 20.65 -25.77 57.82
N ALA QA 42 19.40 -26.17 57.94
CA ALA QA 42 18.39 -25.40 58.65
C ALA QA 42 17.96 -26.11 59.92
N ASN QA 43 17.59 -25.30 60.91
CA ASN QA 43 17.16 -25.79 62.20
C ASN QA 43 15.65 -26.02 62.17
N ARG QA 44 15.26 -27.29 62.11
CA ARG QA 44 13.86 -27.65 62.02
C ARG QA 44 13.08 -27.30 63.30
N GLN QA 45 13.77 -27.10 64.42
CA GLN QA 45 13.13 -26.85 65.71
C GLN QA 45 12.52 -25.46 65.82
N GLN QA 46 12.78 -24.57 64.86
CA GLN QA 46 12.35 -23.21 65.10
C GLN QA 46 10.96 -22.95 64.53
N PRO QA 47 10.22 -22.01 65.11
CA PRO QA 47 8.97 -21.54 64.47
C PRO QA 47 9.25 -20.77 63.19
N PHE QA 48 8.21 -20.36 62.46
CA PHE QA 48 8.46 -19.80 61.14
C PHE QA 48 9.19 -18.46 61.20
N GLY QA 49 8.84 -17.61 62.16
CA GLY QA 49 9.53 -16.34 62.27
C GLY QA 49 11.03 -16.52 62.44
N VAL QA 50 11.42 -17.43 63.32
CA VAL QA 50 12.81 -17.57 63.73
C VAL QA 50 13.57 -18.40 62.71
N LYS QA 51 14.61 -17.81 62.12
CA LYS QA 51 15.48 -18.52 61.18
C LYS QA 51 16.79 -18.86 61.87
N ASN QA 52 17.15 -20.15 61.84
CA ASN QA 52 18.37 -20.66 62.46
C ASN QA 52 19.03 -21.56 61.44
N THR QA 53 20.13 -21.10 60.83
CA THR QA 53 20.79 -21.85 59.77
C THR QA 53 22.31 -21.85 59.95
N ALA QA 54 22.94 -22.80 59.27
CA ALA QA 54 24.39 -22.91 59.21
C ALA QA 54 24.81 -23.17 57.78
N ARG QA 55 25.99 -22.66 57.43
CA ARG QA 55 26.49 -22.71 56.07
C ARG QA 55 27.94 -23.16 56.12
N TYR QA 56 28.26 -24.16 55.31
CA TYR QA 56 29.58 -24.79 55.33
C TYR QA 56 30.08 -24.78 53.90
N GLY QA 57 31.17 -24.08 53.64
CA GLY QA 57 31.64 -23.91 52.28
C GLY QA 57 33.14 -23.98 52.17
N ILE QA 58 33.61 -24.42 51.00
CA ILE QA 58 35.04 -24.41 50.68
C ILE QA 58 35.25 -23.74 49.33
N ARG QA 59 36.34 -22.98 49.25
CA ARG QA 59 36.83 -22.36 48.03
C ARG QA 59 38.28 -22.77 47.86
N GLN QA 60 38.74 -22.87 46.61
CA GLN QA 60 40.13 -23.21 46.36
C GLN QA 60 40.94 -21.92 46.20
N ILE QA 61 42.11 -21.89 46.84
CA ILE QA 61 43.01 -20.75 46.82
C ILE QA 61 44.05 -21.00 45.75
N ALA QA 62 44.07 -20.12 44.73
CA ALA QA 62 44.98 -20.29 43.61
C ALA QA 62 46.43 -20.25 44.09
N ASP QA 63 46.83 -19.11 44.65
CA ASP QA 63 48.19 -18.90 45.15
C ASP QA 63 48.09 -18.59 46.64
N VAL QA 64 48.53 -19.52 47.48
CA VAL QA 64 48.45 -19.31 48.92
C VAL QA 64 49.41 -18.22 49.38
N TYR QA 65 50.41 -17.90 48.57
CA TYR QA 65 51.37 -16.86 48.87
C TYR QA 65 50.99 -15.51 48.28
N ARG QA 66 49.81 -15.41 47.67
CA ARG QA 66 49.48 -14.27 46.81
C ARG QA 66 49.58 -12.94 47.57
N ASN QA 67 49.10 -12.91 48.80
CA ASN QA 67 49.10 -11.69 49.59
C ASN QA 67 50.11 -11.71 50.72
N THR QA 68 50.91 -12.77 50.85
CA THR QA 68 51.96 -12.83 51.86
C THR QA 68 53.28 -12.34 51.29
N THR QA 69 54.24 -12.13 52.18
CA THR QA 69 55.54 -11.58 51.81
C THR QA 69 56.66 -12.60 51.99
N ILE QA 70 56.32 -13.89 51.97
CA ILE QA 70 57.34 -14.94 52.06
C ILE QA 70 58.18 -14.92 50.79
N ASP QA 71 59.50 -14.94 50.95
CA ASP QA 71 60.35 -14.87 49.77
C ASP QA 71 60.12 -16.08 48.88
N ARG QA 72 60.26 -15.85 47.58
CA ARG QA 72 60.06 -16.91 46.59
C ARG QA 72 60.92 -18.12 46.93
N ALA QA 73 62.17 -17.87 47.36
CA ALA QA 73 63.11 -18.96 47.66
C ALA QA 73 62.62 -19.87 48.76
N TYR QA 74 61.63 -19.43 49.54
CA TYR QA 74 61.11 -20.25 50.64
C TYR QA 74 59.66 -20.64 50.44
N GLN QA 75 59.15 -20.55 49.21
CA GLN QA 75 57.78 -20.97 48.95
C GLN QA 75 57.74 -22.45 48.60
N SER QA 76 56.68 -23.12 49.06
CA SER QA 76 56.47 -24.51 48.69
C SER QA 76 56.31 -24.63 47.17
N PRO QA 77 56.65 -25.79 46.60
CA PRO QA 77 56.30 -26.01 45.20
C PRO QA 77 54.80 -25.98 44.97
N SER QA 78 54.03 -26.61 45.86
CA SER QA 78 52.58 -26.63 45.78
C SER QA 78 52.03 -25.37 46.43
N LYS QA 79 51.46 -24.48 45.62
CA LYS QA 79 51.00 -23.18 46.08
C LYS QA 79 49.50 -23.13 46.25
N LYS QA 80 48.81 -24.27 46.14
CA LYS QA 80 47.37 -24.30 46.25
C LYS QA 80 46.97 -24.34 47.72
N GLY QA 81 45.81 -23.76 48.02
CA GLY QA 81 45.26 -23.81 49.36
C GLY QA 81 43.77 -24.12 49.33
N THR QA 82 43.23 -24.34 50.52
CA THR QA 82 41.79 -24.48 50.71
C THR QA 82 41.32 -23.44 51.72
N SER QA 83 40.19 -22.81 51.41
CA SER QA 83 39.56 -21.82 52.28
C SER QA 83 38.23 -22.39 52.73
N LEU QA 84 38.08 -22.58 54.03
CA LEU QA 84 36.87 -23.10 54.64
C LEU QA 84 36.10 -21.97 55.31
N VAL QA 85 34.78 -22.03 55.23
CA VAL QA 85 33.91 -21.09 55.91
C VAL QA 85 32.82 -21.85 56.65
N VAL QA 86 32.57 -21.41 57.88
CA VAL QA 86 31.53 -21.95 58.73
C VAL QA 86 30.76 -20.74 59.24
N GLN QA 87 29.52 -20.58 58.76
CA GLN QA 87 28.65 -19.49 59.19
C GLN QA 87 27.46 -20.02 59.97
N VAL QA 88 27.11 -19.33 61.05
CA VAL QA 88 25.88 -19.60 61.78
C VAL QA 88 25.04 -18.34 61.78
N THR QA 89 23.74 -18.51 61.56
CA THR QA 89 22.76 -17.45 61.48
C THR QA 89 21.65 -17.76 62.47
N GLU QA 90 21.39 -16.84 63.39
CA GLU QA 90 20.37 -17.03 64.41
C GLU QA 90 19.40 -15.86 64.39
N THR QA 91 18.20 -16.10 64.89
CA THR QA 91 17.20 -15.06 65.04
C THR QA 91 16.79 -15.00 66.50
N TRP QA 92 17.09 -13.88 67.14
CA TRP QA 92 16.77 -13.66 68.54
C TRP QA 92 15.48 -12.87 68.62
N THR QA 93 14.77 -13.00 69.74
CA THR QA 93 13.52 -12.27 69.92
C THR QA 93 13.53 -11.53 71.25
N VAL QA 94 12.92 -10.37 71.25
CA VAL QA 94 12.77 -9.53 72.44
C VAL QA 94 11.30 -9.39 72.73
N ALA QA 95 10.91 -9.68 73.97
CA ALA QA 95 9.52 -9.57 74.39
C ALA QA 95 9.47 -9.00 75.80
N SER QA 96 8.26 -8.88 76.33
CA SER QA 96 8.03 -8.37 77.67
C SER QA 96 7.23 -9.35 78.50
N THR QA 97 7.65 -9.53 79.75
CA THR QA 97 6.88 -10.29 80.72
C THR QA 97 5.50 -9.67 80.90
N ASP QA 98 5.45 -8.35 81.01
CA ASP QA 98 4.23 -7.65 81.36
C ASP QA 98 3.29 -7.53 80.18
N ASP QA 99 3.84 -7.31 78.97
CA ASP QA 99 3.05 -7.02 77.78
C ASP QA 99 3.30 -8.12 76.74
N GLU QA 100 2.28 -8.93 76.50
CA GLU QA 100 2.41 -10.04 75.58
C GLU QA 100 2.40 -9.61 74.14
N THR QA 101 2.20 -8.32 73.87
CA THR QA 101 2.17 -7.79 72.50
C THR QA 101 3.48 -7.15 72.11
N TYR QA 102 4.35 -6.86 73.06
CA TYR QA 102 5.63 -6.23 72.79
C TYR QA 102 6.61 -7.29 72.33
N GLY QA 103 7.20 -7.08 71.16
CA GLY QA 103 8.19 -7.98 70.63
C GLY QA 103 8.79 -7.49 69.34
N TYR QA 104 10.02 -7.93 69.11
CA TYR QA 104 10.66 -7.77 67.80
C TYR QA 104 11.75 -8.82 67.63
N SER QA 105 12.23 -8.97 66.40
CA SER QA 105 13.25 -9.95 66.07
C SER QA 105 14.54 -9.26 65.67
N LEU QA 106 15.66 -9.78 66.19
CA LEU QA 106 17.01 -9.32 65.90
C LEU QA 106 17.77 -10.39 65.13
N PRO QA 107 18.46 -10.03 64.07
CA PRO QA 107 19.27 -11.03 63.35
C PRO QA 107 20.72 -11.06 63.82
N PHE QA 108 21.22 -12.25 64.14
CA PHE QA 108 22.61 -12.43 64.49
C PHE QA 108 23.26 -13.34 63.47
N SER QA 109 24.50 -13.03 63.11
CA SER QA 109 25.26 -13.94 62.27
C SER QA 109 26.71 -13.82 62.66
N ALA QA 110 27.44 -14.91 62.43
CA ALA QA 110 28.88 -14.88 62.64
C ALA QA 110 29.46 -16.05 61.89
N HIS QA 111 30.68 -15.87 61.40
CA HIS QA 111 31.33 -16.95 60.68
C HIS QA 111 32.81 -17.00 60.99
N VAL QA 112 33.38 -18.13 60.63
CA VAL QA 112 34.79 -18.41 60.77
C VAL QA 112 35.32 -18.82 59.40
N ILE QA 113 36.49 -18.31 59.06
CA ILE QA 113 37.16 -18.65 57.82
C ILE QA 113 38.54 -19.15 58.17
N VAL QA 114 38.96 -20.24 57.52
CA VAL QA 114 40.22 -20.90 57.78
C VAL QA 114 40.90 -21.14 56.44
N ASN QA 115 42.12 -20.63 56.29
CA ASN QA 115 42.85 -20.68 55.03
C ASN QA 115 44.09 -21.55 55.24
N VAL QA 116 44.01 -22.79 54.76
CA VAL QA 116 44.97 -23.85 55.03
C VAL QA 116 45.70 -24.19 53.75
N PRO QA 117 47.03 -24.09 53.70
CA PRO QA 117 47.77 -24.57 52.54
C PRO QA 117 47.63 -26.07 52.38
N GLN QA 118 47.66 -26.54 51.13
CA GLN QA 118 47.57 -27.97 50.83
C GLN QA 118 48.96 -28.57 50.98
N ASP QA 119 49.25 -29.07 52.18
CA ASP QA 119 50.53 -29.69 52.48
C ASP QA 119 50.30 -30.91 53.35
N ALA QA 120 51.00 -32.00 53.03
CA ALA QA 120 50.76 -33.26 53.72
C ALA QA 120 51.02 -33.15 55.22
N LEU QA 121 51.93 -32.26 55.63
CA LEU QA 121 52.34 -32.23 57.04
C LEU QA 121 51.32 -31.53 57.94
N ILE QA 122 50.43 -30.71 57.39
CA ILE QA 122 49.40 -30.07 58.20
C ILE QA 122 48.36 -31.12 58.58
N THR QA 123 48.08 -31.24 59.87
CA THR QA 123 47.17 -32.27 60.36
C THR QA 123 45.95 -31.65 61.03
N GLU QA 124 44.93 -32.50 61.22
CA GLU QA 124 43.67 -32.01 61.75
C GLU QA 124 43.86 -31.44 63.15
N GLU QA 125 44.72 -32.08 63.95
CA GLU QA 125 44.99 -31.56 65.28
C GLU QA 125 45.70 -30.21 65.21
N ILE QA 126 46.67 -30.07 64.29
CA ILE QA 126 47.34 -28.79 64.13
C ILE QA 126 46.33 -27.70 63.85
N LEU QA 127 45.35 -28.00 62.99
CA LEU QA 127 44.36 -26.99 62.64
C LEU QA 127 43.41 -26.67 63.78
N TYR QA 128 42.97 -27.68 64.53
CA TYR QA 128 42.13 -27.37 65.70
C TYR QA 128 42.89 -26.51 66.70
N ASP QA 129 44.16 -26.82 66.95
CA ASP QA 129 44.93 -26.00 67.89
C ASP QA 129 45.14 -24.59 67.34
N ALA QA 130 45.24 -24.46 66.01
CA ALA QA 130 45.22 -23.13 65.41
C ALA QA 130 43.92 -22.41 65.73
N LEU QA 131 42.78 -23.10 65.58
CA LEU QA 131 41.50 -22.47 65.90
C LEU QA 131 41.44 -22.05 67.36
N LYS QA 132 42.06 -22.84 68.24
CA LYS QA 132 42.06 -22.51 69.66
C LYS QA 132 42.89 -21.26 69.92
N ARG QA 133 44.05 -21.14 69.26
CA ARG QA 133 44.85 -19.92 69.35
C ARG QA 133 44.05 -18.72 68.82
N LEU QA 134 43.35 -18.92 67.69
CA LEU QA 134 42.54 -17.86 67.09
C LEU QA 134 41.49 -17.35 68.05
N MET QA 135 40.60 -18.24 68.49
CA MET QA 135 39.55 -17.83 69.43
C MET QA 135 40.13 -17.29 70.72
N GLY QA 136 41.37 -17.65 71.07
CA GLY QA 136 41.93 -17.08 72.28
C GLY QA 136 42.17 -15.59 72.22
N HIS QA 137 42.18 -15.01 71.03
CA HIS QA 137 42.37 -13.56 70.88
C HIS QA 137 41.14 -12.77 71.28
N PHE QA 138 40.04 -13.44 71.62
CA PHE QA 138 38.90 -12.75 72.22
C PHE QA 138 39.09 -12.50 73.70
N TYR QA 139 40.25 -12.85 74.25
CA TYR QA 139 40.54 -12.66 75.66
C TYR QA 139 41.92 -12.03 75.78
N GLU QA 140 42.26 -11.58 76.99
CA GLU QA 140 43.59 -11.10 77.31
C GLU QA 140 44.16 -11.92 78.45
N GLY QA 141 45.41 -12.35 78.29
CA GLY QA 141 46.06 -13.19 79.27
C GLY QA 141 46.91 -12.38 80.23
N ASN QA 142 46.96 -12.85 81.48
CA ASN QA 142 47.63 -12.21 82.59
C ASN QA 142 48.47 -13.24 83.34
N ASP QA 143 49.78 -13.28 83.05
CA ASP QA 143 50.77 -14.06 83.75
C ASP QA 143 51.32 -13.36 84.99
N THR QA 144 51.03 -12.05 85.16
CA THR QA 144 51.48 -11.33 86.36
C THR QA 144 50.90 -11.95 87.62
N THR QA 145 49.61 -12.32 87.58
CA THR QA 145 48.99 -12.95 88.73
C THR QA 145 49.71 -14.25 89.06
N SER QA 146 49.65 -14.61 90.34
CA SER QA 146 50.20 -15.89 90.77
C SER QA 146 49.45 -17.07 90.13
N PRO QA 147 48.10 -17.20 90.21
CA PRO QA 147 47.42 -18.13 89.29
C PRO QA 147 47.10 -17.39 87.99
N THR QA 148 47.46 -17.90 86.81
CA THR QA 148 47.37 -17.09 85.60
C THR QA 148 45.90 -16.92 85.25
N THR QA 149 45.51 -15.69 84.88
CA THR QA 149 44.09 -15.35 84.69
C THR QA 149 43.86 -14.66 83.36
N THR QA 150 42.60 -14.61 82.95
CA THR QA 150 42.22 -14.04 81.67
C THR QA 150 41.00 -13.15 81.84
N SER QA 151 40.90 -12.15 80.96
CA SER QA 151 39.78 -11.21 80.96
C SER QA 151 39.22 -11.05 79.57
N VAL QA 152 37.96 -10.64 79.49
CA VAL QA 152 37.21 -10.67 78.24
C VAL QA 152 37.37 -9.33 77.55
N ARG QA 153 37.46 -9.35 76.21
CA ARG QA 153 37.62 -8.13 75.43
C ARG QA 153 36.67 -8.03 74.23
N LEU QA 154 35.64 -8.88 74.16
CA LEU QA 154 34.73 -8.83 73.02
C LEU QA 154 33.95 -7.52 73.00
N LYS QA 155 33.41 -7.12 74.15
CA LYS QA 155 32.67 -5.86 74.21
C LYS QA 155 33.59 -4.69 73.92
N ASP QA 156 34.76 -4.66 74.56
CA ASP QA 156 35.71 -3.58 74.32
C ASP QA 156 36.01 -3.44 72.82
N MET QA 157 36.27 -4.56 72.13
CA MET QA 157 36.55 -4.47 70.70
C MET QA 157 35.33 -3.94 69.94
N LEU QA 158 34.14 -4.51 70.21
CA LEU QA 158 32.94 -4.02 69.54
C LEU QA 158 32.75 -2.52 69.74
N GLN QA 159 33.18 -1.98 70.87
CA GLN QA 159 32.99 -0.55 71.13
C GLN QA 159 34.07 0.33 70.52
N GLY QA 160 35.07 -0.26 69.83
CA GLY QA 160 36.07 0.51 69.12
C GLY QA 160 37.44 0.48 69.72
N ALA QA 161 37.59 -0.17 70.88
CA ALA QA 161 38.87 -0.31 71.58
C ALA QA 161 39.54 -1.58 71.11
N LEU QA 162 40.24 -1.49 69.99
CA LEU QA 162 40.75 -2.68 69.35
C LEU QA 162 42.14 -3.06 69.83
N VAL QA 163 42.88 -2.13 70.44
CA VAL QA 163 44.16 -2.47 71.02
C VAL QA 163 43.91 -3.16 72.35
N PRO QA 164 44.61 -4.23 72.65
CA PRO QA 164 44.46 -4.88 73.96
C PRO QA 164 44.81 -3.93 75.11
N GLN QA 165 44.27 -4.24 76.29
CA GLN QA 165 44.56 -3.42 77.46
C GLN QA 165 45.99 -3.65 77.94
N SER QA 166 46.57 -4.81 77.61
CA SER QA 166 47.94 -5.14 78.01
C SER QA 166 48.98 -4.28 77.29
N LEU QA 167 48.59 -3.54 76.24
CA LEU QA 167 49.53 -2.69 75.51
C LEU QA 167 49.17 -1.21 75.68
N SER RA 1 -2.04 -16.17 75.19
CA SER RA 1 -2.23 -14.75 74.97
C SER RA 1 -2.36 -14.48 73.48
N LYS RA 2 -1.26 -14.59 72.73
CA LYS RA 2 -1.37 -14.41 71.28
C LYS RA 2 -2.02 -15.63 70.64
N ILE RA 3 -3.05 -15.38 69.85
CA ILE RA 3 -3.83 -16.43 69.22
C ILE RA 3 -4.03 -16.07 67.76
N LEU RA 4 -3.77 -17.03 66.88
CA LEU RA 4 -4.12 -16.95 65.48
C LEU RA 4 -5.41 -17.74 65.26
N SER RA 5 -6.40 -17.12 64.63
CA SER RA 5 -7.60 -17.81 64.19
C SER RA 5 -7.65 -17.82 62.67
N THR RA 6 -8.06 -18.95 62.13
CA THR RA 6 -8.31 -19.07 60.71
C THR RA 6 -9.69 -18.57 60.32
N ASN RA 7 -10.49 -18.11 61.29
CA ASN RA 7 -11.81 -17.54 61.04
C ASN RA 7 -12.71 -18.52 60.27
N ASN RA 8 -12.49 -19.82 60.43
CA ASN RA 8 -13.38 -20.81 59.86
C ASN RA 8 -14.40 -21.30 60.87
N SER RA 9 -14.42 -20.70 62.07
CA SER RA 9 -15.29 -21.16 63.14
C SER RA 9 -16.77 -21.03 62.79
N ASN RA 10 -17.12 -20.11 61.89
CA ASN RA 10 -18.50 -19.93 61.50
C ASN RA 10 -18.82 -20.48 60.11
N SER RA 11 -17.86 -21.15 59.47
CA SER RA 11 -18.15 -21.87 58.24
C SER RA 11 -18.76 -23.23 58.56
N ASN RA 12 -19.60 -23.73 57.66
CA ASN RA 12 -20.27 -25.01 57.85
C ASN RA 12 -19.64 -26.05 56.93
N PHE RA 13 -19.09 -27.10 57.53
CA PHE RA 13 -18.44 -28.15 56.77
C PHE RA 13 -19.04 -29.51 57.07
N VAL RA 14 -18.62 -30.47 56.26
CA VAL RA 14 -18.97 -31.87 56.37
C VAL RA 14 -17.70 -32.69 56.13
N ASP RA 15 -17.42 -33.65 57.00
CA ASP RA 15 -16.20 -34.42 56.83
C ASP RA 15 -16.39 -35.51 55.77
N THR RA 16 -15.30 -35.82 55.07
CA THR RA 16 -15.28 -36.98 54.19
C THR RA 16 -13.87 -37.56 54.15
N SER RA 17 -13.79 -38.86 53.88
CA SER RA 17 -12.53 -39.57 53.92
C SER RA 17 -11.79 -39.42 52.60
N PHE RA 18 -10.48 -39.21 52.69
CA PHE RA 18 -9.65 -38.99 51.50
C PHE RA 18 -8.30 -39.62 51.83
N THR RA 19 -8.17 -40.90 51.53
CA THR RA 19 -7.04 -41.69 52.01
C THR RA 19 -5.87 -41.52 51.06
N LEU RA 20 -4.79 -40.95 51.57
CA LEU RA 20 -3.63 -40.61 50.74
C LEU RA 20 -2.72 -41.81 50.58
N LYS RA 21 -2.15 -41.94 49.38
CA LYS RA 21 -1.10 -42.92 49.10
C LYS RA 21 0.24 -42.17 49.14
N VAL RA 22 0.89 -42.24 50.30
CA VAL RA 22 2.17 -41.60 50.60
C VAL RA 22 3.32 -42.44 50.05
N PRO RA 23 4.30 -41.86 49.39
CA PRO RA 23 5.36 -42.68 48.79
C PRO RA 23 6.40 -43.18 49.79
N VAL RA 24 6.89 -44.38 49.51
CA VAL RA 24 8.07 -44.92 50.20
C VAL RA 24 9.26 -44.50 49.36
N TYR RA 25 9.77 -43.29 49.65
CA TYR RA 25 10.75 -42.68 48.78
C TYR RA 25 12.01 -43.53 48.72
N SER RA 26 12.40 -44.12 49.84
CA SER RA 26 13.56 -45.00 49.87
C SER RA 26 13.47 -46.12 48.83
N LYS RA 27 12.30 -46.76 48.65
CA LYS RA 27 12.23 -47.80 47.61
C LYS RA 27 12.14 -47.20 46.22
N ASP RA 28 11.25 -46.23 46.02
CA ASP RA 28 10.83 -45.93 44.66
C ASP RA 28 11.57 -44.78 43.99
N TYR RA 29 12.03 -43.79 44.74
CA TYR RA 29 12.39 -42.53 44.12
C TYR RA 29 13.88 -42.22 44.29
N ARG RA 30 14.43 -41.57 43.27
CA ARG RA 30 15.84 -41.16 43.23
C ARG RA 30 15.90 -39.72 42.76
N VAL RA 31 17.00 -39.02 43.04
CA VAL RA 31 17.07 -37.59 42.77
C VAL RA 31 17.64 -37.32 41.39
N THR RA 32 16.85 -36.66 40.54
CA THR RA 32 17.26 -36.12 39.25
C THR RA 32 17.82 -34.71 39.34
N GLN RA 33 17.24 -33.87 40.19
CA GLN RA 33 17.70 -32.49 40.33
C GLN RA 33 17.73 -32.11 41.80
N ASP RA 34 18.88 -31.62 42.28
CA ASP RA 34 19.05 -31.16 43.66
C ASP RA 34 19.51 -29.70 43.69
N GLU RA 35 18.80 -28.81 43.00
CA GLU RA 35 19.25 -27.44 43.15
C GLU RA 35 18.51 -26.80 44.32
N PRO RA 36 19.07 -25.73 44.90
CA PRO RA 36 18.67 -25.33 46.27
C PRO RA 36 17.19 -25.11 46.49
N ASP RA 37 16.51 -24.54 45.49
CA ASP RA 37 15.10 -24.20 45.56
C ASP RA 37 14.22 -25.09 44.69
N GLU RA 38 14.80 -26.08 44.00
CA GLU RA 38 13.99 -26.94 43.13
C GLU RA 38 14.61 -28.34 43.14
N VAL RA 39 13.81 -29.32 43.55
CA VAL RA 39 14.24 -30.71 43.58
C VAL RA 39 13.31 -31.51 42.69
N VAL RA 40 13.90 -32.29 41.80
CA VAL RA 40 13.17 -33.20 40.94
C VAL RA 40 13.59 -34.61 41.31
N VAL RA 41 12.60 -35.50 41.34
CA VAL RA 41 12.72 -36.84 41.84
C VAL RA 41 12.00 -37.77 40.87
N ALA RA 42 12.67 -38.85 40.49
CA ALA RA 42 12.14 -39.78 39.50
C ALA RA 42 11.81 -41.12 40.14
N ASN RA 43 10.83 -41.80 39.56
CA ASN RA 43 10.33 -43.07 40.05
C ASN RA 43 11.14 -44.20 39.42
N ARG RA 44 11.93 -44.88 40.24
CA ARG RA 44 12.78 -45.97 39.77
C ARG RA 44 11.96 -47.12 39.20
N GLN RA 45 10.73 -47.32 39.68
CA GLN RA 45 9.99 -48.55 39.39
C GLN RA 45 9.38 -48.60 37.99
N GLN RA 46 9.29 -47.48 37.29
CA GLN RA 46 8.66 -47.50 35.99
C GLN RA 46 9.60 -48.09 34.95
N PRO RA 47 9.06 -48.71 33.89
CA PRO RA 47 9.89 -49.12 32.74
C PRO RA 47 10.35 -47.92 31.94
N PHE RA 48 11.17 -48.14 30.91
CA PHE RA 48 11.82 -46.99 30.28
C PHE RA 48 10.84 -46.09 29.55
N GLY RA 49 9.76 -46.65 29.03
CA GLY RA 49 8.76 -45.82 28.38
C GLY RA 49 8.08 -44.88 29.34
N VAL RA 50 7.67 -45.39 30.49
CA VAL RA 50 6.85 -44.62 31.42
C VAL RA 50 7.71 -43.68 32.22
N LYS RA 51 7.31 -42.41 32.29
CA LYS RA 51 8.02 -41.39 33.05
C LYS RA 51 7.13 -40.96 34.22
N ASN RA 52 7.68 -41.05 35.43
CA ASN RA 52 6.97 -40.76 36.67
C ASN RA 52 7.89 -39.90 37.54
N THR RA 53 7.55 -38.63 37.71
CA THR RA 53 8.40 -37.70 38.46
C THR RA 53 7.58 -36.88 39.45
N ALA RA 54 8.30 -36.29 40.38
CA ALA RA 54 7.74 -35.36 41.37
C ALA RA 54 8.71 -34.21 41.51
N ARG RA 55 8.17 -33.01 41.68
CA ARG RA 55 8.96 -31.80 41.73
C ARG RA 55 8.55 -31.00 42.96
N TYR RA 56 9.54 -30.54 43.71
CA TYR RA 56 9.30 -29.84 44.97
C TYR RA 56 10.09 -28.54 44.89
N GLY RA 57 9.40 -27.41 45.02
CA GLY RA 57 10.07 -26.13 44.85
C GLY RA 57 9.51 -25.06 45.76
N ILE RA 58 10.38 -24.14 46.16
CA ILE RA 58 9.93 -22.97 46.91
C ILE RA 58 10.44 -21.71 46.21
N ARG RA 59 9.66 -20.65 46.37
CA ARG RA 59 9.96 -19.31 45.91
C ARG RA 59 9.72 -18.35 47.06
N GLN RA 60 10.55 -17.33 47.18
CA GLN RA 60 10.35 -16.35 48.24
C GLN RA 60 9.36 -15.29 47.75
N ILE RA 61 8.40 -14.95 48.61
CA ILE RA 61 7.36 -14.00 48.28
C ILE RA 61 7.74 -12.66 48.88
N ALA RA 62 7.80 -11.64 48.02
CA ALA RA 62 8.31 -10.34 48.42
C ALA RA 62 7.35 -9.64 49.37
N ASP RA 63 6.08 -9.50 48.96
CA ASP RA 63 5.03 -8.87 49.74
C ASP RA 63 3.81 -9.76 49.63
N VAL RA 64 3.48 -10.46 50.72
CA VAL RA 64 2.34 -11.36 50.68
C VAL RA 64 1.03 -10.58 50.62
N TYR RA 65 1.07 -9.28 50.89
CA TYR RA 65 -0.12 -8.42 50.88
C TYR RA 65 -0.37 -7.75 49.53
N ARG RA 66 0.46 -8.03 48.51
CA ARG RA 66 0.50 -7.18 47.33
C ARG RA 66 -0.66 -7.43 46.38
N ASN RA 67 -0.91 -8.68 46.01
CA ASN RA 67 -2.04 -8.89 45.11
C ASN RA 67 -3.38 -8.91 45.83
N THR RA 68 -3.38 -8.94 47.16
CA THR RA 68 -4.58 -9.21 47.94
C THR RA 68 -5.42 -7.96 48.14
N THR RA 69 -6.66 -8.17 48.57
CA THR RA 69 -7.50 -7.09 49.08
C THR RA 69 -7.19 -6.78 50.54
N ILE RA 70 -6.54 -7.71 51.22
CA ILE RA 70 -5.99 -7.43 52.53
C ILE RA 70 -4.80 -6.51 52.37
N ASP RA 71 -4.58 -5.64 53.36
CA ASP RA 71 -3.34 -4.92 53.47
C ASP RA 71 -2.88 -4.90 54.92
N ARG RA 72 -1.61 -4.53 55.10
CA ARG RA 72 -0.88 -4.85 56.32
C ARG RA 72 -1.23 -3.84 57.42
N ALA RA 73 -1.69 -4.35 58.56
CA ALA RA 73 -1.91 -3.52 59.73
C ALA RA 73 -0.56 -3.17 60.37
N TYR RA 74 -0.57 -2.17 61.25
CA TYR RA 74 0.69 -1.52 61.59
C TYR RA 74 1.60 -2.42 62.43
N GLN RA 75 1.02 -3.41 63.09
CA GLN RA 75 1.75 -4.28 64.00
C GLN RA 75 1.94 -5.67 63.43
N SER RA 76 2.09 -5.75 62.12
CA SER RA 76 2.39 -7.04 61.51
C SER RA 76 3.89 -7.30 61.57
N PRO RA 77 4.30 -8.54 61.82
CA PRO RA 77 5.74 -8.84 61.92
C PRO RA 77 6.50 -8.64 60.62
N SER RA 78 5.95 -9.13 59.51
CA SER RA 78 6.64 -9.06 58.22
C SER RA 78 5.62 -9.08 57.10
N LYS RA 79 6.05 -8.59 55.95
CA LYS RA 79 5.35 -8.80 54.69
C LYS RA 79 5.83 -10.04 53.96
N LYS RA 80 6.90 -10.67 54.45
CA LYS RA 80 7.55 -11.73 53.69
C LYS RA 80 6.65 -12.97 53.60
N GLY RA 81 6.95 -13.81 52.61
CA GLY RA 81 6.23 -15.06 52.52
C GLY RA 81 7.06 -16.12 51.83
N THR RA 82 6.51 -17.34 51.79
CA THR RA 82 7.12 -18.42 51.05
C THR RA 82 6.04 -19.14 50.25
N SER RA 83 6.37 -19.51 49.02
CA SER RA 83 5.45 -20.18 48.12
C SER RA 83 6.01 -21.55 47.81
N LEU RA 84 5.23 -22.59 48.11
CA LEU RA 84 5.63 -23.98 47.92
C LEU RA 84 4.85 -24.58 46.77
N VAL RA 85 5.52 -25.40 45.98
CA VAL RA 85 4.89 -26.15 44.90
C VAL RA 85 5.29 -27.60 45.02
N VAL RA 86 4.30 -28.47 44.84
CA VAL RA 86 4.47 -29.90 44.81
C VAL RA 86 3.79 -30.39 43.54
N GLN RA 87 4.56 -30.95 42.61
CA GLN RA 87 4.04 -31.42 41.34
C GLN RA 87 4.30 -32.91 41.18
N VAL RA 88 3.31 -33.61 40.63
CA VAL RA 88 3.48 -34.99 40.23
C VAL RA 88 3.19 -35.09 38.75
N THR RA 89 3.99 -35.92 38.06
CA THR RA 89 3.91 -36.15 36.63
C THR RA 89 3.89 -37.65 36.41
N GLU RA 90 2.86 -38.14 35.71
CA GLU RA 90 2.73 -39.55 35.46
C GLU RA 90 2.52 -39.79 33.97
N THR RA 91 2.82 -41.02 33.55
CA THR RA 91 2.66 -41.44 32.17
C THR RA 91 1.74 -42.65 32.15
N TRP RA 92 0.51 -42.46 31.70
CA TRP RA 92 -0.47 -43.53 31.62
C TRP RA 92 -0.39 -44.14 30.23
N THR RA 93 -0.75 -45.42 30.11
CA THR RA 93 -0.60 -46.12 28.83
C THR RA 93 -1.89 -46.81 28.45
N VAL RA 94 -2.31 -46.61 27.20
CA VAL RA 94 -3.48 -47.26 26.62
C VAL RA 94 -2.98 -48.32 25.66
N ALA RA 95 -3.49 -49.54 25.81
CA ALA RA 95 -3.17 -50.65 24.92
C ALA RA 95 -4.47 -51.37 24.53
N SER RA 96 -4.34 -52.34 23.64
CA SER RA 96 -5.50 -53.10 23.19
C SER RA 96 -5.22 -54.59 23.31
N THR RA 97 -6.21 -55.34 23.79
CA THR RA 97 -6.14 -56.80 23.87
C THR RA 97 -6.36 -57.47 22.52
N ASP RA 98 -6.85 -56.72 21.53
CA ASP RA 98 -7.03 -57.24 20.17
C ASP RA 98 -5.77 -57.07 19.34
N ASP RA 99 -5.24 -55.85 19.30
CA ASP RA 99 -4.13 -55.48 18.43
C ASP RA 99 -2.89 -55.21 19.28
N GLU RA 100 -1.81 -55.93 18.98
CA GLU RA 100 -0.54 -55.62 19.62
C GLU RA 100 0.06 -54.32 19.10
N THR RA 101 -0.36 -53.87 17.91
CA THR RA 101 0.16 -52.63 17.34
C THR RA 101 -0.41 -51.39 18.01
N TYR RA 102 -1.63 -51.48 18.52
CA TYR RA 102 -2.34 -50.30 18.98
C TYR RA 102 -1.92 -49.96 20.40
N GLY RA 103 -1.45 -48.73 20.57
CA GLY RA 103 -1.14 -48.21 21.89
C GLY RA 103 -0.71 -46.77 21.81
N TYR RA 104 -0.84 -46.08 22.94
CA TYR RA 104 -0.33 -44.72 23.08
C TYR RA 104 -0.12 -44.40 24.55
N SER RA 105 0.53 -43.26 24.80
CA SER RA 105 0.83 -42.79 26.14
C SER RA 105 0.13 -41.45 26.38
N LEU RA 106 -0.51 -41.32 27.53
CA LEU RA 106 -1.17 -40.11 27.96
C LEU RA 106 -0.36 -39.47 29.07
N PRO RA 107 -0.05 -38.19 28.97
CA PRO RA 107 0.67 -37.52 30.05
C PRO RA 107 -0.29 -36.90 31.07
N PHE RA 108 -0.13 -37.23 32.34
CA PHE RA 108 -0.90 -36.62 33.41
C PHE RA 108 0.01 -35.74 34.25
N SER RA 109 -0.49 -34.57 34.67
CA SER RA 109 0.28 -33.82 35.64
C SER RA 109 -0.67 -33.07 36.56
N ALA RA 110 -0.17 -32.77 37.75
CA ALA RA 110 -0.96 -31.96 38.65
C ALA RA 110 -0.03 -31.41 39.71
N HIS RA 111 -0.41 -30.26 40.27
CA HIS RA 111 0.43 -29.70 41.31
C HIS RA 111 -0.41 -28.90 42.30
N VAL RA 112 0.20 -28.65 43.44
CA VAL RA 112 -0.38 -27.87 44.52
C VAL RA 112 0.60 -26.74 44.81
N ILE RA 113 0.05 -25.56 45.09
CA ILE RA 113 0.83 -24.40 45.45
C ILE RA 113 0.24 -23.82 46.72
N VAL RA 114 1.11 -23.46 47.66
CA VAL RA 114 0.73 -22.99 48.98
C VAL RA 114 1.50 -21.71 49.27
N ASN RA 115 0.81 -20.66 49.71
CA ASN RA 115 1.42 -19.34 49.88
C ASN RA 115 1.34 -18.92 51.35
N VAL RA 116 2.38 -19.23 52.11
CA VAL RA 116 2.36 -19.12 53.57
C VAL RA 116 3.03 -17.82 53.97
N PRO RA 117 2.36 -16.94 54.72
CA PRO RA 117 3.04 -15.77 55.28
C PRO RA 117 4.06 -16.16 56.34
N GLN RA 118 5.01 -15.24 56.58
CA GLN RA 118 6.05 -15.44 57.60
C GLN RA 118 5.54 -14.89 58.92
N ASP RA 119 4.79 -15.73 59.64
CA ASP RA 119 4.39 -15.42 61.01
C ASP RA 119 4.55 -16.69 61.82
N ALA RA 120 5.21 -16.58 62.97
CA ALA RA 120 5.57 -17.77 63.73
C ALA RA 120 4.34 -18.51 64.26
N LEU RA 121 3.20 -17.81 64.41
CA LEU RA 121 1.98 -18.44 64.91
C LEU RA 121 1.33 -19.38 63.91
N ILE RA 122 1.67 -19.27 62.63
CA ILE RA 122 1.26 -20.29 61.66
C ILE RA 122 2.03 -21.56 61.95
N THR RA 123 1.31 -22.64 62.23
CA THR RA 123 1.94 -23.90 62.59
C THR RA 123 1.76 -24.93 61.47
N GLU RA 124 2.57 -25.99 61.56
CA GLU RA 124 2.52 -27.01 60.53
C GLU RA 124 1.14 -27.64 60.47
N GLU RA 125 0.51 -27.80 61.65
CA GLU RA 125 -0.83 -28.36 61.66
C GLU RA 125 -1.85 -27.39 61.05
N ILE RA 126 -1.71 -26.08 61.34
CA ILE RA 126 -2.62 -25.10 60.73
C ILE RA 126 -2.56 -25.23 59.22
N LEU RA 127 -1.34 -25.39 58.68
CA LEU RA 127 -1.18 -25.49 57.24
C LEU RA 127 -1.78 -26.78 56.69
N TYR RA 128 -1.55 -27.92 57.35
CA TYR RA 128 -2.17 -29.14 56.85
C TYR RA 128 -3.70 -29.05 56.87
N ASP RA 129 -4.28 -28.48 57.93
CA ASP RA 129 -5.73 -28.36 57.97
C ASP RA 129 -6.23 -27.40 56.90
N ALA RA 130 -5.43 -26.38 56.57
CA ALA RA 130 -5.76 -25.55 55.43
C ALA RA 130 -5.79 -26.36 54.15
N LEU RA 131 -4.79 -27.24 53.95
CA LEU RA 131 -4.79 -28.10 52.77
C LEU RA 131 -6.02 -28.99 52.73
N LYS RA 132 -6.48 -29.46 53.91
CA LYS RA 132 -7.67 -30.29 53.97
C LYS RA 132 -8.91 -29.52 53.56
N ARG RA 133 -9.03 -28.28 54.04
CA ARG RA 133 -10.11 -27.40 53.59
C ARG RA 133 -10.05 -27.18 52.09
N LEU RA 134 -8.84 -26.97 51.56
CA LEU RA 134 -8.64 -26.77 50.13
C LEU RA 134 -9.18 -27.94 49.32
N MET RA 135 -8.64 -29.13 49.55
CA MET RA 135 -9.09 -30.31 48.84
C MET RA 135 -10.58 -30.57 49.04
N GLY RA 136 -11.16 -30.09 50.15
CA GLY RA 136 -12.60 -30.27 50.32
C GLY RA 136 -13.42 -29.66 49.20
N HIS RA 137 -12.90 -28.63 48.52
CA HIS RA 137 -13.64 -27.97 47.44
C HIS RA 137 -13.79 -28.84 46.20
N PHE RA 138 -13.19 -30.03 46.17
CA PHE RA 138 -13.48 -30.99 45.13
C PHE RA 138 -14.73 -31.80 45.43
N TYR RA 139 -15.52 -31.36 46.41
CA TYR RA 139 -16.70 -32.07 46.85
C TYR RA 139 -17.77 -31.04 47.22
N GLU RA 140 -18.99 -31.52 47.42
CA GLU RA 140 -20.09 -30.74 47.98
C GLU RA 140 -20.67 -31.50 49.15
N GLY RA 141 -21.03 -30.78 50.22
CA GLY RA 141 -21.53 -31.41 51.41
C GLY RA 141 -22.98 -31.10 51.72
N ASN RA 142 -23.62 -31.94 52.56
CA ASN RA 142 -25.01 -31.76 52.96
C ASN RA 142 -25.11 -31.82 54.47
N ASP RA 143 -25.53 -30.72 55.11
CA ASP RA 143 -25.82 -30.82 56.54
C ASP RA 143 -27.10 -31.60 56.80
N THR RA 144 -27.95 -31.70 55.79
CA THR RA 144 -29.32 -32.15 56.03
C THR RA 144 -29.39 -33.58 56.52
N THR RA 145 -28.78 -34.50 55.81
CA THR RA 145 -28.88 -35.92 56.16
C THR RA 145 -28.31 -36.19 57.54
N SER RA 146 -28.83 -37.23 58.16
CA SER RA 146 -28.36 -37.57 59.49
C SER RA 146 -26.94 -38.11 59.47
N PRO RA 147 -26.56 -39.04 58.61
CA PRO RA 147 -25.13 -39.11 58.31
C PRO RA 147 -24.86 -38.12 57.19
N THR RA 148 -23.93 -37.20 57.42
CA THR RA 148 -23.67 -36.18 56.42
C THR RA 148 -23.19 -36.83 55.14
N THR RA 149 -23.68 -36.34 54.01
CA THR RA 149 -23.34 -36.91 52.72
C THR RA 149 -22.57 -35.90 51.89
N THR RA 150 -21.64 -36.42 51.10
CA THR RA 150 -20.82 -35.62 50.20
C THR RA 150 -20.87 -36.21 48.80
N SER RA 151 -21.07 -35.35 47.81
CA SER RA 151 -21.01 -35.71 46.41
C SER RA 151 -19.77 -35.08 45.78
N VAL RA 152 -19.44 -35.52 44.56
CA VAL RA 152 -18.18 -35.18 43.93
C VAL RA 152 -18.37 -34.10 42.90
N ARG RA 153 -17.30 -33.33 42.68
CA ARG RA 153 -17.31 -32.22 41.76
C ARG RA 153 -16.36 -32.35 40.59
N LEU RA 154 -15.28 -33.13 40.73
CA LEU RA 154 -14.18 -33.06 39.77
C LEU RA 154 -14.65 -33.22 38.34
N LYS RA 155 -15.54 -34.19 38.09
CA LYS RA 155 -16.07 -34.35 36.74
C LYS RA 155 -16.81 -33.09 36.30
N ASP RA 156 -17.81 -32.68 37.08
CA ASP RA 156 -18.64 -31.55 36.67
C ASP RA 156 -17.77 -30.30 36.42
N MET RA 157 -16.73 -30.11 37.22
CA MET RA 157 -15.86 -28.95 37.02
C MET RA 157 -15.07 -29.08 35.73
N LEU RA 158 -14.38 -30.22 35.54
CA LEU RA 158 -13.64 -30.42 34.30
C LEU RA 158 -14.53 -30.32 33.07
N GLN RA 159 -15.82 -30.60 33.22
CA GLN RA 159 -16.78 -30.49 32.14
C GLN RA 159 -17.29 -29.06 31.94
N GLY RA 160 -16.95 -28.12 32.82
CA GLY RA 160 -17.33 -26.73 32.67
C GLY RA 160 -18.42 -26.26 33.61
N ALA RA 161 -18.95 -27.13 34.46
CA ALA RA 161 -19.93 -26.74 35.47
C ALA RA 161 -19.18 -26.28 36.71
N LEU RA 162 -18.70 -25.04 36.65
CA LEU RA 162 -17.78 -24.59 37.69
C LEU RA 162 -18.50 -24.09 38.93
N VAL RA 163 -19.79 -23.80 38.84
CA VAL RA 163 -20.52 -23.39 40.03
C VAL RA 163 -20.94 -24.66 40.76
N PRO RA 164 -20.83 -24.71 42.08
CA PRO RA 164 -21.36 -25.84 42.83
C PRO RA 164 -22.85 -26.03 42.56
N GLN RA 165 -23.25 -27.30 42.42
CA GLN RA 165 -24.65 -27.62 42.14
C GLN RA 165 -25.55 -27.29 43.33
N SER RA 166 -24.97 -27.13 44.52
CA SER RA 166 -25.72 -26.70 45.69
C SER RA 166 -26.19 -25.25 45.59
N LEU RA 167 -25.46 -24.42 44.84
CA LEU RA 167 -25.80 -23.02 44.70
C LEU RA 167 -26.80 -22.79 43.58
N SER SA 1 0.64 -61.08 24.51
CA SER SA 1 1.58 -60.23 25.23
C SER SA 1 2.90 -60.14 24.48
N LYS SA 2 3.69 -59.12 24.80
CA LYS SA 2 4.93 -58.83 24.11
C LYS SA 2 6.12 -59.40 24.88
N ILE SA 3 7.08 -59.97 24.16
CA ILE SA 3 8.25 -60.59 24.76
C ILE SA 3 9.49 -60.12 24.02
N LEU SA 4 10.56 -59.84 24.79
CA LEU SA 4 11.87 -59.53 24.25
C LEU SA 4 12.79 -60.74 24.45
N SER SA 5 13.57 -61.06 23.42
CA SER SA 5 14.62 -62.07 23.52
C SER SA 5 15.95 -61.44 23.13
N THR SA 6 16.98 -61.76 23.90
CA THR SA 6 18.33 -61.34 23.55
C THR SA 6 18.99 -62.29 22.56
N ASN SA 7 18.34 -63.38 22.20
CA ASN SA 7 18.84 -64.35 21.23
C ASN SA 7 20.16 -64.98 21.66
N ASN SA 8 20.51 -64.88 22.93
CA ASN SA 8 21.69 -65.55 23.46
C ASN SA 8 21.36 -66.96 23.98
N SER SA 9 20.16 -67.46 23.69
CA SER SA 9 19.74 -68.74 24.23
C SER SA 9 20.65 -69.87 23.76
N ASN SA 10 21.04 -69.85 22.49
CA ASN SA 10 21.80 -70.95 21.90
C ASN SA 10 23.30 -70.71 21.86
N SER SA 11 23.77 -69.55 22.29
CA SER SA 11 25.20 -69.27 22.29
C SER SA 11 25.86 -69.93 23.50
N ASN SA 12 27.13 -70.29 23.35
CA ASN SA 12 27.84 -71.11 24.32
C ASN SA 12 28.78 -70.26 25.18
N PHE SA 13 28.59 -70.31 26.49
CA PHE SA 13 29.44 -69.57 27.41
C PHE SA 13 29.98 -70.48 28.50
N VAL SA 14 30.99 -69.96 29.19
CA VAL SA 14 31.55 -70.54 30.40
C VAL SA 14 31.52 -69.46 31.47
N ASP SA 15 30.95 -69.78 32.62
CA ASP SA 15 30.91 -68.79 33.68
C ASP SA 15 32.30 -68.65 34.31
N THR SA 16 32.59 -67.43 34.79
CA THR SA 16 33.79 -67.23 35.61
C THR SA 16 33.53 -66.10 36.60
N SER SA 17 34.25 -66.14 37.72
CA SER SA 17 33.99 -65.23 38.82
C SER SA 17 34.72 -63.92 38.61
N PHE SA 18 34.04 -62.81 38.92
CA PHE SA 18 34.58 -61.48 38.71
C PHE SA 18 33.98 -60.62 39.83
N THR SA 19 34.67 -60.57 40.95
CA THR SA 19 34.11 -59.98 42.16
C THR SA 19 34.38 -58.48 42.18
N LEU SA 20 33.32 -57.69 42.16
CA LEU SA 20 33.44 -56.25 42.06
C LEU SA 20 33.69 -55.62 43.42
N LYS SA 21 34.62 -54.67 43.46
CA LYS SA 21 34.83 -53.83 44.63
C LYS SA 21 33.99 -52.57 44.43
N VAL SA 22 32.84 -52.51 45.11
CA VAL SA 22 31.86 -51.44 45.01
C VAL SA 22 32.18 -50.32 46.00
N PRO SA 23 32.17 -49.07 45.58
CA PRO SA 23 32.52 -47.97 46.48
C PRO SA 23 31.48 -47.72 47.56
N VAL SA 24 31.96 -47.27 48.72
CA VAL SA 24 31.12 -46.71 49.77
C VAL SA 24 31.24 -45.20 49.62
N TYR SA 25 30.33 -44.63 48.83
CA TYR SA 25 30.48 -43.23 48.45
C TYR SA 25 30.44 -42.32 49.66
N SER SA 26 29.54 -42.62 50.59
CA SER SA 26 29.43 -41.83 51.82
C SER SA 26 30.78 -41.69 52.54
N LYS SA 27 31.59 -42.75 52.60
CA LYS SA 27 32.87 -42.57 53.30
C LYS SA 27 33.94 -41.98 52.39
N ASP SA 28 34.03 -42.41 51.12
CA ASP SA 28 35.23 -42.07 50.36
C ASP SA 28 35.10 -40.90 49.40
N TYR SA 29 33.91 -40.58 48.93
CA TYR SA 29 33.81 -39.67 47.80
C TYR SA 29 33.08 -38.38 48.17
N ARG SA 30 33.31 -37.36 47.34
CA ARG SA 30 32.57 -36.11 47.33
C ARG SA 30 32.23 -35.76 45.89
N VAL SA 31 31.32 -34.83 45.71
CA VAL SA 31 30.89 -34.44 44.38
C VAL SA 31 31.70 -33.24 43.91
N THR SA 32 32.38 -33.40 42.78
CA THR SA 32 33.13 -32.34 42.12
C THR SA 32 32.27 -31.52 41.17
N GLN SA 33 31.41 -32.18 40.38
CA GLN SA 33 30.59 -31.47 39.42
C GLN SA 33 29.18 -32.06 39.46
N ASP SA 34 28.18 -31.20 39.61
CA ASP SA 34 26.76 -31.62 39.64
C ASP SA 34 26.07 -30.92 38.47
N GLU SA 35 26.16 -31.53 37.30
CA GLU SA 35 25.45 -31.09 36.11
C GLU SA 35 24.31 -32.05 35.81
N PRO SA 36 23.32 -31.61 35.03
CA PRO SA 36 22.19 -32.50 34.74
C PRO SA 36 22.58 -33.70 33.90
N ASP SA 37 23.63 -33.60 33.10
CA ASP SA 37 24.02 -34.67 32.21
C ASP SA 37 25.32 -35.34 32.61
N GLU SA 38 26.09 -34.74 33.51
CA GLU SA 38 27.46 -35.17 33.77
C GLU SA 38 27.76 -34.88 35.24
N VAL SA 39 27.98 -35.91 36.02
CA VAL SA 39 28.38 -35.78 37.41
C VAL SA 39 29.82 -36.27 37.56
N VAL SA 40 30.59 -35.51 38.33
CA VAL SA 40 31.97 -35.87 38.62
C VAL SA 40 32.15 -35.99 40.12
N VAL SA 41 32.85 -37.03 40.52
CA VAL SA 41 33.01 -37.46 41.89
C VAL SA 41 34.49 -37.67 42.12
N ALA SA 42 34.94 -37.39 43.35
CA ALA SA 42 36.36 -37.45 43.67
C ALA SA 42 36.57 -38.09 45.03
N ASN SA 43 37.71 -38.75 45.20
CA ASN SA 43 38.06 -39.43 46.44
C ASN SA 43 38.77 -38.41 47.34
N ARG SA 44 38.08 -38.00 48.39
CA ARG SA 44 38.63 -37.06 49.35
C ARG SA 44 39.60 -37.69 50.34
N GLN SA 45 39.64 -39.03 50.41
CA GLN SA 45 40.55 -39.72 51.33
C GLN SA 45 41.96 -39.87 50.78
N GLN SA 46 42.13 -39.82 49.46
CA GLN SA 46 43.45 -39.93 48.87
C GLN SA 46 44.33 -38.78 49.36
N PRO SA 47 45.63 -39.00 49.49
CA PRO SA 47 46.56 -37.88 49.70
C PRO SA 47 46.53 -36.93 48.50
N PHE SA 48 47.16 -35.76 48.67
CA PHE SA 48 46.99 -34.68 47.71
C PHE SA 48 47.53 -35.06 46.33
N GLY SA 49 48.67 -35.74 46.30
CA GLY SA 49 49.25 -36.11 45.01
C GLY SA 49 48.35 -37.02 44.20
N VAL SA 50 47.66 -37.95 44.86
CA VAL SA 50 46.91 -39.00 44.18
C VAL SA 50 45.47 -38.54 43.98
N LYS SA 51 45.11 -38.31 42.73
CA LYS SA 51 43.75 -37.91 42.39
C LYS SA 51 43.00 -39.15 41.91
N ASN SA 52 41.99 -39.57 42.68
CA ASN SA 52 41.12 -40.69 42.32
C ASN SA 52 39.72 -40.14 42.04
N THR SA 53 39.28 -40.20 40.77
CA THR SA 53 38.02 -39.58 40.35
C THR SA 53 37.17 -40.56 39.53
N ALA SA 54 35.91 -40.17 39.35
CA ALA SA 54 34.95 -40.95 38.58
C ALA SA 54 33.94 -39.99 37.96
N ARG SA 55 33.40 -40.38 36.82
CA ARG SA 55 32.55 -39.52 36.01
C ARG SA 55 31.38 -40.33 35.49
N TYR SA 56 30.18 -39.79 35.63
CA TYR SA 56 28.96 -40.50 35.28
C TYR SA 56 28.15 -39.59 34.37
N GLY SA 57 27.94 -39.99 33.13
CA GLY SA 57 27.34 -39.10 32.15
C GLY SA 57 26.33 -39.80 31.28
N ILE SA 58 25.37 -39.02 30.79
CA ILE SA 58 24.34 -39.51 29.87
C ILE SA 58 24.19 -38.52 28.73
N ARG SA 59 24.32 -39.02 27.51
CA ARG SA 59 23.93 -38.33 26.29
C ARG SA 59 22.67 -38.99 25.76
N GLN SA 60 21.84 -38.27 25.04
CA GLN SA 60 20.64 -38.87 24.50
C GLN SA 60 20.82 -39.17 23.02
N ILE SA 61 20.50 -40.39 22.62
CA ILE SA 61 20.75 -40.89 21.27
C ILE SA 61 19.53 -40.61 20.41
N ALA SA 62 19.76 -39.91 19.29
CA ALA SA 62 18.66 -39.49 18.43
C ALA SA 62 18.08 -40.66 17.63
N ASP SA 63 18.93 -41.39 16.94
CA ASP SA 63 18.53 -42.58 16.18
C ASP SA 63 19.42 -43.72 16.64
N VAL SA 64 18.87 -44.65 17.41
CA VAL SA 64 19.66 -45.77 17.90
C VAL SA 64 20.03 -46.71 16.77
N TYR SA 65 19.38 -46.59 15.61
CA TYR SA 65 19.63 -47.42 14.45
C TYR SA 65 20.62 -46.78 13.47
N ARG SA 66 21.27 -45.69 13.84
CA ARG SA 66 21.99 -44.89 12.85
C ARG SA 66 23.15 -45.67 12.24
N ASN SA 67 23.95 -46.33 13.07
CA ASN SA 67 25.12 -47.05 12.59
C ASN SA 67 24.92 -48.57 12.64
N THR SA 68 23.68 -49.01 12.43
CA THR SA 68 23.33 -50.43 12.46
C THR SA 68 22.86 -50.89 11.08
N THR SA 69 22.82 -52.20 10.91
CA THR SA 69 22.45 -52.84 9.65
C THR SA 69 20.97 -53.23 9.62
N ILE SA 70 20.16 -52.68 10.52
CA ILE SA 70 18.77 -53.09 10.66
C ILE SA 70 17.95 -52.25 9.70
N ASP SA 71 17.30 -52.90 8.73
CA ASP SA 71 16.47 -52.17 7.79
C ASP SA 71 15.26 -51.56 8.50
N ARG SA 72 14.75 -50.47 7.91
CA ARG SA 72 13.69 -49.71 8.57
C ARG SA 72 12.46 -50.58 8.84
N ALA SA 73 12.13 -51.49 7.91
CA ALA SA 73 10.97 -52.36 8.08
C ALA SA 73 11.05 -53.22 9.33
N TYR SA 74 12.22 -53.28 9.96
CA TYR SA 74 12.42 -54.12 11.15
C TYR SA 74 12.74 -53.29 12.39
N GLN SA 75 12.65 -51.96 12.30
CA GLN SA 75 12.95 -51.08 13.42
C GLN SA 75 11.71 -50.86 14.28
N SER SA 76 11.91 -50.46 15.54
CA SER SA 76 10.79 -50.12 16.39
C SER SA 76 10.18 -48.82 15.90
N PRO SA 77 9.01 -48.45 16.40
CA PRO SA 77 8.49 -47.12 16.05
C PRO SA 77 9.32 -46.00 16.66
N SER SA 78 9.97 -46.25 17.79
CA SER SA 78 10.70 -45.22 18.54
C SER SA 78 12.18 -45.42 18.33
N LYS SA 79 12.86 -44.38 17.84
CA LYS SA 79 14.30 -44.45 17.61
C LYS SA 79 15.08 -43.87 18.78
N LYS SA 80 14.40 -43.40 19.83
CA LYS SA 80 15.06 -42.78 20.96
C LYS SA 80 15.99 -43.76 21.67
N GLY SA 81 17.08 -43.23 22.23
CA GLY SA 81 17.91 -44.02 23.11
C GLY SA 81 18.62 -43.13 24.11
N THR SA 82 19.32 -43.76 25.05
CA THR SA 82 20.23 -43.04 25.93
C THR SA 82 21.58 -43.74 25.92
N SER SA 83 22.62 -42.98 26.23
CA SER SA 83 23.99 -43.44 26.17
C SER SA 83 24.64 -43.06 27.49
N LEU SA 84 25.08 -44.08 28.23
CA LEU SA 84 25.66 -43.92 29.54
C LEU SA 84 27.17 -44.09 29.46
N VAL SA 85 27.88 -43.27 30.22
CA VAL SA 85 29.32 -43.43 30.36
C VAL SA 85 29.66 -43.44 31.85
N VAL SA 86 30.55 -44.37 32.20
CA VAL SA 86 31.08 -44.50 33.55
C VAL SA 86 32.59 -44.54 33.40
N GLN SA 87 33.26 -43.48 33.84
CA GLN SA 87 34.70 -43.38 33.75
C GLN SA 87 35.33 -43.36 35.13
N VAL SA 88 36.45 -44.06 35.27
CA VAL SA 88 37.24 -44.02 36.49
C VAL SA 88 38.64 -43.57 36.12
N THR SA 89 39.23 -42.75 36.98
CA THR SA 89 40.58 -42.21 36.84
C THR SA 89 41.32 -42.44 38.14
N GLU SA 90 42.44 -43.16 38.07
CA GLU SA 90 43.26 -43.43 39.24
C GLU SA 90 44.68 -42.94 38.98
N THR SA 91 45.41 -42.76 40.08
CA THR SA 91 46.82 -42.37 40.00
C THR SA 91 47.62 -43.31 40.89
N TRP SA 92 48.48 -44.11 40.27
CA TRP SA 92 49.30 -45.08 40.98
C TRP SA 92 50.67 -44.46 41.19
N THR SA 93 51.35 -44.85 42.27
CA THR SA 93 52.68 -44.32 42.53
C THR SA 93 53.70 -45.45 42.57
N VAL SA 94 54.86 -45.18 41.97
CA VAL SA 94 55.99 -46.09 41.98
C VAL SA 94 57.07 -45.45 42.84
N ALA SA 95 57.60 -46.21 43.80
CA ALA SA 95 58.66 -45.73 44.66
C ALA SA 95 59.62 -46.89 44.92
N SER SA 96 60.61 -46.65 45.77
CA SER SA 96 61.66 -47.62 46.03
C SER SA 96 61.82 -47.87 47.52
N THR SA 97 62.21 -49.10 47.85
CA THR SA 97 62.55 -49.45 49.22
C THR SA 97 63.87 -48.83 49.65
N ASP SA 98 64.86 -48.89 48.76
CA ASP SA 98 66.20 -48.47 49.11
C ASP SA 98 66.36 -46.96 49.03
N ASP SA 99 65.54 -46.30 48.20
CA ASP SA 99 65.72 -44.90 47.86
C ASP SA 99 64.42 -44.15 48.10
N GLU SA 100 64.44 -43.22 49.07
CA GLU SA 100 63.28 -42.40 49.34
C GLU SA 100 63.06 -41.34 48.28
N THR SA 101 64.07 -40.99 47.51
CA THR SA 101 63.94 -39.93 46.51
C THR SA 101 63.49 -40.46 45.14
N TYR SA 102 63.35 -41.75 44.96
CA TYR SA 102 63.01 -42.32 43.67
C TYR SA 102 61.52 -42.62 43.63
N GLY SA 103 60.84 -42.02 42.65
CA GLY SA 103 59.44 -42.34 42.41
C GLY SA 103 58.88 -41.54 41.26
N TYR SA 104 57.68 -41.96 40.85
CA TYR SA 104 56.86 -41.23 39.89
C TYR SA 104 55.40 -41.65 40.03
N SER SA 105 54.52 -40.99 39.28
CA SER SA 105 53.09 -41.27 39.30
C SER SA 105 52.63 -41.67 37.91
N LEU SA 106 51.90 -42.78 37.83
CA LEU SA 106 51.34 -43.32 36.61
C LEU SA 106 49.85 -43.04 36.57
N PRO SA 107 49.34 -42.51 35.47
CA PRO SA 107 47.90 -42.30 35.36
C PRO SA 107 47.18 -43.49 34.74
N PHE SA 108 46.15 -43.99 35.42
CA PHE SA 108 45.27 -45.00 34.85
C PHE SA 108 43.91 -44.36 34.60
N SER SA 109 43.31 -44.71 33.47
CA SER SA 109 41.95 -44.31 33.19
C SER SA 109 41.27 -45.43 32.44
N ALA SA 110 39.95 -45.53 32.64
CA ALA SA 110 39.18 -46.50 31.88
C ALA SA 110 37.73 -46.07 31.95
N HIS SA 111 36.96 -46.47 30.93
CA HIS SA 111 35.55 -46.14 30.98
C HIS SA 111 34.72 -47.19 30.24
N VAL SA 112 33.44 -47.17 30.55
CA VAL SA 112 32.44 -48.01 29.91
C VAL SA 112 31.39 -47.10 29.31
N ILE SA 113 30.91 -47.45 28.14
CA ILE SA 113 29.82 -46.76 27.47
C ILE SA 113 28.77 -47.81 27.13
N VAL SA 114 27.51 -47.47 27.38
CA VAL SA 114 26.39 -48.38 27.17
C VAL SA 114 25.32 -47.63 26.40
N ASN SA 115 24.82 -48.22 25.31
CA ASN SA 115 23.91 -47.53 24.40
C ASN SA 115 22.57 -48.28 24.41
N VAL SA 116 21.66 -47.84 25.27
CA VAL SA 116 20.42 -48.57 25.53
C VAL SA 116 19.27 -47.90 24.77
N PRO SA 117 18.55 -48.63 23.91
CA PRO SA 117 17.31 -48.08 23.36
C PRO SA 117 16.25 -47.95 24.43
N GLN SA 118 15.41 -46.91 24.31
CA GLN SA 118 14.32 -46.72 25.26
C GLN SA 118 13.14 -47.58 24.83
N ASP SA 119 13.15 -48.83 25.29
CA ASP SA 119 12.04 -49.74 25.11
C ASP SA 119 11.66 -50.26 26.47
N ALA SA 120 10.36 -50.22 26.79
CA ALA SA 120 9.94 -50.59 28.14
C ALA SA 120 10.34 -52.02 28.47
N LEU SA 121 10.50 -52.88 27.46
CA LEU SA 121 10.83 -54.28 27.66
C LEU SA 121 12.29 -54.53 28.03
N ILE SA 122 13.18 -53.59 27.77
CA ILE SA 122 14.56 -53.69 28.27
C ILE SA 122 14.54 -53.43 29.77
N THR SA 123 14.96 -54.42 30.55
CA THR SA 123 14.94 -54.34 32.01
C THR SA 123 16.35 -54.10 32.54
N GLU SA 124 16.39 -53.67 33.81
CA GLU SA 124 17.69 -53.42 34.42
C GLU SA 124 18.50 -54.71 34.51
N GLU SA 125 17.81 -55.84 34.73
CA GLU SA 125 18.51 -57.12 34.77
C GLU SA 125 19.05 -57.49 33.40
N ILE SA 126 18.25 -57.28 32.34
CA ILE SA 126 18.75 -57.53 30.98
C ILE SA 126 20.03 -56.74 30.74
N LEU SA 127 20.03 -55.47 31.15
CA LEU SA 127 21.20 -54.64 30.91
C LEU SA 127 22.42 -55.11 31.71
N TYR SA 128 22.23 -55.47 32.98
CA TYR SA 128 23.37 -55.99 33.73
C TYR SA 128 23.91 -57.28 33.14
N ASP SA 129 23.02 -58.16 32.67
CA ASP SA 129 23.50 -59.39 32.04
C ASP SA 129 24.26 -59.08 30.76
N ALA SA 130 23.83 -58.06 30.02
CA ALA SA 130 24.60 -57.63 28.87
C ALA SA 130 25.99 -57.14 29.28
N LEU SA 131 26.08 -56.38 30.36
CA LEU SA 131 27.38 -55.93 30.85
C LEU SA 131 28.25 -57.13 31.23
N LYS SA 132 27.65 -58.16 31.83
CA LYS SA 132 28.41 -59.34 32.22
C LYS SA 132 28.97 -60.05 30.98
N ARG SA 133 28.17 -60.11 29.91
CA ARG SA 133 28.65 -60.71 28.67
C ARG SA 133 29.76 -59.87 28.05
N LEU SA 134 29.60 -58.54 28.07
CA LEU SA 134 30.64 -57.63 27.63
C LEU SA 134 31.97 -57.91 28.31
N MET SA 135 31.98 -57.86 29.64
CA MET SA 135 33.22 -58.10 30.37
C MET SA 135 33.73 -59.52 30.18
N GLY SA 136 32.86 -60.46 29.82
CA GLY SA 136 33.36 -61.80 29.54
C GLY SA 136 34.31 -61.86 28.35
N HIS SA 137 34.29 -60.85 27.48
CA HIS SA 137 35.18 -60.84 26.33
C HIS SA 137 36.63 -60.54 26.70
N PHE SA 138 36.88 -60.12 27.94
CA PHE SA 138 38.24 -60.02 28.45
C PHE SA 138 38.81 -61.38 28.83
N TYR SA 139 38.08 -62.45 28.55
CA TYR SA 139 38.51 -63.80 28.85
C TYR SA 139 38.31 -64.66 27.61
N GLU SA 140 38.82 -65.88 27.68
CA GLU SA 140 38.55 -66.90 26.66
C GLU SA 140 38.06 -68.15 27.37
N GLY SA 141 37.05 -68.78 26.79
CA GLY SA 141 36.37 -69.91 27.40
C GLY SA 141 36.70 -71.23 26.75
N ASN SA 142 36.80 -72.26 27.61
CA ASN SA 142 37.06 -73.64 27.22
C ASN SA 142 36.06 -74.53 27.95
N ASP SA 143 35.10 -75.10 27.22
CA ASP SA 143 34.12 -76.02 27.79
C ASP SA 143 34.42 -77.47 27.46
N THR SA 144 35.48 -77.74 26.70
CA THR SA 144 35.80 -79.12 26.38
C THR SA 144 36.33 -79.87 27.60
N THR SA 145 37.14 -79.21 28.43
CA THR SA 145 37.70 -79.85 29.62
C THR SA 145 36.62 -80.20 30.64
N SER SA 146 36.97 -81.16 31.49
CA SER SA 146 36.01 -81.66 32.47
C SER SA 146 35.48 -80.54 33.37
N PRO SA 147 36.32 -79.74 34.05
CA PRO SA 147 35.76 -78.48 34.57
C PRO SA 147 35.88 -77.38 33.52
N THR SA 148 34.80 -76.64 33.26
CA THR SA 148 34.91 -75.52 32.33
C THR SA 148 35.92 -74.52 32.89
N THR SA 149 36.86 -74.11 32.05
CA THR SA 149 37.94 -73.23 32.45
C THR SA 149 38.01 -72.01 31.53
N THR SA 150 38.60 -70.95 32.06
CA THR SA 150 38.78 -69.69 31.36
C THR SA 150 40.18 -69.18 31.57
N SER SA 151 40.76 -68.60 30.50
CA SER SA 151 42.07 -67.96 30.60
C SER SA 151 41.91 -66.47 30.30
N VAL SA 152 42.75 -65.66 30.95
CA VAL SA 152 42.64 -64.21 30.83
C VAL SA 152 43.24 -63.74 29.50
N ARG SA 153 42.73 -62.63 28.98
CA ARG SA 153 43.12 -62.16 27.66
C ARG SA 153 43.53 -60.70 27.62
N LEU SA 154 43.45 -59.98 28.73
CA LEU SA 154 43.66 -58.53 28.72
C LEU SA 154 45.07 -58.17 28.26
N LYS SA 155 46.09 -58.81 28.86
CA LYS SA 155 47.46 -58.49 28.50
C LYS SA 155 47.76 -58.91 27.08
N ASP SA 156 47.23 -60.07 26.67
CA ASP SA 156 47.43 -60.53 25.31
C ASP SA 156 46.91 -59.49 24.31
N MET SA 157 45.72 -58.97 24.55
CA MET SA 157 45.18 -57.96 23.64
C MET SA 157 46.01 -56.69 23.67
N LEU SA 158 46.37 -56.22 24.86
CA LEU SA 158 47.24 -55.05 24.97
C LEU SA 158 48.51 -55.23 24.13
N GLN SA 159 49.05 -56.44 24.12
CA GLN SA 159 50.29 -56.72 23.42
C GLN SA 159 50.10 -57.13 21.96
N GLY SA 160 48.92 -56.89 21.39
CA GLY SA 160 48.71 -57.08 19.96
C GLY SA 160 48.17 -58.42 19.55
N ALA SA 161 47.89 -59.32 20.49
CA ALA SA 161 47.27 -60.60 20.18
C ALA SA 161 45.76 -60.44 20.34
N LEU SA 162 45.14 -59.89 19.31
CA LEU SA 162 43.74 -59.52 19.43
C LEU SA 162 42.79 -60.64 19.07
N VAL SA 163 43.22 -61.58 18.22
CA VAL SA 163 42.37 -62.70 17.86
C VAL SA 163 42.46 -63.76 18.96
N PRO SA 164 41.34 -64.31 19.41
CA PRO SA 164 41.37 -65.35 20.44
C PRO SA 164 42.18 -66.57 20.01
N GLN SA 165 42.72 -67.27 21.01
CA GLN SA 165 43.39 -68.55 20.77
C GLN SA 165 42.49 -69.52 20.02
N SER SA 166 41.21 -69.58 20.41
CA SER SA 166 40.29 -70.56 19.82
C SER SA 166 40.13 -70.37 18.32
N LEU SA 167 40.33 -69.15 17.83
CA LEU SA 167 40.08 -68.80 16.43
C LEU SA 167 41.39 -68.70 15.62
N SER TA 1 -58.59 14.58 28.05
CA SER TA 1 -57.84 14.44 29.31
C SER TA 1 -56.66 13.51 29.10
N LYS TA 2 -55.49 13.95 29.57
CA LYS TA 2 -54.26 13.20 29.45
C LYS TA 2 -54.01 12.40 30.72
N ILE TA 3 -53.52 11.17 30.57
CA ILE TA 3 -53.28 10.29 31.70
C ILE TA 3 -51.87 9.70 31.58
N LEU TA 4 -51.13 9.74 32.69
CA LEU TA 4 -49.82 9.14 32.80
C LEU TA 4 -49.91 7.84 33.57
N SER TA 5 -49.22 6.81 33.08
CA SER TA 5 -49.08 5.53 33.77
C SER TA 5 -47.60 5.21 33.96
N THR TA 6 -47.27 4.66 35.11
CA THR TA 6 -45.94 4.18 35.38
C THR TA 6 -45.71 2.75 34.93
N ASN TA 7 -46.77 2.05 34.52
CA ASN TA 7 -46.69 0.70 33.98
C ASN TA 7 -46.09 -0.30 34.98
N ASN TA 8 -46.21 -0.01 36.27
CA ASN TA 8 -45.76 -0.94 37.29
C ASN TA 8 -46.88 -1.82 37.81
N SER TA 9 -48.10 -1.67 37.28
CA SER TA 9 -49.25 -2.43 37.75
C SER TA 9 -49.07 -3.93 37.56
N ASN TA 10 -48.26 -4.34 36.57
CA ASN TA 10 -48.07 -5.76 36.29
C ASN TA 10 -46.84 -6.33 36.97
N SER TA 11 -46.11 -5.51 37.71
CA SER TA 11 -44.96 -6.00 38.45
C SER TA 11 -45.38 -6.60 39.79
N ASN TA 12 -44.53 -7.48 40.30
CA ASN TA 12 -44.75 -8.24 41.52
C ASN TA 12 -43.77 -7.77 42.60
N PHE TA 13 -44.29 -7.13 43.65
CA PHE TA 13 -43.47 -6.61 44.73
C PHE TA 13 -43.95 -7.12 46.10
N VAL TA 14 -43.09 -7.01 47.09
CA VAL TA 14 -43.41 -7.32 48.47
C VAL TA 14 -43.19 -6.06 49.28
N ASP TA 15 -44.20 -5.64 50.01
CA ASP TA 15 -44.00 -4.51 50.89
C ASP TA 15 -43.07 -4.93 52.02
N THR TA 16 -42.21 -4.01 52.44
CA THR TA 16 -41.39 -4.24 53.63
C THR TA 16 -41.11 -2.90 54.29
N SER TA 17 -40.90 -2.95 55.60
CA SER TA 17 -40.80 -1.73 56.40
C SER TA 17 -39.39 -1.17 56.31
N PHE TA 18 -39.31 0.14 56.15
CA PHE TA 18 -38.03 0.84 56.01
C PHE TA 18 -38.23 2.19 56.67
N THR TA 19 -37.96 2.25 57.96
CA THR TA 19 -38.32 3.39 58.77
C THR TA 19 -37.21 4.43 58.74
N LEU TA 20 -37.53 5.60 58.20
CA LEU TA 20 -36.54 6.65 57.97
C LEU TA 20 -36.34 7.47 59.23
N LYS TA 21 -35.08 7.77 59.53
CA LYS TA 21 -34.72 8.75 60.55
C LYS TA 21 -34.49 10.08 59.83
N VAL TA 22 -35.51 10.95 59.90
CA VAL TA 22 -35.56 12.27 59.25
C VAL TA 22 -34.90 13.32 60.13
N PRO TA 23 -34.07 14.18 59.57
CA PRO TA 23 -33.38 15.19 60.40
C PRO TA 23 -34.30 16.28 60.92
N VAL TA 24 -33.83 16.92 61.98
CA VAL TA 24 -34.45 18.15 62.47
C VAL TA 24 -33.47 19.28 62.19
N TYR TA 25 -33.62 19.87 61.02
CA TYR TA 25 -32.57 20.73 60.49
C TYR TA 25 -32.35 21.93 61.40
N SER TA 26 -33.44 22.49 61.93
CA SER TA 26 -33.33 23.64 62.81
C SER TA 26 -32.44 23.33 64.02
N LYS TA 27 -32.61 22.15 64.62
CA LYS TA 27 -31.80 21.82 65.80
C LYS TA 27 -30.36 21.53 65.42
N ASP TA 28 -30.14 20.74 64.35
CA ASP TA 28 -28.82 20.14 64.15
C ASP TA 28 -27.95 20.78 63.08
N TYR TA 29 -28.53 21.28 62.01
CA TYR TA 29 -27.79 21.62 60.81
C TYR TA 29 -27.72 23.12 60.59
N ARG TA 30 -26.59 23.57 60.07
CA ARG TA 30 -26.36 24.93 59.61
C ARG TA 30 -25.99 24.87 58.13
N VAL TA 31 -25.94 26.00 57.46
CA VAL TA 31 -25.72 26.00 56.02
C VAL TA 31 -24.27 26.38 55.73
N THR TA 32 -23.54 25.49 55.05
CA THR TA 32 -22.16 25.71 54.63
C THR TA 32 -22.07 26.37 53.25
N GLN TA 33 -22.98 26.03 52.34
CA GLN TA 33 -22.92 26.51 50.95
C GLN TA 33 -24.33 26.78 50.47
N ASP TA 34 -24.58 27.99 49.91
CA ASP TA 34 -25.88 28.32 49.34
C ASP TA 34 -25.76 28.73 47.87
N GLU TA 35 -25.06 27.93 47.07
CA GLU TA 35 -25.04 28.31 45.67
C GLU TA 35 -26.37 27.99 44.97
N PRO TA 36 -26.69 28.69 43.88
CA PRO TA 36 -28.04 28.59 43.31
C PRO TA 36 -28.44 27.18 42.93
N ASP TA 37 -27.50 26.34 42.50
CA ASP TA 37 -27.80 24.97 42.14
C ASP TA 37 -27.28 23.95 43.14
N GLU TA 38 -26.60 24.36 44.22
CA GLU TA 38 -25.96 23.38 45.10
C GLU TA 38 -25.91 23.95 46.51
N VAL TA 39 -26.54 23.25 47.44
CA VAL TA 39 -26.55 23.65 48.83
C VAL TA 39 -25.84 22.58 49.65
N VAL TA 40 -25.07 23.03 50.63
CA VAL TA 40 -24.37 22.15 51.55
C VAL TA 40 -24.71 22.56 52.97
N VAL TA 41 -24.93 21.55 53.81
CA VAL TA 41 -25.50 21.67 55.13
C VAL TA 41 -24.63 20.84 56.08
N ALA TA 42 -24.20 21.44 57.17
CA ALA TA 42 -23.29 20.80 58.11
C ALA TA 42 -23.97 20.52 59.44
N ASN TA 43 -23.54 19.45 60.08
CA ASN TA 43 -24.11 19.02 61.36
C ASN TA 43 -23.33 19.70 62.47
N ARG TA 44 -23.96 20.69 63.11
CA ARG TA 44 -23.32 21.45 64.16
C ARG TA 44 -23.07 20.61 65.41
N GLN TA 45 -23.76 19.47 65.56
CA GLN TA 45 -23.64 18.65 66.77
C GLN TA 45 -22.34 17.87 66.85
N GLN TA 46 -21.52 17.88 65.81
CA GLN TA 46 -20.38 16.98 65.85
C GLN TA 46 -19.15 17.69 66.42
N PRO TA 47 -18.23 16.92 67.02
CA PRO TA 47 -16.91 17.48 67.38
C PRO TA 47 -16.08 17.76 66.14
N PHE TA 48 -14.90 18.36 66.31
CA PHE TA 48 -14.17 18.83 65.13
C PHE TA 48 -13.70 17.67 64.25
N GLY TA 49 -13.23 16.59 64.85
CA GLY TA 49 -12.80 15.46 64.04
C GLY TA 49 -13.89 14.96 63.13
N VAL TA 50 -15.11 14.81 63.67
CA VAL TA 50 -16.19 14.14 62.98
C VAL TA 50 -16.88 15.12 62.03
N LYS TA 51 -16.88 14.80 60.75
CA LYS TA 51 -17.57 15.61 59.75
C LYS TA 51 -18.86 14.92 59.34
N ASN TA 52 -19.98 15.64 59.45
CA ASN TA 52 -21.30 15.13 59.12
C ASN TA 52 -21.98 16.19 58.26
N THR TA 53 -22.11 15.94 56.95
CA THR TA 53 -22.66 16.94 56.04
C THR TA 53 -23.65 16.31 55.06
N ALA TA 54 -24.45 17.17 54.46
CA ALA TA 54 -25.40 16.79 53.42
C ALA TA 54 -25.32 17.80 52.30
N ARG TA 55 -25.56 17.32 51.08
CA ARG TA 55 -25.41 18.12 49.88
C ARG TA 55 -26.63 17.88 49.00
N TYR TA 56 -27.24 18.97 48.56
CA TYR TA 56 -28.49 18.92 47.82
C TYR TA 56 -28.27 19.73 46.55
N GLY TA 57 -28.36 19.09 45.40
CA GLY TA 57 -28.02 19.77 44.15
C GLY TA 57 -28.96 19.38 43.03
N ILE TA 58 -29.12 20.31 42.08
CA ILE TA 58 -29.87 20.05 40.86
C ILE TA 58 -29.05 20.47 39.66
N ARG TA 59 -29.14 19.67 38.60
CA ARG TA 59 -28.57 19.93 37.29
C ARG TA 59 -29.69 19.84 36.26
N GLN TA 60 -29.59 20.61 35.19
CA GLN TA 60 -30.58 20.53 34.13
C GLN TA 60 -30.12 19.54 33.07
N ILE TA 61 -31.04 18.68 32.62
CA ILE TA 61 -30.77 17.66 31.62
C ILE TA 61 -31.19 18.20 30.28
N ALA TA 62 -30.22 18.33 29.36
CA ALA TA 62 -30.50 18.90 28.06
C ALA TA 62 -31.52 18.07 27.30
N ASP TA 63 -31.17 16.80 27.03
CA ASP TA 63 -32.04 15.87 26.31
C ASP TA 63 -32.28 14.69 27.22
N VAL TA 64 -33.51 14.55 27.71
CA VAL TA 64 -33.84 13.46 28.62
C VAL TA 64 -33.83 12.12 27.90
N TYR TA 65 -33.91 12.14 26.57
CA TYR TA 65 -33.87 10.92 25.76
C TYR TA 65 -32.48 10.59 25.26
N ARG TA 66 -31.46 11.36 25.69
CA ARG TA 66 -30.14 11.32 25.04
C ARG TA 66 -29.55 9.92 25.06
N ASN TA 67 -29.68 9.21 26.17
CA ASN TA 67 -29.10 7.88 26.30
C ASN TA 67 -30.15 6.77 26.28
N THR TA 68 -31.42 7.10 26.11
CA THR TA 68 -32.47 6.09 26.02
C THR TA 68 -32.73 5.72 24.57
N THR TA 69 -33.48 4.65 24.38
CA THR TA 69 -33.76 4.11 23.05
C THR TA 69 -35.22 4.27 22.66
N ILE TA 70 -35.92 5.22 23.27
CA ILE TA 70 -37.31 5.50 22.92
C ILE TA 70 -37.36 6.08 21.51
N ASP TA 71 -38.23 5.54 20.67
CA ASP TA 71 -38.28 6.01 19.29
C ASP TA 71 -38.67 7.48 19.25
N ARG TA 72 -38.12 8.18 18.27
CA ARG TA 72 -38.40 9.61 18.11
C ARG TA 72 -39.90 9.86 18.06
N ALA TA 73 -40.63 8.99 17.36
CA ALA TA 73 -42.07 9.16 17.20
C ALA TA 73 -42.82 9.16 18.52
N TYR TA 74 -42.20 8.67 19.60
CA TYR TA 74 -42.85 8.61 20.90
C TYR TA 74 -42.16 9.50 21.93
N GLN TA 75 -41.35 10.45 21.50
CA GLN TA 75 -40.71 11.36 22.44
C GLN TA 75 -41.61 12.58 22.69
N SER TA 76 -41.59 13.05 23.93
CA SER TA 76 -42.31 14.26 24.27
C SER TA 76 -41.76 15.43 23.46
N PRO TA 77 -42.57 16.46 23.21
CA PRO TA 77 -42.01 17.69 22.64
C PRO TA 77 -40.98 18.33 23.57
N SER TA 78 -41.28 18.37 24.86
CA SER TA 78 -40.39 18.93 25.87
C SER TA 78 -39.39 17.86 26.29
N LYS TA 79 -38.14 18.04 25.91
CA LYS TA 79 -37.10 17.05 26.15
C LYS TA 79 -36.20 17.40 27.32
N LYS TA 80 -36.55 18.43 28.08
CA LYS TA 80 -35.73 18.87 29.20
C LYS TA 80 -36.04 18.02 30.42
N GLY TA 81 -35.03 17.83 31.28
CA GLY TA 81 -35.22 17.12 32.51
C GLY TA 81 -34.53 17.85 33.66
N THR TA 82 -34.78 17.35 34.87
CA THR TA 82 -34.07 17.79 36.06
C THR TA 82 -33.41 16.58 36.71
N SER TA 83 -32.17 16.77 37.16
CA SER TA 83 -31.40 15.75 37.85
C SER TA 83 -31.14 16.26 39.26
N LEU TA 84 -31.66 15.53 40.25
CA LEU TA 84 -31.49 15.86 41.65
C LEU TA 84 -30.48 14.93 42.29
N VAL TA 85 -29.69 15.47 43.21
CA VAL TA 85 -28.74 14.69 43.97
C VAL TA 85 -28.88 15.03 45.44
N VAL TA 86 -28.85 13.99 46.27
CA VAL TA 86 -28.91 14.10 47.72
C VAL TA 86 -27.76 13.23 48.24
N GLN TA 87 -26.72 13.87 48.77
CA GLN TA 87 -25.58 13.17 49.33
C GLN TA 87 -25.50 13.37 50.83
N VAL TA 88 -25.20 12.31 51.56
CA VAL TA 88 -24.90 12.40 52.99
C VAL TA 88 -23.50 11.86 53.21
N THR TA 89 -22.75 12.56 54.05
CA THR TA 89 -21.37 12.26 54.39
C THR TA 89 -21.27 12.16 55.91
N GLU TA 90 -20.80 11.02 56.40
CA GLU TA 90 -20.68 10.78 57.83
C GLU TA 90 -19.26 10.37 58.15
N THR TA 91 -18.87 10.58 59.40
CA THR TA 91 -17.58 10.16 59.90
C THR TA 91 -17.81 9.25 61.10
N TRP TA 92 -17.44 7.99 60.96
CA TRP TA 92 -17.59 6.99 62.00
C TRP TA 92 -16.28 6.85 62.74
N THR TA 93 -16.34 6.42 64.00
CA THR TA 93 -15.13 6.24 64.79
C THR TA 93 -15.09 4.85 65.40
N VAL TA 94 -13.89 4.30 65.49
CA VAL TA 94 -13.64 3.00 66.09
C VAL TA 94 -12.75 3.21 67.29
N ALA TA 95 -13.16 2.67 68.44
CA ALA TA 95 -12.39 2.78 69.67
C ALA TA 95 -12.47 1.46 70.41
N SER TA 96 -11.84 1.42 71.58
CA SER TA 96 -11.82 0.24 72.43
C SER TA 96 -12.33 0.58 73.83
N THR TA 97 -13.16 -0.31 74.36
CA THR TA 97 -13.57 -0.23 75.76
C THR TA 97 -12.36 -0.28 76.68
N ASP TA 98 -11.44 -1.19 76.39
CA ASP TA 98 -10.32 -1.48 77.28
C ASP TA 98 -9.24 -0.42 77.16
N ASP TA 99 -8.98 0.08 75.96
CA ASP TA 99 -7.86 0.98 75.67
C ASP TA 99 -8.42 2.31 75.18
N GLU TA 100 -8.27 3.35 76.00
CA GLU TA 100 -8.81 4.65 75.66
C GLU TA 100 -7.98 5.37 74.62
N THR TA 101 -6.85 4.80 74.21
CA THR TA 101 -5.98 5.40 73.21
C THR TA 101 -6.17 4.81 71.83
N TYR TA 102 -6.85 3.68 71.73
CA TYR TA 102 -7.07 3.04 70.45
C TYR TA 102 -8.26 3.70 69.78
N GLY TA 103 -8.04 4.17 68.55
CA GLY TA 103 -9.10 4.79 67.78
C GLY TA 103 -8.66 5.15 66.38
N TYR TA 104 -9.63 5.18 65.49
CA TYR TA 104 -9.44 5.76 64.16
C TYR TA 104 -10.78 6.19 63.59
N SER TA 105 -10.73 6.96 62.51
CA SER TA 105 -11.93 7.49 61.87
C SER TA 105 -12.10 6.89 60.47
N LEU TA 106 -13.33 6.49 60.16
CA LEU TA 106 -13.72 5.93 58.87
C LEU TA 106 -14.66 6.89 58.17
N PRO TA 107 -14.46 7.16 56.89
CA PRO TA 107 -15.38 8.02 56.15
C PRO TA 107 -16.46 7.24 55.42
N PHE TA 108 -17.72 7.61 55.62
CA PHE TA 108 -18.82 7.01 54.89
C PHE TA 108 -19.49 8.08 54.05
N SER TA 109 -19.91 7.72 52.85
CA SER TA 109 -20.71 8.62 52.05
C SER TA 109 -21.65 7.79 51.21
N ALA TA 110 -22.78 8.41 50.87
CA ALA TA 110 -23.71 7.76 49.98
C ALA TA 110 -24.63 8.83 49.42
N HIS TA 111 -25.06 8.64 48.19
CA HIS TA 111 -25.95 9.61 47.60
C HIS TA 111 -27.01 8.93 46.74
N VAL TA 112 -28.03 9.71 46.45
CA VAL TA 112 -29.14 9.33 45.61
C VAL TA 112 -29.25 10.34 44.49
N ILE TA 113 -29.49 9.86 43.28
CA ILE TA 113 -29.68 10.71 42.12
C ILE TA 113 -31.01 10.32 41.49
N VAL TA 114 -31.79 11.34 41.12
CA VAL TA 114 -33.13 11.16 40.57
C VAL TA 114 -33.24 12.00 39.31
N ASN TA 115 -33.56 11.37 38.19
CA ASN TA 115 -33.59 12.03 36.88
C ASN TA 115 -35.03 12.02 36.39
N VAL TA 116 -35.68 13.18 36.52
CA VAL TA 116 -37.12 13.35 36.32
C VAL TA 116 -37.34 14.20 35.08
N PRO TA 117 -38.06 13.72 34.07
CA PRO TA 117 -38.44 14.58 32.95
C PRO TA 117 -39.35 15.71 33.41
N GLN TA 118 -39.24 16.86 32.73
CA GLN TA 118 -40.09 18.01 33.03
C GLN TA 118 -41.42 17.83 32.31
N ASP TA 119 -42.38 17.21 33.00
CA ASP TA 119 -43.71 16.98 32.46
C ASP TA 119 -44.74 17.25 33.55
N ALA TA 120 -45.82 17.94 33.16
CA ALA TA 120 -46.82 18.35 34.14
C ALA TA 120 -47.44 17.16 34.87
N LEU TA 121 -47.52 16.00 34.22
CA LEU TA 121 -48.25 14.87 34.79
C LEU TA 121 -47.46 14.14 35.88
N ILE TA 122 -46.13 14.30 35.93
CA ILE TA 122 -45.36 13.68 36.99
C ILE TA 122 -45.59 14.44 38.29
N THR TA 123 -45.97 13.72 39.34
CA THR TA 123 -46.32 14.36 40.61
C THR TA 123 -45.38 13.91 41.71
N GLU TA 124 -45.42 14.66 42.82
CA GLU TA 124 -44.49 14.41 43.92
C GLU TA 124 -44.72 13.02 44.49
N GLU TA 125 -45.99 12.60 44.57
CA GLU TA 125 -46.27 11.25 45.05
C GLU TA 125 -45.72 10.19 44.10
N ILE TA 126 -45.88 10.40 42.78
CA ILE TA 126 -45.33 9.46 41.81
C ILE TA 126 -43.84 9.30 42.05
N LEU TA 127 -43.14 10.41 42.30
CA LEU TA 127 -41.70 10.33 42.48
C LEU TA 127 -41.32 9.66 43.79
N TYR TA 128 -42.02 9.94 44.88
CA TYR TA 128 -41.72 9.23 46.11
C TYR TA 128 -41.93 7.73 45.95
N ASP TA 129 -43.02 7.33 45.29
CA ASP TA 129 -43.25 5.89 45.08
C ASP TA 129 -42.19 5.30 44.17
N ALA TA 130 -41.67 6.10 43.22
CA ALA TA 130 -40.51 5.65 42.46
C ALA TA 130 -39.33 5.41 43.38
N LEU TA 131 -39.06 6.34 44.30
CA LEU TA 131 -37.96 6.15 45.24
C LEU TA 131 -38.14 4.89 46.07
N LYS TA 132 -39.40 4.59 46.42
CA LYS TA 132 -39.67 3.40 47.21
C LYS TA 132 -39.39 2.13 46.40
N ARG TA 133 -39.78 2.13 45.13
CA ARG TA 133 -39.43 1.02 44.25
C ARG TA 133 -37.92 0.87 44.13
N LEU TA 134 -37.22 2.01 43.98
CA LEU TA 134 -35.77 2.03 43.86
C LEU TA 134 -35.10 1.38 45.07
N MET TA 135 -35.35 1.94 46.26
CA MET TA 135 -34.77 1.39 47.47
C MET TA 135 -35.20 -0.05 47.71
N GLY TA 136 -36.33 -0.46 47.15
CA GLY TA 136 -36.72 -1.85 47.33
C GLY TA 136 -35.78 -2.85 46.68
N HIS TA 137 -34.96 -2.41 45.75
CA HIS TA 137 -33.99 -3.30 45.09
C HIS TA 137 -32.83 -3.67 45.99
N PHE TA 138 -32.75 -3.11 47.20
CA PHE TA 138 -31.78 -3.57 48.17
C PHE TA 138 -32.26 -4.82 48.90
N TYR TA 139 -33.40 -5.37 48.52
CA TYR TA 139 -33.96 -6.55 49.14
C TYR TA 139 -34.40 -7.50 48.03
N GLU TA 140 -34.73 -8.73 48.42
CA GLU TA 140 -35.32 -9.72 47.52
C GLU TA 140 -36.66 -10.17 48.09
N GLY TA 141 -37.67 -10.20 47.22
CA GLY TA 141 -39.01 -10.56 47.62
C GLY TA 141 -39.31 -12.02 47.38
N ASN TA 142 -40.12 -12.59 48.26
CA ASN TA 142 -40.48 -14.00 48.29
C ASN TA 142 -41.99 -14.12 48.48
N ASP TA 143 -42.70 -14.35 47.36
CA ASP TA 143 -44.12 -14.67 47.32
C ASP TA 143 -44.40 -16.15 47.50
N THR TA 144 -43.36 -17.00 47.43
CA THR TA 144 -43.56 -18.44 47.64
C THR TA 144 -44.10 -18.71 49.03
N THR TA 145 -43.56 -18.02 50.04
CA THR TA 145 -44.04 -18.20 51.40
C THR TA 145 -45.52 -17.83 51.49
N SER TA 146 -46.20 -18.46 52.44
CA SER TA 146 -47.59 -18.12 52.70
C SER TA 146 -47.75 -16.67 53.18
N PRO TA 147 -47.02 -16.18 54.25
CA PRO TA 147 -46.93 -14.72 54.43
C PRO TA 147 -45.75 -14.19 53.62
N THR TA 148 -45.91 -13.18 52.78
CA THR TA 148 -44.84 -12.83 51.84
C THR TA 148 -43.69 -12.21 52.61
N THR TA 149 -42.46 -12.62 52.29
CA THR TA 149 -41.28 -12.23 53.09
C THR TA 149 -40.17 -11.67 52.21
N THR TA 150 -39.22 -11.00 52.84
CA THR TA 150 -38.12 -10.35 52.14
C THR TA 150 -36.81 -10.64 52.85
N SER TA 151 -35.74 -10.65 52.07
CA SER TA 151 -34.39 -10.88 52.59
C SER TA 151 -33.43 -9.82 52.07
N VAL TA 152 -32.35 -9.62 52.81
CA VAL TA 152 -31.46 -8.48 52.57
C VAL TA 152 -30.35 -8.93 51.61
N ARG TA 153 -29.94 -8.01 50.72
CA ARG TA 153 -28.91 -8.32 49.74
C ARG TA 153 -27.82 -7.24 49.63
N LEU TA 154 -27.77 -6.30 50.58
CA LEU TA 154 -26.76 -5.24 50.50
C LEU TA 154 -25.36 -5.81 50.67
N LYS TA 155 -25.16 -6.67 51.66
CA LYS TA 155 -23.84 -7.28 51.85
C LYS TA 155 -23.48 -8.14 50.65
N ASP TA 156 -24.40 -8.99 50.22
CA ASP TA 156 -24.13 -9.84 49.05
C ASP TA 156 -23.67 -9.00 47.85
N MET TA 157 -24.37 -7.90 47.57
CA MET TA 157 -23.96 -7.06 46.44
C MET TA 157 -22.58 -6.48 46.67
N LEU TA 158 -22.34 -5.89 47.85
CA LEU TA 158 -21.03 -5.34 48.16
C LEU TA 158 -19.92 -6.37 47.98
N GLN TA 159 -20.21 -7.66 48.22
CA GLN TA 159 -19.18 -8.68 48.09
C GLN TA 159 -19.01 -9.20 46.66
N GLY TA 160 -19.77 -8.68 45.70
CA GLY TA 160 -19.58 -9.02 44.29
C GLY TA 160 -20.67 -9.88 43.69
N ALA TA 161 -21.64 -10.31 44.51
CA ALA TA 161 -22.76 -11.13 44.09
C ALA TA 161 -23.90 -10.20 43.69
N LEU TA 162 -23.85 -9.74 42.46
CA LEU TA 162 -24.78 -8.70 42.04
C LEU TA 162 -26.08 -9.26 41.45
N VAL TA 163 -26.08 -10.52 41.03
CA VAL TA 163 -27.31 -11.13 40.58
C VAL TA 163 -28.12 -11.52 41.81
N PRO TA 164 -29.42 -11.27 41.81
CA PRO TA 164 -30.25 -11.71 42.94
C PRO TA 164 -30.21 -13.22 43.13
N GLN TA 165 -30.52 -13.65 44.35
CA GLN TA 165 -30.56 -15.08 44.64
C GLN TA 165 -31.76 -15.75 43.98
N SER TA 166 -32.82 -14.98 43.72
CA SER TA 166 -34.02 -15.49 43.07
C SER TA 166 -33.79 -15.90 41.62
N LEU TA 167 -32.66 -15.52 41.01
CA LEU TA 167 -32.37 -15.89 39.63
C LEU TA 167 -31.17 -16.83 39.55
N SER UA 1 -10.28 10.37 80.42
CA SER UA 1 -9.08 9.65 80.00
C SER UA 1 -8.28 10.55 79.08
N LYS UA 2 -8.75 10.77 77.85
CA LYS UA 2 -8.04 11.69 76.95
C LYS UA 2 -8.27 13.13 77.38
N ILE UA 3 -7.17 13.86 77.55
CA ILE UA 3 -7.22 15.23 78.02
C ILE UA 3 -6.31 16.08 77.15
N LEU UA 4 -6.84 17.21 76.68
CA LEU UA 4 -6.05 18.24 76.03
C LEU UA 4 -5.75 19.34 77.06
N SER UA 5 -4.48 19.70 77.18
CA SER UA 5 -4.06 20.84 77.98
C SER UA 5 -3.50 21.92 77.05
N THR UA 6 -3.86 23.16 77.35
CA THR UA 6 -3.27 24.29 76.66
C THR UA 6 -1.93 24.70 77.27
N ASN UA 7 -1.47 24.01 78.31
CA ASN UA 7 -0.18 24.27 78.93
C ASN UA 7 -0.03 25.72 79.39
N ASN UA 8 -1.14 26.37 79.70
CA ASN UA 8 -1.09 27.69 80.29
C ASN UA 8 -1.19 27.66 81.81
N SER UA 9 -1.19 26.46 82.39
CA SER UA 9 -1.37 26.32 83.83
C SER UA 9 -0.24 26.97 84.63
N ASN UA 10 0.95 27.12 84.04
CA ASN UA 10 2.07 27.74 84.73
C ASN UA 10 2.35 29.15 84.25
N SER UA 11 1.53 29.70 83.36
CA SER UA 11 1.66 31.10 83.00
C SER UA 11 0.96 31.96 84.05
N ASN UA 12 1.44 33.19 84.23
CA ASN UA 12 0.88 34.11 85.21
C ASN UA 12 0.09 35.20 84.49
N PHE UA 13 -1.21 35.28 84.80
CA PHE UA 13 -2.07 36.25 84.16
C PHE UA 13 -2.76 37.12 85.19
N VAL UA 14 -3.41 38.15 84.65
CA VAL UA 14 -4.24 39.10 85.39
C VAL UA 14 -5.49 39.35 84.57
N ASP UA 15 -6.65 39.29 85.21
CA ASP UA 15 -7.88 39.49 84.46
C ASP UA 15 -8.15 40.97 84.26
N THR UA 16 -8.78 41.30 83.12
CA THR UA 16 -9.29 42.64 82.91
C THR UA 16 -10.54 42.56 82.05
N SER UA 17 -11.41 43.56 82.21
CA SER UA 17 -12.70 43.57 81.54
C SER UA 17 -12.57 44.13 80.13
N PHE UA 18 -13.25 43.50 79.18
CA PHE UA 18 -13.17 43.89 77.78
C PHE UA 18 -14.56 43.62 77.20
N THR UA 19 -15.44 44.61 77.31
CA THR UA 19 -16.85 44.40 77.03
C THR UA 19 -17.11 44.55 75.53
N LEU UA 20 -17.56 43.47 74.91
CA LEU UA 20 -17.72 43.42 73.47
C LEU UA 20 -19.06 44.00 73.07
N LYS UA 21 -19.08 44.73 71.95
CA LYS UA 21 -20.31 45.19 71.31
C LYS UA 21 -20.61 44.24 70.15
N VAL UA 22 -21.46 43.26 70.44
CA VAL UA 22 -21.90 42.21 69.51
C VAL UA 22 -23.00 42.74 68.60
N PRO UA 23 -22.95 42.49 67.29
CA PRO UA 23 -23.96 43.07 66.40
C PRO UA 23 -25.30 42.37 66.45
N VAL UA 24 -26.36 43.16 66.26
CA VAL UA 24 -27.71 42.64 66.03
C VAL UA 24 -27.84 42.53 64.50
N TYR UA 25 -27.39 41.40 63.98
CA TYR UA 25 -27.25 41.27 62.54
C TYR UA 25 -28.59 41.44 61.84
N SER UA 26 -29.66 40.91 62.45
CA SER UA 26 -30.99 41.07 61.89
C SER UA 26 -31.35 42.54 61.64
N LYS UA 27 -31.03 43.47 62.57
CA LYS UA 27 -31.35 44.86 62.26
C LYS UA 27 -30.36 45.48 61.27
N ASP UA 28 -29.06 45.28 61.50
CA ASP UA 28 -28.11 46.17 60.85
C ASP UA 28 -27.50 45.64 59.56
N TYR UA 29 -27.35 44.33 59.40
CA TYR UA 29 -26.46 43.81 58.38
C TYR UA 29 -27.22 43.02 57.32
N ARG UA 30 -26.73 43.11 56.09
CA ARG UA 30 -27.29 42.39 54.94
C ARG UA 30 -26.13 41.77 54.16
N VAL UA 31 -26.42 40.77 53.34
CA VAL UA 31 -25.35 40.01 52.70
C VAL UA 31 -25.01 40.58 51.33
N THR UA 32 -23.76 41.02 51.17
CA THR UA 32 -23.16 41.42 49.91
C THR UA 32 -22.54 40.26 49.14
N GLN UA 33 -21.90 39.32 49.84
CA GLN UA 33 -21.26 38.18 49.18
C GLN UA 33 -21.54 36.92 49.98
N ASP UA 34 -22.06 35.89 49.31
CA ASP UA 34 -22.34 34.59 49.91
C ASP UA 34 -21.61 33.48 49.17
N GLU UA 35 -20.31 33.61 48.98
CA GLU UA 35 -19.66 32.48 48.35
C GLU UA 35 -19.18 31.51 49.42
N PRO UA 36 -18.97 30.24 49.07
CA PRO UA 36 -18.94 29.17 50.09
C PRO UA 36 -17.97 29.38 51.23
N ASP UA 37 -16.79 29.93 50.92
CA ASP UA 37 -15.71 30.14 51.87
C ASP UA 37 -15.50 31.60 52.22
N GLU UA 38 -16.29 32.52 51.67
CA GLU UA 38 -16.10 33.94 51.96
C GLU UA 38 -17.46 34.62 51.94
N VAL UA 39 -17.81 35.24 53.05
CA VAL UA 39 -19.05 35.97 53.17
C VAL UA 39 -18.74 37.41 53.52
N VAL UA 40 -19.33 38.33 52.78
CA VAL UA 40 -19.22 39.74 53.03
C VAL UA 40 -20.59 40.27 53.39
N VAL UA 41 -20.63 41.15 54.38
CA VAL UA 41 -21.83 41.63 55.00
C VAL UA 41 -21.70 43.12 55.19
N ALA UA 42 -22.73 43.87 54.79
CA ALA UA 42 -22.70 45.32 54.83
C ALA UA 42 -23.69 45.85 55.86
N ASN UA 43 -23.34 47.02 56.41
CA ASN UA 43 -24.13 47.67 57.46
C ASN UA 43 -25.18 48.55 56.81
N ARG UA 44 -26.44 48.16 56.96
CA ARG UA 44 -27.56 48.90 56.39
C ARG UA 44 -27.67 50.31 56.95
N GLN UA 45 -27.22 50.52 58.19
CA GLN UA 45 -27.53 51.75 58.92
C GLN UA 45 -26.71 52.95 58.48
N GLN UA 46 -25.60 52.74 57.78
CA GLN UA 46 -24.76 53.87 57.42
C GLN UA 46 -25.37 54.65 56.25
N PRO UA 47 -25.10 55.96 56.16
CA PRO UA 47 -25.48 56.73 54.98
C PRO UA 47 -24.63 56.36 53.78
N PHE UA 48 -24.90 56.93 52.60
CA PHE UA 48 -24.27 56.41 51.39
C PHE UA 48 -22.78 56.66 51.37
N GLY UA 49 -22.32 57.75 52.00
CA GLY UA 49 -20.89 57.99 52.04
C GLY UA 49 -20.15 56.95 52.86
N VAL UA 50 -20.68 56.63 54.03
CA VAL UA 50 -19.98 55.77 54.98
C VAL UA 50 -20.13 54.31 54.58
N LYS UA 51 -19.02 53.60 54.53
CA LYS UA 51 -19.00 52.18 54.21
C LYS UA 51 -18.57 51.39 55.44
N ASN UA 52 -19.42 50.44 55.84
CA ASN UA 52 -19.22 49.63 57.04
C ASN UA 52 -19.49 48.18 56.67
N THR UA 53 -18.44 47.35 56.65
CA THR UA 53 -18.58 45.97 56.24
C THR UA 53 -17.86 45.02 57.19
N ALA UA 54 -18.21 43.75 57.09
CA ALA UA 54 -17.58 42.68 57.84
C ALA UA 54 -17.41 41.51 56.88
N ARG UA 55 -16.30 40.80 57.03
CA ARG UA 55 -15.94 39.72 56.12
C ARG UA 55 -15.57 38.50 56.96
N TYR UA 56 -16.12 37.35 56.59
CA TYR UA 56 -15.94 36.12 57.34
C TYR UA 56 -15.48 35.08 56.35
N GLY UA 57 -14.31 34.49 56.57
CA GLY UA 57 -13.74 33.56 55.60
C GLY UA 57 -12.98 32.44 56.25
N ILE UA 58 -13.01 31.27 55.61
CA ILE UA 58 -12.18 30.16 56.05
C ILE UA 58 -11.35 29.65 54.89
N ARG UA 59 -10.18 29.13 55.22
CA ARG UA 59 -9.25 28.48 54.31
C ARG UA 59 -8.85 27.16 54.92
N GLN UA 60 -8.68 26.13 54.10
CA GLN UA 60 -8.24 24.84 54.61
C GLN UA 60 -6.72 24.83 54.70
N ILE UA 61 -6.21 24.34 55.82
CA ILE UA 61 -4.78 24.30 56.09
C ILE UA 61 -4.29 22.90 55.79
N ALA UA 62 -3.29 22.82 54.91
CA ALA UA 62 -2.82 21.53 54.40
C ALA UA 62 -2.09 20.76 55.49
N ASP UA 63 -1.07 21.38 56.08
CA ASP UA 63 -0.27 20.79 57.14
C ASP UA 63 -0.11 21.85 58.22
N VAL UA 64 -0.79 21.66 59.35
CA VAL UA 64 -0.72 22.65 60.42
C VAL UA 64 0.65 22.64 61.08
N TYR UA 65 1.46 21.60 60.83
CA TYR UA 65 2.79 21.45 61.41
C TYR UA 65 3.89 22.04 60.55
N ARG UA 66 3.56 22.63 59.40
CA ARG UA 66 4.56 22.88 58.37
C ARG UA 66 5.44 24.08 58.68
N ASN UA 67 4.84 25.23 59.00
CA ASN UA 67 5.70 26.36 59.31
C ASN UA 67 6.25 26.34 60.72
N THR UA 68 5.75 25.44 61.58
CA THR UA 68 6.00 25.48 63.01
C THR UA 68 7.33 24.82 63.36
N THR UA 69 7.79 25.09 64.59
CA THR UA 69 8.88 24.32 65.18
C THR UA 69 8.38 23.02 65.78
N ILE UA 70 7.08 22.91 66.03
CA ILE UA 70 6.47 21.65 66.38
C ILE UA 70 6.44 20.76 65.14
N ASP UA 71 6.57 19.46 65.35
CA ASP UA 71 6.29 18.50 64.30
C ASP UA 71 5.50 17.34 64.89
N ARG UA 72 4.91 16.55 64.00
CA ARG UA 72 3.81 15.66 64.33
C ARG UA 72 4.33 14.39 64.97
N ALA UA 73 3.84 14.08 66.18
CA ALA UA 73 4.14 12.81 66.82
C ALA UA 73 3.34 11.69 66.15
N TYR UA 74 3.73 10.44 66.41
CA TYR UA 74 3.29 9.37 65.54
C TYR UA 74 1.81 9.07 65.68
N GLN UA 75 1.21 9.45 66.80
CA GLN UA 75 -0.16 9.12 67.12
C GLN UA 75 -1.06 10.36 67.04
N SER UA 76 -0.73 11.26 66.12
CA SER UA 76 -1.62 12.40 65.91
C SER UA 76 -2.73 12.02 64.94
N PRO UA 77 -3.94 12.52 65.18
CA PRO UA 77 -5.07 12.16 64.30
C PRO UA 77 -4.92 12.67 62.88
N SER UA 78 -4.53 13.94 62.72
CA SER UA 78 -4.43 14.54 61.40
C SER UA 78 -3.42 15.65 61.43
N LYS UA 79 -2.94 16.00 60.24
CA LYS UA 79 -2.19 17.23 60.01
C LYS UA 79 -3.09 18.37 59.57
N LYS UA 80 -4.37 18.08 59.31
CA LYS UA 80 -5.24 19.07 58.68
C LYS UA 80 -5.53 20.22 59.63
N GLY UA 81 -5.95 21.34 59.06
CA GLY UA 81 -6.36 22.45 59.88
C GLY UA 81 -7.37 23.33 59.17
N THR UA 82 -7.88 24.32 59.90
CA THR UA 82 -8.75 25.33 59.32
C THR UA 82 -8.30 26.71 59.81
N SER UA 83 -8.32 27.68 58.90
CA SER UA 83 -7.90 29.04 59.20
C SER UA 83 -9.11 29.95 59.01
N LEU UA 84 -9.47 30.66 60.06
CA LEU UA 84 -10.63 31.55 60.08
C LEU UA 84 -10.16 33.00 60.09
N VAL UA 85 -10.86 33.84 59.35
CA VAL UA 85 -10.61 35.26 59.36
C VAL UA 85 -11.93 35.99 59.58
N VAL UA 86 -11.86 37.01 60.44
CA VAL UA 86 -12.97 37.90 60.72
C VAL UA 86 -12.44 39.31 60.56
N GLN UA 87 -12.98 40.05 59.59
CA GLN UA 87 -12.54 41.40 59.30
C GLN UA 87 -13.68 42.38 59.46
N VAL UA 88 -13.37 43.54 60.02
CA VAL UA 88 -14.31 44.64 60.07
C VAL UA 88 -13.66 45.84 59.37
N THR UA 89 -14.49 46.56 58.61
CA THR UA 89 -14.10 47.73 57.83
C THR UA 89 -15.06 48.86 58.16
N GLU UA 90 -14.52 49.99 58.60
CA GLU UA 90 -15.34 51.13 58.97
C GLU UA 90 -14.85 52.37 58.24
N THR UA 91 -15.74 53.34 58.13
CA THR UA 91 -15.44 54.62 57.50
C THR UA 91 -15.74 55.72 58.51
N TRP UA 92 -14.68 56.32 59.06
CA TRP UA 92 -14.82 57.39 60.02
C TRP UA 92 -14.79 58.72 59.27
N THR UA 93 -15.43 59.74 59.83
CA THR UA 93 -15.55 61.02 59.14
C THR UA 93 -15.11 62.17 60.03
N VAL UA 94 -14.26 63.03 59.48
CA VAL UA 94 -13.80 64.24 60.15
C VAL UA 94 -14.51 65.42 59.49
N ALA UA 95 -15.10 66.28 60.32
CA ALA UA 95 -15.76 67.50 59.87
C ALA UA 95 -15.34 68.65 60.77
N SER UA 96 -15.77 69.86 60.40
CA SER UA 96 -15.46 71.06 61.17
C SER UA 96 -16.72 71.84 61.49
N THR UA 97 -16.81 72.31 62.73
CA THR UA 97 -17.91 73.17 63.16
C THR UA 97 -17.76 74.60 62.68
N ASP UA 98 -16.58 74.97 62.18
CA ASP UA 98 -16.35 76.29 61.61
C ASP UA 98 -16.69 76.33 60.12
N ASP UA 99 -16.14 75.40 59.36
CA ASP UA 99 -16.24 75.39 57.90
C ASP UA 99 -17.12 74.22 57.47
N GLU UA 100 -18.18 74.52 56.72
CA GLU UA 100 -18.97 73.45 56.12
C GLU UA 100 -18.22 72.77 54.98
N THR UA 101 -17.21 73.43 54.39
CA THR UA 101 -16.46 72.86 53.29
C THR UA 101 -15.48 71.79 53.76
N TYR UA 102 -14.99 71.91 54.97
CA TYR UA 102 -13.89 71.08 55.42
C TYR UA 102 -14.41 69.73 55.91
N GLY UA 103 -13.90 68.67 55.32
CA GLY UA 103 -14.19 67.32 55.77
C GLY UA 103 -13.41 66.30 54.98
N TYR UA 104 -13.25 65.13 55.59
CA TYR UA 104 -12.65 63.99 54.89
C TYR UA 104 -13.09 62.70 55.58
N SER UA 105 -12.78 61.58 54.93
CA SER UA 105 -13.10 60.25 55.42
C SER UA 105 -11.82 59.46 55.67
N LEU UA 106 -11.76 58.81 56.82
CA LEU UA 106 -10.66 57.94 57.20
C LEU UA 106 -11.10 56.50 57.12
N PRO UA 107 -10.34 55.65 56.46
CA PRO UA 107 -10.70 54.22 56.43
C PRO UA 107 -10.05 53.45 57.57
N PHE UA 108 -10.84 52.73 58.36
CA PHE UA 108 -10.31 51.87 59.40
C PHE UA 108 -10.56 50.42 59.02
N SER UA 109 -9.58 49.55 59.29
CA SER UA 109 -9.87 48.13 59.12
C SER UA 109 -9.10 47.35 60.15
N ALA UA 110 -9.62 46.16 60.45
CA ALA UA 110 -8.90 45.28 61.36
C ALA UA 110 -9.45 43.89 61.19
N HIS UA 111 -8.62 42.89 61.47
CA HIS UA 111 -9.10 41.53 61.36
C HIS UA 111 -8.38 40.62 62.34
N VAL UA 112 -8.99 39.47 62.55
CA VAL UA 112 -8.48 38.42 63.41
C VAL UA 112 -8.38 37.16 62.56
N ILE UA 113 -7.32 36.40 62.78
CA ILE UA 113 -7.10 35.14 62.09
C ILE UA 113 -6.79 34.09 63.15
N VAL UA 114 -7.41 32.92 63.00
CA VAL UA 114 -7.31 31.84 63.97
C VAL UA 114 -7.00 30.56 63.21
N ASN UA 115 -5.99 29.81 63.67
CA ASN UA 115 -5.50 28.65 62.94
C ASN UA 115 -5.68 27.39 63.81
N VAL UA 116 -6.81 26.72 63.64
CA VAL UA 116 -7.24 25.65 64.54
C VAL UA 116 -6.88 24.31 63.91
N PRO UA 117 -6.12 23.46 64.60
CA PRO UA 117 -5.91 22.08 64.12
C PRO UA 117 -7.19 21.26 64.18
N GLN UA 118 -7.21 20.19 63.37
CA GLN UA 118 -8.34 19.26 63.33
C GLN UA 118 -8.14 18.17 64.37
N ASP UA 119 -8.52 18.47 65.61
CA ASP UA 119 -8.56 17.47 66.65
C ASP UA 119 -9.84 17.67 67.44
N ALA UA 120 -10.59 16.59 67.65
CA ALA UA 120 -11.91 16.71 68.23
C ALA UA 120 -11.87 17.23 69.66
N LEU UA 121 -10.75 17.06 70.37
CA LEU UA 121 -10.63 17.53 71.75
C LEU UA 121 -10.52 19.05 71.86
N ILE UA 122 -10.20 19.74 70.78
CA ILE UA 122 -10.31 21.20 70.77
C ILE UA 122 -11.79 21.56 70.78
N THR UA 123 -12.21 22.31 71.79
CA THR UA 123 -13.62 22.66 71.94
C THR UA 123 -13.83 24.14 71.67
N GLU UA 124 -15.10 24.50 71.46
CA GLU UA 124 -15.42 25.88 71.16
C GLU UA 124 -15.00 26.78 72.30
N GLU UA 125 -15.15 26.30 73.54
CA GLU UA 125 -14.72 27.10 74.68
C GLU UA 125 -13.21 27.23 74.73
N ILE UA 126 -12.47 26.15 74.43
CA ILE UA 126 -11.01 26.24 74.39
C ILE UA 126 -10.59 27.35 73.44
N LEU UA 127 -11.25 27.41 72.29
CA LEU UA 127 -10.90 28.41 71.29
C LEU UA 127 -11.24 29.82 71.75
N TYR UA 128 -12.42 30.02 72.34
CA TYR UA 128 -12.73 31.35 72.84
C TYR UA 128 -11.74 31.80 73.92
N ASP UA 129 -11.37 30.89 74.83
CA ASP UA 129 -10.42 31.28 75.87
C ASP UA 129 -9.04 31.57 75.27
N ALA UA 130 -8.70 30.87 74.18
CA ALA UA 130 -7.49 31.23 73.45
C ALA UA 130 -7.59 32.65 72.90
N LEU UA 131 -8.74 33.01 72.33
CA LEU UA 131 -8.93 34.37 71.84
C LEU UA 131 -8.79 35.39 72.97
N LYS UA 132 -9.26 35.03 74.17
CA LYS UA 132 -9.15 35.94 75.31
C LYS UA 132 -7.70 36.13 75.71
N ARG UA 133 -6.92 35.05 75.73
CA ARG UA 133 -5.48 35.16 75.96
C ARG UA 133 -4.81 36.03 74.91
N LEU UA 134 -5.21 35.85 73.64
CA LEU UA 134 -4.69 36.63 72.53
C LEU UA 134 -4.89 38.12 72.76
N MET UA 135 -6.15 38.54 72.87
CA MET UA 135 -6.44 39.95 73.10
C MET UA 135 -5.79 40.48 74.37
N GLY UA 136 -5.49 39.61 75.35
CA GLY UA 136 -4.80 40.09 76.53
C GLY UA 136 -3.46 40.74 76.24
N HIS UA 137 -2.82 40.38 75.13
CA HIS UA 137 -1.52 40.94 74.78
C HIS UA 137 -1.58 42.40 74.37
N PHE UA 138 -2.77 42.98 74.28
CA PHE UA 138 -2.91 44.43 74.12
C PHE UA 138 -2.80 45.15 75.44
N TYR UA 139 -2.39 44.46 76.49
CA TYR UA 139 -2.31 45.01 77.83
C TYR UA 139 -1.07 44.45 78.53
N GLU UA 140 -0.74 45.04 79.67
CA GLU UA 140 0.28 44.52 80.57
C GLU UA 140 -0.32 44.39 81.96
N GLY UA 141 0.03 43.32 82.67
CA GLY UA 141 -0.56 43.08 83.98
C GLY UA 141 0.44 43.16 85.12
N ASN UA 142 -0.05 43.33 86.35
CA ASN UA 142 0.78 43.41 87.54
C ASN UA 142 0.24 42.44 88.59
N ASP UA 143 1.04 41.44 88.97
CA ASP UA 143 0.64 40.61 90.10
C ASP UA 143 0.77 41.36 91.41
N THR UA 144 1.59 42.42 91.42
CA THR UA 144 2.02 43.00 92.68
C THR UA 144 0.88 43.60 93.48
N THR UA 145 0.10 44.48 92.86
CA THR UA 145 -0.95 45.18 93.58
C THR UA 145 -1.99 44.22 94.12
N SER UA 146 -2.62 44.63 95.20
CA SER UA 146 -3.64 43.78 95.80
C SER UA 146 -4.87 43.66 94.94
N PRO UA 147 -5.44 44.73 94.39
CA PRO UA 147 -6.27 44.49 93.20
C PRO UA 147 -5.33 44.53 92.00
N THR UA 148 -5.34 43.47 91.20
CA THR UA 148 -4.41 43.40 90.08
C THR UA 148 -4.70 44.55 89.13
N THR UA 149 -3.65 45.18 88.61
CA THR UA 149 -3.79 46.32 87.74
C THR UA 149 -3.26 45.98 86.35
N THR UA 150 -3.90 46.55 85.34
CA THR UA 150 -3.52 46.37 83.95
C THR UA 150 -3.39 47.74 83.29
N SER UA 151 -2.30 47.93 82.55
CA SER UA 151 -2.08 49.11 81.73
C SER UA 151 -2.17 48.72 80.25
N VAL UA 152 -2.25 49.73 79.39
CA VAL UA 152 -2.56 49.51 77.99
C VAL UA 152 -1.30 49.58 77.14
N ARG UA 153 -1.34 48.89 76.01
CA ARG UA 153 -0.21 48.80 75.11
C ARG UA 153 -0.47 49.38 73.73
N LEU UA 154 -1.72 49.43 73.28
CA LEU UA 154 -2.01 49.67 71.87
C LEU UA 154 -1.30 50.91 71.35
N LYS UA 155 -1.36 52.01 72.11
CA LYS UA 155 -0.66 53.22 71.69
C LYS UA 155 0.83 52.97 71.57
N ASP UA 156 1.46 52.50 72.65
CA ASP UA 156 2.90 52.33 72.65
C ASP UA 156 3.35 51.41 71.51
N MET UA 157 2.56 50.39 71.20
CA MET UA 157 2.91 49.49 70.10
C MET UA 157 2.81 50.19 68.76
N LEU UA 158 1.66 50.81 68.49
CA LEU UA 158 1.51 51.55 67.24
C LEU UA 158 2.56 52.62 67.08
N GLN UA 159 3.10 53.14 68.18
CA GLN UA 159 4.16 54.13 68.15
C GLN UA 159 5.55 53.54 67.96
N GLY UA 160 5.68 52.20 68.00
CA GLY UA 160 6.95 51.55 67.77
C GLY UA 160 7.60 50.95 68.99
N ALA UA 161 7.01 51.11 70.18
CA ALA UA 161 7.52 50.50 71.39
C ALA UA 161 6.94 49.10 71.50
N LEU UA 162 7.53 48.18 70.75
CA LEU UA 162 6.93 46.87 70.61
C LEU UA 162 7.27 45.93 71.76
N VAL UA 163 8.30 46.24 72.53
CA VAL UA 163 8.60 45.40 73.69
C VAL UA 163 7.69 45.86 74.83
N PRO UA 164 7.11 44.94 75.59
CA PRO UA 164 6.37 45.34 76.78
C PRO UA 164 7.24 46.15 77.73
N GLN UA 165 6.65 47.18 78.32
CA GLN UA 165 7.37 48.05 79.23
C GLN UA 165 7.73 47.34 80.53
N SER UA 166 7.06 46.22 80.83
CA SER UA 166 7.40 45.39 81.97
C SER UA 166 8.75 44.69 81.80
N LEU UA 167 9.14 44.42 80.57
CA LEU UA 167 10.40 43.73 80.30
C LEU UA 167 11.58 44.69 80.25
N SER VA 1 -25.30 73.21 59.97
CA SER VA 1 -25.54 71.85 59.51
C SER VA 1 -26.02 71.85 58.07
N LYS VA 2 -25.89 70.72 57.41
CA LYS VA 2 -26.19 70.59 55.98
C LYS VA 2 -27.60 70.02 55.80
N ILE VA 3 -28.32 70.56 54.81
CA ILE VA 3 -29.69 70.16 54.53
C ILE VA 3 -29.85 69.94 53.04
N LEU VA 4 -30.57 68.87 52.68
CA LEU VA 4 -30.97 68.61 51.31
C LEU VA 4 -32.45 68.93 51.13
N SER VA 5 -32.79 69.58 50.03
CA SER VA 5 -34.18 69.81 49.63
C SER VA 5 -34.40 69.23 48.26
N THR VA 6 -35.54 68.56 48.09
CA THR VA 6 -35.94 68.08 46.78
C THR VA 6 -36.65 69.14 45.97
N ASN VA 7 -36.90 70.32 46.54
CA ASN VA 7 -37.53 71.43 45.85
C ASN VA 7 -38.94 71.10 45.36
N ASN VA 8 -39.54 70.04 45.88
CA ASN VA 8 -40.93 69.71 45.57
C ASN VA 8 -41.90 70.37 46.55
N SER VA 9 -41.42 71.29 47.38
CA SER VA 9 -42.26 71.89 48.41
C SER VA 9 -43.45 72.64 47.80
N ASN VA 10 -43.22 73.36 46.71
CA ASN VA 10 -44.23 74.23 46.11
C ASN VA 10 -44.97 73.59 44.95
N SER VA 11 -44.58 72.39 44.53
CA SER VA 11 -45.26 71.72 43.43
C SER VA 11 -46.56 71.10 43.91
N ASN VA 12 -47.54 71.00 43.01
CA ASN VA 12 -48.91 70.62 43.37
C ASN VA 12 -49.19 69.18 42.97
N PHE VA 13 -49.59 68.37 43.95
CA PHE VA 13 -49.91 66.97 43.71
C PHE VA 13 -51.28 66.64 44.27
N VAL VA 14 -51.77 65.49 43.83
CA VAL VA 14 -52.96 64.83 44.35
C VAL VA 14 -52.58 63.41 44.73
N ASP VA 15 -52.86 63.02 45.96
CA ASP VA 15 -52.53 61.66 46.36
C ASP VA 15 -53.49 60.67 45.72
N THR VA 16 -52.99 59.46 45.45
CA THR VA 16 -53.87 58.36 45.04
C THR VA 16 -53.28 57.05 45.53
N SER VA 17 -54.15 56.06 45.72
CA SER VA 17 -53.75 54.80 46.32
C SER VA 17 -53.19 53.86 45.28
N PHE VA 18 -52.11 53.17 45.64
CA PHE VA 18 -51.41 52.26 44.71
C PHE VA 18 -50.85 51.14 45.59
N THR VA 19 -51.65 50.11 45.80
CA THR VA 19 -51.32 49.09 46.78
C THR VA 19 -50.44 48.02 46.15
N LEU VA 20 -49.22 47.88 46.66
CA LEU VA 20 -48.24 46.98 46.08
C LEU VA 20 -48.46 45.57 46.57
N LYS VA 21 -48.35 44.61 45.65
CA LYS VA 21 -48.32 43.19 45.98
C LYS VA 21 -46.84 42.79 46.08
N VAL VA 22 -46.34 42.69 47.32
CA VAL VA 22 -44.95 42.39 47.63
C VAL VA 22 -44.72 40.89 47.70
N PRO VA 23 -43.67 40.38 47.06
CA PRO VA 23 -43.44 38.92 47.05
C PRO VA 23 -43.03 38.37 48.41
N VAL VA 24 -43.42 37.13 48.66
CA VAL VA 24 -42.89 36.33 49.75
C VAL VA 24 -41.83 35.42 49.12
N TYR VA 25 -40.59 35.89 49.12
CA TYR VA 25 -39.57 35.22 48.34
C TYR VA 25 -39.34 33.80 48.86
N SER VA 26 -39.33 33.66 50.19
CA SER VA 26 -39.15 32.35 50.80
C SER VA 26 -40.13 31.30 50.25
N LYS VA 27 -41.40 31.67 50.01
CA LYS VA 27 -42.31 30.65 49.49
C LYS VA 27 -42.22 30.54 47.96
N ASP VA 28 -42.11 31.65 47.24
CA ASP VA 28 -42.34 31.55 45.80
C ASP VA 28 -41.09 31.51 44.94
N TYR VA 29 -39.95 32.03 45.39
CA TYR VA 29 -38.85 32.25 44.48
C TYR VA 29 -37.63 31.41 44.86
N ARG VA 30 -36.76 31.24 43.87
CA ARG VA 30 -35.41 30.70 44.02
C ARG VA 30 -34.44 31.58 43.25
N VAL VA 31 -33.16 31.41 43.51
CA VAL VA 31 -32.15 32.23 42.87
C VAL VA 31 -31.62 31.50 41.63
N THR VA 32 -31.74 32.14 40.48
CA THR VA 32 -31.22 31.67 39.20
C THR VA 32 -29.78 32.09 38.98
N GLN VA 33 -29.43 33.34 39.29
CA GLN VA 33 -28.07 33.83 39.07
C GLN VA 33 -27.66 34.65 40.28
N ASP VA 34 -26.49 34.34 40.83
CA ASP VA 34 -25.93 35.05 41.98
C ASP VA 34 -24.60 35.64 41.54
N GLU VA 35 -24.66 36.82 40.93
CA GLU VA 35 -23.48 37.58 40.55
C GLU VA 35 -23.35 38.80 41.47
N PRO VA 36 -22.15 39.38 41.55
CA PRO VA 36 -21.99 40.54 42.45
C PRO VA 36 -22.78 41.74 42.00
N ASP VA 37 -23.05 41.88 40.70
CA ASP VA 37 -23.73 43.06 40.18
C ASP VA 37 -25.13 42.77 39.71
N GLU VA 38 -25.51 41.50 39.55
CA GLU VA 38 -26.74 41.13 38.86
C GLU VA 38 -27.24 39.84 39.49
N VAL VA 39 -28.41 39.90 40.12
CA VAL VA 39 -29.05 38.72 40.67
C VAL VA 39 -30.32 38.44 39.87
N VAL VA 40 -30.55 37.17 39.58
CA VAL VA 40 -31.74 36.74 38.88
C VAL VA 40 -32.47 35.72 39.74
N VAL VA 41 -33.78 35.88 39.79
CA VAL VA 41 -34.68 35.16 40.68
C VAL VA 41 -35.81 34.64 39.83
N ALA VA 42 -36.33 33.47 40.18
CA ALA VA 42 -37.35 32.80 39.39
C ALA VA 42 -38.42 32.20 40.29
N ASN VA 43 -39.64 32.14 39.76
CA ASN VA 43 -40.78 31.60 40.51
C ASN VA 43 -40.82 30.10 40.26
N ARG VA 44 -40.49 29.33 41.30
CA ARG VA 44 -40.51 27.87 41.22
C ARG VA 44 -41.91 27.29 41.35
N GLN VA 45 -42.91 28.08 41.75
CA GLN VA 45 -44.27 27.59 41.90
C GLN VA 45 -45.04 27.58 40.58
N GLN VA 46 -44.64 28.41 39.61
CA GLN VA 46 -45.31 28.44 38.32
C GLN VA 46 -45.21 27.07 37.65
N PRO VA 47 -46.21 26.67 36.87
CA PRO VA 47 -46.05 25.50 36.00
C PRO VA 47 -44.94 25.72 34.98
N PHE VA 48 -44.57 24.64 34.30
CA PHE VA 48 -43.34 24.67 33.49
C PHE VA 48 -43.44 25.67 32.35
N GLY VA 49 -44.61 25.75 31.71
CA GLY VA 49 -44.75 26.68 30.59
C GLY VA 49 -44.57 28.14 31.00
N VAL VA 50 -45.04 28.50 32.19
CA VAL VA 50 -45.08 29.90 32.60
C VAL VA 50 -43.80 30.23 33.38
N LYS VA 51 -42.96 31.05 32.79
CA LYS VA 51 -41.73 31.49 33.43
C LYS VA 51 -41.98 32.87 34.03
N ASN VA 52 -41.93 32.95 35.36
CA ASN VA 52 -42.06 34.21 36.10
C ASN VA 52 -40.71 34.52 36.75
N THR VA 53 -40.03 35.58 36.29
CA THR VA 53 -38.68 35.91 36.75
C THR VA 53 -38.54 37.38 37.12
N ALA VA 54 -37.44 37.68 37.81
CA ALA VA 54 -37.12 39.03 38.25
C ALA VA 54 -35.61 39.18 38.30
N ARG VA 55 -35.14 40.41 38.07
CA ARG VA 55 -33.72 40.68 37.92
C ARG VA 55 -33.39 41.96 38.66
N TYR VA 56 -32.33 41.92 39.45
CA TYR VA 56 -31.96 43.03 40.32
C TYR VA 56 -30.49 43.33 40.06
N GLY VA 57 -30.21 44.52 39.55
CA GLY VA 57 -28.86 44.82 39.09
C GLY VA 57 -28.42 46.21 39.49
N ILE VA 58 -27.10 46.37 39.63
CA ILE VA 58 -26.50 47.66 39.92
C ILE VA 58 -25.28 47.86 39.03
N ARG VA 59 -25.28 48.98 38.31
CA ARG VA 59 -24.11 49.50 37.62
C ARG VA 59 -23.62 50.72 38.38
N GLN VA 60 -22.34 51.03 38.30
CA GLN VA 60 -21.85 52.19 39.02
C GLN VA 60 -21.62 53.34 38.03
N ILE VA 61 -22.15 54.51 38.38
CA ILE VA 61 -22.17 55.68 37.50
C ILE VA 61 -20.91 56.50 37.75
N ALA VA 62 -20.17 56.75 36.67
CA ALA VA 62 -18.88 57.43 36.78
C ALA VA 62 -19.07 58.91 37.05
N ASP VA 63 -19.85 59.59 36.22
CA ASP VA 63 -20.17 61.01 36.40
C ASP VA 63 -21.69 61.13 36.38
N VAL VA 64 -22.28 61.38 37.55
CA VAL VA 64 -23.73 61.49 37.62
C VAL VA 64 -24.21 62.76 36.92
N TYR VA 65 -23.30 63.69 36.62
CA TYR VA 65 -23.62 64.94 35.95
C TYR VA 65 -23.43 64.88 34.44
N ARG VA 66 -23.19 63.69 33.88
CA ARG VA 66 -22.72 63.62 32.50
C ARG VA 66 -23.75 64.15 31.52
N ASN VA 67 -25.00 63.74 31.67
CA ASN VA 67 -26.04 64.14 30.75
C ASN VA 67 -27.01 65.14 31.37
N THR VA 68 -26.49 66.00 32.26
CA THR VA 68 -27.29 67.01 32.95
C THR VA 68 -26.83 68.40 32.55
N THR VA 69 -27.68 69.39 32.86
CA THR VA 69 -27.44 70.77 32.54
C THR VA 69 -26.81 71.55 33.69
N ILE VA 70 -26.26 70.85 34.67
CA ILE VA 70 -25.74 71.49 35.87
C ILE VA 70 -24.29 71.88 35.61
N ASP VA 71 -24.01 73.18 35.66
CA ASP VA 71 -22.65 73.65 35.44
C ASP VA 71 -21.74 73.18 36.56
N ARG VA 72 -20.44 73.03 36.25
CA ARG VA 72 -19.49 72.47 37.21
C ARG VA 72 -19.46 73.26 38.50
N ALA VA 73 -19.56 74.59 38.43
CA ALA VA 73 -19.53 75.41 39.62
C ALA VA 73 -20.64 75.08 40.61
N TYR VA 74 -21.63 74.30 40.19
CA TYR VA 74 -22.75 73.95 41.04
C TYR VA 74 -22.82 72.46 41.35
N GLN VA 75 -21.80 71.69 40.96
CA GLN VA 75 -21.77 70.26 41.19
C GLN VA 75 -21.15 69.94 42.56
N SER VA 76 -21.46 68.75 43.08
CA SER VA 76 -20.84 68.33 44.33
C SER VA 76 -19.37 68.03 44.06
N PRO VA 77 -18.57 67.84 45.11
CA PRO VA 77 -17.20 67.40 44.87
C PRO VA 77 -17.13 65.99 44.32
N SER VA 78 -18.11 65.14 44.64
CA SER VA 78 -18.11 63.72 44.28
C SER VA 78 -19.08 63.49 43.13
N LYS VA 79 -18.58 62.94 42.04
CA LYS VA 79 -19.42 62.65 40.88
C LYS VA 79 -19.92 61.21 40.89
N LYS VA 80 -19.54 60.42 41.89
CA LYS VA 80 -19.92 59.02 41.95
C LYS VA 80 -21.44 58.85 42.03
N GLY VA 81 -21.93 57.76 41.44
CA GLY VA 81 -23.31 57.37 41.63
C GLY VA 81 -23.47 55.89 41.49
N THR VA 82 -24.69 55.40 41.76
CA THR VA 82 -25.05 54.04 41.46
C THR VA 82 -26.36 54.04 40.68
N SER VA 83 -26.56 52.98 39.90
CA SER VA 83 -27.72 52.85 39.02
C SER VA 83 -28.32 51.48 39.27
N LEU VA 84 -29.56 51.48 39.73
CA LEU VA 84 -30.29 50.28 40.10
C LEU VA 84 -31.29 49.94 39.01
N VAL VA 85 -31.43 48.65 38.73
CA VAL VA 85 -32.48 48.16 37.84
C VAL VA 85 -33.23 47.05 38.54
N VAL VA 86 -34.54 47.09 38.39
CA VAL VA 86 -35.45 46.07 38.91
C VAL VA 86 -36.34 45.69 37.74
N GLN VA 87 -36.17 44.48 37.23
CA GLN VA 87 -36.93 44.00 36.09
C GLN VA 87 -37.81 42.83 36.51
N VAL VA 88 -39.03 42.80 36.00
CA VAL VA 88 -39.93 41.67 36.20
C VAL VA 88 -40.34 41.16 34.82
N THR VA 89 -40.43 39.84 34.70
CA THR VA 89 -40.83 39.14 33.49
C THR VA 89 -41.91 38.15 33.84
N GLU VA 90 -43.07 38.28 33.21
CA GLU VA 90 -44.18 37.38 33.44
C GLU VA 90 -44.61 36.75 32.12
N THR VA 91 -45.33 35.64 32.23
CA THR VA 91 -45.88 34.97 31.06
C THR VA 91 -47.35 34.69 31.31
N TRP VA 92 -48.22 35.35 30.54
CA TRP VA 92 -49.66 35.21 30.70
C TRP VA 92 -50.14 34.19 29.66
N THR VA 93 -51.21 33.48 29.98
CA THR VA 93 -51.75 32.52 29.02
C THR VA 93 -53.19 32.87 28.65
N VAL VA 94 -53.48 32.72 27.36
CA VAL VA 94 -54.81 32.91 26.83
C VAL VA 94 -55.33 31.54 26.41
N ALA VA 95 -56.54 31.21 26.86
CA ALA VA 95 -57.17 29.95 26.50
C ALA VA 95 -58.67 30.19 26.32
N SER VA 96 -59.41 29.12 26.07
CA SER VA 96 -60.82 29.22 25.77
C SER VA 96 -61.63 28.29 26.67
N THR VA 97 -62.86 28.72 26.97
CA THR VA 97 -63.81 27.89 27.69
C THR VA 97 -64.32 26.75 26.83
N ASP VA 98 -64.66 27.07 25.58
CA ASP VA 98 -65.31 26.10 24.71
C ASP VA 98 -64.30 25.14 24.10
N ASP VA 99 -63.04 25.55 23.97
CA ASP VA 99 -62.04 24.83 23.20
C ASP VA 99 -60.80 24.61 24.07
N GLU VA 100 -60.52 23.35 24.38
CA GLU VA 100 -59.32 23.02 25.14
C GLU VA 100 -58.05 23.16 24.31
N THR VA 101 -58.15 23.11 23.00
CA THR VA 101 -56.96 23.17 22.14
C THR VA 101 -56.56 24.59 21.77
N TYR VA 102 -57.34 25.60 22.14
CA TYR VA 102 -57.06 26.96 21.74
C TYR VA 102 -56.34 27.69 22.87
N GLY VA 103 -55.15 28.20 22.56
CA GLY VA 103 -54.44 29.04 23.50
C GLY VA 103 -53.11 29.51 22.95
N TYR VA 104 -52.53 30.47 23.67
CA TYR VA 104 -51.16 30.94 23.43
C TYR VA 104 -50.62 31.60 24.70
N SER VA 105 -49.35 31.99 24.66
CA SER VA 105 -48.67 32.64 25.78
C SER VA 105 -48.18 34.01 25.36
N LEU VA 106 -48.49 35.01 26.16
CA LEU VA 106 -48.09 36.39 25.96
C LEU VA 106 -46.97 36.74 26.91
N PRO VA 107 -45.89 37.34 26.43
CA PRO VA 107 -44.82 37.76 27.33
C PRO VA 107 -44.99 39.19 27.81
N PHE VA 108 -44.96 39.39 29.13
CA PHE VA 108 -44.94 40.72 29.71
C PHE VA 108 -43.57 40.95 30.34
N SER VA 109 -43.03 42.15 30.15
CA SER VA 109 -41.81 42.54 30.83
C SER VA 109 -41.92 44.01 31.18
N ALA VA 110 -41.27 44.37 32.27
CA ALA VA 110 -41.20 45.78 32.65
C ALA VA 110 -40.04 45.95 33.60
N HIS VA 111 -39.48 47.16 33.63
CA HIS VA 111 -38.40 47.40 34.57
C HIS VA 111 -38.38 48.85 35.01
N VAL VA 112 -37.69 49.06 36.12
CA VAL VA 112 -37.44 50.38 36.69
C VAL VA 112 -35.93 50.55 36.79
N ILE VA 113 -35.48 51.76 36.49
CA ILE VA 113 -34.08 52.14 36.66
C ILE VA 113 -34.06 53.39 37.51
N VAL VA 114 -33.15 53.43 38.47
CA VAL VA 114 -33.01 54.54 39.40
C VAL VA 114 -31.56 54.94 39.46
N ASN VA 115 -31.28 56.23 39.32
CA ASN VA 115 -29.90 56.73 39.19
C ASN VA 115 -29.62 57.65 40.37
N VAL VA 116 -29.06 57.09 41.45
CA VAL VA 116 -28.92 57.80 42.71
C VAL VA 116 -27.48 58.27 42.85
N PRO VA 117 -27.23 59.57 43.05
CA PRO VA 117 -25.90 60.02 43.42
C PRO VA 117 -25.53 59.55 44.82
N GLN VA 118 -24.25 59.26 45.03
CA GLN VA 118 -23.79 58.85 46.36
C GLN VA 118 -23.54 60.10 47.20
N ASP VA 119 -24.58 60.57 47.86
CA ASP VA 119 -24.48 61.67 48.80
C ASP VA 119 -25.11 61.17 50.10
N ALA VA 120 -24.40 61.37 51.21
CA ALA VA 120 -24.88 60.83 52.47
C ALA VA 120 -26.25 61.38 52.82
N LEU VA 121 -26.60 62.58 52.32
CA LEU VA 121 -27.86 63.24 52.64
C LEU VA 121 -29.06 62.64 51.91
N ILE VA 122 -28.85 61.91 50.81
CA ILE VA 122 -29.94 61.18 50.18
C ILE VA 122 -30.29 59.99 51.06
N THR VA 123 -31.53 59.94 51.53
CA THR VA 123 -31.98 58.90 52.44
C THR VA 123 -32.87 57.91 51.71
N GLU VA 124 -33.05 56.73 52.34
CA GLU VA 124 -33.89 55.72 51.72
C GLU VA 124 -35.32 56.22 51.58
N GLU VA 125 -35.78 57.02 52.55
CA GLU VA 125 -37.11 57.58 52.45
C GLU VA 125 -37.22 58.59 51.31
N ILE VA 126 -36.19 59.45 51.15
CA ILE VA 126 -36.18 60.37 50.02
C ILE VA 126 -36.33 59.60 48.72
N LEU VA 127 -35.59 58.50 48.59
CA LEU VA 127 -35.62 57.73 47.35
C LEU VA 127 -36.98 57.08 47.12
N TYR VA 128 -37.57 56.50 48.16
CA TYR VA 128 -38.91 55.93 47.98
C TYR VA 128 -39.93 56.99 47.61
N ASP VA 129 -39.84 58.18 48.21
CA ASP VA 129 -40.77 59.24 47.83
C ASP VA 129 -40.57 59.67 46.39
N ALA VA 130 -39.31 59.66 45.93
CA ALA VA 130 -39.06 59.92 44.52
C ALA VA 130 -39.72 58.86 43.64
N LEU VA 131 -39.62 57.59 44.03
CA LEU VA 131 -40.28 56.53 43.27
C LEU VA 131 -41.79 56.75 43.24
N LYS VA 132 -42.36 57.19 44.36
CA LYS VA 132 -43.80 57.43 44.41
C LYS VA 132 -44.19 58.55 43.44
N ARG VA 133 -43.37 59.59 43.36
CA ARG VA 133 -43.63 60.68 42.41
C ARG VA 133 -43.50 60.19 40.97
N LEU VA 134 -42.48 59.37 40.71
CA LEU VA 134 -42.30 58.74 39.40
C LEU VA 134 -43.56 58.00 38.97
N MET VA 135 -44.01 57.06 39.80
CA MET VA 135 -45.20 56.29 39.43
C MET VA 135 -46.44 57.16 39.36
N GLY VA 136 -46.45 58.30 40.05
CA GLY VA 136 -47.59 59.19 39.90
C GLY VA 136 -47.78 59.72 38.49
N HIS VA 137 -46.75 59.68 37.66
CA HIS VA 137 -46.88 60.18 36.29
C HIS VA 137 -47.67 59.24 35.40
N PHE VA 138 -47.99 58.03 35.87
CA PHE VA 138 -48.93 57.16 35.20
C PHE VA 138 -50.37 57.58 35.43
N TYR VA 139 -50.58 58.71 36.09
CA TYR VA 139 -51.90 59.22 36.38
C TYR VA 139 -51.94 60.70 36.00
N GLU VA 140 -53.14 61.27 36.03
CA GLU VA 140 -53.32 62.70 35.89
C GLU VA 140 -54.16 63.19 37.06
N GLY VA 141 -53.78 64.34 37.61
CA GLY VA 141 -54.37 64.86 38.83
C GLY VA 141 -55.28 66.05 38.57
N ASN VA 142 -56.38 66.09 39.34
CA ASN VA 142 -57.37 67.16 39.33
C ASN VA 142 -57.65 67.57 40.78
N ASP VA 143 -57.19 68.76 41.17
CA ASP VA 143 -57.46 69.28 42.51
C ASP VA 143 -58.55 70.34 42.52
N THR VA 144 -59.10 70.68 41.36
CA THR VA 144 -60.16 71.69 41.33
C THR VA 144 -61.45 71.15 41.95
N THR VA 145 -61.78 69.88 41.70
CA THR VA 145 -62.99 69.29 42.24
C THR VA 145 -62.95 69.17 43.75
N SER VA 146 -64.15 69.09 44.32
CA SER VA 146 -64.27 69.06 45.78
C SER VA 146 -63.49 67.90 46.40
N PRO VA 147 -63.67 66.63 45.98
CA PRO VA 147 -62.64 65.65 46.33
C PRO VA 147 -61.56 65.63 45.25
N THR VA 148 -60.29 65.70 45.65
CA THR VA 148 -59.22 65.58 44.66
C THR VA 148 -59.33 64.22 43.98
N THR VA 149 -59.31 64.21 42.65
CA THR VA 149 -59.50 63.01 41.87
C THR VA 149 -58.36 62.83 40.88
N THR VA 150 -58.16 61.58 40.47
CA THR VA 150 -57.12 61.20 39.52
C THR VA 150 -57.69 60.25 38.49
N SER VA 151 -57.26 60.42 37.24
CA SER VA 151 -57.63 59.49 36.17
C SER VA 151 -56.37 58.79 35.65
N VAL VA 152 -56.55 57.54 35.21
CA VAL VA 152 -55.43 56.73 34.78
C VAL VA 152 -54.98 57.14 33.39
N ARG VA 153 -53.70 56.95 33.09
CA ARG VA 153 -53.13 57.44 31.84
C ARG VA 153 -52.34 56.38 31.07
N LEU VA 154 -52.18 55.17 31.62
CA LEU VA 154 -51.28 54.19 31.03
C LEU VA 154 -51.72 53.79 29.62
N LYS VA 155 -53.01 53.45 29.47
CA LYS VA 155 -53.50 53.03 28.16
C LYS VA 155 -53.47 54.19 27.18
N ASP VA 156 -53.81 55.39 27.64
CA ASP VA 156 -53.77 56.56 26.77
C ASP VA 156 -52.36 56.75 26.21
N MET VA 157 -51.34 56.65 27.06
CA MET VA 157 -49.98 56.80 26.58
C MET VA 157 -49.60 55.69 25.61
N LEU VA 158 -49.92 54.44 25.97
CA LEU VA 158 -49.65 53.33 25.06
C LEU VA 158 -50.25 53.58 23.69
N GLN VA 159 -51.43 54.20 23.65
CA GLN VA 159 -52.14 54.44 22.39
C GLN VA 159 -51.78 55.77 21.74
N GLY VA 160 -50.69 56.41 22.16
CA GLY VA 160 -50.19 57.58 21.46
C GLY VA 160 -50.66 58.91 21.98
N ALA VA 161 -51.45 58.93 23.06
CA ALA VA 161 -51.87 60.18 23.68
C ALA VA 161 -50.89 60.47 24.82
N LEU VA 162 -49.76 61.03 24.45
CA LEU VA 162 -48.68 61.18 25.42
C LEU VA 162 -48.76 62.48 26.21
N VAL VA 163 -49.37 63.51 25.64
CA VAL VA 163 -49.52 64.78 26.36
C VAL VA 163 -50.71 64.67 27.30
N PRO VA 164 -50.57 65.10 28.55
CA PRO VA 164 -51.70 65.04 29.49
C PRO VA 164 -52.91 65.84 29.01
N GLN VA 165 -54.09 65.43 29.47
CA GLN VA 165 -55.31 66.19 29.20
C GLN VA 165 -55.18 67.64 29.67
N SER VA 166 -54.58 67.84 30.85
CA SER VA 166 -54.50 69.17 31.43
C SER VA 166 -53.72 70.15 30.55
N LEU VA 167 -52.80 69.62 29.73
CA LEU VA 167 -51.90 70.45 28.92
C LEU VA 167 -52.34 70.51 27.44
N SER WA 1 -11.19 -54.58 22.68
CA SER WA 1 -11.42 -53.78 23.88
C SER WA 1 -10.14 -53.06 24.29
N LYS WA 2 -10.27 -51.77 24.57
CA LYS WA 2 -9.14 -50.94 24.94
C LYS WA 2 -9.06 -50.83 26.46
N ILE WA 3 -7.85 -50.87 27.00
CA ILE WA 3 -7.65 -50.81 28.44
C ILE WA 3 -6.59 -49.75 28.76
N LEU WA 4 -6.89 -48.91 29.74
CA LEU WA 4 -5.97 -47.91 30.26
C LEU WA 4 -5.38 -48.38 31.57
N SER WA 5 -4.06 -48.19 31.73
CA SER WA 5 -3.36 -48.44 32.99
C SER WA 5 -2.65 -47.18 33.42
N THR WA 6 -2.67 -46.94 34.73
CA THR WA 6 -1.92 -45.84 35.32
C THR WA 6 -0.49 -46.24 35.68
N ASN WA 7 -0.16 -47.52 35.61
CA ASN WA 7 1.19 -48.02 35.84
C ASN WA 7 1.69 -47.71 37.25
N ASN WA 8 0.78 -47.54 38.20
CA ASN WA 8 1.16 -47.33 39.59
C ASN WA 8 1.15 -48.63 40.38
N SER WA 9 0.83 -49.76 39.75
CA SER WA 9 0.75 -51.02 40.45
C SER WA 9 2.07 -51.44 41.07
N ASN WA 10 3.19 -51.00 40.49
CA ASN WA 10 4.51 -51.38 41.00
C ASN WA 10 5.08 -50.37 41.97
N SER WA 11 4.36 -49.29 42.26
CA SER WA 11 4.81 -48.32 43.24
C SER WA 11 4.45 -48.76 44.65
N ASN WA 12 5.20 -48.22 45.60
CA ASN WA 12 5.09 -48.55 47.02
C ASN WA 12 4.56 -47.34 47.78
N PHE WA 13 3.34 -47.44 48.31
CA PHE WA 13 2.71 -46.34 49.04
C PHE WA 13 2.24 -46.81 50.44
N VAL WA 14 1.99 -45.84 51.30
CA VAL WA 14 1.41 -46.07 52.61
C VAL WA 14 0.12 -45.29 52.67
N ASP WA 15 -0.97 -45.96 53.00
CA ASP WA 15 -2.20 -45.23 53.19
C ASP WA 15 -2.08 -44.39 54.46
N THR WA 16 -2.68 -43.19 54.41
CA THR WA 16 -2.77 -42.37 55.61
C THR WA 16 -4.04 -41.53 55.51
N SER WA 17 -4.58 -41.18 56.68
CA SER WA 17 -5.88 -40.54 56.75
C SER WA 17 -5.73 -39.05 56.50
N PHE WA 18 -6.64 -38.50 55.70
CA PHE WA 18 -6.60 -37.09 55.34
C PHE WA 18 -8.06 -36.67 55.18
N THR WA 19 -8.65 -36.24 56.29
CA THR WA 19 -10.09 -36.05 56.37
C THR WA 19 -10.44 -34.64 55.90
N LEU WA 20 -11.20 -34.57 54.80
CA LEU WA 20 -11.52 -33.30 54.17
C LEU WA 20 -12.71 -32.65 54.83
N LYS WA 21 -12.61 -31.33 55.04
CA LYS WA 21 -13.74 -30.51 55.44
C LYS WA 21 -14.33 -29.90 54.17
N VAL WA 22 -15.42 -30.50 53.70
CA VAL WA 22 -16.13 -30.14 52.46
C VAL WA 22 -17.14 -29.03 52.74
N PRO WA 23 -17.21 -28.01 51.89
CA PRO WA 23 -18.13 -26.90 52.13
C PRO WA 23 -19.59 -27.26 51.95
N VAL WA 24 -20.45 -26.46 52.57
CA VAL WA 24 -21.87 -26.51 52.30
C VAL WA 24 -22.22 -25.23 51.57
N TYR WA 25 -22.16 -25.30 50.25
CA TYR WA 25 -22.17 -24.09 49.45
C TYR WA 25 -23.46 -23.32 49.63
N SER WA 26 -24.57 -24.04 49.71
CA SER WA 26 -25.87 -23.40 49.89
C SER WA 26 -25.90 -22.54 51.15
N LYS WA 27 -25.35 -23.05 52.25
CA LYS WA 27 -25.36 -22.27 53.49
C LYS WA 27 -24.40 -21.09 53.44
N ASP WA 28 -23.16 -21.33 52.95
CA ASP WA 28 -22.09 -20.38 53.19
C ASP WA 28 -21.71 -19.48 52.03
N TYR WA 29 -21.79 -19.96 50.81
CA TYR WA 29 -21.16 -19.32 49.67
C TYR WA 29 -22.19 -18.72 48.71
N ARG WA 30 -21.84 -17.59 48.12
CA ARG WA 30 -22.58 -16.94 47.06
C ARG WA 30 -21.64 -16.81 45.87
N VAL WA 31 -22.17 -16.44 44.71
CA VAL WA 31 -21.36 -16.42 43.50
C VAL WA 31 -20.95 -14.99 43.18
N THR WA 32 -19.64 -14.74 43.12
CA THR WA 32 -19.06 -13.45 42.75
C THR WA 32 -18.86 -13.30 41.25
N GLN WA 33 -18.48 -14.38 40.57
CA GLN WA 33 -18.14 -14.33 39.14
C GLN WA 33 -18.66 -15.59 38.47
N ASP WA 34 -19.41 -15.45 37.36
CA ASP WA 34 -19.88 -16.60 36.59
C ASP WA 34 -19.42 -16.53 35.13
N GLU WA 35 -18.12 -16.30 34.91
CA GLU WA 35 -17.71 -16.32 33.52
C GLU WA 35 -17.63 -17.75 32.99
N PRO WA 36 -17.75 -17.92 31.66
CA PRO WA 36 -17.90 -19.28 31.11
C PRO WA 36 -16.77 -20.22 31.47
N ASP WA 37 -15.55 -19.72 31.61
CA ASP WA 37 -14.43 -20.56 31.99
C ASP WA 37 -13.93 -20.33 33.41
N GLU WA 38 -14.52 -19.40 34.16
CA GLU WA 38 -13.96 -19.05 35.47
C GLU WA 38 -15.08 -18.62 36.40
N VAL WA 39 -15.26 -19.33 37.50
CA VAL WA 39 -16.27 -19.01 38.49
C VAL WA 39 -15.57 -18.64 39.79
N VAL WA 40 -16.11 -17.64 40.47
CA VAL WA 40 -15.62 -17.22 41.77
C VAL WA 40 -16.78 -17.18 42.74
N VAL WA 41 -16.50 -17.64 43.95
CA VAL WA 41 -17.48 -17.95 44.98
C VAL WA 41 -16.98 -17.34 46.28
N ALA WA 42 -17.82 -16.56 46.94
CA ALA WA 42 -17.44 -15.85 48.15
C ALA WA 42 -18.16 -16.40 49.37
N ASN WA 43 -17.48 -16.32 50.51
CA ASN WA 43 -18.00 -16.83 51.77
C ASN WA 43 -18.79 -15.71 52.44
N ARG WA 44 -20.12 -15.84 52.43
CA ARG WA 44 -20.99 -14.83 52.99
C ARG WA 44 -20.87 -14.74 54.52
N GLN WA 45 -20.33 -15.77 55.17
CA GLN WA 45 -20.25 -15.83 56.63
C GLN WA 45 -19.19 -14.90 57.20
N GLN WA 46 -18.36 -14.29 56.37
CA GLN WA 46 -17.24 -13.57 56.97
C GLN WA 46 -17.59 -12.10 57.19
N PRO WA 47 -16.94 -11.46 58.18
CA PRO WA 47 -17.05 -10.00 58.31
C PRO WA 47 -16.34 -9.29 57.17
N PHE WA 48 -16.42 -7.96 57.11
CA PHE WA 48 -15.91 -7.27 55.92
C PHE WA 48 -14.40 -7.38 55.80
N GLY WA 49 -13.67 -7.28 56.91
CA GLY WA 49 -12.22 -7.41 56.83
C GLY WA 49 -11.81 -8.72 56.21
N VAL WA 50 -12.43 -9.81 56.66
CA VAL WA 50 -11.98 -11.16 56.31
C VAL WA 50 -12.53 -11.54 54.94
N LYS WA 51 -11.65 -11.84 54.01
CA LYS WA 51 -12.03 -12.30 52.68
C LYS WA 51 -11.79 -13.80 52.58
N ASN WA 52 -12.83 -14.54 52.21
CA ASN WA 52 -12.79 -15.99 52.08
C ASN WA 52 -13.45 -16.34 50.74
N THR WA 53 -12.65 -16.72 49.75
CA THR WA 53 -13.17 -16.97 48.41
C THR WA 53 -12.58 -18.24 47.81
N ALA WA 54 -13.25 -18.75 46.79
CA ALA WA 54 -12.80 -19.90 46.02
C ALA WA 54 -12.99 -19.60 44.55
N ARG WA 55 -12.10 -20.15 43.73
CA ARG WA 55 -12.06 -19.88 42.31
C ARG WA 55 -11.91 -21.21 41.58
N TYR WA 56 -12.77 -21.43 40.59
CA TYR WA 56 -12.83 -22.69 39.88
C TYR WA 56 -12.74 -22.36 38.40
N GLY WA 57 -11.70 -22.83 37.73
CA GLY WA 57 -11.48 -22.44 36.35
C GLY WA 57 -10.97 -23.58 35.50
N ILE WA 58 -11.29 -23.51 34.20
CA ILE WA 58 -10.76 -24.47 33.23
C ILE WA 58 -10.17 -23.71 32.06
N ARG WA 59 -9.05 -24.24 31.56
CA ARG WA 59 -8.39 -23.78 30.35
C ARG WA 59 -8.22 -24.98 29.43
N GLN WA 60 -8.25 -24.74 28.12
CA GLN WA 60 -8.04 -25.83 27.17
C GLN WA 60 -6.56 -25.91 26.80
N ILE WA 61 -6.03 -27.14 26.78
CA ILE WA 61 -4.63 -27.40 26.48
C ILE WA 61 -4.54 -27.77 25.01
N ALA WA 62 -3.82 -26.94 24.25
CA ALA WA 62 -3.71 -27.16 22.81
C ALA WA 62 -3.07 -28.51 22.51
N ASP WA 63 -1.82 -28.70 22.95
CA ASP WA 63 -1.07 -29.92 22.74
C ASP WA 63 -0.71 -30.48 24.11
N VAL WA 64 -1.32 -31.59 24.49
CA VAL WA 64 -1.05 -32.17 25.80
C VAL WA 64 0.35 -32.76 25.86
N TYR WA 65 0.97 -33.02 24.72
CA TYR WA 65 2.33 -33.54 24.64
C TYR WA 65 3.37 -32.43 24.50
N ARG WA 66 2.96 -31.16 24.57
CA ARG WA 66 3.82 -30.05 24.14
C ARG WA 66 5.13 -30.02 24.92
N ASN WA 67 5.07 -30.27 26.23
CA ASN WA 67 6.26 -30.21 27.06
C ASN WA 67 6.72 -31.58 27.53
N THR WA 68 6.06 -32.65 27.10
CA THR WA 68 6.48 -34.00 27.46
C THR WA 68 7.40 -34.57 26.38
N THR WA 69 8.03 -35.69 26.70
CA THR WA 69 9.01 -36.31 25.82
C THR WA 69 8.52 -37.66 25.28
N ILE WA 70 7.20 -37.86 25.26
CA ILE WA 70 6.63 -39.08 24.70
C ILE WA 70 6.86 -39.10 23.20
N ASP WA 71 7.38 -40.21 22.68
CA ASP WA 71 7.68 -40.27 21.26
C ASP WA 71 6.40 -40.09 20.44
N ARG WA 72 6.56 -39.45 19.28
CA ARG WA 72 5.44 -39.19 18.39
C ARG WA 72 4.68 -40.49 18.10
N ALA WA 73 5.42 -41.58 17.89
CA ALA WA 73 4.81 -42.86 17.54
C ALA WA 73 3.87 -43.37 18.61
N TYR WA 74 3.94 -42.84 19.82
CA TYR WA 74 3.09 -43.29 20.92
C TYR WA 74 2.15 -42.19 21.41
N GLN WA 75 1.94 -41.14 20.62
CA GLN WA 75 1.01 -40.10 21.01
C GLN WA 75 -0.40 -40.44 20.53
N SER WA 76 -1.38 -40.08 21.34
CA SER WA 76 -2.77 -40.25 20.96
C SER WA 76 -3.06 -39.40 19.71
N PRO WA 77 -4.04 -39.81 18.90
CA PRO WA 77 -4.49 -38.90 17.84
C PRO WA 77 -5.06 -37.61 18.39
N SER WA 78 -5.86 -37.70 19.45
CA SER WA 78 -6.44 -36.52 20.10
C SER WA 78 -5.44 -35.96 21.10
N LYS WA 79 -4.91 -34.78 20.79
CA LYS WA 79 -3.86 -34.18 21.58
C LYS WA 79 -4.38 -33.05 22.47
N LYS WA 80 -5.69 -32.89 22.57
CA LYS WA 80 -6.26 -31.83 23.37
C LYS WA 80 -6.34 -32.27 24.82
N GLY WA 81 -6.23 -31.30 25.74
CA GLY WA 81 -6.38 -31.56 27.15
C GLY WA 81 -7.24 -30.51 27.81
N THR WA 82 -7.56 -30.76 29.08
CA THR WA 82 -8.22 -29.80 29.93
C THR WA 82 -7.37 -29.55 31.17
N SER WA 83 -7.25 -28.28 31.54
CA SER WA 83 -6.52 -27.86 32.73
C SER WA 83 -7.51 -27.25 33.71
N LEU WA 84 -7.64 -27.87 34.87
CA LEU WA 84 -8.54 -27.40 35.92
C LEU WA 84 -7.74 -26.73 37.02
N VAL WA 85 -8.31 -25.69 37.59
CA VAL WA 85 -7.72 -25.00 38.73
C VAL WA 85 -8.79 -24.81 39.80
N VAL WA 86 -8.38 -25.06 41.04
CA VAL WA 86 -9.21 -24.87 42.22
C VAL WA 86 -8.37 -24.08 43.20
N GLN WA 87 -8.72 -22.82 43.42
CA GLN WA 87 -8.01 -21.95 44.36
C GLN WA 87 -8.90 -21.61 45.54
N VAL WA 88 -8.32 -21.62 46.74
CA VAL WA 88 -8.98 -21.14 47.93
C VAL WA 88 -8.14 -20.01 48.51
N THR WA 89 -8.81 -18.95 48.93
CA THR WA 89 -8.23 -17.75 49.50
C THR WA 89 -8.87 -17.50 50.85
N GLU WA 90 -8.05 -17.41 51.89
CA GLU WA 90 -8.53 -17.21 53.25
C GLU WA 90 -7.82 -16.01 53.85
N THR WA 91 -8.47 -15.41 54.84
CA THR WA 91 -7.89 -14.31 55.60
C THR WA 91 -7.87 -14.71 57.07
N TRP WA 92 -6.68 -14.86 57.62
CA TRP WA 92 -6.48 -15.23 59.01
C TRP WA 92 -6.25 -13.96 59.83
N THR WA 93 -6.56 -14.02 61.11
CA THR WA 93 -6.35 -12.88 61.98
C THR WA 93 -5.57 -13.28 63.22
N VAL WA 94 -4.72 -12.36 63.68
CA VAL WA 94 -3.93 -12.54 64.88
C VAL WA 94 -4.34 -11.48 65.87
N ALA WA 95 -4.65 -11.91 67.10
CA ALA WA 95 -5.05 -10.99 68.15
C ALA WA 95 -4.43 -11.46 69.46
N SER WA 96 -4.76 -10.74 70.54
CA SER WA 96 -4.27 -11.05 71.87
C SER WA 96 -5.41 -11.20 72.85
N THR WA 97 -5.31 -12.23 73.69
CA THR WA 97 -6.23 -12.38 74.81
C THR WA 97 -6.18 -11.18 75.72
N ASP WA 98 -4.98 -10.70 76.02
CA ASP WA 98 -4.77 -9.67 77.02
C ASP WA 98 -5.12 -8.29 76.47
N ASP WA 99 -4.81 -8.03 75.20
CA ASP WA 99 -4.93 -6.71 74.59
C ASP WA 99 -5.92 -6.79 73.44
N GLU WA 100 -7.08 -6.16 73.63
CA GLU WA 100 -8.13 -6.22 72.63
C GLU WA 100 -7.85 -5.32 71.44
N THR WA 101 -6.76 -4.56 71.47
CA THR WA 101 -6.39 -3.66 70.39
C THR WA 101 -5.33 -4.24 69.49
N TYR WA 102 -4.65 -5.29 69.92
CA TYR WA 102 -3.60 -5.91 69.13
C TYR WA 102 -4.24 -6.84 68.12
N GLY WA 103 -3.91 -6.63 66.85
CA GLY WA 103 -4.41 -7.49 65.79
C GLY WA 103 -3.81 -7.11 64.45
N TYR WA 104 -3.76 -8.13 63.58
CA TYR WA 104 -3.48 -7.91 62.17
C TYR WA 104 -4.04 -9.06 61.35
N SER WA 105 -4.09 -8.87 60.04
CA SER WA 105 -4.63 -9.86 59.11
C SER WA 105 -3.53 -10.42 58.21
N LEU WA 106 -3.53 -11.74 58.05
CA LEU WA 106 -2.61 -12.47 57.20
C LEU WA 106 -3.36 -13.08 56.03
N PRO WA 107 -2.86 -12.96 54.82
CA PRO WA 107 -3.51 -13.59 53.67
C PRO WA 107 -2.95 -14.97 53.36
N PHE WA 108 -3.83 -15.96 53.23
CA PHE WA 108 -3.42 -17.30 52.82
C PHE WA 108 -4.09 -17.63 51.50
N SER WA 109 -3.37 -18.30 50.62
CA SER WA 109 -3.97 -18.80 49.41
C SER WA 109 -3.27 -20.09 49.03
N ALA WA 110 -4.02 -20.94 48.33
CA ALA WA 110 -3.42 -22.17 47.82
C ALA WA 110 -4.33 -22.68 46.73
N HIS WA 111 -3.73 -23.31 45.74
CA HIS WA 111 -4.54 -23.85 44.66
C HIS WA 111 -3.99 -25.18 44.18
N VAL WA 112 -4.84 -25.87 43.44
CA VAL WA 112 -4.55 -27.15 42.83
C VAL WA 112 -4.82 -27.02 41.35
N ILE WA 113 -3.93 -27.58 40.54
CA ILE WA 113 -4.09 -27.59 39.10
C ILE WA 113 -3.98 -29.04 38.65
N VAL WA 114 -4.88 -29.43 37.75
CA VAL WA 114 -4.98 -30.79 37.26
C VAL WA 114 -5.04 -30.75 35.75
N ASN WA 115 -4.12 -31.43 35.08
CA ASN WA 115 -3.98 -31.39 33.62
C ASN WA 115 -4.29 -32.78 33.07
N VAL WA 116 -5.51 -32.93 32.55
CA VAL WA 116 -6.09 -34.22 32.17
C VAL WA 116 -6.22 -34.26 30.66
N PRO WA 117 -5.61 -35.24 29.98
CA PRO WA 117 -5.87 -35.42 28.55
C PRO WA 117 -7.32 -35.78 28.28
N GLN WA 118 -7.83 -35.34 27.13
CA GLN WA 118 -9.20 -35.64 26.73
C GLN WA 118 -9.22 -37.03 26.09
N ASP WA 119 -9.46 -38.05 26.91
CA ASP WA 119 -9.51 -39.43 26.46
C ASP WA 119 -10.67 -40.14 27.16
N ALA WA 120 -11.43 -40.93 26.40
CA ALA WA 120 -12.62 -41.56 26.94
C ALA WA 120 -12.30 -42.47 28.12
N LEU WA 121 -11.10 -43.06 28.15
CA LEU WA 121 -10.80 -44.07 29.16
C LEU WA 121 -10.48 -43.48 30.53
N ILE WA 122 -10.11 -42.20 30.59
CA ILE WA 122 -9.86 -41.57 31.89
C ILE WA 122 -11.19 -41.33 32.58
N THR WA 123 -11.31 -41.81 33.82
CA THR WA 123 -12.56 -41.73 34.55
C THR WA 123 -12.41 -40.88 35.81
N GLU WA 124 -13.56 -40.50 36.37
CA GLU WA 124 -13.56 -39.59 37.51
C GLU WA 124 -12.85 -40.24 38.69
N GLU WA 125 -13.06 -41.55 38.88
CA GLU WA 125 -12.37 -42.24 39.95
C GLU WA 125 -10.85 -42.26 39.72
N ILE WA 126 -10.42 -42.50 38.48
CA ILE WA 126 -8.99 -42.47 38.17
C ILE WA 126 -8.42 -41.14 38.57
N LEU WA 127 -9.13 -40.05 38.29
CA LEU WA 127 -8.61 -38.72 38.59
C LEU WA 127 -8.59 -38.45 40.09
N TYR WA 128 -9.63 -38.85 40.82
CA TYR WA 128 -9.58 -38.67 42.27
C TYR WA 128 -8.41 -39.45 42.88
N ASP WA 129 -8.19 -40.69 42.43
CA ASP WA 129 -7.07 -41.45 42.97
C ASP WA 129 -5.73 -40.82 42.58
N ALA WA 130 -5.69 -40.18 41.41
CA ALA WA 130 -4.51 -39.37 41.07
C ALA WA 130 -4.32 -38.25 42.08
N LEU WA 131 -5.41 -37.54 42.42
CA LEU WA 131 -5.30 -36.47 43.40
C LEU WA 131 -4.82 -37.01 44.74
N LYS WA 132 -5.24 -38.22 45.10
CA LYS WA 132 -4.81 -38.82 46.37
C LYS WA 132 -3.33 -39.13 46.34
N ARG WA 133 -2.84 -39.66 45.22
CA ARG WA 133 -1.40 -39.86 45.06
C ARG WA 133 -0.64 -38.54 45.16
N LEU WA 134 -1.18 -37.50 44.51
CA LEU WA 134 -0.57 -36.17 44.52
C LEU WA 134 -0.42 -35.64 45.94
N MET WA 135 -1.55 -35.50 46.64
CA MET WA 135 -1.50 -35.01 48.01
C MET WA 135 -0.68 -35.92 48.92
N GLY WA 136 -0.51 -37.19 48.56
CA GLY WA 136 0.33 -38.03 49.40
C GLY WA 136 1.78 -37.63 49.43
N HIS WA 137 2.24 -36.83 48.47
CA HIS WA 137 3.62 -36.37 48.45
C HIS WA 137 3.90 -35.31 49.49
N PHE WA 138 2.90 -34.86 50.25
CA PHE WA 138 3.14 -34.02 51.41
C PHE WA 138 3.56 -34.82 52.63
N TYR WA 139 3.73 -36.13 52.48
CA TYR WA 139 4.12 -37.00 53.57
C TYR WA 139 5.25 -37.91 53.07
N GLU WA 140 5.89 -38.62 54.02
CA GLU WA 140 6.87 -39.65 53.70
C GLU WA 140 6.41 -40.96 54.30
N GLY WA 141 6.49 -42.01 53.49
CA GLY WA 141 6.04 -43.34 53.90
C GLY WA 141 7.18 -44.19 54.41
N ASN WA 142 6.87 -45.02 55.40
CA ASN WA 142 7.81 -45.87 56.10
C ASN WA 142 7.23 -47.29 56.20
N ASP WA 143 7.69 -48.16 55.31
CA ASP WA 143 7.40 -49.60 55.32
C ASP WA 143 8.37 -50.38 56.20
N THR WA 144 9.47 -49.76 56.66
CA THR WA 144 10.40 -50.44 57.57
C THR WA 144 9.70 -50.85 58.85
N THR WA 145 8.86 -49.97 59.41
CA THR WA 145 8.13 -50.30 60.62
C THR WA 145 7.24 -51.50 60.38
N SER WA 146 6.98 -52.24 61.46
CA SER WA 146 6.05 -53.35 61.39
C SER WA 146 4.62 -52.89 61.05
N PRO WA 147 4.00 -51.91 61.78
CA PRO WA 147 2.81 -51.27 61.19
C PRO WA 147 3.26 -50.08 60.33
N THR WA 148 2.84 -49.97 59.07
CA THR WA 148 3.45 -48.98 58.18
C THR WA 148 3.03 -47.58 58.63
N THR WA 149 3.98 -46.65 58.66
CA THR WA 149 3.72 -45.32 59.24
C THR WA 149 4.17 -44.21 58.30
N THR WA 150 3.70 -43.01 58.57
CA THR WA 150 3.98 -41.85 57.74
C THR WA 150 4.34 -40.65 58.60
N SER WA 151 5.15 -39.77 58.03
CA SER WA 151 5.58 -38.56 58.70
C SER WA 151 5.40 -37.35 57.80
N VAL WA 152 5.30 -36.17 58.41
CA VAL WA 152 4.88 -34.98 57.70
C VAL WA 152 6.12 -34.25 57.20
N ARG WA 153 6.02 -33.65 56.01
CA ARG WA 153 7.15 -32.93 55.41
C ARG WA 153 6.79 -31.55 54.86
N LEU WA 154 5.60 -31.04 55.19
CA LEU WA 154 5.21 -29.73 54.67
C LEU WA 154 6.10 -28.62 55.21
N LYS WA 155 6.36 -28.63 56.52
CA LYS WA 155 7.24 -27.62 57.10
C LYS WA 155 8.65 -27.76 56.55
N ASP WA 156 9.18 -28.99 56.53
CA ASP WA 156 10.50 -29.21 55.99
C ASP WA 156 10.64 -28.63 54.58
N MET WA 157 9.66 -28.91 53.71
CA MET WA 157 9.73 -28.37 52.35
C MET WA 157 9.69 -26.84 52.37
N LEU WA 158 8.74 -26.26 53.11
CA LEU WA 158 8.68 -24.81 53.19
C LEU WA 158 9.99 -24.19 53.66
N GLN WA 159 10.75 -24.90 54.49
CA GLN WA 159 12.00 -24.36 55.00
C GLN WA 159 13.19 -24.58 54.05
N GLY WA 160 12.98 -25.22 52.90
CA GLY WA 160 14.02 -25.35 51.89
C GLY WA 160 14.56 -26.75 51.72
N ALA WA 161 14.11 -27.68 52.56
CA ALA WA 161 14.53 -29.08 52.52
C ALA WA 161 13.56 -29.85 51.62
N LEU WA 162 13.85 -29.79 50.32
CA LEU WA 162 12.90 -30.31 49.36
C LEU WA 162 13.11 -31.78 49.04
N VAL WA 163 14.31 -32.31 49.32
CA VAL WA 163 14.53 -33.74 49.14
C VAL WA 163 13.90 -34.45 50.32
N PRO WA 164 13.21 -35.56 50.10
CA PRO WA 164 12.66 -36.34 51.22
C PRO WA 164 13.75 -36.83 52.14
N GLN WA 165 13.35 -37.13 53.39
CA GLN WA 165 14.30 -37.65 54.36
C GLN WA 165 14.68 -39.09 54.05
N SER WA 166 13.82 -39.81 53.33
CA SER WA 166 14.07 -41.18 52.94
C SER WA 166 15.20 -41.32 51.94
N LEU WA 167 15.65 -40.23 51.32
CA LEU WA 167 16.75 -40.28 50.34
C LEU WA 167 17.98 -39.53 50.86
N SER XA 1 -15.51 -4.82 73.66
CA SER XA 1 -14.28 -4.02 73.76
C SER XA 1 -14.20 -3.08 72.57
N LYS XA 2 -13.94 -3.59 71.37
CA LYS XA 2 -13.94 -2.72 70.20
C LYS XA 2 -15.36 -2.34 69.81
N ILE XA 3 -15.58 -1.04 69.66
CA ILE XA 3 -16.90 -0.50 69.37
C ILE XA 3 -16.76 0.52 68.26
N LEU XA 4 -17.61 0.40 67.24
CA LEU XA 4 -17.78 1.42 66.23
C LEU XA 4 -19.02 2.24 66.56
N SER XA 5 -18.88 3.57 66.59
CA SER XA 5 -20.01 4.47 66.72
C SER XA 5 -20.16 5.26 65.43
N THR XA 6 -21.41 5.44 65.02
CA THR XA 6 -21.72 6.31 63.90
C THR XA 6 -21.82 7.77 64.32
N ASN XA 7 -21.62 8.08 65.59
CA ASN XA 7 -21.63 9.44 66.12
C ASN XA 7 -22.93 10.18 65.78
N ASN XA 8 -24.03 9.44 65.63
CA ASN XA 8 -25.33 10.05 65.44
C ASN XA 8 -26.09 10.16 66.75
N SER XA 9 -25.46 9.78 67.86
CA SER XA 9 -26.14 9.75 69.15
C SER XA 9 -26.61 11.14 69.60
N ASN XA 10 -25.97 12.20 69.12
CA ASN XA 10 -26.37 13.56 69.49
C ASN XA 10 -27.10 14.29 68.37
N SER XA 11 -27.40 13.62 67.27
CA SER XA 11 -28.27 14.21 66.26
C SER XA 11 -29.73 14.02 66.66
N ASN XA 12 -30.58 14.95 66.22
CA ASN XA 12 -32.01 14.91 66.54
C ASN XA 12 -32.79 14.48 65.31
N PHE XA 13 -33.50 13.37 65.42
CA PHE XA 13 -34.27 12.86 64.29
C PHE XA 13 -35.74 12.67 64.67
N VAL XA 14 -36.51 12.40 63.64
CA VAL XA 14 -37.93 12.08 63.72
C VAL XA 14 -38.20 10.92 62.78
N ASP XA 15 -38.93 9.92 63.26
CA ASP XA 15 -39.18 8.76 62.42
C ASP XA 15 -40.33 9.04 61.46
N THR XA 16 -40.25 8.42 60.28
CA THR XA 16 -41.39 8.43 59.36
C THR XA 16 -41.37 7.13 58.56
N SER XA 17 -42.56 6.72 58.11
CA SER XA 17 -42.73 5.45 57.43
C SER XA 17 -42.41 5.60 55.95
N PHE XA 18 -41.70 4.61 55.41
CA PHE XA 18 -41.28 4.64 54.01
C PHE XA 18 -41.31 3.19 53.54
N THR XA 19 -42.47 2.77 53.05
CA THR XA 19 -42.72 1.35 52.81
C THR XA 19 -42.19 0.97 51.43
N LEU XA 20 -41.21 0.08 51.40
CA LEU XA 20 -40.51 -0.29 50.18
C LEU XA 20 -41.28 -1.35 49.44
N LYS XA 21 -41.28 -1.24 48.11
CA LYS XA 21 -41.80 -2.28 47.22
C LYS XA 21 -40.60 -3.07 46.70
N VAL XA 22 -40.31 -4.19 47.36
CA VAL XA 22 -39.21 -5.10 47.07
C VAL XA 22 -39.58 -6.04 45.93
N PRO XA 23 -38.72 -6.26 44.94
CA PRO XA 23 -39.12 -7.08 43.80
C PRO XA 23 -39.11 -8.58 44.09
N VAL XA 24 -40.03 -9.27 43.43
CA VAL XA 24 -40.04 -10.74 43.39
C VAL XA 24 -39.24 -11.10 42.13
N TYR XA 25 -37.92 -11.19 42.30
CA TYR XA 25 -37.05 -11.29 41.15
C TYR XA 25 -37.36 -12.55 40.34
N SER XA 26 -37.66 -13.65 41.05
CA SER XA 26 -38.01 -14.90 40.39
C SER XA 26 -39.17 -14.71 39.38
N LYS XA 27 -40.23 -13.95 39.73
CA LYS XA 27 -41.28 -13.75 38.73
C LYS XA 27 -40.88 -12.75 37.65
N ASP XA 28 -40.33 -11.60 38.06
CA ASP XA 28 -40.33 -10.48 37.12
C ASP XA 28 -39.04 -10.29 36.35
N TYR XA 29 -37.90 -10.67 36.89
CA TYR XA 29 -36.64 -10.17 36.35
C TYR XA 29 -35.77 -11.30 35.80
N ARG XA 30 -35.05 -10.98 34.73
CA ARG XA 30 -34.14 -11.91 34.07
C ARG XA 30 -32.81 -11.19 33.82
N VAL XA 31 -31.74 -11.93 33.60
CA VAL XA 31 -30.42 -11.32 33.53
C VAL XA 31 -30.04 -10.98 32.09
N THR XA 32 -29.82 -9.69 31.84
CA THR XA 32 -29.26 -9.15 30.60
C THR XA 32 -27.74 -9.12 30.60
N GLN XA 33 -27.11 -8.79 31.72
CA GLN XA 33 -25.66 -8.70 31.79
C GLN XA 33 -25.19 -9.32 33.10
N ASP XA 34 -24.26 -10.28 33.01
CA ASP XA 34 -23.67 -10.93 34.17
C ASP XA 34 -22.15 -10.78 34.16
N GLU XA 35 -21.65 -9.55 34.03
CA GLU XA 35 -20.21 -9.47 34.13
C GLU XA 35 -19.81 -9.24 35.59
N PRO XA 36 -18.56 -9.57 35.96
CA PRO XA 36 -18.23 -9.80 37.38
C PRO XA 36 -18.59 -8.67 38.33
N ASP XA 37 -18.41 -7.43 37.87
CA ASP XA 37 -18.63 -6.25 38.67
C ASP XA 37 -19.86 -5.45 38.24
N GLU XA 38 -20.60 -5.91 37.23
CA GLU XA 38 -21.78 -5.17 36.77
C GLU XA 38 -22.81 -6.16 36.28
N VAL XA 39 -23.99 -6.12 36.89
CA VAL XA 39 -25.09 -6.97 36.52
C VAL XA 39 -26.26 -6.10 36.11
N VAL XA 40 -26.82 -6.40 34.96
CA VAL XA 40 -28.01 -5.74 34.46
C VAL XA 40 -29.12 -6.77 34.38
N VAL XA 41 -30.31 -6.33 34.77
CA VAL XA 41 -31.47 -7.18 34.97
C VAL XA 41 -32.68 -6.48 34.37
N ALA XA 42 -33.44 -7.20 33.57
CA ALA XA 42 -34.57 -6.63 32.86
C ALA XA 42 -35.89 -7.20 33.39
N ASN XA 43 -36.93 -6.39 33.28
CA ASN XA 43 -38.26 -6.71 33.78
C ASN XA 43 -39.03 -7.44 32.69
N ARG XA 44 -39.28 -8.73 32.92
CA ARG XA 44 -40.00 -9.55 31.96
C ARG XA 44 -41.42 -9.05 31.71
N GLN XA 45 -42.03 -8.40 32.70
CA GLN XA 45 -43.47 -8.14 32.66
C GLN XA 45 -43.86 -6.99 31.75
N GLN XA 46 -42.91 -6.14 31.35
CA GLN XA 46 -43.29 -4.99 30.53
C GLN XA 46 -43.55 -5.42 29.09
N PRO XA 47 -44.41 -4.69 28.36
CA PRO XA 47 -44.56 -4.92 26.92
C PRO XA 47 -43.34 -4.43 26.15
N PHE XA 48 -43.31 -4.64 24.83
CA PHE XA 48 -42.05 -4.41 24.11
C PHE XA 48 -41.66 -2.94 24.10
N GLY XA 49 -42.64 -2.03 24.11
CA GLY XA 49 -42.30 -0.62 24.14
C GLY XA 49 -41.62 -0.22 25.43
N VAL XA 50 -42.15 -0.68 26.56
CA VAL XA 50 -41.70 -0.22 27.87
C VAL XA 50 -40.42 -0.95 28.25
N LYS XA 51 -39.42 -0.20 28.68
CA LYS XA 51 -38.15 -0.77 29.12
C LYS XA 51 -37.99 -0.50 30.62
N ASN XA 52 -37.78 -1.57 31.38
CA ASN XA 52 -37.68 -1.54 32.85
C ASN XA 52 -36.47 -2.37 33.24
N THR XA 53 -35.41 -1.72 33.73
CA THR XA 53 -34.18 -2.42 34.07
C THR XA 53 -33.66 -1.97 35.43
N ALA XA 54 -32.77 -2.79 35.97
CA ALA XA 54 -32.06 -2.50 37.21
C ALA XA 54 -30.61 -2.92 37.01
N ARG XA 55 -29.71 -2.14 37.58
CA ARG XA 55 -28.27 -2.32 37.39
C ARG XA 55 -27.61 -2.32 38.76
N TYR XA 56 -26.74 -3.31 38.98
CA TYR XA 56 -26.09 -3.50 40.27
C TYR XA 56 -24.61 -3.60 40.00
N GLY XA 57 -23.82 -2.71 40.59
CA GLY XA 57 -22.39 -2.67 40.27
C GLY XA 57 -21.56 -2.29 41.47
N ILE XA 58 -20.34 -2.84 41.53
CA ILE XA 58 -19.38 -2.42 42.54
C ILE XA 58 -18.08 -2.01 41.86
N ARG XA 59 -17.39 -1.09 42.52
CA ARG XA 59 -16.08 -0.60 42.14
C ARG XA 59 -15.21 -0.63 43.38
N GLN XA 60 -13.93 -0.96 43.21
CA GLN XA 60 -13.02 -0.98 44.35
C GLN XA 60 -12.47 0.42 44.56
N ILE XA 61 -12.46 0.86 45.81
CA ILE XA 61 -12.01 2.20 46.18
C ILE XA 61 -10.58 2.09 46.67
N ALA XA 62 -9.69 2.86 46.04
CA ALA XA 62 -8.26 2.73 46.31
C ALA XA 62 -7.92 3.27 47.69
N ASP XA 63 -8.31 4.52 47.97
CA ASP XA 63 -8.07 5.18 49.25
C ASP XA 63 -9.37 5.85 49.64
N VAL XA 64 -10.06 5.31 50.64
CA VAL XA 64 -11.32 5.89 51.06
C VAL XA 64 -11.12 7.23 51.74
N TYR XA 65 -9.89 7.55 52.14
CA TYR XA 65 -9.54 8.79 52.82
C TYR XA 65 -9.13 9.92 51.87
N ARG XA 66 -9.16 9.68 50.55
CA ARG XA 66 -8.44 10.56 49.63
C ARG XA 66 -9.20 11.84 49.35
N ASN XA 67 -10.47 11.77 48.99
CA ASN XA 67 -11.17 13.02 48.74
C ASN XA 67 -11.65 13.70 50.02
N THR XA 68 -11.57 13.01 51.16
CA THR XA 68 -12.23 13.46 52.39
C THR XA 68 -11.37 14.47 53.14
N THR XA 69 -12.02 15.16 54.09
CA THR XA 69 -11.31 15.96 55.08
C THR XA 69 -10.79 15.10 56.22
N ILE XA 70 -11.34 13.90 56.38
CA ILE XA 70 -10.76 12.90 57.26
C ILE XA 70 -9.47 12.39 56.66
N ASP XA 71 -8.51 12.04 57.52
CA ASP XA 71 -7.35 11.29 57.09
C ASP XA 71 -7.05 10.21 58.12
N ARG XA 72 -6.21 9.27 57.71
CA ARG XA 72 -6.12 7.97 58.36
C ARG XA 72 -5.25 8.06 59.60
N ALA XA 73 -5.80 7.65 60.74
CA ALA XA 73 -5.03 7.54 61.97
C ALA XA 73 -4.15 6.30 61.90
N TYR XA 74 -3.15 6.24 62.79
CA TYR XA 74 -2.05 5.31 62.56
C TYR XA 74 -2.46 3.86 62.72
N GLN XA 75 -3.55 3.60 63.43
CA GLN XA 75 -3.99 2.26 63.74
C GLN XA 75 -5.24 1.88 62.97
N SER XA 76 -5.36 2.40 61.76
CA SER XA 76 -6.48 1.98 60.93
C SER XA 76 -6.13 0.69 60.20
N PRO XA 77 -7.10 -0.21 60.05
CA PRO XA 77 -6.82 -1.50 59.39
C PRO XA 77 -6.45 -1.37 57.91
N SER XA 78 -7.20 -0.55 57.16
CA SER XA 78 -6.96 -0.41 55.73
C SER XA 78 -7.46 0.94 55.27
N LYS XA 79 -6.94 1.36 54.12
CA LYS XA 79 -7.49 2.47 53.36
C LYS XA 79 -8.50 2.00 52.33
N LYS XA 80 -8.64 0.69 52.14
CA LYS XA 80 -9.42 0.17 51.03
C LYS XA 80 -10.90 0.45 51.22
N GLY XA 81 -11.65 0.41 50.12
CA GLY XA 81 -13.09 0.56 50.23
C GLY XA 81 -13.80 -0.14 49.09
N THR XA 82 -15.13 -0.14 49.17
CA THR XA 82 -15.96 -0.64 48.08
C THR XA 82 -17.09 0.34 47.83
N SER XA 83 -17.39 0.57 46.56
CA SER XA 83 -18.43 1.50 46.15
C SER XA 83 -19.51 0.70 45.43
N LEU XA 84 -20.74 0.78 45.94
CA LEU XA 84 -21.88 0.05 45.39
C LEU XA 84 -22.82 1.01 44.71
N VAL XA 85 -23.38 0.58 43.58
CA VAL XA 85 -24.39 1.35 42.87
C VAL XA 85 -25.57 0.44 42.58
N VAL XA 86 -26.76 0.98 42.81
CA VAL XA 86 -28.02 0.33 42.50
C VAL XA 86 -28.82 1.33 41.69
N GLN XA 87 -29.12 0.98 40.43
CA GLN XA 87 -29.86 1.85 39.54
C GLN XA 87 -31.13 1.19 39.07
N VAL XA 88 -32.19 1.97 38.98
CA VAL XA 88 -33.44 1.53 38.38
C VAL XA 88 -33.76 2.46 37.22
N THR XA 89 -34.26 1.89 36.14
CA THR XA 89 -34.62 2.58 34.91
C THR XA 89 -36.02 2.16 34.53
N GLU XA 90 -36.93 3.13 34.38
CA GLU XA 90 -38.30 2.84 34.04
C GLU XA 90 -38.71 3.66 32.82
N THR XA 91 -39.76 3.18 32.16
CA THR XA 91 -40.31 3.86 30.99
C THR XA 91 -41.79 4.12 31.26
N TRP XA 92 -42.12 5.38 31.51
CA TRP XA 92 -43.49 5.79 31.79
C TRP XA 92 -44.13 6.21 30.47
N THR XA 93 -45.45 6.07 30.37
CA THR XA 93 -46.13 6.35 29.11
C THR XA 93 -47.30 7.30 29.33
N VAL XA 94 -47.38 8.33 28.48
CA VAL XA 94 -48.47 9.28 28.48
C VAL XA 94 -49.33 8.99 27.25
N ALA XA 95 -50.63 8.86 27.48
CA ALA XA 95 -51.60 8.66 26.40
C ALA XA 95 -52.79 9.59 26.62
N SER XA 96 -53.71 9.59 25.66
CA SER XA 96 -54.89 10.44 25.74
C SER XA 96 -56.14 9.61 25.49
N THR XA 97 -57.17 9.86 26.31
CA THR XA 97 -58.48 9.23 26.14
C THR XA 97 -59.29 9.84 25.01
N ASP XA 98 -58.88 10.99 24.49
CA ASP XA 98 -59.52 11.63 23.35
C ASP XA 98 -58.94 11.13 22.03
N ASP XA 99 -57.62 11.18 21.90
CA ASP XA 99 -56.92 10.88 20.66
C ASP XA 99 -56.14 9.60 20.81
N GLU XA 100 -56.40 8.63 19.93
CA GLU XA 100 -55.58 7.43 19.89
C GLU XA 100 -54.19 7.71 19.32
N THR XA 101 -54.03 8.79 18.57
CA THR XA 101 -52.74 9.14 17.98
C THR XA 101 -51.77 9.70 19.00
N TYR XA 102 -52.28 10.36 20.04
CA TYR XA 102 -51.43 11.12 20.93
C TYR XA 102 -50.84 10.21 21.99
N GLY XA 103 -49.52 10.20 22.07
CA GLY XA 103 -48.82 9.49 23.13
C GLY XA 103 -47.33 9.73 23.03
N TYR XA 104 -46.66 9.52 24.16
CA TYR XA 104 -45.20 9.55 24.21
C TYR XA 104 -44.71 8.76 25.42
N SER XA 105 -43.40 8.55 25.46
CA SER XA 105 -42.73 7.82 26.53
C SER XA 105 -41.76 8.74 27.26
N LEU XA 106 -41.80 8.71 28.58
CA LEU XA 106 -40.90 9.45 29.43
C LEU XA 106 -39.91 8.50 30.07
N PRO XA 107 -38.62 8.79 30.01
CA PRO XA 107 -37.65 7.92 30.68
C PRO XA 107 -37.36 8.38 32.10
N PHE XA 108 -37.51 7.49 33.08
CA PHE XA 108 -37.15 7.79 34.45
C PHE XA 108 -35.94 6.98 34.85
N SER XA 109 -35.02 7.59 35.60
CA SER XA 109 -33.96 6.77 36.16
C SER XA 109 -33.56 7.33 37.51
N ALA XA 110 -33.00 6.46 38.33
CA ALA XA 110 -32.48 6.91 39.61
C ALA XA 110 -31.53 5.86 40.14
N HIS XA 111 -30.59 6.30 40.96
CA HIS XA 111 -29.66 5.33 41.51
C HIS XA 111 -29.18 5.78 42.87
N VAL XA 112 -28.62 4.81 43.60
CA VAL XA 112 -28.03 5.01 44.91
C VAL XA 112 -26.60 4.52 44.84
N ILE XA 113 -25.71 5.25 45.49
CA ILE XA 113 -24.30 4.89 45.57
C ILE XA 113 -23.90 4.92 47.04
N VAL XA 114 -23.16 3.90 47.46
CA VAL XA 114 -22.77 3.71 48.85
C VAL XA 114 -21.27 3.43 48.87
N ASN XA 115 -20.54 4.13 49.74
CA ASN XA 115 -19.08 4.06 49.75
C ASN XA 115 -18.61 3.54 51.12
N VAL XA 116 -18.43 2.23 51.22
CA VAL XA 116 -18.23 1.56 52.50
C VAL XA 116 -16.74 1.31 52.69
N PRO XA 117 -16.13 1.77 53.78
CA PRO XA 117 -14.75 1.39 54.08
C PRO XA 117 -14.63 -0.08 54.45
N GLN XA 118 -13.40 -0.60 54.30
CA GLN XA 118 -13.10 -1.99 54.64
C GLN XA 118 -12.69 -2.07 56.11
N ASP XA 119 -13.69 -2.14 56.98
CA ASP XA 119 -13.45 -2.42 58.39
C ASP XA 119 -14.50 -3.42 58.84
N ALA XA 120 -14.05 -4.48 59.52
CA ALA XA 120 -14.95 -5.58 59.85
C ALA XA 120 -16.05 -5.15 60.82
N LEU XA 121 -15.85 -4.09 61.60
CA LEU XA 121 -16.85 -3.62 62.54
C LEU XA 121 -18.04 -2.94 61.87
N ILE XA 122 -17.92 -2.53 60.61
CA ILE XA 122 -19.09 -2.09 59.86
C ILE XA 122 -19.93 -3.31 59.56
N THR XA 123 -21.19 -3.29 60.00
CA THR XA 123 -22.08 -4.43 59.84
C THR XA 123 -23.17 -4.11 58.83
N GLU XA 124 -23.83 -5.18 58.37
CA GLU XA 124 -24.88 -5.00 57.37
C GLU XA 124 -25.99 -4.12 57.92
N GLU XA 125 -26.29 -4.28 59.22
CA GLU XA 125 -27.31 -3.44 59.82
C GLU XA 125 -26.86 -1.98 59.91
N ILE XA 126 -25.59 -1.75 60.28
CA ILE XA 126 -25.08 -0.38 60.32
C ILE XA 126 -25.29 0.29 58.97
N LEU XA 127 -25.02 -0.46 57.90
CA LEU XA 127 -25.16 0.12 56.56
C LEU XA 127 -26.61 0.40 56.21
N TYR XA 128 -27.52 -0.54 56.52
CA TYR XA 128 -28.93 -0.26 56.24
C TYR XA 128 -29.43 0.95 57.01
N ASP XA 129 -29.04 1.08 58.28
CA ASP XA 129 -29.49 2.24 59.05
C ASP XA 129 -28.88 3.52 58.50
N ALA XA 130 -27.67 3.44 57.97
CA ALA XA 130 -27.11 4.58 57.25
C ALA XA 130 -27.98 4.94 56.06
N LEU XA 131 -28.41 3.95 55.29
CA LEU XA 131 -29.29 4.22 54.15
C LEU XA 131 -30.59 4.87 54.61
N LYS XA 132 -31.10 4.47 55.77
CA LYS XA 132 -32.33 5.06 56.30
C LYS XA 132 -32.12 6.52 56.66
N ARG XA 133 -30.98 6.83 57.30
CA ARG XA 133 -30.64 8.23 57.56
C ARG XA 133 -30.53 9.02 56.27
N LEU XA 134 -29.91 8.41 55.25
CA LEU XA 134 -29.76 9.05 53.95
C LEU XA 134 -31.11 9.44 53.36
N MET XA 135 -31.97 8.46 53.14
CA MET XA 135 -33.29 8.74 52.59
C MET XA 135 -34.09 9.70 53.46
N GLY XA 136 -33.79 9.79 54.76
CA GLY XA 136 -34.49 10.76 55.58
C GLY XA 136 -34.33 12.19 55.12
N HIS XA 137 -33.23 12.49 54.40
CA HIS XA 137 -33.00 13.86 53.93
C HIS XA 137 -33.95 14.29 52.83
N PHE XA 138 -34.81 13.40 52.35
CA PHE XA 138 -35.90 13.79 51.47
C PHE XA 138 -37.09 14.32 52.24
N TYR XA 139 -36.92 14.59 53.52
CA TYR XA 139 -37.99 15.04 54.39
C TYR XA 139 -37.43 16.06 55.37
N GLU XA 140 -38.32 16.74 56.08
CA GLU XA 140 -37.98 17.61 57.20
C GLU XA 140 -38.80 17.19 58.40
N GLY XA 141 -38.19 17.21 59.59
CA GLY XA 141 -38.88 16.75 60.79
C GLY XA 141 -39.14 17.85 61.80
N ASN XA 142 -40.08 17.62 62.72
CA ASN XA 142 -40.41 18.58 63.78
C ASN XA 142 -40.40 17.86 65.12
N ASP XA 143 -39.50 18.28 66.02
CA ASP XA 143 -39.59 17.75 67.38
C ASP XA 143 -40.77 18.33 68.14
N THR XA 144 -41.28 19.46 67.67
CA THR XA 144 -42.19 20.25 68.49
C THR XA 144 -43.50 19.52 68.76
N THR XA 145 -44.17 19.06 67.72
CA THR XA 145 -45.48 18.44 67.88
C THR XA 145 -45.40 17.21 68.75
N SER XA 146 -46.51 16.92 69.41
CA SER XA 146 -46.54 15.76 70.29
C SER XA 146 -46.48 14.45 69.50
N PRO XA 147 -47.26 14.26 68.44
CA PRO XA 147 -46.81 13.25 67.48
C PRO XA 147 -45.88 13.98 66.51
N THR XA 148 -44.66 13.47 66.37
CA THR XA 148 -43.69 14.14 65.52
C THR XA 148 -44.21 14.17 64.09
N THR XA 149 -44.03 15.30 63.42
CA THR XA 149 -44.53 15.48 62.07
C THR XA 149 -43.37 15.67 61.11
N THR XA 150 -43.55 15.15 59.90
CA THR XA 150 -42.57 15.26 58.83
C THR XA 150 -43.25 15.79 57.58
N SER XA 151 -42.61 16.76 56.94
CA SER XA 151 -43.02 17.28 55.65
C SER XA 151 -42.02 16.86 54.58
N VAL XA 152 -42.40 17.05 53.33
CA VAL XA 152 -41.64 16.50 52.20
C VAL XA 152 -40.80 17.58 51.55
N ARG XA 153 -39.70 17.13 50.93
CA ARG XA 153 -38.75 18.02 50.30
C ARG XA 153 -38.61 17.81 48.80
N LEU XA 154 -38.90 16.62 48.28
CA LEU XA 154 -38.49 16.27 46.93
C LEU XA 154 -38.92 17.30 45.90
N LYS XA 155 -40.17 17.76 45.99
CA LYS XA 155 -40.64 18.80 45.07
C LYS XA 155 -39.80 20.06 45.23
N ASP XA 156 -39.75 20.61 46.45
CA ASP XA 156 -39.05 21.87 46.65
C ASP XA 156 -37.59 21.79 46.18
N MET XA 157 -36.95 20.63 46.38
CA MET XA 157 -35.57 20.48 45.92
C MET XA 157 -35.49 20.46 44.41
N LEU XA 158 -36.28 19.61 43.76
CA LEU XA 158 -36.28 19.57 42.31
C LEU XA 158 -36.62 20.92 41.70
N GLN XA 159 -37.37 21.76 42.43
CA GLN XA 159 -37.72 23.10 41.99
C GLN XA 159 -36.62 24.13 42.24
N GLY XA 160 -35.56 23.75 42.96
CA GLY XA 160 -34.44 24.65 43.21
C GLY XA 160 -34.34 25.19 44.62
N ALA XA 161 -35.29 24.86 45.50
CA ALA XA 161 -35.22 25.27 46.90
C ALA XA 161 -34.41 24.22 47.65
N LEU XA 162 -33.10 24.33 47.53
CA LEU XA 162 -32.25 23.26 48.03
C LEU XA 162 -31.95 23.39 49.51
N VAL XA 163 -32.20 24.54 50.11
CA VAL XA 163 -32.02 24.66 51.55
C VAL XA 163 -33.28 24.15 52.22
N PRO XA 164 -33.17 23.38 53.29
CA PRO XA 164 -34.37 23.00 54.04
C PRO XA 164 -35.13 24.23 54.52
N GLN XA 165 -36.46 24.14 54.44
CA GLN XA 165 -37.30 25.26 54.84
C GLN XA 165 -37.27 25.49 56.35
N SER XA 166 -36.80 24.49 57.11
CA SER XA 166 -36.61 24.65 58.55
C SER XA 166 -35.46 25.61 58.87
N LEU XA 167 -34.48 25.71 57.98
CA LEU XA 167 -33.32 26.57 58.21
C LEU XA 167 -33.60 28.01 57.78
N SER YA 1 -59.76 2.02 22.79
CA SER YA 1 -58.57 1.24 23.07
C SER YA 1 -58.04 0.62 21.79
N LYS YA 2 -56.77 0.22 21.81
CA LYS YA 2 -56.08 -0.29 20.64
C LYS YA 2 -56.09 -1.82 20.65
N ILE YA 3 -56.29 -2.41 19.47
CA ILE YA 3 -56.36 -3.85 19.32
C ILE YA 3 -55.50 -4.28 18.15
N LEU YA 4 -54.79 -5.39 18.32
CA LEU YA 4 -54.05 -6.04 17.25
C LEU YA 4 -54.79 -7.30 16.82
N SER YA 5 -54.87 -7.52 15.51
CA SER YA 5 -55.38 -8.76 14.93
C SER YA 5 -54.31 -9.36 14.04
N THR YA 6 -54.15 -10.67 14.15
CA THR YA 6 -53.28 -11.41 13.24
C THR YA 6 -53.97 -11.77 11.94
N ASN YA 7 -55.26 -11.49 11.81
CA ASN YA 7 -56.03 -11.74 10.59
C ASN YA 7 -56.08 -13.23 10.23
N ASN YA 8 -55.74 -14.11 11.17
CA ASN YA 8 -55.88 -15.54 10.95
C ASN YA 8 -57.24 -16.06 11.37
N SER YA 9 -58.19 -15.17 11.65
CA SER YA 9 -59.50 -15.58 12.15
C SER YA 9 -60.22 -16.47 11.15
N ASN YA 10 -60.15 -16.13 9.86
CA ASN YA 10 -60.91 -16.83 8.83
C ASN YA 10 -60.12 -17.89 8.09
N SER YA 11 -58.83 -18.04 8.39
CA SER YA 11 -58.03 -19.06 7.73
C SER YA 11 -58.29 -20.43 8.35
N ASN YA 12 -58.14 -21.48 7.54
CA ASN YA 12 -58.55 -22.82 7.93
C ASN YA 12 -57.34 -23.67 8.31
N PHE YA 13 -57.35 -24.21 9.52
CA PHE YA 13 -56.28 -25.06 10.00
C PHE YA 13 -56.83 -26.37 10.54
N VAL YA 14 -55.90 -27.30 10.72
CA VAL YA 14 -56.12 -28.57 11.40
C VAL YA 14 -55.06 -28.70 12.48
N ASP YA 15 -55.48 -28.94 13.71
CA ASP YA 15 -54.50 -29.08 14.78
C ASP YA 15 -53.79 -30.42 14.66
N THR YA 16 -52.53 -30.45 15.08
CA THR YA 16 -51.81 -31.71 15.23
C THR YA 16 -50.79 -31.60 16.36
N SER YA 17 -50.47 -32.74 16.96
CA SER YA 17 -49.64 -32.76 18.15
C SER YA 17 -48.16 -32.74 17.79
N PHE YA 18 -47.39 -31.96 18.53
CA PHE YA 18 -45.98 -31.77 18.27
C PHE YA 18 -45.32 -31.56 19.63
N THR YA 19 -44.92 -32.64 20.27
CA THR YA 19 -44.50 -32.59 21.66
C THR YA 19 -43.02 -32.26 21.74
N LEU YA 20 -42.70 -31.12 22.35
CA LEU YA 20 -41.33 -30.65 22.39
C LEU YA 20 -40.57 -31.29 23.53
N LYS YA 21 -39.32 -31.68 23.23
CA LYS YA 21 -38.36 -32.13 24.25
C LYS YA 21 -37.54 -30.90 24.65
N VAL YA 22 -37.89 -30.33 25.81
CA VAL YA 22 -37.28 -29.11 26.35
C VAL YA 22 -36.06 -29.46 27.19
N PRO YA 23 -34.95 -28.77 27.00
CA PRO YA 23 -33.72 -29.09 27.75
C PRO YA 23 -33.81 -28.73 29.22
N VAL YA 24 -33.11 -29.53 30.04
CA VAL YA 24 -32.86 -29.19 31.44
C VAL YA 24 -31.43 -28.65 31.45
N TYR YA 25 -31.31 -27.33 31.29
CA TYR YA 25 -29.99 -26.74 31.07
C TYR YA 25 -29.08 -26.99 32.25
N SER YA 26 -29.63 -26.86 33.46
CA SER YA 26 -28.84 -27.10 34.67
C SER YA 26 -28.15 -28.46 34.65
N LYS YA 27 -28.81 -29.53 34.16
CA LYS YA 27 -28.09 -30.81 34.15
C LYS YA 27 -27.22 -30.97 32.92
N ASP YA 28 -27.67 -30.54 31.74
CA ASP YA 28 -26.96 -30.99 30.53
C ASP YA 28 -26.01 -29.96 29.92
N TYR YA 29 -26.21 -28.68 30.14
CA TYR YA 29 -25.49 -27.70 29.34
C TYR YA 29 -24.56 -26.84 30.20
N ARG YA 30 -23.59 -26.23 29.51
CA ARG YA 30 -22.73 -25.17 30.02
C ARG YA 30 -22.66 -24.06 28.99
N VAL YA 31 -22.16 -22.91 29.41
CA VAL YA 31 -22.08 -21.76 28.53
C VAL YA 31 -20.70 -21.72 27.90
N THR YA 32 -20.67 -21.74 26.57
CA THR YA 32 -19.46 -21.60 25.76
C THR YA 32 -19.12 -20.14 25.48
N GLN YA 33 -20.11 -19.32 25.12
CA GLN YA 33 -19.85 -17.93 24.81
C GLN YA 33 -20.92 -17.08 25.46
N ASP YA 34 -20.51 -16.05 26.19
CA ASP YA 34 -21.43 -15.11 26.84
C ASP YA 34 -21.16 -13.73 26.28
N GLU YA 35 -21.78 -13.43 25.15
CA GLU YA 35 -21.73 -12.11 24.54
C GLU YA 35 -23.07 -11.42 24.71
N PRO YA 36 -23.11 -10.10 24.59
CA PRO YA 36 -24.39 -9.40 24.77
C PRO YA 36 -25.41 -9.73 23.71
N ASP YA 37 -24.97 -10.10 22.51
CA ASP YA 37 -25.88 -10.35 21.40
C ASP YA 37 -25.96 -11.82 21.02
N GLU YA 38 -25.04 -12.65 21.50
CA GLU YA 38 -24.90 -14.02 21.00
C GLU YA 38 -24.40 -14.87 22.15
N VAL YA 39 -25.21 -15.84 22.58
CA VAL YA 39 -24.82 -16.79 23.59
C VAL YA 39 -24.69 -18.17 22.95
N VAL YA 40 -23.65 -18.89 23.32
CA VAL YA 40 -23.43 -20.24 22.85
C VAL YA 40 -23.34 -21.17 24.05
N VAL YA 41 -24.01 -22.31 23.90
CA VAL YA 41 -24.23 -23.28 24.95
C VAL YA 41 -23.84 -24.64 24.39
N ALA YA 42 -23.31 -25.50 25.26
CA ALA YA 42 -22.79 -26.79 24.83
C ALA YA 42 -23.19 -27.88 25.82
N ASN YA 43 -23.35 -29.09 25.30
CA ASN YA 43 -23.74 -30.24 26.11
C ASN YA 43 -22.47 -30.88 26.67
N ARG YA 44 -22.27 -30.71 27.98
CA ARG YA 44 -21.11 -31.28 28.65
C ARG YA 44 -21.25 -32.77 28.95
N GLN YA 45 -22.46 -33.34 28.80
CA GLN YA 45 -22.67 -34.76 29.06
C GLN YA 45 -22.31 -35.64 27.87
N GLN YA 46 -22.31 -35.09 26.66
CA GLN YA 46 -21.94 -35.86 25.48
C GLN YA 46 -20.52 -36.37 25.62
N PRO YA 47 -20.20 -37.54 25.07
CA PRO YA 47 -18.80 -37.94 24.94
C PRO YA 47 -18.03 -36.97 24.05
N PHE YA 48 -16.69 -37.12 24.04
CA PHE YA 48 -15.85 -36.10 23.44
C PHE YA 48 -16.09 -35.98 21.94
N GLY YA 49 -16.28 -37.10 21.25
CA GLY YA 49 -16.51 -37.04 19.82
C GLY YA 49 -17.77 -36.27 19.43
N VAL YA 50 -18.82 -36.40 20.23
CA VAL YA 50 -20.12 -35.86 19.87
C VAL YA 50 -20.28 -34.47 20.47
N LYS YA 51 -20.30 -33.46 19.61
CA LYS YA 51 -20.48 -32.09 20.04
C LYS YA 51 -21.95 -31.72 19.83
N ASN YA 52 -22.66 -31.47 20.92
CA ASN YA 52 -24.05 -31.03 20.90
C ASN YA 52 -24.10 -29.59 21.41
N THR YA 53 -24.42 -28.63 20.54
CA THR YA 53 -24.39 -27.20 20.88
C THR YA 53 -25.65 -26.48 20.45
N ALA YA 54 -25.82 -25.27 20.98
CA ALA YA 54 -26.96 -24.42 20.69
C ALA YA 54 -26.51 -22.97 20.78
N ARG YA 55 -27.17 -22.11 20.00
CA ARG YA 55 -26.76 -20.72 19.84
C ARG YA 55 -28.00 -19.85 19.85
N TYR YA 56 -27.95 -18.77 20.65
CA TYR YA 56 -29.11 -17.92 20.85
C TYR YA 56 -28.64 -16.49 20.59
N GLY YA 57 -29.20 -15.85 19.57
CA GLY YA 57 -28.68 -14.57 19.14
C GLY YA 57 -29.78 -13.58 18.80
N ILE YA 58 -29.47 -12.30 18.95
CA ILE YA 58 -30.39 -11.22 18.60
C ILE YA 58 -29.63 -10.16 17.83
N ARG YA 59 -30.14 -9.83 16.64
CA ARG YA 59 -29.75 -8.66 15.88
C ARG YA 59 -30.88 -7.66 15.96
N GLN YA 60 -30.58 -6.37 15.83
CA GLN YA 60 -31.66 -5.38 15.89
C GLN YA 60 -31.96 -4.89 14.48
N ILE YA 61 -33.24 -4.88 14.14
CA ILE YA 61 -33.72 -4.58 12.79
C ILE YA 61 -33.99 -3.10 12.69
N ALA YA 62 -33.36 -2.46 11.69
CA ALA YA 62 -33.45 -1.01 11.55
C ALA YA 62 -34.81 -0.59 11.00
N ASP YA 63 -35.22 -1.17 9.87
CA ASP YA 63 -36.53 -0.92 9.28
C ASP YA 63 -37.19 -2.27 9.08
N VAL YA 64 -38.20 -2.57 9.89
CA VAL YA 64 -38.89 -3.84 9.78
C VAL YA 64 -39.70 -3.92 8.50
N TYR YA 65 -39.93 -2.78 7.84
CA TYR YA 65 -40.68 -2.69 6.60
C TYR YA 65 -39.80 -2.74 5.36
N ARG YA 66 -38.51 -3.03 5.50
CA ARG YA 66 -37.58 -2.80 4.40
C ARG YA 66 -37.90 -3.68 3.20
N ASN YA 67 -38.14 -4.97 3.44
CA ASN YA 67 -38.39 -5.90 2.36
C ASN YA 67 -39.85 -6.33 2.30
N THR YA 68 -40.76 -5.43 2.67
CA THR YA 68 -42.19 -5.69 2.67
C THR YA 68 -42.89 -4.81 1.66
N THR YA 69 -44.15 -5.17 1.36
CA THR YA 69 -44.97 -4.48 0.38
C THR YA 69 -45.90 -3.46 1.02
N ILE YA 70 -45.62 -3.08 2.26
CA ILE YA 70 -46.53 -2.20 3.01
C ILE YA 70 -46.15 -0.77 2.71
N ASP YA 71 -47.07 -0.02 2.11
CA ASP YA 71 -46.80 1.38 1.80
C ASP YA 71 -46.64 2.19 3.08
N ARG YA 72 -45.88 3.29 2.99
CA ARG YA 72 -45.55 4.07 4.17
C ARG YA 72 -46.80 4.57 4.89
N ALA YA 73 -47.83 4.96 4.13
CA ALA YA 73 -49.06 5.46 4.73
C ALA YA 73 -49.72 4.44 5.66
N TYR YA 74 -49.29 3.18 5.62
CA TYR YA 74 -49.88 2.13 6.42
C TYR YA 74 -48.90 1.56 7.44
N GLN YA 75 -47.72 2.17 7.59
CA GLN YA 75 -46.71 1.69 8.52
C GLN YA 75 -46.91 2.31 9.90
N SER YA 76 -46.36 1.66 10.93
CA SER YA 76 -46.42 2.23 12.27
C SER YA 76 -45.50 3.44 12.31
N PRO YA 77 -45.57 4.25 13.37
CA PRO YA 77 -44.58 5.32 13.51
C PRO YA 77 -43.18 4.78 13.76
N SER YA 78 -43.06 3.60 14.39
CA SER YA 78 -41.78 3.03 14.80
C SER YA 78 -41.41 1.90 13.86
N LYS YA 79 -40.24 2.00 13.26
CA LYS YA 79 -39.76 0.97 12.35
C LYS YA 79 -38.83 -0.01 13.04
N LYS YA 80 -38.58 0.18 14.33
CA LYS YA 80 -37.66 -0.69 15.07
C LYS YA 80 -38.15 -2.13 15.09
N GLY YA 81 -37.21 -3.07 15.11
CA GLY YA 81 -37.54 -4.46 15.35
C GLY YA 81 -36.37 -5.18 15.98
N THR YA 82 -36.62 -6.43 16.37
CA THR YA 82 -35.53 -7.32 16.76
C THR YA 82 -35.66 -8.63 15.99
N SER YA 83 -34.53 -9.31 15.85
CA SER YA 83 -34.42 -10.53 15.07
C SER YA 83 -33.73 -11.57 15.93
N LEU YA 84 -34.44 -12.64 16.22
CA LEU YA 84 -33.96 -13.71 17.08
C LEU YA 84 -33.55 -14.91 16.26
N VAL YA 85 -32.47 -15.55 16.66
CA VAL YA 85 -32.04 -16.81 16.06
C VAL YA 85 -31.81 -17.82 17.16
N VAL YA 86 -32.29 -19.04 16.91
CA VAL YA 86 -32.11 -20.17 17.79
C VAL YA 86 -31.57 -21.29 16.91
N GLN YA 87 -30.30 -21.64 17.11
CA GLN YA 87 -29.66 -22.69 16.32
C GLN YA 87 -29.30 -23.87 17.21
N VAL YA 88 -29.49 -25.07 16.68
CA VAL YA 88 -29.06 -26.29 17.35
C VAL YA 88 -28.15 -27.04 16.40
N THR YA 89 -27.10 -27.63 16.96
CA THR YA 89 -26.09 -28.41 16.24
C THR YA 89 -25.91 -29.73 16.97
N GLU YA 90 -26.15 -30.83 16.27
CA GLU YA 90 -26.00 -32.16 16.83
C GLU YA 90 -25.01 -32.95 15.98
N THR YA 91 -24.49 -34.01 16.58
CA THR YA 91 -23.59 -34.93 15.88
C THR YA 91 -24.07 -36.35 16.12
N TRP YA 92 -24.53 -37.01 15.06
CA TRP YA 92 -25.05 -38.36 15.13
C TRP YA 92 -23.94 -39.31 14.73
N THR YA 93 -23.95 -40.53 15.27
CA THR YA 93 -22.94 -41.50 14.91
C THR YA 93 -23.57 -42.74 14.30
N VAL YA 94 -22.93 -43.23 13.24
CA VAL YA 94 -23.32 -44.46 12.57
C VAL YA 94 -22.25 -45.50 12.87
N ALA YA 95 -22.68 -46.67 13.33
CA ALA YA 95 -21.77 -47.77 13.61
C ALA YA 95 -22.44 -49.08 13.21
N SER YA 96 -21.77 -50.19 13.49
CA SER YA 96 -22.24 -51.49 13.06
C SER YA 96 -22.29 -52.46 14.23
N THR YA 97 -23.25 -53.38 14.16
CA THR YA 97 -23.34 -54.48 15.14
C THR YA 97 -22.22 -55.49 14.92
N ASP YA 98 -21.97 -55.84 13.68
CA ASP YA 98 -21.04 -56.91 13.37
C ASP YA 98 -19.59 -56.43 13.42
N ASP YA 99 -19.37 -55.13 13.21
CA ASP YA 99 -18.04 -54.58 13.00
C ASP YA 99 -17.82 -53.41 13.96
N GLU YA 100 -16.89 -53.58 14.89
CA GLU YA 100 -16.55 -52.50 15.81
C GLU YA 100 -15.76 -51.39 15.15
N THR YA 101 -15.10 -51.68 14.02
CA THR YA 101 -14.26 -50.68 13.36
C THR YA 101 -15.01 -49.83 12.35
N TYR YA 102 -16.28 -50.12 12.09
CA TYR YA 102 -17.04 -49.40 11.08
C TYR YA 102 -17.88 -48.33 11.73
N GLY YA 103 -17.67 -47.08 11.31
CA GLY YA 103 -18.51 -45.99 11.73
C GLY YA 103 -18.09 -44.67 11.13
N TYR YA 104 -18.97 -43.69 11.32
CA TYR YA 104 -18.69 -42.29 10.99
C TYR YA 104 -19.63 -41.39 11.77
N SER YA 105 -19.41 -40.08 11.64
CA SER YA 105 -20.22 -39.06 12.33
C SER YA 105 -20.88 -38.15 11.31
N LEU YA 106 -22.19 -37.96 11.46
CA LEU YA 106 -22.99 -37.11 10.61
C LEU YA 106 -23.31 -35.82 11.34
N PRO YA 107 -23.11 -34.67 10.71
CA PRO YA 107 -23.47 -33.40 11.36
C PRO YA 107 -24.89 -32.97 11.02
N PHE YA 108 -25.69 -32.70 12.04
CA PHE YA 108 -27.01 -32.10 11.86
C PHE YA 108 -26.98 -30.68 12.40
N SER YA 109 -27.60 -29.77 11.67
CA SER YA 109 -27.78 -28.41 12.17
C SER YA 109 -29.13 -27.91 11.69
N ALA YA 110 -29.71 -27.03 12.50
CA ALA YA 110 -30.96 -26.40 12.10
C ALA YA 110 -31.12 -25.13 12.92
N HIS YA 111 -31.86 -24.18 12.39
CA HIS YA 111 -32.09 -22.97 13.16
C HIS YA 111 -33.43 -22.35 12.80
N VAL YA 112 -33.89 -21.49 13.69
CA VAL YA 112 -35.09 -20.71 13.54
C VAL YA 112 -34.70 -19.23 13.65
N ILE YA 113 -35.31 -18.41 12.82
CA ILE YA 113 -35.15 -16.97 12.89
C ILE YA 113 -36.53 -16.36 12.96
N VAL YA 114 -36.70 -15.38 13.85
CA VAL YA 114 -37.97 -14.73 14.10
C VAL YA 114 -37.75 -13.23 14.05
N ASN YA 115 -38.57 -12.52 13.29
CA ASN YA 115 -38.37 -11.09 13.05
C ASN YA 115 -39.56 -10.32 13.62
N VAL YA 116 -39.45 -9.87 14.86
CA VAL YA 116 -40.58 -9.32 15.61
C VAL YA 116 -40.46 -7.78 15.59
N PRO YA 117 -41.47 -7.06 15.12
CA PRO YA 117 -41.49 -5.61 15.32
C PRO YA 117 -41.68 -5.27 16.78
N GLN YA 118 -41.07 -4.18 17.22
CA GLN YA 118 -41.24 -3.72 18.61
C GLN YA 118 -42.52 -2.91 18.70
N ASP YA 119 -43.62 -3.61 18.94
CA ASP YA 119 -44.91 -2.99 19.20
C ASP YA 119 -45.42 -3.57 20.50
N ALA YA 120 -45.85 -2.70 21.42
CA ALA YA 120 -46.25 -3.18 22.73
C ALA YA 120 -47.39 -4.20 22.64
N LEU YA 121 -48.19 -4.13 21.57
CA LEU YA 121 -49.35 -5.01 21.39
C LEU YA 121 -48.98 -6.42 20.97
N ILE YA 122 -47.79 -6.64 20.42
CA ILE YA 122 -47.33 -8.00 20.17
C ILE YA 122 -46.97 -8.65 21.50
N THR YA 123 -47.66 -9.74 21.82
CA THR YA 123 -47.48 -10.42 23.10
C THR YA 123 -46.68 -11.71 22.90
N GLU YA 124 -46.16 -12.23 24.03
CA GLU YA 124 -45.39 -13.45 23.95
C GLU YA 124 -46.26 -14.60 23.45
N GLU YA 125 -47.54 -14.59 23.84
CA GLU YA 125 -48.44 -15.63 23.36
C GLU YA 125 -48.69 -15.50 21.86
N ILE YA 126 -48.88 -14.26 21.36
CA ILE YA 126 -49.03 -14.06 19.93
C ILE YA 126 -47.84 -14.64 19.20
N LEU YA 127 -46.64 -14.39 19.71
CA LEU YA 127 -45.43 -14.88 19.04
C LEU YA 127 -45.34 -16.40 19.06
N TYR YA 128 -45.64 -17.03 20.20
CA TYR YA 128 -45.62 -18.49 20.22
C TYR YA 128 -46.65 -19.08 19.27
N ASP YA 129 -47.83 -18.48 19.19
CA ASP YA 129 -48.84 -18.98 18.25
C ASP YA 129 -48.35 -18.83 16.81
N ALA YA 130 -47.64 -17.74 16.53
CA ALA YA 130 -47.03 -17.60 15.21
C ALA YA 130 -46.03 -18.72 14.94
N LEU YA 131 -45.21 -19.05 15.94
CA LEU YA 131 -44.26 -20.15 15.77
C LEU YA 131 -44.98 -21.46 15.52
N LYS YA 132 -46.12 -21.67 16.20
CA LYS YA 132 -46.88 -22.90 15.99
C LYS YA 132 -47.41 -22.97 14.56
N ARG YA 133 -47.86 -21.83 14.03
CA ARG YA 133 -48.33 -21.79 12.64
C ARG YA 133 -47.18 -22.05 11.68
N LEU YA 134 -46.02 -21.45 11.95
CA LEU YA 134 -44.82 -21.71 11.16
C LEU YA 134 -44.50 -23.19 11.07
N MET YA 135 -44.36 -23.84 12.22
CA MET YA 135 -44.04 -25.26 12.21
C MET YA 135 -45.16 -26.10 11.59
N GLY YA 136 -46.40 -25.58 11.59
CA GLY YA 136 -47.45 -26.32 10.92
C GLY YA 136 -47.24 -26.49 9.43
N HIS YA 137 -46.38 -25.66 8.82
CA HIS YA 137 -46.13 -25.78 7.39
C HIS YA 137 -45.26 -26.98 7.04
N PHE YA 138 -44.68 -27.65 8.04
CA PHE YA 138 -44.04 -28.94 7.82
C PHE YA 138 -45.03 -30.07 7.69
N TYR YA 139 -46.32 -29.75 7.67
CA TYR YA 139 -47.37 -30.74 7.54
C TYR YA 139 -48.33 -30.28 6.46
N GLU YA 140 -49.26 -31.16 6.09
CA GLU YA 140 -50.37 -30.81 5.22
C GLU YA 140 -51.66 -31.25 5.90
N GLY YA 141 -52.68 -30.40 5.82
CA GLY YA 141 -53.92 -30.60 6.54
C GLY YA 141 -55.07 -31.02 5.65
N ASN YA 142 -55.91 -31.90 6.18
CA ASN YA 142 -57.11 -32.43 5.54
C ASN YA 142 -58.26 -32.33 6.55
N ASP YA 143 -59.20 -31.43 6.31
CA ASP YA 143 -60.38 -31.30 7.18
C ASP YA 143 -61.62 -31.90 6.55
N THR YA 144 -61.52 -32.44 5.34
CA THR YA 144 -62.70 -33.04 4.71
C THR YA 144 -63.08 -34.35 5.41
N THR YA 145 -62.10 -35.15 5.82
CA THR YA 145 -62.39 -36.42 6.48
C THR YA 145 -63.04 -36.23 7.84
N SER YA 146 -63.72 -37.28 8.27
CA SER YA 146 -64.48 -37.20 9.52
C SER YA 146 -63.58 -36.83 10.70
N PRO YA 147 -62.47 -37.53 10.99
CA PRO YA 147 -61.48 -36.89 11.87
C PRO YA 147 -60.51 -36.06 11.05
N THR YA 148 -60.27 -34.81 11.46
CA THR YA 148 -59.27 -34.01 10.76
C THR YA 148 -57.91 -34.70 10.87
N THR YA 149 -57.25 -34.86 9.74
CA THR YA 149 -55.98 -35.58 9.66
C THR YA 149 -54.91 -34.73 9.01
N THR YA 150 -53.66 -35.07 9.31
CA THR YA 150 -52.49 -34.38 8.78
C THR YA 150 -51.46 -35.40 8.33
N SER YA 151 -50.80 -35.11 7.21
CA SER YA 151 -49.69 -35.92 6.74
C SER YA 151 -48.40 -35.11 6.76
N VAL YA 152 -47.29 -35.79 7.01
CA VAL YA 152 -46.00 -35.12 7.16
C VAL YA 152 -45.46 -34.74 5.78
N ARG YA 153 -44.65 -33.67 5.74
CA ARG YA 153 -44.19 -33.14 4.47
C ARG YA 153 -42.68 -32.90 4.42
N LEU YA 154 -41.96 -33.13 5.51
CA LEU YA 154 -40.55 -32.76 5.58
C LEU YA 154 -39.72 -33.49 4.54
N LYS YA 155 -39.87 -34.81 4.48
CA LYS YA 155 -39.07 -35.59 3.54
C LYS YA 155 -39.46 -35.27 2.11
N ASP YA 156 -40.76 -35.08 1.86
CA ASP YA 156 -41.21 -34.72 0.53
C ASP YA 156 -40.54 -33.43 0.06
N MET YA 157 -40.49 -32.42 0.93
CA MET YA 157 -39.85 -31.17 0.54
C MET YA 157 -38.36 -31.37 0.32
N LEU YA 158 -37.69 -32.09 1.24
CA LEU YA 158 -36.27 -32.37 1.06
C LEU YA 158 -36.01 -33.00 -0.30
N GLN YA 159 -36.92 -33.87 -0.75
CA GLN YA 159 -36.76 -34.60 -2.00
C GLN YA 159 -37.32 -33.86 -3.21
N GLY YA 160 -37.60 -32.56 -3.09
CA GLY YA 160 -37.97 -31.76 -4.24
C GLY YA 160 -39.44 -31.61 -4.52
N ALA YA 161 -40.29 -32.20 -3.68
CA ALA YA 161 -41.75 -32.03 -3.81
C ALA YA 161 -42.17 -30.89 -2.90
N LEU YA 162 -41.98 -29.67 -3.41
CA LEU YA 162 -42.16 -28.50 -2.57
C LEU YA 162 -43.59 -27.99 -2.57
N VAL YA 163 -44.35 -28.24 -3.62
CA VAL YA 163 -45.74 -27.82 -3.68
C VAL YA 163 -46.59 -28.83 -2.91
N PRO YA 164 -47.49 -28.38 -2.05
CA PRO YA 164 -48.36 -29.31 -1.31
C PRO YA 164 -49.20 -30.18 -2.23
N GLN YA 165 -49.57 -31.36 -1.73
CA GLN YA 165 -50.50 -32.23 -2.45
C GLN YA 165 -51.80 -31.52 -2.77
N SER YA 166 -52.32 -30.73 -1.82
CA SER YA 166 -53.61 -30.09 -2.00
C SER YA 166 -53.62 -29.13 -3.19
N LEU YA 167 -52.45 -28.58 -3.55
CA LEU YA 167 -52.34 -27.56 -4.59
C LEU YA 167 -51.81 -28.13 -5.92
N SER ZA 1 -50.24 -19.48 -124.91
CA SER ZA 1 -51.07 -19.89 -123.79
C SER ZA 1 -50.24 -20.58 -122.73
N LYS ZA 2 -50.43 -20.16 -121.48
CA LYS ZA 2 -49.69 -20.69 -120.35
C LYS ZA 2 -50.51 -21.79 -119.67
N ILE ZA 3 -49.84 -22.86 -119.24
CA ILE ZA 3 -50.51 -23.99 -118.62
C ILE ZA 3 -49.79 -24.35 -117.32
N LEU ZA 4 -50.56 -24.54 -116.26
CA LEU ZA 4 -50.05 -25.00 -114.98
C LEU ZA 4 -50.37 -26.47 -114.79
N SER ZA 5 -49.39 -27.22 -114.28
CA SER ZA 5 -49.57 -28.61 -113.90
C SER ZA 5 -49.17 -28.79 -112.45
N THR ZA 6 -49.93 -29.62 -111.74
CA THR ZA 6 -49.61 -29.99 -110.37
C THR ZA 6 -48.69 -31.20 -110.30
N ASN ZA 7 -48.45 -31.88 -111.42
CA ASN ZA 7 -47.52 -32.99 -111.51
C ASN ZA 7 -47.92 -34.15 -110.60
N ASN ZA 8 -49.20 -34.26 -110.28
CA ASN ZA 8 -49.68 -35.39 -109.50
C ASN ZA 8 -50.23 -36.51 -110.37
N SER ZA 9 -50.18 -36.35 -111.69
CA SER ZA 9 -50.73 -37.34 -112.60
C SER ZA 9 -50.03 -38.69 -112.48
N ASN ZA 10 -48.77 -38.71 -112.05
CA ASN ZA 10 -48.02 -39.95 -111.94
C ASN ZA 10 -48.08 -40.55 -110.55
N SER ZA 11 -48.76 -39.90 -109.61
CA SER ZA 11 -48.91 -40.44 -108.28
C SER ZA 11 -50.06 -41.45 -108.22
N ASN ZA 12 -49.98 -42.33 -107.23
CA ASN ZA 12 -50.90 -43.43 -107.01
C ASN ZA 12 -51.71 -43.17 -105.74
N PHE ZA 13 -53.01 -42.93 -105.89
CA PHE ZA 13 -53.89 -42.65 -104.76
C PHE ZA 13 -55.11 -43.58 -104.75
N VAL ZA 14 -55.76 -43.67 -103.61
CA VAL ZA 14 -57.00 -44.40 -103.45
C VAL ZA 14 -58.05 -43.40 -102.98
N ASP ZA 15 -59.15 -43.32 -103.70
CA ASP ZA 15 -60.23 -42.48 -103.23
C ASP ZA 15 -60.82 -43.10 -101.96
N THR ZA 16 -61.21 -42.24 -101.03
CA THR ZA 16 -61.94 -42.70 -99.85
C THR ZA 16 -62.87 -41.58 -99.39
N SER ZA 17 -63.97 -41.99 -98.74
CA SER ZA 17 -65.02 -41.04 -98.40
C SER ZA 17 -64.68 -40.32 -97.12
N PHE ZA 18 -64.91 -39.01 -97.11
CA PHE ZA 18 -64.59 -38.17 -95.97
C PHE ZA 18 -65.67 -37.09 -95.94
N THR ZA 19 -66.77 -37.39 -95.26
CA THR ZA 19 -67.97 -36.56 -95.36
C THR ZA 19 -67.91 -35.44 -94.33
N LEU ZA 20 -67.88 -34.20 -94.82
CA LEU ZA 20 -67.69 -33.03 -93.99
C LEU ZA 20 -69.01 -32.59 -93.39
N LYS ZA 21 -68.98 -32.24 -92.10
CA LYS ZA 21 -70.08 -31.56 -91.44
C LYS ZA 21 -69.78 -30.06 -91.49
N VAL ZA 22 -70.42 -29.37 -92.43
CA VAL ZA 22 -70.26 -27.94 -92.71
C VAL ZA 22 -71.17 -27.11 -91.82
N PRO ZA 23 -70.68 -26.04 -91.22
CA PRO ZA 23 -71.51 -25.24 -90.32
C PRO ZA 23 -72.61 -24.46 -91.02
N VAL ZA 24 -73.62 -24.10 -90.24
CA VAL ZA 24 -74.63 -23.14 -90.68
C VAL ZA 24 -74.41 -21.87 -89.86
N TYR ZA 25 -73.59 -20.99 -90.42
CA TYR ZA 25 -73.06 -19.90 -89.61
C TYR ZA 25 -74.17 -18.99 -89.12
N SER ZA 26 -75.17 -18.74 -89.97
CA SER ZA 26 -76.28 -17.90 -89.59
C SER ZA 26 -76.99 -18.41 -88.35
N LYS ZA 27 -77.22 -19.74 -88.28
CA LYS ZA 27 -77.91 -20.29 -87.13
C LYS ZA 27 -77.03 -20.30 -85.88
N ASP ZA 28 -75.76 -20.71 -86.02
CA ASP ZA 28 -74.97 -21.08 -84.85
C ASP ZA 28 -73.94 -20.06 -84.39
N TYR ZA 29 -73.32 -19.34 -85.30
CA TYR ZA 29 -72.11 -18.59 -85.01
C TYR ZA 29 -72.36 -17.09 -85.04
N ARG ZA 30 -71.67 -16.38 -84.16
CA ARG ZA 30 -71.62 -14.92 -84.12
C ARG ZA 30 -70.15 -14.52 -84.26
N VAL ZA 31 -69.88 -13.24 -84.47
CA VAL ZA 31 -68.52 -12.81 -84.73
C VAL ZA 31 -67.92 -12.19 -83.47
N THR ZA 32 -66.81 -12.76 -83.00
CA THR ZA 32 -66.05 -12.27 -81.85
C THR ZA 32 -65.01 -11.23 -82.22
N GLN ZA 33 -64.36 -11.40 -83.39
CA GLN ZA 33 -63.25 -10.54 -83.80
C GLN ZA 33 -63.34 -10.30 -85.31
N ASP ZA 34 -63.30 -9.03 -85.74
CA ASP ZA 34 -63.30 -8.70 -87.17
C ASP ZA 34 -62.06 -7.88 -87.55
N GLU ZA 35 -60.87 -8.32 -87.15
CA GLU ZA 35 -59.73 -7.55 -87.60
C GLU ZA 35 -59.43 -7.82 -89.08
N PRO ZA 36 -58.77 -6.87 -89.77
CA PRO ZA 36 -58.64 -6.97 -91.23
C PRO ZA 36 -58.00 -8.25 -91.71
N ASP ZA 37 -57.06 -8.80 -90.94
CA ASP ZA 37 -56.41 -10.04 -91.34
C ASP ZA 37 -56.83 -11.25 -90.49
N GLU ZA 38 -57.70 -11.08 -89.50
CA GLU ZA 38 -57.98 -12.17 -88.58
C GLU ZA 38 -59.41 -12.04 -88.08
N VAL ZA 39 -60.23 -13.05 -88.35
CA VAL ZA 39 -61.61 -13.08 -87.89
C VAL ZA 39 -61.79 -14.24 -86.93
N VAL ZA 40 -62.57 -14.01 -85.89
CA VAL ZA 40 -62.89 -15.03 -84.91
C VAL ZA 40 -64.41 -15.09 -84.75
N VAL ZA 41 -64.91 -16.31 -84.66
CA VAL ZA 41 -66.31 -16.64 -84.76
C VAL ZA 41 -66.63 -17.60 -83.62
N ALA ZA 42 -67.67 -17.29 -82.84
CA ALA ZA 42 -68.02 -18.06 -81.67
C ALA ZA 42 -69.34 -18.78 -81.87
N ASN ZA 43 -69.45 -19.94 -81.23
CA ASN ZA 43 -70.64 -20.78 -81.32
C ASN ZA 43 -71.61 -20.36 -80.23
N ARG ZA 44 -72.68 -19.69 -80.62
CA ARG ZA 44 -73.67 -19.19 -79.67
C ARG ZA 44 -74.45 -20.32 -79.01
N GLN ZA 45 -74.45 -21.52 -79.59
CA GLN ZA 45 -75.24 -22.64 -79.07
C GLN ZA 45 -74.66 -23.24 -77.80
N GLN ZA 46 -73.47 -22.84 -77.38
CA GLN ZA 46 -72.88 -23.57 -76.27
C GLN ZA 46 -73.21 -22.92 -74.93
N PRO ZA 47 -73.23 -23.72 -73.85
CA PRO ZA 47 -73.31 -23.14 -72.50
C PRO ZA 47 -72.02 -22.42 -72.13
N PHE ZA 48 -71.98 -21.75 -70.98
CA PHE ZA 48 -70.84 -20.89 -70.70
C PHE ZA 48 -69.55 -21.67 -70.53
N GLY ZA 49 -69.60 -22.82 -69.87
CA GLY ZA 49 -68.39 -23.62 -69.72
C GLY ZA 49 -67.76 -23.97 -71.06
N VAL ZA 50 -68.58 -24.40 -72.00
CA VAL ZA 50 -68.09 -24.96 -73.26
C VAL ZA 50 -67.76 -23.84 -74.23
N LYS ZA 51 -66.52 -23.77 -74.67
CA LYS ZA 51 -66.09 -22.80 -75.65
C LYS ZA 51 -65.91 -23.49 -77.00
N ASN ZA 52 -66.59 -22.97 -78.02
CA ASN ZA 52 -66.55 -23.51 -79.38
C ASN ZA 52 -66.32 -22.33 -80.31
N THR ZA 53 -65.11 -22.21 -80.87
CA THR ZA 53 -64.77 -21.07 -81.71
C THR ZA 53 -64.01 -21.50 -82.96
N ALA ZA 54 -63.98 -20.60 -83.94
CA ALA ZA 54 -63.24 -20.79 -85.17
C ALA ZA 54 -62.51 -19.49 -85.49
N ARG ZA 55 -61.36 -19.62 -86.11
CA ARG ZA 55 -60.48 -18.50 -86.38
C ARG ZA 55 -60.00 -18.61 -87.83
N TYR ZA 56 -60.13 -17.53 -88.57
CA TYR ZA 56 -59.84 -17.51 -89.99
C TYR ZA 56 -58.88 -16.35 -90.22
N GLY ZA 57 -57.68 -16.63 -90.67
CA GLY ZA 57 -56.67 -15.60 -90.80
C GLY ZA 57 -55.83 -15.75 -92.05
N ILE ZA 58 -55.32 -14.62 -92.53
CA ILE ZA 58 -54.38 -14.60 -93.64
C ILE ZA 58 -53.18 -13.76 -93.28
N ARG ZA 59 -52.00 -14.23 -93.71
CA ARG ZA 59 -50.74 -13.52 -93.61
C ARG ZA 59 -50.14 -13.46 -95.01
N GLN ZA 60 -49.37 -12.40 -95.28
CA GLN ZA 60 -48.71 -12.30 -96.58
C GLN ZA 60 -47.31 -12.88 -96.48
N ILE ZA 61 -46.93 -13.67 -97.49
CA ILE ZA 61 -45.64 -14.33 -97.55
C ILE ZA 61 -44.73 -13.48 -98.41
N ALA ZA 62 -43.65 -12.97 -97.80
CA ALA ZA 62 -42.73 -12.09 -98.51
C ALA ZA 62 -42.12 -12.79 -99.71
N ASP ZA 63 -41.38 -13.87 -99.46
CA ASP ZA 63 -40.71 -14.65 -100.50
C ASP ZA 63 -41.24 -16.07 -100.41
N VAL ZA 64 -42.02 -16.48 -101.40
CA VAL ZA 64 -42.60 -17.81 -101.38
C VAL ZA 64 -41.53 -18.88 -101.60
N TYR ZA 65 -40.38 -18.50 -102.13
CA TYR ZA 65 -39.26 -19.40 -102.35
C TYR ZA 65 -38.27 -19.41 -101.18
N ARG ZA 66 -38.58 -18.70 -100.09
CA ARG ZA 66 -37.57 -18.39 -99.08
C ARG ZA 66 -36.96 -19.66 -98.49
N ASN ZA 67 -37.78 -20.68 -98.23
CA ASN ZA 67 -37.31 -21.90 -97.63
C ASN ZA 67 -37.28 -23.08 -98.59
N THR ZA 68 -37.63 -22.86 -99.86
CA THR ZA 68 -37.56 -23.92 -100.86
C THR ZA 68 -36.22 -23.88 -101.59
N THR ZA 69 -35.97 -24.94 -102.35
CA THR ZA 69 -34.69 -25.09 -103.05
C THR ZA 69 -34.84 -25.01 -104.56
N ILE ZA 70 -35.91 -24.36 -105.03
CA ILE ZA 70 -36.12 -24.15 -106.45
C ILE ZA 70 -35.06 -23.21 -106.98
N ASP ZA 71 -34.40 -23.59 -108.07
CA ASP ZA 71 -33.33 -22.74 -108.59
C ASP ZA 71 -33.88 -21.38 -109.00
N ARG ZA 72 -33.04 -20.36 -108.82
CA ARG ZA 72 -33.41 -18.99 -109.15
C ARG ZA 72 -33.93 -18.92 -110.58
N ALA ZA 73 -33.27 -19.63 -111.50
CA ALA ZA 73 -33.62 -19.58 -112.90
C ALA ZA 73 -35.04 -20.06 -113.18
N TYR ZA 74 -35.66 -20.76 -112.21
CA TYR ZA 74 -37.01 -21.26 -112.39
C TYR ZA 74 -38.00 -20.64 -111.41
N GLN ZA 75 -37.65 -19.51 -110.81
CA GLN ZA 75 -38.57 -18.84 -109.91
C GLN ZA 75 -39.46 -17.87 -110.68
N SER ZA 76 -40.72 -17.77 -110.27
CA SER ZA 76 -41.62 -16.79 -110.85
C SER ZA 76 -41.08 -15.38 -110.61
N PRO ZA 77 -41.43 -14.43 -111.48
CA PRO ZA 77 -41.12 -13.04 -111.15
C PRO ZA 77 -41.83 -12.57 -109.88
N SER ZA 78 -43.10 -12.93 -109.73
CA SER ZA 78 -43.89 -12.59 -108.56
C SER ZA 78 -43.63 -13.61 -107.47
N LYS ZA 79 -42.95 -13.19 -106.41
CA LYS ZA 79 -42.53 -14.08 -105.34
C LYS ZA 79 -43.41 -13.96 -104.12
N LYS ZA 80 -44.53 -13.25 -104.20
CA LYS ZA 80 -45.40 -13.06 -103.06
C LYS ZA 80 -46.33 -14.25 -102.92
N GLY ZA 81 -46.72 -14.56 -101.68
CA GLY ZA 81 -47.68 -15.61 -101.43
C GLY ZA 81 -48.71 -15.17 -100.41
N THR ZA 82 -49.71 -16.01 -100.24
CA THR ZA 82 -50.69 -15.86 -99.17
C THR ZA 82 -50.71 -17.12 -98.31
N SER ZA 83 -50.77 -16.92 -97.00
CA SER ZA 83 -50.83 -17.99 -96.02
C SER ZA 83 -52.18 -17.90 -95.32
N LEU ZA 84 -53.00 -18.93 -95.47
CA LEU ZA 84 -54.31 -19.00 -94.84
C LEU ZA 84 -54.27 -19.95 -93.66
N VAL ZA 85 -55.01 -19.60 -92.61
CA VAL ZA 85 -55.16 -20.45 -91.45
C VAL ZA 85 -56.63 -20.57 -91.09
N VAL ZA 86 -57.04 -21.79 -90.78
CA VAL ZA 86 -58.39 -22.11 -90.34
C VAL ZA 86 -58.23 -22.95 -89.09
N GLN ZA 87 -58.58 -22.37 -87.94
CA GLN ZA 87 -58.50 -23.07 -86.65
C GLN ZA 87 -59.89 -23.29 -86.08
N VAL ZA 88 -60.12 -24.49 -85.54
CA VAL ZA 88 -61.33 -24.77 -84.79
C VAL ZA 88 -60.92 -25.18 -83.38
N THR ZA 89 -61.66 -24.66 -82.40
CA THR ZA 89 -61.43 -24.89 -80.99
C THR ZA 89 -62.74 -25.40 -80.38
N GLU ZA 90 -62.68 -26.58 -79.75
CA GLU ZA 90 -63.84 -27.20 -79.15
C GLU ZA 90 -63.57 -27.52 -77.70
N THR ZA 91 -64.63 -27.63 -76.92
CA THR ZA 91 -64.54 -28.03 -75.53
C THR ZA 91 -65.40 -29.26 -75.34
N TRP ZA 92 -64.77 -30.38 -75.01
CA TRP ZA 92 -65.44 -31.65 -74.80
C TRP ZA 92 -65.65 -31.83 -73.29
N THR ZA 93 -66.66 -32.61 -72.94
CA THR ZA 93 -66.94 -32.87 -71.53
C THR ZA 93 -67.05 -34.36 -71.27
N VAL ZA 94 -66.58 -34.77 -70.09
CA VAL ZA 94 -66.64 -36.15 -69.64
C VAL ZA 94 -67.50 -36.19 -68.40
N ALA ZA 95 -68.49 -37.08 -68.40
CA ALA ZA 95 -69.38 -37.24 -67.26
C ALA ZA 95 -69.67 -38.72 -67.06
N SER ZA 96 -70.51 -39.01 -66.07
CA SER ZA 96 -70.91 -40.38 -65.76
C SER ZA 96 -72.42 -40.51 -65.77
N THR ZA 97 -72.89 -41.61 -66.36
CA THR ZA 97 -74.29 -41.98 -66.28
C THR ZA 97 -74.72 -42.16 -64.84
N ASP ZA 98 -73.88 -42.83 -64.05
CA ASP ZA 98 -74.25 -43.23 -62.70
C ASP ZA 98 -74.13 -42.06 -61.72
N ASP ZA 99 -73.12 -41.21 -61.90
CA ASP ZA 99 -72.79 -40.14 -60.95
C ASP ZA 99 -72.93 -38.80 -61.66
N GLU ZA 100 -73.95 -38.04 -61.26
CA GLU ZA 100 -74.21 -36.77 -61.91
C GLU ZA 100 -73.25 -35.68 -61.47
N THR ZA 101 -72.34 -35.98 -60.54
CA THR ZA 101 -71.36 -35.02 -60.07
C THR ZA 101 -70.01 -35.20 -60.70
N TYR ZA 102 -69.77 -36.32 -61.37
CA TYR ZA 102 -68.49 -36.59 -61.99
C TYR ZA 102 -68.47 -35.91 -63.35
N GLY ZA 103 -67.44 -35.08 -63.56
CA GLY ZA 103 -67.28 -34.40 -64.83
C GLY ZA 103 -66.00 -33.60 -64.87
N TYR ZA 104 -65.51 -33.43 -66.10
CA TYR ZA 104 -64.43 -32.48 -66.37
C TYR ZA 104 -64.48 -32.07 -67.84
N SER ZA 105 -63.74 -31.01 -68.17
CA SER ZA 105 -63.69 -30.47 -69.51
C SER ZA 105 -62.31 -30.66 -70.13
N LEU ZA 106 -62.29 -31.10 -71.39
CA LEU ZA 106 -61.09 -31.30 -72.18
C LEU ZA 106 -61.05 -30.30 -73.32
N PRO ZA 107 -59.92 -29.64 -73.55
CA PRO ZA 107 -59.82 -28.72 -74.69
C PRO ZA 107 -59.27 -29.40 -75.94
N PHE ZA 108 -59.96 -29.24 -77.06
CA PHE ZA 108 -59.47 -29.73 -78.35
C PHE ZA 108 -59.26 -28.54 -79.27
N SER ZA 109 -58.19 -28.60 -80.05
CA SER ZA 109 -58.00 -27.60 -81.09
C SER ZA 109 -57.29 -28.26 -82.26
N ALA ZA 110 -57.53 -27.71 -83.44
CA ALA ZA 110 -56.82 -28.18 -84.60
C ALA ZA 110 -56.95 -27.11 -85.66
N HIS ZA 111 -55.91 -26.99 -86.49
CA HIS ZA 111 -55.97 -25.99 -87.54
C HIS ZA 111 -55.32 -26.52 -88.80
N VAL ZA 112 -55.61 -25.81 -89.88
CA VAL ZA 112 -55.09 -26.08 -91.20
C VAL ZA 112 -54.44 -24.80 -91.70
N ILE ZA 113 -53.29 -24.93 -92.32
CA ILE ZA 113 -52.56 -23.81 -92.90
C ILE ZA 113 -52.30 -24.15 -94.36
N VAL ZA 114 -52.52 -23.18 -95.24
CA VAL ZA 114 -52.39 -23.35 -96.68
C VAL ZA 114 -51.56 -22.20 -97.21
N ASN ZA 115 -50.45 -22.52 -97.89
CA ASN ZA 115 -49.50 -21.53 -98.36
C ASN ZA 115 -49.52 -21.55 -99.89
N VAL ZA 116 -50.19 -20.56 -100.47
CA VAL ZA 116 -50.52 -20.51 -101.89
C VAL ZA 116 -49.74 -19.37 -102.53
N PRO ZA 117 -48.90 -19.63 -103.54
CA PRO ZA 117 -48.29 -18.53 -104.28
C PRO ZA 117 -49.34 -17.69 -105.01
N GLN ZA 118 -49.04 -16.40 -105.15
CA GLN ZA 118 -49.94 -15.49 -105.86
C GLN ZA 118 -49.66 -15.60 -107.36
N ASP ZA 119 -50.40 -16.50 -108.02
CA ASP ZA 119 -50.25 -16.72 -109.45
C ASP ZA 119 -51.63 -16.90 -110.06
N ALA ZA 120 -51.84 -16.27 -111.22
CA ALA ZA 120 -53.16 -16.27 -111.83
C ALA ZA 120 -53.64 -17.68 -112.16
N LEU ZA 121 -52.72 -18.61 -112.43
CA LEU ZA 121 -53.12 -19.93 -112.90
C LEU ZA 121 -53.62 -20.85 -111.79
N ILE ZA 122 -53.30 -20.55 -110.53
CA ILE ZA 122 -53.81 -21.36 -109.43
C ILE ZA 122 -55.29 -21.03 -109.23
N THR ZA 123 -56.13 -22.06 -109.23
CA THR ZA 123 -57.57 -21.86 -109.14
C THR ZA 123 -58.13 -22.50 -107.87
N GLU ZA 124 -59.37 -22.11 -107.56
CA GLU ZA 124 -59.98 -22.55 -106.31
C GLU ZA 124 -60.13 -24.06 -106.31
N GLU ZA 125 -60.48 -24.64 -107.46
CA GLU ZA 125 -60.58 -26.09 -107.56
C GLU ZA 125 -59.22 -26.76 -107.34
N ILE ZA 126 -58.16 -26.20 -107.94
CA ILE ZA 126 -56.82 -26.74 -107.73
C ILE ZA 126 -56.52 -26.80 -106.25
N LEU ZA 127 -56.87 -25.73 -105.52
CA LEU ZA 127 -56.55 -25.68 -104.10
C LEU ZA 127 -57.40 -26.65 -103.29
N TYR ZA 128 -58.69 -26.78 -103.59
CA TYR ZA 128 -59.48 -27.78 -102.88
C TYR ZA 128 -58.94 -29.19 -103.11
N ASP ZA 129 -58.55 -29.50 -104.36
CA ASP ZA 129 -58.00 -30.83 -104.61
C ASP ZA 129 -56.66 -31.01 -103.92
N ALA ZA 130 -55.89 -29.92 -103.76
CA ALA ZA 130 -54.71 -29.99 -102.91
C ALA ZA 130 -55.09 -30.35 -101.48
N LEU ZA 131 -56.11 -29.70 -100.93
CA LEU ZA 131 -56.56 -30.01 -99.58
C LEU ZA 131 -56.97 -31.47 -99.47
N LYS ZA 132 -57.59 -32.01 -100.52
CA LYS ZA 132 -58.01 -33.41 -100.50
C LYS ZA 132 -56.81 -34.34 -100.48
N ARG ZA 133 -55.78 -34.02 -101.28
CA ARG ZA 133 -54.54 -34.78 -101.23
C ARG ZA 133 -53.92 -34.71 -99.85
N LEU ZA 134 -53.91 -33.51 -99.25
CA LEU ZA 134 -53.35 -33.29 -97.92
C LEU ZA 134 -54.03 -34.16 -96.89
N MET ZA 135 -55.34 -34.00 -96.72
CA MET ZA 135 -56.08 -34.80 -95.75
C MET ZA 135 -55.99 -36.29 -96.07
N GLY ZA 136 -55.72 -36.66 -97.32
CA GLY ZA 136 -55.56 -38.08 -97.60
C GLY ZA 136 -54.39 -38.73 -96.92
N HIS ZA 137 -53.41 -37.95 -96.46
CA HIS ZA 137 -52.25 -38.49 -95.76
C HIS ZA 137 -52.58 -38.96 -94.35
N PHE ZA 138 -53.81 -38.77 -93.88
CA PHE ZA 138 -54.24 -39.38 -92.64
C PHE ZA 138 -54.66 -40.83 -92.82
N TYR ZA 139 -54.50 -41.37 -94.02
CA TYR ZA 139 -54.86 -42.74 -94.33
C TYR ZA 139 -53.72 -43.38 -95.09
N GLU ZA 140 -53.80 -44.70 -95.26
CA GLU ZA 140 -52.87 -45.45 -96.11
C GLU ZA 140 -53.66 -46.19 -97.16
N GLY ZA 141 -53.18 -46.10 -98.41
CA GLY ZA 141 -53.85 -46.70 -99.54
C GLY ZA 141 -53.28 -48.06 -99.88
N ASN ZA 142 -54.16 -48.95 -100.33
CA ASN ZA 142 -53.85 -50.34 -100.64
C ASN ZA 142 -54.46 -50.69 -102.00
N ASP ZA 143 -53.61 -50.66 -103.04
CA ASP ZA 143 -53.92 -51.12 -104.39
C ASP ZA 143 -53.70 -52.62 -104.57
N THR ZA 144 -53.05 -53.30 -103.61
CA THR ZA 144 -52.86 -54.75 -103.69
C THR ZA 144 -54.21 -55.46 -103.73
N THR ZA 145 -55.15 -55.04 -102.90
CA THR ZA 145 -56.46 -55.65 -102.90
C THR ZA 145 -57.12 -55.50 -104.26
N SER ZA 146 -58.00 -56.45 -104.57
CA SER ZA 146 -58.77 -56.36 -105.80
C SER ZA 146 -59.70 -55.13 -105.80
N PRO ZA 147 -60.58 -54.89 -104.77
CA PRO ZA 147 -61.17 -53.55 -104.66
C PRO ZA 147 -60.23 -52.67 -103.81
N THR ZA 148 -59.84 -51.48 -104.27
CA THR ZA 148 -58.76 -50.76 -103.58
C THR ZA 148 -59.29 -50.26 -102.25
N THR ZA 149 -58.50 -50.41 -101.18
CA THR ZA 149 -58.96 -50.13 -99.82
C THR ZA 149 -57.99 -49.22 -99.08
N THR ZA 150 -58.46 -48.66 -97.98
CA THR ZA 150 -57.69 -47.70 -97.18
C THR ZA 150 -57.83 -48.03 -95.70
N SER ZA 151 -56.79 -47.69 -94.95
CA SER ZA 151 -56.76 -47.90 -93.51
C SER ZA 151 -56.31 -46.64 -92.80
N VAL ZA 152 -56.70 -46.52 -91.53
CA VAL ZA 152 -56.56 -45.28 -90.79
C VAL ZA 152 -55.22 -45.29 -90.06
N ARG ZA 153 -54.57 -44.11 -89.99
CA ARG ZA 153 -53.27 -44.00 -89.33
C ARG ZA 153 -53.16 -42.83 -88.37
N LEU ZA 154 -54.29 -42.20 -88.02
CA LEU ZA 154 -54.22 -41.05 -87.11
C LEU ZA 154 -53.75 -41.47 -85.72
N LYS ZA 155 -54.32 -42.55 -85.19
CA LYS ZA 155 -53.89 -43.03 -83.88
C LYS ZA 155 -52.43 -43.46 -83.91
N ASP ZA 156 -52.06 -44.25 -84.93
CA ASP ZA 156 -50.68 -44.69 -85.05
C ASP ZA 156 -49.71 -43.50 -85.03
N MET ZA 157 -50.02 -42.46 -85.80
CA MET ZA 157 -49.15 -41.28 -85.80
C MET ZA 157 -49.10 -40.63 -84.43
N LEU ZA 158 -50.27 -40.39 -83.82
CA LEU ZA 158 -50.29 -39.80 -82.49
C LEU ZA 158 -49.45 -40.60 -81.49
N GLN ZA 159 -49.37 -41.92 -81.67
CA GLN ZA 159 -48.62 -42.74 -80.72
C GLN ZA 159 -47.13 -42.80 -81.04
N GLY ZA 160 -46.65 -42.12 -82.08
CA GLY ZA 160 -45.23 -42.01 -82.37
C GLY ZA 160 -44.77 -42.79 -83.59
N ALA ZA 161 -45.68 -43.55 -84.21
CA ALA ZA 161 -45.39 -44.34 -85.41
C ALA ZA 161 -45.69 -43.47 -86.63
N LEU ZA 162 -44.70 -42.68 -87.01
CA LEU ZA 162 -44.93 -41.67 -88.03
C LEU ZA 162 -44.65 -42.19 -89.43
N VAL ZA 163 -43.89 -43.26 -89.56
CA VAL ZA 163 -43.68 -43.87 -90.87
C VAL ZA 163 -44.91 -44.68 -91.21
N PRO ZA 164 -45.40 -44.60 -92.44
CA PRO ZA 164 -46.55 -45.44 -92.83
C PRO ZA 164 -46.23 -46.92 -92.71
N GLN ZA 165 -47.29 -47.72 -92.60
CA GLN ZA 165 -47.12 -49.17 -92.51
C GLN ZA 165 -46.70 -49.75 -93.85
N SER ZA 166 -47.03 -49.06 -94.94
CA SER ZA 166 -46.68 -49.50 -96.28
C SER ZA 166 -45.17 -49.46 -96.55
N LEU ZA 167 -44.39 -48.79 -95.70
CA LEU ZA 167 -42.95 -48.71 -95.88
C LEU ZA 167 -42.20 -49.44 -94.76
N SER AB 1 -80.72 -32.87 -61.78
CA SER AB 1 -79.74 -33.29 -60.78
C SER AB 1 -78.94 -32.07 -60.34
N LYS AB 2 -78.05 -31.55 -61.20
CA LYS AB 2 -77.31 -30.34 -60.85
C LYS AB 2 -78.21 -29.12 -60.94
N ILE AB 3 -78.24 -28.35 -59.86
CA ILE AB 3 -79.11 -27.19 -59.76
C ILE AB 3 -78.29 -26.03 -59.22
N LEU AB 4 -78.40 -24.88 -59.88
CA LEU AB 4 -77.89 -23.61 -59.38
C LEU AB 4 -79.05 -22.84 -58.77
N SER AB 5 -78.88 -22.38 -57.53
CA SER AB 5 -79.82 -21.47 -56.90
C SER AB 5 -79.14 -20.12 -56.69
N THR AB 6 -79.89 -19.07 -56.95
CA THR AB 6 -79.45 -17.72 -56.64
C THR AB 6 -79.70 -17.35 -55.18
N ASN AB 7 -80.26 -18.26 -54.39
CA ASN AB 7 -80.50 -18.03 -52.96
C ASN AB 7 -81.32 -16.77 -52.69
N ASN AB 8 -82.15 -16.37 -53.65
CA ASN AB 8 -83.07 -15.27 -53.42
C ASN AB 8 -84.46 -15.75 -52.99
N SER AB 9 -84.61 -17.06 -52.79
CA SER AB 9 -85.91 -17.63 -52.47
C SER AB 9 -86.47 -17.10 -51.15
N ASN AB 10 -85.61 -16.66 -50.24
CA ASN AB 10 -86.08 -16.14 -48.95
C ASN AB 10 -85.98 -14.62 -48.86
N SER AB 11 -85.62 -13.94 -49.94
CA SER AB 11 -85.69 -12.49 -49.97
C SER AB 11 -87.12 -12.05 -50.29
N ASN AB 12 -87.50 -10.89 -49.79
CA ASN AB 12 -88.85 -10.36 -50.01
C ASN AB 12 -88.80 -9.22 -51.00
N PHE AB 13 -89.49 -9.37 -52.12
CA PHE AB 13 -89.50 -8.36 -53.16
C PHE AB 13 -90.92 -7.91 -53.49
N VAL AB 14 -90.95 -6.85 -54.30
CA VAL AB 14 -92.17 -6.26 -54.84
C VAL AB 14 -91.91 -5.93 -56.30
N ASP AB 15 -92.82 -6.30 -57.17
CA ASP AB 15 -92.61 -6.05 -58.59
C ASP AB 15 -92.97 -4.61 -58.94
N THR AB 16 -92.24 -4.05 -59.90
CA THR AB 16 -92.62 -2.77 -60.48
C THR AB 16 -92.22 -2.75 -61.95
N SER AB 17 -92.94 -1.94 -62.73
CA SER AB 17 -92.76 -1.91 -64.17
C SER AB 17 -91.63 -0.94 -64.53
N PHE AB 18 -90.79 -1.35 -65.48
CA PHE AB 18 -89.63 -0.57 -65.88
C PHE AB 18 -89.47 -0.83 -67.37
N THR AB 19 -90.14 -0.02 -68.18
CA THR AB 19 -90.27 -0.30 -69.60
C THR AB 19 -89.06 0.24 -70.35
N LEU AB 20 -88.31 -0.66 -70.96
CA LEU AB 20 -87.05 -0.30 -71.60
C LEU AB 20 -87.30 0.21 -73.01
N LYS AB 21 -86.51 1.21 -73.41
CA LYS AB 21 -86.47 1.69 -74.78
C LYS AB 21 -85.24 1.08 -75.45
N VAL AB 22 -85.45 -0.03 -76.14
CA VAL AB 22 -84.44 -0.81 -76.85
C VAL AB 22 -84.13 -0.17 -78.20
N PRO AB 23 -82.87 -0.03 -78.59
CA PRO AB 23 -82.56 0.66 -79.85
C PRO AB 23 -82.81 -0.19 -81.09
N VAL AB 24 -83.23 0.50 -82.16
CA VAL AB 24 -83.27 -0.08 -83.50
C VAL AB 24 -81.92 0.24 -84.12
N TYR AB 25 -80.96 -0.64 -83.87
CA TYR AB 25 -79.57 -0.33 -84.22
C TYR AB 25 -79.43 -0.13 -85.71
N SER AB 26 -80.14 -0.93 -86.50
CA SER AB 26 -80.11 -0.78 -87.95
C SER AB 26 -80.46 0.65 -88.40
N LYS AB 27 -81.47 1.30 -87.79
CA LYS AB 27 -81.73 2.69 -88.21
C LYS AB 27 -80.72 3.66 -87.63
N ASP AB 28 -80.46 3.56 -86.33
CA ASP AB 28 -79.84 4.71 -85.66
C ASP AB 28 -78.34 4.64 -85.51
N TYR AB 29 -77.74 3.46 -85.41
CA TYR AB 29 -76.38 3.38 -84.90
C TYR AB 29 -75.43 2.82 -85.96
N ARG AB 30 -74.19 3.33 -85.91
CA ARG AB 30 -73.12 2.91 -86.81
C ARG AB 30 -71.86 2.68 -85.98
N VAL AB 31 -70.91 1.92 -86.51
CA VAL AB 31 -69.76 1.51 -85.70
C VAL AB 31 -68.61 2.49 -85.85
N THR AB 32 -68.20 3.09 -84.74
CA THR AB 32 -67.00 3.92 -84.60
C THR AB 32 -65.76 3.10 -84.26
N GLN AB 33 -65.89 2.08 -83.41
CA GLN AB 33 -64.75 1.27 -83.00
C GLN AB 33 -65.17 -0.20 -82.99
N ASP AB 34 -64.40 -1.05 -83.69
CA ASP AB 34 -64.64 -2.49 -83.72
C ASP AB 34 -63.39 -3.25 -83.28
N GLU AB 35 -62.85 -2.91 -82.11
CA GLU AB 35 -61.74 -3.73 -81.70
C GLU AB 35 -62.25 -4.91 -80.87
N PRO AB 36 -61.48 -6.00 -80.77
CA PRO AB 36 -62.05 -7.30 -80.39
C PRO AB 36 -62.83 -7.31 -79.08
N ASP AB 37 -62.34 -6.56 -78.09
CA ASP AB 37 -62.93 -6.51 -76.76
C ASP AB 37 -63.63 -5.18 -76.46
N GLU AB 38 -63.67 -4.26 -77.40
CA GLU AB 38 -64.31 -2.96 -77.15
C GLU AB 38 -64.92 -2.47 -78.45
N VAL AB 39 -66.22 -2.24 -78.42
CA VAL AB 39 -66.96 -1.73 -79.56
C VAL AB 39 -67.61 -0.42 -79.16
N VAL AB 40 -67.41 0.60 -79.99
CA VAL AB 40 -68.05 1.89 -79.81
C VAL AB 40 -68.96 2.12 -81.00
N VAL AB 41 -70.13 2.67 -80.71
CA VAL AB 41 -71.22 2.79 -81.65
C VAL AB 41 -71.81 4.19 -81.48
N ALA AB 42 -72.02 4.89 -82.59
CA ALA AB 42 -72.49 6.26 -82.58
C ALA AB 42 -73.89 6.35 -83.16
N ASN AB 43 -74.63 7.34 -82.68
CA ASN AB 43 -76.02 7.57 -83.07
C ASN AB 43 -76.04 8.48 -84.29
N ARG AB 44 -76.44 7.91 -85.42
CA ARG AB 44 -76.51 8.65 -86.68
C ARG AB 44 -77.49 9.81 -86.62
N GLN AB 45 -78.53 9.72 -85.78
CA GLN AB 45 -79.67 10.64 -85.85
C GLN AB 45 -79.38 12.00 -85.23
N GLN AB 46 -78.34 12.13 -84.42
CA GLN AB 46 -78.09 13.41 -83.77
C GLN AB 46 -77.49 14.41 -84.75
N PRO AB 47 -77.73 15.71 -84.53
CA PRO AB 47 -77.01 16.74 -85.32
C PRO AB 47 -75.56 16.84 -84.90
N PHE AB 48 -74.77 17.67 -85.57
CA PHE AB 48 -73.32 17.60 -85.36
C PHE AB 48 -72.91 18.03 -83.96
N GLY AB 49 -73.66 18.93 -83.35
CA GLY AB 49 -73.34 19.33 -81.99
C GLY AB 49 -73.51 18.19 -81.01
N VAL AB 50 -74.63 17.47 -81.10
CA VAL AB 50 -74.99 16.48 -80.11
C VAL AB 50 -74.23 15.19 -80.37
N LYS AB 51 -73.61 14.65 -79.32
CA LYS AB 51 -72.88 13.40 -79.40
C LYS AB 51 -73.61 12.34 -78.57
N ASN AB 52 -73.94 11.23 -79.21
CA ASN AB 52 -74.71 10.13 -78.61
C ASN AB 52 -74.01 8.82 -78.98
N THR AB 53 -73.41 8.17 -77.99
CA THR AB 53 -72.64 6.95 -78.23
C THR AB 53 -72.98 5.87 -77.21
N ALA AB 54 -72.61 4.65 -77.57
CA ALA AB 54 -72.75 3.49 -76.71
C ALA AB 54 -71.48 2.67 -76.84
N ARG AB 55 -71.04 2.07 -75.74
CA ARG AB 55 -69.78 1.35 -75.69
C ARG AB 55 -70.03 0.00 -75.04
N TYR AB 56 -69.52 -1.05 -75.66
CA TYR AB 56 -69.75 -2.42 -75.23
C TYR AB 56 -68.40 -3.07 -75.11
N GLY AB 57 -68.05 -3.55 -73.92
CA GLY AB 57 -66.71 -4.10 -73.70
C GLY AB 57 -66.72 -5.26 -72.75
N ILE AB 58 -65.79 -6.19 -72.97
CA ILE AB 58 -65.58 -7.28 -72.03
C ILE AB 58 -64.11 -7.32 -71.64
N ARG AB 59 -63.88 -7.79 -70.41
CA ARG AB 59 -62.57 -8.03 -69.83
C ARG AB 59 -62.58 -9.42 -69.22
N GLN AB 60 -61.47 -10.13 -69.33
CA GLN AB 60 -61.40 -11.45 -68.72
C GLN AB 60 -60.99 -11.31 -67.26
N ILE AB 61 -61.69 -12.05 -66.39
CA ILE AB 61 -61.47 -11.99 -64.96
C ILE AB 61 -60.61 -13.17 -64.57
N ALA AB 62 -59.48 -12.88 -63.93
CA ALA AB 62 -58.49 -13.91 -63.65
C ALA AB 62 -58.99 -14.87 -62.58
N ASP AB 63 -59.39 -14.33 -61.42
CA ASP AB 63 -59.90 -15.11 -60.30
C ASP AB 63 -61.15 -14.39 -59.81
N VAL AB 64 -62.32 -14.98 -60.08
CA VAL AB 64 -63.56 -14.33 -59.67
C VAL AB 64 -63.72 -14.37 -58.14
N TYR AB 65 -62.93 -15.19 -57.45
CA TYR AB 65 -62.98 -15.34 -56.00
C TYR AB 65 -62.03 -14.41 -55.26
N ARG AB 66 -61.31 -13.55 -55.97
CA ARG AB 66 -60.14 -12.91 -55.38
C ARG AB 66 -60.51 -11.74 -54.46
N ASN AB 67 -61.34 -10.82 -54.94
CA ASN AB 67 -61.70 -9.72 -54.04
C ASN AB 67 -62.79 -10.10 -53.05
N THR AB 68 -63.43 -11.25 -53.22
CA THR AB 68 -64.65 -11.58 -52.50
C THR AB 68 -64.34 -12.17 -51.12
N THR AB 69 -65.38 -12.22 -50.28
CA THR AB 69 -65.33 -12.98 -49.05
C THR AB 69 -65.63 -14.46 -49.29
N ILE AB 70 -66.23 -14.77 -50.43
CA ILE AB 70 -66.34 -16.15 -50.88
C ILE AB 70 -64.96 -16.64 -51.30
N ASP AB 71 -64.72 -17.92 -51.09
CA ASP AB 71 -63.56 -18.57 -51.70
C ASP AB 71 -63.98 -19.94 -52.23
N ARG AB 72 -63.11 -20.49 -53.06
CA ARG AB 72 -63.48 -21.55 -53.98
C ARG AB 72 -63.50 -22.91 -53.26
N ALA AB 73 -64.64 -23.60 -53.31
CA ALA AB 73 -64.73 -24.95 -52.79
C ALA AB 73 -64.05 -25.92 -53.76
N TYR AB 74 -63.75 -27.13 -53.28
CA TYR AB 74 -62.78 -27.96 -53.98
C TYR AB 74 -63.29 -28.45 -55.31
N GLN AB 75 -64.59 -28.48 -55.51
CA GLN AB 75 -65.22 -29.04 -56.69
C GLN AB 75 -65.80 -27.95 -57.58
N SER AB 76 -65.16 -26.79 -57.59
CA SER AB 76 -65.60 -25.75 -58.51
C SER AB 76 -64.97 -25.96 -59.88
N PRO AB 77 -65.72 -25.71 -60.95
CA PRO AB 77 -65.17 -25.93 -62.30
C PRO AB 77 -64.01 -25.01 -62.65
N SER AB 78 -64.13 -23.72 -62.35
CA SER AB 78 -63.10 -22.75 -62.71
C SER AB 78 -63.15 -21.58 -61.76
N LYS AB 79 -62.05 -20.86 -61.72
CA LYS AB 79 -61.98 -19.54 -61.11
C LYS AB 79 -62.23 -18.43 -62.12
N LYS AB 80 -62.30 -18.77 -63.41
CA LYS AB 80 -62.31 -17.77 -64.45
C LYS AB 80 -63.62 -16.97 -64.43
N GLY AB 81 -63.58 -15.79 -65.03
CA GLY AB 81 -64.80 -15.02 -65.15
C GLY AB 81 -64.75 -14.10 -66.35
N THR AB 82 -65.87 -13.43 -66.60
CA THR AB 82 -65.94 -12.40 -67.63
C THR AB 82 -66.66 -11.18 -67.08
N SER AB 83 -66.14 -10.00 -67.41
CA SER AB 83 -66.71 -8.75 -66.93
C SER AB 83 -67.20 -7.97 -68.15
N LEU AB 84 -68.48 -7.63 -68.14
CA LEU AB 84 -69.13 -6.92 -69.23
C LEU AB 84 -69.45 -5.50 -68.81
N VAL AB 85 -69.26 -4.57 -69.73
CA VAL AB 85 -69.63 -3.18 -69.52
C VAL AB 85 -70.47 -2.71 -70.70
N VAL AB 86 -71.53 -1.98 -70.37
CA VAL AB 86 -72.41 -1.35 -71.32
C VAL AB 86 -72.53 0.11 -70.90
N GLN AB 87 -72.06 1.02 -71.74
CA GLN AB 87 -72.08 2.44 -71.44
C GLN AB 87 -72.88 3.20 -72.47
N VAL AB 88 -73.65 4.17 -72.02
CA VAL AB 88 -74.34 5.10 -72.91
C VAL AB 88 -73.86 6.50 -72.55
N THR AB 89 -73.67 7.31 -73.59
CA THR AB 89 -73.21 8.69 -73.49
C THR AB 89 -74.15 9.56 -74.31
N GLU AB 90 -74.74 10.57 -73.67
CA GLU AB 90 -75.68 11.45 -74.34
C GLU AB 90 -75.25 12.90 -74.14
N THR AB 91 -75.73 13.75 -75.03
CA THR AB 91 -75.47 15.18 -74.97
C THR AB 91 -76.81 15.90 -74.93
N TRP AB 92 -77.15 16.44 -73.76
CA TRP AB 92 -78.40 17.18 -73.59
C TRP AB 92 -78.12 18.65 -73.83
N THR AB 93 -79.15 19.39 -74.26
CA THR AB 93 -78.95 20.78 -74.62
C THR AB 93 -79.97 21.67 -73.93
N VAL AB 94 -79.48 22.76 -73.32
CA VAL AB 94 -80.30 23.77 -72.69
C VAL AB 94 -80.30 24.99 -73.58
N ALA AB 95 -81.51 25.50 -73.89
CA ALA AB 95 -81.68 26.71 -74.68
C ALA AB 95 -82.71 27.61 -73.99
N SER AB 96 -82.90 28.80 -74.54
CA SER AB 96 -83.85 29.75 -74.00
C SER AB 96 -84.78 30.25 -75.09
N THR AB 97 -86.07 30.34 -74.77
CA THR AB 97 -87.06 30.91 -75.68
C THR AB 97 -87.03 32.43 -75.71
N ASP AB 98 -86.32 33.06 -74.78
CA ASP AB 98 -86.15 34.52 -74.77
C ASP AB 98 -84.94 34.93 -75.59
N ASP AB 99 -83.79 34.33 -75.31
CA ASP AB 99 -82.51 34.71 -75.90
C ASP AB 99 -82.04 33.63 -76.86
N GLU AB 100 -81.79 34.00 -78.10
CA GLU AB 100 -81.16 33.07 -79.03
C GLU AB 100 -79.69 32.84 -78.71
N THR AB 101 -79.07 33.76 -77.97
CA THR AB 101 -77.66 33.62 -77.62
C THR AB 101 -77.44 32.59 -76.53
N TYR AB 102 -78.42 32.40 -75.64
CA TYR AB 102 -78.21 31.61 -74.45
C TYR AB 102 -78.40 30.13 -74.76
N GLY AB 103 -77.38 29.35 -74.45
CA GLY AB 103 -77.46 27.90 -74.56
C GLY AB 103 -76.19 27.26 -74.08
N TYR AB 104 -76.32 25.98 -73.70
CA TYR AB 104 -75.16 25.17 -73.37
C TYR AB 104 -75.51 23.69 -73.52
N SER AB 105 -74.48 22.85 -73.42
CA SER AB 105 -74.61 21.40 -73.55
C SER AB 105 -74.19 20.74 -72.25
N LEU AB 106 -75.00 19.79 -71.79
CA LEU AB 106 -74.72 19.00 -70.62
C LEU AB 106 -74.34 17.59 -71.04
N PRO AB 107 -73.25 17.06 -70.53
CA PRO AB 107 -72.89 15.67 -70.86
C PRO AB 107 -73.47 14.68 -69.86
N PHE AB 108 -74.21 13.69 -70.32
CA PHE AB 108 -74.71 12.62 -69.47
C PHE AB 108 -73.99 11.32 -69.81
N SER AB 109 -73.66 10.54 -68.78
CA SER AB 109 -73.17 9.21 -69.09
C SER AB 109 -73.61 8.25 -68.00
N ALA AB 110 -73.67 6.98 -68.38
CA ALA AB 110 -73.98 5.97 -67.38
C ALA AB 110 -73.58 4.62 -67.94
N HIS AB 111 -73.25 3.69 -67.04
CA HIS AB 111 -72.88 2.37 -67.52
C HIS AB 111 -73.27 1.31 -66.49
N VAL AB 112 -73.28 0.08 -66.99
CA VAL AB 112 -73.56 -1.10 -66.20
C VAL AB 112 -72.39 -2.03 -66.37
N ILE AB 113 -72.01 -2.69 -65.28
CA ILE AB 113 -70.94 -3.67 -65.30
C ILE AB 113 -71.46 -4.94 -64.63
N VAL AB 114 -71.16 -6.08 -65.24
CA VAL AB 114 -71.66 -7.38 -64.82
C VAL AB 114 -70.49 -8.34 -64.75
N ASN AB 115 -70.35 -9.07 -63.64
CA ASN AB 115 -69.19 -9.91 -63.40
C ASN AB 115 -69.63 -11.38 -63.26
N VAL AB 116 -69.62 -12.10 -64.37
CA VAL AB 116 -70.24 -13.42 -64.47
C VAL AB 116 -69.16 -14.47 -64.32
N PRO AB 117 -69.26 -15.40 -63.36
CA PRO AB 117 -68.35 -16.54 -63.31
C PRO AB 117 -68.54 -17.48 -64.48
N GLN AB 118 -67.50 -18.27 -64.74
CA GLN AB 118 -67.52 -19.27 -65.82
C GLN AB 118 -68.06 -20.59 -65.26
N ASP AB 119 -69.37 -20.70 -65.21
CA ASP AB 119 -70.03 -21.96 -64.88
C ASP AB 119 -71.19 -22.14 -65.83
N ALA AB 120 -71.28 -23.32 -66.44
CA ALA AB 120 -72.26 -23.53 -67.50
C ALA AB 120 -73.70 -23.44 -66.98
N LEU AB 121 -73.92 -23.67 -65.69
CA LEU AB 121 -75.26 -23.60 -65.12
C LEU AB 121 -75.80 -22.18 -65.00
N ILE AB 122 -74.94 -21.17 -65.07
CA ILE AB 122 -75.42 -19.80 -65.20
C ILE AB 122 -76.00 -19.62 -66.59
N THR AB 123 -77.28 -19.25 -66.66
CA THR AB 123 -77.97 -19.13 -67.94
C THR AB 123 -78.24 -17.66 -68.26
N GLU AB 124 -78.57 -17.42 -69.52
CA GLU AB 124 -78.82 -16.05 -69.95
C GLU AB 124 -80.00 -15.47 -69.18
N GLU AB 125 -81.01 -16.31 -68.90
CA GLU AB 125 -82.14 -15.83 -68.14
C GLU AB 125 -81.75 -15.54 -66.68
N ILE AB 126 -80.92 -16.39 -66.07
CA ILE AB 126 -80.45 -16.13 -64.71
C ILE AB 126 -79.81 -14.75 -64.66
N LEU AB 127 -78.99 -14.44 -65.68
CA LEU AB 127 -78.30 -13.15 -65.68
C LEU AB 127 -79.26 -11.99 -65.87
N TYR AB 128 -80.22 -12.11 -66.78
CA TYR AB 128 -81.19 -11.01 -66.93
C TYR AB 128 -81.98 -10.79 -65.65
N ASP AB 129 -82.40 -11.86 -64.98
CA ASP AB 129 -83.14 -11.69 -63.74
C ASP AB 129 -82.27 -11.08 -62.65
N ALA AB 130 -80.97 -11.40 -62.67
CA ALA AB 130 -80.04 -10.70 -61.80
C ALA AB 130 -80.03 -9.21 -62.08
N LEU AB 131 -79.98 -8.83 -63.37
CA LEU AB 131 -80.02 -7.41 -63.73
C LEU AB 131 -81.31 -6.75 -63.23
N LYS AB 132 -82.42 -7.49 -63.28
CA LYS AB 132 -83.69 -6.95 -62.80
C LYS AB 132 -83.65 -6.70 -61.29
N ARG AB 133 -83.08 -7.66 -60.54
CA ARG AB 133 -82.87 -7.45 -59.11
C ARG AB 133 -81.99 -6.24 -58.86
N LEU AB 134 -80.93 -6.11 -59.65
CA LEU AB 134 -80.01 -4.97 -59.54
C LEU AB 134 -80.74 -3.64 -59.67
N MET AB 135 -81.37 -3.42 -60.83
CA MET AB 135 -82.10 -2.18 -61.04
C MET AB 135 -83.20 -1.97 -60.02
N GLY AB 136 -83.71 -3.05 -59.40
CA GLY AB 136 -84.70 -2.85 -58.35
C GLY AB 136 -84.22 -1.99 -57.20
N HIS AB 137 -82.91 -1.94 -56.97
CA HIS AB 137 -82.37 -1.15 -55.86
C HIS AB 137 -82.47 0.35 -56.07
N PHE AB 138 -82.93 0.79 -57.24
CA PHE AB 138 -83.28 2.19 -57.45
C PHE AB 138 -84.66 2.52 -56.92
N TYR AB 139 -85.26 1.60 -56.16
CA TYR AB 139 -86.61 1.75 -55.65
C TYR AB 139 -86.67 1.17 -54.24
N GLU AB 140 -87.78 1.43 -53.55
CA GLU AB 140 -88.10 0.80 -52.27
C GLU AB 140 -89.50 0.21 -52.38
N GLY AB 141 -89.69 -0.98 -51.79
CA GLY AB 141 -90.97 -1.65 -51.90
C GLY AB 141 -91.70 -1.78 -50.58
N ASN AB 142 -93.02 -2.02 -50.64
CA ASN AB 142 -93.86 -2.19 -49.46
C ASN AB 142 -94.66 -3.48 -49.59
N ASP AB 143 -94.44 -4.45 -48.70
CA ASP AB 143 -95.33 -5.61 -48.68
C ASP AB 143 -96.69 -5.25 -48.13
N THR AB 144 -96.78 -4.15 -47.38
CA THR AB 144 -97.94 -3.93 -46.55
C THR AB 144 -99.21 -3.71 -47.37
N THR AB 145 -99.17 -2.78 -48.32
CA THR AB 145 -100.36 -2.44 -49.09
C THR AB 145 -100.87 -3.64 -49.87
N SER AB 146 -102.17 -3.63 -50.11
CA SER AB 146 -102.77 -4.72 -50.84
C SER AB 146 -102.35 -4.74 -52.31
N PRO AB 147 -102.37 -3.64 -53.04
CA PRO AB 147 -101.49 -3.62 -54.21
C PRO AB 147 -100.13 -3.12 -53.72
N THR AB 148 -99.09 -3.90 -53.99
CA THR AB 148 -97.77 -3.53 -53.49
C THR AB 148 -97.35 -2.20 -54.11
N THR AB 149 -96.76 -1.34 -53.30
CA THR AB 149 -96.37 -0.01 -53.74
C THR AB 149 -94.86 0.12 -53.69
N THR AB 150 -94.33 0.87 -54.65
CA THR AB 150 -92.90 1.15 -54.75
C THR AB 150 -92.69 2.65 -54.87
N SER AB 151 -91.74 3.17 -54.09
CA SER AB 151 -91.30 4.55 -54.19
C SER AB 151 -89.89 4.60 -54.76
N VAL AB 152 -89.45 5.79 -55.14
CA VAL AB 152 -88.22 5.96 -55.90
C VAL AB 152 -87.09 6.41 -54.99
N ARG AB 153 -85.88 6.07 -55.40
CA ARG AB 153 -84.68 6.39 -54.63
C ARG AB 153 -83.70 7.30 -55.35
N LEU AB 154 -83.70 7.33 -56.69
CA LEU AB 154 -82.59 7.93 -57.42
C LEU AB 154 -82.29 9.35 -56.96
N LYS AB 155 -83.33 10.16 -56.77
CA LYS AB 155 -83.12 11.51 -56.27
C LYS AB 155 -82.46 11.49 -54.90
N ASP AB 156 -83.09 10.80 -53.95
CA ASP AB 156 -82.58 10.81 -52.58
C ASP AB 156 -81.14 10.31 -52.53
N MET AB 157 -80.79 9.33 -53.36
CA MET AB 157 -79.41 8.83 -53.39
C MET AB 157 -78.46 9.88 -53.95
N LEU AB 158 -78.78 10.42 -55.13
CA LEU AB 158 -77.93 11.45 -55.71
C LEU AB 158 -77.77 12.65 -54.78
N GLN AB 159 -78.76 12.88 -53.91
CA GLN AB 159 -78.71 13.96 -52.93
C GLN AB 159 -77.91 13.60 -51.68
N GLY AB 160 -77.50 12.35 -51.52
CA GLY AB 160 -76.68 11.94 -50.40
C GLY AB 160 -77.39 11.10 -49.36
N ALA AB 161 -78.69 10.84 -49.52
CA ALA AB 161 -79.44 9.96 -48.62
C ALA AB 161 -79.28 8.54 -49.12
N LEU AB 162 -78.13 7.95 -48.79
CA LEU AB 162 -77.80 6.67 -49.40
C LEU AB 162 -78.41 5.49 -48.68
N VAL AB 163 -78.90 5.68 -47.45
CA VAL AB 163 -79.59 4.60 -46.77
C VAL AB 163 -81.03 4.59 -47.24
N PRO AB 164 -81.61 3.43 -47.52
CA PRO AB 164 -83.04 3.39 -47.83
C PRO AB 164 -83.86 3.98 -46.69
N GLN AB 165 -84.89 4.73 -47.07
CA GLN AB 165 -85.76 5.38 -46.09
C GLN AB 165 -86.59 4.36 -45.32
N SER AB 166 -86.72 3.14 -45.84
CA SER AB 166 -87.38 2.06 -45.12
C SER AB 166 -86.59 1.60 -43.89
N LEU AB 167 -85.27 1.74 -43.94
CA LEU AB 167 -84.42 1.31 -42.83
C LEU AB 167 -84.31 2.38 -41.75
N SER BB 1 -86.55 30.99 -83.70
CA SER BB 1 -85.79 29.80 -84.07
C SER BB 1 -84.65 30.18 -84.99
N LYS BB 2 -83.65 29.29 -85.09
CA LYS BB 2 -82.44 29.55 -85.84
C LYS BB 2 -82.53 28.90 -87.23
N ILE BB 3 -82.05 29.60 -88.24
CA ILE BB 3 -82.10 29.14 -89.62
C ILE BB 3 -80.74 29.34 -90.27
N LEU BB 4 -80.32 28.35 -91.06
CA LEU BB 4 -79.13 28.45 -91.89
C LEU BB 4 -79.54 28.63 -93.34
N SER BB 5 -78.86 29.53 -94.04
CA SER BB 5 -79.01 29.70 -95.48
C SER BB 5 -77.66 29.51 -96.14
N THR BB 6 -77.67 28.79 -97.26
CA THR BB 6 -76.47 28.65 -98.09
C THR BB 6 -76.29 29.81 -99.04
N ASN BB 7 -77.24 30.74 -99.09
CA ASN BB 7 -77.16 31.93 -99.94
C ASN BB 7 -77.07 31.58 -101.42
N ASN BB 8 -77.40 30.36 -101.80
CA ASN BB 8 -77.46 29.99 -103.20
C ASN BB 8 -78.85 30.21 -103.81
N SER BB 9 -79.73 30.90 -103.09
CA SER BB 9 -81.09 31.08 -103.55
C SER BB 9 -81.15 31.83 -104.88
N ASN BB 10 -80.33 32.85 -105.04
CA ASN BB 10 -80.39 33.72 -106.21
C ASN BB 10 -79.37 33.37 -107.28
N SER BB 11 -78.50 32.40 -107.04
CA SER BB 11 -77.52 32.00 -108.04
C SER BB 11 -78.18 31.11 -109.10
N ASN BB 12 -77.64 31.16 -110.32
CA ASN BB 12 -78.27 30.55 -111.48
C ASN BB 12 -77.56 29.25 -111.85
N PHE BB 13 -78.31 28.15 -111.89
CA PHE BB 13 -77.76 26.85 -112.26
C PHE BB 13 -78.60 26.22 -113.35
N VAL BB 14 -78.00 25.19 -113.94
CA VAL BB 14 -78.64 24.28 -114.88
C VAL BB 14 -78.42 22.87 -114.37
N ASP BB 15 -79.49 22.10 -114.22
CA ASP BB 15 -79.33 20.74 -113.75
C ASP BB 15 -78.76 19.86 -114.86
N THR BB 16 -77.99 18.85 -114.46
CA THR BB 16 -77.55 17.82 -115.41
C THR BB 16 -77.38 16.51 -114.67
N SER BB 17 -77.53 15.41 -115.42
CA SER BB 17 -77.56 14.08 -114.80
C SER BB 17 -76.15 13.54 -114.62
N PHE BB 18 -75.91 12.92 -113.47
CA PHE BB 18 -74.59 12.41 -113.11
C PHE BB 18 -74.85 11.15 -112.27
N THR BB 19 -74.97 10.02 -112.94
CA THR BB 19 -75.43 8.80 -112.29
C THR BB 19 -74.26 8.08 -111.66
N LEU BB 20 -74.29 7.94 -110.33
CA LEU BB 20 -73.19 7.36 -109.59
C LEU BB 20 -73.25 5.85 -109.60
N LYS BB 21 -72.10 5.21 -109.80
CA LYS BB 21 -71.94 3.77 -109.63
C LYS BB 21 -71.45 3.55 -108.20
N VAL BB 22 -72.37 3.15 -107.32
CA VAL BB 22 -72.12 2.94 -105.90
C VAL BB 22 -71.63 1.52 -105.65
N PRO BB 23 -70.58 1.33 -104.86
CA PRO BB 23 -70.05 -0.02 -104.62
C PRO BB 23 -70.96 -0.89 -103.76
N VAL BB 24 -70.93 -2.18 -104.03
CA VAL BB 24 -71.50 -3.19 -103.15
C VAL BB 24 -70.32 -3.76 -102.37
N TYR BB 25 -70.06 -3.15 -101.21
CA TYR BB 25 -68.84 -3.46 -100.49
C TYR BB 25 -68.80 -4.92 -100.08
N SER BB 26 -69.94 -5.44 -99.62
CA SER BB 26 -70.03 -6.84 -99.23
C SER BB 26 -69.53 -7.79 -100.32
N LYS BB 27 -69.83 -7.52 -101.60
CA LYS BB 27 -69.32 -8.45 -102.62
C LYS BB 27 -67.89 -8.11 -103.05
N ASP BB 28 -67.55 -6.83 -103.20
CA ASP BB 28 -66.30 -6.53 -103.90
C ASP BB 28 -65.12 -6.19 -103.00
N TYR BB 29 -65.34 -5.69 -101.80
CA TYR BB 29 -64.24 -5.09 -101.06
C TYR BB 29 -63.93 -5.85 -99.78
N ARG BB 30 -62.72 -5.63 -99.29
CA ARG BB 30 -62.25 -6.03 -97.96
C ARG BB 30 -61.53 -4.85 -97.31
N VAL BB 31 -61.31 -4.94 -96.02
CA VAL BB 31 -60.66 -3.86 -95.29
C VAL BB 31 -59.17 -4.14 -95.21
N THR BB 32 -58.37 -3.20 -95.72
CA THR BB 32 -56.91 -3.23 -95.63
C THR BB 32 -56.40 -2.60 -94.35
N GLN BB 33 -56.94 -1.46 -93.95
CA GLN BB 33 -56.48 -0.78 -92.76
C GLN BB 33 -57.68 -0.29 -91.97
N ASP BB 34 -57.72 -0.62 -90.68
CA ASP BB 34 -58.79 -0.20 -89.78
C ASP BB 34 -58.17 0.64 -88.67
N GLU BB 35 -57.99 1.93 -88.96
CA GLU BB 35 -57.53 2.91 -87.99
C GLU BB 35 -58.67 3.81 -87.57
N PRO BB 36 -58.55 4.49 -86.43
CA PRO BB 36 -59.66 5.34 -85.98
C PRO BB 36 -59.89 6.53 -86.90
N ASP BB 37 -58.86 7.00 -87.59
CA ASP BB 37 -58.96 8.19 -88.41
C ASP BB 37 -58.89 7.89 -89.90
N GLU BB 38 -58.46 6.69 -90.28
CA GLU BB 38 -58.13 6.39 -91.67
C GLU BB 38 -58.45 4.93 -91.92
N VAL BB 39 -59.40 4.66 -92.80
CA VAL BB 39 -59.74 3.30 -93.20
C VAL BB 39 -59.33 3.12 -94.66
N VAL BB 40 -58.75 1.97 -94.96
CA VAL BB 40 -58.35 1.62 -96.31
C VAL BB 40 -59.04 0.32 -96.69
N VAL BB 41 -59.56 0.30 -97.91
CA VAL BB 41 -60.41 -0.74 -98.44
C VAL BB 41 -59.83 -1.12 -99.80
N ALA BB 42 -59.96 -2.40 -100.15
CA ALA BB 42 -59.36 -2.93 -101.37
C ALA BB 42 -60.32 -3.88 -102.06
N ASN BB 43 -60.22 -3.93 -103.39
CA ASN BB 43 -61.07 -4.79 -104.21
C ASN BB 43 -60.41 -6.16 -104.31
N ARG BB 44 -60.99 -7.14 -103.63
CA ARG BB 44 -60.47 -8.50 -103.66
C ARG BB 44 -60.85 -9.27 -104.92
N GLN BB 45 -61.77 -8.74 -105.73
CA GLN BB 45 -62.17 -9.42 -106.97
C GLN BB 45 -61.23 -9.12 -108.13
N GLN BB 46 -60.50 -8.02 -108.09
CA GLN BB 46 -59.56 -7.69 -109.15
C GLN BB 46 -58.51 -8.79 -109.27
N PRO BB 47 -58.00 -9.06 -110.47
CA PRO BB 47 -56.80 -9.91 -110.59
C PRO BB 47 -55.61 -9.29 -109.89
N PHE BB 48 -54.54 -10.07 -109.75
CA PHE BB 48 -53.44 -9.66 -108.87
C PHE BB 48 -52.75 -8.40 -109.36
N GLY BB 49 -52.57 -8.27 -110.67
CA GLY BB 49 -51.91 -7.09 -111.21
C GLY BB 49 -52.66 -5.80 -110.92
N VAL BB 50 -53.98 -5.85 -110.95
CA VAL BB 50 -54.80 -4.64 -110.87
C VAL BB 50 -55.20 -4.40 -109.42
N LYS BB 51 -54.66 -3.35 -108.83
CA LYS BB 51 -54.99 -2.97 -107.47
C LYS BB 51 -56.03 -1.86 -107.53
N ASN BB 52 -57.24 -2.16 -107.04
CA ASN BB 52 -58.33 -1.19 -106.93
C ASN BB 52 -58.59 -0.93 -105.44
N THR BB 53 -58.28 0.28 -104.97
CA THR BB 53 -58.38 0.63 -103.55
C THR BB 53 -59.11 1.94 -103.31
N ALA BB 54 -59.49 2.15 -102.05
CA ALA BB 54 -60.19 3.34 -101.62
C ALA BB 54 -59.80 3.66 -100.19
N ARG BB 55 -59.84 4.94 -99.85
CA ARG BB 55 -59.34 5.41 -98.56
C ARG BB 55 -60.30 6.46 -98.02
N TYR BB 56 -60.67 6.31 -96.74
CA TYR BB 56 -61.66 7.16 -96.12
C TYR BB 56 -61.06 7.70 -94.85
N GLY BB 57 -60.89 9.01 -94.76
CA GLY BB 57 -60.14 9.58 -93.65
C GLY BB 57 -60.79 10.84 -93.12
N ILE BB 58 -60.55 11.10 -91.83
CA ILE BB 58 -61.02 12.32 -91.19
C ILE BB 58 -59.91 12.91 -90.35
N ARG BB 59 -59.60 14.18 -90.60
CA ARG BB 59 -58.78 15.01 -89.74
C ARG BB 59 -59.69 16.01 -89.04
N GLN BB 60 -59.30 16.48 -87.86
CA GLN BB 60 -60.15 17.44 -87.17
C GLN BB 60 -59.55 18.83 -87.31
N ILE BB 61 -60.39 19.78 -87.70
CA ILE BB 61 -59.98 21.14 -88.03
C ILE BB 61 -60.05 21.99 -86.78
N ALA BB 62 -58.93 22.63 -86.45
CA ALA BB 62 -58.83 23.39 -85.21
C ALA BB 62 -59.59 24.71 -85.31
N ASP BB 63 -59.30 25.50 -86.35
CA ASP BB 63 -60.00 26.76 -86.61
C ASP BB 63 -60.50 26.70 -88.05
N VAL BB 64 -61.80 26.54 -88.21
CA VAL BB 64 -62.37 26.46 -89.55
C VAL BB 64 -62.28 27.80 -90.27
N TYR BB 65 -62.02 28.88 -89.52
CA TYR BB 65 -61.90 30.23 -90.06
C TYR BB 65 -60.47 30.61 -90.39
N ARG BB 66 -59.52 29.68 -90.34
CA ARG BB 66 -58.11 30.05 -90.34
C ARG BB 66 -57.73 30.73 -91.66
N ASN BB 67 -58.12 30.15 -92.78
CA ASN BB 67 -57.74 30.67 -94.08
C ASN BB 67 -58.93 31.34 -94.79
N THR BB 68 -59.82 31.95 -94.02
CA THR BB 68 -61.00 32.62 -94.56
C THR BB 68 -60.93 34.12 -94.28
N THR BB 69 -61.78 34.86 -94.98
CA THR BB 69 -61.84 36.31 -94.89
C THR BB 69 -62.92 36.79 -93.92
N ILE BB 70 -63.41 35.90 -93.06
CA ILE BB 70 -64.52 36.23 -92.18
C ILE BB 70 -63.95 36.84 -90.91
N ASP BB 71 -64.32 38.10 -90.64
CA ASP BB 71 -63.83 38.76 -89.45
C ASP BB 71 -64.41 38.09 -88.20
N ARG BB 72 -63.68 38.21 -87.08
CA ARG BB 72 -64.06 37.51 -85.87
C ARG BB 72 -65.46 37.89 -85.41
N ALA BB 73 -65.83 39.16 -85.54
CA ALA BB 73 -67.16 39.62 -85.12
C ALA BB 73 -68.28 38.87 -85.83
N TYR BB 74 -67.97 38.13 -86.90
CA TYR BB 74 -68.99 37.44 -87.68
C TYR BB 74 -68.83 35.92 -87.61
N GLN BB 75 -67.92 35.41 -86.75
CA GLN BB 75 -67.67 33.99 -86.63
C GLN BB 75 -68.60 33.37 -85.60
N SER BB 76 -68.80 32.05 -85.68
CA SER BB 76 -69.59 31.37 -84.68
C SER BB 76 -68.80 31.34 -83.39
N PRO BB 77 -69.43 30.94 -82.28
CA PRO BB 77 -68.65 30.75 -81.06
C PRO BB 77 -67.69 29.58 -81.16
N SER BB 78 -68.02 28.56 -81.96
CA SER BB 78 -67.26 27.32 -82.06
C SER BB 78 -66.47 27.32 -83.35
N LYS BB 79 -65.16 27.16 -83.24
CA LYS BB 79 -64.31 27.12 -84.41
C LYS BB 79 -64.01 25.70 -84.86
N LYS BB 80 -64.55 24.70 -84.16
CA LYS BB 80 -64.29 23.31 -84.47
C LYS BB 80 -64.77 22.95 -85.87
N GLY BB 81 -64.07 22.02 -86.51
CA GLY BB 81 -64.56 21.44 -87.76
C GLY BB 81 -64.02 20.03 -87.93
N THR BB 82 -64.50 19.37 -88.97
CA THR BB 82 -63.91 18.10 -89.40
C THR BB 82 -63.64 18.18 -90.90
N SER BB 83 -62.67 17.37 -91.33
CA SER BB 83 -62.21 17.37 -92.71
C SER BB 83 -62.20 15.92 -93.18
N LEU BB 84 -63.00 15.65 -94.20
CA LEU BB 84 -63.18 14.31 -94.74
C LEU BB 84 -62.42 14.18 -96.04
N VAL BB 85 -61.82 13.03 -96.25
CA VAL BB 85 -61.20 12.69 -97.52
C VAL BB 85 -61.70 11.34 -97.98
N VAL BB 86 -62.01 11.27 -99.27
CA VAL BB 86 -62.45 10.06 -99.94
C VAL BB 86 -61.56 9.92 -101.16
N GLN BB 87 -60.67 8.94 -101.15
CA GLN BB 87 -59.74 8.71 -102.25
C GLN BB 87 -60.03 7.38 -102.92
N VAL BB 88 -59.95 7.35 -104.23
CA VAL BB 88 -60.06 6.12 -104.99
C VAL BB 88 -58.79 5.99 -105.84
N THR BB 89 -58.30 4.76 -105.95
CA THR BB 89 -57.12 4.39 -106.72
C THR BB 89 -57.47 3.21 -107.60
N GLU BB 90 -57.31 3.39 -108.91
CA GLU BB 90 -57.59 2.33 -109.87
C GLU BB 90 -56.35 2.07 -110.70
N THR BB 91 -56.32 0.91 -111.33
CA THR BB 91 -55.24 0.53 -112.24
C THR BB 91 -55.85 0.02 -113.53
N TRP BB 92 -55.64 0.75 -114.61
CA TRP BB 92 -56.18 0.41 -115.92
C TRP BB 92 -55.08 -0.30 -116.70
N THR BB 93 -55.49 -1.20 -117.60
CA THR BB 93 -54.50 -1.91 -118.40
C THR BB 93 -54.73 -1.64 -119.88
N VAL BB 94 -53.63 -1.44 -120.59
CA VAL BB 94 -53.61 -1.26 -122.04
C VAL BB 94 -52.99 -2.50 -122.64
N ALA BB 95 -53.67 -3.09 -123.62
CA ALA BB 95 -53.15 -4.26 -124.32
C ALA BB 95 -53.53 -4.16 -125.79
N SER BB 96 -53.21 -5.19 -126.56
CA SER BB 96 -53.42 -5.18 -127.99
C SER BB 96 -54.19 -6.40 -128.44
N THR BB 97 -54.98 -6.22 -129.50
CA THR BB 97 -55.67 -7.34 -130.14
C THR BB 97 -54.71 -8.22 -130.90
N ASP BB 98 -53.79 -7.61 -131.64
CA ASP BB 98 -52.91 -8.35 -132.53
C ASP BB 98 -51.74 -8.98 -131.77
N ASP BB 99 -51.38 -8.40 -130.63
CA ASP BB 99 -50.14 -8.74 -129.93
C ASP BB 99 -50.46 -9.05 -128.47
N GLU BB 100 -50.26 -10.32 -128.09
CA GLU BB 100 -50.47 -10.71 -126.70
C GLU BB 100 -49.37 -10.20 -125.78
N THR BB 101 -48.19 -9.86 -126.32
CA THR BB 101 -47.08 -9.43 -125.48
C THR BB 101 -47.05 -7.93 -125.26
N TYR BB 102 -47.94 -7.17 -125.87
CA TYR BB 102 -47.93 -5.72 -125.76
C TYR BB 102 -48.93 -5.27 -124.72
N GLY BB 103 -48.44 -4.55 -123.71
CA GLY BB 103 -49.33 -3.94 -122.74
C GLY BB 103 -48.56 -3.18 -121.68
N TYR BB 104 -49.31 -2.41 -120.90
CA TYR BB 104 -48.82 -1.74 -119.71
C TYR BB 104 -49.99 -1.41 -118.78
N SER BB 105 -49.66 -0.88 -117.60
CA SER BB 105 -50.66 -0.50 -116.60
C SER BB 105 -50.56 0.98 -116.29
N LEU BB 106 -51.69 1.67 -116.33
CA LEU BB 106 -51.80 3.08 -116.04
C LEU BB 106 -52.42 3.28 -114.67
N PRO BB 107 -51.83 4.10 -113.82
CA PRO BB 107 -52.42 4.37 -112.51
C PRO BB 107 -53.35 5.58 -112.54
N PHE BB 108 -54.59 5.39 -112.08
CA PHE BB 108 -55.51 6.49 -111.87
C PHE BB 108 -55.72 6.70 -110.38
N SER BB 109 -55.74 7.95 -109.96
CA SER BB 109 -56.10 8.26 -108.59
C SER BB 109 -56.90 9.55 -108.59
N ALA BB 110 -57.79 9.66 -107.61
CA ALA BB 110 -58.54 10.90 -107.45
C ALA BB 110 -59.08 10.93 -106.03
N HIS BB 111 -59.31 12.13 -105.52
CA HIS BB 111 -59.89 12.21 -104.19
C HIS BB 111 -60.72 13.47 -104.04
N VAL BB 112 -61.57 13.43 -103.02
CA VAL BB 112 -62.41 14.54 -102.62
C VAL BB 112 -62.07 14.86 -101.17
N ILE BB 113 -62.05 16.14 -100.86
CA ILE BB 113 -61.87 16.62 -99.49
C ILE BB 113 -63.01 17.58 -99.20
N VAL BB 114 -63.60 17.44 -98.01
CA VAL BB 114 -64.74 18.24 -97.60
C VAL BB 114 -64.46 18.79 -96.21
N ASN BB 115 -64.64 20.08 -96.02
CA ASN BB 115 -64.25 20.75 -94.77
C ASN BB 115 -65.50 21.32 -94.12
N VAL BB 116 -66.12 20.55 -93.23
CA VAL BB 116 -67.43 20.87 -92.67
C VAL BB 116 -67.25 21.46 -91.27
N PRO BB 117 -67.75 22.66 -91.00
CA PRO BB 117 -67.81 23.14 -89.62
C PRO BB 117 -68.80 22.33 -88.81
N GLN BB 118 -68.49 22.14 -87.52
CA GLN BB 118 -69.42 21.43 -86.64
C GLN BB 118 -70.47 22.41 -86.13
N ASP BB 119 -71.53 22.55 -86.91
CA ASP BB 119 -72.70 23.32 -86.51
C ASP BB 119 -73.90 22.42 -86.66
N ALA BB 120 -74.74 22.36 -85.63
CA ALA BB 120 -75.85 21.43 -85.65
C ALA BB 120 -76.77 21.68 -86.84
N LEU BB 121 -76.80 22.93 -87.34
CA LEU BB 121 -77.68 23.32 -88.43
C LEU BB 121 -77.22 22.82 -89.80
N ILE BB 122 -75.94 22.47 -89.95
CA ILE BB 122 -75.49 21.83 -91.18
C ILE BB 122 -76.02 20.40 -91.20
N THR BB 123 -76.83 20.08 -92.21
CA THR BB 123 -77.46 18.77 -92.32
C THR BB 123 -76.77 17.93 -93.38
N GLU BB 124 -77.03 16.62 -93.32
CA GLU BB 124 -76.43 15.74 -94.31
C GLU BB 124 -76.91 16.08 -95.70
N GLU BB 125 -78.17 16.50 -95.83
CA GLU BB 125 -78.68 16.91 -97.13
C GLU BB 125 -78.00 18.18 -97.62
N ILE BB 126 -77.80 19.16 -96.72
CA ILE BB 126 -77.06 20.38 -97.11
C ILE BB 126 -75.71 20.00 -97.67
N LEU BB 127 -75.01 19.08 -96.99
CA LEU BB 127 -73.68 18.70 -97.44
C LEU BB 127 -73.70 17.99 -98.78
N TYR BB 128 -74.64 17.06 -98.98
CA TYR BB 128 -74.72 16.42 -100.30
C TYR BB 128 -75.04 17.42 -101.40
N ASP BB 129 -75.91 18.39 -101.13
CA ASP BB 129 -76.21 19.39 -102.14
C ASP BB 129 -74.97 20.23 -102.45
N ALA BB 130 -74.16 20.51 -101.41
CA ALA BB 130 -72.89 21.18 -101.65
C ALA BB 130 -71.99 20.35 -102.56
N LEU BB 131 -71.91 19.05 -102.31
CA LEU BB 131 -71.11 18.18 -103.18
C LEU BB 131 -71.63 18.21 -104.61
N LYS BB 132 -72.95 18.25 -104.79
CA LYS BB 132 -73.52 18.29 -106.13
C LYS BB 132 -73.12 19.58 -106.83
N ARG BB 133 -73.12 20.70 -106.09
CA ARG BB 133 -72.68 21.98 -106.68
C ARG BB 133 -71.19 21.94 -107.04
N LEU BB 134 -70.38 21.36 -106.15
CA LEU BB 134 -68.96 21.16 -106.41
C LEU BB 134 -68.74 20.42 -107.72
N MET BB 135 -69.32 19.24 -107.86
CA MET BB 135 -69.14 18.47 -109.09
C MET BB 135 -69.74 19.18 -110.29
N GLY BB 136 -70.71 20.07 -110.10
CA GLY BB 136 -71.21 20.82 -111.23
C GLY BB 136 -70.18 21.71 -111.89
N HIS BB 137 -69.09 22.03 -111.20
CA HIS BB 137 -68.05 22.87 -111.78
C HIS BB 137 -67.21 22.14 -112.81
N PHE BB 138 -67.36 20.83 -112.93
CA PHE BB 138 -66.79 20.08 -114.04
C PHE BB 138 -67.57 20.24 -115.33
N TYR BB 139 -68.59 21.10 -115.31
CA TYR BB 139 -69.42 21.36 -116.47
C TYR BB 139 -69.54 22.86 -116.65
N GLU BB 140 -70.13 23.25 -117.78
CA GLU BB 140 -70.51 24.65 -118.02
C GLU BB 140 -71.97 24.66 -118.42
N GLY BB 141 -72.70 25.65 -117.90
CA GLY BB 141 -74.14 25.72 -118.07
C GLY BB 141 -74.57 26.82 -119.02
N ASN BB 142 -75.61 26.51 -119.79
CA ASN BB 142 -76.24 27.42 -120.75
C ASN BB 142 -77.75 27.35 -120.53
N ASP BB 143 -78.34 28.43 -119.99
CA ASP BB 143 -79.78 28.51 -119.80
C ASP BB 143 -80.45 29.39 -120.83
N THR BB 144 -79.70 29.98 -121.76
CA THR BB 144 -80.32 30.81 -122.77
C THR BB 144 -81.11 29.99 -123.77
N THR BB 145 -80.60 28.80 -124.15
CA THR BB 145 -81.28 27.95 -125.10
C THR BB 145 -82.60 27.42 -124.56
N SER BB 146 -83.45 27.02 -125.49
CA SER BB 146 -84.79 26.57 -125.11
C SER BB 146 -84.74 25.38 -124.15
N PRO BB 147 -84.04 24.26 -124.44
CA PRO BB 147 -83.72 23.35 -123.34
C PRO BB 147 -82.41 23.77 -122.69
N THR BB 148 -82.38 23.87 -121.35
CA THR BB 148 -81.12 24.17 -120.68
C THR BB 148 -80.12 23.05 -121.00
N THR BB 149 -78.92 23.43 -121.42
CA THR BB 149 -77.90 22.49 -121.84
C THR BB 149 -76.60 22.74 -121.09
N THR BB 150 -75.79 21.69 -121.03
CA THR BB 150 -74.49 21.72 -120.36
C THR BB 150 -73.45 21.05 -121.23
N SER BB 151 -72.25 21.62 -121.25
CA SER BB 151 -71.12 21.00 -121.94
C SER BB 151 -70.04 20.63 -120.93
N VAL BB 152 -69.32 19.55 -121.21
CA VAL BB 152 -68.32 19.03 -120.29
C VAL BB 152 -67.06 19.89 -120.35
N ARG BB 153 -66.33 19.93 -119.23
CA ARG BB 153 -65.18 20.81 -119.13
C ARG BB 153 -63.92 20.13 -118.61
N LEU BB 154 -63.99 18.83 -118.27
CA LEU BB 154 -62.86 18.17 -117.60
C LEU BB 154 -61.62 18.15 -118.49
N LYS BB 155 -61.78 17.73 -119.74
CA LYS BB 155 -60.63 17.63 -120.64
C LYS BB 155 -60.09 19.02 -120.96
N ASP BB 156 -60.99 19.99 -121.15
CA ASP BB 156 -60.56 21.36 -121.41
C ASP BB 156 -59.67 21.87 -120.28
N MET BB 157 -60.08 21.64 -119.04
CA MET BB 157 -59.26 22.10 -117.91
C MET BB 157 -57.94 21.35 -117.86
N LEU BB 158 -57.97 20.03 -118.03
CA LEU BB 158 -56.73 19.26 -118.06
C LEU BB 158 -55.77 19.83 -119.09
N GLN BB 159 -56.28 20.28 -120.23
CA GLN BB 159 -55.47 20.79 -121.33
C GLN BB 159 -55.18 22.29 -121.22
N GLY BB 160 -55.40 22.90 -120.06
CA GLY BB 160 -54.98 24.27 -119.84
C GLY BB 160 -56.01 25.33 -120.12
N ALA BB 161 -57.22 24.95 -120.51
CA ALA BB 161 -58.31 25.91 -120.71
C ALA BB 161 -59.11 25.98 -119.42
N LEU BB 162 -58.61 26.75 -118.47
CA LEU BB 162 -59.18 26.74 -117.14
C LEU BB 162 -60.31 27.74 -116.97
N VAL BB 163 -60.33 28.81 -117.75
CA VAL BB 163 -61.40 29.79 -117.68
C VAL BB 163 -62.58 29.28 -118.48
N PRO BB 164 -63.80 29.34 -117.93
CA PRO BB 164 -64.97 28.89 -118.68
C PRO BB 164 -65.17 29.65 -119.99
N GLN BB 165 -65.83 28.98 -120.95
CA GLN BB 165 -66.21 29.65 -122.19
C GLN BB 165 -67.04 30.89 -121.93
N SER BB 166 -67.97 30.82 -120.98
CA SER BB 166 -68.88 31.94 -120.73
C SER BB 166 -68.13 33.19 -120.30
N LEU BB 167 -66.96 33.05 -119.71
CA LEU BB 167 -66.20 34.17 -119.14
C LEU BB 167 -65.03 34.60 -120.05
N SER CB 1 95.13 -78.60 -90.59
CA SER CB 1 94.55 -79.37 -89.50
C SER CB 1 94.88 -78.73 -88.17
N LYS CB 2 93.86 -78.58 -87.32
CA LYS CB 2 94.00 -77.96 -86.02
C LYS CB 2 94.19 -79.04 -84.95
N ILE CB 3 95.08 -78.78 -83.99
CA ILE CB 3 95.37 -79.74 -82.93
C ILE CB 3 95.29 -79.05 -81.58
N LEU CB 4 94.61 -79.68 -80.65
CA LEU CB 4 94.52 -79.22 -79.26
C LEU CB 4 95.44 -80.06 -78.38
N SER CB 5 96.16 -79.38 -77.48
CA SER CB 5 96.98 -80.03 -76.47
C SER CB 5 96.55 -79.54 -75.10
N THR CB 6 96.53 -80.47 -74.14
CA THR CB 6 96.28 -80.13 -72.75
C THR CB 6 97.53 -79.73 -71.99
N ASN CB 7 98.71 -79.93 -72.60
CA ASN CB 7 99.98 -79.51 -72.02
C ASN CB 7 100.27 -80.20 -70.68
N ASN CB 8 99.69 -81.37 -70.47
CA ASN CB 8 99.99 -82.15 -69.27
C ASN CB 8 101.07 -83.19 -69.50
N SER CB 9 101.62 -83.25 -70.71
CA SER CB 9 102.63 -84.26 -71.04
C SER CB 9 103.88 -84.13 -70.18
N ASN CB 10 104.17 -82.92 -69.70
CA ASN CB 10 105.38 -82.69 -68.91
C ASN CB 10 105.13 -82.78 -67.41
N SER CB 11 103.89 -83.03 -67.00
CA SER CB 11 103.59 -83.21 -65.59
C SER CB 11 103.88 -84.64 -65.14
N ASN CB 12 104.10 -84.76 -63.84
CA ASN CB 12 104.48 -86.01 -63.18
C ASN CB 12 103.33 -86.48 -62.29
N PHE CB 13 102.70 -87.60 -62.65
CA PHE CB 13 101.58 -88.14 -61.90
C PHE CB 13 101.82 -89.61 -61.52
N VAL CB 14 101.05 -90.09 -60.56
CA VAL CB 14 101.04 -91.49 -60.17
C VAL CB 14 99.63 -92.00 -60.37
N ASP CB 15 99.49 -93.08 -61.11
CA ASP CB 15 98.19 -93.68 -61.23
C ASP CB 15 97.81 -94.28 -59.88
N THR CB 16 96.52 -94.19 -59.55
CA THR CB 16 96.00 -94.88 -58.37
C THR CB 16 94.55 -95.25 -58.63
N SER CB 17 94.11 -96.32 -57.97
CA SER CB 17 92.79 -96.87 -58.24
C SER CB 17 91.73 -96.11 -57.48
N PHE CB 18 90.62 -95.82 -58.15
CA PHE CB 18 89.53 -95.05 -57.57
C PHE CB 18 88.25 -95.63 -58.19
N THR CB 19 87.71 -96.65 -57.55
CA THR CB 19 86.65 -97.45 -58.15
C THR CB 19 85.30 -96.83 -57.84
N LEU CB 20 84.60 -96.40 -58.89
CA LEU CB 20 83.36 -95.67 -58.74
C LEU CB 20 82.19 -96.62 -58.58
N LYS CB 21 81.29 -96.29 -57.65
CA LYS CB 21 80.00 -96.96 -57.51
C LYS CB 21 78.98 -96.11 -58.29
N VAL CB 22 78.67 -96.56 -59.51
CA VAL CB 22 77.77 -95.91 -60.45
C VAL CB 22 76.32 -96.31 -60.18
N PRO CB 23 75.39 -95.37 -60.19
CA PRO CB 23 73.99 -95.69 -59.88
C PRO CB 23 73.32 -96.50 -60.98
N VAL CB 24 72.25 -97.18 -60.58
CA VAL CB 24 71.32 -97.79 -61.52
C VAL CB 24 70.03 -97.01 -61.45
N TYR CB 25 69.94 -95.99 -62.30
CA TYR CB 25 68.91 -94.98 -62.11
C TYR CB 25 67.53 -95.59 -62.25
N SER CB 26 67.36 -96.51 -63.19
CA SER CB 26 66.07 -97.16 -63.40
C SER CB 26 65.59 -97.84 -62.12
N LYS CB 27 66.49 -98.56 -61.42
CA LYS CB 27 66.06 -99.25 -60.21
C LYS CB 27 65.79 -98.27 -59.06
N ASP CB 28 66.68 -97.30 -58.86
CA ASP CB 28 66.69 -96.56 -57.60
C ASP CB 28 66.08 -95.16 -57.62
N TYR CB 29 66.22 -94.44 -58.72
CA TYR CB 29 65.98 -93.00 -58.74
C TYR CB 29 64.74 -92.67 -59.55
N ARG CB 30 64.03 -91.65 -59.10
CA ARG CB 30 62.90 -91.03 -59.79
C ARG CB 30 63.24 -89.56 -59.99
N VAL CB 31 62.46 -88.85 -60.79
CA VAL CB 31 62.79 -87.47 -61.12
C VAL CB 31 61.93 -86.52 -60.29
N THR CB 32 62.57 -85.67 -59.50
CA THR CB 32 61.91 -84.64 -58.70
C THR CB 32 61.71 -83.34 -59.46
N GLN CB 33 62.67 -82.96 -60.31
CA GLN CB 33 62.65 -81.67 -61.01
C GLN CB 33 63.18 -81.86 -62.42
N ASP CB 34 62.43 -81.39 -63.43
CA ASP CB 34 62.89 -81.45 -64.82
C ASP CB 34 62.92 -80.06 -65.46
N GLU CB 35 63.54 -79.09 -64.79
CA GLU CB 35 63.62 -77.81 -65.47
C GLU CB 35 64.69 -77.83 -66.57
N PRO CB 36 64.54 -76.96 -67.57
CA PRO CB 36 65.40 -77.07 -68.77
C PRO CB 36 66.88 -77.03 -68.48
N ASP CB 37 67.31 -76.28 -67.47
CA ASP CB 37 68.71 -76.21 -67.11
C ASP CB 37 69.06 -76.94 -65.82
N GLU CB 38 68.09 -77.54 -65.14
CA GLU CB 38 68.38 -78.11 -63.81
C GLU CB 38 67.45 -79.30 -63.57
N VAL CB 39 68.04 -80.46 -63.36
CA VAL CB 39 67.29 -81.68 -63.08
C VAL CB 39 67.65 -82.15 -61.69
N VAL CB 40 66.64 -82.64 -60.97
CA VAL CB 40 66.81 -83.21 -59.64
C VAL CB 40 66.18 -84.58 -59.62
N VAL CB 41 66.88 -85.51 -58.97
CA VAL CB 41 66.64 -86.93 -59.01
C VAL CB 41 66.69 -87.44 -57.57
N ALA CB 42 65.65 -88.16 -57.15
CA ALA CB 42 65.53 -88.62 -55.78
C ALA CB 42 65.66 -90.14 -55.70
N ASN CB 43 66.20 -90.60 -54.58
CA ASN CB 43 66.43 -92.01 -54.34
C ASN CB 43 65.18 -92.59 -53.70
N ARG CB 44 64.42 -93.37 -54.47
CA ARG CB 44 63.18 -93.96 -54.00
C ARG CB 44 63.41 -95.02 -52.93
N GLN CB 45 64.63 -95.55 -52.81
CA GLN CB 45 64.92 -96.63 -51.88
C GLN CB 45 64.99 -96.16 -50.42
N GLN CB 46 64.94 -94.86 -50.17
CA GLN CB 46 65.19 -94.46 -48.80
C GLN CB 46 63.90 -94.34 -48.01
N PRO CB 47 63.97 -94.52 -46.68
CA PRO CB 47 62.82 -94.19 -45.82
C PRO CB 47 62.59 -92.70 -45.76
N PHE CB 48 61.51 -92.25 -45.10
CA PHE CB 48 61.15 -90.84 -45.18
C PHE CB 48 62.18 -89.93 -44.53
N GLY CB 49 62.72 -90.34 -43.39
CA GLY CB 49 63.74 -89.52 -42.76
C GLY CB 49 64.92 -89.25 -43.67
N VAL CB 50 65.40 -90.29 -44.33
CA VAL CB 50 66.65 -90.23 -45.08
C VAL CB 50 66.39 -89.62 -46.45
N LYS CB 51 67.06 -88.51 -46.75
CA LYS CB 51 66.97 -87.87 -48.06
C LYS CB 51 68.24 -88.16 -48.84
N ASN CB 52 68.07 -88.71 -50.04
CA ASN CB 52 69.18 -89.06 -50.94
C ASN CB 52 68.83 -88.53 -52.31
N THR CB 53 69.48 -87.45 -52.75
CA THR CB 53 69.15 -86.81 -54.02
C THR CB 53 70.41 -86.44 -54.79
N ALA CB 54 70.21 -86.21 -56.09
CA ALA CB 54 71.25 -85.76 -56.99
C ALA CB 54 70.70 -84.64 -57.86
N ARG CB 55 71.57 -83.71 -58.22
CA ARG CB 55 71.19 -82.51 -58.94
C ARG CB 55 72.18 -82.31 -60.07
N TYR CB 56 71.66 -82.11 -61.28
CA TYR CB 56 72.46 -82.03 -62.49
C TYR CB 56 72.06 -80.74 -63.19
N GLY CB 57 72.98 -79.80 -63.33
CA GLY CB 57 72.64 -78.50 -63.86
C GLY CB 57 73.70 -77.96 -64.78
N ILE CB 58 73.27 -77.13 -65.73
CA ILE CB 58 74.19 -76.41 -66.61
C ILE CB 58 73.83 -74.94 -66.61
N ARG CB 59 74.86 -74.10 -66.65
CA ARG CB 59 74.78 -72.66 -66.80
C ARG CB 59 75.65 -72.26 -67.98
N GLN CB 60 75.27 -71.20 -68.69
CA GLN CB 60 76.10 -70.72 -69.79
C GLN CB 60 77.06 -69.65 -69.30
N ILE CB 61 78.31 -69.74 -69.72
CA ILE CB 61 79.36 -68.81 -69.33
C ILE CB 61 79.49 -67.77 -70.42
N ALA CB 62 79.22 -66.51 -70.06
CA ALA CB 62 79.25 -65.43 -71.04
C ALA CB 62 80.64 -65.29 -71.64
N ASP CB 63 81.63 -64.99 -70.82
CA ASP CB 63 83.02 -64.82 -71.26
C ASP CB 63 83.86 -65.84 -70.52
N VAL CB 64 84.36 -66.85 -71.23
CA VAL CB 64 85.16 -67.89 -70.59
C VAL CB 64 86.51 -67.35 -70.13
N TYR CB 65 86.94 -66.21 -70.68
CA TYR CB 65 88.19 -65.57 -70.31
C TYR CB 65 88.00 -64.51 -69.22
N ARG CB 66 86.79 -64.36 -68.68
CA ARG CB 66 86.45 -63.19 -67.87
C ARG CB 66 87.37 -63.04 -66.67
N ASN CB 67 87.71 -64.15 -66.01
CA ASN CB 67 88.55 -64.10 -64.82
C ASN CB 67 89.95 -64.65 -65.05
N THR CB 68 90.27 -65.05 -66.28
CA THR CB 68 91.61 -65.54 -66.60
C THR CB 68 92.46 -64.39 -67.12
N THR CB 69 93.77 -64.66 -67.22
CA THR CB 69 94.73 -63.65 -67.63
C THR CB 69 95.36 -63.95 -68.98
N ILE CB 70 94.67 -64.75 -69.80
CA ILE CB 70 95.14 -65.04 -71.16
C ILE CB 70 95.08 -63.77 -71.99
N ASP CB 71 96.18 -63.47 -72.69
CA ASP CB 71 96.21 -62.23 -73.45
C ASP CB 71 95.15 -62.26 -74.54
N ARG CB 72 94.59 -61.08 -74.83
CA ARG CB 72 93.55 -60.94 -75.84
C ARG CB 72 94.00 -61.58 -77.16
N ALA CB 73 95.27 -61.37 -77.52
CA ALA CB 73 95.80 -61.86 -78.79
C ALA CB 73 95.74 -63.38 -78.90
N TYR CB 74 95.56 -64.08 -77.78
CA TYR CB 74 95.51 -65.53 -77.79
C TYR CB 74 94.15 -66.07 -77.36
N GLN CB 75 93.11 -65.24 -77.37
CA GLN CB 75 91.78 -65.71 -77.02
C GLN CB 75 91.06 -66.25 -78.26
N SER CB 76 90.28 -67.30 -78.06
CA SER CB 76 89.46 -67.83 -79.13
C SER CB 76 88.47 -66.78 -79.59
N PRO CB 77 88.02 -66.84 -80.84
CA PRO CB 77 86.90 -65.99 -81.25
C PRO CB 77 85.64 -66.29 -80.47
N SER CB 78 85.34 -67.57 -80.26
CA SER CB 78 84.17 -68.01 -79.50
C SER CB 78 84.53 -68.01 -78.02
N LYS CB 79 83.95 -67.09 -77.27
CA LYS CB 79 84.27 -66.90 -75.87
C LYS CB 79 83.22 -67.51 -74.95
N LYS CB 80 82.27 -68.26 -75.48
CA LYS CB 80 81.21 -68.84 -74.67
C LYS CB 80 81.71 -70.12 -74.04
N GLY CB 81 81.17 -70.44 -72.85
CA GLY CB 81 81.48 -71.68 -72.19
C GLY CB 81 80.23 -72.32 -71.62
N THR CB 82 80.39 -73.54 -71.13
CA THR CB 82 79.36 -74.25 -70.38
C THR CB 82 79.90 -74.62 -69.02
N SER CB 83 79.07 -74.43 -67.99
CA SER CB 83 79.40 -74.77 -66.62
C SER CB 83 78.44 -75.87 -66.18
N LEU CB 84 78.98 -77.04 -65.86
CA LEU CB 84 78.21 -78.18 -65.41
C LEU CB 84 78.37 -78.35 -63.91
N VAL CB 85 77.30 -78.76 -63.24
CA VAL CB 85 77.32 -79.07 -61.83
C VAL CB 85 76.64 -80.41 -61.60
N VAL CB 86 77.27 -81.20 -60.75
CA VAL CB 86 76.77 -82.51 -60.33
C VAL CB 86 76.86 -82.51 -58.81
N GLN CB 87 75.71 -82.47 -58.14
CA GLN CB 87 75.63 -82.49 -56.69
C GLN CB 87 74.97 -83.78 -56.21
N VAL CB 88 75.53 -84.36 -55.15
CA VAL CB 88 74.90 -85.48 -54.47
C VAL CB 88 74.68 -85.08 -53.03
N THR CB 89 73.51 -85.42 -52.51
CA THR CB 89 73.07 -85.12 -51.16
C THR CB 89 72.65 -86.43 -50.50
N GLU CB 90 73.26 -86.74 -49.36
CA GLU CB 90 72.99 -87.97 -48.64
C GLU CB 90 72.63 -87.64 -47.20
N THR CB 91 71.91 -88.55 -46.57
CA THR CB 91 71.55 -88.44 -45.17
C THR CB 91 72.07 -89.68 -44.45
N TRP CB 92 73.03 -89.48 -43.55
CA TRP CB 92 73.63 -90.55 -42.79
C TRP CB 92 72.96 -90.62 -41.43
N THR CB 93 72.98 -91.79 -40.81
CA THR CB 93 72.37 -91.96 -39.49
C THR CB 93 73.35 -92.59 -38.52
N VAL CB 94 73.26 -92.16 -37.28
CA VAL CB 94 74.08 -92.69 -36.19
C VAL CB 94 73.15 -93.33 -35.19
N ALA CB 95 73.45 -94.58 -34.81
CA ALA CB 95 72.66 -95.30 -33.82
C ALA CB 95 73.59 -96.10 -32.95
N SER CB 96 73.00 -96.86 -32.02
CA SER CB 96 73.73 -97.70 -31.09
C SER CB 96 73.25 -99.14 -31.17
N THR CB 97 74.22 -100.07 -31.16
CA THR CB 97 73.90 -101.48 -31.02
C THR CB 97 73.15 -101.75 -29.74
N ASP CB 98 73.62 -101.14 -28.64
CA ASP CB 98 73.10 -101.44 -27.31
C ASP CB 98 71.76 -100.75 -27.06
N ASP CB 99 71.59 -99.53 -27.56
CA ASP CB 99 70.42 -98.70 -27.26
C ASP CB 99 69.69 -98.41 -28.55
N GLU CB 100 68.50 -98.99 -28.69
CA GLU CB 100 67.72 -98.84 -29.91
C GLU CB 100 67.06 -97.48 -30.00
N THR CB 101 67.18 -96.65 -28.98
CA THR CB 101 66.59 -95.32 -28.96
C THR CB 101 67.58 -94.23 -29.30
N TYR CB 102 68.86 -94.53 -29.28
CA TYR CB 102 69.90 -93.55 -29.56
C TYR CB 102 70.05 -93.44 -31.07
N GLY CB 103 69.91 -92.22 -31.58
CA GLY CB 103 70.09 -91.97 -33.00
C GLY CB 103 70.01 -90.51 -33.34
N TYR CB 104 70.67 -90.16 -34.43
CA TYR CB 104 70.49 -88.84 -35.05
C TYR CB 104 70.88 -88.92 -36.52
N SER CB 105 70.52 -87.88 -37.26
CA SER CB 105 70.79 -87.81 -38.69
C SER CB 105 71.79 -86.70 -39.01
N LEU CB 106 72.76 -87.01 -39.87
CA LEU CB 106 73.79 -86.10 -40.33
C LEU CB 106 73.59 -85.83 -41.81
N PRO CB 107 73.65 -84.58 -42.24
CA PRO CB 107 73.54 -84.28 -43.67
C PRO CB 107 74.90 -84.19 -44.36
N PHE CB 108 75.07 -84.91 -45.46
CA PHE CB 108 76.27 -84.82 -46.28
C PHE CB 108 75.90 -84.29 -47.64
N SER CB 109 76.76 -83.45 -48.20
CA SER CB 109 76.57 -83.03 -49.58
C SER CB 109 77.93 -82.79 -50.17
N ALA CB 110 78.00 -82.95 -51.49
CA ALA CB 110 79.23 -82.63 -52.19
C ALA CB 110 78.87 -82.48 -53.66
N HIS CB 111 79.60 -81.60 -54.33
CA HIS CB 111 79.33 -81.41 -55.74
C HIS CB 111 80.63 -81.19 -56.51
N VAL CB 112 80.49 -81.32 -57.82
CA VAL CB 112 81.56 -81.12 -58.77
C VAL CB 112 81.07 -80.10 -59.79
N ILE CB 113 81.95 -79.18 -60.14
CA ILE CB 113 81.65 -78.17 -61.15
C ILE CB 113 82.75 -78.25 -62.20
N VAL CB 114 82.35 -78.19 -63.47
CA VAL CB 114 83.24 -78.33 -64.61
C VAL CB 114 82.95 -77.20 -65.57
N ASN CB 115 83.96 -76.41 -65.90
CA ASN CB 115 83.80 -75.20 -66.72
C ASN CB 115 84.58 -75.43 -68.02
N VAL CB 116 83.84 -75.75 -69.08
CA VAL CB 116 84.38 -76.23 -70.35
C VAL CB 116 84.12 -75.15 -71.40
N PRO CB 117 85.15 -74.62 -72.07
CA PRO CB 117 84.91 -73.73 -73.21
C PRO CB 117 84.21 -74.47 -74.35
N GLN CB 118 83.39 -73.73 -75.10
CA GLN CB 118 82.69 -74.30 -76.25
C GLN CB 118 83.64 -74.27 -77.45
N ASP CB 119 84.36 -75.38 -77.63
CA ASP CB 119 85.31 -75.53 -78.73
C ASP CB 119 85.21 -76.93 -79.29
N ALA CB 120 85.20 -77.03 -80.61
CA ALA CB 120 84.99 -78.32 -81.26
C ALA CB 120 86.06 -79.35 -80.87
N LEU CB 121 87.28 -78.90 -80.55
CA LEU CB 121 88.37 -79.83 -80.32
C LEU CB 121 88.32 -80.49 -78.95
N ILE CB 122 87.59 -79.92 -77.99
CA ILE CB 122 87.48 -80.55 -76.69
C ILE CB 122 86.54 -81.75 -76.80
N THR CB 123 87.00 -82.91 -76.36
CA THR CB 123 86.24 -84.14 -76.50
C THR CB 123 85.88 -84.73 -75.15
N GLU CB 124 84.92 -85.67 -75.19
CA GLU CB 124 84.41 -86.23 -73.95
C GLU CB 124 85.52 -86.95 -73.20
N GLU CB 125 86.41 -87.64 -73.93
CA GLU CB 125 87.53 -88.30 -73.27
C GLU CB 125 88.46 -87.28 -72.63
N ILE CB 126 88.75 -86.18 -73.34
CA ILE CB 126 89.60 -85.14 -72.76
C ILE CB 126 89.03 -84.68 -71.43
N LEU CB 127 87.71 -84.50 -71.38
CA LEU CB 127 87.09 -84.00 -70.16
C LEU CB 127 87.10 -85.04 -69.04
N TYR CB 128 86.84 -86.30 -69.36
CA TYR CB 128 86.95 -87.31 -68.31
C TYR CB 128 88.36 -87.39 -67.75
N ASP CB 129 89.38 -87.34 -68.63
CA ASP CB 129 90.76 -87.36 -68.12
C ASP CB 129 91.08 -86.11 -67.31
N ALA CB 130 90.45 -84.98 -67.67
CA ALA CB 130 90.55 -83.81 -66.80
C ALA CB 130 89.97 -84.10 -65.43
N LEU CB 131 88.79 -84.72 -65.38
CA LEU CB 131 88.19 -85.07 -64.09
C LEU CB 131 89.09 -85.99 -63.29
N LYS CB 132 89.79 -86.90 -63.98
CA LYS CB 132 90.69 -87.82 -63.29
C LYS CB 132 91.88 -87.07 -62.70
N ARG CB 133 92.44 -86.12 -63.45
CA ARG CB 133 93.49 -85.26 -62.91
C ARG CB 133 93.00 -84.48 -61.71
N LEU CB 134 91.77 -83.94 -61.80
CA LEU CB 134 91.16 -83.17 -60.73
C LEU CB 134 91.05 -83.99 -59.45
N MET CB 135 90.33 -85.11 -59.51
CA MET CB 135 90.18 -85.95 -58.34
C MET CB 135 91.52 -86.49 -57.85
N GLY CB 136 92.53 -86.54 -58.71
CA GLY CB 136 93.83 -86.98 -58.22
C GLY CB 136 94.46 -86.06 -57.21
N HIS CB 137 94.01 -84.82 -57.12
CA HIS CB 137 94.54 -83.87 -56.14
C HIS CB 137 94.08 -84.16 -54.73
N PHE CB 138 93.21 -85.15 -54.54
CA PHE CB 138 92.90 -85.61 -53.19
C PHE CB 138 93.94 -86.57 -52.65
N TYR CB 139 95.02 -86.79 -53.39
CA TYR CB 139 96.08 -87.70 -52.99
C TYR CB 139 97.42 -87.00 -53.23
N GLU CB 140 98.49 -87.59 -52.70
CA GLU CB 140 99.85 -87.14 -52.97
C GLU CB 140 100.64 -88.28 -53.57
N GLY CB 141 101.37 -87.97 -54.64
CA GLY CB 141 102.13 -88.97 -55.36
C GLY CB 141 103.58 -89.00 -54.92
N ASN CB 142 104.15 -90.21 -54.93
CA ASN CB 142 105.50 -90.50 -54.47
C ASN CB 142 106.20 -91.37 -55.52
N ASP CB 143 107.03 -90.72 -56.34
CA ASP CB 143 107.93 -91.36 -57.30
C ASP CB 143 109.26 -91.76 -56.67
N THR CB 144 109.57 -91.29 -55.45
CA THR CB 144 110.81 -91.69 -54.77
C THR CB 144 110.85 -93.18 -54.56
N THR CB 145 109.73 -93.78 -54.14
CA THR CB 145 109.68 -95.22 -53.95
C THR CB 145 109.98 -95.94 -55.25
N SER CB 146 110.53 -97.15 -55.11
CA SER CB 146 110.76 -97.98 -56.28
C SER CB 146 109.46 -98.36 -56.99
N PRO CB 147 108.41 -98.94 -56.31
CA PRO CB 147 107.08 -98.95 -56.94
C PRO CB 147 106.36 -97.65 -56.57
N THR CB 148 105.82 -96.90 -57.53
CA THR CB 148 105.34 -95.55 -57.21
C THR CB 148 104.09 -95.66 -56.36
N THR CB 149 103.99 -94.85 -55.30
CA THR CB 149 102.90 -94.99 -54.32
C THR CB 149 102.22 -93.66 -54.06
N THR CB 150 101.04 -93.73 -53.44
CA THR CB 150 100.23 -92.56 -53.18
C THR CB 150 99.69 -92.61 -51.76
N SER CB 151 99.46 -91.43 -51.19
CA SER CB 151 98.92 -91.29 -49.85
C SER CB 151 97.76 -90.31 -49.84
N VAL CB 152 96.90 -90.45 -48.84
CA VAL CB 152 95.62 -89.75 -48.83
C VAL CB 152 95.80 -88.42 -48.08
N ARG CB 153 95.12 -87.38 -48.55
CA ARG CB 153 95.22 -86.06 -47.92
C ARG CB 153 93.86 -85.39 -47.69
N LEU CB 154 92.76 -86.13 -47.80
CA LEU CB 154 91.45 -85.51 -47.60
C LEU CB 154 91.26 -85.06 -46.16
N LYS CB 155 91.62 -85.92 -45.20
CA LYS CB 155 91.51 -85.53 -43.80
C LYS CB 155 92.44 -84.37 -43.49
N ASP CB 156 93.70 -84.47 -43.91
CA ASP CB 156 94.64 -83.39 -43.68
C ASP CB 156 94.09 -82.05 -44.17
N MET CB 157 93.54 -82.03 -45.39
CA MET CB 157 92.98 -80.78 -45.91
C MET CB 157 91.82 -80.31 -45.06
N LEU CB 158 90.87 -81.20 -44.76
CA LEU CB 158 89.74 -80.83 -43.92
C LEU CB 158 90.19 -80.24 -42.59
N GLN CB 159 91.33 -80.69 -42.06
CA GLN CB 159 91.79 -80.19 -40.77
C GLN CB 159 92.58 -78.88 -40.88
N GLY CB 160 92.77 -78.33 -42.08
CA GLY CB 160 93.39 -77.03 -42.25
C GLY CB 160 94.77 -77.07 -42.86
N ALA CB 161 95.31 -78.26 -43.10
CA ALA CB 161 96.62 -78.46 -43.70
C ALA CB 161 96.45 -78.57 -45.20
N LEU CB 162 96.41 -77.41 -45.85
CA LEU CB 162 96.05 -77.38 -47.26
C LEU CB 162 97.26 -77.50 -48.17
N VAL CB 163 98.46 -77.22 -47.67
CA VAL CB 163 99.66 -77.44 -48.47
C VAL CB 163 99.96 -78.93 -48.46
N PRO CB 164 100.32 -79.51 -49.60
CA PRO CB 164 100.71 -80.92 -49.62
C PRO CB 164 101.92 -81.18 -48.73
N GLN CB 165 102.06 -82.44 -48.32
CA GLN CB 165 103.20 -82.82 -47.49
C GLN CB 165 104.49 -82.84 -48.31
N SER CB 166 104.37 -83.03 -49.63
CA SER CB 166 105.51 -83.05 -50.53
C SER CB 166 106.21 -81.70 -50.65
N LEU CB 167 105.58 -80.61 -50.18
CA LEU CB 167 106.18 -79.28 -50.26
C LEU CB 167 106.48 -78.73 -48.85
N SER DB 1 62.08 -103.28 -32.34
CA SER DB 1 62.29 -102.41 -31.18
C SER DB 1 61.45 -101.15 -31.36
N LYS DB 2 61.83 -100.26 -32.28
CA LYS DB 2 61.02 -99.08 -32.51
C LYS DB 2 59.76 -99.45 -33.30
N ILE DB 3 58.62 -99.03 -32.77
CA ILE DB 3 57.33 -99.36 -33.35
C ILE DB 3 56.49 -98.10 -33.40
N LEU DB 4 55.89 -97.86 -34.56
CA LEU DB 4 54.86 -96.84 -34.71
C LEU DB 4 53.49 -97.52 -34.69
N SER DB 5 52.60 -97.02 -33.84
CA SER DB 5 51.20 -97.45 -33.85
C SER DB 5 50.33 -96.29 -34.30
N THR DB 6 49.35 -96.61 -35.11
CA THR DB 6 48.32 -95.65 -35.49
C THR DB 6 47.22 -95.54 -34.46
N ASN DB 7 47.30 -96.31 -33.37
CA ASN DB 7 46.32 -96.25 -32.27
C ASN DB 7 44.89 -96.48 -32.75
N ASN DB 8 44.73 -97.22 -33.84
CA ASN DB 8 43.40 -97.60 -34.29
C ASN DB 8 43.02 -99.00 -33.81
N SER DB 9 43.87 -99.61 -32.97
CA SER DB 9 43.63 -100.98 -32.53
C SER DB 9 42.36 -101.12 -31.71
N ASN DB 10 41.90 -100.04 -31.07
CA ASN DB 10 40.67 -100.10 -30.29
C ASN DB 10 39.48 -99.42 -30.97
N SER DB 11 39.64 -98.96 -32.21
CA SER DB 11 38.51 -98.48 -32.97
C SER DB 11 37.77 -99.68 -33.59
N ASN DB 12 36.46 -99.51 -33.78
CA ASN DB 12 35.62 -100.56 -34.36
C ASN DB 12 35.26 -100.21 -35.79
N PHE DB 13 35.66 -101.05 -36.73
CA PHE DB 13 35.40 -100.80 -38.14
C PHE DB 13 34.65 -101.97 -38.77
N VAL DB 14 34.22 -101.71 -39.99
CA VAL DB 14 33.55 -102.67 -40.86
C VAL DB 14 34.12 -102.49 -42.26
N ASP DB 15 34.49 -103.60 -42.91
CA ASP DB 15 35.07 -103.48 -44.23
C ASP DB 15 33.99 -103.30 -45.29
N THR DB 16 34.33 -102.56 -46.34
CA THR DB 16 33.48 -102.49 -47.51
C THR DB 16 34.35 -102.31 -48.75
N SER DB 17 33.82 -102.77 -49.89
CA SER DB 17 34.59 -102.77 -51.14
C SER DB 17 34.46 -101.42 -51.82
N PHE DB 18 35.58 -100.93 -52.36
CA PHE DB 18 35.63 -99.62 -53.00
C PHE DB 18 36.65 -99.78 -54.14
N THR DB 19 36.15 -100.18 -55.30
CA THR DB 19 37.03 -100.60 -56.38
C THR DB 19 37.45 -99.38 -57.20
N LEU DB 20 38.76 -99.12 -57.19
CA LEU DB 20 39.29 -97.92 -57.82
C LEU DB 20 39.50 -98.13 -59.30
N LYS DB 21 39.23 -97.09 -60.08
CA LYS DB 21 39.56 -97.05 -61.50
C LYS DB 21 40.85 -96.24 -61.65
N VAL DB 22 41.97 -96.95 -61.72
CA VAL DB 22 43.32 -96.41 -61.83
C VAL DB 22 43.63 -96.06 -63.28
N PRO DB 23 44.20 -94.90 -63.57
CA PRO DB 23 44.42 -94.54 -64.98
C PRO DB 23 45.59 -95.24 -65.64
N VAL DB 24 45.42 -95.50 -66.94
CA VAL DB 24 46.52 -95.94 -67.80
C VAL DB 24 47.12 -94.67 -68.38
N TYR DB 25 48.06 -94.09 -67.63
CA TYR DB 25 48.53 -92.75 -67.96
C TYR DB 25 49.18 -92.74 -69.34
N SER DB 26 49.90 -93.80 -69.67
CA SER DB 26 50.52 -93.91 -70.99
C SER DB 26 49.50 -93.73 -72.12
N LYS DB 27 48.30 -94.33 -72.03
CA LYS DB 27 47.34 -94.10 -73.11
C LYS DB 27 46.68 -92.72 -73.01
N ASP DB 28 46.22 -92.34 -71.82
CA ASP DB 28 45.24 -91.27 -71.78
C ASP DB 28 45.82 -89.88 -71.48
N TYR DB 29 46.91 -89.78 -70.75
CA TYR DB 29 47.27 -88.51 -70.15
C TYR DB 29 48.59 -87.98 -70.69
N ARG DB 30 48.66 -86.65 -70.79
CA ARG DB 30 49.86 -85.96 -71.26
C ARG DB 30 50.12 -84.78 -70.32
N VAL DB 31 51.34 -84.26 -70.31
CA VAL DB 31 51.72 -83.27 -69.31
C VAL DB 31 51.50 -81.85 -69.84
N THR DB 32 50.63 -81.11 -69.13
CA THR DB 32 50.40 -79.68 -69.33
C THR DB 32 51.34 -78.81 -68.52
N GLN DB 33 51.66 -79.21 -67.29
CA GLN DB 33 52.54 -78.42 -66.43
C GLN DB 33 53.50 -79.36 -65.70
N ASP DB 34 54.81 -79.08 -65.81
CA ASP DB 34 55.84 -79.85 -65.14
C ASP DB 34 56.70 -78.95 -64.25
N GLU DB 35 56.06 -78.17 -63.38
CA GLU DB 35 56.95 -77.41 -62.51
C GLU DB 35 57.24 -78.21 -61.25
N PRO DB 36 58.34 -77.91 -60.55
CA PRO DB 36 58.93 -78.88 -59.61
C PRO DB 36 57.99 -79.42 -58.55
N ASP DB 37 57.10 -78.57 -58.04
CA ASP DB 37 56.17 -78.91 -56.97
C ASP DB 37 54.72 -79.00 -57.45
N GLU DB 38 54.45 -78.81 -58.74
CA GLU DB 38 53.08 -78.85 -59.23
C GLU DB 38 53.10 -79.41 -60.64
N VAL DB 39 52.39 -80.51 -60.85
CA VAL DB 39 52.27 -81.13 -62.15
C VAL DB 39 50.81 -81.18 -62.53
N VAL DB 40 50.51 -80.71 -63.73
CA VAL DB 40 49.18 -80.78 -64.30
C VAL DB 40 49.23 -81.69 -65.52
N VAL DB 41 48.20 -82.50 -65.64
CA VAL DB 41 48.13 -83.58 -66.61
C VAL DB 41 46.74 -83.56 -67.22
N ALA DB 42 46.68 -83.62 -68.55
CA ALA DB 42 45.42 -83.53 -69.28
C ALA DB 42 45.08 -84.85 -69.94
N ASN DB 43 43.78 -85.08 -70.10
CA ASN DB 43 43.25 -86.32 -70.67
C ASN DB 43 43.15 -86.15 -72.17
N ARG DB 44 43.99 -86.90 -72.90
CA ARG DB 44 44.02 -86.85 -74.35
C ARG DB 44 42.70 -87.29 -74.98
N GLN DB 45 41.96 -88.16 -74.30
CA GLN DB 45 40.83 -88.85 -74.93
C GLN DB 45 39.58 -87.99 -75.06
N GLN DB 46 39.48 -86.88 -74.34
CA GLN DB 46 38.27 -86.09 -74.40
C GLN DB 46 38.22 -85.28 -75.70
N PRO DB 47 37.01 -84.97 -76.20
CA PRO DB 47 36.89 -84.04 -77.32
C PRO DB 47 37.18 -82.61 -76.88
N PHE DB 48 37.18 -81.64 -77.82
CA PHE DB 48 37.70 -80.33 -77.48
C PHE DB 48 36.85 -79.61 -76.46
N GLY DB 49 35.54 -79.86 -76.45
CA GLY DB 49 34.69 -79.24 -75.46
C GLY DB 49 35.01 -79.70 -74.05
N VAL DB 50 35.18 -81.01 -73.87
CA VAL DB 50 35.30 -81.59 -72.55
C VAL DB 50 36.73 -81.43 -72.05
N LYS DB 51 36.87 -80.93 -70.83
CA LYS DB 51 38.17 -80.74 -70.19
C LYS DB 51 38.28 -81.71 -69.02
N ASN DB 52 39.34 -82.52 -69.03
CA ASN DB 52 39.58 -83.57 -68.02
C ASN DB 52 41.04 -83.47 -67.61
N THR DB 53 41.30 -83.04 -66.38
CA THR DB 53 42.67 -82.84 -65.91
C THR DB 53 42.86 -83.43 -64.51
N ALA DB 54 44.13 -83.61 -64.16
CA ALA DB 54 44.54 -84.06 -62.85
C ALA DB 54 45.75 -83.24 -62.45
N ARG DB 55 45.82 -82.91 -61.16
CA ARG DB 55 46.86 -82.02 -60.64
C ARG DB 55 47.48 -82.69 -59.42
N TYR DB 56 48.81 -82.70 -59.38
CA TYR DB 56 49.56 -83.39 -58.33
C TYR DB 56 50.54 -82.37 -57.77
N GLY DB 57 50.46 -82.09 -56.49
CA GLY DB 57 51.29 -81.05 -55.91
C GLY DB 57 51.72 -81.37 -54.50
N ILE DB 58 52.91 -80.90 -54.14
CA ILE DB 58 53.37 -81.00 -52.76
C ILE DB 58 53.78 -79.62 -52.27
N ARG DB 59 53.62 -79.43 -50.96
CA ARG DB 59 54.05 -78.24 -50.23
C ARG DB 59 54.81 -78.71 -49.01
N GLN DB 60 55.86 -77.98 -48.63
CA GLN DB 60 56.60 -78.34 -47.45
C GLN DB 60 55.94 -77.73 -46.22
N ILE DB 61 55.78 -78.52 -45.17
CA ILE DB 61 55.11 -78.12 -43.94
C ILE DB 61 56.19 -77.72 -42.95
N ALA DB 62 56.08 -76.50 -42.43
CA ALA DB 62 57.13 -75.95 -41.59
C ALA DB 62 57.15 -76.63 -40.23
N ASP DB 63 56.00 -76.64 -39.54
CA ASP DB 63 55.84 -77.26 -38.24
C ASP DB 63 54.55 -78.06 -38.29
N VAL DB 64 54.66 -79.39 -38.32
CA VAL DB 64 53.47 -80.22 -38.40
C VAL DB 64 52.69 -80.19 -37.09
N TYR DB 65 53.29 -79.68 -36.01
CA TYR DB 65 52.68 -79.60 -34.70
C TYR DB 65 51.95 -78.27 -34.45
N ARG DB 66 51.93 -77.37 -35.43
CA ARG DB 66 51.59 -75.98 -35.14
C ARG DB 66 50.08 -75.76 -34.98
N ASN DB 67 49.28 -76.23 -35.93
CA ASN DB 67 47.85 -76.01 -35.75
C ASN DB 67 47.22 -77.03 -34.80
N THR DB 68 47.94 -78.07 -34.42
CA THR DB 68 47.37 -79.22 -33.74
C THR DB 68 47.25 -78.99 -32.24
N THR DB 69 46.46 -79.84 -31.59
CA THR DB 69 46.46 -79.93 -30.13
C THR DB 69 47.61 -80.79 -29.62
N ILE DB 70 48.18 -81.61 -30.50
CA ILE DB 70 49.42 -82.30 -30.19
C ILE DB 70 50.56 -81.28 -30.18
N ASP DB 71 51.54 -81.52 -29.34
CA ASP DB 71 52.80 -80.80 -29.43
C ASP DB 71 53.95 -81.77 -29.22
N ARG DB 72 55.13 -81.29 -29.58
CA ARG DB 72 56.27 -82.16 -29.86
C ARG DB 72 56.94 -82.60 -28.56
N ALA DB 73 57.05 -83.91 -28.36
CA ALA DB 73 57.81 -84.45 -27.23
C ALA DB 73 59.31 -84.31 -27.52
N TYR DB 74 60.12 -84.45 -26.47
CA TYR DB 74 61.49 -83.97 -26.56
C TYR DB 74 62.34 -84.80 -27.50
N GLN DB 75 61.94 -86.03 -27.76
CA GLN DB 75 62.71 -86.96 -28.55
C GLN DB 75 62.08 -87.20 -29.92
N SER DB 76 61.45 -86.18 -30.46
CA SER DB 76 60.93 -86.30 -31.80
C SER DB 76 62.02 -85.98 -32.82
N PRO DB 77 62.06 -86.72 -33.94
CA PRO DB 77 63.12 -86.47 -34.94
C PRO DB 77 63.04 -85.11 -35.60
N SER DB 78 61.84 -84.68 -36.01
CA SER DB 78 61.69 -83.42 -36.71
C SER DB 78 60.28 -82.90 -36.50
N LYS DB 79 60.13 -81.59 -36.72
CA LYS DB 79 58.85 -80.96 -36.87
C LYS DB 79 58.40 -80.90 -38.31
N LYS DB 80 59.27 -81.26 -39.25
CA LYS DB 80 59.00 -81.03 -40.66
C LYS DB 80 57.86 -81.92 -41.16
N GLY DB 81 57.26 -81.51 -42.27
CA GLY DB 81 56.24 -82.35 -42.87
C GLY DB 81 56.15 -82.10 -44.36
N THR DB 82 55.32 -82.91 -45.02
CA THR DB 82 55.00 -82.71 -46.43
C THR DB 82 53.50 -82.83 -46.63
N SER DB 83 52.95 -81.96 -47.46
CA SER DB 83 51.53 -81.92 -47.74
C SER DB 83 51.34 -82.24 -49.22
N LEU DB 84 50.56 -83.28 -49.50
CA LEU DB 84 50.31 -83.74 -50.85
C LEU DB 84 48.87 -83.44 -51.23
N VAL DB 85 48.68 -83.03 -52.49
CA VAL DB 85 47.36 -82.81 -53.04
C VAL DB 85 47.24 -83.55 -54.36
N VAL DB 86 46.10 -84.20 -54.54
CA VAL DB 86 45.74 -84.89 -55.76
C VAL DB 86 44.36 -84.39 -56.14
N GLN DB 87 44.25 -83.72 -57.28
CA GLN DB 87 43.00 -83.15 -57.75
C GLN DB 87 42.61 -83.73 -59.09
N VAL DB 88 41.32 -84.01 -59.26
CA VAL DB 88 40.78 -84.39 -60.55
C VAL DB 88 39.70 -83.38 -60.91
N THR DB 89 39.67 -83.03 -62.19
CA THR DB 89 38.74 -82.07 -62.77
C THR DB 89 38.10 -82.70 -64.00
N GLU DB 90 36.77 -82.77 -64.01
CA GLU DB 90 36.05 -83.37 -65.11
C GLU DB 90 35.00 -82.41 -65.63
N THR DB 91 34.59 -82.64 -66.88
CA THR DB 91 33.56 -81.85 -67.53
C THR DB 91 32.45 -82.79 -67.98
N TRP DB 92 31.33 -82.74 -67.28
CA TRP DB 92 30.18 -83.58 -67.60
C TRP DB 92 29.27 -82.79 -68.54
N THR DB 93 28.51 -83.52 -69.37
CA THR DB 93 27.69 -82.84 -70.37
C THR DB 93 26.26 -83.34 -70.31
N VAL DB 94 25.31 -82.40 -70.30
CA VAL DB 94 23.89 -82.68 -70.34
C VAL DB 94 23.38 -82.34 -71.73
N ALA DB 95 22.67 -83.28 -72.35
CA ALA DB 95 22.06 -83.09 -73.65
C ALA DB 95 20.62 -83.60 -73.61
N SER DB 96 19.89 -83.38 -74.70
CA SER DB 96 18.51 -83.82 -74.80
C SER DB 96 18.30 -84.62 -76.08
N THR DB 97 17.56 -85.73 -75.96
CA THR DB 97 17.19 -86.54 -77.11
C THR DB 97 16.04 -85.92 -77.91
N ASP DB 98 15.36 -84.92 -77.37
CA ASP DB 98 14.31 -84.21 -78.07
C ASP DB 98 14.87 -83.04 -78.89
N ASP DB 99 15.65 -82.18 -78.25
CA ASP DB 99 16.15 -80.95 -78.83
C ASP DB 99 17.65 -81.05 -79.05
N GLU DB 100 18.08 -80.85 -80.30
CA GLU DB 100 19.51 -80.75 -80.57
C GLU DB 100 20.10 -79.46 -80.04
N THR DB 101 19.27 -78.44 -79.81
CA THR DB 101 19.76 -77.15 -79.32
C THR DB 101 20.11 -77.20 -77.84
N TYR DB 102 19.42 -78.05 -77.09
CA TYR DB 102 19.53 -78.00 -75.64
C TYR DB 102 20.74 -78.78 -75.17
N GLY DB 103 21.61 -78.11 -74.42
CA GLY DB 103 22.75 -78.75 -73.79
C GLY DB 103 23.50 -77.78 -72.93
N TYR DB 104 24.25 -78.33 -71.99
CA TYR DB 104 25.17 -77.54 -71.17
C TYR DB 104 26.25 -78.44 -70.59
N SER DB 105 27.26 -77.81 -70.00
CA SER DB 105 28.38 -78.50 -69.38
C SER DB 105 28.42 -78.19 -67.89
N LEU DB 106 28.61 -79.24 -67.09
CA LEU DB 106 28.75 -79.14 -65.65
C LEU DB 106 30.19 -79.39 -65.27
N PRO DB 107 30.79 -78.52 -64.47
CA PRO DB 107 32.16 -78.77 -64.02
C PRO DB 107 32.20 -79.54 -62.71
N PHE DB 108 32.90 -80.66 -62.67
CA PHE DB 108 33.11 -81.40 -61.44
C PHE DB 108 34.56 -81.30 -61.01
N SER DB 109 34.80 -81.15 -59.71
CA SER DB 109 36.17 -81.25 -59.26
C SER DB 109 36.20 -81.88 -57.88
N ALA DB 110 37.34 -82.47 -57.55
CA ALA DB 110 37.50 -83.01 -56.22
C ALA DB 110 38.99 -83.22 -55.98
N HIS DB 111 39.38 -83.17 -54.72
CA HIS DB 111 40.79 -83.40 -54.42
C HIS DB 111 40.94 -84.02 -53.04
N VAL DB 112 42.13 -84.57 -52.85
CA VAL DB 112 42.55 -85.18 -51.59
C VAL DB 112 43.82 -84.48 -51.16
N ILE DB 113 43.94 -84.24 -49.86
CA ILE DB 113 45.13 -83.64 -49.27
C ILE DB 113 45.56 -84.51 -48.11
N VAL DB 114 46.87 -84.75 -48.04
CA VAL DB 114 47.46 -85.66 -47.05
C VAL DB 114 48.64 -84.94 -46.41
N ASN DB 115 48.70 -84.95 -45.08
CA ASN DB 115 49.70 -84.17 -44.34
C ASN DB 115 50.57 -85.12 -43.53
N VAL DB 116 51.70 -85.53 -44.11
CA VAL DB 116 52.52 -86.61 -43.57
C VAL DB 116 53.69 -86.00 -42.81
N PRO DB 117 53.88 -86.34 -41.54
CA PRO DB 117 55.10 -85.93 -40.83
C PRO DB 117 56.34 -86.62 -41.38
N GLN DB 118 57.49 -85.99 -41.12
CA GLN DB 118 58.79 -86.54 -41.53
C GLN DB 118 59.32 -87.45 -40.43
N ASP DB 119 58.85 -88.70 -40.44
CA ASP DB 119 59.41 -89.73 -39.58
C ASP DB 119 59.56 -91.00 -40.41
N ALA DB 120 60.74 -91.61 -40.34
CA ALA DB 120 61.04 -92.72 -41.23
C ALA DB 120 60.16 -93.93 -40.97
N LEU DB 121 59.59 -94.05 -39.75
CA LEU DB 121 58.73 -95.19 -39.42
C LEU DB 121 57.36 -95.12 -40.08
N ILE DB 122 56.95 -93.95 -40.58
CA ILE DB 122 55.77 -93.89 -41.43
C ILE DB 122 56.10 -94.54 -42.76
N THR DB 123 55.34 -95.57 -43.13
CA THR DB 123 55.62 -96.32 -44.34
C THR DB 123 54.53 -96.06 -45.38
N GLU DB 124 54.84 -96.43 -46.62
CA GLU DB 124 53.90 -96.20 -47.70
C GLU DB 124 52.60 -96.95 -47.44
N GLU DB 125 52.71 -98.15 -46.86
CA GLU DB 125 51.50 -98.90 -46.55
C GLU DB 125 50.72 -98.25 -45.42
N ILE DB 126 51.41 -97.73 -44.39
CA ILE DB 126 50.71 -97.02 -43.32
C ILE DB 126 49.87 -95.91 -43.91
N LEU DB 127 50.45 -95.17 -44.86
CA LEU DB 127 49.74 -94.04 -45.46
C LEU DB 127 48.55 -94.50 -46.30
N TYR DB 128 48.72 -95.55 -47.11
CA TYR DB 128 47.57 -96.03 -47.87
C TYR DB 128 46.44 -96.50 -46.95
N ASP DB 129 46.78 -97.21 -45.87
CA ASP DB 129 45.72 -97.66 -44.96
C ASP DB 129 45.07 -96.48 -44.26
N ALA DB 130 45.83 -95.42 -44.01
CA ALA DB 130 45.22 -94.18 -43.52
C ALA DB 130 44.21 -93.64 -44.53
N LEU DB 131 44.59 -93.63 -45.82
CA LEU DB 131 43.66 -93.16 -46.84
C LEU DB 131 42.39 -94.02 -46.87
N LYS DB 132 42.54 -95.33 -46.63
CA LYS DB 132 41.38 -96.22 -46.60
C LYS DB 132 40.47 -95.90 -45.43
N ARG DB 133 41.05 -95.64 -44.25
CA ARG DB 133 40.26 -95.19 -43.11
C ARG DB 133 39.55 -93.88 -43.43
N LEU DB 134 40.25 -92.95 -44.09
CA LEU DB 134 39.69 -91.67 -44.48
C LEU DB 134 38.44 -91.85 -45.33
N MET DB 135 38.59 -92.49 -46.49
CA MET DB 135 37.45 -92.72 -47.37
C MET DB 135 36.34 -93.51 -46.69
N GLY DB 136 36.67 -94.30 -45.67
CA GLY DB 136 35.61 -95.00 -44.96
C GLY DB 136 34.56 -94.07 -44.36
N HIS DB 137 34.92 -92.83 -44.06
CA HIS DB 137 33.98 -91.88 -43.47
C HIS DB 137 32.89 -91.43 -44.43
N PHE DB 138 32.94 -91.85 -45.69
CA PHE DB 138 31.82 -91.65 -46.60
C PHE DB 138 30.76 -92.73 -46.44
N TYR DB 139 30.86 -93.52 -45.37
CA TYR DB 139 29.95 -94.62 -45.13
C TYR DB 139 29.69 -94.72 -43.63
N GLU DB 140 28.69 -95.54 -43.27
CA GLU DB 140 28.42 -95.91 -41.89
C GLU DB 140 28.38 -97.42 -41.80
N GLY DB 141 28.93 -97.98 -40.71
CA GLY DB 141 29.00 -99.42 -40.58
C GLY DB 141 28.15 -99.97 -39.45
N ASN DB 142 27.86 -101.28 -39.49
CA ASN DB 142 27.07 -101.94 -38.46
C ASN DB 142 27.81 -103.19 -38.00
N ASP DB 143 28.20 -103.24 -36.71
CA ASP DB 143 28.74 -104.50 -36.20
C ASP DB 143 27.66 -105.53 -36.02
N THR DB 144 26.40 -105.09 -35.94
CA THR DB 144 25.34 -105.96 -35.45
C THR DB 144 25.09 -107.14 -36.37
N THR DB 145 24.86 -106.89 -37.65
CA THR DB 145 24.51 -107.95 -38.58
C THR DB 145 25.62 -108.98 -38.70
N SER DB 146 25.22 -110.18 -39.02
CA SER DB 146 26.20 -111.25 -39.15
C SER DB 146 27.10 -111.06 -40.36
N PRO DB 147 26.61 -110.75 -41.55
CA PRO DB 147 27.51 -110.10 -42.49
C PRO DB 147 27.42 -108.60 -42.20
N THR DB 148 28.57 -107.98 -41.94
CA THR DB 148 28.56 -106.57 -41.59
C THR DB 148 28.00 -105.77 -42.75
N THR DB 149 27.17 -104.79 -42.44
CA THR DB 149 26.52 -103.98 -43.46
C THR DB 149 26.98 -102.54 -43.35
N THR DB 150 27.09 -101.89 -44.51
CA THR DB 150 27.49 -100.49 -44.61
C THR DB 150 26.47 -99.74 -45.45
N SER DB 151 26.06 -98.58 -44.97
CA SER DB 151 25.21 -97.66 -45.71
C SER DB 151 26.02 -96.41 -46.10
N VAL DB 152 25.45 -95.62 -46.99
CA VAL DB 152 26.19 -94.52 -47.62
C VAL DB 152 25.83 -93.19 -46.97
N ARG DB 153 26.77 -92.26 -47.04
CA ARG DB 153 26.63 -90.95 -46.44
C ARG DB 153 26.67 -89.81 -47.43
N LEU DB 154 27.30 -89.97 -48.59
CA LEU DB 154 27.65 -88.83 -49.43
C LEU DB 154 26.43 -87.95 -49.72
N LYS DB 155 25.31 -88.56 -50.07
CA LYS DB 155 24.09 -87.78 -50.30
C LYS DB 155 23.69 -87.02 -49.05
N ASP DB 156 23.50 -87.73 -47.93
CA ASP DB 156 23.02 -87.08 -46.73
C ASP DB 156 23.95 -85.93 -46.31
N MET DB 157 25.26 -86.10 -46.49
CA MET DB 157 26.19 -85.04 -46.14
C MET DB 157 26.04 -83.85 -47.06
N LEU DB 158 26.09 -84.08 -48.38
CA LEU DB 158 25.91 -82.98 -49.32
C LEU DB 158 24.58 -82.27 -49.12
N GLN DB 159 23.58 -82.96 -48.59
CA GLN DB 159 22.29 -82.37 -48.29
C GLN DB 159 22.25 -81.62 -46.96
N GLY DB 160 23.31 -81.70 -46.16
CA GLY DB 160 23.39 -80.97 -44.91
C GLY DB 160 23.24 -81.79 -43.65
N ALA DB 161 23.01 -83.10 -43.78
CA ALA DB 161 22.95 -84.00 -42.63
C ALA DB 161 24.36 -84.47 -42.32
N LEU DB 162 25.10 -83.60 -41.64
CA LEU DB 162 26.53 -83.86 -41.48
C LEU DB 162 26.83 -84.79 -40.32
N VAL DB 163 25.88 -84.99 -39.41
CA VAL DB 163 26.13 -85.94 -38.33
C VAL DB 163 25.78 -87.32 -38.86
N PRO DB 164 26.59 -88.34 -38.56
CA PRO DB 164 26.22 -89.71 -38.93
C PRO DB 164 24.87 -90.09 -38.34
N GLN DB 165 24.07 -90.79 -39.13
CA GLN DB 165 22.74 -91.21 -38.70
C GLN DB 165 22.80 -92.24 -37.59
N SER DB 166 23.96 -92.90 -37.43
CA SER DB 166 24.18 -93.84 -36.31
C SER DB 166 24.24 -93.12 -34.97
N LEU DB 167 24.66 -91.86 -34.95
CA LEU DB 167 24.79 -91.11 -33.72
C LEU DB 167 23.47 -90.45 -33.33
N SER EB 1 21.30 -87.09 -84.00
CA SER EB 1 22.71 -86.89 -83.63
C SER EB 1 23.33 -85.83 -84.52
N LYS EB 2 24.45 -85.27 -84.07
CA LYS EB 2 25.11 -84.16 -84.73
C LYS EB 2 26.26 -84.68 -85.60
N ILE EB 3 26.41 -84.09 -86.79
CA ILE EB 3 27.43 -84.51 -87.74
C ILE EB 3 28.14 -83.27 -88.28
N LEU EB 4 29.46 -83.37 -88.43
CA LEU EB 4 30.26 -82.36 -89.08
C LEU EB 4 30.69 -82.85 -90.45
N SER EB 5 30.61 -81.98 -91.45
CA SER EB 5 31.14 -82.24 -92.78
C SER EB 5 32.14 -81.16 -93.13
N THR EB 6 33.25 -81.59 -93.73
CA THR EB 6 34.24 -80.66 -94.26
C THR EB 6 33.88 -80.17 -95.65
N ASN EB 7 32.82 -80.69 -96.25
CA ASN EB 7 32.35 -80.29 -97.57
C ASN EB 7 33.39 -80.53 -98.66
N ASN EB 8 34.40 -81.35 -98.40
CA ASN EB 8 35.36 -81.74 -99.41
C ASN EB 8 34.94 -82.99 -100.17
N SER EB 9 33.69 -83.43 -99.97
CA SER EB 9 33.26 -84.68 -100.58
C SER EB 9 33.31 -84.62 -102.10
N ASN EB 10 32.92 -83.49 -102.69
CA ASN EB 10 32.81 -83.37 -104.14
C ASN EB 10 34.01 -82.71 -104.79
N SER EB 11 35.00 -82.27 -104.02
CA SER EB 11 36.18 -81.65 -104.59
C SER EB 11 37.14 -82.73 -105.10
N ASN EB 12 37.91 -82.38 -106.13
CA ASN EB 12 38.71 -83.35 -106.87
C ASN EB 12 40.18 -83.24 -106.46
N PHE EB 13 40.75 -84.35 -106.01
CA PHE EB 13 42.15 -84.40 -105.62
C PHE EB 13 42.86 -85.55 -106.32
N VAL EB 14 44.19 -85.47 -106.25
CA VAL EB 14 45.10 -86.53 -106.65
C VAL EB 14 46.03 -86.79 -105.47
N ASP EB 15 46.12 -88.05 -105.05
CA ASP EB 15 47.01 -88.36 -103.95
C ASP EB 15 48.46 -88.31 -104.40
N THR EB 16 49.35 -87.95 -103.49
CA THR EB 16 50.79 -88.07 -103.73
C THR EB 16 51.51 -88.32 -102.41
N SER EB 17 52.66 -88.98 -102.51
CA SER EB 17 53.38 -89.43 -101.33
C SER EB 17 54.26 -88.32 -100.77
N PHE EB 18 54.27 -88.20 -99.45
CA PHE EB 18 55.00 -87.14 -98.77
C PHE EB 18 55.44 -87.74 -97.43
N THR EB 19 56.62 -88.36 -97.43
CA THR EB 19 57.05 -89.17 -96.30
C THR EB 19 57.76 -88.29 -95.29
N LEU EB 20 57.19 -88.20 -94.10
CA LEU EB 20 57.71 -87.31 -93.07
C LEU EB 20 58.86 -87.95 -92.32
N LYS EB 21 59.90 -87.16 -92.07
CA LYS EB 21 60.99 -87.54 -91.17
C LYS EB 21 60.65 -86.99 -89.79
N VAL EB 22 60.17 -87.87 -88.91
CA VAL EB 22 59.71 -87.54 -87.56
C VAL EB 22 60.88 -87.61 -86.59
N PRO EB 23 61.05 -86.61 -85.73
CA PRO EB 23 62.17 -86.61 -84.79
C PRO EB 23 62.07 -87.66 -83.70
N VAL EB 24 63.22 -88.15 -83.26
CA VAL EB 24 63.33 -88.96 -82.04
C VAL EB 24 63.84 -87.99 -80.99
N TYR EB 25 62.90 -87.37 -80.28
CA TYR EB 25 63.27 -86.27 -79.40
C TYR EB 25 64.21 -86.74 -78.30
N SER EB 26 63.94 -87.93 -77.75
CA SER EB 26 64.78 -88.48 -76.71
C SER EB 26 66.26 -88.53 -77.12
N LYS EB 27 66.57 -88.87 -78.38
CA LYS EB 27 67.99 -88.89 -78.74
C LYS EB 27 68.50 -87.52 -79.15
N ASP EB 28 67.73 -86.74 -79.91
CA ASP EB 28 68.34 -85.58 -80.55
C ASP EB 28 68.09 -84.24 -79.85
N TYR EB 29 67.02 -84.09 -79.08
CA TYR EB 29 66.63 -82.76 -78.65
C TYR EB 29 66.70 -82.60 -77.14
N ARG EB 30 66.76 -81.33 -76.72
CA ARG EB 30 66.60 -80.90 -75.34
C ARG EB 30 65.65 -79.70 -75.33
N VAL EB 31 65.17 -79.36 -74.15
CA VAL EB 31 64.22 -78.27 -74.01
C VAL EB 31 64.98 -77.00 -73.66
N THR EB 32 64.83 -75.97 -74.50
CA THR EB 32 65.39 -74.64 -74.30
C THR EB 32 64.46 -73.75 -73.47
N GLN EB 33 63.17 -73.77 -73.75
CA GLN EB 33 62.23 -72.92 -73.03
C GLN EB 33 60.99 -73.73 -72.70
N ASP EB 34 60.58 -73.72 -71.44
CA ASP EB 34 59.39 -74.43 -70.97
C ASP EB 34 58.44 -73.38 -70.40
N GLU EB 35 57.66 -72.77 -71.27
CA GLU EB 35 56.60 -71.85 -70.90
C GLU EB 35 55.24 -72.49 -71.09
N PRO EB 36 54.20 -71.98 -70.44
CA PRO EB 36 52.88 -72.60 -70.61
C PRO EB 36 52.33 -72.47 -72.01
N ASP EB 37 52.71 -71.44 -72.74
CA ASP EB 37 52.16 -71.20 -74.07
C ASP EB 37 53.16 -71.44 -75.19
N GLU EB 38 54.45 -71.56 -74.87
CA GLU EB 38 55.50 -71.55 -75.88
C GLU EB 38 56.63 -72.43 -75.37
N VAL EB 39 56.90 -73.52 -76.08
CA VAL EB 39 58.01 -74.40 -75.77
C VAL EB 39 59.04 -74.29 -76.89
N VAL EB 40 60.31 -74.24 -76.50
CA VAL EB 40 61.40 -74.19 -77.46
C VAL EB 40 62.32 -75.37 -77.19
N VAL EB 41 62.74 -76.01 -78.27
CA VAL EB 41 63.48 -77.25 -78.27
C VAL EB 41 64.68 -77.06 -79.19
N ALA EB 42 65.79 -77.70 -78.86
CA ALA EB 42 67.03 -77.52 -79.58
C ALA EB 42 67.73 -78.86 -79.79
N ASN EB 43 68.47 -78.95 -80.89
CA ASN EB 43 69.21 -80.16 -81.22
C ASN EB 43 70.58 -80.09 -80.57
N ARG EB 44 70.77 -80.91 -79.54
CA ARG EB 44 72.03 -80.97 -78.82
C ARG EB 44 73.11 -81.77 -79.55
N GLN EB 45 72.75 -82.52 -80.60
CA GLN EB 45 73.72 -83.30 -81.36
C GLN EB 45 74.45 -82.49 -82.42
N GLN EB 46 73.86 -81.38 -82.87
CA GLN EB 46 74.51 -80.55 -83.87
C GLN EB 46 75.83 -80.01 -83.31
N PRO EB 47 76.83 -79.81 -84.16
CA PRO EB 47 78.02 -79.06 -83.73
C PRO EB 47 77.66 -77.63 -83.34
N PHE EB 48 78.63 -76.93 -82.73
CA PHE EB 48 78.31 -75.66 -82.09
C PHE EB 48 77.83 -74.62 -83.09
N GLY EB 49 78.48 -74.57 -84.27
CA GLY EB 49 78.07 -73.58 -85.26
C GLY EB 49 76.64 -73.74 -85.72
N VAL EB 50 76.18 -74.98 -85.86
CA VAL EB 50 74.88 -75.25 -86.47
C VAL EB 50 73.81 -75.33 -85.38
N LYS EB 51 72.92 -74.37 -85.36
CA LYS EB 51 71.82 -74.34 -84.42
C LYS EB 51 70.58 -74.87 -85.11
N ASN EB 52 70.09 -76.02 -84.64
CA ASN EB 52 68.86 -76.63 -85.14
C ASN EB 52 67.82 -76.59 -84.03
N THR EB 53 66.76 -75.78 -84.20
CA THR EB 53 65.76 -75.54 -83.17
C THR EB 53 64.33 -75.69 -83.69
N ALA EB 54 63.40 -75.78 -82.76
CA ALA EB 54 61.98 -75.92 -83.06
C ALA EB 54 61.18 -75.25 -81.94
N ARG EB 55 60.01 -74.75 -82.30
CA ARG EB 55 59.20 -73.94 -81.39
C ARG EB 55 57.74 -74.35 -81.53
N TYR EB 56 57.08 -74.57 -80.41
CA TYR EB 56 55.71 -75.07 -80.39
C TYR EB 56 54.90 -74.15 -79.51
N GLY EB 57 53.93 -73.47 -80.09
CA GLY EB 57 53.22 -72.44 -79.36
C GLY EB 57 51.72 -72.47 -79.60
N ILE EB 58 50.99 -71.98 -78.61
CA ILE EB 58 49.52 -71.87 -78.71
C ILE EB 58 49.11 -70.51 -78.19
N ARG EB 59 48.36 -69.78 -79.02
CA ARG EB 59 47.62 -68.59 -78.64
C ARG EB 59 46.15 -68.96 -78.62
N GLN EB 60 45.35 -68.27 -77.81
CA GLN EB 60 43.93 -68.58 -77.78
C GLN EB 60 43.16 -67.52 -78.56
N ILE EB 61 42.28 -67.98 -79.45
CA ILE EB 61 41.56 -67.12 -80.38
C ILE EB 61 40.25 -66.70 -79.74
N ALA EB 62 40.03 -65.38 -79.68
CA ALA EB 62 38.87 -64.84 -79.00
C ALA EB 62 37.60 -65.05 -79.82
N ASP EB 63 37.61 -64.61 -81.08
CA ASP EB 63 36.50 -64.81 -82.01
C ASP EB 63 37.06 -65.48 -83.25
N VAL EB 64 36.75 -66.75 -83.43
CA VAL EB 64 37.26 -67.47 -84.59
C VAL EB 64 36.61 -66.98 -85.87
N TYR EB 65 35.51 -66.23 -85.76
CA TYR EB 65 34.79 -65.68 -86.90
C TYR EB 65 35.21 -64.26 -87.25
N ARG EB 66 36.28 -63.74 -86.64
CA ARG EB 66 36.55 -62.31 -86.71
C ARG EB 66 36.83 -61.87 -88.15
N ASN EB 67 37.69 -62.61 -88.86
CA ASN EB 67 38.08 -62.24 -90.21
C ASN EB 67 37.44 -63.16 -91.25
N THR EB 68 36.24 -63.64 -90.98
CA THR EB 68 35.52 -64.53 -91.88
C THR EB 68 34.25 -63.85 -92.39
N THR EB 69 33.70 -64.45 -93.45
CA THR EB 69 32.50 -63.94 -94.11
C THR EB 69 31.23 -64.60 -93.61
N ILE EB 70 31.29 -65.28 -92.47
CA ILE EB 70 30.16 -66.06 -91.98
C ILE EB 70 29.29 -65.14 -91.15
N ASP EB 71 28.04 -64.96 -91.59
CA ASP EB 71 27.12 -64.10 -90.86
C ASP EB 71 26.79 -64.72 -89.50
N ARG EB 72 26.43 -63.86 -88.54
CA ARG EB 72 26.22 -64.32 -87.16
C ARG EB 72 25.15 -65.39 -87.09
N ALA EB 73 24.08 -65.26 -87.89
CA ALA EB 73 23.00 -66.24 -87.87
C ALA EB 73 23.48 -67.65 -88.20
N TYR EB 74 24.70 -67.79 -88.72
CA TYR EB 74 25.24 -69.09 -89.11
C TYR EB 74 26.43 -69.50 -88.27
N GLN EB 75 26.76 -68.76 -87.21
CA GLN EB 75 27.90 -69.06 -86.36
C GLN EB 75 27.49 -70.02 -85.24
N SER EB 76 28.49 -70.71 -84.67
CA SER EB 76 28.20 -71.57 -83.52
C SER EB 76 27.89 -70.68 -82.33
N PRO EB 77 27.39 -71.26 -81.24
CA PRO EB 77 27.24 -70.46 -80.03
C PRO EB 77 28.58 -70.05 -79.43
N SER EB 78 29.63 -70.84 -79.64
CA SER EB 78 30.94 -70.63 -79.03
C SER EB 78 31.89 -70.08 -80.07
N LYS EB 79 32.47 -68.93 -79.78
CA LYS EB 79 33.43 -68.31 -80.68
C LYS EB 79 34.87 -68.65 -80.33
N LYS EB 80 35.08 -69.44 -79.27
CA LYS EB 80 36.43 -69.77 -78.81
C LYS EB 80 37.19 -70.53 -79.87
N GLY EB 81 38.51 -70.33 -79.89
CA GLY EB 81 39.38 -71.16 -80.70
C GLY EB 81 40.77 -71.23 -80.09
N THR EB 82 41.61 -72.06 -80.69
CA THR EB 82 43.04 -72.07 -80.37
C THR EB 82 43.83 -71.98 -81.67
N SER EB 83 45.04 -71.46 -81.55
CA SER EB 83 45.92 -71.22 -82.68
C SER EB 83 47.27 -71.83 -82.35
N LEU EB 84 47.67 -72.80 -83.15
CA LEU EB 84 48.90 -73.54 -82.96
C LEU EB 84 49.95 -73.07 -83.94
N VAL EB 85 51.19 -72.99 -83.49
CA VAL EB 85 52.32 -72.72 -84.35
C VAL EB 85 53.40 -73.76 -84.11
N VAL EB 86 53.97 -74.24 -85.21
CA VAL EB 86 55.06 -75.19 -85.20
C VAL EB 86 56.13 -74.58 -86.10
N GLN EB 87 57.24 -74.14 -85.52
CA GLN EB 87 58.32 -73.54 -86.27
C GLN EB 87 59.57 -74.40 -86.19
N VAL EB 88 60.28 -74.50 -87.30
CA VAL EB 88 61.57 -75.17 -87.34
C VAL EB 88 62.58 -74.18 -87.88
N THR EB 89 63.79 -74.21 -87.31
CA THR EB 89 64.91 -73.37 -87.68
C THR EB 89 66.13 -74.26 -87.88
N GLU EB 90 66.71 -74.22 -89.07
CA GLU EB 90 67.89 -75.01 -89.38
C GLU EB 90 68.99 -74.07 -89.86
N THR EB 91 70.22 -74.59 -89.81
CA THR EB 91 71.37 -73.85 -90.29
C THR EB 91 72.18 -74.78 -91.20
N TRP EB 92 72.24 -74.44 -92.48
CA TRP EB 92 72.93 -75.24 -93.47
C TRP EB 92 74.31 -74.62 -93.69
N THR EB 93 75.28 -75.45 -94.05
CA THR EB 93 76.62 -74.93 -94.29
C THR EB 93 77.06 -75.22 -95.71
N VAL EB 94 77.70 -74.24 -96.33
CA VAL EB 94 78.27 -74.35 -97.65
C VAL EB 94 79.78 -74.32 -97.49
N ALA EB 95 80.46 -75.30 -98.09
CA ALA EB 95 81.91 -75.37 -98.05
C ALA EB 95 82.40 -75.87 -99.40
N SER EB 96 83.72 -76.08 -99.50
CA SER EB 96 84.34 -76.45 -100.76
C SER EB 96 85.21 -77.69 -100.59
N THR EB 97 85.28 -78.47 -101.66
CA THR EB 97 86.19 -79.62 -101.71
C THR EB 97 87.63 -79.18 -101.83
N ASP EB 98 87.89 -78.20 -102.69
CA ASP EB 98 89.25 -77.79 -103.00
C ASP EB 98 89.81 -76.86 -101.94
N ASP EB 99 88.95 -76.15 -101.22
CA ASP EB 99 89.35 -75.07 -100.33
C ASP EB 99 88.74 -75.28 -98.96
N GLU EB 100 89.60 -75.53 -97.97
CA GLU EB 100 89.14 -75.69 -96.59
C GLU EB 100 88.72 -74.38 -95.97
N THR EB 101 89.20 -73.24 -96.49
CA THR EB 101 88.88 -71.94 -95.90
C THR EB 101 87.61 -71.31 -96.46
N TYR EB 102 86.99 -71.92 -97.46
CA TYR EB 102 85.81 -71.34 -98.09
C TYR EB 102 84.55 -71.94 -97.52
N GLY EB 103 83.70 -71.10 -96.97
CA GLY EB 103 82.38 -71.54 -96.52
C GLY EB 103 81.58 -70.40 -95.93
N TYR EB 104 80.29 -70.71 -95.72
CA TYR EB 104 79.38 -69.83 -94.99
C TYR EB 104 78.21 -70.66 -94.47
N SER EB 105 77.34 -70.01 -93.69
CA SER EB 105 76.16 -70.64 -93.11
C SER EB 105 74.90 -69.94 -93.59
N LEU EB 106 73.94 -70.72 -94.08
CA LEU EB 106 72.66 -70.24 -94.55
C LEU EB 106 71.58 -70.55 -93.53
N PRO EB 107 70.76 -69.58 -93.17
CA PRO EB 107 69.66 -69.85 -92.23
C PRO EB 107 68.38 -70.25 -92.95
N PHE EB 108 67.81 -71.38 -92.57
CA PHE EB 108 66.49 -71.78 -93.03
C PHE EB 108 65.51 -71.69 -91.86
N SER EB 109 64.32 -71.18 -92.14
CA SER EB 109 63.26 -71.21 -91.16
C SER EB 109 61.94 -71.45 -91.88
N ALA EB 110 61.02 -72.09 -91.17
CA ALA EB 110 59.69 -72.27 -91.73
C ALA EB 110 58.75 -72.57 -90.57
N HIS EB 111 57.48 -72.25 -90.76
CA HIS EB 111 56.52 -72.58 -89.72
C HIS EB 111 55.15 -72.84 -90.30
N VAL EB 112 54.33 -73.49 -89.48
CA VAL EB 112 52.94 -73.79 -89.77
C VAL EB 112 52.11 -73.17 -88.66
N ILE EB 113 50.97 -72.61 -89.03
CA ILE EB 113 50.00 -72.10 -88.09
C ILE EB 113 48.66 -72.72 -88.43
N VAL EB 114 47.95 -73.17 -87.39
CA VAL EB 114 46.67 -73.85 -87.54
C VAL EB 114 45.68 -73.19 -86.60
N ASN EB 115 44.50 -72.84 -87.11
CA ASN EB 115 43.53 -72.06 -86.35
C ASN EB 115 42.26 -72.91 -86.18
N VAL EB 116 42.18 -73.65 -85.09
CA VAL EB 116 41.14 -74.65 -84.89
C VAL EB 116 40.06 -74.08 -83.97
N PRO EB 117 38.79 -74.04 -84.39
CA PRO EB 117 37.71 -73.73 -83.44
C PRO EB 117 37.55 -74.84 -82.43
N GLN EB 118 37.17 -74.46 -81.20
CA GLN EB 118 36.92 -75.46 -80.17
C GLN EB 118 35.50 -75.98 -80.32
N ASP EB 119 35.36 -77.01 -81.14
CA ASP EB 119 34.10 -77.72 -81.31
C ASP EB 119 34.39 -79.19 -81.08
N ALA EB 120 33.59 -79.84 -80.23
CA ALA EB 120 33.89 -81.22 -79.89
C ALA EB 120 33.91 -82.12 -81.11
N LEU EB 121 33.20 -81.74 -82.18
CA LEU EB 121 33.09 -82.53 -83.39
C LEU EB 121 34.33 -82.48 -84.28
N ILE EB 122 35.19 -81.47 -84.12
CA ILE EB 122 36.47 -81.46 -84.81
C ILE EB 122 37.37 -82.49 -84.13
N THR EB 123 37.81 -83.48 -84.91
CA THR EB 123 38.62 -84.58 -84.39
C THR EB 123 40.08 -84.41 -84.83
N GLU EB 124 40.96 -85.14 -84.13
CA GLU EB 124 42.37 -85.06 -84.47
C GLU EB 124 42.60 -85.55 -85.89
N GLU EB 125 41.83 -86.56 -86.33
CA GLU EB 125 41.96 -87.04 -87.69
C GLU EB 125 41.49 -86.00 -88.70
N ILE EB 126 40.37 -85.33 -88.41
CA ILE EB 126 39.91 -84.24 -89.28
C ILE EB 126 41.03 -83.21 -89.45
N LEU EB 127 41.68 -82.85 -88.35
CA LEU EB 127 42.71 -81.82 -88.41
C LEU EB 127 43.92 -82.29 -89.21
N TYR EB 128 44.37 -83.53 -89.01
CA TYR EB 128 45.48 -84.02 -89.80
C TYR EB 128 45.14 -84.08 -91.29
N ASP EB 129 43.91 -84.48 -91.62
CA ASP EB 129 43.52 -84.49 -93.03
C ASP EB 129 43.51 -83.08 -93.61
N ALA EB 130 43.10 -82.09 -92.79
CA ALA EB 130 43.19 -80.71 -93.23
C ALA EB 130 44.64 -80.32 -93.50
N LEU EB 131 45.56 -80.72 -92.63
CA LEU EB 131 46.98 -80.43 -92.85
C LEU EB 131 47.46 -81.08 -94.14
N LYS EB 132 46.99 -82.30 -94.43
CA LYS EB 132 47.40 -82.98 -95.65
C LYS EB 132 46.91 -82.21 -96.88
N ARG EB 133 45.69 -81.68 -96.82
CA ARG EB 133 45.16 -80.87 -97.92
C ARG EB 133 45.96 -79.58 -98.08
N LEU EB 134 46.29 -78.94 -96.95
CA LEU EB 134 47.14 -77.76 -96.95
C LEU EB 134 48.43 -78.00 -97.70
N MET EB 135 49.19 -79.01 -97.26
CA MET EB 135 50.47 -79.30 -97.91
C MET EB 135 50.29 -79.73 -99.35
N GLY EB 136 49.11 -80.25 -99.71
CA GLY EB 136 48.89 -80.58 -101.11
C GLY EB 136 48.95 -79.38 -102.04
N HIS EB 137 48.78 -78.17 -101.50
CA HIS EB 137 48.82 -76.97 -102.34
C HIS EB 137 50.24 -76.62 -102.79
N PHE EB 138 51.26 -77.27 -102.24
CA PHE EB 138 52.62 -77.18 -102.75
C PHE EB 138 52.81 -78.01 -104.01
N TYR EB 139 51.75 -78.60 -104.53
CA TYR EB 139 51.79 -79.43 -105.72
C TYR EB 139 50.68 -78.99 -106.65
N GLU EB 140 50.69 -79.52 -107.87
CA GLU EB 140 49.59 -79.36 -108.80
C GLU EB 140 49.20 -80.74 -109.30
N GLY EB 141 47.89 -80.96 -109.41
CA GLY EB 141 47.34 -82.27 -109.72
C GLY EB 141 46.80 -82.38 -111.13
N ASN EB 142 47.01 -83.55 -111.73
CA ASN EB 142 46.54 -83.91 -113.07
C ASN EB 142 45.88 -85.28 -112.98
N ASP EB 143 44.55 -85.34 -113.10
CA ASP EB 143 43.83 -86.61 -113.11
C ASP EB 143 43.39 -87.02 -114.50
N THR EB 144 43.69 -86.23 -115.52
CA THR EB 144 43.31 -86.60 -116.87
C THR EB 144 44.14 -87.78 -117.38
N THR EB 145 45.43 -87.81 -117.06
CA THR EB 145 46.30 -88.89 -117.51
C THR EB 145 45.93 -90.22 -116.88
N SER EB 146 46.36 -91.28 -117.56
CA SER EB 146 45.99 -92.63 -117.12
C SER EB 146 46.45 -92.90 -115.69
N PRO EB 147 47.74 -92.73 -115.32
CA PRO EB 147 48.02 -92.64 -113.88
C PRO EB 147 47.89 -91.20 -113.41
N THR EB 148 47.15 -90.96 -112.32
CA THR EB 148 47.09 -89.61 -111.79
C THR EB 148 48.50 -89.16 -111.41
N THR EB 149 48.89 -87.98 -111.86
CA THR EB 149 50.23 -87.45 -111.64
C THR EB 149 50.19 -86.07 -111.01
N THR EB 150 51.28 -85.71 -110.36
CA THR EB 150 51.44 -84.43 -109.69
C THR EB 150 52.81 -83.86 -110.00
N SER EB 151 52.85 -82.54 -110.20
CA SER EB 151 54.11 -81.83 -110.38
C SER EB 151 54.32 -80.85 -109.23
N VAL EB 152 55.58 -80.65 -108.87
CA VAL EB 152 55.92 -79.81 -107.72
C VAL EB 152 55.79 -78.34 -108.09
N ARG EB 153 55.49 -77.50 -107.10
CA ARG EB 153 55.21 -76.10 -107.36
C ARG EB 153 55.99 -75.15 -106.45
N LEU EB 154 56.78 -75.65 -105.51
CA LEU EB 154 57.40 -74.79 -104.51
C LEU EB 154 58.35 -73.78 -105.14
N LYS EB 155 59.24 -74.26 -106.02
CA LYS EB 155 60.20 -73.35 -106.64
C LYS EB 155 59.50 -72.38 -107.57
N ASP EB 156 58.50 -72.85 -108.30
CA ASP EB 156 57.74 -71.96 -109.18
C ASP EB 156 57.13 -70.81 -108.39
N MET EB 157 56.52 -71.11 -107.24
CA MET EB 157 55.94 -70.04 -106.44
C MET EB 157 57.02 -69.10 -105.90
N LEU EB 158 58.11 -69.66 -105.38
CA LEU EB 158 59.21 -68.82 -104.90
C LEU EB 158 59.67 -67.86 -106.00
N GLN EB 159 59.67 -68.32 -107.25
CA GLN EB 159 60.14 -67.52 -108.37
C GLN EB 159 59.06 -66.66 -109.02
N GLY EB 160 57.92 -66.49 -108.35
CA GLY EB 160 56.91 -65.54 -108.82
C GLY EB 160 55.82 -66.12 -109.69
N ALA EB 161 55.83 -67.43 -109.94
CA ALA EB 161 54.76 -68.07 -110.69
C ALA EB 161 53.75 -68.62 -109.67
N LEU EB 162 52.88 -67.73 -109.22
CA LEU EB 162 52.00 -68.07 -108.11
C LEU EB 162 50.70 -68.71 -108.58
N VAL EB 163 50.25 -68.42 -109.79
CA VAL EB 163 49.03 -69.02 -110.32
C VAL EB 163 49.36 -70.41 -110.85
N PRO EB 164 48.57 -71.41 -110.52
CA PRO EB 164 48.82 -72.77 -111.04
C PRO EB 164 48.81 -72.83 -112.56
N GLN EB 165 49.54 -73.81 -113.11
CA GLN EB 165 49.49 -74.07 -114.54
C GLN EB 165 48.07 -74.31 -115.03
N SER EB 166 47.28 -75.07 -114.25
CA SER EB 166 45.94 -75.45 -114.68
C SER EB 166 45.04 -74.22 -114.89
N LEU EB 167 45.33 -73.12 -114.20
CA LEU EB 167 44.49 -71.93 -114.21
C LEU EB 167 45.06 -70.81 -115.11
N SER FB 1 -8.25 -77.37 -81.47
CA SER FB 1 -9.65 -77.00 -81.29
C SER FB 1 -9.83 -76.29 -79.96
N LYS FB 2 -10.54 -75.17 -79.99
CA LYS FB 2 -10.79 -74.34 -78.82
C LYS FB 2 -12.15 -74.70 -78.23
N ILE FB 3 -12.23 -74.74 -76.90
CA ILE FB 3 -13.46 -75.10 -76.21
C ILE FB 3 -13.75 -74.06 -75.13
N LEU FB 4 -15.00 -73.61 -75.08
CA LEU FB 4 -15.48 -72.70 -74.05
C LEU FB 4 -16.32 -73.47 -73.05
N SER FB 5 -16.11 -73.18 -71.76
CA SER FB 5 -16.92 -73.72 -70.68
C SER FB 5 -17.49 -72.56 -69.87
N THR FB 6 -18.73 -72.73 -69.44
CA THR FB 6 -19.37 -71.78 -68.55
C THR FB 6 -19.12 -72.08 -67.08
N ASN FB 7 -18.53 -73.24 -66.78
CA ASN FB 7 -18.14 -73.61 -65.42
C ASN FB 7 -19.33 -73.68 -64.48
N ASN FB 8 -20.53 -73.92 -65.01
CA ASN FB 8 -21.70 -74.09 -64.17
C ASN FB 8 -22.00 -75.56 -63.90
N SER FB 9 -21.16 -76.47 -64.40
CA SER FB 9 -21.40 -77.90 -64.23
C SER FB 9 -21.39 -78.32 -62.76
N ASN FB 10 -20.68 -77.59 -61.91
CA ASN FB 10 -20.58 -77.94 -60.50
C ASN FB 10 -21.59 -77.21 -59.64
N SER FB 11 -22.42 -76.36 -60.23
CA SER FB 11 -23.46 -75.68 -59.49
C SER FB 11 -24.70 -76.56 -59.34
N ASN FB 12 -25.48 -76.27 -58.32
CA ASN FB 12 -26.67 -77.01 -57.92
C ASN FB 12 -27.91 -76.16 -58.18
N PHE FB 13 -28.74 -76.56 -59.14
CA PHE FB 13 -29.95 -75.82 -59.50
C PHE FB 13 -31.19 -76.73 -59.46
N VAL FB 14 -32.35 -76.11 -59.42
CA VAL FB 14 -33.62 -76.80 -59.51
C VAL FB 14 -34.35 -76.22 -60.71
N ASP FB 15 -34.77 -77.10 -61.61
CA ASP FB 15 -35.57 -76.62 -62.72
C ASP FB 15 -36.93 -76.18 -62.17
N THR FB 16 -37.47 -75.12 -62.76
CA THR FB 16 -38.83 -74.71 -62.46
C THR FB 16 -39.43 -74.04 -63.69
N SER FB 17 -40.75 -74.14 -63.81
CA SER FB 17 -41.44 -73.69 -65.01
C SER FB 17 -41.65 -72.19 -64.98
N PHE FB 18 -41.40 -71.55 -66.11
CA PHE FB 18 -41.52 -70.10 -66.21
C PHE FB 18 -42.00 -69.84 -67.64
N THR FB 19 -43.31 -69.83 -67.83
CA THR FB 19 -43.90 -69.85 -69.15
C THR FB 19 -44.05 -68.42 -69.67
N LEU FB 20 -43.35 -68.12 -70.76
CA LEU FB 20 -43.29 -66.77 -71.28
C LEU FB 20 -44.48 -66.49 -72.18
N LYS FB 21 -45.06 -65.30 -72.03
CA LYS FB 21 -46.05 -64.78 -72.97
C LYS FB 21 -45.29 -63.89 -73.96
N VAL FB 22 -45.03 -64.45 -75.14
CA VAL FB 22 -44.28 -63.82 -76.24
C VAL FB 22 -45.20 -62.98 -77.10
N PRO FB 23 -44.80 -61.77 -77.47
CA PRO FB 23 -45.68 -60.90 -78.26
C PRO FB 23 -45.86 -61.38 -79.70
N VAL FB 24 -46.95 -60.91 -80.30
CA VAL FB 24 -47.15 -61.05 -81.73
C VAL FB 24 -47.03 -59.66 -82.33
N TYR FB 25 -45.81 -59.32 -82.73
CA TYR FB 25 -45.48 -57.93 -83.01
C TYR FB 25 -46.31 -57.42 -84.18
N SER FB 26 -46.50 -58.26 -85.19
CA SER FB 26 -47.27 -57.86 -86.35
C SER FB 26 -48.69 -57.43 -85.96
N LYS FB 27 -49.34 -58.18 -85.06
CA LYS FB 27 -50.70 -57.82 -84.67
C LYS FB 27 -50.72 -56.58 -83.78
N ASP FB 28 -49.82 -56.50 -82.79
CA ASP FB 28 -49.99 -55.54 -81.70
C ASP FB 28 -49.13 -54.29 -81.76
N TYR FB 29 -47.92 -54.39 -82.25
CA TYR FB 29 -46.90 -53.37 -82.05
C TYR FB 29 -46.58 -52.64 -83.35
N ARG FB 30 -46.31 -51.36 -83.25
CA ARG FB 30 -45.81 -50.51 -84.31
C ARG FB 30 -44.49 -49.91 -83.84
N VAL FB 31 -43.75 -49.27 -84.73
CA VAL FB 31 -42.42 -48.79 -84.39
C VAL FB 31 -42.47 -47.29 -84.13
N THR FB 32 -42.08 -46.88 -82.92
CA THR FB 32 -41.99 -45.47 -82.52
C THR FB 32 -40.64 -44.85 -82.85
N GLN FB 33 -39.55 -45.63 -82.71
CA GLN FB 33 -38.19 -45.11 -82.88
C GLN FB 33 -37.35 -46.16 -83.58
N ASP FB 34 -36.65 -45.78 -84.66
CA ASP FB 34 -35.74 -46.70 -85.35
C ASP FB 34 -34.32 -46.13 -85.41
N GLU FB 35 -33.78 -45.69 -84.28
CA GLU FB 35 -32.41 -45.23 -84.37
C GLU FB 35 -31.44 -46.42 -84.46
N PRO FB 36 -30.24 -46.21 -85.03
CA PRO FB 36 -29.36 -47.34 -85.33
C PRO FB 36 -29.02 -48.20 -84.14
N ASP FB 37 -28.91 -47.63 -82.94
CA ASP FB 37 -28.60 -48.39 -81.75
C ASP FB 37 -29.80 -48.54 -80.80
N GLU FB 38 -30.96 -47.97 -81.12
CA GLU FB 38 -32.06 -47.96 -80.15
C GLU FB 38 -33.38 -47.96 -80.90
N VAL FB 39 -34.18 -49.00 -80.67
CA VAL FB 39 -35.50 -49.11 -81.28
C VAL FB 39 -36.54 -49.07 -80.19
N VAL FB 40 -37.65 -48.39 -80.48
CA VAL FB 40 -38.79 -48.31 -79.58
C VAL FB 40 -40.04 -48.72 -80.33
N VAL FB 41 -40.87 -49.49 -79.65
CA VAL FB 41 -42.00 -50.20 -80.21
C VAL FB 41 -43.20 -49.96 -79.31
N ALA FB 42 -44.31 -49.53 -79.89
CA ALA FB 42 -45.49 -49.17 -79.11
C ALA FB 42 -46.63 -50.15 -79.38
N ASN FB 43 -47.46 -50.34 -78.35
CA ASN FB 43 -48.58 -51.26 -78.40
C ASN FB 43 -49.79 -50.50 -78.92
N ARG FB 44 -50.16 -50.78 -80.17
CA ARG FB 44 -51.27 -50.11 -80.81
C ARG FB 44 -52.61 -50.46 -80.18
N GLN FB 45 -52.69 -51.57 -79.44
CA GLN FB 45 -53.94 -52.04 -78.86
C GLN FB 45 -54.42 -51.21 -77.67
N GLN FB 46 -53.62 -50.27 -77.18
CA GLN FB 46 -54.03 -49.64 -75.94
C GLN FB 46 -54.82 -48.37 -76.22
N PRO FB 47 -55.69 -47.99 -75.28
CA PRO FB 47 -56.32 -46.65 -75.35
C PRO FB 47 -55.31 -45.56 -75.07
N PHE FB 48 -55.71 -44.28 -75.20
CA PHE FB 48 -54.71 -43.21 -75.13
C PHE FB 48 -54.08 -43.09 -73.75
N GLY FB 49 -54.87 -43.24 -72.70
CA GLY FB 49 -54.30 -43.16 -71.36
C GLY FB 49 -53.19 -44.17 -71.15
N VAL FB 50 -53.42 -45.41 -71.58
CA VAL FB 50 -52.54 -46.52 -71.26
C VAL FB 50 -51.37 -46.54 -72.25
N LYS FB 51 -50.16 -46.44 -71.72
CA LYS FB 51 -48.95 -46.53 -72.54
C LYS FB 51 -48.30 -47.88 -72.32
N ASN FB 52 -48.07 -48.60 -73.42
CA ASN FB 52 -47.45 -49.92 -73.41
C ASN FB 52 -46.37 -49.92 -74.48
N THR FB 53 -45.10 -49.89 -74.06
CA THR FB 53 -43.99 -49.80 -75.01
C THR FB 53 -42.86 -50.74 -74.63
N ALA FB 54 -42.00 -51.00 -75.61
CA ALA FB 54 -40.80 -51.80 -75.44
C ALA FB 54 -39.65 -51.09 -76.12
N ARG FB 55 -38.46 -51.26 -75.56
CA ARG FB 55 -37.26 -50.56 -76.02
C ARG FB 55 -36.14 -51.59 -76.11
N TYR FB 56 -35.46 -51.60 -77.25
CA TYR FB 56 -34.43 -52.59 -77.54
C TYR FB 56 -33.20 -51.82 -77.97
N GLY FB 57 -32.12 -51.93 -77.21
CA GLY FB 57 -30.95 -51.12 -77.47
C GLY FB 57 -29.66 -51.89 -77.27
N ILE FB 58 -28.63 -51.47 -78.01
CA ILE FB 58 -27.28 -52.01 -77.83
C ILE FB 58 -26.29 -50.87 -77.69
N ARG FB 59 -25.32 -51.08 -76.81
CA ARG FB 59 -24.17 -50.21 -76.60
C ARG FB 59 -22.92 -51.05 -76.75
N GLN FB 60 -21.84 -50.42 -77.22
CA GLN FB 60 -20.57 -51.14 -77.33
C GLN FB 60 -19.75 -50.92 -76.07
N ILE FB 61 -19.17 -52.02 -75.56
CA ILE FB 61 -18.36 -52.00 -74.35
C ILE FB 61 -16.90 -51.89 -74.76
N ALA FB 62 -16.26 -50.80 -74.35
CA ALA FB 62 -14.87 -50.55 -74.74
C ALA FB 62 -13.97 -51.67 -74.22
N ASP FB 63 -13.90 -51.82 -72.90
CA ASP FB 63 -13.07 -52.83 -72.25
C ASP FB 63 -14.00 -53.71 -71.43
N VAL FB 64 -14.18 -54.97 -71.87
CA VAL FB 64 -15.07 -55.88 -71.16
C VAL FB 64 -14.48 -56.28 -69.81
N TYR FB 65 -13.18 -56.10 -69.62
CA TYR FB 65 -12.51 -56.40 -68.36
C TYR FB 65 -12.41 -55.19 -67.44
N ARG FB 66 -13.01 -54.06 -67.83
CA ARG FB 66 -12.72 -52.78 -67.18
C ARG FB 66 -13.00 -52.82 -65.68
N ASN FB 67 -14.10 -53.45 -65.28
CA ASN FB 67 -14.49 -53.51 -63.88
C ASN FB 67 -14.31 -54.89 -63.27
N THR FB 68 -13.79 -55.86 -64.03
CA THR FB 68 -13.54 -57.18 -63.49
C THR FB 68 -12.10 -57.28 -62.99
N THR FB 69 -11.82 -58.37 -62.27
CA THR FB 69 -10.52 -58.58 -61.65
C THR FB 69 -9.76 -59.74 -62.27
N ILE FB 70 -10.09 -60.09 -63.51
CA ILE FB 70 -9.38 -61.14 -64.23
C ILE FB 70 -7.97 -60.68 -64.52
N ASP FB 71 -6.98 -61.51 -64.21
CA ASP FB 71 -5.60 -61.10 -64.41
C ASP FB 71 -5.34 -60.84 -65.89
N ARG FB 72 -4.47 -59.86 -66.14
CA ARG FB 72 -4.11 -59.49 -67.51
C ARG FB 72 -3.68 -60.72 -68.30
N ALA FB 73 -2.89 -61.59 -67.67
CA ALA FB 73 -2.37 -62.78 -68.33
C ALA FB 73 -3.45 -63.70 -68.85
N TYR FB 74 -4.69 -63.55 -68.37
CA TYR FB 74 -5.79 -64.41 -68.79
C TYR FB 74 -6.88 -63.64 -69.53
N GLN FB 75 -6.58 -62.43 -70.00
CA GLN FB 75 -7.57 -61.68 -70.76
C GLN FB 75 -7.48 -62.02 -72.24
N SER FB 76 -8.64 -62.06 -72.89
CA SER FB 76 -8.68 -62.26 -74.32
C SER FB 76 -7.94 -61.13 -75.03
N PRO FB 77 -7.40 -61.38 -76.22
CA PRO FB 77 -6.89 -60.26 -77.03
C PRO FB 77 -7.98 -59.28 -77.39
N SER FB 78 -9.15 -59.77 -77.78
CA SER FB 78 -10.30 -58.94 -78.12
C SER FB 78 -11.04 -58.57 -76.84
N LYS FB 79 -10.98 -57.30 -76.46
CA LYS FB 79 -11.55 -56.84 -75.21
C LYS FB 79 -12.87 -56.12 -75.42
N LYS FB 80 -13.43 -56.15 -76.61
CA LYS FB 80 -14.67 -55.46 -76.89
C LYS FB 80 -15.85 -56.32 -76.46
N GLY FB 81 -16.94 -55.66 -76.06
CA GLY FB 81 -18.16 -56.36 -75.71
C GLY FB 81 -19.37 -55.67 -76.31
N THR FB 82 -20.51 -56.33 -76.17
CA THR FB 82 -21.80 -55.74 -76.52
C THR FB 82 -22.71 -55.78 -75.29
N SER FB 83 -23.42 -54.68 -75.07
CA SER FB 83 -24.37 -54.55 -73.98
C SER FB 83 -25.75 -54.39 -74.59
N LEU FB 84 -26.64 -55.34 -74.31
CA LEU FB 84 -28.01 -55.33 -74.79
C LEU FB 84 -28.95 -54.93 -73.68
N VAL FB 85 -29.99 -54.18 -74.03
CA VAL FB 85 -31.03 -53.80 -73.09
C VAL FB 85 -32.38 -54.07 -73.73
N VAL FB 86 -33.28 -54.64 -72.93
CA VAL FB 86 -34.65 -54.92 -73.30
C VAL FB 86 -35.51 -54.36 -72.18
N GLN FB 87 -36.24 -53.27 -72.46
CA GLN FB 87 -37.13 -52.65 -71.48
C GLN FB 87 -38.57 -52.79 -71.92
N VAL FB 88 -39.44 -53.09 -70.96
CA VAL FB 88 -40.88 -53.07 -71.19
C VAL FB 88 -41.49 -52.08 -70.21
N THR FB 89 -42.43 -51.28 -70.71
CA THR FB 89 -43.13 -50.25 -69.98
C THR FB 89 -44.63 -50.50 -70.13
N GLU FB 90 -45.32 -50.64 -69.00
CA GLU FB 90 -46.74 -50.90 -68.99
C GLU FB 90 -47.44 -49.86 -68.13
N THR FB 91 -48.73 -49.68 -68.41
CA THR FB 91 -49.57 -48.79 -67.61
C THR FB 91 -50.75 -49.62 -67.09
N TRP FB 92 -50.81 -49.77 -65.78
CA TRP FB 92 -51.86 -50.52 -65.13
C TRP FB 92 -52.92 -49.54 -64.63
N THR FB 93 -54.15 -50.02 -64.49
CA THR FB 93 -55.23 -49.17 -64.01
C THR FB 93 -55.95 -49.83 -62.84
N VAL FB 94 -56.39 -49.00 -61.91
CA VAL FB 94 -57.14 -49.44 -60.74
C VAL FB 94 -58.50 -48.78 -60.81
N ALA FB 95 -59.56 -49.59 -60.68
CA ALA FB 95 -60.92 -49.09 -60.70
C ALA FB 95 -61.73 -49.85 -59.67
N SER FB 96 -63.03 -49.53 -59.62
CA SER FB 96 -63.96 -50.17 -58.69
C SER FB 96 -65.15 -50.74 -59.43
N THR FB 97 -65.54 -51.96 -59.04
CA THR FB 97 -66.77 -52.56 -59.52
C THR FB 97 -67.96 -51.69 -59.17
N ASP FB 98 -67.99 -51.18 -57.94
CA ASP FB 98 -69.15 -50.48 -57.42
C ASP FB 98 -69.23 -49.04 -57.95
N ASP FB 99 -68.07 -48.39 -58.10
CA ASP FB 99 -68.00 -46.97 -58.44
C ASP FB 99 -67.27 -46.82 -59.77
N GLU FB 100 -68.01 -46.42 -60.80
CA GLU FB 100 -67.43 -46.30 -62.12
C GLU FB 100 -66.58 -45.06 -62.27
N THR FB 101 -66.52 -44.21 -61.26
CA THR FB 101 -65.72 -42.99 -61.29
C THR FB 101 -64.39 -43.14 -60.59
N TYR FB 102 -64.22 -44.18 -59.80
CA TYR FB 102 -62.98 -44.40 -59.06
C TYR FB 102 -61.98 -45.06 -60.00
N GLY FB 103 -60.81 -44.44 -60.13
CA GLY FB 103 -59.75 -44.98 -60.94
C GLY FB 103 -58.48 -44.16 -60.85
N TYR FB 104 -57.37 -44.84 -61.10
CA TYR FB 104 -56.09 -44.18 -61.31
C TYR FB 104 -55.16 -45.10 -62.10
N SER FB 105 -54.07 -44.52 -62.60
CA SER FB 105 -53.10 -45.25 -63.41
C SER FB 105 -51.77 -45.37 -62.67
N LEU FB 106 -51.20 -46.58 -62.72
CA LEU FB 106 -49.91 -46.89 -62.14
C LEU FB 106 -48.91 -47.21 -63.23
N PRO FB 107 -47.71 -46.66 -63.17
CA PRO FB 107 -46.69 -46.99 -64.18
C PRO FB 107 -45.78 -48.14 -63.74
N PHE FB 108 -45.63 -49.15 -64.59
CA PHE FB 108 -44.70 -50.24 -64.34
C PHE FB 108 -43.64 -50.23 -65.41
N SER FB 109 -42.40 -50.51 -65.02
CA SER FB 109 -41.35 -50.70 -66.00
C SER FB 109 -40.38 -51.73 -65.45
N ALA FB 110 -39.72 -52.40 -66.38
CA ALA FB 110 -38.68 -53.33 -65.99
C ALA FB 110 -37.83 -53.59 -67.20
N HIS FB 111 -36.55 -53.83 -66.97
CA HIS FB 111 -35.67 -54.11 -68.09
C HIS FB 111 -34.63 -55.16 -67.72
N VAL FB 112 -34.03 -55.69 -68.76
CA VAL FB 112 -32.97 -56.69 -68.68
C VAL FB 112 -31.78 -56.14 -69.45
N ILE FB 113 -30.60 -56.32 -68.89
CA ILE FB 113 -29.36 -55.92 -69.52
C ILE FB 113 -28.45 -57.14 -69.57
N VAL FB 114 -27.80 -57.35 -70.70
CA VAL FB 114 -26.96 -58.50 -70.95
C VAL FB 114 -25.65 -58.01 -71.53
N ASN FB 115 -24.54 -58.34 -70.88
CA ASN FB 115 -23.22 -57.85 -71.25
C ASN FB 115 -22.38 -59.03 -71.70
N VAL FB 116 -22.25 -59.17 -73.03
CA VAL FB 116 -21.68 -60.34 -73.69
C VAL FB 116 -20.35 -59.94 -74.32
N PRO FB 117 -19.24 -60.59 -73.98
CA PRO FB 117 -17.99 -60.36 -74.71
C PRO FB 117 -18.10 -60.79 -76.15
N GLN FB 118 -17.38 -60.10 -77.04
CA GLN FB 118 -17.36 -60.43 -78.46
C GLN FB 118 -16.35 -61.55 -78.67
N ASP FB 119 -16.83 -62.80 -78.60
CA ASP FB 119 -16.00 -63.97 -78.80
C ASP FB 119 -16.76 -64.99 -79.62
N ALA FB 120 -16.06 -65.60 -80.59
CA ALA FB 120 -16.73 -66.51 -81.52
C ALA FB 120 -17.37 -67.69 -80.80
N LEU FB 121 -16.83 -68.12 -79.66
CA LEU FB 121 -17.31 -69.33 -79.02
C LEU FB 121 -18.61 -69.14 -78.25
N ILE FB 122 -18.97 -67.91 -77.91
CA ILE FB 122 -20.25 -67.67 -77.23
C ILE FB 122 -21.37 -67.82 -78.25
N THR FB 123 -22.35 -68.66 -77.94
CA THR FB 123 -23.43 -68.95 -78.86
C THR FB 123 -24.78 -68.51 -78.30
N GLU FB 124 -25.77 -68.45 -79.20
CA GLU FB 124 -27.07 -67.95 -78.81
C GLU FB 124 -27.69 -68.83 -77.75
N GLU FB 125 -27.49 -70.15 -77.85
CA GLU FB 125 -28.01 -71.04 -76.83
C GLU FB 125 -27.31 -70.80 -75.49
N ILE FB 126 -25.99 -70.60 -75.50
CA ILE FB 126 -25.27 -70.31 -74.27
C ILE FB 126 -25.88 -69.10 -73.59
N LEU FB 127 -26.20 -68.07 -74.38
CA LEU FB 127 -26.74 -66.85 -73.80
C LEU FB 127 -28.16 -67.03 -73.28
N TYR FB 128 -29.01 -67.76 -74.00
CA TYR FB 128 -30.33 -68.02 -73.45
C TYR FB 128 -30.26 -68.80 -72.14
N ASP FB 129 -29.37 -69.81 -72.08
CA ASP FB 129 -29.25 -70.55 -70.83
C ASP FB 129 -28.68 -69.68 -69.72
N ALA FB 130 -27.83 -68.71 -70.07
CA ALA FB 130 -27.42 -67.71 -69.10
C ALA FB 130 -28.63 -66.92 -68.59
N LEU FB 131 -29.50 -66.49 -69.50
CA LEU FB 131 -30.69 -65.76 -69.08
C LEU FB 131 -31.56 -66.61 -68.16
N LYS FB 132 -31.61 -67.92 -68.41
CA LYS FB 132 -32.41 -68.81 -67.58
C LYS FB 132 -31.82 -68.92 -66.19
N ARG FB 133 -30.48 -69.02 -66.10
CA ARG FB 133 -29.82 -69.00 -64.80
C ARG FB 133 -30.10 -67.69 -64.08
N LEU FB 134 -30.03 -66.57 -64.81
CA LEU FB 134 -30.27 -65.25 -64.25
C LEU FB 134 -31.66 -65.15 -63.64
N MET FB 135 -32.70 -65.36 -64.46
CA MET FB 135 -34.05 -65.30 -63.95
C MET FB 135 -34.30 -66.33 -62.86
N GLY FB 136 -33.52 -67.41 -62.81
CA GLY FB 136 -33.72 -68.35 -61.72
C GLY FB 136 -33.42 -67.80 -60.35
N HIS FB 137 -32.68 -66.71 -60.26
CA HIS FB 137 -32.37 -66.09 -58.97
C HIS FB 137 -33.56 -65.38 -58.36
N PHE FB 138 -34.69 -65.30 -59.06
CA PHE FB 138 -35.92 -64.82 -58.44
C PHE FB 138 -36.61 -65.90 -57.62
N TYR FB 139 -35.99 -67.07 -57.49
CA TYR FB 139 -36.56 -68.18 -56.74
C TYR FB 139 -35.47 -68.75 -55.84
N GLU FB 140 -35.87 -69.62 -54.92
CA GLU FB 140 -34.94 -70.38 -54.09
C GLU FB 140 -35.18 -71.86 -54.29
N GLY FB 141 -34.11 -72.61 -54.49
CA GLY FB 141 -34.18 -74.03 -54.74
C GLY FB 141 -34.00 -74.85 -53.48
N ASN FB 142 -34.70 -75.98 -53.44
CA ASN FB 142 -34.75 -76.88 -52.30
C ASN FB 142 -34.57 -78.31 -52.79
N ASP FB 143 -33.34 -78.82 -52.66
CA ASP FB 143 -32.98 -80.21 -52.91
C ASP FB 143 -33.21 -81.10 -51.69
N THR FB 144 -33.46 -80.53 -50.50
CA THR FB 144 -33.75 -81.32 -49.31
C THR FB 144 -34.99 -82.19 -49.53
N THR FB 145 -36.04 -81.62 -50.13
CA THR FB 145 -37.24 -82.39 -50.40
C THR FB 145 -36.93 -83.57 -51.31
N SER FB 146 -37.73 -84.61 -51.17
CA SER FB 146 -37.60 -85.77 -52.05
C SER FB 146 -37.90 -85.39 -53.51
N PRO FB 147 -39.06 -84.76 -53.87
CA PRO FB 147 -39.14 -84.12 -55.20
C PRO FB 147 -38.61 -82.69 -55.08
N THR FB 148 -37.66 -82.26 -55.91
CA THR FB 148 -36.99 -80.98 -55.65
C THR FB 148 -37.97 -79.84 -55.91
N THR FB 149 -38.01 -78.85 -55.02
CA THR FB 149 -39.04 -77.81 -55.07
C THR FB 149 -38.41 -76.41 -54.99
N THR FB 150 -39.20 -75.41 -55.36
CA THR FB 150 -38.75 -74.03 -55.40
C THR FB 150 -39.79 -73.12 -54.77
N SER FB 151 -39.30 -72.02 -54.22
CA SER FB 151 -40.16 -71.02 -53.59
C SER FB 151 -39.81 -69.62 -54.09
N VAL FB 152 -40.76 -68.71 -54.00
CA VAL FB 152 -40.66 -67.41 -54.65
C VAL FB 152 -40.05 -66.42 -53.66
N ARG FB 153 -39.21 -65.51 -54.17
CA ARG FB 153 -38.55 -64.51 -53.33
C ARG FB 153 -38.63 -63.09 -53.87
N LEU FB 154 -39.47 -62.84 -54.87
CA LEU FB 154 -39.55 -61.49 -55.43
C LEU FB 154 -40.11 -60.50 -54.42
N LYS FB 155 -41.19 -60.88 -53.74
CA LYS FB 155 -41.75 -59.98 -52.73
C LYS FB 155 -40.77 -59.78 -51.59
N ASP FB 156 -40.18 -60.87 -51.08
CA ASP FB 156 -39.20 -60.76 -50.02
C ASP FB 156 -38.10 -59.77 -50.38
N MET FB 157 -37.54 -59.88 -51.59
CA MET FB 157 -36.49 -58.96 -51.99
C MET FB 157 -37.01 -57.52 -52.05
N LEU FB 158 -38.16 -57.32 -52.70
CA LEU FB 158 -38.73 -55.97 -52.74
C LEU FB 158 -38.92 -55.37 -51.37
N GLN FB 159 -39.19 -56.19 -50.35
CA GLN FB 159 -39.41 -55.69 -49.00
C GLN FB 159 -38.13 -55.46 -48.22
N GLY FB 160 -36.96 -55.75 -48.79
CA GLY FB 160 -35.68 -55.45 -48.17
C GLY FB 160 -34.91 -56.65 -47.70
N ALA FB 161 -35.50 -57.84 -47.82
CA ALA FB 161 -34.87 -59.10 -47.42
C ALA FB 161 -34.13 -59.67 -48.63
N LEU FB 162 -32.90 -59.20 -48.80
CA LEU FB 162 -32.18 -59.51 -50.02
C LEU FB 162 -31.35 -60.78 -49.90
N VAL FB 163 -31.05 -61.22 -48.69
CA VAL FB 163 -30.36 -62.48 -48.51
C VAL FB 163 -31.38 -63.60 -48.69
N PRO FB 164 -31.04 -64.67 -49.41
CA PRO FB 164 -31.95 -65.79 -49.53
C PRO FB 164 -32.27 -66.42 -48.18
N GLN FB 165 -33.41 -67.11 -48.12
CA GLN FB 165 -33.80 -67.78 -46.89
C GLN FB 165 -32.93 -69.00 -46.63
N SER FB 166 -32.34 -69.57 -47.68
CA SER FB 166 -31.47 -70.73 -47.56
C SER FB 166 -30.16 -70.42 -46.83
N LEU FB 167 -29.83 -69.14 -46.64
CA LEU FB 167 -28.60 -68.76 -45.94
C LEU FB 167 -28.90 -68.06 -44.62
N SER GB 1 -71.17 -46.18 -68.73
CA SER GB 1 -71.12 -45.32 -67.54
C SER GB 1 -70.35 -44.05 -67.89
N LYS GB 2 -69.03 -44.15 -68.05
CA LYS GB 2 -68.27 -42.96 -68.45
C LYS GB 2 -68.50 -42.66 -69.92
N ILE GB 3 -68.87 -41.41 -70.21
CA ILE GB 3 -69.19 -40.98 -71.55
C ILE GB 3 -68.50 -39.66 -71.81
N LEU GB 4 -67.83 -39.57 -72.95
CA LEU GB 4 -67.30 -38.32 -73.48
C LEU GB 4 -68.27 -37.80 -74.54
N SER GB 5 -68.68 -36.54 -74.41
CA SER GB 5 -69.45 -35.86 -75.44
C SER GB 5 -68.61 -34.75 -76.04
N THR GB 6 -68.69 -34.61 -77.35
CA THR GB 6 -68.07 -33.48 -78.03
C THR GB 6 -68.95 -32.24 -78.01
N ASN GB 7 -70.14 -32.32 -77.38
CA ASN GB 7 -71.04 -31.18 -77.24
C ASN GB 7 -71.39 -30.54 -78.58
N ASN GB 8 -71.37 -31.33 -79.66
CA ASN GB 8 -71.83 -30.84 -80.94
C ASN GB 8 -73.28 -31.24 -81.22
N SER GB 9 -73.94 -31.84 -80.24
CA SER GB 9 -75.29 -32.34 -80.43
C SER GB 9 -76.29 -31.22 -80.74
N ASN GB 10 -76.00 -29.99 -80.32
CA ASN GB 10 -76.89 -28.88 -80.58
C ASN GB 10 -76.38 -27.94 -81.66
N SER GB 11 -75.27 -28.28 -82.32
CA SER GB 11 -74.83 -27.53 -83.48
C SER GB 11 -75.60 -28.00 -84.71
N ASN GB 12 -75.78 -27.10 -85.68
CA ASN GB 12 -76.51 -27.41 -86.91
C ASN GB 12 -75.52 -27.53 -88.06
N PHE GB 13 -75.49 -28.70 -88.67
CA PHE GB 13 -74.57 -28.95 -89.78
C PHE GB 13 -75.31 -29.42 -91.02
N VAL GB 14 -74.55 -29.46 -92.10
CA VAL GB 14 -74.98 -29.95 -93.40
C VAL GB 14 -73.86 -30.80 -93.96
N ASP GB 15 -74.18 -31.98 -94.46
CA ASP GB 15 -73.14 -32.86 -94.98
C ASP GB 15 -72.74 -32.44 -96.39
N THR GB 16 -71.47 -32.66 -96.71
CA THR GB 16 -71.01 -32.52 -98.09
C THR GB 16 -69.88 -33.50 -98.34
N SER GB 17 -69.72 -33.90 -99.60
CA SER GB 17 -68.76 -34.91 -99.97
C SER GB 17 -67.39 -34.28 -100.19
N PHE GB 18 -66.36 -34.98 -99.71
CA PHE GB 18 -64.99 -34.47 -99.78
C PHE GB 18 -64.11 -35.72 -99.95
N THR GB 19 -63.90 -36.10 -101.20
CA THR GB 19 -63.30 -37.40 -101.50
C THR GB 19 -61.78 -37.27 -101.46
N LEU GB 20 -61.16 -37.99 -100.53
CA LEU GB 20 -59.73 -37.88 -100.30
C LEU GB 20 -58.97 -38.77 -101.26
N LYS GB 21 -57.82 -38.27 -101.72
CA LYS GB 21 -56.86 -39.04 -102.50
C LYS GB 21 -55.75 -39.48 -101.54
N VAL GB 22 -55.89 -40.70 -101.03
CA VAL GB 22 -54.99 -41.34 -100.08
C VAL GB 22 -53.78 -41.92 -100.81
N PRO GB 23 -52.56 -41.73 -100.33
CA PRO GB 23 -51.39 -42.22 -101.08
C PRO GB 23 -51.16 -43.72 -100.96
N VAL GB 24 -50.65 -44.29 -102.04
CA VAL GB 24 -50.13 -45.66 -102.04
C VAL GB 24 -48.65 -45.53 -101.72
N TYR GB 25 -48.35 -45.50 -100.43
CA TYR GB 25 -47.00 -45.15 -100.00
C TYR GB 25 -45.99 -46.14 -100.54
N SER GB 26 -46.35 -47.42 -100.57
CA SER GB 26 -45.47 -48.44 -101.12
C SER GB 26 -45.01 -48.11 -102.54
N LYS GB 27 -45.90 -47.62 -103.43
CA LYS GB 27 -45.41 -47.26 -104.76
C LYS GB 27 -44.64 -45.95 -104.77
N ASP GB 28 -45.20 -44.92 -104.14
CA ASP GB 28 -44.74 -43.56 -104.47
C ASP GB 28 -43.69 -43.00 -103.53
N TYR GB 29 -43.68 -43.38 -102.25
CA TYR GB 29 -42.97 -42.59 -101.26
C TYR GB 29 -41.83 -43.39 -100.63
N ARG GB 30 -40.75 -42.67 -100.31
CA ARG GB 30 -39.57 -43.25 -99.67
C ARG GB 30 -39.16 -42.32 -98.53
N VAL GB 31 -38.38 -42.83 -97.57
CA VAL GB 31 -38.11 -42.07 -96.36
C VAL GB 31 -36.81 -41.27 -96.52
N THR GB 32 -36.93 -39.95 -96.40
CA THR GB 32 -35.83 -38.99 -96.32
C THR GB 32 -35.34 -38.77 -94.89
N GLN GB 33 -36.26 -38.73 -93.92
CA GLN GB 33 -35.88 -38.49 -92.52
C GLN GB 33 -36.69 -39.42 -91.63
N ASP GB 34 -36.00 -40.18 -90.77
CA ASP GB 34 -36.63 -41.08 -89.81
C ASP GB 34 -36.20 -40.74 -88.38
N GLU GB 35 -36.32 -39.48 -87.99
CA GLU GB 35 -35.97 -39.25 -86.59
C GLU GB 35 -37.22 -39.43 -85.73
N PRO GB 36 -37.04 -39.70 -84.42
CA PRO GB 36 -38.12 -40.30 -83.62
C PRO GB 36 -39.44 -39.57 -83.66
N ASP GB 37 -39.39 -38.24 -83.65
CA ASP GB 37 -40.56 -37.37 -83.61
C ASP GB 37 -40.82 -36.64 -84.92
N GLU GB 38 -40.01 -36.87 -85.95
CA GLU GB 38 -40.21 -36.17 -87.21
C GLU GB 38 -39.80 -37.10 -88.34
N VAL GB 39 -40.73 -37.38 -89.24
CA VAL GB 39 -40.48 -38.21 -90.41
C VAL GB 39 -40.76 -37.40 -91.65
N VAL GB 40 -39.82 -37.42 -92.56
CA VAL GB 40 -39.97 -36.78 -93.86
C VAL GB 40 -39.92 -37.86 -94.92
N VAL GB 41 -40.80 -37.72 -95.91
CA VAL GB 41 -41.07 -38.72 -96.92
C VAL GB 41 -41.14 -38.02 -98.26
N ALA GB 42 -40.44 -38.56 -99.25
CA ALA GB 42 -40.35 -37.95 -100.56
C ALA GB 42 -41.06 -38.80 -101.60
N ASN GB 43 -41.57 -38.12 -102.63
CA ASN GB 43 -42.33 -38.75 -103.71
C ASN GB 43 -41.36 -39.20 -104.80
N ARG GB 44 -41.23 -40.51 -104.94
CA ARG GB 44 -40.34 -41.10 -105.93
C ARG GB 44 -40.73 -40.72 -107.36
N GLN GB 45 -42.02 -40.48 -107.60
CA GLN GB 45 -42.53 -40.39 -108.97
C GLN GB 45 -42.22 -39.08 -109.67
N GLN GB 46 -41.83 -38.04 -108.93
CA GLN GB 46 -41.60 -36.76 -109.57
C GLN GB 46 -40.26 -36.76 -110.30
N PRO GB 47 -40.13 -35.96 -111.37
CA PRO GB 47 -38.81 -35.76 -112.00
C PRO GB 47 -37.90 -34.91 -111.12
N PHE GB 48 -36.65 -34.71 -111.53
CA PHE GB 48 -35.68 -34.12 -110.61
C PHE GB 48 -36.02 -32.68 -110.26
N GLY GB 49 -36.64 -31.95 -111.19
CA GLY GB 49 -37.01 -30.58 -110.88
C GLY GB 49 -38.08 -30.50 -109.80
N VAL GB 50 -39.11 -31.35 -109.91
CA VAL GB 50 -40.27 -31.24 -109.05
C VAL GB 50 -39.97 -31.90 -107.71
N LYS GB 51 -40.26 -31.20 -106.62
CA LYS GB 51 -40.08 -31.70 -105.27
C LYS GB 51 -41.44 -31.89 -104.62
N ASN GB 52 -41.71 -33.11 -104.15
CA ASN GB 52 -42.99 -33.49 -103.55
C ASN GB 52 -42.68 -34.25 -102.26
N THR GB 53 -42.99 -33.67 -101.12
CA THR GB 53 -42.68 -34.27 -99.84
C THR GB 53 -43.87 -34.19 -98.89
N ALA GB 54 -43.79 -35.02 -97.84
CA ALA GB 54 -44.76 -35.05 -96.76
C ALA GB 54 -43.99 -35.19 -95.47
N ARG GB 55 -44.46 -34.52 -94.43
CA ARG GB 55 -43.77 -34.46 -93.14
C ARG GB 55 -44.77 -34.79 -92.05
N TYR GB 56 -44.38 -35.69 -91.15
CA TYR GB 56 -45.26 -36.18 -90.10
C TYR GB 56 -44.51 -36.00 -88.79
N GLY GB 57 -45.06 -35.24 -87.86
CA GLY GB 57 -44.35 -34.93 -86.63
C GLY GB 57 -45.27 -34.85 -85.43
N ILE GB 58 -44.75 -35.23 -84.27
CA ILE GB 58 -45.47 -35.03 -83.03
C ILE GB 58 -44.60 -34.27 -82.05
N ARG GB 59 -45.26 -33.51 -81.18
CA ARG GB 59 -44.66 -32.77 -80.08
C ARG GB 59 -45.48 -33.07 -78.84
N GLN GB 60 -44.80 -33.18 -77.69
CA GLN GB 60 -45.53 -33.42 -76.46
C GLN GB 60 -45.99 -32.09 -75.88
N ILE GB 61 -47.25 -32.06 -75.44
CA ILE GB 61 -47.86 -30.85 -74.92
C ILE GB 61 -47.81 -30.93 -73.41
N ALA GB 62 -47.22 -29.90 -72.79
CA ALA GB 62 -46.96 -29.92 -71.36
C ALA GB 62 -48.26 -29.79 -70.57
N ASP GB 63 -49.03 -28.74 -70.85
CA ASP GB 63 -50.31 -28.47 -70.20
C ASP GB 63 -51.30 -28.11 -71.30
N VAL GB 64 -52.23 -29.02 -71.59
CA VAL GB 64 -53.19 -28.75 -72.64
C VAL GB 64 -54.17 -27.66 -72.24
N TYR GB 65 -54.23 -27.32 -70.94
CA TYR GB 65 -55.13 -26.30 -70.41
C TYR GB 65 -54.52 -24.91 -70.37
N ARG GB 66 -53.28 -24.75 -70.83
CA ARG GB 66 -52.51 -23.55 -70.49
C ARG GB 66 -52.93 -22.33 -71.31
N ASN GB 67 -52.99 -22.45 -72.63
CA ASN GB 67 -53.39 -21.28 -73.38
C ASN GB 67 -54.90 -21.08 -73.41
N THR GB 68 -55.68 -22.06 -72.94
CA THR GB 68 -57.12 -22.10 -73.14
C THR GB 68 -57.85 -21.26 -72.09
N THR GB 69 -59.12 -20.97 -72.38
CA THR GB 69 -60.03 -20.43 -71.37
C THR GB 69 -60.60 -21.53 -70.50
N ILE GB 70 -60.53 -22.77 -70.94
CA ILE GB 70 -60.81 -23.90 -70.08
C ILE GB 70 -59.69 -24.05 -69.06
N ASP GB 71 -60.04 -24.52 -67.88
CA ASP GB 71 -59.05 -24.97 -66.92
C ASP GB 71 -59.51 -26.26 -66.28
N ARG GB 72 -58.57 -26.92 -65.62
CA ARG GB 72 -58.69 -28.33 -65.29
C ARG GB 72 -59.56 -28.53 -64.05
N ALA GB 73 -60.62 -29.32 -64.18
CA ALA GB 73 -61.42 -29.69 -63.03
C ALA GB 73 -60.68 -30.75 -62.20
N TYR GB 74 -61.14 -30.95 -60.96
CA TYR GB 74 -60.28 -31.63 -60.00
C TYR GB 74 -60.07 -33.09 -60.31
N GLN GB 75 -60.97 -33.68 -61.09
CA GLN GB 75 -60.96 -35.11 -61.37
C GLN GB 75 -60.55 -35.38 -62.82
N SER GB 76 -59.68 -34.54 -63.34
CA SER GB 76 -59.15 -34.81 -64.67
C SER GB 76 -57.98 -35.78 -64.58
N PRO GB 77 -57.87 -36.70 -65.53
CA PRO GB 77 -56.76 -37.68 -65.47
C PRO GB 77 -55.38 -37.07 -65.63
N SER GB 78 -55.21 -36.17 -66.60
CA SER GB 78 -53.91 -35.58 -66.87
C SER GB 78 -54.09 -34.22 -67.51
N LYS GB 79 -53.04 -33.42 -67.42
CA LYS GB 79 -52.90 -32.21 -68.21
C LYS GB 79 -52.15 -32.47 -69.51
N LYS GB 80 -51.60 -33.66 -69.69
CA LYS GB 80 -50.70 -33.91 -70.80
C LYS GB 80 -51.44 -33.89 -72.13
N GLY GB 81 -50.68 -33.68 -73.21
CA GLY GB 81 -51.28 -33.75 -74.52
C GLY GB 81 -50.27 -34.15 -75.58
N THR GB 82 -50.76 -34.34 -76.79
CA THR GB 82 -49.89 -34.58 -77.94
C THR GB 82 -50.36 -33.72 -79.10
N SER GB 83 -49.39 -33.16 -79.82
CA SER GB 83 -49.66 -32.29 -80.95
C SER GB 83 -49.11 -32.95 -82.20
N LEU GB 84 -49.98 -33.19 -83.18
CA LEU GB 84 -49.62 -33.85 -84.43
C LEU GB 84 -49.63 -32.84 -85.56
N VAL GB 85 -48.67 -32.98 -86.47
CA VAL GB 85 -48.61 -32.17 -87.68
C VAL GB 85 -48.42 -33.09 -88.87
N VAL GB 86 -49.19 -32.78 -89.91
CA VAL GB 86 -49.10 -33.46 -91.20
C VAL GB 86 -48.95 -32.37 -92.24
N GLN GB 87 -47.83 -32.36 -92.95
CA GLN GB 87 -47.54 -31.35 -93.96
C GLN GB 87 -47.33 -32.00 -95.30
N VAL GB 88 -47.85 -31.36 -96.34
CA VAL GB 88 -47.56 -31.75 -97.71
C VAL GB 88 -46.94 -30.56 -98.41
N THR GB 89 -45.93 -30.84 -99.25
CA THR GB 89 -45.18 -29.86 -100.02
C THR GB 89 -45.17 -30.32 -101.46
N GLU GB 90 -45.63 -29.46 -102.37
CA GLU GB 90 -45.67 -29.79 -103.78
C GLU GB 90 -44.99 -28.70 -104.59
N THR GB 91 -44.57 -29.08 -105.79
CA THR GB 91 -43.93 -28.17 -106.73
C THR GB 91 -44.74 -28.17 -108.01
N TRP GB 92 -45.47 -27.10 -108.27
CA TRP GB 92 -46.28 -26.96 -109.46
C TRP GB 92 -45.45 -26.24 -110.52
N THR GB 93 -45.74 -26.50 -111.79
CA THR GB 93 -44.92 -25.95 -112.87
C THR GB 93 -45.80 -25.26 -113.91
N VAL GB 94 -45.40 -24.04 -114.27
CA VAL GB 94 -46.06 -23.26 -115.31
C VAL GB 94 -45.15 -23.28 -116.54
N ALA GB 95 -45.72 -23.62 -117.69
CA ALA GB 95 -45.02 -23.62 -118.96
C ALA GB 95 -45.89 -22.94 -120.01
N SER GB 96 -45.32 -22.77 -121.21
CA SER GB 96 -46.04 -22.13 -122.30
C SER GB 96 -45.97 -23.00 -123.56
N THR GB 97 -47.11 -23.13 -124.25
CA THR GB 97 -47.17 -23.84 -125.51
C THR GB 97 -46.61 -23.02 -126.68
N ASP GB 98 -46.39 -21.72 -126.47
CA ASP GB 98 -45.79 -20.86 -127.48
C ASP GB 98 -44.27 -20.87 -127.39
N ASP GB 99 -43.75 -20.61 -126.19
CA ASP GB 99 -42.32 -20.43 -125.95
C ASP GB 99 -41.79 -21.60 -125.14
N GLU GB 100 -40.77 -22.28 -125.68
CA GLU GB 100 -40.09 -23.30 -124.91
C GLU GB 100 -39.23 -22.70 -123.80
N THR GB 101 -38.86 -21.42 -123.92
CA THR GB 101 -38.03 -20.76 -122.92
C THR GB 101 -38.82 -20.42 -121.66
N TYR GB 102 -40.11 -20.17 -121.79
CA TYR GB 102 -40.89 -19.62 -120.70
C TYR GB 102 -41.35 -20.72 -119.77
N GLY GB 103 -41.00 -20.60 -118.50
CA GLY GB 103 -41.48 -21.50 -117.47
C GLY GB 103 -41.00 -21.07 -116.11
N TYR GB 104 -41.72 -21.53 -115.10
CA TYR GB 104 -41.29 -21.33 -113.70
C TYR GB 104 -41.97 -22.37 -112.82
N SER GB 105 -41.51 -22.43 -111.57
CA SER GB 105 -42.02 -23.36 -110.57
C SER GB 105 -42.66 -22.59 -109.42
N LEU GB 106 -43.83 -23.03 -109.00
CA LEU GB 106 -44.55 -22.48 -107.88
C LEU GB 106 -44.49 -23.45 -106.72
N PRO GB 107 -44.11 -23.00 -105.54
CA PRO GB 107 -44.11 -23.90 -104.38
C PRO GB 107 -45.44 -23.86 -103.64
N PHE GB 108 -46.07 -25.01 -103.43
CA PHE GB 108 -47.28 -25.09 -102.63
C PHE GB 108 -46.97 -25.83 -101.33
N SER GB 109 -47.55 -25.37 -100.22
CA SER GB 109 -47.44 -26.18 -99.02
C SER GB 109 -48.71 -26.02 -98.19
N ALA GB 110 -48.98 -27.02 -97.38
CA ALA GB 110 -50.10 -26.91 -96.46
C ALA GB 110 -49.92 -27.95 -95.37
N HIS GB 111 -50.48 -27.67 -94.21
CA HIS GB 111 -50.37 -28.63 -93.13
C HIS GB 111 -51.57 -28.56 -92.21
N VAL GB 112 -51.72 -29.62 -91.43
CA VAL GB 112 -52.77 -29.76 -90.44
C VAL GB 112 -52.09 -30.02 -89.11
N ILE GB 113 -52.63 -29.42 -88.06
CA ILE GB 113 -52.13 -29.63 -86.71
C ILE GB 113 -53.31 -29.98 -85.83
N VAL GB 114 -53.13 -30.98 -84.98
CA VAL GB 114 -54.17 -31.54 -84.13
C VAL GB 114 -53.63 -31.63 -82.72
N ASN GB 115 -54.39 -31.13 -81.74
CA ASN GB 115 -53.92 -31.04 -80.36
C ASN GB 115 -54.81 -31.87 -79.45
N VAL GB 116 -54.42 -33.12 -79.23
CA VAL GB 116 -55.28 -34.13 -78.59
C VAL GB 116 -54.88 -34.23 -77.12
N PRO GB 117 -55.81 -34.04 -76.18
CA PRO GB 117 -55.52 -34.33 -74.78
C PRO GB 117 -55.32 -35.81 -74.52
N GLN GB 118 -54.63 -36.11 -73.42
CA GLN GB 118 -54.38 -37.49 -73.00
C GLN GB 118 -55.54 -37.96 -72.10
N ASP GB 119 -56.61 -38.41 -72.75
CA ASP GB 119 -57.70 -39.07 -72.05
C ASP GB 119 -58.11 -40.28 -72.86
N ALA GB 120 -58.23 -41.43 -72.20
CA ALA GB 120 -58.45 -42.68 -72.92
C ALA GB 120 -59.80 -42.71 -73.62
N LEU GB 121 -60.77 -41.90 -73.17
CA LEU GB 121 -62.09 -41.86 -73.80
C LEU GB 121 -62.10 -41.17 -75.16
N ILE GB 122 -61.07 -40.39 -75.48
CA ILE GB 122 -60.91 -39.88 -76.84
C ILE GB 122 -60.52 -41.06 -77.73
N THR GB 123 -61.32 -41.33 -78.75
CA THR GB 123 -61.10 -42.45 -79.63
C THR GB 123 -60.65 -41.98 -81.00
N GLU GB 124 -60.10 -42.93 -81.77
CA GLU GB 124 -59.60 -42.59 -83.09
C GLU GB 124 -60.74 -42.07 -83.96
N GLU GB 125 -61.93 -42.64 -83.80
CA GLU GB 125 -63.07 -42.15 -84.56
C GLU GB 125 -63.48 -40.75 -84.11
N ILE GB 126 -63.47 -40.48 -82.81
CA ILE GB 126 -63.79 -39.14 -82.33
C ILE GB 126 -62.88 -38.13 -83.00
N LEU GB 127 -61.60 -38.46 -83.10
CA LEU GB 127 -60.63 -37.54 -83.69
C LEU GB 127 -60.87 -37.36 -85.19
N TYR GB 128 -61.14 -38.45 -85.93
CA TYR GB 128 -61.42 -38.27 -87.35
C TYR GB 128 -62.67 -37.42 -87.56
N ASP GB 129 -63.72 -37.64 -86.77
CA ASP GB 129 -64.93 -36.83 -86.95
C ASP GB 129 -64.66 -35.38 -86.57
N ALA GB 130 -63.77 -35.14 -85.61
CA ALA GB 130 -63.32 -33.78 -85.35
C ALA GB 130 -62.66 -33.16 -86.58
N LEU GB 131 -61.78 -33.93 -87.24
CA LEU GB 131 -61.14 -33.45 -88.46
C LEU GB 131 -62.18 -33.13 -89.53
N LYS GB 132 -63.24 -33.93 -89.60
CA LYS GB 132 -64.29 -33.67 -90.58
C LYS GB 132 -65.04 -32.37 -90.28
N ARG GB 133 -65.33 -32.14 -89.00
CA ARG GB 133 -65.91 -30.85 -88.60
C ARG GB 133 -64.98 -29.70 -88.95
N LEU GB 134 -63.68 -29.89 -88.71
CA LEU GB 134 -62.67 -28.88 -89.02
C LEU GB 134 -62.72 -28.49 -90.49
N MET GB 135 -62.47 -29.46 -91.37
CA MET GB 135 -62.51 -29.19 -92.80
C MET GB 135 -63.84 -28.64 -93.26
N GLY GB 136 -64.93 -28.92 -92.54
CA GLY GB 136 -66.20 -28.33 -92.93
C GLY GB 136 -66.20 -26.81 -92.95
N HIS GB 137 -65.31 -26.18 -92.18
CA HIS GB 137 -65.26 -24.72 -92.14
C HIS GB 137 -64.72 -24.09 -93.41
N PHE GB 138 -64.28 -24.91 -94.37
CA PHE GB 138 -63.97 -24.39 -95.71
C PHE GB 138 -65.21 -24.27 -96.57
N TYR GB 139 -66.39 -24.38 -95.97
CA TYR GB 139 -67.65 -24.34 -96.68
C TYR GB 139 -68.68 -23.60 -95.82
N GLU GB 140 -69.82 -23.29 -96.44
CA GLU GB 140 -70.99 -22.76 -95.74
C GLU GB 140 -72.18 -23.63 -96.11
N GLY GB 141 -73.05 -23.90 -95.13
CA GLY GB 141 -74.18 -24.76 -95.36
C GLY GB 141 -75.52 -24.06 -95.26
N ASN GB 142 -76.57 -24.67 -95.83
CA ASN GB 142 -77.92 -24.13 -95.80
C ASN GB 142 -78.89 -25.20 -95.31
N ASP GB 143 -79.54 -24.97 -94.16
CA ASP GB 143 -80.61 -25.89 -93.77
C ASP GB 143 -81.84 -25.72 -94.63
N THR GB 144 -81.96 -24.57 -95.29
CA THR GB 144 -83.23 -24.18 -95.87
C THR GB 144 -83.66 -25.11 -97.00
N THR GB 145 -82.80 -25.32 -97.98
CA THR GB 145 -83.16 -26.10 -99.15
C THR GB 145 -83.50 -27.53 -98.77
N SER GB 146 -84.35 -28.13 -99.58
CA SER GB 146 -84.76 -29.50 -99.30
C SER GB 146 -83.62 -30.49 -99.49
N PRO GB 147 -82.87 -30.46 -100.59
CA PRO GB 147 -81.54 -31.05 -100.47
C PRO GB 147 -80.62 -29.97 -99.95
N THR GB 148 -79.92 -30.25 -98.84
CA THR GB 148 -79.08 -29.25 -98.22
C THR GB 148 -77.98 -28.85 -99.21
N THR GB 149 -77.70 -27.56 -99.28
CA THR GB 149 -76.71 -27.04 -100.21
C THR GB 149 -75.56 -26.43 -99.45
N THR GB 150 -74.37 -26.59 -100.03
CA THR GB 150 -73.13 -26.04 -99.47
C THR GB 150 -72.41 -25.24 -100.54
N SER GB 151 -71.96 -24.05 -100.17
CA SER GB 151 -71.11 -23.21 -101.01
C SER GB 151 -69.71 -23.17 -100.43
N VAL GB 152 -68.77 -22.66 -101.22
CA VAL GB 152 -67.35 -22.75 -100.89
C VAL GB 152 -66.84 -21.43 -100.32
N ARG GB 153 -65.80 -21.54 -99.50
CA ARG GB 153 -65.22 -20.39 -98.84
C ARG GB 153 -63.77 -20.11 -99.21
N LEU GB 154 -63.01 -21.12 -99.64
CA LEU GB 154 -61.56 -21.01 -99.71
C LEU GB 154 -61.13 -19.77 -100.49
N LYS GB 155 -61.75 -19.51 -101.64
CA LYS GB 155 -61.43 -18.31 -102.40
C LYS GB 155 -61.70 -17.06 -101.59
N ASP GB 156 -62.94 -16.91 -101.11
CA ASP GB 156 -63.32 -15.69 -100.41
C ASP GB 156 -62.40 -15.45 -99.21
N MET GB 157 -62.00 -16.52 -98.51
CA MET GB 157 -61.11 -16.36 -97.37
C MET GB 157 -59.73 -15.91 -97.81
N LEU GB 158 -59.13 -16.61 -98.76
CA LEU GB 158 -57.81 -16.22 -99.26
C LEU GB 158 -57.83 -14.80 -99.81
N GLN GB 159 -58.99 -14.32 -100.27
CA GLN GB 159 -59.13 -12.96 -100.76
C GLN GB 159 -59.35 -11.94 -99.66
N GLY GB 160 -59.53 -12.37 -98.41
CA GLY GB 160 -59.68 -11.46 -97.29
C GLY GB 160 -61.08 -11.36 -96.72
N ALA GB 161 -62.06 -12.05 -97.30
CA ALA GB 161 -63.42 -12.09 -96.77
C ALA GB 161 -63.49 -13.20 -95.74
N LEU GB 162 -63.00 -12.90 -94.54
CA LEU GB 162 -62.82 -13.96 -93.56
C LEU GB 162 -64.09 -14.25 -92.79
N VAL GB 163 -65.08 -13.36 -92.82
CA VAL GB 163 -66.34 -13.67 -92.16
C VAL GB 163 -67.17 -14.50 -93.11
N PRO GB 164 -67.85 -15.54 -92.64
CA PRO GB 164 -68.77 -16.28 -93.50
C PRO GB 164 -69.84 -15.35 -94.07
N GLN GB 165 -70.16 -15.56 -95.34
CA GLN GB 165 -71.15 -14.73 -96.02
C GLN GB 165 -72.55 -14.96 -95.46
N SER GB 166 -72.76 -16.08 -94.75
CA SER GB 166 -74.04 -16.34 -94.08
C SER GB 166 -74.26 -15.40 -92.90
N LEU GB 167 -73.19 -14.92 -92.28
CA LEU GB 167 -73.30 -14.02 -91.13
C LEU GB 167 -73.47 -12.57 -91.56
N SER HB 1 -42.25 -29.80 -127.78
CA SER HB 1 -41.86 -30.47 -126.55
C SER HB 1 -40.35 -30.61 -126.48
N LYS HB 2 -39.84 -30.85 -125.28
CA LYS HB 2 -38.41 -30.89 -125.03
C LYS HB 2 -37.92 -32.34 -125.02
N ILE HB 3 -36.75 -32.57 -125.60
CA ILE HB 3 -36.18 -33.91 -125.70
C ILE HB 3 -34.71 -33.84 -125.29
N LEU HB 4 -34.27 -34.86 -124.55
CA LEU HB 4 -32.88 -35.06 -124.21
C LEU HB 4 -32.31 -36.21 -125.03
N SER HB 5 -31.11 -36.03 -125.55
CA SER HB 5 -30.36 -37.09 -126.22
C SER HB 5 -29.02 -37.27 -125.52
N THR HB 6 -28.64 -38.52 -125.32
CA THR HB 6 -27.32 -38.83 -124.80
C THR HB 6 -26.26 -38.87 -125.88
N ASN HB 7 -26.65 -38.72 -127.15
CA ASN HB 7 -25.73 -38.69 -128.27
C ASN HB 7 -24.94 -39.98 -128.42
N ASN HB 8 -25.38 -41.06 -127.78
CA ASN HB 8 -24.76 -42.37 -127.96
C ASN HB 8 -25.40 -43.15 -129.09
N SER HB 9 -26.25 -42.51 -129.90
CA SER HB 9 -26.97 -43.21 -130.94
C SER HB 9 -26.03 -43.84 -131.96
N ASN HB 10 -24.97 -43.12 -132.34
CA ASN HB 10 -24.07 -43.56 -133.40
C ASN HB 10 -22.81 -44.25 -132.89
N SER HB 11 -22.62 -44.33 -131.58
CA SER HB 11 -21.44 -44.98 -131.04
C SER HB 11 -21.63 -46.50 -131.06
N ASN HB 12 -20.53 -47.24 -131.17
CA ASN HB 12 -20.57 -48.67 -131.41
C ASN HB 12 -20.24 -49.44 -130.14
N PHE HB 13 -21.16 -50.32 -129.73
CA PHE HB 13 -20.96 -51.13 -128.54
C PHE HB 13 -21.19 -52.61 -128.86
N VAL HB 14 -20.74 -53.43 -127.92
CA VAL HB 14 -21.01 -54.85 -127.87
C VAL HB 14 -21.59 -55.16 -126.50
N ASP HB 15 -22.74 -55.83 -126.48
CA ASP HB 15 -23.34 -56.16 -125.19
C ASP HB 15 -22.56 -57.30 -124.54
N THR HB 16 -22.53 -57.30 -123.22
CA THR HB 16 -22.02 -58.46 -122.47
C THR HB 16 -22.74 -58.56 -121.14
N SER HB 17 -22.79 -59.79 -120.61
CA SER HB 17 -23.59 -60.06 -119.42
C SER HB 17 -22.80 -59.75 -118.16
N PHE HB 18 -23.47 -59.14 -117.20
CA PHE HB 18 -22.84 -58.71 -115.95
C PHE HB 18 -23.92 -58.84 -114.87
N THR HB 19 -24.01 -60.01 -114.26
CA THR HB 19 -25.13 -60.34 -113.39
C THR HB 19 -24.83 -59.87 -111.98
N LEU HB 20 -25.64 -58.94 -111.49
CA LEU HB 20 -25.40 -58.32 -110.19
C LEU HB 20 -25.95 -59.19 -109.07
N LYS HB 21 -25.16 -59.31 -108.01
CA LYS HB 21 -25.61 -59.92 -106.76
C LYS HB 21 -26.12 -58.78 -105.86
N VAL HB 22 -27.45 -58.63 -105.80
CA VAL HB 22 -28.12 -57.57 -105.06
C VAL HB 22 -28.36 -58.00 -103.61
N PRO HB 23 -28.06 -57.15 -102.63
CA PRO HB 23 -28.23 -57.54 -101.23
C PRO HB 23 -29.70 -57.65 -100.81
N VAL HB 24 -29.94 -58.56 -99.88
CA VAL HB 24 -31.21 -58.63 -99.15
C VAL HB 24 -30.94 -57.96 -97.82
N TYR HB 25 -31.20 -56.64 -97.77
CA TYR HB 25 -30.77 -55.86 -96.63
C TYR HB 25 -31.45 -56.34 -95.35
N SER HB 26 -32.74 -56.64 -95.46
CA SER HB 26 -33.49 -57.14 -94.31
C SER HB 26 -32.81 -58.34 -93.64
N LYS HB 27 -32.23 -59.27 -94.41
CA LYS HB 27 -31.59 -60.41 -93.73
C LYS HB 27 -30.15 -60.08 -93.33
N ASP HB 28 -29.38 -59.37 -94.16
CA ASP HB 28 -27.94 -59.35 -93.90
C ASP HB 28 -27.43 -58.08 -93.22
N TYR HB 29 -28.11 -56.95 -93.36
CA TYR HB 29 -27.48 -55.69 -92.96
C TYR HB 29 -28.22 -55.03 -91.82
N ARG HB 30 -27.49 -54.12 -91.15
CA ARG HB 30 -28.02 -53.18 -90.18
C ARG HB 30 -27.44 -51.81 -90.47
N VAL HB 31 -28.03 -50.79 -89.88
CA VAL HB 31 -27.59 -49.42 -90.11
C VAL HB 31 -26.60 -49.02 -89.03
N THR HB 32 -25.39 -48.63 -89.46
CA THR HB 32 -24.34 -48.11 -88.60
C THR HB 32 -24.46 -46.61 -88.39
N GLN HB 33 -24.72 -45.85 -89.45
CA GLN HB 33 -24.81 -44.40 -89.33
C GLN HB 33 -26.01 -43.92 -90.14
N ASP HB 34 -26.87 -43.12 -89.52
CA ASP HB 34 -28.05 -42.55 -90.16
C ASP HB 34 -27.91 -41.04 -90.12
N GLU HB 35 -27.20 -40.48 -91.09
CA GLU HB 35 -27.06 -39.06 -91.28
C GLU HB 35 -27.87 -38.62 -92.48
N PRO HB 36 -28.20 -37.33 -92.58
CA PRO HB 36 -29.00 -36.88 -93.72
C PRO HB 36 -28.27 -37.00 -95.05
N ASP HB 37 -26.95 -36.93 -95.04
CA ASP HB 37 -26.17 -36.95 -96.26
C ASP HB 37 -25.38 -38.23 -96.46
N GLU HB 38 -25.24 -39.05 -95.41
CA GLU HB 38 -24.31 -40.17 -95.43
C GLU HB 38 -24.89 -41.26 -94.56
N VAL HB 39 -25.22 -42.40 -95.16
CA VAL HB 39 -25.68 -43.57 -94.44
C VAL HB 39 -24.63 -44.66 -94.53
N VAL HB 40 -24.39 -45.33 -93.40
CA VAL HB 40 -23.46 -46.43 -93.33
C VAL HB 40 -24.19 -47.66 -92.84
N VAL HB 41 -23.91 -48.77 -93.50
CA VAL HB 41 -24.60 -50.04 -93.34
C VAL HB 41 -23.54 -51.11 -93.15
N ALA HB 42 -23.86 -52.12 -92.34
CA ALA HB 42 -22.89 -53.15 -91.98
C ALA HB 42 -23.55 -54.52 -92.01
N ASN HB 43 -22.75 -55.54 -92.32
CA ASN HB 43 -23.22 -56.92 -92.40
C ASN HB 43 -23.11 -57.52 -91.01
N ARG HB 44 -24.25 -57.74 -90.37
CA ARG HB 44 -24.31 -58.34 -89.04
C ARG HB 44 -24.13 -59.85 -89.06
N GLN HB 45 -24.20 -60.50 -90.24
CA GLN HB 45 -24.03 -61.94 -90.33
C GLN HB 45 -22.57 -62.37 -90.38
N GLN HB 46 -21.67 -61.49 -90.81
CA GLN HB 46 -20.26 -61.82 -90.85
C GLN HB 46 -19.76 -62.16 -89.45
N PRO HB 47 -18.79 -63.06 -89.33
CA PRO HB 47 -18.09 -63.25 -88.05
C PRO HB 47 -17.37 -61.97 -87.65
N PHE HB 48 -16.89 -61.95 -86.40
CA PHE HB 48 -16.41 -60.69 -85.82
C PHE HB 48 -15.20 -60.14 -86.56
N GLY HB 49 -14.28 -61.02 -86.96
CA GLY HB 49 -13.09 -60.56 -87.66
C GLY HB 49 -13.41 -59.87 -88.98
N VAL HB 50 -14.41 -60.37 -89.70
CA VAL HB 50 -14.67 -59.90 -91.07
C VAL HB 50 -15.71 -58.79 -91.01
N LYS HB 51 -15.28 -57.58 -91.34
CA LYS HB 51 -16.16 -56.44 -91.39
C LYS HB 51 -16.57 -56.20 -92.84
N ASN HB 52 -17.85 -56.38 -93.14
CA ASN HB 52 -18.42 -56.13 -94.45
C ASN HB 52 -19.37 -54.93 -94.35
N THR HB 53 -19.00 -53.79 -94.96
CA THR HB 53 -19.75 -52.54 -94.83
C THR HB 53 -20.02 -51.89 -96.19
N ALA HB 54 -20.93 -50.93 -96.16
CA ALA HB 54 -21.31 -50.16 -97.34
C ALA HB 54 -21.72 -48.77 -96.91
N ARG HB 55 -21.51 -47.80 -97.81
CA ARG HB 55 -21.69 -46.40 -97.50
C ARG HB 55 -22.39 -45.72 -98.66
N TYR HB 56 -23.43 -44.94 -98.36
CA TYR HB 56 -24.25 -44.32 -99.39
C TYR HB 56 -24.33 -42.85 -99.06
N GLY HB 57 -23.82 -42.00 -99.94
CA GLY HB 57 -23.68 -40.59 -99.62
C GLY HB 57 -24.05 -39.70 -100.79
N ILE HB 58 -24.50 -38.49 -100.45
CA ILE HB 58 -24.83 -37.47 -101.45
C ILE HB 58 -24.25 -36.14 -101.01
N ARG HB 59 -23.46 -35.54 -101.90
CA ARG HB 59 -23.03 -34.15 -101.81
C ARG HB 59 -23.79 -33.37 -102.86
N GLN HB 60 -24.01 -32.07 -102.64
CA GLN HB 60 -24.72 -31.29 -103.63
C GLN HB 60 -23.73 -30.43 -104.41
N ILE HB 61 -23.83 -30.49 -105.74
CA ILE HB 61 -22.88 -29.86 -106.65
C ILE HB 61 -23.35 -28.45 -106.95
N ALA HB 62 -22.48 -27.47 -106.71
CA ALA HB 62 -22.85 -26.08 -106.86
C ALA HB 62 -22.93 -25.68 -108.33
N ASP HB 63 -21.88 -25.94 -109.10
CA ASP HB 63 -21.83 -25.68 -110.53
C ASP HB 63 -21.43 -26.98 -111.21
N VAL HB 64 -22.40 -27.62 -111.87
CA VAL HB 64 -22.09 -28.88 -112.54
C VAL HB 64 -21.19 -28.66 -113.74
N TYR HB 65 -21.05 -27.42 -114.19
CA TYR HB 65 -20.21 -27.05 -115.33
C TYR HB 65 -18.81 -26.62 -114.92
N ARG HB 66 -18.43 -26.78 -113.66
CA ARG HB 66 -17.23 -26.11 -113.16
C ARG HB 66 -15.98 -26.63 -113.86
N ASN HB 67 -15.84 -27.94 -114.00
CA ASN HB 67 -14.66 -28.53 -114.58
C ASN HB 67 -14.94 -29.10 -115.97
N THR HB 68 -15.84 -28.46 -116.71
CA THR HB 68 -16.22 -28.89 -118.05
C THR HB 68 -15.83 -27.83 -119.08
N THR HB 69 -15.84 -28.24 -120.35
CA THR HB 69 -15.46 -27.39 -121.46
C THR HB 69 -16.65 -26.74 -122.13
N ILE HB 70 -17.80 -26.72 -121.45
CA ILE HB 70 -19.04 -26.23 -122.06
C ILE HB 70 -19.12 -24.73 -121.82
N ASP HB 71 -19.12 -23.95 -122.90
CA ASP HB 71 -19.20 -22.51 -122.77
C ASP HB 71 -20.57 -22.11 -122.20
N ARG HB 72 -20.59 -20.95 -121.53
CA ARG HB 72 -21.79 -20.52 -120.82
C ARG HB 72 -23.00 -20.41 -121.75
N ALA HB 73 -22.78 -19.94 -122.99
CA ALA HB 73 -23.87 -19.81 -123.93
C ALA HB 73 -24.57 -21.13 -124.23
N TYR HB 74 -23.98 -22.25 -123.82
CA TYR HB 74 -24.55 -23.56 -124.09
C TYR HB 74 -24.97 -24.30 -122.82
N GLN HB 75 -24.92 -23.62 -121.66
CA GLN HB 75 -25.27 -24.23 -120.39
C GLN HB 75 -26.76 -24.08 -120.12
N SER HB 76 -27.30 -24.93 -119.24
CA SER HB 76 -28.69 -24.80 -118.85
C SER HB 76 -28.83 -23.56 -117.98
N PRO HB 77 -30.05 -23.13 -117.70
CA PRO HB 77 -30.20 -22.04 -116.73
C PRO HB 77 -29.81 -22.45 -115.32
N SER HB 78 -29.95 -23.74 -114.98
CA SER HB 78 -29.72 -24.24 -113.62
C SER HB 78 -28.39 -24.98 -113.59
N LYS HB 79 -27.52 -24.56 -112.69
CA LYS HB 79 -26.22 -25.20 -112.54
C LYS HB 79 -26.22 -26.23 -111.43
N LYS HB 80 -27.35 -26.42 -110.75
CA LYS HB 80 -27.43 -27.34 -109.62
C LYS HB 80 -27.15 -28.77 -110.06
N GLY HB 81 -26.55 -29.54 -109.15
CA GLY HB 81 -26.42 -30.98 -109.36
C GLY HB 81 -26.37 -31.70 -108.04
N THR HB 82 -26.38 -33.04 -108.12
CA THR HB 82 -26.11 -33.87 -106.96
C THR HB 82 -25.04 -34.89 -107.32
N SER HB 83 -24.33 -35.35 -106.30
CA SER HB 83 -23.20 -36.25 -106.46
C SER HB 83 -23.42 -37.41 -105.50
N LEU HB 84 -23.54 -38.60 -106.04
CA LEU HB 84 -23.82 -39.81 -105.29
C LEU HB 84 -22.55 -40.64 -105.18
N VAL HB 85 -22.36 -41.24 -104.01
CA VAL HB 85 -21.29 -42.20 -103.80
C VAL HB 85 -21.86 -43.47 -103.19
N VAL HB 86 -21.39 -44.59 -103.71
CA VAL HB 86 -21.75 -45.91 -103.23
C VAL HB 86 -20.44 -46.64 -103.01
N GLN HB 87 -20.09 -46.87 -101.75
CA GLN HB 87 -18.85 -47.54 -101.40
C GLN HB 87 -19.14 -48.88 -100.75
N VAL HB 88 -18.33 -49.89 -101.09
CA VAL HB 88 -18.40 -51.19 -100.44
C VAL HB 88 -17.02 -51.50 -99.90
N THR HB 89 -16.99 -52.09 -98.70
CA THR HB 89 -15.78 -52.50 -97.99
C THR HB 89 -15.94 -53.95 -97.57
N GLU HB 90 -15.03 -54.80 -98.02
CA GLU HB 90 -15.05 -56.20 -97.66
C GLU HB 90 -13.73 -56.58 -97.02
N THR HB 91 -13.75 -57.70 -96.31
CA THR HB 91 -12.54 -58.25 -95.70
C THR HB 91 -12.45 -59.72 -96.06
N TRP HB 92 -11.44 -60.08 -96.83
CA TRP HB 92 -11.23 -61.45 -97.27
C TRP HB 92 -10.20 -62.09 -96.36
N THR HB 93 -10.30 -63.40 -96.18
CA THR HB 93 -9.33 -64.09 -95.33
C THR HB 93 -8.58 -65.15 -96.12
N VAL HB 94 -7.28 -65.23 -95.87
CA VAL HB 94 -6.41 -66.24 -96.46
C VAL HB 94 -6.00 -67.17 -95.34
N ALA HB 95 -6.17 -68.48 -95.57
CA ALA HB 95 -5.77 -69.49 -94.60
C ALA HB 95 -5.20 -70.68 -95.35
N SER HB 96 -4.87 -71.74 -94.62
CA SER HB 96 -4.22 -72.90 -95.19
C SER HB 96 -4.96 -74.18 -94.81
N THR HB 97 -4.91 -75.15 -95.73
CA THR HB 97 -5.44 -76.48 -95.46
C THR HB 97 -4.57 -77.23 -94.48
N ASP HB 98 -3.26 -77.16 -94.67
CA ASP HB 98 -2.35 -77.97 -93.88
C ASP HB 98 -2.09 -77.35 -92.51
N ASP HB 99 -2.25 -76.03 -92.39
CA ASP HB 99 -1.82 -75.29 -91.21
C ASP HB 99 -2.98 -74.44 -90.70
N GLU HB 100 -3.46 -74.76 -89.50
CA GLU HB 100 -4.52 -73.99 -88.88
C GLU HB 100 -4.03 -72.64 -88.38
N THR HB 101 -2.73 -72.49 -88.14
CA THR HB 101 -2.20 -71.25 -87.59
C THR HB 101 -1.81 -70.23 -88.66
N TYR HB 102 -1.90 -70.59 -89.93
CA TYR HB 102 -1.46 -69.70 -91.00
C TYR HB 102 -2.67 -68.98 -91.59
N GLY HB 103 -2.62 -67.64 -91.54
CA GLY HB 103 -3.64 -66.84 -92.21
C GLY HB 103 -3.39 -65.36 -92.03
N TYR HB 104 -4.15 -64.59 -92.81
CA TYR HB 104 -4.22 -63.13 -92.66
C TYR HB 104 -5.52 -62.63 -93.30
N SER HB 105 -5.77 -61.33 -93.16
CA SER HB 105 -6.96 -60.68 -93.69
C SER HB 105 -6.56 -59.59 -94.67
N LEU HB 106 -7.17 -59.60 -95.85
CA LEU HB 106 -6.95 -58.65 -96.91
C LEU HB 106 -8.12 -57.68 -96.98
N PRO HB 107 -7.87 -56.39 -97.01
CA PRO HB 107 -8.97 -55.43 -97.15
C PRO HB 107 -9.27 -55.09 -98.60
N PHE HB 108 -10.52 -55.25 -99.01
CA PHE HB 108 -10.98 -54.78 -100.31
C PHE HB 108 -11.90 -53.59 -100.11
N SER HB 109 -11.74 -52.58 -100.97
CA SER HB 109 -12.68 -51.48 -100.98
C SER HB 109 -12.86 -51.03 -102.42
N ALA HB 110 -14.05 -50.50 -102.70
CA ALA HB 110 -14.30 -49.95 -104.01
C ALA HB 110 -15.50 -49.02 -103.90
N HIS HB 111 -15.56 -48.04 -104.79
CA HIS HB 111 -16.72 -47.16 -104.76
C HIS HB 111 -17.02 -46.62 -106.16
N VAL HB 112 -18.24 -46.14 -106.28
CA VAL HB 112 -18.74 -45.48 -107.49
C VAL HB 112 -19.20 -44.09 -107.09
N ILE HB 113 -18.93 -43.14 -107.97
CA ILE HB 113 -19.40 -41.77 -107.80
C ILE HB 113 -20.11 -41.38 -109.08
N VAL HB 114 -21.26 -40.75 -108.95
CA VAL HB 114 -22.11 -40.36 -110.07
C VAL HB 114 -22.48 -38.90 -109.90
N ASN HB 115 -22.31 -38.10 -110.94
CA ASN HB 115 -22.49 -36.65 -110.84
C ASN HB 115 -23.62 -36.24 -111.78
N VAL HB 116 -24.84 -36.18 -111.26
CA VAL HB 116 -26.04 -36.01 -112.07
C VAL HB 116 -26.49 -34.55 -111.98
N PRO HB 117 -26.62 -33.84 -113.11
CA PRO HB 117 -27.28 -32.53 -113.08
C PRO HB 117 -28.76 -32.68 -112.75
N GLN HB 118 -29.31 -31.70 -112.04
CA GLN HB 118 -30.74 -31.72 -111.73
C GLN HB 118 -31.50 -31.13 -112.91
N ASP HB 119 -31.83 -32.00 -113.86
CA ASP HB 119 -32.68 -31.65 -114.99
C ASP HB 119 -33.81 -32.65 -115.02
N ALA HB 120 -35.05 -32.16 -115.12
CA ALA HB 120 -36.19 -33.06 -115.04
C ALA HB 120 -36.14 -34.12 -116.13
N LEU HB 121 -35.47 -33.84 -117.25
CA LEU HB 121 -35.39 -34.76 -118.39
C LEU HB 121 -34.44 -35.92 -118.18
N ILE HB 122 -33.50 -35.82 -117.23
CA ILE HB 122 -32.68 -36.97 -116.87
C ILE HB 122 -33.55 -37.94 -116.08
N THR HB 123 -33.70 -39.16 -116.60
CA THR HB 123 -34.56 -40.16 -115.98
C THR HB 123 -33.71 -41.22 -115.28
N GLU HB 124 -34.37 -41.99 -114.41
CA GLU HB 124 -33.66 -43.03 -113.68
C GLU HB 124 -33.13 -44.07 -114.65
N GLU HB 125 -33.88 -44.34 -115.73
CA GLU HB 125 -33.40 -45.29 -116.73
C GLU HB 125 -32.19 -44.73 -117.48
N ILE HB 126 -32.22 -43.45 -117.84
CA ILE HB 126 -31.05 -42.83 -118.48
C ILE HB 126 -29.82 -43.03 -117.59
N LEU HB 127 -29.98 -42.80 -116.29
CA LEU HB 127 -28.84 -42.89 -115.38
C LEU HB 127 -28.34 -44.34 -115.27
N TYR HB 128 -29.24 -45.31 -115.16
CA TYR HB 128 -28.78 -46.70 -115.11
C TYR HB 128 -28.08 -47.10 -116.40
N ASP HB 129 -28.57 -46.65 -117.54
CA ASP HB 129 -27.90 -46.97 -118.80
C ASP HB 129 -26.51 -46.33 -118.84
N ALA HB 130 -26.38 -45.13 -118.29
CA ALA HB 130 -25.06 -44.52 -118.17
C ALA HB 130 -24.15 -45.38 -117.31
N LEU HB 131 -24.66 -45.89 -116.19
CA LEU HB 131 -23.85 -46.75 -115.33
C LEU HB 131 -23.43 -48.01 -116.09
N LYS HB 132 -24.33 -48.56 -116.92
CA LYS HB 132 -23.98 -49.75 -117.69
C LYS HB 132 -22.87 -49.45 -118.68
N ARG HB 133 -22.90 -48.28 -119.30
CA ARG HB 133 -21.83 -47.88 -120.21
C ARG HB 133 -20.51 -47.69 -119.46
N LEU HB 134 -20.59 -47.06 -118.28
CA LEU HB 134 -19.42 -46.91 -117.41
C LEU HB 134 -18.75 -48.25 -117.14
N MET HB 135 -19.52 -49.20 -116.60
CA MET HB 135 -18.94 -50.50 -116.29
C MET HB 135 -18.49 -51.24 -117.54
N GLY HB 136 -19.04 -50.90 -118.70
CA GLY HB 136 -18.54 -51.53 -119.91
C GLY HB 136 -17.09 -51.21 -120.23
N HIS HB 137 -16.55 -50.14 -119.64
CA HIS HB 137 -15.15 -49.79 -119.88
C HIS HB 137 -14.18 -50.71 -119.18
N PHE HB 138 -14.67 -51.58 -118.29
CA PHE HB 138 -13.85 -52.65 -117.73
C PHE HB 138 -13.68 -53.81 -118.70
N TYR HB 139 -14.17 -53.66 -119.92
CA TYR HB 139 -14.08 -54.68 -120.95
C TYR HB 139 -13.57 -54.03 -122.23
N GLU HB 140 -13.25 -54.87 -123.21
CA GLU HB 140 -12.95 -54.41 -124.55
C GLU HB 140 -13.82 -55.19 -125.52
N GLY HB 141 -14.36 -54.49 -126.52
CA GLY HB 141 -15.32 -55.04 -127.44
C GLY HB 141 -14.76 -55.31 -128.82
N ASN HB 142 -15.21 -56.41 -129.41
CA ASN HB 142 -14.86 -56.86 -130.75
C ASN HB 142 -16.16 -57.22 -131.49
N ASP HB 143 -16.55 -56.40 -132.47
CA ASP HB 143 -17.72 -56.69 -133.28
C ASP HB 143 -17.37 -57.21 -134.66
N THR HB 144 -16.09 -57.35 -134.97
CA THR HB 144 -15.71 -57.87 -136.28
C THR HB 144 -16.03 -59.36 -136.39
N THR HB 145 -15.81 -60.12 -135.32
CA THR HB 145 -16.08 -61.56 -135.34
C THR HB 145 -17.56 -61.86 -135.50
N SER HB 146 -17.83 -63.07 -135.98
CA SER HB 146 -19.20 -63.48 -136.26
C SER HB 146 -20.09 -63.37 -135.02
N PRO HB 147 -19.77 -63.98 -133.86
CA PRO HB 147 -20.45 -63.53 -132.64
C PRO HB 147 -19.68 -62.37 -132.02
N THR HB 148 -20.36 -61.28 -131.67
CA THR HB 148 -19.69 -60.19 -130.98
C THR HB 148 -19.12 -60.72 -129.66
N THR HB 149 -17.84 -60.44 -129.42
CA THR HB 149 -17.14 -60.95 -128.25
C THR HB 149 -16.49 -59.82 -127.47
N THR HB 150 -16.25 -60.07 -126.19
CA THR HB 150 -15.64 -59.12 -125.28
C THR HB 150 -14.58 -59.82 -124.45
N SER HB 151 -13.46 -59.12 -124.22
CA SER HB 151 -12.42 -59.63 -123.33
C SER HB 151 -12.29 -58.70 -122.13
N VAL HB 152 -11.94 -59.28 -120.98
CA VAL HB 152 -11.87 -58.54 -119.73
C VAL HB 152 -10.60 -57.69 -119.70
N ARG HB 153 -10.65 -56.57 -118.97
CA ARG HB 153 -9.54 -55.64 -118.98
C ARG HB 153 -9.09 -55.21 -117.57
N LEU HB 154 -9.76 -55.67 -116.52
CA LEU HB 154 -9.50 -55.16 -115.18
C LEU HB 154 -8.07 -55.45 -114.73
N LYS HB 155 -7.63 -56.69 -114.88
CA LYS HB 155 -6.28 -57.05 -114.45
C LYS HB 155 -5.24 -56.36 -115.32
N ASP HB 156 -5.50 -56.26 -116.62
CA ASP HB 156 -4.57 -55.57 -117.50
C ASP HB 156 -4.36 -54.14 -117.05
N MET HB 157 -5.44 -53.43 -116.72
CA MET HB 157 -5.30 -52.06 -116.26
C MET HB 157 -4.56 -52.00 -114.93
N LEU HB 158 -4.93 -52.87 -113.99
CA LEU HB 158 -4.23 -52.90 -112.71
C LEU HB 158 -2.72 -53.07 -112.92
N GLN HB 159 -2.34 -53.86 -113.92
CA GLN HB 159 -0.94 -54.16 -114.19
C GLN HB 159 -0.28 -53.16 -115.14
N GLY HB 160 -0.90 -52.00 -115.38
CA GLY HB 160 -0.25 -50.95 -116.12
C GLY HB 160 -0.53 -50.91 -117.60
N ALA HB 161 -1.36 -51.82 -118.12
CA ALA HB 161 -1.75 -51.80 -119.53
C ALA HB 161 -3.06 -51.04 -119.61
N LEU HB 162 -2.95 -49.71 -119.63
CA LEU HB 162 -4.13 -48.88 -119.53
C LEU HB 162 -4.76 -48.56 -120.88
N VAL HB 163 -3.98 -48.59 -121.95
CA VAL HB 163 -4.52 -48.34 -123.28
C VAL HB 163 -5.14 -49.63 -123.80
N PRO HB 164 -6.35 -49.56 -124.37
CA PRO HB 164 -6.98 -50.78 -124.91
C PRO HB 164 -6.14 -51.43 -126.01
N GLN HB 165 -6.32 -52.75 -126.16
CA GLN HB 165 -5.69 -53.46 -127.27
C GLN HB 165 -6.05 -52.84 -128.62
N SER HB 166 -7.32 -52.45 -128.79
CA SER HB 166 -7.78 -51.95 -130.08
C SER HB 166 -7.05 -50.68 -130.50
N LEU HB 167 -6.53 -49.93 -129.53
CA LEU HB 167 -5.90 -48.63 -129.80
C LEU HB 167 -4.36 -48.70 -129.76
CA CA IB . 25.67 -72.76 -33.53
CA CA JB . -66.78 7.54 -40.70
CA CA KB . 18.59 44.18 63.62
CA CA LB . -28.90 113.23 10.34
CA CA MB . 45.07 -60.95 7.15
CA CA NB . 90.97 -55.51 0.06
CA CA OB . -46.57 70.50 17.61
CA CA PB . -44.50 -23.77 -14.08
CA CA QB . -22.60 -53.57 -42.31
CA CA RB . 99.70 -64.33 -45.03
CA CA SB . -68.15 56.58 -21.24
CA CA TB . 47.07 7.28 62.24
CA CA UB . 41.84 91.20 58.06
CA CA VB . 17.14 122.77 33.92
CA CA WB . 23.89 -27.73 41.71
CA CA XB . -22.18 32.09 44.19
CA CA YB . -18.80 -12.48 30.57
CA CA ZB . -58.68 -3.20 -85.46
CA CA AC . 59.62 -74.90 -65.73
CA CA BC . -31.37 -40.85 -86.44
#